data_9N8X
#
_entry.id   9N8X
#
_cell.length_a   1.00
_cell.length_b   1.00
_cell.length_c   1.00
_cell.angle_alpha   90.00
_cell.angle_beta   90.00
_cell.angle_gamma   90.00
#
_symmetry.space_group_name_H-M   'P 1'
#
loop_
_entity.id
_entity.type
_entity.pdbx_description
1 polymer 'Intermembrane transport protein YebS'
2 polymer 'Intermembrane transport protein YebT'
3 non-polymer 'ZINC ION'
4 non-polymer DI-PALMITOYL-3-SN-PHOSPHATIDYLETHANOLAMINE
#
loop_
_entity_poly.entity_id
_entity_poly.type
_entity_poly.pdbx_seq_one_letter_code
_entity_poly.pdbx_strand_id
1 'polypeptide(L)'
;MHHHHHHQHQHENLYFQGMALNTPQITPTKKITVRAIGEELPRGDYQRCPQCDMLFSLPEINSHQSAYCPRCQAKIRDGR
DWSLTRLAAMAFTMLLLMPFAWGEPLLHIWLLGIRIDANVMQGIWQMTKQGDAITGSMVFFCVIGAPLILVTSIAYLWFG
NRLGMNLRPVLLMLERLKEWVMLDIYLVGIGVASIKVQDYAHIQAGVGLFSFVALVILTTVTLSHLNVEELWERFYPQRP
ATRRDEKLRVCLGCHFTGYPDQRGRCPRCHIPLRLRRRHSLQKCWAALLASIVLLLPANLLPISIIYLNGGRQEDTILSG
IMSLASSNIAVAGIVFIASILVPFTKVIVMFTLLLSIHFKCQQGLRTRILLLRMVTWIGRWSMLDLFVISLTMSLINRDQ
ILAFTMGPAAFYFGAAVILTILAVEWLDSRLLWDAHESGNARFDD
;
A
2 'polypeptide(L)'
;MSQETPASTTEAQIKNKRRISPFWLLPFIALMIASWLIWDSYQDRGNTVTIDFMSADGIVPGRTPVRYQGVEVGTVQDIS
LSDDLRKIEVKVSIKSDMKDALREETQFWLVTPKASLAGVSGLDALVGGNYIGMMPGKGKEQDHFVALDTQPKYRLDNGD
LMIHLQAPDLGSLNSGSLVYFRKIPVGKVYDYAINPNKQGVVIDVLIERRFTDLVKKGSRFWNVSGVDANVSISGAKVKL
ESLAALVNGAIAFDSPEESKPAEAEDTFGLYEDLAHSQRGVIIKLELPSGAGLTADSTPLMYQGLEVGQLTKLDLNPGGK
VTGEMTVDPSVVTLLRENTRIELRNPKLSLSDANLSALLTGKTFELVPGDGEPRKEFVVVPGEKALLHEPDVLTLTLTAP
ESYGIDAGQPLILHGVQVGQVIDRKLTSKGVTFTVAIEPQHRELVKGDSKFVVNSRVDVKVGLDGVEFLGASASEWINGG
IRILPGDKGEMKASYPLYANLEKALENSLSDLPTTTVSLSAETLPDVQAGSVVLYRKFEVGEVITVRPRANAFDIDLHIK
PEYRNLLTSNSVFWAEGGAKVQLNGSGLTVQASPLSRALKGAISFDNLSGASASQRKGDKRILYASETAARAVGGQITLH
AFDAGKLAVGMPIRYLGIDIGQIQTLDLITARNEVQAKAVLYPEYVQTFARGGTRFSVVTPQISAAGVEHLDTILQPYIN
VEPGRGNPRRDFELQEATITDSRYLDGLSIIVEAPEAGSLGIGTPVLFRGLEVGTVTGMTLGTLSDRVMIAMRISKRYQH
LVRNNSVFWLASGYSLDFGLTGGVVKTGTFNQFIRGGIAFATPPGTPLAPKAQEGKHFLLQESEPKEWREWGTALPK
;
B,C,D,E,F,G
#
# COMPACT_ATOMS: atom_id res chain seq x y z
N ASP A 45 90.78 -109.02 -75.79
CA ASP A 45 92.01 -109.68 -76.20
C ASP A 45 93.04 -108.63 -76.58
N TYR A 46 92.63 -107.66 -77.40
CA TYR A 46 93.51 -106.60 -77.85
C TYR A 46 92.65 -105.41 -78.28
N GLN A 47 92.96 -104.22 -77.78
CA GLN A 47 92.17 -103.03 -78.05
C GLN A 47 93.10 -101.84 -78.20
N ARG A 48 92.50 -100.66 -78.30
CA ARG A 48 93.21 -99.40 -78.45
C ARG A 48 92.57 -98.37 -77.54
N CYS A 49 93.41 -97.53 -76.93
CA CYS A 49 92.90 -96.54 -75.98
C CYS A 49 92.08 -95.48 -76.71
N PRO A 50 90.94 -95.08 -76.15
CA PRO A 50 90.09 -94.08 -76.81
C PRO A 50 90.49 -92.64 -76.55
N GLN A 51 91.57 -92.38 -75.82
CA GLN A 51 91.97 -91.01 -75.49
C GLN A 51 93.41 -90.68 -75.82
N CYS A 52 94.27 -91.66 -76.04
CA CYS A 52 95.66 -91.36 -76.37
C CYS A 52 96.23 -92.23 -77.47
N ASP A 53 95.43 -93.09 -78.09
CA ASP A 53 95.86 -93.96 -79.19
C ASP A 53 97.01 -94.87 -78.77
N MET A 54 96.74 -95.69 -77.75
CA MET A 54 97.67 -96.71 -77.27
C MET A 54 97.08 -98.08 -77.58
N LEU A 55 97.72 -98.81 -78.47
CA LEU A 55 97.24 -100.14 -78.85
C LEU A 55 97.88 -101.17 -77.93
N PHE A 56 97.05 -101.89 -77.18
CA PHE A 56 97.55 -102.79 -76.15
C PHE A 56 96.68 -104.03 -76.06
N SER A 57 97.31 -105.13 -75.69
CA SER A 57 96.56 -106.36 -75.45
C SER A 57 95.75 -106.27 -74.17
N LEU A 58 94.53 -106.79 -74.23
CA LEU A 58 93.62 -106.74 -73.09
C LEU A 58 93.53 -108.10 -72.43
N PRO A 59 94.02 -108.25 -71.21
CA PRO A 59 93.86 -109.53 -70.49
C PRO A 59 92.43 -109.72 -70.04
N GLU A 60 92.13 -110.96 -69.66
CA GLU A 60 90.80 -111.29 -69.18
C GLU A 60 90.54 -110.60 -67.85
N ILE A 61 89.29 -110.15 -67.66
CA ILE A 61 88.91 -109.33 -66.51
C ILE A 61 87.88 -110.08 -65.68
N ASN A 62 88.09 -110.10 -64.36
CA ASN A 62 87.16 -110.72 -63.44
C ASN A 62 86.11 -109.69 -63.00
N SER A 63 85.35 -110.02 -61.95
CA SER A 63 84.30 -109.13 -61.48
C SER A 63 84.91 -107.87 -60.84
N HIS A 64 85.73 -108.06 -59.82
CA HIS A 64 86.35 -106.92 -59.13
C HIS A 64 87.55 -106.36 -59.87
N GLN A 65 88.05 -107.05 -60.89
CA GLN A 65 89.18 -106.55 -61.65
C GLN A 65 88.76 -105.40 -62.55
N SER A 66 89.70 -104.51 -62.82
CA SER A 66 89.46 -103.37 -63.70
C SER A 66 90.68 -103.14 -64.57
N ALA A 67 90.46 -102.56 -65.74
CA ALA A 67 91.51 -102.33 -66.72
C ALA A 67 91.70 -100.84 -66.95
N TYR A 68 92.96 -100.43 -67.10
CA TYR A 68 93.30 -99.04 -67.37
C TYR A 68 94.38 -98.99 -68.45
N CYS A 69 94.44 -97.85 -69.13
CA CYS A 69 95.44 -97.66 -70.18
C CYS A 69 96.84 -97.63 -69.57
N PRO A 70 97.79 -98.33 -70.17
CA PRO A 70 99.17 -98.27 -69.66
C PRO A 70 99.82 -96.91 -69.77
N ARG A 71 99.36 -96.05 -70.68
CA ARG A 71 100.00 -94.76 -70.89
C ARG A 71 99.35 -93.65 -70.09
N CYS A 72 98.06 -93.39 -70.33
CA CYS A 72 97.37 -92.28 -69.72
C CYS A 72 96.48 -92.68 -68.54
N GLN A 73 96.37 -93.98 -68.27
CA GLN A 73 95.58 -94.50 -67.17
C GLN A 73 94.12 -94.02 -67.25
N ALA A 74 93.46 -94.42 -68.33
CA ALA A 74 92.06 -94.12 -68.54
C ALA A 74 91.26 -95.42 -68.51
N LYS A 75 90.05 -95.36 -67.96
CA LYS A 75 89.19 -96.54 -67.90
C LYS A 75 88.79 -96.98 -69.30
N ILE A 76 88.86 -98.28 -69.54
CA ILE A 76 88.66 -98.85 -70.87
C ILE A 76 87.55 -99.89 -70.88
N ARG A 77 87.63 -100.88 -70.00
CA ARG A 77 86.72 -102.01 -70.07
C ARG A 77 86.33 -102.48 -68.67
N ASP A 78 85.20 -103.17 -68.62
CA ASP A 78 84.67 -103.82 -67.42
C ASP A 78 83.92 -105.06 -67.87
N GLY A 79 83.08 -105.60 -66.99
CA GLY A 79 82.27 -106.74 -67.35
C GLY A 79 81.54 -107.30 -66.14
N ARG A 80 81.03 -108.52 -66.31
CA ARG A 80 80.32 -109.26 -65.28
C ARG A 80 79.13 -108.50 -64.73
N ASP A 81 79.35 -107.79 -63.61
CA ASP A 81 78.36 -106.97 -62.89
C ASP A 81 76.98 -107.62 -62.79
N TRP A 82 75.92 -106.81 -62.88
CA TRP A 82 74.56 -107.30 -62.75
C TRP A 82 74.02 -107.81 -64.10
N SER A 83 72.76 -108.21 -64.10
CA SER A 83 72.09 -108.69 -65.30
C SER A 83 71.02 -107.69 -65.74
N LEU A 84 70.49 -107.92 -66.94
CA LEU A 84 69.50 -107.00 -67.49
C LEU A 84 68.17 -107.10 -66.76
N THR A 85 67.83 -108.28 -66.23
CA THR A 85 66.57 -108.45 -65.52
C THR A 85 66.55 -107.65 -64.23
N ARG A 86 67.69 -107.58 -63.53
CA ARG A 86 67.77 -106.77 -62.31
C ARG A 86 67.58 -105.29 -62.64
N LEU A 87 68.17 -104.83 -63.74
CA LEU A 87 67.98 -103.44 -64.16
C LEU A 87 66.53 -103.18 -64.55
N ALA A 88 65.88 -104.16 -65.19
CA ALA A 88 64.47 -104.01 -65.52
C ALA A 88 63.60 -103.92 -64.27
N ALA A 89 63.91 -104.73 -63.26
CA ALA A 89 63.17 -104.65 -62.00
C ALA A 89 63.40 -103.31 -61.31
N MET A 90 64.63 -102.81 -61.35
CA MET A 90 64.92 -101.51 -60.78
C MET A 90 64.16 -100.40 -61.51
N ALA A 91 64.09 -100.49 -62.84
CA ALA A 91 63.32 -99.53 -63.61
C ALA A 91 61.83 -99.61 -63.28
N PHE A 92 61.32 -100.82 -63.09
CA PHE A 92 59.91 -100.98 -62.76
C PHE A 92 59.59 -100.38 -61.40
N THR A 93 60.45 -100.62 -60.40
CA THR A 93 60.17 -100.05 -59.08
C THR A 93 60.41 -98.55 -59.04
N MET A 94 61.32 -98.03 -59.86
CA MET A 94 61.42 -96.58 -60.01
C MET A 94 60.15 -96.00 -60.61
N LEU A 95 59.59 -96.68 -61.62
CA LEU A 95 58.35 -96.21 -62.23
C LEU A 95 57.21 -96.23 -61.22
N LEU A 96 57.19 -97.24 -60.34
CA LEU A 96 56.19 -97.26 -59.28
C LEU A 96 56.39 -96.13 -58.28
N LEU A 97 57.64 -95.84 -57.91
CA LEU A 97 57.92 -94.93 -56.81
C LEU A 97 57.91 -93.47 -57.22
N MET A 98 58.18 -93.14 -58.48
CA MET A 98 58.35 -91.74 -58.88
C MET A 98 57.10 -90.88 -58.72
N PRO A 99 55.90 -91.29 -59.17
CA PRO A 99 54.76 -90.37 -59.07
C PRO A 99 54.39 -90.00 -57.65
N PHE A 100 54.52 -90.92 -56.71
CA PHE A 100 54.23 -90.60 -55.32
C PHE A 100 55.42 -89.95 -54.62
N ALA A 101 56.55 -89.85 -55.29
CA ALA A 101 57.68 -89.10 -54.76
C ALA A 101 57.66 -87.65 -55.23
N TRP A 102 57.35 -87.41 -56.49
CA TRP A 102 57.27 -86.04 -56.99
C TRP A 102 55.98 -85.36 -56.56
N GLY A 103 54.87 -86.10 -56.54
CA GLY A 103 53.59 -85.47 -56.24
C GLY A 103 53.46 -85.01 -54.79
N GLU A 104 53.92 -85.82 -53.86
CA GLU A 104 53.80 -85.46 -52.45
C GLU A 104 54.72 -84.29 -52.11
N PRO A 105 54.33 -83.45 -51.17
CA PRO A 105 55.17 -82.31 -50.79
C PRO A 105 56.46 -82.76 -50.13
N LEU A 106 57.50 -81.95 -50.34
CA LEU A 106 58.81 -82.25 -49.77
C LEU A 106 58.90 -81.80 -48.32
N LEU A 107 58.46 -80.59 -48.03
CA LEU A 107 58.53 -80.07 -46.68
C LEU A 107 57.45 -79.01 -46.49
N HIS A 108 56.87 -78.97 -45.29
CA HIS A 108 55.87 -77.98 -44.95
C HIS A 108 56.54 -76.79 -44.28
N ILE A 109 56.15 -75.59 -44.68
CA ILE A 109 56.68 -74.35 -44.11
C ILE A 109 55.53 -73.55 -43.52
N TRP A 110 55.66 -73.19 -42.24
CA TRP A 110 54.65 -72.39 -41.56
C TRP A 110 55.09 -70.94 -41.55
N LEU A 111 54.61 -70.17 -42.53
CA LEU A 111 54.98 -68.77 -42.70
C LEU A 111 53.78 -67.89 -42.42
N LEU A 112 53.94 -66.96 -41.47
CA LEU A 112 52.92 -65.97 -41.12
C LEU A 112 51.59 -66.62 -40.77
N GLY A 113 51.65 -67.73 -40.05
CA GLY A 113 50.45 -68.44 -39.67
C GLY A 113 49.78 -69.24 -40.76
N ILE A 114 50.42 -69.38 -41.92
CA ILE A 114 49.88 -70.12 -43.04
C ILE A 114 50.82 -71.27 -43.37
N ARG A 115 50.27 -72.46 -43.48
CA ARG A 115 51.04 -73.65 -43.84
C ARG A 115 51.10 -73.79 -45.35
N ILE A 116 52.31 -73.92 -45.88
CA ILE A 116 52.54 -74.02 -47.32
C ILE A 116 53.27 -75.32 -47.59
N ASP A 117 52.78 -76.08 -48.57
CA ASP A 117 53.40 -77.30 -49.04
C ASP A 117 53.85 -77.12 -50.48
N ALA A 118 55.03 -77.64 -50.81
CA ALA A 118 55.58 -77.45 -52.14
C ALA A 118 56.31 -78.72 -52.57
N ASN A 119 56.46 -78.86 -53.89
CA ASN A 119 57.20 -79.96 -54.48
C ASN A 119 57.84 -79.44 -55.78
N VAL A 120 58.40 -80.37 -56.55
CA VAL A 120 59.09 -79.98 -57.78
C VAL A 120 58.11 -79.50 -58.83
N MET A 121 56.99 -80.21 -58.99
CA MET A 121 56.04 -79.89 -60.05
C MET A 121 55.43 -78.51 -59.85
N GLN A 122 55.13 -78.14 -58.62
CA GLN A 122 54.58 -76.80 -58.37
C GLN A 122 55.58 -75.72 -58.74
N GLY A 123 56.86 -75.92 -58.40
CA GLY A 123 57.86 -74.94 -58.78
C GLY A 123 58.04 -74.81 -60.28
N ILE A 124 58.06 -75.93 -60.99
CA ILE A 124 58.21 -75.88 -62.45
C ILE A 124 56.98 -75.23 -63.09
N TRP A 125 55.79 -75.53 -62.58
CA TRP A 125 54.58 -74.91 -63.12
C TRP A 125 54.55 -73.42 -62.85
N GLN A 126 55.01 -72.99 -61.68
CA GLN A 126 55.09 -71.55 -61.42
C GLN A 126 56.13 -70.89 -62.31
N MET A 127 57.23 -71.58 -62.59
CA MET A 127 58.21 -71.04 -63.54
C MET A 127 57.61 -70.87 -64.93
N THR A 128 56.84 -71.86 -65.38
CA THR A 128 56.21 -71.74 -66.70
C THR A 128 55.15 -70.64 -66.72
N LYS A 129 54.36 -70.53 -65.65
CA LYS A 129 53.35 -69.48 -65.59
C LYS A 129 53.97 -68.10 -65.52
N GLN A 130 55.16 -67.99 -64.95
CA GLN A 130 55.85 -66.70 -64.95
C GLN A 130 56.21 -66.29 -66.37
N GLY A 131 56.59 -67.24 -67.21
CA GLY A 131 56.90 -66.94 -68.59
C GLY A 131 58.17 -67.60 -69.09
N ASP A 132 59.07 -67.94 -68.17
CA ASP A 132 60.34 -68.57 -68.53
C ASP A 132 60.09 -70.05 -68.79
N ALA A 133 59.61 -70.34 -70.00
CA ALA A 133 59.34 -71.74 -70.36
C ALA A 133 60.63 -72.53 -70.57
N ILE A 134 61.68 -71.88 -71.08
CA ILE A 134 62.91 -72.60 -71.38
C ILE A 134 63.61 -73.04 -70.11
N THR A 135 63.66 -72.16 -69.11
CA THR A 135 64.25 -72.53 -67.83
C THR A 135 63.46 -73.66 -67.18
N GLY A 136 62.14 -73.58 -67.21
CA GLY A 136 61.34 -74.67 -66.68
C GLY A 136 61.57 -75.97 -67.42
N SER A 137 61.71 -75.91 -68.73
CA SER A 137 61.95 -77.13 -69.50
C SER A 137 63.31 -77.73 -69.17
N MET A 138 64.34 -76.91 -69.03
CA MET A 138 65.66 -77.46 -68.74
C MET A 138 65.71 -78.01 -67.31
N VAL A 139 65.02 -77.38 -66.37
CA VAL A 139 64.94 -77.94 -65.03
C VAL A 139 64.17 -79.25 -65.06
N PHE A 140 63.10 -79.32 -65.85
CA PHE A 140 62.32 -80.55 -65.98
C PHE A 140 63.16 -81.67 -66.56
N PHE A 141 63.96 -81.37 -67.57
CA PHE A 141 64.83 -82.39 -68.16
C PHE A 141 65.92 -82.82 -67.20
N CYS A 142 66.48 -81.89 -66.45
CA CYS A 142 67.57 -82.24 -65.56
C CYS A 142 67.10 -83.05 -64.36
N VAL A 143 65.91 -82.78 -63.84
CA VAL A 143 65.44 -83.42 -62.61
C VAL A 143 64.47 -84.56 -62.92
N ILE A 144 63.41 -84.26 -63.65
CA ILE A 144 62.31 -85.21 -63.80
C ILE A 144 62.46 -86.07 -65.04
N GLY A 145 62.89 -85.49 -66.16
CA GLY A 145 62.89 -86.19 -67.42
C GLY A 145 63.87 -87.34 -67.49
N ALA A 146 65.04 -87.19 -66.88
CA ALA A 146 66.10 -88.19 -67.04
C ALA A 146 65.75 -89.55 -66.48
N PRO A 147 65.21 -89.70 -65.26
CA PRO A 147 64.78 -91.05 -64.85
C PRO A 147 63.70 -91.62 -65.73
N LEU A 148 62.78 -90.80 -66.23
CA LEU A 148 61.74 -91.30 -67.12
C LEU A 148 62.34 -91.83 -68.42
N ILE A 149 63.31 -91.11 -68.98
CA ILE A 149 63.95 -91.56 -70.21
C ILE A 149 64.77 -92.82 -69.94
N LEU A 150 65.38 -92.91 -68.77
CA LEU A 150 66.13 -94.11 -68.42
C LEU A 150 65.21 -95.32 -68.33
N VAL A 151 64.07 -95.16 -67.65
CA VAL A 151 63.10 -96.26 -67.54
C VAL A 151 62.56 -96.64 -68.91
N THR A 152 62.26 -95.64 -69.74
CA THR A 152 61.77 -95.91 -71.08
C THR A 152 62.81 -96.66 -71.92
N SER A 153 64.08 -96.28 -71.80
CA SER A 153 65.13 -96.95 -72.54
C SER A 153 65.28 -98.40 -72.10
N ILE A 154 65.24 -98.65 -70.79
CA ILE A 154 65.36 -100.02 -70.31
C ILE A 154 64.17 -100.86 -70.77
N ALA A 155 62.97 -100.30 -70.69
CA ALA A 155 61.79 -101.04 -71.13
C ALA A 155 61.82 -101.31 -72.63
N TYR A 156 62.29 -100.34 -73.42
CA TYR A 156 62.37 -100.55 -74.86
C TYR A 156 63.44 -101.55 -75.22
N LEU A 157 64.55 -101.60 -74.47
CA LEU A 157 65.53 -102.64 -74.70
C LEU A 157 64.98 -104.01 -74.35
N TRP A 158 64.21 -104.11 -73.27
CA TRP A 158 63.58 -105.38 -72.93
C TRP A 158 62.58 -105.82 -73.99
N PHE A 159 61.79 -104.88 -74.52
CA PHE A 159 60.86 -105.21 -75.59
C PHE A 159 61.57 -105.53 -76.90
N GLY A 160 62.76 -104.95 -77.12
CA GLY A 160 63.58 -105.35 -78.25
C GLY A 160 64.10 -106.76 -78.09
N ASN A 161 64.43 -107.15 -76.86
CA ASN A 161 64.73 -108.54 -76.59
C ASN A 161 63.53 -109.42 -76.90
N ARG A 162 62.34 -108.97 -76.49
CA ARG A 162 61.13 -109.75 -76.72
C ARG A 162 60.76 -109.81 -78.21
N LEU A 163 60.91 -108.69 -78.92
CA LEU A 163 60.43 -108.60 -80.30
C LEU A 163 61.56 -108.61 -81.32
N GLY A 164 62.51 -107.69 -81.23
CA GLY A 164 63.59 -107.66 -82.20
C GLY A 164 63.73 -106.37 -82.97
N MET A 165 63.24 -105.27 -82.40
CA MET A 165 63.35 -103.97 -83.05
C MET A 165 64.77 -103.43 -82.95
N ASN A 166 65.08 -102.46 -83.80
CA ASN A 166 66.41 -101.86 -83.82
C ASN A 166 66.66 -101.09 -82.53
N LEU A 167 67.90 -101.17 -82.05
CA LEU A 167 68.31 -100.60 -80.77
C LEU A 167 69.60 -99.81 -80.89
N ARG A 168 69.89 -99.28 -82.08
CA ARG A 168 71.20 -98.69 -82.30
C ARG A 168 71.36 -97.31 -81.67
N PRO A 169 70.45 -96.36 -81.85
CA PRO A 169 70.61 -95.09 -81.15
C PRO A 169 70.26 -95.17 -79.67
N VAL A 170 69.50 -96.19 -79.27
CA VAL A 170 69.10 -96.30 -77.87
C VAL A 170 70.30 -96.53 -76.97
N LEU A 171 71.25 -97.37 -77.41
CA LEU A 171 72.43 -97.63 -76.61
C LEU A 171 73.33 -96.40 -76.48
N LEU A 172 73.47 -95.64 -77.56
CA LEU A 172 74.22 -94.40 -77.50
C LEU A 172 73.59 -93.41 -76.52
N MET A 173 72.27 -93.27 -76.59
CA MET A 173 71.58 -92.39 -75.65
C MET A 173 71.73 -92.88 -74.21
N LEU A 174 71.68 -94.20 -74.01
CA LEU A 174 71.85 -94.75 -72.67
C LEU A 174 73.25 -94.50 -72.13
N GLU A 175 74.26 -94.60 -72.98
CA GLU A 175 75.63 -94.34 -72.54
C GLU A 175 75.85 -92.86 -72.24
N ARG A 176 75.26 -91.97 -73.02
CA ARG A 176 75.45 -90.55 -72.80
C ARG A 176 74.53 -89.96 -71.73
N LEU A 177 73.52 -90.71 -71.27
CA LEU A 177 72.54 -90.18 -70.34
C LEU A 177 72.94 -90.26 -68.88
N LYS A 178 74.04 -90.96 -68.55
CA LYS A 178 74.45 -91.06 -67.16
C LYS A 178 74.97 -89.74 -66.61
N GLU A 179 75.30 -88.79 -67.47
CA GLU A 179 75.77 -87.49 -67.01
C GLU A 179 74.64 -86.61 -66.50
N TRP A 180 73.47 -86.67 -67.14
CA TRP A 180 72.40 -85.74 -66.88
C TRP A 180 71.45 -86.19 -65.77
N VAL A 181 71.64 -87.39 -65.22
CA VAL A 181 70.79 -87.85 -64.13
C VAL A 181 71.29 -87.23 -62.83
N MET A 182 70.74 -86.07 -62.49
CA MET A 182 71.15 -85.32 -61.31
C MET A 182 69.98 -85.26 -60.34
N LEU A 183 69.87 -86.29 -59.51
CA LEU A 183 68.90 -86.31 -58.42
C LEU A 183 69.54 -86.03 -57.08
N ASP A 184 70.77 -86.50 -56.87
CA ASP A 184 71.49 -86.18 -55.64
C ASP A 184 71.84 -84.69 -55.57
N ILE A 185 72.10 -84.07 -56.72
CA ILE A 185 72.31 -82.63 -56.74
C ILE A 185 71.06 -81.90 -56.28
N TYR A 186 69.89 -82.40 -56.68
CA TYR A 186 68.65 -81.81 -56.18
C TYR A 186 68.47 -82.05 -54.69
N LEU A 187 68.94 -83.18 -54.18
CA LEU A 187 68.89 -83.40 -52.74
C LEU A 187 69.77 -82.41 -51.98
N VAL A 188 70.98 -82.16 -52.48
CA VAL A 188 71.85 -81.15 -51.89
C VAL A 188 71.20 -79.77 -51.99
N GLY A 189 70.52 -79.50 -53.10
CA GLY A 189 69.85 -78.23 -53.25
C GLY A 189 68.73 -78.03 -52.26
N ILE A 190 67.91 -79.05 -52.04
CA ILE A 190 66.82 -78.91 -51.07
C ILE A 190 67.37 -78.84 -49.65
N GLY A 191 68.49 -79.51 -49.37
CA GLY A 191 69.12 -79.34 -48.07
C GLY A 191 69.63 -77.93 -47.87
N VAL A 192 70.27 -77.35 -48.88
CA VAL A 192 70.76 -75.99 -48.80
C VAL A 192 69.62 -75.01 -48.63
N ALA A 193 68.53 -75.20 -49.37
CA ALA A 193 67.37 -74.33 -49.24
C ALA A 193 66.73 -74.46 -47.87
N SER A 194 66.65 -75.67 -47.33
CA SER A 194 66.09 -75.86 -46.00
C SER A 194 66.93 -75.17 -44.95
N ILE A 195 68.26 -75.22 -45.09
CA ILE A 195 69.11 -74.46 -44.19
C ILE A 195 68.90 -72.97 -44.38
N LYS A 196 68.68 -72.53 -45.61
CA LYS A 196 68.57 -71.11 -45.91
C LYS A 196 67.32 -70.50 -45.30
N VAL A 197 66.18 -71.18 -45.38
CA VAL A 197 64.92 -70.65 -44.89
C VAL A 197 64.57 -71.20 -43.50
N GLN A 198 65.55 -71.78 -42.81
CA GLN A 198 65.30 -72.25 -41.45
C GLN A 198 65.00 -71.09 -40.51
N ASP A 199 65.67 -69.96 -40.71
CA ASP A 199 65.46 -68.79 -39.85
C ASP A 199 64.15 -68.08 -40.14
N TYR A 200 63.71 -68.08 -41.39
CA TYR A 200 62.54 -67.29 -41.76
C TYR A 200 61.27 -67.84 -41.15
N ALA A 201 61.11 -69.16 -41.12
CA ALA A 201 59.86 -69.77 -40.68
C ALA A 201 60.18 -71.15 -40.10
N HIS A 202 59.12 -71.92 -39.84
CA HIS A 202 59.23 -73.25 -39.26
C HIS A 202 59.09 -74.28 -40.36
N ILE A 203 60.02 -75.23 -40.39
CA ILE A 203 60.12 -76.23 -41.44
C ILE A 203 59.89 -77.61 -40.83
N GLN A 204 59.01 -78.40 -41.46
CA GLN A 204 58.78 -79.77 -41.05
C GLN A 204 58.94 -80.68 -42.26
N ALA A 205 59.51 -81.86 -42.03
CA ALA A 205 59.72 -82.82 -43.10
C ALA A 205 58.39 -83.37 -43.59
N GLY A 206 58.27 -83.53 -44.92
CA GLY A 206 57.06 -84.03 -45.51
C GLY A 206 57.06 -85.55 -45.63
N VAL A 207 55.91 -86.07 -46.07
CA VAL A 207 55.77 -87.51 -46.24
C VAL A 207 56.59 -87.99 -47.43
N GLY A 208 56.61 -87.22 -48.51
CA GLY A 208 57.28 -87.63 -49.74
C GLY A 208 58.78 -87.53 -49.70
N LEU A 209 59.35 -86.95 -48.65
CA LEU A 209 60.81 -86.84 -48.57
C LEU A 209 61.45 -88.20 -48.48
N PHE A 210 60.85 -89.12 -47.73
CA PHE A 210 61.38 -90.47 -47.64
C PHE A 210 61.33 -91.19 -48.98
N SER A 211 60.24 -91.03 -49.72
CA SER A 211 60.14 -91.65 -51.05
C SER A 211 61.17 -91.04 -52.00
N PHE A 212 61.39 -89.73 -51.92
CA PHE A 212 62.40 -89.10 -52.76
C PHE A 212 63.80 -89.60 -52.42
N VAL A 213 64.10 -89.76 -51.13
CA VAL A 213 65.41 -90.28 -50.73
C VAL A 213 65.57 -91.71 -51.23
N ALA A 214 64.52 -92.52 -51.12
CA ALA A 214 64.59 -93.89 -51.62
C ALA A 214 64.79 -93.94 -53.13
N LEU A 215 64.12 -93.05 -53.87
CA LEU A 215 64.31 -92.99 -55.31
C LEU A 215 65.74 -92.59 -55.67
N VAL A 216 66.29 -91.61 -54.95
CA VAL A 216 67.67 -91.17 -55.21
C VAL A 216 68.65 -92.31 -54.93
N ILE A 217 68.46 -93.01 -53.83
CA ILE A 217 69.35 -94.13 -53.50
C ILE A 217 69.25 -95.22 -54.56
N LEU A 218 68.03 -95.53 -54.99
CA LEU A 218 67.86 -96.56 -56.01
C LEU A 218 68.50 -96.17 -57.33
N THR A 219 68.33 -94.92 -57.76
CA THR A 219 68.95 -94.48 -59.00
C THR A 219 70.47 -94.51 -58.89
N THR A 220 71.02 -94.11 -57.75
CA THR A 220 72.47 -94.14 -57.59
C THR A 220 73.00 -95.56 -57.64
N VAL A 221 72.38 -96.48 -56.90
CA VAL A 221 72.88 -97.85 -56.86
C VAL A 221 72.57 -98.60 -58.16
N THR A 222 71.65 -98.10 -58.98
CA THR A 222 71.44 -98.72 -60.29
C THR A 222 72.43 -98.19 -61.32
N LEU A 223 72.69 -96.88 -61.33
CA LEU A 223 73.65 -96.31 -62.25
C LEU A 223 75.08 -96.68 -61.90
N SER A 224 75.35 -97.09 -60.66
CA SER A 224 76.69 -97.51 -60.31
C SER A 224 77.07 -98.86 -60.90
N HIS A 225 76.11 -99.60 -61.47
CA HIS A 225 76.39 -100.92 -62.00
C HIS A 225 75.91 -101.10 -63.43
N LEU A 226 75.63 -100.00 -64.14
CA LEU A 226 75.12 -100.07 -65.50
C LEU A 226 76.30 -100.10 -66.46
N ASN A 227 76.52 -101.24 -67.11
CA ASN A 227 77.62 -101.43 -68.04
C ASN A 227 77.08 -101.46 -69.46
N VAL A 228 77.72 -100.69 -70.34
CA VAL A 228 77.24 -100.50 -71.70
C VAL A 228 77.93 -101.43 -72.69
N GLU A 229 79.24 -101.63 -72.55
CA GLU A 229 79.93 -102.53 -73.47
C GLU A 229 79.48 -103.97 -73.29
N GLU A 230 79.04 -104.34 -72.08
CA GLU A 230 78.44 -105.66 -71.90
C GLU A 230 77.16 -105.81 -72.70
N LEU A 231 76.31 -104.78 -72.71
CA LEU A 231 75.12 -104.79 -73.55
C LEU A 231 75.50 -104.85 -75.03
N TRP A 232 76.52 -104.09 -75.43
CA TRP A 232 76.94 -104.10 -76.83
C TRP A 232 77.41 -105.48 -77.25
N GLU A 233 78.21 -106.14 -76.43
CA GLU A 233 78.73 -107.45 -76.81
C GLU A 233 77.67 -108.54 -76.67
N ARG A 234 76.69 -108.37 -75.79
CA ARG A 234 75.63 -109.36 -75.69
C ARG A 234 74.69 -109.28 -76.88
N PHE A 235 74.26 -108.07 -77.24
CA PHE A 235 73.32 -107.93 -78.35
C PHE A 235 74.00 -108.12 -79.70
N TYR A 236 75.18 -107.54 -79.87
CA TYR A 236 75.91 -107.63 -81.14
C TYR A 236 77.26 -108.30 -80.92
N PRO A 237 77.44 -109.54 -81.34
CA PRO A 237 78.72 -110.23 -81.11
C PRO A 237 79.74 -109.96 -82.20
N GLN A 238 80.99 -109.76 -81.78
CA GLN A 238 82.09 -109.54 -82.72
C GLN A 238 83.26 -110.46 -82.39
N ARG A 239 84.41 -110.23 -83.03
CA ARG A 239 85.58 -111.08 -82.86
C ARG A 239 86.80 -110.21 -82.58
N PRO A 240 87.79 -110.73 -81.86
CA PRO A 240 89.01 -109.97 -81.62
C PRO A 240 89.93 -109.91 -82.83
N ALA A 241 91.12 -109.33 -82.65
CA ALA A 241 92.08 -109.12 -83.72
C ALA A 241 93.33 -109.98 -83.47
N THR A 242 94.34 -109.78 -84.31
CA THR A 242 95.59 -110.54 -84.25
C THR A 242 96.62 -109.87 -83.34
N ARG A 243 96.17 -108.95 -82.48
CA ARG A 243 96.97 -108.34 -81.42
C ARG A 243 98.02 -107.36 -81.96
N ARG A 244 98.19 -107.29 -83.27
CA ARG A 244 99.15 -106.36 -83.86
C ARG A 244 98.73 -106.08 -85.30
N ASP A 245 98.05 -104.97 -85.51
CA ASP A 245 97.61 -104.58 -86.85
C ASP A 245 98.02 -103.18 -87.24
N GLU A 246 98.03 -102.24 -86.29
CA GLU A 246 98.35 -100.83 -86.52
C GLU A 246 97.43 -100.22 -87.58
N LYS A 247 96.19 -100.70 -87.64
CA LYS A 247 95.19 -100.12 -88.52
C LYS A 247 93.81 -100.06 -87.88
N LEU A 248 93.67 -100.47 -86.61
CA LEU A 248 92.38 -100.48 -85.94
C LEU A 248 92.08 -99.12 -85.34
N ARG A 249 90.89 -98.60 -85.63
CA ARG A 249 90.46 -97.33 -85.08
C ARG A 249 89.55 -97.58 -83.88
N VAL A 250 89.31 -96.50 -83.13
CA VAL A 250 88.43 -96.53 -81.97
C VAL A 250 87.15 -95.80 -82.32
N CYS A 251 86.02 -96.49 -82.20
CA CYS A 251 84.73 -95.85 -82.39
C CYS A 251 84.42 -94.96 -81.19
N LEU A 252 84.01 -93.74 -81.47
CA LEU A 252 83.65 -92.81 -80.39
C LEU A 252 82.30 -93.14 -79.78
N GLY A 253 81.56 -94.07 -80.35
CA GLY A 253 80.24 -94.42 -79.84
C GLY A 253 80.25 -95.64 -78.94
N CYS A 254 80.95 -96.70 -79.34
CA CYS A 254 80.90 -97.96 -78.60
C CYS A 254 82.27 -98.44 -78.15
N HIS A 255 83.30 -97.63 -78.34
CA HIS A 255 84.66 -97.98 -77.91
C HIS A 255 85.10 -99.31 -78.51
N PHE A 256 84.79 -99.51 -79.79
CA PHE A 256 85.11 -100.75 -80.49
C PHE A 256 86.37 -100.56 -81.34
N THR A 257 87.19 -101.60 -81.41
CA THR A 257 88.40 -101.58 -82.23
C THR A 257 88.22 -102.57 -83.38
N GLY A 258 88.34 -102.08 -84.61
CA GLY A 258 88.16 -102.94 -85.77
C GLY A 258 88.24 -102.12 -87.05
N TYR A 259 88.43 -102.84 -88.14
CA TYR A 259 88.55 -102.20 -89.44
C TYR A 259 87.22 -101.62 -89.87
N PRO A 260 87.21 -100.46 -90.53
CA PRO A 260 85.97 -99.97 -91.13
C PRO A 260 85.60 -100.77 -92.37
N ASP A 261 84.32 -100.77 -92.68
CA ASP A 261 83.81 -101.50 -93.83
C ASP A 261 83.99 -100.65 -95.09
N GLN A 262 83.40 -101.10 -96.20
CA GLN A 262 83.47 -100.32 -97.44
C GLN A 262 82.64 -99.06 -97.37
N ARG A 263 81.65 -99.00 -96.48
CA ARG A 263 80.84 -97.81 -96.31
C ARG A 263 81.43 -96.81 -95.33
N GLY A 264 82.50 -97.16 -94.64
CA GLY A 264 83.10 -96.27 -93.66
C GLY A 264 82.41 -96.24 -92.32
N ARG A 265 81.44 -97.11 -92.08
CA ARG A 265 80.69 -97.13 -90.84
C ARG A 265 81.25 -98.19 -89.89
N CYS A 266 81.01 -97.99 -88.60
CA CYS A 266 81.48 -98.93 -87.59
C CYS A 266 80.75 -100.27 -87.71
N PRO A 267 81.46 -101.38 -87.61
CA PRO A 267 80.79 -102.68 -87.71
C PRO A 267 79.82 -102.97 -86.59
N ARG A 268 79.92 -102.28 -85.46
CA ARG A 268 79.02 -102.53 -84.33
C ARG A 268 77.84 -101.58 -84.29
N CYS A 269 78.04 -100.32 -84.69
CA CYS A 269 76.97 -99.34 -84.72
C CYS A 269 77.05 -98.53 -86.00
N HIS A 270 75.90 -98.07 -86.47
CA HIS A 270 75.79 -97.43 -87.79
C HIS A 270 76.12 -95.94 -87.69
N ILE A 271 77.38 -95.66 -87.40
CA ILE A 271 77.91 -94.30 -87.48
C ILE A 271 79.24 -94.38 -88.23
N PRO A 272 79.64 -93.31 -88.93
CA PRO A 272 80.94 -93.35 -89.61
C PRO A 272 82.08 -93.43 -88.61
N LEU A 273 83.15 -94.09 -89.05
CA LEU A 273 84.35 -94.30 -88.24
C LEU A 273 85.47 -93.44 -88.79
N ARG A 274 85.98 -92.52 -87.97
CA ARG A 274 87.07 -91.65 -88.35
C ARG A 274 88.18 -91.72 -87.31
N LEU A 275 89.34 -91.23 -87.68
CA LEU A 275 90.48 -91.26 -86.76
C LEU A 275 90.25 -90.36 -85.56
N ARG A 276 89.86 -89.12 -85.78
CA ARG A 276 89.54 -88.16 -84.74
C ARG A 276 88.11 -87.65 -84.96
N ARG A 277 87.71 -86.67 -84.18
CA ARG A 277 86.42 -86.05 -84.39
C ARG A 277 86.43 -85.20 -85.66
N ARG A 278 85.23 -84.88 -86.15
CA ARG A 278 85.12 -84.20 -87.43
C ARG A 278 85.55 -82.75 -87.34
N HIS A 279 84.86 -81.96 -86.53
CA HIS A 279 85.13 -80.53 -86.37
C HIS A 279 85.14 -80.15 -84.90
N SER A 280 85.88 -80.92 -84.11
CA SER A 280 85.89 -80.72 -82.66
C SER A 280 86.45 -79.35 -82.30
N LEU A 281 87.48 -78.92 -83.01
CA LEU A 281 88.07 -77.60 -82.74
C LEU A 281 87.07 -76.49 -83.01
N GLN A 282 86.39 -76.53 -84.16
CA GLN A 282 85.48 -75.46 -84.51
C GLN A 282 84.25 -75.45 -83.62
N LYS A 283 83.67 -76.63 -83.36
CA LYS A 283 82.53 -76.70 -82.47
C LYS A 283 82.90 -76.27 -81.05
N CYS A 284 84.06 -76.68 -80.57
CA CYS A 284 84.50 -76.27 -79.25
C CYS A 284 84.71 -74.77 -79.17
N TRP A 285 85.32 -74.18 -80.19
CA TRP A 285 85.52 -72.74 -80.22
C TRP A 285 84.19 -71.99 -80.22
N ALA A 286 83.26 -72.44 -81.06
CA ALA A 286 81.97 -71.76 -81.15
C ALA A 286 81.20 -71.87 -79.84
N ALA A 287 81.18 -73.05 -79.22
CA ALA A 287 80.47 -73.23 -77.97
C ALA A 287 81.12 -72.42 -76.84
N LEU A 288 82.45 -72.38 -76.80
CA LEU A 288 83.13 -71.60 -75.78
C LEU A 288 82.85 -70.13 -75.95
N LEU A 289 82.88 -69.63 -77.18
CA LEU A 289 82.57 -68.21 -77.41
C LEU A 289 81.12 -67.91 -77.06
N ALA A 290 80.19 -68.81 -77.38
CA ALA A 290 78.80 -68.60 -77.02
C ALA A 290 78.61 -68.56 -75.52
N SER A 291 79.27 -69.46 -74.78
CA SER A 291 79.17 -69.45 -73.33
C SER A 291 79.76 -68.16 -72.75
N ILE A 292 80.89 -67.71 -73.28
CA ILE A 292 81.51 -66.49 -72.79
C ILE A 292 80.61 -65.29 -73.04
N VAL A 293 80.00 -65.23 -74.22
CA VAL A 293 79.09 -64.13 -74.53
C VAL A 293 77.86 -64.16 -73.62
N LEU A 294 77.28 -65.35 -73.43
CA LEU A 294 76.06 -65.46 -72.62
C LEU A 294 76.32 -65.36 -71.13
N LEU A 295 77.58 -65.43 -70.70
CA LEU A 295 77.88 -65.26 -69.28
C LEU A 295 77.51 -63.86 -68.79
N LEU A 296 77.80 -62.83 -69.59
CA LEU A 296 77.61 -61.45 -69.13
C LEU A 296 76.16 -61.10 -68.85
N PRO A 297 75.19 -61.37 -69.72
CA PRO A 297 73.79 -61.10 -69.34
C PRO A 297 73.31 -61.95 -68.19
N ALA A 298 73.91 -63.12 -67.94
CA ALA A 298 73.52 -63.91 -66.78
C ALA A 298 73.94 -63.24 -65.48
N ASN A 299 75.11 -62.59 -65.47
CA ASN A 299 75.65 -61.99 -64.26
C ASN A 299 75.20 -60.55 -64.05
N LEU A 300 74.92 -59.81 -65.11
CA LEU A 300 74.55 -58.40 -64.95
C LEU A 300 73.06 -58.24 -64.66
N LEU A 301 72.20 -58.98 -65.35
CA LEU A 301 70.77 -58.86 -65.12
C LEU A 301 70.39 -59.53 -63.81
N PRO A 302 69.34 -59.05 -63.14
CA PRO A 302 68.92 -59.67 -61.88
C PRO A 302 68.34 -61.05 -62.09
N ILE A 303 68.63 -61.93 -61.13
CA ILE A 303 68.20 -63.33 -61.20
C ILE A 303 66.99 -63.58 -60.32
N SER A 304 66.94 -63.00 -59.12
CA SER A 304 65.83 -63.21 -58.20
C SER A 304 65.25 -61.88 -57.78
N ILE A 305 63.93 -61.80 -57.71
CA ILE A 305 63.22 -60.60 -57.29
C ILE A 305 62.37 -60.96 -56.08
N ILE A 306 62.56 -60.23 -54.99
CA ILE A 306 61.85 -60.48 -53.74
C ILE A 306 60.96 -59.28 -53.45
N TYR A 307 59.67 -59.41 -53.78
CA TYR A 307 58.69 -58.41 -53.36
C TYR A 307 58.48 -58.52 -51.86
N LEU A 308 58.89 -57.49 -51.13
CA LEU A 308 58.80 -57.41 -49.68
C LEU A 308 57.86 -56.28 -49.30
N ASN A 309 56.66 -56.64 -48.85
CA ASN A 309 55.64 -55.70 -48.42
C ASN A 309 55.31 -54.70 -49.52
N GLY A 310 55.23 -55.18 -50.76
CA GLY A 310 54.96 -54.34 -51.90
C GLY A 310 56.17 -53.74 -52.58
N GLY A 311 57.37 -53.92 -52.03
CA GLY A 311 58.59 -53.40 -52.61
C GLY A 311 59.50 -54.54 -53.04
N ARG A 312 59.95 -54.48 -54.29
CA ARG A 312 60.80 -55.53 -54.83
C ARG A 312 62.26 -55.21 -54.60
N GLN A 313 63.09 -56.26 -54.52
CA GLN A 313 64.51 -56.09 -54.28
C GLN A 313 65.28 -55.93 -55.59
N GLU A 314 65.12 -56.90 -56.50
CA GLU A 314 65.77 -56.87 -57.82
C GLU A 314 67.29 -56.80 -57.69
N ASP A 315 67.85 -57.86 -57.14
CA ASP A 315 69.28 -57.99 -56.92
C ASP A 315 69.85 -59.08 -57.83
N THR A 316 71.10 -58.88 -58.26
CA THR A 316 71.74 -59.79 -59.19
C THR A 316 72.39 -60.96 -58.44
N ILE A 317 73.18 -61.76 -59.15
CA ILE A 317 73.87 -62.87 -58.51
C ILE A 317 74.92 -62.36 -57.53
N LEU A 318 75.65 -61.33 -57.92
CA LEU A 318 76.70 -60.79 -57.04
C LEU A 318 76.11 -60.19 -55.77
N SER A 319 75.02 -59.44 -55.89
CA SER A 319 74.38 -58.89 -54.70
C SER A 319 73.82 -59.99 -53.81
N GLY A 320 73.25 -61.02 -54.42
CA GLY A 320 72.73 -62.13 -53.64
C GLY A 320 73.82 -62.88 -52.89
N ILE A 321 74.94 -63.15 -53.55
CA ILE A 321 76.01 -63.87 -52.88
C ILE A 321 76.69 -62.98 -51.85
N MET A 322 76.72 -61.67 -52.06
CA MET A 322 77.23 -60.77 -51.02
C MET A 322 76.33 -60.77 -49.79
N SER A 323 75.01 -60.72 -49.98
CA SER A 323 74.10 -60.78 -48.85
C SER A 323 74.19 -62.12 -48.14
N LEU A 324 74.35 -63.20 -48.90
CA LEU A 324 74.49 -64.52 -48.29
C LEU A 324 75.81 -64.62 -47.52
N ALA A 325 76.88 -64.02 -48.03
CA ALA A 325 78.12 -64.01 -47.29
C ALA A 325 77.99 -63.18 -46.01
N SER A 326 77.21 -62.11 -46.06
CA SER A 326 76.98 -61.30 -44.87
C SER A 326 76.14 -62.05 -43.83
N SER A 327 75.19 -62.86 -44.27
CA SER A 327 74.25 -63.50 -43.34
C SER A 327 74.71 -64.90 -42.91
N ASN A 328 74.86 -65.81 -43.86
CA ASN A 328 75.08 -67.24 -43.59
C ASN A 328 76.31 -67.71 -44.36
N ILE A 329 77.43 -67.03 -44.11
CA ILE A 329 78.68 -67.27 -44.83
C ILE A 329 79.08 -68.75 -44.84
N ALA A 330 78.63 -69.53 -43.86
CA ALA A 330 78.97 -70.95 -43.83
C ALA A 330 78.44 -71.70 -45.05
N VAL A 331 77.20 -71.41 -45.45
CA VAL A 331 76.66 -71.99 -46.68
C VAL A 331 76.97 -71.12 -47.90
N ALA A 332 77.18 -69.83 -47.69
CA ALA A 332 77.54 -68.93 -48.79
C ALA A 332 78.87 -69.33 -49.40
N GLY A 333 79.80 -69.89 -48.61
CA GLY A 333 81.06 -70.32 -49.17
C GLY A 333 80.91 -71.45 -50.18
N ILE A 334 80.12 -72.47 -49.82
CA ILE A 334 79.93 -73.59 -50.75
C ILE A 334 79.08 -73.16 -51.94
N VAL A 335 78.14 -72.24 -51.74
CA VAL A 335 77.37 -71.70 -52.86
C VAL A 335 78.27 -70.94 -53.80
N PHE A 336 79.19 -70.14 -53.26
CA PHE A 336 80.13 -69.38 -54.08
C PHE A 336 81.06 -70.28 -54.87
N ILE A 337 81.58 -71.34 -54.23
CA ILE A 337 82.52 -72.20 -54.92
C ILE A 337 81.83 -73.15 -55.89
N ALA A 338 80.53 -73.40 -55.72
CA ALA A 338 79.80 -74.27 -56.63
C ALA A 338 78.88 -73.50 -57.58
N SER A 339 78.93 -72.18 -57.60
CA SER A 339 78.04 -71.40 -58.44
C SER A 339 78.78 -70.55 -59.46
N ILE A 340 79.81 -69.83 -59.05
CA ILE A 340 80.54 -68.94 -59.94
C ILE A 340 82.00 -69.32 -60.09
N LEU A 341 82.55 -70.13 -59.19
CA LEU A 341 83.93 -70.60 -59.36
C LEU A 341 84.03 -71.61 -60.50
N VAL A 342 83.09 -72.57 -60.53
CA VAL A 342 83.15 -73.61 -61.56
C VAL A 342 83.02 -73.08 -62.97
N PRO A 343 82.08 -72.19 -63.30
CA PRO A 343 82.00 -71.72 -64.70
C PRO A 343 83.23 -70.95 -65.15
N PHE A 344 83.75 -70.05 -64.33
CA PHE A 344 84.95 -69.32 -64.72
C PHE A 344 86.15 -70.25 -64.84
N THR A 345 86.25 -71.23 -63.93
CA THR A 345 87.33 -72.21 -64.01
C THR A 345 87.25 -73.01 -65.31
N LYS A 346 86.05 -73.47 -65.67
CA LYS A 346 85.90 -74.22 -66.91
C LYS A 346 86.23 -73.36 -68.13
N VAL A 347 85.79 -72.10 -68.12
CA VAL A 347 86.05 -71.22 -69.26
C VAL A 347 87.54 -70.99 -69.44
N ILE A 348 88.24 -70.69 -68.34
CA ILE A 348 89.68 -70.42 -68.48
C ILE A 348 90.45 -71.69 -68.82
N VAL A 349 90.02 -72.85 -68.31
CA VAL A 349 90.70 -74.10 -68.65
C VAL A 349 90.53 -74.41 -70.13
N MET A 350 89.31 -74.27 -70.65
CA MET A 350 89.10 -74.52 -72.06
C MET A 350 89.85 -73.53 -72.94
N PHE A 351 89.90 -72.26 -72.53
CA PHE A 351 90.65 -71.28 -73.30
C PHE A 351 92.14 -71.58 -73.33
N THR A 352 92.70 -71.97 -72.17
CA THR A 352 94.11 -72.34 -72.13
C THR A 352 94.39 -73.60 -72.94
N LEU A 353 93.47 -74.56 -72.93
CA LEU A 353 93.64 -75.76 -73.74
C LEU A 353 93.63 -75.45 -75.23
N LEU A 354 92.72 -74.57 -75.66
CA LEU A 354 92.70 -74.18 -77.07
C LEU A 354 93.96 -73.41 -77.46
N LEU A 355 94.43 -72.53 -76.58
CA LEU A 355 95.66 -71.80 -76.87
C LEU A 355 96.88 -72.73 -76.86
N SER A 356 96.84 -73.80 -76.07
CA SER A 356 97.93 -74.77 -76.10
C SER A 356 97.89 -75.62 -77.35
N ILE A 357 96.68 -75.94 -77.83
CA ILE A 357 96.54 -76.65 -79.10
C ILE A 357 97.08 -75.80 -80.24
N HIS A 358 96.75 -74.52 -80.26
CA HIS A 358 97.29 -73.63 -81.28
C HIS A 358 98.80 -73.47 -81.13
N PHE A 359 99.29 -73.34 -79.90
CA PHE A 359 100.69 -73.01 -79.63
C PHE A 359 101.60 -74.22 -79.70
N LYS A 360 101.05 -75.43 -79.70
CA LYS A 360 101.81 -76.67 -79.71
C LYS A 360 102.80 -76.73 -78.54
N CYS A 361 102.35 -76.28 -77.38
CA CYS A 361 103.18 -76.32 -76.19
C CYS A 361 103.23 -77.73 -75.62
N GLN A 362 104.42 -78.18 -75.26
CA GLN A 362 104.65 -79.52 -74.75
C GLN A 362 105.23 -79.51 -73.35
N GLN A 363 104.96 -78.44 -72.60
CA GLN A 363 105.54 -78.25 -71.27
C GLN A 363 104.69 -78.88 -70.18
N GLY A 364 103.39 -78.63 -70.17
CA GLY A 364 102.51 -79.12 -69.14
C GLY A 364 101.56 -80.19 -69.61
N LEU A 365 102.06 -81.13 -70.43
CA LEU A 365 101.20 -82.17 -70.98
C LEU A 365 100.70 -83.11 -69.89
N ARG A 366 101.52 -83.40 -68.88
CA ARG A 366 101.12 -84.30 -67.82
C ARG A 366 100.03 -83.73 -66.93
N THR A 367 99.80 -82.42 -66.96
CA THR A 367 98.81 -81.79 -66.11
C THR A 367 97.56 -81.34 -66.84
N ARG A 368 97.65 -81.08 -68.14
CA ARG A 368 96.48 -80.64 -68.89
C ARG A 368 95.42 -81.73 -68.94
N ILE A 369 95.83 -82.99 -69.06
CA ILE A 369 94.87 -84.09 -69.08
C ILE A 369 94.15 -84.19 -67.75
N LEU A 370 94.88 -84.05 -66.64
CA LEU A 370 94.25 -84.09 -65.32
C LEU A 370 93.32 -82.91 -65.12
N LEU A 371 93.71 -81.73 -65.59
CA LEU A 371 92.82 -80.57 -65.51
C LEU A 371 91.55 -80.80 -66.32
N LEU A 372 91.68 -81.38 -67.50
CA LEU A 372 90.50 -81.67 -68.32
C LEU A 372 89.59 -82.70 -67.64
N ARG A 373 90.18 -83.73 -67.02
CA ARG A 373 89.39 -84.70 -66.29
C ARG A 373 88.66 -84.06 -65.12
N MET A 374 89.34 -83.19 -64.38
CA MET A 374 88.71 -82.51 -63.25
C MET A 374 87.59 -81.58 -63.71
N VAL A 375 87.79 -80.88 -64.83
CA VAL A 375 86.75 -80.01 -65.36
C VAL A 375 85.54 -80.83 -65.79
N THR A 376 85.78 -81.96 -66.45
CA THR A 376 84.67 -82.83 -66.84
C THR A 376 83.93 -83.37 -65.62
N TRP A 377 84.65 -83.73 -64.58
CA TRP A 377 84.02 -84.22 -63.36
C TRP A 377 83.22 -83.14 -62.66
N ILE A 378 83.69 -81.89 -62.71
CA ILE A 378 83.12 -80.84 -61.88
C ILE A 378 82.08 -79.98 -62.61
N GLY A 379 81.99 -80.09 -63.93
CA GLY A 379 81.02 -79.29 -64.68
C GLY A 379 79.57 -79.64 -64.41
N ARG A 380 79.32 -80.81 -63.82
CA ARG A 380 77.95 -81.24 -63.57
C ARG A 380 77.32 -80.46 -62.41
N TRP A 381 78.10 -80.08 -61.41
CA TRP A 381 77.59 -79.49 -60.18
C TRP A 381 77.08 -78.07 -60.36
N SER A 382 77.29 -77.45 -61.53
CA SER A 382 76.99 -76.05 -61.71
C SER A 382 75.49 -75.74 -61.72
N MET A 383 74.63 -76.75 -61.75
CA MET A 383 73.19 -76.55 -61.83
C MET A 383 72.53 -76.38 -60.46
N LEU A 384 73.32 -76.20 -59.41
CA LEU A 384 72.76 -76.14 -58.06
C LEU A 384 71.94 -74.87 -57.86
N ASP A 385 72.38 -73.76 -58.45
CA ASP A 385 71.72 -72.48 -58.22
C ASP A 385 70.28 -72.48 -58.73
N LEU A 386 70.05 -73.07 -59.91
CA LEU A 386 68.71 -73.11 -60.47
C LEU A 386 67.76 -73.94 -59.60
N PHE A 387 68.24 -75.07 -59.09
CA PHE A 387 67.42 -75.88 -58.20
C PHE A 387 67.10 -75.13 -56.93
N VAL A 388 68.08 -74.43 -56.36
CA VAL A 388 67.87 -73.70 -55.12
C VAL A 388 66.83 -72.60 -55.34
N ILE A 389 66.97 -71.84 -56.41
CA ILE A 389 66.03 -70.73 -56.63
C ILE A 389 64.65 -71.28 -56.98
N SER A 390 64.58 -72.42 -57.66
CA SER A 390 63.28 -73.03 -57.94
C SER A 390 62.58 -73.42 -56.65
N LEU A 391 63.30 -74.08 -55.75
CA LEU A 391 62.66 -74.49 -54.50
C LEU A 391 62.28 -73.28 -53.64
N THR A 392 63.11 -72.25 -53.62
CA THR A 392 62.79 -71.08 -52.82
C THR A 392 61.59 -70.33 -53.38
N MET A 393 61.48 -70.21 -54.70
CA MET A 393 60.32 -69.55 -55.28
C MET A 393 59.07 -70.42 -55.18
N SER A 394 59.23 -71.74 -55.06
CA SER A 394 58.07 -72.58 -54.79
C SER A 394 57.63 -72.51 -53.33
N LEU A 395 58.56 -72.31 -52.41
CA LEU A 395 58.22 -72.27 -50.99
C LEU A 395 57.69 -70.90 -50.58
N ILE A 396 58.51 -69.86 -50.74
CA ILE A 396 58.16 -68.51 -50.31
C ILE A 396 57.22 -67.87 -51.33
N ASN A 397 55.92 -68.06 -51.15
CA ASN A 397 54.92 -67.58 -52.09
C ASN A 397 53.76 -66.93 -51.35
N ARG A 398 54.07 -66.04 -50.40
CA ARG A 398 53.05 -65.24 -49.76
C ARG A 398 52.44 -64.28 -50.77
N ASP A 399 51.18 -63.91 -50.51
CA ASP A 399 50.42 -63.15 -51.50
C ASP A 399 51.04 -61.79 -51.78
N GLN A 400 51.33 -61.03 -50.75
CA GLN A 400 51.97 -59.73 -50.92
C GLN A 400 53.12 -59.48 -49.96
N ILE A 401 53.18 -60.16 -48.83
CA ILE A 401 54.23 -59.89 -47.85
C ILE A 401 55.57 -60.35 -48.38
N LEU A 402 55.64 -61.56 -48.91
CA LEU A 402 56.89 -62.13 -49.43
C LEU A 402 56.60 -62.83 -50.74
N ALA A 403 57.10 -62.29 -51.85
CA ALA A 403 56.92 -62.89 -53.17
C ALA A 403 58.28 -63.10 -53.80
N PHE A 404 58.70 -64.36 -53.91
CA PHE A 404 59.99 -64.71 -54.52
C PHE A 404 59.74 -65.11 -55.97
N THR A 405 60.39 -64.42 -56.90
CA THR A 405 60.22 -64.69 -58.32
C THR A 405 61.58 -64.76 -59.01
N MET A 406 61.60 -65.43 -60.15
CA MET A 406 62.84 -65.58 -60.93
C MET A 406 62.92 -64.48 -61.99
N GLY A 407 64.03 -63.76 -61.99
CA GLY A 407 64.23 -62.70 -62.94
C GLY A 407 64.69 -63.21 -64.29
N PRO A 408 64.82 -62.29 -65.23
CA PRO A 408 65.19 -62.63 -66.61
C PRO A 408 66.69 -62.79 -66.82
N ALA A 409 67.33 -63.54 -65.95
CA ALA A 409 68.75 -63.84 -66.08
C ALA A 409 69.09 -65.30 -65.90
N ALA A 410 68.22 -66.10 -65.28
CA ALA A 410 68.51 -67.51 -65.10
C ALA A 410 68.52 -68.27 -66.43
N PHE A 411 67.80 -67.75 -67.42
CA PHE A 411 67.82 -68.37 -68.74
C PHE A 411 69.22 -68.34 -69.35
N TYR A 412 69.88 -67.18 -69.27
CA TYR A 412 71.23 -67.06 -69.80
C TYR A 412 72.22 -67.89 -69.00
N PHE A 413 72.04 -67.98 -67.69
CA PHE A 413 72.93 -68.79 -66.86
C PHE A 413 72.81 -70.28 -67.22
N GLY A 414 71.58 -70.75 -67.36
CA GLY A 414 71.38 -72.14 -67.76
C GLY A 414 71.90 -72.42 -69.15
N ALA A 415 71.70 -71.48 -70.08
CA ALA A 415 72.25 -71.65 -71.42
C ALA A 415 73.77 -71.71 -71.39
N ALA A 416 74.40 -70.87 -70.59
CA ALA A 416 75.86 -70.90 -70.47
C ALA A 416 76.34 -72.22 -69.89
N VAL A 417 75.64 -72.73 -68.88
CA VAL A 417 76.06 -74.01 -68.28
C VAL A 417 75.94 -75.14 -69.29
N ILE A 418 74.83 -75.21 -70.01
CA ILE A 418 74.65 -76.26 -71.01
C ILE A 418 75.70 -76.13 -72.11
N LEU A 419 75.96 -74.92 -72.57
CA LEU A 419 76.92 -74.71 -73.64
C LEU A 419 78.33 -75.08 -73.20
N THR A 420 78.71 -74.76 -71.96
CA THR A 420 80.06 -75.12 -71.53
C THR A 420 80.19 -76.61 -71.25
N ILE A 421 79.12 -77.26 -70.80
CA ILE A 421 79.16 -78.71 -70.66
C ILE A 421 79.34 -79.38 -72.01
N LEU A 422 78.60 -78.92 -73.01
CA LEU A 422 78.76 -79.47 -74.35
C LEU A 422 80.12 -79.15 -74.94
N ALA A 423 80.68 -78.00 -74.63
CA ALA A 423 82.01 -77.65 -75.12
C ALA A 423 83.07 -78.57 -74.51
N VAL A 424 82.95 -78.85 -73.21
CA VAL A 424 83.90 -79.75 -72.58
C VAL A 424 83.75 -81.16 -73.16
N GLU A 425 82.52 -81.62 -73.33
CA GLU A 425 82.32 -82.97 -73.84
C GLU A 425 82.76 -83.10 -75.31
N TRP A 426 82.63 -82.02 -76.08
CA TRP A 426 82.95 -82.08 -77.51
C TRP A 426 84.44 -82.14 -77.78
N LEU A 427 85.27 -81.72 -76.84
CA LEU A 427 86.69 -81.71 -77.09
C LEU A 427 87.26 -83.12 -76.96
N ASP A 428 88.39 -83.35 -77.62
CA ASP A 428 89.07 -84.64 -77.61
C ASP A 428 90.50 -84.47 -77.13
N SER A 429 90.91 -85.37 -76.23
CA SER A 429 92.28 -85.34 -75.74
C SER A 429 93.27 -85.86 -76.76
N ARG A 430 92.81 -86.56 -77.79
CA ARG A 430 93.73 -87.10 -78.78
C ARG A 430 94.38 -85.98 -79.59
N LEU A 431 93.71 -84.84 -79.75
CA LEU A 431 94.36 -83.69 -80.37
C LEU A 431 95.50 -83.17 -79.52
N LEU A 432 95.32 -83.15 -78.20
CA LEU A 432 96.41 -82.75 -77.30
C LEU A 432 97.56 -83.76 -77.36
N TRP A 433 97.23 -85.06 -77.40
CA TRP A 433 98.29 -86.06 -77.42
C TRP A 433 99.04 -86.07 -78.75
N ASP A 434 98.36 -85.72 -79.84
CA ASP A 434 99.02 -85.60 -81.12
C ASP A 434 99.65 -84.23 -81.34
N ALA A 435 99.44 -83.29 -80.42
CA ALA A 435 100.07 -81.98 -80.54
C ALA A 435 101.56 -82.03 -80.25
N HIS A 436 102.05 -83.12 -79.67
CA HIS A 436 103.47 -83.28 -79.41
C HIS A 436 104.27 -83.38 -80.71
N SER B 21 70.45 -88.66 -88.89
CA SER B 21 71.44 -88.60 -87.82
C SER B 21 70.85 -89.09 -86.51
N PRO B 22 71.38 -90.21 -86.00
CA PRO B 22 70.87 -90.75 -84.73
C PRO B 22 71.03 -89.81 -83.56
N PHE B 23 72.10 -89.03 -83.53
CA PHE B 23 72.36 -88.16 -82.40
C PHE B 23 71.35 -87.03 -82.27
N TRP B 24 70.59 -86.74 -83.34
CA TRP B 24 69.51 -85.78 -83.25
C TRP B 24 68.32 -86.31 -82.46
N LEU B 25 68.32 -87.60 -82.13
CA LEU B 25 67.20 -88.17 -81.38
C LEU B 25 67.10 -87.57 -79.99
N LEU B 26 68.23 -87.40 -79.29
CA LEU B 26 68.18 -86.92 -77.91
C LEU B 26 67.67 -85.50 -77.78
N PRO B 27 68.15 -84.51 -78.53
CA PRO B 27 67.64 -83.15 -78.30
C PRO B 27 66.23 -82.94 -78.80
N PHE B 28 65.88 -83.52 -79.96
CA PHE B 28 64.61 -83.23 -80.60
C PHE B 28 63.44 -83.55 -79.68
N ILE B 29 63.49 -84.71 -79.02
CA ILE B 29 62.44 -85.09 -78.07
C ILE B 29 62.27 -84.02 -77.00
N ALA B 30 63.39 -83.54 -76.45
CA ALA B 30 63.32 -82.46 -75.47
C ALA B 30 62.66 -81.22 -76.07
N LEU B 31 63.06 -80.86 -77.28
CA LEU B 31 62.44 -79.72 -77.96
C LEU B 31 60.93 -79.94 -78.06
N MET B 32 60.53 -81.17 -78.36
CA MET B 32 59.11 -81.49 -78.42
C MET B 32 58.42 -81.11 -77.12
N ILE B 33 58.98 -81.53 -75.99
CA ILE B 33 58.28 -81.22 -74.75
C ILE B 33 58.32 -79.71 -74.51
N ALA B 34 59.36 -79.03 -74.96
CA ALA B 34 59.40 -77.58 -74.83
C ALA B 34 58.24 -76.95 -75.59
N SER B 35 57.99 -77.42 -76.82
CA SER B 35 56.86 -76.90 -77.58
C SER B 35 55.56 -77.14 -76.83
N TRP B 36 55.45 -78.28 -76.15
CA TRP B 36 54.25 -78.55 -75.37
C TRP B 36 54.08 -77.49 -74.30
N LEU B 37 55.16 -77.11 -73.63
CA LEU B 37 55.08 -76.03 -72.66
C LEU B 37 54.68 -74.73 -73.35
N ILE B 38 55.22 -74.48 -74.54
CA ILE B 38 54.83 -73.31 -75.30
C ILE B 38 53.36 -73.37 -75.67
N TRP B 39 52.83 -74.59 -75.87
CA TRP B 39 51.41 -74.72 -76.14
C TRP B 39 50.58 -74.39 -74.90
N ASP B 40 51.13 -74.63 -73.71
CA ASP B 40 50.39 -74.33 -72.50
C ASP B 40 50.48 -72.85 -72.13
N SER B 41 51.42 -72.12 -72.70
CA SER B 41 51.54 -70.69 -72.48
C SER B 41 50.76 -69.87 -73.51
N TYR B 42 50.12 -70.52 -74.48
CA TYR B 42 49.38 -69.84 -75.53
C TYR B 42 47.87 -69.98 -75.41
N GLN B 43 47.39 -70.98 -74.67
CA GLN B 43 45.96 -71.22 -74.52
C GLN B 43 45.39 -70.61 -73.25
N ASP B 44 46.18 -69.86 -72.51
CA ASP B 44 45.77 -69.25 -71.26
C ASP B 44 45.39 -67.79 -71.41
N ARG B 45 45.27 -67.29 -72.64
CA ARG B 45 44.94 -65.89 -72.89
C ARG B 45 43.64 -65.83 -73.70
N GLY B 46 42.70 -65.04 -73.22
CA GLY B 46 41.44 -64.87 -73.93
C GLY B 46 41.45 -63.68 -74.86
N ASN B 47 40.56 -62.72 -74.62
CA ASN B 47 40.50 -61.51 -75.42
C ASN B 47 41.17 -60.36 -74.67
N THR B 48 41.86 -59.50 -75.40
CA THR B 48 42.55 -58.37 -74.81
C THR B 48 41.68 -57.13 -74.93
N VAL B 49 41.44 -56.46 -73.80
CA VAL B 49 40.58 -55.28 -73.76
C VAL B 49 41.39 -54.13 -73.18
N THR B 50 41.18 -52.93 -73.74
CA THR B 50 41.86 -51.72 -73.29
C THR B 50 40.90 -50.87 -72.47
N ILE B 51 41.35 -50.48 -71.27
CA ILE B 51 40.58 -49.66 -70.35
C ILE B 51 41.33 -48.38 -70.08
N ASP B 52 40.60 -47.27 -69.99
CA ASP B 52 41.18 -45.96 -69.72
C ASP B 52 41.00 -45.63 -68.25
N PHE B 53 42.11 -45.44 -67.55
CA PHE B 53 42.11 -45.08 -66.13
C PHE B 53 42.66 -43.67 -65.96
N MET B 54 42.08 -42.94 -65.00
CA MET B 54 42.59 -41.62 -64.68
C MET B 54 43.90 -41.71 -63.89
N SER B 55 44.01 -42.70 -63.00
CA SER B 55 45.22 -42.86 -62.20
C SER B 55 45.30 -44.30 -61.74
N ALA B 56 46.28 -45.06 -62.26
CA ALA B 56 46.49 -46.44 -61.84
C ALA B 56 47.50 -46.46 -60.72
N ASP B 57 47.01 -46.37 -59.49
CA ASP B 57 47.88 -46.16 -58.35
C ASP B 57 48.73 -47.38 -58.06
N GLY B 58 48.13 -48.56 -58.00
CA GLY B 58 48.90 -49.73 -57.63
C GLY B 58 48.71 -50.93 -58.54
N ILE B 59 48.53 -50.68 -59.83
CA ILE B 59 48.31 -51.76 -60.80
C ILE B 59 49.67 -52.25 -61.26
N VAL B 60 49.99 -53.49 -60.90
CA VAL B 60 51.24 -54.14 -61.32
C VAL B 60 50.98 -54.87 -62.63
N PRO B 61 51.77 -54.63 -63.67
CA PRO B 61 51.52 -55.29 -64.96
C PRO B 61 51.66 -56.80 -64.92
N GLY B 62 52.37 -57.35 -63.94
CA GLY B 62 52.53 -58.78 -63.88
C GLY B 62 51.36 -59.51 -63.28
N ARG B 63 50.99 -59.16 -62.04
CA ARG B 63 49.92 -59.84 -61.32
C ARG B 63 48.96 -58.79 -60.76
N THR B 64 47.79 -58.67 -61.38
CA THR B 64 46.72 -57.81 -60.89
C THR B 64 45.42 -58.40 -61.39
N PRO B 65 44.72 -59.14 -60.57
CA PRO B 65 43.53 -59.86 -61.04
C PRO B 65 42.36 -58.92 -61.26
N VAL B 66 41.46 -59.37 -62.14
CA VAL B 66 40.19 -58.71 -62.37
C VAL B 66 39.12 -59.60 -61.76
N ARG B 67 38.46 -59.13 -60.70
CA ARG B 67 37.55 -59.94 -59.92
C ARG B 67 36.11 -59.51 -60.13
N TYR B 68 35.24 -60.46 -60.48
CA TYR B 68 33.80 -60.25 -60.51
C TYR B 68 33.16 -61.00 -59.35
N GLN B 69 32.54 -60.27 -58.43
CA GLN B 69 31.97 -60.83 -57.22
C GLN B 69 32.99 -61.62 -56.42
N GLY B 70 34.24 -61.16 -56.44
CA GLY B 70 35.32 -61.84 -55.77
C GLY B 70 35.92 -63.01 -56.50
N VAL B 71 35.41 -63.35 -57.68
CA VAL B 71 35.93 -64.47 -58.47
C VAL B 71 36.89 -63.92 -59.50
N GLU B 72 38.11 -64.45 -59.52
CA GLU B 72 39.10 -64.00 -60.49
C GLU B 72 38.71 -64.46 -61.88
N VAL B 73 38.76 -63.55 -62.84
CA VAL B 73 38.38 -63.82 -64.21
C VAL B 73 39.53 -63.53 -65.18
N GLY B 74 40.12 -62.34 -65.08
CA GLY B 74 41.17 -61.92 -65.98
C GLY B 74 42.40 -61.45 -65.23
N THR B 75 43.42 -61.07 -65.99
CA THR B 75 44.68 -60.61 -65.45
C THR B 75 45.20 -59.44 -66.26
N VAL B 76 45.70 -58.41 -65.58
CA VAL B 76 46.26 -57.25 -66.26
C VAL B 76 47.52 -57.65 -66.99
N GLN B 77 47.61 -57.27 -68.26
CA GLN B 77 48.75 -57.61 -69.10
C GLN B 77 49.72 -56.46 -69.29
N ASP B 78 49.24 -55.31 -69.76
CA ASP B 78 50.15 -54.23 -70.13
C ASP B 78 49.61 -52.88 -69.66
N ILE B 79 50.52 -51.95 -69.40
CA ILE B 79 50.20 -50.59 -69.01
C ILE B 79 50.96 -49.63 -69.91
N SER B 80 50.28 -48.59 -70.41
CA SER B 80 50.92 -47.60 -71.24
C SER B 80 50.24 -46.25 -71.03
N LEU B 81 50.86 -45.20 -71.55
CA LEU B 81 50.35 -43.85 -71.45
C LEU B 81 50.01 -43.31 -72.83
N SER B 82 48.89 -42.61 -72.91
CA SER B 82 48.41 -42.04 -74.18
C SER B 82 49.04 -40.66 -74.39
N ASP B 83 50.34 -40.70 -74.71
CA ASP B 83 51.18 -39.52 -74.92
C ASP B 83 50.90 -38.40 -73.91
N ASP B 84 50.85 -38.78 -72.64
CA ASP B 84 50.72 -37.85 -71.52
C ASP B 84 49.48 -36.98 -71.63
N LEU B 85 48.36 -37.57 -72.04
CA LEU B 85 47.09 -36.87 -72.10
C LEU B 85 46.21 -37.21 -70.91
N ARG B 86 46.82 -37.46 -69.75
CA ARG B 86 46.11 -37.73 -68.51
C ARG B 86 45.23 -38.96 -68.62
N LYS B 87 45.62 -39.92 -69.46
CA LYS B 87 44.90 -41.17 -69.61
C LYS B 87 45.88 -42.32 -69.59
N ILE B 88 45.53 -43.37 -68.84
CA ILE B 88 46.36 -44.56 -68.73
C ILE B 88 45.65 -45.70 -69.43
N GLU B 89 46.28 -46.26 -70.46
CA GLU B 89 45.71 -47.38 -71.21
C GLU B 89 46.19 -48.68 -70.58
N VAL B 90 45.25 -49.50 -70.13
CA VAL B 90 45.56 -50.77 -69.50
C VAL B 90 44.98 -51.88 -70.37
N LYS B 91 45.85 -52.77 -70.86
CA LYS B 91 45.44 -53.92 -71.65
C LYS B 91 45.34 -55.13 -70.73
N VAL B 92 44.15 -55.72 -70.67
CA VAL B 92 43.82 -56.81 -69.75
C VAL B 92 43.28 -57.97 -70.57
N SER B 93 43.77 -59.18 -70.28
CA SER B 93 43.26 -60.39 -70.91
C SER B 93 42.11 -60.97 -70.11
N ILE B 94 41.09 -61.44 -70.81
CA ILE B 94 39.88 -61.99 -70.21
C ILE B 94 39.68 -63.40 -70.75
N LYS B 95 39.34 -64.33 -69.85
CA LYS B 95 39.10 -65.71 -70.25
C LYS B 95 37.86 -65.80 -71.13
N SER B 96 37.80 -66.89 -71.91
CA SER B 96 36.76 -67.05 -72.92
C SER B 96 35.39 -67.34 -72.31
N ASP B 97 35.31 -67.67 -71.04
CA ASP B 97 34.01 -67.92 -70.43
C ASP B 97 33.22 -66.64 -70.25
N MET B 98 33.89 -65.53 -69.97
CA MET B 98 33.23 -64.27 -69.70
C MET B 98 33.00 -63.41 -70.94
N LYS B 99 33.51 -63.84 -72.09
CA LYS B 99 33.41 -63.00 -73.29
C LYS B 99 31.98 -62.89 -73.80
N ASP B 100 31.09 -63.75 -73.35
CA ASP B 100 29.68 -63.62 -73.73
C ASP B 100 29.07 -62.36 -73.15
N ALA B 101 29.41 -62.01 -71.92
CA ALA B 101 28.89 -60.83 -71.27
C ALA B 101 29.78 -59.60 -71.45
N LEU B 102 30.88 -59.73 -72.18
CA LEU B 102 31.78 -58.61 -72.44
C LEU B 102 31.14 -57.72 -73.51
N ARG B 103 30.24 -56.86 -73.07
CA ARG B 103 29.43 -56.07 -73.99
C ARG B 103 29.54 -54.57 -73.72
N GLU B 104 28.71 -53.78 -74.39
CA GLU B 104 28.85 -52.33 -74.31
C GLU B 104 28.55 -51.80 -72.91
N GLU B 105 27.52 -52.32 -72.26
CA GLU B 105 27.10 -51.81 -70.96
C GLU B 105 27.85 -52.48 -69.81
N THR B 106 29.17 -52.51 -69.90
CA THR B 106 30.03 -53.13 -68.88
C THR B 106 30.77 -52.05 -68.11
N GLN B 107 30.82 -52.19 -66.80
CA GLN B 107 31.43 -51.20 -65.92
C GLN B 107 32.68 -51.77 -65.28
N PHE B 108 33.72 -50.95 -65.21
CA PHE B 108 34.99 -51.30 -64.57
C PHE B 108 35.35 -50.24 -63.55
N TRP B 109 35.99 -50.66 -62.47
CA TRP B 109 36.44 -49.73 -61.44
C TRP B 109 37.66 -50.31 -60.74
N LEU B 110 38.37 -49.46 -60.03
CA LEU B 110 39.60 -49.83 -59.32
C LEU B 110 39.31 -49.88 -57.83
N VAL B 111 39.31 -51.07 -57.25
CA VAL B 111 39.11 -51.24 -55.82
C VAL B 111 40.45 -51.05 -55.11
N THR B 112 40.53 -50.03 -54.26
CA THR B 112 41.73 -49.62 -53.56
C THR B 112 41.33 -49.15 -52.17
N PRO B 113 42.00 -49.64 -51.12
CA PRO B 113 41.63 -49.25 -49.77
C PRO B 113 41.90 -47.78 -49.50
N LYS B 114 41.06 -47.19 -48.64
CA LYS B 114 41.20 -45.81 -48.24
C LYS B 114 40.68 -45.65 -46.81
N ALA B 115 41.19 -44.64 -46.12
CA ALA B 115 40.81 -44.35 -44.74
C ALA B 115 39.58 -43.47 -44.73
N SER B 116 38.44 -44.09 -45.03
CA SER B 116 37.18 -43.37 -45.06
C SER B 116 36.70 -43.10 -43.64
N LEU B 117 35.75 -42.18 -43.54
CA LEU B 117 35.16 -41.81 -42.26
C LEU B 117 34.00 -42.73 -41.91
N ALA B 118 33.80 -42.96 -40.61
CA ALA B 118 32.77 -43.84 -40.10
C ALA B 118 32.88 -45.25 -40.70
N GLY B 119 34.11 -45.75 -40.79
CA GLY B 119 34.35 -47.05 -41.37
C GLY B 119 35.34 -46.99 -42.51
N VAL B 120 36.12 -48.06 -42.70
CA VAL B 120 37.13 -48.12 -43.74
C VAL B 120 36.69 -49.13 -44.79
N SER B 121 36.87 -48.77 -46.05
CA SER B 121 36.48 -49.61 -47.17
C SER B 121 37.70 -50.34 -47.74
N GLY B 122 37.43 -51.41 -48.47
CA GLY B 122 38.50 -52.16 -49.11
C GLY B 122 39.44 -52.88 -48.17
N LEU B 123 38.92 -53.52 -47.14
CA LEU B 123 39.76 -54.32 -46.25
C LEU B 123 40.40 -55.49 -46.98
N ASP B 124 39.63 -56.17 -47.82
CA ASP B 124 40.17 -57.26 -48.63
C ASP B 124 41.21 -56.75 -49.62
N ALA B 125 40.97 -55.58 -50.20
CA ALA B 125 41.97 -54.98 -51.09
C ALA B 125 43.22 -54.57 -50.32
N LEU B 126 43.08 -54.15 -49.08
CA LEU B 126 44.24 -53.84 -48.26
C LEU B 126 45.06 -55.07 -47.96
N VAL B 127 44.39 -56.19 -47.65
CA VAL B 127 45.11 -57.41 -47.30
C VAL B 127 45.78 -58.00 -48.54
N GLY B 128 45.06 -58.09 -49.65
CA GLY B 128 45.57 -58.79 -50.81
C GLY B 128 45.92 -57.95 -52.02
N GLY B 129 46.17 -56.65 -51.81
CA GLY B 129 46.53 -55.79 -52.92
C GLY B 129 45.33 -55.28 -53.69
N ASN B 130 45.39 -54.01 -54.10
CA ASN B 130 44.28 -53.40 -54.83
C ASN B 130 44.10 -54.05 -56.20
N TYR B 131 42.85 -54.13 -56.64
CA TYR B 131 42.52 -54.91 -57.82
C TYR B 131 41.50 -54.14 -58.66
N ILE B 132 40.96 -54.81 -59.67
CA ILE B 132 39.98 -54.23 -60.59
C ILE B 132 38.69 -55.02 -60.48
N GLY B 133 37.58 -54.32 -60.26
CA GLY B 133 36.26 -54.93 -60.25
C GLY B 133 35.48 -54.63 -61.50
N MET B 134 34.65 -55.58 -61.93
CA MET B 134 33.88 -55.46 -63.15
C MET B 134 32.43 -55.85 -62.90
N MET B 135 31.54 -55.33 -63.74
CA MET B 135 30.12 -55.61 -63.69
C MET B 135 29.58 -55.67 -65.12
N PRO B 136 29.11 -56.83 -65.56
CA PRO B 136 28.62 -56.97 -66.93
C PRO B 136 27.24 -56.35 -67.09
N GLY B 137 26.84 -56.20 -68.35
CA GLY B 137 25.55 -55.63 -68.68
C GLY B 137 24.96 -56.25 -69.92
N LYS B 138 24.13 -55.50 -70.63
CA LYS B 138 23.40 -56.00 -71.80
C LYS B 138 23.64 -55.11 -73.01
N GLY B 139 24.89 -54.80 -73.27
CA GLY B 139 25.26 -54.02 -74.42
C GLY B 139 25.32 -54.86 -75.69
N LYS B 140 25.84 -54.24 -76.74
CA LYS B 140 26.00 -54.93 -78.03
C LYS B 140 27.39 -55.53 -78.16
N GLU B 141 28.42 -54.69 -78.15
CA GLU B 141 29.81 -55.12 -78.26
C GLU B 141 30.71 -53.93 -77.98
N GLN B 142 31.81 -54.17 -77.28
CA GLN B 142 32.74 -53.10 -76.97
C GLN B 142 34.10 -53.69 -76.64
N ASP B 143 35.16 -52.99 -77.07
CA ASP B 143 36.53 -53.39 -76.76
C ASP B 143 37.33 -52.24 -76.15
N HIS B 144 36.69 -51.12 -75.84
CA HIS B 144 37.37 -49.96 -75.25
C HIS B 144 36.45 -49.37 -74.21
N PHE B 145 36.84 -49.43 -72.94
CA PHE B 145 35.99 -49.00 -71.84
C PHE B 145 36.62 -47.84 -71.10
N VAL B 146 35.78 -47.13 -70.34
CA VAL B 146 36.21 -46.02 -69.49
C VAL B 146 35.91 -46.38 -68.04
N ALA B 147 36.94 -46.38 -67.20
CA ALA B 147 36.79 -46.76 -65.81
C ALA B 147 35.94 -45.75 -65.05
N LEU B 148 35.23 -46.23 -64.06
CA LEU B 148 34.39 -45.38 -63.23
C LEU B 148 35.21 -44.91 -62.03
N ASP B 149 34.55 -44.28 -61.07
CA ASP B 149 35.23 -43.70 -59.93
C ASP B 149 34.92 -44.37 -58.60
N THR B 150 33.65 -44.58 -58.27
CA THR B 150 33.32 -45.08 -56.94
C THR B 150 32.50 -46.37 -56.92
N GLN B 151 32.52 -47.17 -57.99
CA GLN B 151 31.77 -48.42 -58.00
C GLN B 151 30.31 -48.22 -57.65
N PRO B 152 29.49 -47.77 -58.59
CA PRO B 152 28.07 -47.54 -58.30
C PRO B 152 27.33 -48.80 -57.92
N LYS B 153 26.30 -48.62 -57.09
CA LYS B 153 25.50 -49.71 -56.60
C LYS B 153 24.88 -50.51 -57.74
N TYR B 154 24.96 -51.82 -57.65
CA TYR B 154 24.45 -52.71 -58.68
C TYR B 154 23.17 -53.44 -58.30
N ARG B 155 22.87 -53.55 -57.01
CA ARG B 155 21.66 -54.18 -56.48
C ARG B 155 21.75 -55.70 -56.66
N LEU B 156 20.80 -56.44 -56.09
CA LEU B 156 20.82 -57.89 -56.15
C LEU B 156 19.55 -58.53 -56.65
N ASP B 157 18.41 -57.84 -56.61
CA ASP B 157 17.13 -58.34 -57.08
C ASP B 157 16.76 -59.64 -56.36
N ASN B 158 16.63 -59.53 -55.04
CA ASN B 158 16.29 -60.66 -54.19
C ASN B 158 14.82 -60.66 -53.79
N GLY B 159 13.99 -59.87 -54.43
CA GLY B 159 12.62 -59.73 -54.03
C GLY B 159 12.35 -58.64 -53.03
N ASP B 160 13.31 -57.77 -52.78
CA ASP B 160 13.13 -56.67 -51.83
C ASP B 160 12.19 -55.62 -52.41
N LEU B 161 11.70 -54.76 -51.54
CA LEU B 161 10.75 -53.73 -51.92
C LEU B 161 11.45 -52.38 -51.98
N MET B 162 11.35 -51.70 -53.12
CA MET B 162 11.98 -50.40 -53.34
C MET B 162 10.93 -49.31 -53.26
N ILE B 163 11.13 -48.32 -52.40
CA ILE B 163 10.17 -47.23 -52.26
C ILE B 163 10.93 -45.91 -52.22
N HIS B 164 10.21 -44.84 -52.46
CA HIS B 164 10.77 -43.51 -52.55
C HIS B 164 10.17 -42.60 -51.50
N LEU B 165 10.98 -41.70 -50.99
CA LEU B 165 10.53 -40.70 -50.02
C LEU B 165 10.93 -39.33 -50.51
N GLN B 166 10.09 -38.35 -50.25
CA GLN B 166 10.35 -36.98 -50.68
C GLN B 166 10.55 -36.08 -49.47
N ALA B 167 11.67 -35.38 -49.44
CA ALA B 167 12.01 -34.51 -48.34
C ALA B 167 12.54 -33.19 -48.88
N PRO B 168 12.34 -32.11 -48.14
CA PRO B 168 12.95 -30.84 -48.55
C PRO B 168 14.46 -30.86 -48.55
N ASP B 169 15.10 -31.64 -47.70
CA ASP B 169 16.55 -31.72 -47.69
C ASP B 169 16.93 -33.12 -47.26
N LEU B 170 18.17 -33.50 -47.57
CA LEU B 170 18.60 -34.84 -47.20
C LEU B 170 18.70 -35.01 -45.69
N GLY B 171 19.06 -33.96 -44.98
CA GLY B 171 19.23 -34.12 -43.55
C GLY B 171 20.53 -34.83 -43.23
N SER B 172 20.55 -35.50 -42.08
CA SER B 172 21.73 -36.24 -41.67
C SER B 172 21.88 -37.59 -42.36
N LEU B 173 20.90 -38.01 -43.14
CA LEU B 173 20.94 -39.34 -43.72
C LEU B 173 22.04 -39.48 -44.77
N ASN B 174 22.72 -40.60 -44.75
CA ASN B 174 23.72 -40.92 -45.75
C ASN B 174 23.39 -42.29 -46.31
N SER B 175 24.18 -42.74 -47.27
CA SER B 175 23.97 -44.07 -47.79
C SER B 175 24.36 -45.11 -46.77
N GLY B 176 23.45 -46.03 -46.50
CA GLY B 176 23.66 -47.04 -45.49
C GLY B 176 22.98 -46.81 -44.17
N SER B 177 22.31 -45.69 -43.98
CA SER B 177 21.56 -45.45 -42.77
C SER B 177 20.36 -46.38 -42.70
N LEU B 178 19.96 -46.74 -41.50
CA LEU B 178 19.02 -47.85 -41.29
C LEU B 178 17.58 -47.37 -41.20
N VAL B 179 16.68 -48.30 -41.50
CA VAL B 179 15.24 -48.10 -41.43
C VAL B 179 14.71 -49.02 -40.35
N TYR B 180 13.91 -48.48 -39.45
CA TYR B 180 13.47 -49.15 -38.24
C TYR B 180 11.96 -49.28 -38.18
N PHE B 181 11.51 -50.44 -37.73
CA PHE B 181 10.13 -50.66 -37.31
C PHE B 181 10.17 -51.25 -35.93
N ARG B 182 9.52 -50.58 -34.99
CA ARG B 182 9.57 -50.94 -33.58
C ARG B 182 11.01 -51.01 -33.10
N LYS B 183 11.81 -50.09 -33.58
CA LYS B 183 13.24 -50.06 -33.31
C LYS B 183 13.93 -51.37 -33.67
N ILE B 184 13.51 -51.97 -34.78
CA ILE B 184 14.11 -53.17 -35.33
C ILE B 184 14.52 -52.87 -36.76
N PRO B 185 15.76 -53.11 -37.15
CA PRO B 185 16.18 -52.79 -38.51
C PRO B 185 15.55 -53.72 -39.53
N VAL B 186 14.88 -53.14 -40.51
CA VAL B 186 14.20 -53.91 -41.54
C VAL B 186 14.59 -53.43 -42.93
N GLY B 187 15.57 -52.55 -43.04
CA GLY B 187 15.95 -52.07 -44.34
C GLY B 187 17.03 -51.04 -44.22
N LYS B 188 17.42 -50.46 -45.35
CA LYS B 188 18.48 -49.46 -45.37
C LYS B 188 18.25 -48.52 -46.53
N VAL B 189 18.85 -47.35 -46.42
CA VAL B 189 18.75 -46.35 -47.47
C VAL B 189 19.66 -46.73 -48.63
N TYR B 190 19.08 -46.79 -49.82
CA TYR B 190 19.81 -47.24 -51.00
C TYR B 190 20.52 -46.08 -51.71
N ASP B 191 19.80 -45.01 -52.02
CA ASP B 191 20.38 -43.94 -52.81
C ASP B 191 19.63 -42.65 -52.52
N TYR B 192 20.20 -41.53 -52.95
CA TYR B 192 19.55 -40.23 -52.85
C TYR B 192 19.82 -39.42 -54.10
N ALA B 193 18.90 -38.52 -54.42
CA ALA B 193 19.01 -37.73 -55.64
C ALA B 193 18.20 -36.45 -55.48
N ILE B 194 18.46 -35.51 -56.37
CA ILE B 194 17.79 -34.21 -56.42
C ILE B 194 16.75 -34.24 -57.51
N ASN B 195 15.56 -33.73 -57.20
CA ASN B 195 14.52 -33.65 -58.19
C ASN B 195 14.89 -32.67 -59.30
N PRO B 196 14.29 -32.84 -60.49
CA PRO B 196 14.47 -31.83 -61.52
C PRO B 196 14.05 -30.45 -61.06
N ASN B 197 12.99 -30.38 -60.28
CA ASN B 197 12.75 -29.17 -59.52
C ASN B 197 13.75 -29.12 -58.37
N LYS B 198 14.36 -27.96 -58.17
CA LYS B 198 15.43 -27.86 -57.19
C LYS B 198 14.91 -27.88 -55.76
N GLN B 199 13.60 -27.83 -55.56
CA GLN B 199 13.06 -27.76 -54.22
C GLN B 199 13.10 -29.11 -53.50
N GLY B 200 12.97 -30.22 -54.23
CA GLY B 200 12.75 -31.53 -53.64
C GLY B 200 13.95 -32.44 -53.70
N VAL B 201 14.03 -33.36 -52.74
CA VAL B 201 15.07 -34.37 -52.68
C VAL B 201 14.40 -35.73 -52.52
N VAL B 202 14.79 -36.70 -53.33
CA VAL B 202 14.19 -38.02 -53.34
C VAL B 202 15.18 -39.01 -52.76
N ILE B 203 14.76 -39.71 -51.72
CA ILE B 203 15.54 -40.75 -51.06
C ILE B 203 14.93 -42.08 -51.41
N ASP B 204 15.71 -42.93 -52.06
CA ASP B 204 15.28 -44.25 -52.48
C ASP B 204 15.74 -45.27 -51.47
N VAL B 205 14.80 -45.95 -50.81
CA VAL B 205 15.13 -46.89 -49.76
C VAL B 205 14.61 -48.28 -50.13
N LEU B 206 15.18 -49.28 -49.47
CA LEU B 206 14.95 -50.67 -49.77
C LEU B 206 14.60 -51.44 -48.50
N ILE B 207 13.48 -52.13 -48.50
CA ILE B 207 13.02 -52.94 -47.39
C ILE B 207 13.21 -54.41 -47.75
N GLU B 208 13.66 -55.20 -46.77
CA GLU B 208 13.98 -56.59 -47.01
C GLU B 208 12.73 -57.37 -47.38
N ARG B 209 12.95 -58.56 -47.92
CA ARG B 209 11.82 -59.35 -48.41
C ARG B 209 10.94 -59.84 -47.28
N ARG B 210 11.55 -60.18 -46.15
CA ARG B 210 10.80 -60.76 -45.05
C ARG B 210 9.79 -59.78 -44.49
N PHE B 211 10.00 -58.49 -44.69
CA PHE B 211 9.12 -57.48 -44.12
C PHE B 211 8.42 -56.70 -45.20
N THR B 212 8.21 -57.31 -46.36
CA THR B 212 7.53 -56.60 -47.43
C THR B 212 6.08 -56.33 -47.07
N ASP B 213 5.46 -57.22 -46.31
CA ASP B 213 4.09 -56.99 -45.88
C ASP B 213 3.98 -55.94 -44.78
N LEU B 214 5.08 -55.50 -44.20
CA LEU B 214 4.98 -54.49 -43.15
C LEU B 214 4.57 -53.12 -43.71
N VAL B 215 5.02 -52.79 -44.91
CA VAL B 215 4.74 -51.50 -45.51
C VAL B 215 3.32 -51.52 -46.07
N LYS B 216 2.53 -50.53 -45.69
CA LYS B 216 1.16 -50.35 -46.12
C LYS B 216 1.01 -49.01 -46.83
N LYS B 217 -0.18 -48.78 -47.36
CA LYS B 217 -0.47 -47.51 -48.00
C LYS B 217 -0.48 -46.37 -47.01
N GLY B 218 -0.98 -46.60 -45.81
CA GLY B 218 -1.05 -45.58 -44.79
C GLY B 218 0.16 -45.50 -43.88
N SER B 219 1.24 -46.18 -44.23
CA SER B 219 2.44 -46.15 -43.41
C SER B 219 3.07 -44.77 -43.46
N ARG B 220 3.54 -44.30 -42.32
CA ARG B 220 4.16 -42.99 -42.20
C ARG B 220 5.62 -43.15 -41.82
N PHE B 221 6.46 -42.32 -42.40
CA PHE B 221 7.90 -42.35 -42.25
C PHE B 221 8.40 -41.06 -41.62
N TRP B 222 9.42 -41.16 -40.79
CA TRP B 222 9.97 -39.95 -40.21
C TRP B 222 11.43 -40.18 -39.88
N ASN B 223 12.07 -39.16 -39.33
CA ASN B 223 13.49 -39.18 -39.01
C ASN B 223 13.67 -39.27 -37.51
N VAL B 224 14.53 -40.18 -37.07
CA VAL B 224 14.74 -40.44 -35.66
C VAL B 224 16.14 -40.03 -35.26
N SER B 225 16.24 -39.22 -34.21
CA SER B 225 17.49 -38.93 -33.53
C SER B 225 17.35 -39.32 -32.07
N GLY B 226 18.26 -40.14 -31.57
CA GLY B 226 18.15 -40.68 -30.23
C GLY B 226 18.54 -39.71 -29.14
N VAL B 227 17.97 -38.50 -29.16
CA VAL B 227 18.24 -37.49 -28.16
C VAL B 227 16.93 -36.86 -27.73
N ASP B 228 16.66 -36.87 -26.43
CA ASP B 228 15.56 -36.12 -25.85
C ASP B 228 16.14 -34.96 -25.04
N ALA B 229 15.73 -33.74 -25.36
CA ALA B 229 16.34 -32.53 -24.79
C ALA B 229 15.28 -31.63 -24.17
N ASN B 230 14.43 -32.22 -23.34
CA ASN B 230 13.33 -31.47 -22.74
C ASN B 230 13.88 -30.49 -21.70
N VAL B 231 13.21 -29.34 -21.57
CA VAL B 231 13.60 -28.30 -20.63
C VAL B 231 12.56 -28.11 -19.55
N SER B 232 11.31 -27.89 -19.93
CA SER B 232 10.16 -27.72 -19.03
C SER B 232 10.48 -26.58 -18.05
N ILE B 233 10.07 -26.69 -16.79
CA ILE B 233 10.39 -25.67 -15.80
C ILE B 233 11.24 -26.19 -14.66
N SER B 234 11.27 -27.50 -14.42
CA SER B 234 12.08 -28.03 -13.33
C SER B 234 13.56 -27.99 -13.67
N GLY B 235 13.92 -28.39 -14.88
CA GLY B 235 15.32 -28.38 -15.28
C GLY B 235 15.53 -29.21 -16.52
N ALA B 236 16.74 -29.08 -17.07
CA ALA B 236 17.07 -29.72 -18.34
C ALA B 236 17.12 -31.23 -18.19
N LYS B 237 16.17 -31.92 -18.81
CA LYS B 237 16.14 -33.38 -18.86
C LYS B 237 16.67 -33.83 -20.22
N VAL B 238 17.84 -34.46 -20.22
CA VAL B 238 18.48 -34.93 -21.44
C VAL B 238 18.60 -36.44 -21.35
N LYS B 239 18.06 -37.13 -22.35
CA LYS B 239 18.08 -38.58 -22.39
C LYS B 239 18.69 -39.04 -23.71
N LEU B 240 19.59 -40.01 -23.63
CA LEU B 240 20.25 -40.57 -24.79
C LEU B 240 19.72 -41.98 -24.99
N GLU B 241 18.99 -42.19 -26.07
CA GLU B 241 18.37 -43.49 -26.34
C GLU B 241 19.23 -44.37 -27.24
N SER B 242 19.50 -43.91 -28.45
CA SER B 242 20.23 -44.70 -29.45
C SER B 242 21.42 -43.91 -29.95
N LEU B 243 22.62 -44.45 -29.74
CA LEU B 243 23.83 -43.79 -30.20
C LEU B 243 23.99 -43.92 -31.71
N ALA B 244 23.51 -45.01 -32.29
CA ALA B 244 23.64 -45.19 -33.73
C ALA B 244 22.86 -44.15 -34.51
N ALA B 245 21.79 -43.61 -33.94
CA ALA B 245 21.06 -42.54 -34.59
C ALA B 245 21.89 -41.26 -34.68
N LEU B 246 22.67 -40.96 -33.66
CA LEU B 246 23.54 -39.79 -33.73
C LEU B 246 24.72 -40.03 -34.64
N VAL B 247 25.29 -41.22 -34.57
CA VAL B 247 26.48 -41.49 -35.37
C VAL B 247 26.12 -41.59 -36.84
N ASN B 248 25.02 -42.29 -37.17
CA ASN B 248 24.66 -42.54 -38.55
C ASN B 248 23.44 -41.78 -39.04
N GLY B 249 22.34 -41.83 -38.34
CA GLY B 249 21.05 -41.35 -38.80
C GLY B 249 20.13 -42.52 -39.04
N ALA B 250 18.84 -42.27 -38.89
CA ALA B 250 17.87 -43.35 -38.97
C ALA B 250 16.52 -42.85 -39.42
N ILE B 251 15.86 -43.64 -40.25
CA ILE B 251 14.47 -43.41 -40.63
C ILE B 251 13.62 -44.47 -39.95
N ALA B 252 12.70 -44.05 -39.13
CA ALA B 252 11.71 -44.97 -38.58
C ALA B 252 10.40 -44.87 -39.33
N PHE B 253 9.60 -45.93 -39.22
CA PHE B 253 8.28 -45.87 -39.83
C PHE B 253 7.26 -46.65 -39.03
N ASP B 254 6.01 -46.23 -39.16
CA ASP B 254 4.87 -46.85 -38.49
C ASP B 254 3.84 -47.32 -39.49
N SER B 255 3.35 -48.49 -39.26
CA SER B 255 2.35 -49.21 -40.03
C SER B 255 0.98 -49.07 -39.38
N PRO B 256 -0.02 -48.65 -40.11
CA PRO B 256 -1.37 -48.56 -39.52
C PRO B 256 -1.98 -49.94 -39.38
N GLU B 257 -3.18 -49.98 -38.81
CA GLU B 257 -3.79 -51.27 -38.53
C GLU B 257 -4.46 -51.86 -39.78
N GLU B 258 -5.42 -51.15 -40.34
CA GLU B 258 -6.18 -51.62 -41.49
C GLU B 258 -5.87 -50.75 -42.69
N SER B 259 -5.01 -51.24 -43.58
CA SER B 259 -4.67 -50.57 -44.82
C SER B 259 -4.15 -51.60 -45.81
N LYS B 260 -4.29 -51.29 -47.09
CA LYS B 260 -3.78 -52.16 -48.12
C LYS B 260 -2.26 -52.09 -48.16
N PRO B 261 -1.59 -53.17 -48.53
CA PRO B 261 -0.14 -53.11 -48.67
C PRO B 261 0.28 -52.22 -49.83
N ALA B 262 1.44 -51.62 -49.66
CA ALA B 262 2.05 -50.73 -50.64
C ALA B 262 3.12 -51.47 -51.43
N GLU B 263 3.25 -51.12 -52.70
CA GLU B 263 4.19 -51.83 -53.57
C GLU B 263 4.53 -50.97 -54.77
N ALA B 264 5.56 -51.39 -55.49
CA ALA B 264 5.92 -50.83 -56.79
C ALA B 264 6.24 -49.34 -56.73
N GLU B 265 7.28 -49.02 -55.99
CA GLU B 265 7.83 -47.68 -55.92
C GLU B 265 6.80 -46.65 -55.49
N ASP B 266 6.00 -47.00 -54.50
CA ASP B 266 5.01 -46.07 -54.00
C ASP B 266 5.73 -44.93 -53.26
N THR B 267 5.29 -43.71 -53.48
CA THR B 267 5.95 -42.55 -52.90
C THR B 267 5.34 -42.20 -51.55
N PHE B 268 6.15 -41.58 -50.69
CA PHE B 268 5.72 -41.17 -49.36
C PHE B 268 6.37 -39.84 -49.02
N GLY B 269 5.88 -39.22 -47.95
CA GLY B 269 6.44 -37.98 -47.43
C GLY B 269 7.21 -38.25 -46.15
N LEU B 270 8.38 -37.66 -46.05
CA LEU B 270 9.28 -37.85 -44.92
C LEU B 270 9.09 -36.69 -43.95
N TYR B 271 8.48 -36.97 -42.81
CA TYR B 271 8.31 -35.95 -41.79
C TYR B 271 9.61 -35.73 -41.03
N GLU B 272 9.77 -34.52 -40.54
CA GLU B 272 11.01 -34.17 -39.87
C GLU B 272 11.10 -34.66 -38.45
N ASP B 273 9.98 -35.07 -37.86
CA ASP B 273 10.01 -35.47 -36.48
C ASP B 273 8.84 -36.38 -36.22
N LEU B 274 8.90 -37.10 -35.11
CA LEU B 274 7.78 -37.93 -34.71
C LEU B 274 6.56 -37.10 -34.37
N ALA B 275 6.76 -35.96 -33.74
CA ALA B 275 5.64 -35.09 -33.37
C ALA B 275 4.95 -34.55 -34.62
N HIS B 276 5.70 -34.20 -35.64
CA HIS B 276 5.10 -33.72 -36.86
C HIS B 276 4.36 -34.81 -37.61
N SER B 277 4.67 -36.06 -37.36
CA SER B 277 3.99 -37.16 -38.03
C SER B 277 2.71 -37.58 -37.35
N GLN B 278 2.39 -36.99 -36.21
CA GLN B 278 1.17 -37.36 -35.52
C GLN B 278 -0.04 -36.89 -36.31
N ARG B 279 -1.00 -37.78 -36.46
CA ARG B 279 -2.20 -37.46 -37.21
C ARG B 279 -3.05 -36.46 -36.46
N GLY B 280 -3.67 -35.55 -37.21
CA GLY B 280 -4.51 -34.53 -36.61
C GLY B 280 -5.37 -33.89 -37.67
N VAL B 281 -6.22 -32.97 -37.23
CA VAL B 281 -7.15 -32.27 -38.10
C VAL B 281 -6.78 -30.80 -38.11
N ILE B 282 -6.76 -30.21 -39.29
CA ILE B 282 -6.36 -28.83 -39.51
C ILE B 282 -7.56 -27.92 -39.32
N ILE B 283 -7.41 -26.89 -38.50
CA ILE B 283 -8.44 -25.90 -38.25
C ILE B 283 -7.85 -24.53 -38.54
N LYS B 284 -8.57 -23.74 -39.33
CA LYS B 284 -8.14 -22.40 -39.69
C LYS B 284 -8.75 -21.38 -38.75
N LEU B 285 -7.92 -20.46 -38.26
CA LEU B 285 -8.33 -19.46 -37.28
C LEU B 285 -8.07 -18.06 -37.82
N GLU B 286 -9.03 -17.18 -37.61
CA GLU B 286 -8.92 -15.78 -37.99
C GLU B 286 -8.63 -14.97 -36.73
N LEU B 287 -7.37 -14.87 -36.38
CA LEU B 287 -6.90 -14.24 -35.16
C LEU B 287 -6.97 -12.71 -35.25
N PRO B 288 -7.20 -12.04 -34.12
CA PRO B 288 -7.14 -10.57 -34.13
C PRO B 288 -5.73 -10.02 -34.23
N SER B 289 -4.78 -10.58 -33.50
CA SER B 289 -3.39 -10.15 -33.54
C SER B 289 -2.55 -11.31 -33.03
N GLY B 290 -1.26 -11.23 -33.31
CA GLY B 290 -0.34 -12.25 -32.87
C GLY B 290 0.61 -11.75 -31.81
N ALA B 291 0.07 -10.98 -30.87
CA ALA B 291 0.91 -10.33 -29.88
C ALA B 291 1.62 -11.32 -28.96
N GLY B 292 0.93 -12.33 -28.49
CA GLY B 292 1.56 -13.27 -27.58
C GLY B 292 1.44 -14.70 -28.03
N LEU B 293 1.35 -14.90 -29.33
CA LEU B 293 1.15 -16.23 -29.92
C LEU B 293 2.43 -16.69 -30.58
N THR B 294 2.81 -17.93 -30.30
CA THR B 294 4.01 -18.55 -30.84
C THR B 294 3.65 -19.84 -31.54
N ALA B 295 4.18 -20.02 -32.74
CA ALA B 295 3.92 -21.24 -33.49
C ALA B 295 4.56 -22.43 -32.80
N ASP B 296 3.83 -23.54 -32.78
CA ASP B 296 4.21 -24.80 -32.14
C ASP B 296 4.46 -24.63 -30.66
N SER B 297 3.88 -23.60 -30.05
CA SER B 297 4.04 -23.42 -28.61
C SER B 297 2.78 -23.03 -27.87
N THR B 298 1.73 -22.60 -28.56
CA THR B 298 0.50 -22.15 -27.91
C THR B 298 -0.51 -23.26 -27.92
N PRO B 299 -0.95 -23.76 -26.77
CA PRO B 299 -1.86 -24.90 -26.74
C PRO B 299 -3.32 -24.50 -26.80
N LEU B 300 -4.16 -25.52 -26.97
CA LEU B 300 -5.61 -25.39 -26.93
C LEU B 300 -6.11 -26.20 -25.74
N MET B 301 -6.50 -25.52 -24.68
CA MET B 301 -6.87 -26.16 -23.43
C MET B 301 -8.37 -26.37 -23.35
N TYR B 302 -8.79 -27.63 -23.15
CA TYR B 302 -10.17 -27.95 -22.88
C TYR B 302 -10.23 -28.77 -21.61
N GLN B 303 -11.07 -28.33 -20.66
CA GLN B 303 -11.19 -28.94 -19.35
C GLN B 303 -9.85 -29.03 -18.62
N GLY B 304 -8.96 -28.08 -18.89
CA GLY B 304 -7.65 -28.09 -18.30
C GLY B 304 -6.63 -28.96 -18.97
N LEU B 305 -6.99 -29.68 -20.03
CA LEU B 305 -6.10 -30.59 -20.71
C LEU B 305 -5.80 -30.06 -22.11
N GLU B 306 -4.56 -30.21 -22.53
CA GLU B 306 -4.13 -29.74 -23.84
C GLU B 306 -4.59 -30.72 -24.91
N VAL B 307 -5.37 -30.23 -25.86
CA VAL B 307 -5.86 -31.04 -26.97
C VAL B 307 -5.46 -30.51 -28.33
N GLY B 308 -4.90 -29.32 -28.43
CA GLY B 308 -4.49 -28.75 -29.70
C GLY B 308 -3.15 -28.05 -29.60
N GLN B 309 -2.69 -27.55 -30.73
CA GLN B 309 -1.40 -26.86 -30.81
C GLN B 309 -1.44 -25.92 -32.00
N LEU B 310 -1.18 -24.65 -31.76
CA LEU B 310 -1.11 -23.68 -32.84
C LEU B 310 0.14 -23.93 -33.65
N THR B 311 -0.03 -24.27 -34.93
CA THR B 311 1.10 -24.69 -35.74
C THR B 311 1.60 -23.59 -36.68
N LYS B 312 0.72 -22.95 -37.43
CA LYS B 312 1.13 -21.98 -38.43
C LYS B 312 0.54 -20.62 -38.11
N LEU B 313 1.31 -19.56 -38.37
CA LEU B 313 0.90 -18.19 -38.08
C LEU B 313 1.42 -17.30 -39.20
N ASP B 314 0.50 -16.63 -39.89
CA ASP B 314 0.81 -15.85 -41.08
C ASP B 314 0.16 -14.47 -41.02
N LEU B 315 0.72 -13.55 -41.78
CA LEU B 315 0.24 -12.18 -41.91
C LEU B 315 -0.17 -11.95 -43.36
N ASN B 316 -1.45 -12.21 -43.64
CA ASN B 316 -2.00 -11.92 -44.95
C ASN B 316 -2.12 -10.41 -45.18
N PRO B 317 -1.98 -9.98 -46.43
CA PRO B 317 -1.98 -8.54 -46.71
C PRO B 317 -3.31 -7.90 -46.34
N GLY B 318 -3.22 -6.62 -46.01
CA GLY B 318 -4.27 -5.92 -45.32
C GLY B 318 -4.16 -5.97 -43.81
N GLY B 319 -3.04 -6.46 -43.30
CA GLY B 319 -2.86 -6.60 -41.87
C GLY B 319 -3.77 -7.63 -41.23
N LYS B 320 -3.93 -8.80 -41.87
CA LYS B 320 -4.82 -9.82 -41.38
C LYS B 320 -4.00 -10.98 -40.83
N VAL B 321 -4.01 -11.14 -39.52
CA VAL B 321 -3.27 -12.23 -38.89
C VAL B 321 -4.13 -13.48 -38.91
N THR B 322 -3.60 -14.57 -39.47
CA THR B 322 -4.33 -15.82 -39.56
C THR B 322 -3.47 -16.94 -39.00
N GLY B 323 -4.13 -18.01 -38.57
CA GLY B 323 -3.45 -19.12 -37.96
C GLY B 323 -4.04 -20.46 -38.39
N GLU B 324 -3.28 -21.49 -38.12
CA GLU B 324 -3.63 -22.86 -38.46
C GLU B 324 -3.23 -23.77 -37.33
N MET B 325 -4.18 -24.56 -36.82
CA MET B 325 -4.02 -25.34 -35.60
C MET B 325 -4.35 -26.81 -35.86
N THR B 326 -3.58 -27.70 -35.27
CA THR B 326 -3.84 -29.13 -35.34
C THR B 326 -4.53 -29.61 -34.08
N VAL B 327 -5.64 -30.33 -34.25
CA VAL B 327 -6.38 -30.89 -33.12
C VAL B 327 -6.37 -32.39 -33.21
N ASP B 328 -6.31 -33.05 -32.06
CA ASP B 328 -6.30 -34.50 -31.99
C ASP B 328 -7.68 -35.05 -32.34
N PRO B 329 -7.76 -36.30 -32.79
CA PRO B 329 -9.05 -36.86 -33.20
C PRO B 329 -10.07 -37.05 -32.10
N SER B 330 -9.69 -36.87 -30.84
CA SER B 330 -10.64 -37.12 -29.77
C SER B 330 -11.72 -36.05 -29.69
N VAL B 331 -11.40 -34.81 -30.04
CA VAL B 331 -12.32 -33.70 -29.87
C VAL B 331 -12.80 -33.15 -31.21
N VAL B 332 -12.75 -33.95 -32.26
CA VAL B 332 -13.23 -33.52 -33.57
C VAL B 332 -14.74 -33.36 -33.53
N THR B 333 -15.44 -34.26 -32.86
CA THR B 333 -16.88 -34.20 -32.77
C THR B 333 -17.36 -32.98 -31.98
N LEU B 334 -16.48 -32.36 -31.22
CA LEU B 334 -16.83 -31.16 -30.48
C LEU B 334 -16.69 -29.89 -31.31
N LEU B 335 -16.14 -29.97 -32.51
CA LEU B 335 -15.98 -28.81 -33.38
C LEU B 335 -17.19 -28.72 -34.30
N ARG B 336 -18.18 -27.93 -33.91
CA ARG B 336 -19.41 -27.78 -34.68
C ARG B 336 -19.76 -26.31 -34.84
N GLU B 337 -20.94 -26.00 -35.33
CA GLU B 337 -21.39 -24.62 -35.37
C GLU B 337 -21.64 -24.10 -33.97
N ASN B 338 -21.66 -22.77 -33.86
CA ASN B 338 -21.68 -22.06 -32.59
C ASN B 338 -20.79 -22.67 -31.52
N THR B 339 -19.60 -23.12 -31.93
CA THR B 339 -18.55 -23.57 -31.03
C THR B 339 -17.50 -22.48 -31.01
N ARG B 340 -17.15 -22.00 -29.83
CA ARG B 340 -16.34 -20.80 -29.71
C ARG B 340 -14.91 -21.15 -29.30
N ILE B 341 -13.95 -20.42 -29.86
CA ILE B 341 -12.55 -20.53 -29.48
C ILE B 341 -12.08 -19.15 -29.09
N GLU B 342 -11.61 -19.00 -27.86
CA GLU B 342 -11.22 -17.70 -27.35
C GLU B 342 -9.81 -17.75 -26.79
N LEU B 343 -9.27 -16.59 -26.47
CA LEU B 343 -7.92 -16.50 -25.90
C LEU B 343 -7.98 -15.93 -24.50
N ARG B 344 -7.21 -16.52 -23.61
CA ARG B 344 -7.14 -16.13 -22.22
C ARG B 344 -5.73 -15.66 -21.89
N ASN B 345 -5.64 -14.50 -21.25
CA ASN B 345 -4.38 -13.98 -20.77
C ASN B 345 -4.02 -14.63 -19.43
N PRO B 346 -2.75 -14.79 -19.14
CA PRO B 346 -2.35 -15.33 -17.84
C PRO B 346 -2.58 -14.35 -16.71
N LYS B 347 -3.59 -14.61 -15.90
CA LYS B 347 -3.92 -13.74 -14.78
C LYS B 347 -3.19 -14.17 -13.53
N LEU B 348 -2.81 -13.18 -12.71
CA LEU B 348 -2.10 -13.44 -11.47
C LEU B 348 -3.07 -13.43 -10.30
N SER B 349 -3.13 -14.55 -9.58
CA SER B 349 -4.00 -14.72 -8.43
C SER B 349 -3.15 -14.81 -7.17
N LEU B 350 -3.42 -13.92 -6.22
CA LEU B 350 -2.65 -13.93 -4.97
C LEU B 350 -3.05 -15.10 -4.09
N SER B 351 -4.32 -15.49 -4.11
CA SER B 351 -4.78 -16.61 -3.29
C SER B 351 -4.28 -17.94 -3.83
N ASP B 352 -4.35 -18.14 -5.14
CA ASP B 352 -3.93 -19.38 -5.79
C ASP B 352 -2.90 -19.03 -6.86
N ALA B 353 -1.63 -18.98 -6.45
CA ALA B 353 -0.55 -18.63 -7.37
C ALA B 353 -0.25 -19.81 -8.28
N ASN B 354 -0.18 -19.53 -9.59
CA ASN B 354 0.09 -20.54 -10.59
C ASN B 354 1.27 -20.05 -11.43
N LEU B 355 2.47 -20.48 -11.07
CA LEU B 355 3.65 -20.04 -11.80
C LEU B 355 3.68 -20.61 -13.22
N SER B 356 3.23 -21.85 -13.39
CA SER B 356 3.22 -22.46 -14.71
C SER B 356 2.27 -21.73 -15.65
N ALA B 357 1.09 -21.35 -15.15
CA ALA B 357 0.15 -20.59 -15.97
C ALA B 357 0.71 -19.23 -16.32
N LEU B 358 1.46 -18.63 -15.41
CA LEU B 358 2.12 -17.36 -15.73
C LEU B 358 3.18 -17.54 -16.79
N LEU B 359 3.94 -18.65 -16.73
CA LEU B 359 5.00 -18.86 -17.69
C LEU B 359 4.48 -19.26 -19.06
N THR B 360 3.31 -19.90 -19.13
CA THR B 360 2.80 -20.33 -20.44
C THR B 360 2.40 -19.14 -21.30
N GLY B 361 1.67 -18.19 -20.74
CA GLY B 361 1.24 -17.02 -21.49
C GLY B 361 -0.17 -17.11 -22.02
N LYS B 362 -0.40 -16.68 -23.26
CA LYS B 362 -1.72 -16.76 -23.87
C LYS B 362 -2.15 -18.21 -24.05
N THR B 363 -3.43 -18.46 -23.84
CA THR B 363 -3.96 -19.81 -23.91
C THR B 363 -5.25 -19.84 -24.71
N PHE B 364 -5.36 -20.77 -25.64
CA PHE B 364 -6.59 -20.94 -26.41
C PHE B 364 -7.55 -21.83 -25.63
N GLU B 365 -8.77 -21.36 -25.43
CA GLU B 365 -9.82 -22.07 -24.71
C GLU B 365 -10.96 -22.40 -25.64
N LEU B 366 -11.48 -23.62 -25.51
CA LEU B 366 -12.52 -24.16 -26.38
C LEU B 366 -13.82 -24.30 -25.61
N VAL B 367 -14.89 -23.71 -26.15
CA VAL B 367 -16.24 -23.82 -25.63
C VAL B 367 -17.11 -24.53 -26.64
N PRO B 368 -17.45 -25.79 -26.42
CA PRO B 368 -18.18 -26.56 -27.43
C PRO B 368 -19.60 -26.07 -27.62
N GLY B 369 -20.12 -26.34 -28.83
CA GLY B 369 -21.50 -26.02 -29.15
C GLY B 369 -22.16 -27.16 -29.89
N ASP B 370 -23.28 -26.89 -30.57
CA ASP B 370 -24.00 -27.92 -31.31
C ASP B 370 -24.36 -27.42 -32.70
N GLY B 371 -24.42 -28.35 -33.65
CA GLY B 371 -24.80 -28.01 -35.00
C GLY B 371 -23.97 -28.77 -36.00
N GLU B 372 -23.96 -28.26 -37.23
CA GLU B 372 -23.19 -28.87 -38.29
C GLU B 372 -21.70 -28.70 -38.01
N PRO B 373 -20.89 -29.71 -38.25
CA PRO B 373 -19.44 -29.55 -38.05
C PRO B 373 -18.83 -28.54 -39.00
N ARG B 374 -17.83 -27.81 -38.50
CA ARG B 374 -17.14 -26.80 -39.26
C ARG B 374 -15.64 -26.89 -38.97
N LYS B 375 -14.84 -26.38 -39.91
CA LYS B 375 -13.39 -26.47 -39.81
C LYS B 375 -12.71 -25.11 -39.74
N GLU B 376 -13.45 -24.03 -39.64
CA GLU B 376 -12.87 -22.70 -39.55
C GLU B 376 -13.61 -21.89 -38.51
N PHE B 377 -12.88 -21.06 -37.77
CA PHE B 377 -13.46 -20.28 -36.69
C PHE B 377 -12.86 -18.89 -36.68
N VAL B 378 -13.55 -17.98 -36.00
CA VAL B 378 -13.09 -16.61 -35.79
C VAL B 378 -12.86 -16.43 -34.30
N VAL B 379 -11.66 -16.03 -33.93
CA VAL B 379 -11.27 -15.90 -32.54
C VAL B 379 -11.55 -14.48 -32.07
N VAL B 380 -12.24 -14.36 -30.94
CA VAL B 380 -12.59 -13.07 -30.36
C VAL B 380 -11.80 -12.86 -29.08
N PRO B 381 -11.48 -11.63 -28.72
CA PRO B 381 -10.75 -11.38 -27.47
C PRO B 381 -11.60 -11.69 -26.25
N GLY B 382 -10.94 -11.79 -25.10
CA GLY B 382 -11.63 -12.08 -23.86
C GLY B 382 -12.56 -10.99 -23.39
N GLU B 383 -12.33 -9.75 -23.82
CA GLU B 383 -13.23 -8.67 -23.48
C GLU B 383 -14.58 -8.83 -24.17
N LYS B 384 -14.57 -9.32 -25.38
CA LYS B 384 -15.79 -9.51 -26.15
C LYS B 384 -16.35 -10.91 -26.01
N ALA B 385 -15.83 -11.70 -25.09
CA ALA B 385 -16.28 -13.07 -24.95
C ALA B 385 -17.73 -13.13 -24.50
N LEU B 386 -18.13 -12.23 -23.60
CA LEU B 386 -19.52 -12.22 -23.16
C LEU B 386 -20.45 -11.75 -24.26
N LEU B 387 -19.96 -10.93 -25.18
CA LEU B 387 -20.80 -10.39 -26.22
C LEU B 387 -21.19 -11.45 -27.24
N HIS B 388 -20.40 -12.50 -27.39
CA HIS B 388 -20.63 -13.51 -28.42
C HIS B 388 -21.27 -14.78 -27.88
N GLU B 389 -21.81 -14.77 -26.68
CA GLU B 389 -22.53 -15.91 -26.18
C GLU B 389 -23.84 -16.10 -26.95
N PRO B 390 -24.34 -17.32 -27.03
CA PRO B 390 -25.58 -17.55 -27.77
C PRO B 390 -26.77 -16.76 -27.26
N ASP B 391 -26.89 -16.57 -25.95
CA ASP B 391 -27.94 -15.72 -25.40
C ASP B 391 -27.29 -14.67 -24.53
N VAL B 392 -27.56 -13.41 -24.81
CA VAL B 392 -26.99 -12.33 -24.03
C VAL B 392 -27.84 -11.11 -24.30
N LEU B 393 -28.04 -10.29 -23.28
CA LEU B 393 -28.86 -9.10 -23.42
C LEU B 393 -27.97 -7.88 -23.56
N THR B 394 -27.93 -7.30 -24.75
CA THR B 394 -27.11 -6.14 -25.03
C THR B 394 -27.95 -4.89 -24.92
N LEU B 395 -27.46 -3.91 -24.15
CA LEU B 395 -28.18 -2.68 -23.90
C LEU B 395 -27.28 -1.49 -24.14
N THR B 396 -27.87 -0.41 -24.63
CA THR B 396 -27.17 0.85 -24.83
C THR B 396 -27.82 1.91 -23.96
N LEU B 397 -27.03 2.58 -23.13
CA LEU B 397 -27.53 3.60 -22.24
C LEU B 397 -26.69 4.85 -22.33
N THR B 398 -27.36 6.00 -22.35
CA THR B 398 -26.73 7.30 -22.54
C THR B 398 -26.67 8.08 -21.25
N ALA B 399 -25.64 8.93 -21.15
CA ALA B 399 -25.44 9.78 -19.98
C ALA B 399 -24.69 11.03 -20.41
N PRO B 400 -24.95 12.16 -19.79
CA PRO B 400 -24.19 13.36 -20.12
C PRO B 400 -22.74 13.34 -19.67
N GLU B 401 -22.36 12.46 -18.75
CA GLU B 401 -21.01 12.39 -18.23
C GLU B 401 -20.59 10.94 -18.09
N SER B 402 -19.29 10.70 -18.15
CA SER B 402 -18.83 9.34 -17.97
C SER B 402 -18.95 8.84 -16.54
N TYR B 403 -18.87 9.75 -15.58
CA TYR B 403 -18.95 9.42 -14.15
C TYR B 403 -17.84 8.45 -13.76
N GLY B 404 -16.74 8.47 -14.49
CA GLY B 404 -15.65 7.58 -14.18
C GLY B 404 -15.93 6.12 -14.38
N ILE B 405 -16.67 5.75 -15.42
CA ILE B 405 -17.01 4.36 -15.69
C ILE B 405 -16.21 3.91 -16.90
N ASP B 406 -15.42 2.87 -16.71
CA ASP B 406 -14.56 2.36 -17.76
C ASP B 406 -15.28 1.23 -18.50
N ALA B 407 -14.55 0.50 -19.33
CA ALA B 407 -15.12 -0.57 -20.12
C ALA B 407 -14.94 -1.94 -19.50
N GLY B 408 -14.64 -2.01 -18.21
CA GLY B 408 -14.51 -3.30 -17.57
C GLY B 408 -15.29 -3.38 -16.28
N GLN B 409 -16.08 -2.36 -16.01
CA GLN B 409 -16.86 -2.28 -14.80
C GLN B 409 -18.00 -3.29 -14.83
N PRO B 410 -18.38 -3.82 -13.69
CA PRO B 410 -19.50 -4.76 -13.64
C PRO B 410 -20.84 -4.09 -13.43
N LEU B 411 -21.88 -4.87 -13.71
CA LEU B 411 -23.26 -4.49 -13.42
C LEU B 411 -23.74 -5.32 -12.24
N ILE B 412 -24.34 -4.65 -11.26
CA ILE B 412 -24.66 -5.24 -9.98
C ILE B 412 -26.15 -5.16 -9.72
N LEU B 413 -26.76 -6.30 -9.42
CA LEU B 413 -28.15 -6.38 -9.02
C LEU B 413 -28.22 -7.09 -7.68
N HIS B 414 -28.80 -6.41 -6.70
CA HIS B 414 -28.96 -6.95 -5.35
C HIS B 414 -27.63 -7.39 -4.78
N GLY B 415 -26.58 -6.64 -5.09
CA GLY B 415 -25.27 -6.99 -4.60
C GLY B 415 -24.56 -8.10 -5.34
N VAL B 416 -25.13 -8.63 -6.40
CA VAL B 416 -24.56 -9.75 -7.15
C VAL B 416 -24.24 -9.27 -8.55
N GLN B 417 -23.04 -9.57 -9.03
CA GLN B 417 -22.66 -9.17 -10.37
C GLN B 417 -23.40 -10.02 -11.40
N VAL B 418 -24.19 -9.37 -12.24
CA VAL B 418 -24.98 -10.05 -13.26
C VAL B 418 -24.60 -9.64 -14.67
N GLY B 419 -23.64 -8.74 -14.84
CA GLY B 419 -23.28 -8.29 -16.16
C GLY B 419 -21.95 -7.61 -16.16
N GLN B 420 -21.64 -6.96 -17.27
CA GLN B 420 -20.36 -6.29 -17.44
C GLN B 420 -20.48 -5.24 -18.51
N VAL B 421 -19.89 -4.08 -18.28
CA VAL B 421 -19.86 -3.03 -19.30
C VAL B 421 -18.92 -3.45 -20.42
N ILE B 422 -19.43 -3.41 -21.65
CA ILE B 422 -18.64 -3.84 -22.78
C ILE B 422 -17.78 -2.71 -23.33
N ASP B 423 -18.38 -1.57 -23.66
CA ASP B 423 -17.57 -0.48 -24.19
C ASP B 423 -18.23 0.86 -23.92
N ARG B 424 -17.43 1.91 -24.08
CA ARG B 424 -17.85 3.29 -23.86
C ARG B 424 -17.43 4.14 -25.03
N LYS B 425 -18.34 4.99 -25.49
CA LYS B 425 -18.08 5.86 -26.61
C LYS B 425 -18.47 7.29 -26.27
N LEU B 426 -17.68 8.24 -26.72
CA LEU B 426 -17.92 9.66 -26.50
C LEU B 426 -18.41 10.29 -27.79
N THR B 427 -19.55 10.95 -27.72
CA THR B 427 -20.16 11.62 -28.85
C THR B 427 -20.37 13.09 -28.51
N SER B 428 -20.94 13.80 -29.47
CA SER B 428 -21.22 15.22 -29.25
C SER B 428 -22.29 15.40 -28.19
N LYS B 429 -23.33 14.58 -28.21
CA LYS B 429 -24.39 14.70 -27.22
C LYS B 429 -23.91 14.29 -25.83
N GLY B 430 -23.14 13.22 -25.73
CA GLY B 430 -22.66 12.77 -24.44
C GLY B 430 -21.89 11.48 -24.52
N VAL B 431 -22.10 10.59 -23.57
CA VAL B 431 -21.38 9.34 -23.45
C VAL B 431 -22.38 8.20 -23.53
N THR B 432 -22.11 7.24 -24.40
CA THR B 432 -22.96 6.07 -24.58
C THR B 432 -22.20 4.84 -24.14
N PHE B 433 -22.80 4.07 -23.25
CA PHE B 433 -22.25 2.82 -22.77
C PHE B 433 -23.02 1.66 -23.36
N THR B 434 -22.29 0.68 -23.90
CA THR B 434 -22.87 -0.57 -24.32
C THR B 434 -22.49 -1.65 -23.33
N VAL B 435 -23.50 -2.31 -22.75
CA VAL B 435 -23.32 -3.27 -21.68
C VAL B 435 -24.02 -4.57 -22.02
N ALA B 436 -23.62 -5.63 -21.33
CA ALA B 436 -24.16 -6.95 -21.58
C ALA B 436 -24.65 -7.59 -20.28
N ILE B 437 -25.70 -8.39 -20.40
CA ILE B 437 -26.31 -9.09 -19.28
C ILE B 437 -26.31 -10.57 -19.61
N GLU B 438 -25.84 -11.38 -18.67
CA GLU B 438 -25.71 -12.80 -18.87
C GLU B 438 -27.08 -13.44 -19.03
N PRO B 439 -27.18 -14.54 -19.78
CA PRO B 439 -28.48 -15.18 -19.97
C PRO B 439 -29.06 -15.82 -18.72
N GLN B 440 -28.23 -16.12 -17.73
CA GLN B 440 -28.73 -16.75 -16.52
C GLN B 440 -29.68 -15.82 -15.80
N HIS B 441 -29.36 -14.54 -15.76
CA HIS B 441 -30.17 -13.54 -15.10
C HIS B 441 -30.94 -12.72 -16.11
N ARG B 442 -31.08 -13.23 -17.31
CA ARG B 442 -31.79 -12.50 -18.35
C ARG B 442 -33.24 -12.31 -17.97
N GLU B 443 -33.82 -13.29 -17.29
CA GLU B 443 -35.21 -13.22 -16.91
C GLU B 443 -35.45 -12.28 -15.73
N LEU B 444 -34.40 -11.89 -15.02
CA LEU B 444 -34.57 -11.01 -13.89
C LEU B 444 -34.40 -9.55 -14.24
N VAL B 445 -34.15 -9.23 -15.51
CA VAL B 445 -33.89 -7.85 -15.91
C VAL B 445 -35.16 -7.02 -15.79
N LYS B 446 -36.28 -7.53 -16.30
CA LYS B 446 -37.59 -6.87 -16.13
C LYS B 446 -37.58 -5.45 -16.69
N GLY B 447 -37.54 -5.40 -18.02
CA GLY B 447 -37.14 -4.24 -18.79
C GLY B 447 -37.52 -2.87 -18.29
N ASP B 448 -38.69 -2.71 -17.67
CA ASP B 448 -39.00 -1.43 -17.03
C ASP B 448 -38.19 -1.28 -15.75
N SER B 449 -36.91 -0.98 -15.91
CA SER B 449 -35.98 -0.96 -14.80
C SER B 449 -35.14 0.32 -14.87
N LYS B 450 -34.28 0.52 -13.87
CA LYS B 450 -33.48 1.73 -13.78
C LYS B 450 -32.01 1.38 -13.61
N PHE B 451 -31.15 2.31 -14.00
CA PHE B 451 -29.71 2.12 -13.96
C PHE B 451 -29.10 3.30 -13.23
N VAL B 452 -28.20 3.04 -12.28
CA VAL B 452 -27.60 4.09 -11.48
C VAL B 452 -26.08 3.91 -11.43
N VAL B 453 -25.40 4.95 -11.03
CA VAL B 453 -23.95 5.01 -10.94
C VAL B 453 -23.46 4.52 -9.61
N ASN B 454 -22.44 3.66 -9.62
CA ASN B 454 -21.82 3.18 -8.40
C ASN B 454 -20.31 3.44 -8.39
N SER B 455 -19.82 4.30 -9.27
CA SER B 455 -18.39 4.56 -9.33
C SER B 455 -17.95 5.71 -8.44
N ARG B 456 -18.87 6.43 -7.83
CA ARG B 456 -18.52 7.54 -6.96
C ARG B 456 -19.18 7.36 -5.61
N VAL B 457 -18.47 7.75 -4.56
CA VAL B 457 -18.96 7.66 -3.20
C VAL B 457 -19.42 9.03 -2.77
N ASP B 458 -20.49 9.05 -1.97
CA ASP B 458 -21.05 10.28 -1.44
C ASP B 458 -21.19 10.16 0.07
N VAL B 459 -20.68 11.14 0.79
CA VAL B 459 -20.77 11.19 2.25
C VAL B 459 -21.49 12.46 2.64
N LYS B 460 -22.60 12.32 3.35
CA LYS B 460 -23.36 13.45 3.87
C LYS B 460 -23.33 13.44 5.39
N VAL B 461 -22.90 14.56 5.96
CA VAL B 461 -22.77 14.69 7.40
C VAL B 461 -23.83 15.66 7.90
N GLY B 462 -24.13 15.54 9.19
CA GLY B 462 -25.14 16.40 9.80
C GLY B 462 -25.22 16.11 11.28
N LEU B 463 -26.08 16.89 11.95
CA LEU B 463 -26.27 16.70 13.39
C LEU B 463 -26.91 15.35 13.68
N ASP B 464 -27.88 14.95 12.87
CA ASP B 464 -28.55 13.67 13.03
C ASP B 464 -28.44 12.77 11.82
N GLY B 465 -28.49 13.33 10.61
CA GLY B 465 -28.43 12.51 9.42
C GLY B 465 -27.06 12.48 8.77
N VAL B 466 -26.35 11.38 8.98
CA VAL B 466 -25.07 11.11 8.35
C VAL B 466 -25.23 9.82 7.55
N GLU B 467 -24.97 9.90 6.25
CA GLU B 467 -25.17 8.77 5.37
C GLU B 467 -23.99 8.62 4.43
N PHE B 468 -23.77 7.39 4.00
CA PHE B 468 -22.69 7.00 3.10
C PHE B 468 -23.34 6.31 1.92
N LEU B 469 -23.72 7.10 0.91
CA LEU B 469 -24.45 6.61 -0.25
C LEU B 469 -23.52 6.55 -1.45
N GLY B 470 -24.09 6.16 -2.59
CA GLY B 470 -23.32 6.05 -3.81
C GLY B 470 -22.72 4.67 -3.96
N ALA B 471 -21.75 4.35 -3.11
CA ALA B 471 -21.07 3.07 -3.17
C ALA B 471 -20.42 2.78 -1.83
N SER B 472 -20.44 1.51 -1.44
CA SER B 472 -19.69 1.05 -0.28
C SER B 472 -18.23 0.84 -0.67
N ALA B 473 -17.40 0.38 0.27
CA ALA B 473 -15.99 0.19 -0.03
C ALA B 473 -15.78 -0.89 -1.09
N SER B 474 -16.47 -2.02 -0.95
CA SER B 474 -16.42 -3.04 -1.98
C SER B 474 -17.04 -2.54 -3.27
N GLU B 475 -18.12 -1.78 -3.16
CA GLU B 475 -18.71 -1.17 -4.34
C GLU B 475 -17.79 -0.12 -4.97
N TRP B 476 -17.05 0.62 -4.16
CA TRP B 476 -16.13 1.62 -4.70
C TRP B 476 -14.96 0.97 -5.42
N ILE B 477 -14.40 -0.09 -4.84
CA ILE B 477 -13.30 -0.76 -5.53
C ILE B 477 -13.81 -1.51 -6.75
N ASN B 478 -15.04 -2.00 -6.69
CA ASN B 478 -15.62 -2.63 -7.88
C ASN B 478 -16.08 -1.60 -8.90
N GLY B 479 -16.66 -0.49 -8.46
CA GLY B 479 -17.25 0.48 -9.37
C GLY B 479 -18.49 -0.09 -10.04
N GLY B 480 -18.78 0.42 -11.24
CA GLY B 480 -19.82 -0.13 -12.07
C GLY B 480 -21.16 0.55 -11.95
N ILE B 481 -22.19 -0.15 -12.43
CA ILE B 481 -23.55 0.33 -12.54
C ILE B 481 -24.47 -0.57 -11.74
N ARG B 482 -25.29 0.03 -10.90
CA ARG B 482 -26.30 -0.68 -10.14
C ARG B 482 -27.61 -0.73 -10.91
N ILE B 483 -28.31 -1.85 -10.80
CA ILE B 483 -29.56 -2.10 -11.52
C ILE B 483 -30.71 -2.12 -10.52
N LEU B 484 -31.73 -1.32 -10.79
CA LEU B 484 -32.95 -1.33 -9.99
C LEU B 484 -34.00 -2.09 -10.77
N PRO B 485 -34.38 -3.29 -10.37
CA PRO B 485 -35.26 -4.11 -11.20
C PRO B 485 -36.69 -3.60 -11.15
N GLY B 486 -37.44 -4.04 -12.15
CA GLY B 486 -38.84 -3.69 -12.25
C GLY B 486 -39.78 -4.87 -12.16
N ASP B 487 -41.07 -4.62 -12.38
CA ASP B 487 -42.09 -5.66 -12.32
C ASP B 487 -42.48 -6.19 -13.69
N LYS B 488 -42.59 -5.32 -14.69
CA LYS B 488 -42.96 -5.74 -16.03
C LYS B 488 -42.48 -4.67 -16.99
N GLY B 489 -41.91 -5.12 -18.11
CA GLY B 489 -41.38 -4.20 -19.09
C GLY B 489 -41.31 -4.81 -20.47
N GLU B 490 -40.81 -4.01 -21.40
CA GLU B 490 -40.74 -4.39 -22.80
C GLU B 490 -39.34 -4.34 -23.37
N MET B 491 -38.31 -4.07 -22.56
CA MET B 491 -36.93 -4.13 -23.01
C MET B 491 -36.69 -3.16 -24.18
N LYS B 492 -36.67 -1.87 -23.82
CA LYS B 492 -36.42 -0.83 -24.81
C LYS B 492 -34.99 -0.86 -25.31
N ALA B 493 -34.76 -0.07 -26.36
CA ALA B 493 -33.47 0.01 -27.04
C ALA B 493 -32.43 0.81 -26.27
N SER B 494 -32.80 1.97 -25.75
CA SER B 494 -31.85 2.85 -25.10
C SER B 494 -32.40 3.22 -23.73
N TYR B 495 -31.61 3.96 -22.95
CA TYR B 495 -31.97 4.24 -21.57
C TYR B 495 -31.17 5.42 -21.09
N PRO B 496 -31.69 6.17 -20.13
CA PRO B 496 -30.90 7.19 -19.47
C PRO B 496 -30.21 6.64 -18.24
N LEU B 497 -29.13 7.28 -17.86
CA LEU B 497 -28.38 6.91 -16.68
C LEU B 497 -28.58 8.01 -15.64
N TYR B 498 -29.03 7.63 -14.46
CA TYR B 498 -29.34 8.58 -13.41
C TYR B 498 -28.17 8.75 -12.47
N ALA B 499 -28.02 9.96 -11.95
CA ALA B 499 -26.88 10.28 -11.11
C ALA B 499 -26.96 9.58 -9.77
N ASN B 500 -28.14 9.55 -9.15
CA ASN B 500 -28.27 8.91 -7.85
C ASN B 500 -29.65 8.30 -7.72
N LEU B 501 -29.91 7.69 -6.58
CA LEU B 501 -31.17 6.99 -6.37
C LEU B 501 -32.37 7.94 -6.39
N GLU B 502 -32.25 9.08 -5.74
CA GLU B 502 -33.37 10.02 -5.64
C GLU B 502 -33.85 10.47 -7.01
N LYS B 503 -32.92 10.85 -7.88
CA LYS B 503 -33.30 11.27 -9.22
C LYS B 503 -33.99 10.17 -9.98
N ALA B 504 -33.51 8.94 -9.81
CA ALA B 504 -34.13 7.80 -10.48
C ALA B 504 -35.56 7.60 -10.00
N LEU B 505 -35.79 7.69 -8.69
CA LEU B 505 -37.14 7.56 -8.17
C LEU B 505 -38.04 8.69 -8.65
N GLU B 506 -37.53 9.91 -8.66
CA GLU B 506 -38.31 11.04 -9.13
C GLU B 506 -38.40 11.10 -10.65
N ASN B 507 -37.67 10.22 -11.35
CA ASN B 507 -37.63 10.22 -12.80
C ASN B 507 -37.22 11.57 -13.36
N SER B 508 -36.30 12.22 -12.67
CA SER B 508 -35.78 13.53 -13.07
C SER B 508 -34.36 13.33 -13.61
N LEU B 509 -34.16 13.67 -14.87
CA LEU B 509 -32.86 13.55 -15.51
C LEU B 509 -32.13 14.88 -15.61
N SER B 510 -32.58 15.91 -14.90
CA SER B 510 -31.96 17.21 -14.92
C SER B 510 -31.69 17.68 -13.50
N ASP B 511 -30.63 18.48 -13.35
CA ASP B 511 -30.25 18.95 -12.03
C ASP B 511 -31.30 19.88 -11.44
N LEU B 512 -31.73 20.86 -12.20
CA LEU B 512 -32.77 21.77 -11.71
C LEU B 512 -34.14 21.22 -12.04
N PRO B 513 -35.06 21.16 -11.08
CA PRO B 513 -36.41 20.71 -11.39
C PRO B 513 -37.17 21.74 -12.18
N THR B 514 -38.16 21.26 -12.93
CA THR B 514 -38.94 22.13 -13.78
C THR B 514 -39.79 23.09 -12.96
N THR B 515 -39.92 24.31 -13.45
CA THR B 515 -40.74 25.31 -12.78
C THR B 515 -42.21 24.94 -12.88
N THR B 516 -42.96 25.23 -11.83
CA THR B 516 -44.39 24.97 -11.82
C THR B 516 -45.22 26.18 -11.44
N VAL B 517 -44.78 26.95 -10.45
CA VAL B 517 -45.51 28.10 -9.93
C VAL B 517 -44.61 29.33 -9.96
N SER B 518 -45.14 30.45 -10.42
CA SER B 518 -44.42 31.72 -10.39
C SER B 518 -45.20 32.72 -9.56
N LEU B 519 -44.52 33.36 -8.62
CA LEU B 519 -45.13 34.34 -7.72
C LEU B 519 -44.32 35.63 -7.74
N SER B 520 -45.02 36.74 -7.52
CA SER B 520 -44.39 38.06 -7.47
C SER B 520 -44.61 38.65 -6.09
N ALA B 521 -43.54 39.15 -5.48
CA ALA B 521 -43.59 39.72 -4.15
C ALA B 521 -42.84 41.04 -4.14
N GLU B 522 -43.31 41.99 -3.33
CA GLU B 522 -42.62 43.27 -3.23
C GLU B 522 -41.30 43.15 -2.46
N THR B 523 -41.32 42.47 -1.33
CA THR B 523 -40.13 42.20 -0.54
C THR B 523 -39.89 40.70 -0.44
N LEU B 524 -38.89 40.30 0.35
CA LEU B 524 -38.48 38.92 0.48
C LEU B 524 -38.44 38.53 1.95
N PRO B 525 -39.59 38.28 2.54
CA PRO B 525 -39.64 38.04 3.97
C PRO B 525 -39.16 36.65 4.38
N ASP B 526 -37.93 36.57 4.89
CA ASP B 526 -37.40 35.37 5.52
C ASP B 526 -37.49 34.12 4.63
N VAL B 527 -37.28 34.31 3.33
CA VAL B 527 -37.35 33.22 2.36
C VAL B 527 -36.15 33.31 1.44
N GLN B 528 -35.62 32.15 1.05
CA GLN B 528 -34.49 32.09 0.14
C GLN B 528 -34.60 30.80 -0.67
N ALA B 529 -33.57 30.50 -1.44
CA ALA B 529 -33.55 29.28 -2.22
C ALA B 529 -33.46 28.05 -1.32
N GLY B 530 -34.20 27.02 -1.69
CA GLY B 530 -34.24 25.80 -0.93
C GLY B 530 -35.24 25.77 0.20
N SER B 531 -36.03 26.83 0.38
CA SER B 531 -37.03 26.83 1.41
C SER B 531 -38.19 25.92 1.03
N VAL B 532 -38.90 25.45 2.03
CA VAL B 532 -39.95 24.44 1.85
C VAL B 532 -41.25 25.14 1.47
N VAL B 533 -42.15 24.39 0.82
CA VAL B 533 -43.49 24.87 0.49
C VAL B 533 -44.48 24.00 1.25
N LEU B 534 -45.32 24.63 2.07
CA LEU B 534 -46.18 23.90 3.01
C LEU B 534 -47.65 24.09 2.69
N TYR B 535 -48.38 22.97 2.61
CA TYR B 535 -49.83 22.95 2.54
C TYR B 535 -50.35 22.48 3.89
N ARG B 536 -50.88 23.40 4.68
CA ARG B 536 -51.32 23.12 6.05
C ARG B 536 -50.22 22.46 6.86
N LYS B 537 -49.03 23.04 6.78
CA LYS B 537 -47.84 22.57 7.48
C LYS B 537 -47.47 21.16 7.08
N PHE B 538 -47.56 20.84 5.79
CA PHE B 538 -47.13 19.56 5.26
C PHE B 538 -46.17 19.80 4.11
N GLU B 539 -45.01 19.15 4.13
CA GLU B 539 -43.95 19.42 3.16
C GLU B 539 -44.38 18.95 1.77
N VAL B 540 -44.62 19.91 0.87
CA VAL B 540 -44.99 19.63 -0.52
C VAL B 540 -44.12 20.50 -1.42
N GLY B 541 -43.06 19.93 -1.96
CA GLY B 541 -42.23 20.65 -2.90
C GLY B 541 -41.28 21.61 -2.22
N GLU B 542 -40.57 22.38 -3.05
CA GLU B 542 -39.56 23.29 -2.54
C GLU B 542 -39.40 24.47 -3.50
N VAL B 543 -39.04 25.61 -2.93
CA VAL B 543 -38.79 26.83 -3.70
C VAL B 543 -37.57 26.65 -4.57
N ILE B 544 -37.61 27.19 -5.79
CA ILE B 544 -36.54 27.02 -6.75
C ILE B 544 -35.61 28.23 -6.79
N THR B 545 -36.16 29.44 -6.93
CA THR B 545 -35.26 30.58 -7.07
C THR B 545 -35.98 31.90 -6.85
N VAL B 546 -35.20 32.94 -6.59
CA VAL B 546 -35.68 34.31 -6.42
C VAL B 546 -34.84 35.24 -7.29
N ARG B 547 -35.50 36.08 -8.08
CA ARG B 547 -34.82 37.07 -8.91
C ARG B 547 -35.28 38.47 -8.53
N PRO B 548 -34.39 39.36 -8.12
CA PRO B 548 -34.81 40.72 -7.75
C PRO B 548 -35.03 41.60 -8.96
N ARG B 549 -35.98 42.52 -8.82
CA ARG B 549 -36.25 43.60 -9.75
C ARG B 549 -36.31 44.90 -8.96
N ALA B 550 -36.25 46.02 -9.68
CA ALA B 550 -36.00 47.31 -9.06
C ALA B 550 -37.05 47.69 -8.04
N ASN B 551 -38.22 47.06 -8.09
CA ASN B 551 -39.24 47.28 -7.10
C ASN B 551 -39.77 46.00 -6.46
N ALA B 552 -39.30 44.81 -6.86
CA ALA B 552 -39.97 43.60 -6.43
C ALA B 552 -39.01 42.41 -6.48
N PHE B 553 -39.58 41.21 -6.37
CA PHE B 553 -38.86 39.95 -6.39
C PHE B 553 -39.76 38.93 -7.07
N ASP B 554 -39.27 38.29 -8.13
CA ASP B 554 -40.01 37.24 -8.79
C ASP B 554 -39.49 35.89 -8.29
N ILE B 555 -40.37 35.09 -7.68
CA ILE B 555 -40.00 33.82 -7.05
C ILE B 555 -40.60 32.67 -7.82
N ASP B 556 -39.77 31.72 -8.22
CA ASP B 556 -40.20 30.51 -8.90
C ASP B 556 -40.15 29.32 -7.94
N LEU B 557 -41.25 28.55 -7.93
CA LEU B 557 -41.46 27.42 -7.05
C LEU B 557 -41.89 26.23 -7.89
N HIS B 558 -41.87 25.05 -7.29
CA HIS B 558 -42.27 23.82 -7.97
C HIS B 558 -42.95 22.85 -7.04
N ILE B 559 -44.16 22.43 -7.40
CA ILE B 559 -44.88 21.43 -6.64
C ILE B 559 -44.84 20.10 -7.38
N LYS B 560 -45.02 19.03 -6.61
CA LYS B 560 -45.02 17.69 -7.16
C LYS B 560 -46.26 17.47 -8.03
N PRO B 561 -46.14 16.72 -9.11
CA PRO B 561 -47.30 16.51 -9.99
C PRO B 561 -48.45 15.80 -9.30
N GLU B 562 -48.14 14.86 -8.40
CA GLU B 562 -49.19 14.14 -7.69
C GLU B 562 -50.03 15.06 -6.81
N TYR B 563 -49.46 16.19 -6.39
CA TYR B 563 -50.18 17.18 -5.62
C TYR B 563 -50.59 18.39 -6.46
N ARG B 564 -50.39 18.34 -7.77
CA ARG B 564 -50.70 19.47 -8.64
C ARG B 564 -52.18 19.80 -8.69
N ASN B 565 -53.04 18.89 -8.23
CA ASN B 565 -54.47 19.13 -8.12
C ASN B 565 -54.86 19.89 -6.87
N LEU B 566 -53.89 20.18 -5.99
CA LEU B 566 -54.18 20.81 -4.71
C LEU B 566 -54.44 22.30 -4.80
N LEU B 567 -54.17 22.94 -5.94
CA LEU B 567 -54.42 24.37 -6.07
C LEU B 567 -55.51 24.61 -7.09
N THR B 568 -56.18 25.75 -6.94
CA THR B 568 -57.24 26.17 -7.83
C THR B 568 -57.08 27.65 -8.12
N SER B 569 -58.11 28.24 -8.70
CA SER B 569 -58.09 29.67 -9.03
C SER B 569 -57.97 30.52 -7.77
N ASN B 570 -58.61 30.11 -6.69
CA ASN B 570 -58.58 30.85 -5.43
C ASN B 570 -57.54 30.19 -4.54
N SER B 571 -56.39 30.84 -4.37
CA SER B 571 -55.35 30.29 -3.53
C SER B 571 -54.49 31.41 -2.96
N VAL B 572 -54.31 31.44 -1.65
CA VAL B 572 -53.54 32.48 -0.98
C VAL B 572 -52.19 31.91 -0.56
N PHE B 573 -51.18 32.79 -0.50
CA PHE B 573 -49.81 32.43 -0.16
C PHE B 573 -49.24 33.40 0.86
N TRP B 574 -48.45 32.89 1.81
CA TRP B 574 -47.80 33.74 2.80
C TRP B 574 -46.52 33.05 3.27
N ALA B 575 -45.72 33.77 4.07
CA ALA B 575 -44.45 33.27 4.58
C ALA B 575 -44.53 33.03 6.07
N GLU B 576 -43.76 32.07 6.56
CA GLU B 576 -43.78 31.74 7.98
C GLU B 576 -42.55 32.28 8.70
N GLY B 577 -42.72 32.63 9.97
CA GLY B 577 -41.63 33.13 10.78
C GLY B 577 -40.93 32.03 11.56
N GLY B 578 -40.16 32.47 12.56
CA GLY B 578 -39.40 31.52 13.36
C GLY B 578 -40.03 31.29 14.72
N ALA B 579 -39.49 31.93 15.74
CA ALA B 579 -39.96 31.74 17.09
C ALA B 579 -41.33 32.39 17.29
N LYS B 580 -42.13 31.81 18.17
CA LYS B 580 -43.41 32.38 18.55
C LYS B 580 -43.38 32.71 20.03
N VAL B 581 -43.74 33.94 20.38
CA VAL B 581 -43.67 34.43 21.75
C VAL B 581 -45.08 34.64 22.28
N GLN B 582 -45.35 34.09 23.46
CA GLN B 582 -46.64 34.21 24.11
C GLN B 582 -46.46 34.69 25.55
N LEU B 583 -47.15 35.77 25.91
CA LEU B 583 -47.15 36.29 27.26
C LEU B 583 -48.49 35.99 27.90
N ASN B 584 -48.49 35.19 28.96
CA ASN B 584 -49.73 34.79 29.60
C ASN B 584 -49.46 34.54 31.07
N GLY B 585 -50.39 33.86 31.73
CA GLY B 585 -50.27 33.62 33.16
C GLY B 585 -49.10 32.74 33.53
N SER B 586 -48.62 31.95 32.58
CA SER B 586 -47.43 31.14 32.79
C SER B 586 -46.13 31.89 32.52
N GLY B 587 -46.22 33.15 32.11
CA GLY B 587 -45.04 33.96 31.86
C GLY B 587 -44.79 34.21 30.39
N LEU B 588 -43.51 34.25 30.00
CA LEU B 588 -43.10 34.40 28.61
C LEU B 588 -42.67 33.04 28.09
N THR B 589 -43.39 32.52 27.11
CA THR B 589 -43.06 31.25 26.48
C THR B 589 -42.63 31.49 25.05
N VAL B 590 -41.47 30.97 24.66
CA VAL B 590 -40.95 31.09 23.31
C VAL B 590 -40.83 29.70 22.72
N GLN B 591 -41.53 29.46 21.62
CA GLN B 591 -41.45 28.20 20.89
C GLN B 591 -40.61 28.40 19.63
N ALA B 592 -39.52 27.66 19.52
CA ALA B 592 -38.55 27.87 18.47
C ALA B 592 -38.87 27.11 17.19
N SER B 593 -39.91 26.27 17.18
CA SER B 593 -40.36 25.45 16.06
C SER B 593 -39.31 24.40 15.72
N PRO B 594 -39.64 23.39 14.92
CA PRO B 594 -38.61 22.46 14.45
C PRO B 594 -37.55 23.19 13.65
N LEU B 595 -36.30 22.79 13.88
CA LEU B 595 -35.17 23.54 13.34
C LEU B 595 -34.92 23.27 11.87
N SER B 596 -35.46 22.18 11.34
CA SER B 596 -35.25 21.87 9.93
C SER B 596 -35.93 22.90 9.05
N ARG B 597 -37.25 23.03 9.20
CA ARG B 597 -37.99 24.01 8.43
C ARG B 597 -37.61 25.43 8.81
N ALA B 598 -37.21 25.64 10.05
CA ALA B 598 -36.77 26.97 10.46
C ALA B 598 -35.48 27.37 9.75
N LEU B 599 -34.52 26.46 9.65
CA LEU B 599 -33.29 26.79 8.97
C LEU B 599 -33.48 26.89 7.47
N LYS B 600 -34.26 26.00 6.87
CA LYS B 600 -34.48 26.09 5.43
C LYS B 600 -35.38 27.27 5.07
N GLY B 601 -36.37 27.56 5.88
CA GLY B 601 -37.40 28.54 5.58
C GLY B 601 -38.62 27.87 4.99
N ALA B 602 -39.77 28.54 5.10
CA ALA B 602 -41.00 27.90 4.65
C ALA B 602 -42.02 28.88 4.13
N ILE B 603 -42.46 28.67 2.89
CA ILE B 603 -43.53 29.45 2.27
C ILE B 603 -44.83 28.67 2.38
N SER B 604 -45.73 29.13 3.23
CA SER B 604 -46.97 28.42 3.52
C SER B 604 -48.05 28.88 2.56
N PHE B 605 -48.92 27.97 2.15
CA PHE B 605 -50.01 28.36 1.27
C PHE B 605 -51.28 27.67 1.72
N ASP B 606 -52.43 28.23 1.34
CA ASP B 606 -53.70 27.65 1.74
C ASP B 606 -54.77 28.13 0.77
N ASN B 607 -55.95 27.51 0.85
CA ASN B 607 -57.06 27.86 -0.01
C ASN B 607 -58.04 28.75 0.75
N LEU B 608 -58.63 29.71 0.05
CA LEU B 608 -59.57 30.64 0.67
C LEU B 608 -60.87 30.65 -0.11
N SER B 609 -61.74 31.61 0.18
CA SER B 609 -63.04 31.71 -0.47
C SER B 609 -63.15 32.91 -1.42
N GLY B 610 -62.83 34.11 -0.95
CA GLY B 610 -62.91 35.32 -1.73
C GLY B 610 -61.61 35.81 -2.35
N ALA B 611 -60.64 34.92 -2.51
CA ALA B 611 -59.33 35.33 -3.03
C ALA B 611 -59.37 35.80 -4.48
N SER B 612 -60.35 35.37 -5.26
CA SER B 612 -60.41 35.79 -6.66
C SER B 612 -60.84 37.25 -6.80
N ALA B 613 -61.56 37.78 -5.83
CA ALA B 613 -62.04 39.16 -5.92
C ALA B 613 -61.01 40.11 -5.31
N LYS B 620 -50.75 38.50 -11.46
CA LYS B 620 -50.80 37.15 -10.89
C LYS B 620 -51.06 37.19 -9.40
N ARG B 621 -50.90 36.04 -8.74
CA ARG B 621 -51.06 36.00 -7.29
C ARG B 621 -49.90 36.70 -6.61
N ILE B 622 -50.21 37.39 -5.52
CA ILE B 622 -49.26 38.19 -4.77
C ILE B 622 -48.83 37.41 -3.54
N LEU B 623 -47.53 37.26 -3.34
CA LEU B 623 -47.00 36.68 -2.12
C LEU B 623 -47.03 37.71 -1.00
N TYR B 624 -47.76 37.41 0.07
CA TYR B 624 -47.90 38.37 1.15
C TYR B 624 -46.81 38.13 2.19
N ALA B 625 -46.77 39.00 3.18
CA ALA B 625 -45.74 38.92 4.22
C ALA B 625 -46.22 38.24 5.49
N SER B 626 -47.52 38.18 5.72
CA SER B 626 -48.06 37.55 6.91
C SER B 626 -49.32 36.79 6.54
N GLU B 627 -49.70 35.87 7.41
CA GLU B 627 -50.94 35.13 7.21
C GLU B 627 -52.15 36.03 7.27
N THR B 628 -52.17 36.98 8.20
CA THR B 628 -53.30 37.89 8.35
C THR B 628 -53.46 38.78 7.12
N ALA B 629 -52.36 39.18 6.51
CA ALA B 629 -52.44 39.97 5.28
C ALA B 629 -53.06 39.16 4.16
N ALA B 630 -52.74 37.89 4.08
CA ALA B 630 -53.33 37.04 3.06
C ALA B 630 -54.79 36.76 3.34
N ARG B 631 -55.17 36.66 4.60
CA ARG B 631 -56.55 36.34 4.93
C ARG B 631 -57.52 37.50 4.72
N ALA B 632 -57.01 38.72 4.49
CA ALA B 632 -57.87 39.89 4.33
C ALA B 632 -58.59 39.88 2.98
N VAL B 633 -59.81 39.37 2.95
CA VAL B 633 -60.66 39.38 1.76
C VAL B 633 -62.06 39.79 2.16
N GLY B 634 -62.81 40.29 1.18
CA GLY B 634 -64.18 40.72 1.39
C GLY B 634 -64.40 42.09 0.81
N GLY B 635 -65.47 42.75 1.25
CA GLY B 635 -65.76 44.08 0.78
C GLY B 635 -64.79 45.11 1.33
N GLN B 636 -64.71 46.25 0.64
CA GLN B 636 -63.76 47.28 0.99
C GLN B 636 -64.49 48.56 1.37
N ILE B 637 -64.09 49.16 2.50
CA ILE B 637 -64.70 50.38 2.98
C ILE B 637 -63.59 51.38 3.29
N THR B 638 -63.99 52.66 3.37
CA THR B 638 -63.09 53.76 3.61
C THR B 638 -63.54 54.53 4.85
N LEU B 639 -62.59 54.85 5.72
CA LEU B 639 -62.86 55.63 6.91
C LEU B 639 -62.05 56.91 6.86
N HIS B 640 -62.65 58.01 7.29
CA HIS B 640 -61.99 59.31 7.36
C HIS B 640 -61.74 59.67 8.81
N ALA B 641 -60.50 60.02 9.13
CA ALA B 641 -60.13 60.34 10.49
C ALA B 641 -59.42 61.68 10.55
N PHE B 642 -59.60 62.38 11.67
CA PHE B 642 -58.85 63.60 11.90
C PHE B 642 -57.43 63.34 12.38
N ASP B 643 -57.13 62.12 12.82
CA ASP B 643 -55.82 61.80 13.36
C ASP B 643 -55.60 60.30 13.24
N ALA B 644 -54.44 59.91 12.73
CA ALA B 644 -54.07 58.52 12.56
C ALA B 644 -53.12 58.04 13.62
N GLY B 645 -53.03 58.74 14.74
CA GLY B 645 -52.11 58.32 15.77
C GLY B 645 -52.49 57.00 16.41
N LYS B 646 -53.78 56.77 16.57
CA LYS B 646 -54.27 55.54 17.18
C LYS B 646 -54.51 54.41 16.19
N LEU B 647 -54.38 54.67 14.89
CA LEU B 647 -54.62 53.67 13.86
C LEU B 647 -53.31 53.02 13.45
N ALA B 648 -53.41 51.81 12.91
CA ALA B 648 -52.26 51.09 12.43
C ALA B 648 -52.68 50.12 11.34
N VAL B 649 -51.74 49.71 10.53
CA VAL B 649 -52.01 48.76 9.46
C VAL B 649 -52.15 47.37 10.05
N GLY B 650 -53.21 46.67 9.68
CA GLY B 650 -53.51 45.39 10.28
C GLY B 650 -54.28 45.44 11.58
N MET B 651 -54.79 46.60 11.94
CA MET B 651 -55.55 46.74 13.17
C MET B 651 -56.88 46.00 13.05
N PRO B 652 -57.19 45.10 13.97
CA PRO B 652 -58.44 44.34 13.87
C PRO B 652 -59.67 45.20 14.12
N ILE B 653 -60.76 44.82 13.47
CA ILE B 653 -62.07 45.42 13.67
C ILE B 653 -62.95 44.38 14.32
N ARG B 654 -63.52 44.72 15.48
CA ARG B 654 -64.22 43.75 16.32
C ARG B 654 -65.63 44.21 16.62
N TYR B 655 -66.59 43.31 16.48
CA TYR B 655 -67.96 43.50 16.94
C TYR B 655 -68.23 42.48 18.04
N LEU B 656 -68.59 42.97 19.22
CA LEU B 656 -68.83 42.14 20.40
C LEU B 656 -67.64 41.25 20.72
N GLY B 657 -66.44 41.75 20.47
CA GLY B 657 -65.25 40.98 20.70
C GLY B 657 -64.92 39.93 19.66
N ILE B 658 -65.58 39.93 18.52
CA ILE B 658 -65.34 38.97 17.46
C ILE B 658 -64.86 39.73 16.23
N ASP B 659 -63.77 39.28 15.64
CA ASP B 659 -63.18 39.96 14.49
C ASP B 659 -64.08 39.83 13.27
N ILE B 660 -64.38 40.95 12.63
CA ILE B 660 -65.21 40.97 11.44
C ILE B 660 -64.51 41.74 10.34
N GLY B 661 -63.41 42.41 10.67
CA GLY B 661 -62.76 43.26 9.71
C GLY B 661 -61.30 43.47 10.03
N GLN B 662 -60.66 44.29 9.19
CA GLN B 662 -59.22 44.53 9.32
C GLN B 662 -58.86 45.75 8.48
N ILE B 663 -58.09 46.67 9.07
CA ILE B 663 -57.60 47.84 8.35
C ILE B 663 -56.39 47.44 7.53
N GLN B 664 -56.41 47.77 6.25
CA GLN B 664 -55.33 47.36 5.37
C GLN B 664 -54.41 48.49 4.90
N THR B 665 -54.87 49.73 4.84
CA THR B 665 -53.91 50.79 4.51
C THR B 665 -54.34 52.13 5.06
N LEU B 666 -53.36 53.03 5.22
CA LEU B 666 -53.56 54.40 5.69
C LEU B 666 -52.91 55.38 4.73
N ASP B 667 -53.54 56.53 4.53
CA ASP B 667 -53.00 57.54 3.62
C ASP B 667 -53.35 58.93 4.12
N LEU B 668 -52.34 59.78 4.31
CA LEU B 668 -52.59 61.16 4.66
C LEU B 668 -52.96 61.98 3.44
N ILE B 669 -53.91 62.90 3.60
CA ILE B 669 -54.27 63.83 2.54
C ILE B 669 -53.99 65.24 3.03
N THR B 670 -53.24 65.99 2.23
CA THR B 670 -52.87 67.35 2.61
C THR B 670 -53.89 68.37 2.15
N ALA B 671 -54.60 68.12 1.06
CA ALA B 671 -55.63 69.04 0.61
C ALA B 671 -56.79 69.07 1.59
N ARG B 672 -57.44 67.93 1.78
CA ARG B 672 -58.40 67.78 2.86
C ARG B 672 -57.65 67.25 4.07
N ASN B 673 -57.58 68.04 5.14
CA ASN B 673 -56.72 67.77 6.28
C ASN B 673 -57.27 66.59 7.06
N GLU B 674 -56.99 65.39 6.58
CA GLU B 674 -57.53 64.17 7.17
C GLU B 674 -56.67 62.99 6.73
N VAL B 675 -57.00 61.82 7.26
CA VAL B 675 -56.36 60.57 6.92
C VAL B 675 -57.44 59.61 6.46
N GLN B 676 -57.25 59.02 5.28
CA GLN B 676 -58.16 58.02 4.75
C GLN B 676 -57.58 56.65 5.00
N ALA B 677 -58.34 55.80 5.67
CA ALA B 677 -57.95 54.43 5.97
C ALA B 677 -58.85 53.48 5.21
N LYS B 678 -58.26 52.63 4.39
CA LYS B 678 -59.01 51.61 3.68
C LYS B 678 -58.94 50.30 4.45
N ALA B 679 -60.10 49.69 4.66
CA ALA B 679 -60.25 48.47 5.43
C ALA B 679 -61.14 47.49 4.68
N VAL B 680 -61.11 46.23 5.11
CA VAL B 680 -61.87 45.16 4.50
C VAL B 680 -62.80 44.53 5.54
N LEU B 681 -64.03 44.29 5.15
CA LEU B 681 -64.99 43.52 5.91
C LEU B 681 -65.12 42.13 5.29
N TYR B 682 -65.16 41.12 6.15
CA TYR B 682 -65.23 39.75 5.71
C TYR B 682 -66.58 39.49 5.02
N PRO B 683 -66.63 38.55 4.08
CA PRO B 683 -67.85 38.36 3.29
C PRO B 683 -69.05 37.94 4.10
N GLU B 684 -68.86 37.36 5.29
CA GLU B 684 -70.00 36.97 6.10
C GLU B 684 -70.69 38.17 6.73
N TYR B 685 -69.98 39.29 6.88
CA TYR B 685 -70.51 40.43 7.63
C TYR B 685 -70.59 41.71 6.79
N VAL B 686 -70.30 41.63 5.50
CA VAL B 686 -70.33 42.83 4.66
C VAL B 686 -71.75 43.34 4.48
N GLN B 687 -72.71 42.44 4.36
CA GLN B 687 -74.10 42.86 4.16
C GLN B 687 -74.72 43.37 5.45
N THR B 688 -74.41 42.73 6.57
CA THR B 688 -75.01 43.12 7.85
C THR B 688 -74.57 44.51 8.27
N PHE B 689 -73.28 44.81 8.16
CA PHE B 689 -72.77 46.13 8.44
C PHE B 689 -72.71 46.94 7.15
N ALA B 690 -72.08 48.10 7.19
CA ALA B 690 -71.97 49.00 6.05
C ALA B 690 -73.33 49.36 5.47
N ARG B 691 -74.23 49.78 6.36
CA ARG B 691 -75.61 50.10 5.97
C ARG B 691 -76.02 51.50 6.38
N GLY B 692 -75.07 52.36 6.70
CA GLY B 692 -75.43 53.70 7.13
C GLY B 692 -75.88 53.72 8.56
N GLY B 693 -75.43 54.71 9.32
CA GLY B 693 -75.64 54.72 10.75
C GLY B 693 -74.69 53.84 11.53
N THR B 694 -73.76 53.17 10.87
CA THR B 694 -72.76 52.36 11.56
C THR B 694 -71.66 53.26 12.12
N ARG B 695 -71.27 52.99 13.36
CA ARG B 695 -70.29 53.81 14.05
C ARG B 695 -69.04 52.99 14.32
N PHE B 696 -67.87 53.59 14.08
CA PHE B 696 -66.57 52.98 14.34
C PHE B 696 -65.83 53.80 15.36
N SER B 697 -65.23 53.14 16.35
CA SER B 697 -64.48 53.88 17.36
C SER B 697 -63.26 53.10 17.82
N VAL B 698 -62.14 53.78 18.01
CA VAL B 698 -60.94 53.14 18.56
C VAL B 698 -61.03 53.09 20.06
N VAL B 699 -60.75 51.93 20.64
CA VAL B 699 -60.76 51.76 22.09
C VAL B 699 -59.36 52.02 22.63
N THR B 700 -59.29 52.68 23.77
CA THR B 700 -58.07 53.06 24.44
C THR B 700 -58.11 52.65 25.90
N PRO B 701 -56.95 52.38 26.50
CA PRO B 701 -56.93 52.08 27.93
C PRO B 701 -57.35 53.27 28.76
N GLN B 702 -58.03 52.98 29.86
CA GLN B 702 -58.56 53.98 30.78
C GLN B 702 -58.04 53.67 32.18
N ILE B 703 -57.01 54.39 32.61
CA ILE B 703 -56.42 54.22 33.94
C ILE B 703 -56.61 55.51 34.70
N SER B 704 -57.33 55.45 35.82
CA SER B 704 -57.61 56.62 36.63
C SER B 704 -57.66 56.19 38.09
N ALA B 705 -57.94 57.15 38.97
CA ALA B 705 -58.15 56.83 40.37
C ALA B 705 -59.47 56.09 40.60
N ALA B 706 -60.43 56.24 39.69
CA ALA B 706 -61.69 55.54 39.83
C ALA B 706 -61.54 54.04 39.54
N GLY B 707 -60.75 53.69 38.54
CA GLY B 707 -60.56 52.29 38.20
C GLY B 707 -59.89 52.14 36.85
N VAL B 708 -59.70 50.89 36.46
CA VAL B 708 -59.13 50.54 35.17
C VAL B 708 -60.16 49.74 34.38
N GLU B 709 -60.36 50.12 33.12
CA GLU B 709 -61.40 49.52 32.30
C GLU B 709 -60.84 48.57 31.24
N HIS B 710 -59.96 49.04 30.36
CA HIS B 710 -59.37 48.22 29.31
C HIS B 710 -57.88 48.16 29.51
N LEU B 711 -57.34 46.96 29.57
CA LEU B 711 -55.90 46.76 29.70
C LEU B 711 -55.32 45.90 28.60
N ASP B 712 -56.14 45.18 27.85
CA ASP B 712 -55.64 44.43 26.72
C ASP B 712 -55.29 45.32 25.54
N THR B 713 -55.73 46.57 25.54
CA THR B 713 -55.44 47.50 24.45
C THR B 713 -54.13 48.24 24.65
N ILE B 714 -53.38 47.92 25.70
CA ILE B 714 -52.03 48.46 25.82
C ILE B 714 -51.16 47.94 24.68
N LEU B 715 -51.27 46.66 24.37
CA LEU B 715 -50.47 46.04 23.31
C LEU B 715 -51.26 45.74 22.05
N GLN B 716 -52.55 45.45 22.15
CA GLN B 716 -53.36 45.06 21.00
C GLN B 716 -54.64 45.89 20.98
N PRO B 717 -54.58 47.12 20.50
CA PRO B 717 -55.81 47.90 20.34
C PRO B 717 -56.63 47.42 19.15
N TYR B 718 -57.92 47.75 19.18
CA TYR B 718 -58.84 47.34 18.13
C TYR B 718 -59.86 48.45 17.90
N ILE B 719 -60.86 48.17 17.07
CA ILE B 719 -61.90 49.11 16.71
C ILE B 719 -63.25 48.47 16.99
N ASN B 720 -64.08 49.17 17.75
CA ASN B 720 -65.43 48.70 18.07
C ASN B 720 -66.43 49.26 17.08
N VAL B 721 -67.44 48.45 16.75
CA VAL B 721 -68.40 48.76 15.71
C VAL B 721 -69.80 48.67 16.28
N GLU B 722 -70.61 49.70 16.04
CA GLU B 722 -72.04 49.68 16.33
C GLU B 722 -72.82 49.66 15.03
N PRO B 723 -73.54 48.59 14.74
CA PRO B 723 -74.25 48.50 13.46
C PRO B 723 -75.44 49.44 13.38
N GLY B 724 -75.81 49.77 12.15
CA GLY B 724 -76.94 50.63 11.88
C GLY B 724 -77.86 50.02 10.82
N ARG B 725 -78.95 50.74 10.56
CA ARG B 725 -79.94 50.31 9.59
C ARG B 725 -80.17 51.42 8.58
N GLY B 726 -80.25 51.05 7.31
CA GLY B 726 -80.47 52.00 6.25
C GLY B 726 -79.88 51.50 4.95
N ASN B 727 -79.77 52.41 4.00
CA ASN B 727 -79.21 52.07 2.71
C ASN B 727 -77.69 51.87 2.81
N PRO B 728 -77.13 51.02 1.96
CA PRO B 728 -75.67 50.83 1.98
C PRO B 728 -74.93 52.12 1.68
N ARG B 729 -73.90 52.39 2.47
CA ARG B 729 -73.16 53.64 2.41
C ARG B 729 -71.73 53.47 1.97
N ARG B 730 -70.96 52.61 2.65
CA ARG B 730 -69.57 52.29 2.31
C ARG B 730 -68.62 53.49 2.42
N ASP B 731 -69.02 54.53 3.14
CA ASP B 731 -68.16 55.69 3.40
C ASP B 731 -68.47 56.20 4.79
N PHE B 732 -67.57 56.00 5.75
CA PHE B 732 -67.82 56.35 7.13
C PHE B 732 -66.69 57.22 7.65
N GLU B 733 -66.86 57.70 8.89
CA GLU B 733 -65.83 58.49 9.55
C GLU B 733 -65.66 57.99 10.98
N LEU B 734 -64.46 58.16 11.50
CA LEU B 734 -64.13 57.66 12.83
C LEU B 734 -64.73 58.57 13.90
N GLN B 735 -65.38 57.96 14.88
CA GLN B 735 -66.02 58.67 15.98
C GLN B 735 -65.08 58.69 17.18
N GLU B 736 -65.59 59.18 18.31
CA GLU B 736 -64.84 59.24 19.56
C GLU B 736 -65.32 58.26 20.61
N ALA B 737 -66.63 58.06 20.75
CA ALA B 737 -67.18 57.12 21.71
C ALA B 737 -68.25 56.27 21.05
N THR B 738 -68.42 55.05 21.55
CA THR B 738 -69.40 54.11 21.01
C THR B 738 -69.83 53.16 22.12
N ILE B 739 -71.13 52.91 22.21
CA ILE B 739 -71.68 52.01 23.22
C ILE B 739 -71.23 50.59 22.89
N THR B 740 -70.40 50.02 23.76
CA THR B 740 -69.93 48.65 23.57
C THR B 740 -70.80 47.64 24.33
N ASP B 741 -72.11 47.73 24.16
CA ASP B 741 -73.04 46.85 24.85
C ASP B 741 -73.88 46.01 23.90
N SER B 742 -74.57 46.65 22.96
CA SER B 742 -75.49 45.99 22.05
C SER B 742 -76.54 45.19 22.80
N ARG B 743 -76.98 45.69 23.96
CA ARG B 743 -78.11 45.13 24.67
C ARG B 743 -79.28 46.09 24.80
N TYR B 744 -79.07 47.37 24.55
CA TYR B 744 -80.12 48.36 24.48
C TYR B 744 -80.57 48.62 23.05
N LEU B 745 -80.11 47.80 22.10
CA LEU B 745 -80.29 48.12 20.69
C LEU B 745 -81.74 47.93 20.24
N ASP B 746 -82.48 47.03 20.86
CA ASP B 746 -83.82 46.68 20.41
C ASP B 746 -84.91 47.54 21.01
N GLY B 747 -84.61 48.41 21.98
CA GLY B 747 -85.63 49.11 22.72
C GLY B 747 -86.03 50.43 22.10
N LEU B 748 -86.85 51.17 22.83
CA LEU B 748 -87.31 52.48 22.38
C LEU B 748 -86.17 53.47 22.36
N SER B 749 -86.19 54.34 21.36
CA SER B 749 -85.20 55.39 21.20
C SER B 749 -85.90 56.74 21.33
N ILE B 750 -85.87 57.32 22.52
CA ILE B 750 -86.62 58.53 22.81
C ILE B 750 -85.65 59.71 22.86
N ILE B 751 -86.22 60.92 22.84
CA ILE B 751 -85.46 62.16 22.77
C ILE B 751 -85.86 63.03 23.97
N VAL B 752 -84.87 63.62 24.62
CA VAL B 752 -85.08 64.55 25.73
C VAL B 752 -84.46 65.89 25.36
N GLU B 753 -85.22 66.96 25.54
CA GLU B 753 -84.76 68.31 25.20
C GLU B 753 -84.34 69.04 26.45
N ALA B 754 -83.12 69.59 26.44
CA ALA B 754 -82.59 70.31 27.57
C ALA B 754 -81.95 71.60 27.14
N PRO B 755 -82.02 72.64 27.97
CA PRO B 755 -81.33 73.89 27.64
C PRO B 755 -79.83 73.76 27.56
N GLU B 756 -79.22 72.89 28.36
CA GLU B 756 -77.77 72.80 28.46
C GLU B 756 -77.36 71.33 28.49
N ALA B 757 -76.18 71.05 27.94
CA ALA B 757 -75.68 69.68 27.96
C ALA B 757 -75.23 69.28 29.37
N GLY B 758 -74.25 69.98 29.91
CA GLY B 758 -73.80 69.68 31.25
C GLY B 758 -72.84 68.52 31.26
N SER B 759 -73.07 67.57 32.16
CA SER B 759 -72.20 66.41 32.31
C SER B 759 -72.63 65.23 31.47
N LEU B 760 -73.67 65.37 30.64
CA LEU B 760 -74.14 64.26 29.84
C LEU B 760 -73.15 63.91 28.74
N GLY B 761 -73.12 62.63 28.38
CA GLY B 761 -72.26 62.16 27.33
C GLY B 761 -72.72 60.80 26.86
N ILE B 762 -72.00 60.27 25.87
CA ILE B 762 -72.34 58.96 25.33
C ILE B 762 -71.98 57.89 26.34
N GLY B 763 -72.94 57.03 26.65
CA GLY B 763 -72.78 56.02 27.67
C GLY B 763 -73.26 56.40 29.04
N THR B 764 -73.86 57.57 29.20
CA THR B 764 -74.39 57.98 30.49
C THR B 764 -75.61 57.14 30.84
N PRO B 765 -75.66 56.52 32.01
CA PRO B 765 -76.77 55.64 32.33
C PRO B 765 -78.06 56.41 32.58
N VAL B 766 -79.18 55.73 32.32
CA VAL B 766 -80.52 56.21 32.67
C VAL B 766 -81.03 55.32 33.79
N LEU B 767 -81.51 55.95 34.87
CA LEU B 767 -81.83 55.24 36.09
C LEU B 767 -83.31 55.37 36.43
N PHE B 768 -83.97 54.24 36.69
CA PHE B 768 -85.32 54.21 37.25
C PHE B 768 -85.22 53.62 38.65
N ARG B 769 -85.58 54.42 39.64
CA ARG B 769 -85.50 54.03 41.05
C ARG B 769 -84.11 53.58 41.42
N GLY B 770 -83.11 54.20 40.82
CA GLY B 770 -81.73 53.84 41.08
C GLY B 770 -81.20 52.65 40.32
N LEU B 771 -81.99 52.04 39.45
CA LEU B 771 -81.57 50.88 38.69
C LEU B 771 -81.37 51.28 37.23
N GLU B 772 -80.26 50.85 36.65
CA GLU B 772 -79.94 51.25 35.29
C GLU B 772 -80.81 50.51 34.29
N VAL B 773 -81.61 51.27 33.54
CA VAL B 773 -82.48 50.68 32.52
C VAL B 773 -82.16 51.14 31.11
N GLY B 774 -81.24 52.07 30.90
CA GLY B 774 -80.93 52.54 29.57
C GLY B 774 -79.68 53.38 29.56
N THR B 775 -79.28 53.80 28.36
CA THR B 775 -78.07 54.60 28.20
C THR B 775 -78.34 55.74 27.24
N VAL B 776 -77.52 56.78 27.34
CA VAL B 776 -77.59 57.93 26.44
C VAL B 776 -76.86 57.56 25.15
N THR B 777 -77.60 57.45 24.07
CA THR B 777 -77.01 57.08 22.77
C THR B 777 -76.21 58.24 22.18
N GLY B 778 -76.75 59.44 22.20
CA GLY B 778 -76.06 60.55 21.55
C GLY B 778 -76.63 61.88 21.96
N MET B 779 -75.89 62.94 21.63
CA MET B 779 -76.28 64.30 21.92
C MET B 779 -76.05 65.15 20.68
N THR B 780 -76.96 66.08 20.42
CA THR B 780 -76.83 66.95 19.27
C THR B 780 -77.65 68.21 19.51
N LEU B 781 -77.71 69.08 18.52
CA LEU B 781 -78.51 70.29 18.58
C LEU B 781 -79.66 70.21 17.59
N GLY B 782 -80.63 71.10 17.75
CA GLY B 782 -81.75 71.15 16.85
C GLY B 782 -81.44 71.88 15.57
N THR B 783 -82.45 71.96 14.70
CA THR B 783 -82.30 72.73 13.47
C THR B 783 -82.07 74.20 13.76
N LEU B 784 -82.80 74.74 14.72
CA LEU B 784 -82.47 76.01 15.32
C LEU B 784 -81.71 75.72 16.60
N SER B 785 -80.58 76.39 16.79
CA SER B 785 -79.69 76.09 17.90
C SER B 785 -80.16 76.82 19.14
N ASP B 786 -81.29 76.35 19.66
CA ASP B 786 -81.86 76.89 20.88
C ASP B 786 -82.06 75.84 21.96
N ARG B 787 -81.77 74.57 21.68
CA ARG B 787 -81.87 73.54 22.69
C ARG B 787 -80.98 72.38 22.30
N VAL B 788 -80.71 71.52 23.25
CA VAL B 788 -79.88 70.33 23.05
C VAL B 788 -80.78 69.10 23.11
N MET B 789 -80.70 68.27 22.08
CA MET B 789 -81.50 67.05 22.00
C MET B 789 -80.62 65.85 22.35
N ILE B 790 -81.09 65.06 23.31
CA ILE B 790 -80.37 63.89 23.80
C ILE B 790 -81.17 62.66 23.41
N ALA B 791 -80.59 61.81 22.59
CA ALA B 791 -81.22 60.57 22.17
C ALA B 791 -80.75 59.43 23.06
N MET B 792 -81.71 58.72 23.65
CA MET B 792 -81.39 57.64 24.59
C MET B 792 -82.25 56.42 24.28
N ARG B 793 -81.71 55.25 24.58
CA ARG B 793 -82.40 53.98 24.34
C ARG B 793 -82.66 53.24 25.64
N ILE B 794 -83.84 52.66 25.76
CA ILE B 794 -84.24 51.90 26.93
C ILE B 794 -84.23 50.43 26.57
N SER B 795 -84.15 49.58 27.58
CA SER B 795 -84.14 48.14 27.38
C SER B 795 -85.51 47.64 26.94
N LYS B 796 -85.51 46.44 26.38
CA LYS B 796 -86.76 45.77 26.05
C LYS B 796 -87.53 45.41 27.31
N ARG B 797 -86.84 44.96 28.35
CA ARG B 797 -87.52 44.52 29.56
C ARG B 797 -88.19 45.68 30.27
N TYR B 798 -87.54 46.84 30.30
CA TYR B 798 -88.06 48.01 30.99
C TYR B 798 -88.71 49.01 30.05
N GLN B 799 -89.15 48.54 28.89
CA GLN B 799 -89.77 49.43 27.92
C GLN B 799 -91.13 49.92 28.40
N HIS B 800 -91.87 49.09 29.13
CA HIS B 800 -93.20 49.44 29.57
C HIS B 800 -93.23 50.50 30.65
N LEU B 801 -92.09 50.85 31.23
CA LEU B 801 -92.07 51.83 32.30
C LEU B 801 -92.28 53.25 31.79
N VAL B 802 -92.07 53.49 30.50
CA VAL B 802 -92.17 54.82 29.94
C VAL B 802 -93.58 55.05 29.43
N ARG B 803 -94.20 56.12 29.90
CA ARG B 803 -95.55 56.51 29.52
C ARG B 803 -95.54 57.91 28.91
N ASN B 804 -96.70 58.32 28.42
CA ASN B 804 -96.80 59.66 27.85
C ASN B 804 -96.61 60.73 28.90
N ASN B 805 -97.16 60.54 30.09
CA ASN B 805 -96.95 61.47 31.20
C ASN B 805 -95.85 60.92 32.12
N SER B 806 -94.62 61.08 31.68
CA SER B 806 -93.45 60.70 32.47
C SER B 806 -92.55 61.91 32.63
N VAL B 807 -92.00 62.08 33.82
CA VAL B 807 -91.14 63.20 34.16
C VAL B 807 -89.70 62.74 34.18
N PHE B 808 -88.84 63.48 33.48
CA PHE B 808 -87.41 63.22 33.42
C PHE B 808 -86.69 64.37 34.10
N TRP B 809 -85.74 64.04 34.97
CA TRP B 809 -84.89 65.04 35.61
C TRP B 809 -83.45 64.55 35.59
N LEU B 810 -82.55 65.45 35.92
CA LEU B 810 -81.12 65.23 35.81
C LEU B 810 -80.53 64.97 37.19
N ALA B 811 -79.96 63.79 37.38
CA ALA B 811 -79.29 63.44 38.63
C ALA B 811 -77.80 63.34 38.32
N SER B 812 -77.11 64.47 38.47
CA SER B 812 -75.69 64.56 38.15
C SER B 812 -74.95 65.14 39.35
N GLY B 813 -73.87 64.48 39.76
CA GLY B 813 -73.13 64.94 40.90
C GLY B 813 -73.88 64.73 42.21
N TYR B 814 -73.48 65.51 43.22
CA TYR B 814 -74.09 65.47 44.53
C TYR B 814 -74.90 66.73 44.74
N SER B 815 -76.14 66.56 45.18
CA SER B 815 -77.03 67.66 45.52
C SER B 815 -77.45 67.54 46.98
N LEU B 816 -77.35 68.64 47.72
CA LEU B 816 -77.76 68.64 49.12
C LEU B 816 -78.45 69.94 49.44
N ASP B 817 -79.28 69.90 50.48
CA ASP B 817 -80.01 71.07 50.95
C ASP B 817 -79.59 71.39 52.38
N PHE B 818 -79.36 72.68 52.63
CA PHE B 818 -78.90 73.16 53.92
C PHE B 818 -79.99 74.01 54.57
N GLY B 819 -80.27 73.74 55.83
CA GLY B 819 -81.26 74.48 56.58
C GLY B 819 -80.62 75.47 57.53
N LEU B 820 -81.37 76.53 57.85
CA LEU B 820 -80.85 77.55 58.76
C LEU B 820 -80.73 77.02 60.18
N THR B 821 -81.66 76.16 60.60
CA THR B 821 -81.64 75.59 61.94
C THR B 821 -81.18 74.14 61.97
N GLY B 822 -81.39 73.39 60.91
CA GLY B 822 -80.97 72.00 60.86
C GLY B 822 -80.35 71.63 59.53
N GLY B 823 -79.10 71.15 59.58
CA GLY B 823 -78.39 70.78 58.37
C GLY B 823 -77.98 69.32 58.35
N VAL B 824 -78.56 68.55 57.44
CA VAL B 824 -78.25 67.13 57.28
C VAL B 824 -77.79 66.92 55.84
N VAL B 825 -76.60 66.35 55.68
CA VAL B 825 -76.05 66.07 54.36
C VAL B 825 -75.77 64.58 54.24
N LYS B 826 -75.86 64.06 53.01
CA LYS B 826 -75.64 62.65 52.76
C LYS B 826 -74.88 62.47 51.45
N THR B 827 -74.08 61.42 51.40
CA THR B 827 -73.30 61.06 50.22
C THR B 827 -73.53 59.59 49.88
N GLY B 828 -73.30 59.24 48.62
CA GLY B 828 -73.55 57.89 48.17
C GLY B 828 -72.56 57.36 47.14
N THR B 829 -71.42 58.02 47.03
CA THR B 829 -70.34 57.68 46.07
C THR B 829 -70.89 57.25 44.70
N PHE B 830 -71.86 58.01 44.21
CA PHE B 830 -72.55 57.62 43.00
C PHE B 830 -71.66 57.74 41.78
N ASN B 831 -72.00 56.94 40.75
CA ASN B 831 -71.40 57.10 39.44
C ASN B 831 -71.88 58.37 38.75
N GLN B 832 -72.89 59.05 39.30
CA GLN B 832 -73.31 60.34 38.79
C GLN B 832 -72.25 61.42 38.99
N PHE B 833 -71.33 61.23 39.92
CA PHE B 833 -70.15 62.08 40.04
C PHE B 833 -69.05 61.65 39.09
N ILE B 834 -69.25 60.59 38.32
CA ILE B 834 -68.38 60.22 37.22
C ILE B 834 -69.08 60.42 35.87
N ARG B 835 -70.32 59.94 35.75
CA ARG B 835 -71.17 60.13 34.57
C ARG B 835 -72.55 60.49 35.10
N GLY B 836 -72.88 61.77 35.06
CA GLY B 836 -74.13 62.25 35.61
C GLY B 836 -75.37 61.76 34.89
N GLY B 837 -76.20 60.95 35.56
CA GLY B 837 -77.27 60.25 34.91
C GLY B 837 -78.57 61.05 34.82
N ILE B 838 -79.55 60.42 34.19
CA ILE B 838 -80.88 60.99 34.01
C ILE B 838 -81.89 60.01 34.59
N ALA B 839 -82.75 60.50 35.47
CA ALA B 839 -83.77 59.69 36.11
C ALA B 839 -85.14 60.06 35.58
N PHE B 840 -86.09 59.14 35.74
CA PHE B 840 -87.45 59.40 35.30
C PHE B 840 -88.43 58.68 36.22
N ALA B 841 -89.67 59.16 36.21
CA ALA B 841 -90.73 58.58 37.02
C ALA B 841 -92.08 58.88 36.36
N THR B 842 -93.13 58.29 36.93
CA THR B 842 -94.48 58.41 36.41
C THR B 842 -95.41 58.90 37.52
N PRO B 843 -96.12 60.00 37.32
CA PRO B 843 -97.06 60.45 38.35
C PRO B 843 -98.21 59.48 38.52
N PRO B 844 -98.80 59.41 39.71
CA PRO B 844 -99.90 58.49 39.93
C PRO B 844 -101.15 58.91 39.19
N GLY B 845 -101.99 57.93 38.88
CA GLY B 845 -103.25 58.16 38.21
C GLY B 845 -103.98 56.87 37.89
N THR B 846 -105.28 56.84 38.16
CA THR B 846 -106.04 55.60 37.95
C THR B 846 -106.10 55.19 36.48
N PRO B 847 -106.40 56.06 35.52
CA PRO B 847 -106.23 55.66 34.12
C PRO B 847 -104.81 55.89 33.63
N LEU B 848 -104.16 54.84 33.16
CA LEU B 848 -102.78 54.95 32.71
C LEU B 848 -102.70 55.51 31.31
N ALA B 849 -101.74 56.41 31.09
CA ALA B 849 -101.52 56.95 29.77
C ALA B 849 -100.96 55.87 28.85
N PRO B 850 -101.17 56.00 27.55
CA PRO B 850 -100.62 55.01 26.62
C PRO B 850 -99.11 55.02 26.61
N LYS B 851 -98.53 53.87 26.28
CA LYS B 851 -97.08 53.75 26.21
C LYS B 851 -96.51 54.66 25.13
N ALA B 852 -95.29 55.14 25.37
CA ALA B 852 -94.63 56.03 24.42
C ALA B 852 -94.31 55.30 23.12
N GLN B 853 -94.40 56.03 22.01
CA GLN B 853 -94.12 55.47 20.70
C GLN B 853 -92.61 55.49 20.46
N GLU B 854 -92.20 55.20 19.23
CA GLU B 854 -90.78 55.15 18.91
C GLU B 854 -90.15 56.54 18.97
N GLY B 855 -90.79 57.52 18.36
CA GLY B 855 -90.27 58.87 18.40
C GLY B 855 -91.08 59.76 19.32
N LYS B 856 -90.55 60.05 20.50
CA LYS B 856 -91.25 60.85 21.48
C LYS B 856 -90.28 61.84 22.09
N HIS B 857 -90.74 63.06 22.30
CA HIS B 857 -89.92 64.14 22.85
C HIS B 857 -90.43 64.50 24.24
N PHE B 858 -89.51 64.56 25.20
CA PHE B 858 -89.81 64.99 26.55
C PHE B 858 -88.99 66.22 26.89
N LEU B 859 -89.42 66.95 27.91
CA LEU B 859 -88.71 68.11 28.42
C LEU B 859 -88.04 67.76 29.73
N LEU B 860 -86.74 68.04 29.83
CA LEU B 860 -85.99 67.72 31.03
C LEU B 860 -86.32 68.73 32.12
N GLN B 861 -86.77 68.24 33.27
CA GLN B 861 -87.07 69.11 34.40
C GLN B 861 -85.77 69.65 35.00
N GLU B 862 -85.82 70.92 35.40
CA GLU B 862 -84.65 71.55 35.96
C GLU B 862 -84.35 71.07 37.38
N SER B 863 -85.33 70.47 38.06
CA SER B 863 -85.14 70.01 39.41
C SER B 863 -85.95 68.76 39.66
N GLU B 864 -85.54 68.02 40.67
CA GLU B 864 -86.20 66.78 41.03
C GLU B 864 -87.57 67.07 41.62
N PRO B 865 -88.62 66.36 41.21
CA PRO B 865 -89.92 66.51 41.85
C PRO B 865 -89.87 66.09 43.31
N LYS B 866 -90.65 66.78 44.14
CA LYS B 866 -90.46 66.68 45.57
C LYS B 866 -90.98 65.37 46.14
N GLU B 867 -92.09 64.87 45.61
CA GLU B 867 -92.78 63.72 46.19
C GLU B 867 -92.79 62.52 45.25
N TRP B 868 -91.71 62.34 44.48
CA TRP B 868 -91.68 61.21 43.57
C TRP B 868 -91.46 59.89 44.30
N ARG B 869 -90.87 59.94 45.49
CA ARG B 869 -90.62 58.72 46.24
C ARG B 869 -91.90 58.14 46.83
N GLU B 870 -92.91 58.96 47.03
CA GLU B 870 -94.16 58.52 47.63
C GLU B 870 -95.27 58.32 46.62
N TRP B 871 -94.94 58.32 45.33
CA TRP B 871 -95.97 58.16 44.31
C TRP B 871 -96.51 56.72 44.28
N GLY B 872 -95.63 55.76 44.01
CA GLY B 872 -96.03 54.37 44.01
C GLY B 872 -97.01 53.97 42.93
N THR B 873 -96.81 54.46 41.72
CA THR B 873 -97.68 54.09 40.61
C THR B 873 -97.48 52.63 40.23
N ALA B 874 -98.58 51.93 39.99
CA ALA B 874 -98.53 50.52 39.63
C ALA B 874 -98.44 50.40 38.12
N LEU B 875 -97.32 49.88 37.63
CA LEU B 875 -97.11 49.71 36.19
C LEU B 875 -97.14 48.23 35.84
N PRO B 876 -98.16 47.74 35.16
CA PRO B 876 -98.25 46.32 34.85
C PRO B 876 -97.23 45.89 33.82
N LYS B 877 -97.12 44.57 33.67
CA LYS B 877 -96.20 43.92 32.74
C LYS B 877 -94.75 44.32 32.97
N SER C 21 78.95 -75.76 -91.45
CA SER C 21 78.88 -75.96 -90.01
C SER C 21 77.78 -75.10 -89.40
N PRO C 22 76.61 -75.71 -89.16
CA PRO C 22 75.51 -74.95 -88.55
C PRO C 22 75.81 -74.49 -87.14
N PHE C 23 76.70 -75.16 -86.43
CA PHE C 23 77.00 -74.78 -85.05
C PHE C 23 77.62 -73.39 -84.97
N TRP C 24 78.30 -72.96 -86.02
CA TRP C 24 78.85 -71.61 -86.04
C TRP C 24 77.75 -70.56 -86.03
N LEU C 25 76.53 -70.91 -86.43
CA LEU C 25 75.39 -70.01 -86.34
C LEU C 25 74.82 -69.93 -84.93
N LEU C 26 75.20 -70.84 -84.03
CA LEU C 26 74.65 -70.82 -82.68
C LEU C 26 74.96 -69.56 -81.89
N PRO C 27 76.21 -69.08 -81.81
CA PRO C 27 76.44 -67.88 -80.99
C PRO C 27 75.92 -66.61 -81.64
N PHE C 28 76.03 -66.49 -82.96
CA PHE C 28 75.76 -65.21 -83.62
C PHE C 28 74.34 -64.72 -83.37
N ILE C 29 73.37 -65.62 -83.47
CA ILE C 29 71.99 -65.26 -83.17
C ILE C 29 71.89 -64.75 -81.74
N ALA C 30 72.45 -65.49 -80.79
CA ALA C 30 72.49 -65.01 -79.41
C ALA C 30 73.16 -63.66 -79.33
N LEU C 31 74.23 -63.47 -80.11
CA LEU C 31 74.89 -62.18 -80.17
C LEU C 31 73.92 -61.07 -80.55
N MET C 32 73.17 -61.25 -81.64
CA MET C 32 72.25 -60.19 -82.00
C MET C 32 71.10 -60.10 -81.02
N ILE C 33 70.79 -61.19 -80.32
CA ILE C 33 69.83 -61.11 -79.23
C ILE C 33 70.33 -60.11 -78.19
N ALA C 34 71.60 -60.23 -77.82
CA ALA C 34 72.20 -59.25 -76.94
C ALA C 34 72.13 -57.85 -77.54
N SER C 35 72.33 -57.76 -78.86
CA SER C 35 72.20 -56.48 -79.52
C SER C 35 70.79 -55.93 -79.35
N TRP C 36 69.79 -56.80 -79.50
CA TRP C 36 68.41 -56.39 -79.22
C TRP C 36 68.29 -55.94 -77.78
N LEU C 37 68.88 -56.70 -76.85
CA LEU C 37 68.91 -56.27 -75.46
C LEU C 37 69.59 -54.92 -75.33
N ILE C 38 70.68 -54.69 -76.08
CA ILE C 38 71.33 -53.39 -76.10
C ILE C 38 70.33 -52.32 -76.55
N TRP C 39 69.62 -52.58 -77.63
CA TRP C 39 68.58 -51.64 -78.03
C TRP C 39 67.52 -51.53 -76.95
N ASP C 40 67.14 -52.65 -76.35
CA ASP C 40 66.21 -52.63 -75.23
C ASP C 40 66.78 -51.82 -74.07
N SER C 41 68.08 -51.97 -73.80
CA SER C 41 68.71 -51.13 -72.79
C SER C 41 68.64 -49.68 -73.19
N TYR C 42 68.89 -49.38 -74.47
CA TYR C 42 68.74 -48.00 -74.94
C TYR C 42 67.28 -47.56 -74.91
N GLN C 43 66.34 -48.49 -74.96
CA GLN C 43 64.96 -48.15 -74.70
C GLN C 43 64.69 -47.97 -73.21
N ASP C 44 65.34 -48.77 -72.36
CA ASP C 44 65.16 -48.65 -70.93
C ASP C 44 65.92 -47.46 -70.37
N ARG C 45 67.16 -47.25 -70.81
CA ARG C 45 67.95 -46.13 -70.36
C ARG C 45 67.47 -44.86 -71.05
N GLY C 46 67.40 -43.78 -70.28
CA GLY C 46 66.92 -42.52 -70.81
C GLY C 46 67.86 -41.37 -70.56
N ASN C 47 67.33 -40.28 -70.04
CA ASN C 47 68.10 -39.06 -69.80
C ASN C 47 68.28 -38.88 -68.30
N THR C 48 69.45 -38.40 -67.91
CA THR C 48 69.77 -38.18 -66.51
C THR C 48 69.50 -36.72 -66.16
N VAL C 49 68.71 -36.51 -65.12
CA VAL C 49 68.32 -35.17 -64.67
C VAL C 49 68.74 -35.00 -63.22
N THR C 50 69.22 -33.81 -62.88
CA THR C 50 69.64 -33.49 -61.53
C THR C 50 68.59 -32.62 -60.84
N ILE C 51 68.18 -33.03 -59.65
CA ILE C 51 67.18 -32.33 -58.86
C ILE C 51 67.79 -31.94 -57.52
N ASP C 52 67.46 -30.73 -57.06
CA ASP C 52 67.95 -30.21 -55.79
C ASP C 52 66.88 -30.41 -54.72
N PHE C 53 67.22 -31.17 -53.69
CA PHE C 53 66.33 -31.42 -52.57
C PHE C 53 66.88 -30.78 -51.31
N MET C 54 65.98 -30.26 -50.48
CA MET C 54 66.39 -29.71 -49.19
C MET C 54 66.73 -30.82 -48.21
N SER C 55 66.00 -31.93 -48.25
CA SER C 55 66.27 -33.04 -47.35
C SER C 55 65.69 -34.30 -47.96
N ALA C 56 66.56 -35.22 -48.38
CA ALA C 56 66.14 -36.51 -48.93
C ALA C 56 66.08 -37.52 -47.80
N ASP C 57 64.91 -37.61 -47.17
CA ASP C 57 64.79 -38.38 -45.94
C ASP C 57 64.94 -39.88 -46.19
N GLY C 58 64.22 -40.41 -47.18
CA GLY C 58 64.24 -41.85 -47.40
C GLY C 58 64.46 -42.29 -48.83
N ILE C 59 65.27 -41.55 -49.57
CA ILE C 59 65.56 -41.84 -50.96
C ILE C 59 66.72 -42.84 -51.01
N VAL C 60 66.44 -44.05 -51.47
CA VAL C 60 67.46 -45.08 -51.64
C VAL C 60 68.05 -44.97 -53.04
N PRO C 61 69.36 -44.87 -53.18
CA PRO C 61 69.94 -44.72 -54.53
C PRO C 61 69.71 -45.91 -55.42
N GLY C 62 69.42 -47.08 -54.86
CA GLY C 62 69.20 -48.23 -55.69
C GLY C 62 67.82 -48.32 -56.30
N ARG C 63 66.79 -48.31 -55.47
CA ARG C 63 65.41 -48.46 -55.91
C ARG C 63 64.57 -47.37 -55.26
N THR C 64 64.19 -46.38 -56.06
CA THR C 64 63.27 -45.32 -55.65
C THR C 64 62.60 -44.82 -56.89
N PRO C 65 61.38 -45.27 -57.16
CA PRO C 65 60.73 -44.94 -58.42
C PRO C 65 60.25 -43.51 -58.47
N VAL C 66 60.12 -43.00 -59.69
CA VAL C 66 59.50 -41.71 -59.94
C VAL C 66 58.16 -41.97 -60.59
N ARG C 67 57.08 -41.66 -59.88
CA ARG C 67 55.74 -42.01 -60.29
C ARG C 67 54.99 -40.77 -60.72
N TYR C 68 54.41 -40.83 -61.92
CA TYR C 68 53.48 -39.82 -62.39
C TYR C 68 52.09 -40.42 -62.42
N GLN C 69 51.19 -39.86 -61.61
CA GLN C 69 49.83 -40.39 -61.47
C GLN C 69 49.84 -41.86 -61.06
N GLY C 70 50.82 -42.24 -60.25
CA GLY C 70 50.97 -43.61 -59.82
C GLY C 70 51.64 -44.54 -60.80
N VAL C 71 52.03 -44.07 -61.97
CA VAL C 71 52.69 -44.88 -62.98
C VAL C 71 54.20 -44.66 -62.88
N GLU C 72 54.95 -45.75 -62.73
CA GLU C 72 56.40 -45.64 -62.64
C GLU C 72 56.99 -45.22 -63.97
N VAL C 73 57.88 -44.21 -63.95
CA VAL C 73 58.51 -43.68 -65.15
C VAL C 73 60.03 -43.76 -65.09
N GLY C 74 60.62 -43.27 -63.99
CA GLY C 74 62.06 -43.23 -63.85
C GLY C 74 62.50 -43.87 -62.54
N THR C 75 63.82 -43.89 -62.36
CA THR C 75 64.41 -44.48 -61.16
C THR C 75 65.57 -43.62 -60.70
N VAL C 76 65.65 -43.41 -59.38
CA VAL C 76 66.75 -42.63 -58.82
C VAL C 76 68.06 -43.37 -59.00
N GLN C 77 69.07 -42.68 -59.52
CA GLN C 77 70.37 -43.28 -59.78
C GLN C 77 71.42 -42.92 -58.75
N ASP C 78 71.65 -41.64 -58.49
CA ASP C 78 72.77 -41.24 -57.65
C ASP C 78 72.35 -40.13 -56.71
N ILE C 79 73.01 -40.06 -55.55
CA ILE C 79 72.80 -39.02 -54.55
C ILE C 79 74.16 -38.43 -54.17
N SER C 80 74.23 -37.11 -54.11
CA SER C 80 75.46 -36.44 -53.72
C SER C 80 75.12 -35.14 -52.99
N LEU C 81 76.13 -34.55 -52.38
CA LEU C 81 75.99 -33.30 -51.65
C LEU C 81 76.81 -32.21 -52.32
N SER C 82 76.23 -31.01 -52.39
CA SER C 82 76.88 -29.86 -53.02
C SER C 82 77.75 -29.13 -51.99
N ASP C 83 78.87 -29.78 -51.68
CA ASP C 83 79.85 -29.34 -50.70
C ASP C 83 79.20 -28.72 -49.46
N ASP C 84 78.21 -29.44 -48.92
CA ASP C 84 77.56 -29.10 -47.65
C ASP C 84 76.94 -27.71 -47.69
N LEU C 85 76.32 -27.35 -48.81
CA LEU C 85 75.61 -26.09 -48.93
C LEU C 85 74.11 -26.27 -48.76
N ARG C 86 73.71 -27.22 -47.92
CA ARG C 86 72.31 -27.48 -47.61
C ARG C 86 71.49 -27.82 -48.85
N LYS C 87 72.13 -28.44 -49.83
CA LYS C 87 71.46 -28.89 -51.04
C LYS C 87 71.90 -30.30 -51.37
N ILE C 88 70.94 -31.15 -51.72
CA ILE C 88 71.20 -32.54 -52.07
C ILE C 88 70.93 -32.70 -53.56
N GLU C 89 71.96 -33.09 -54.31
CA GLU C 89 71.84 -33.29 -55.75
C GLU C 89 71.47 -34.75 -56.02
N VAL C 90 70.33 -34.97 -56.66
CA VAL C 90 69.85 -36.32 -56.97
C VAL C 90 69.80 -36.47 -58.48
N LYS C 91 70.54 -37.43 -59.00
CA LYS C 91 70.56 -37.74 -60.42
C LYS C 91 69.61 -38.90 -60.66
N VAL C 92 68.61 -38.67 -61.51
CA VAL C 92 67.54 -39.61 -61.78
C VAL C 92 67.45 -39.85 -63.26
N SER C 93 67.35 -41.11 -63.67
CA SER C 93 67.17 -41.48 -65.05
C SER C 93 65.69 -41.54 -65.40
N ILE C 94 65.36 -41.05 -66.58
CA ILE C 94 63.99 -40.97 -67.07
C ILE C 94 63.92 -41.69 -68.41
N LYS C 95 62.88 -42.51 -68.58
CA LYS C 95 62.70 -43.23 -69.82
C LYS C 95 62.40 -42.28 -70.96
N SER C 96 62.68 -42.75 -72.18
CA SER C 96 62.60 -41.92 -73.37
C SER C 96 61.16 -41.56 -73.76
N ASP C 97 60.17 -42.24 -73.20
CA ASP C 97 58.80 -41.89 -73.53
C ASP C 97 58.39 -40.56 -72.91
N MET C 98 58.90 -40.24 -71.74
CA MET C 98 58.52 -39.04 -71.01
C MET C 98 59.38 -37.83 -71.35
N LYS C 99 60.44 -38.00 -72.14
CA LYS C 99 61.35 -36.90 -72.41
C LYS C 99 60.73 -35.81 -73.26
N ASP C 100 59.60 -36.09 -73.91
CA ASP C 100 58.91 -35.05 -74.66
C ASP C 100 58.36 -33.98 -73.74
N ALA C 101 57.84 -34.38 -72.59
CA ALA C 101 57.27 -33.44 -71.62
C ALA C 101 58.27 -32.98 -70.57
N LEU C 102 59.51 -33.45 -70.63
CA LEU C 102 60.56 -33.04 -69.70
C LEU C 102 61.03 -31.64 -70.08
N ARG C 103 60.27 -30.66 -69.61
CA ARG C 103 60.49 -29.27 -70.02
C ARG C 103 60.69 -28.34 -68.84
N GLU C 104 60.74 -27.05 -69.09
CA GLU C 104 61.08 -26.09 -68.04
C GLU C 104 60.04 -26.05 -66.93
N GLU C 105 58.76 -26.06 -67.28
CA GLU C 105 57.68 -25.92 -66.31
C GLU C 105 57.29 -27.27 -65.70
N THR C 106 58.27 -28.02 -65.22
CA THR C 106 58.04 -29.33 -64.62
C THR C 106 58.27 -29.25 -63.13
N GLN C 107 57.37 -29.88 -62.37
CA GLN C 107 57.39 -29.82 -60.91
C GLN C 107 57.72 -31.19 -60.36
N PHE C 108 58.58 -31.23 -59.34
CA PHE C 108 58.93 -32.45 -58.64
C PHE C 108 58.72 -32.28 -57.15
N TRP C 109 58.34 -33.36 -56.48
CA TRP C 109 58.16 -33.31 -55.04
C TRP C 109 58.40 -34.70 -54.46
N LEU C 110 58.61 -34.74 -53.15
CA LEU C 110 58.89 -35.98 -52.44
C LEU C 110 57.67 -36.38 -51.63
N VAL C 111 57.03 -37.48 -52.04
CA VAL C 111 55.88 -38.01 -51.32
C VAL C 111 56.38 -38.91 -50.19
N THR C 112 56.08 -38.51 -48.95
CA THR C 112 56.53 -39.15 -47.73
C THR C 112 55.39 -39.09 -46.71
N PRO C 113 55.05 -40.21 -46.08
CA PRO C 113 53.94 -40.20 -45.12
C PRO C 113 54.25 -39.38 -43.88
N LYS C 114 53.20 -38.79 -43.30
CA LYS C 114 53.33 -38.01 -42.09
C LYS C 114 52.03 -38.12 -41.31
N ALA C 115 52.13 -37.92 -39.98
CA ALA C 115 50.98 -38.01 -39.08
C ALA C 115 50.30 -36.65 -39.03
N SER C 116 49.58 -36.33 -40.10
CA SER C 116 48.87 -35.07 -40.17
C SER C 116 47.62 -35.10 -39.32
N LEU C 117 47.07 -33.92 -39.05
CA LEU C 117 45.86 -33.78 -38.27
C LEU C 117 44.62 -33.92 -39.14
N ALA C 118 43.56 -34.44 -38.53
CA ALA C 118 42.29 -34.68 -39.22
C ALA C 118 42.48 -35.55 -40.46
N GLY C 119 43.31 -36.58 -40.33
CA GLY C 119 43.60 -37.47 -41.43
C GLY C 119 45.10 -37.58 -41.70
N VAL C 120 45.53 -38.72 -42.19
CA VAL C 120 46.94 -38.98 -42.47
C VAL C 120 47.14 -39.08 -43.97
N SER C 121 48.19 -38.45 -44.46
CA SER C 121 48.51 -38.43 -45.88
C SER C 121 49.60 -39.45 -46.20
N GLY C 122 49.69 -39.81 -47.47
CA GLY C 122 50.71 -40.74 -47.93
C GLY C 122 50.59 -42.16 -47.41
N LEU C 123 49.38 -42.71 -47.39
CA LEU C 123 49.19 -44.10 -46.99
C LEU C 123 49.89 -45.06 -47.94
N ASP C 124 49.78 -44.81 -49.25
CA ASP C 124 50.48 -45.63 -50.22
C ASP C 124 51.98 -45.50 -50.08
N ALA C 125 52.46 -44.30 -49.80
CA ALA C 125 53.89 -44.11 -49.56
C ALA C 125 54.33 -44.80 -48.27
N LEU C 126 53.46 -44.88 -47.27
CA LEU C 126 53.79 -45.61 -46.06
C LEU C 126 53.88 -47.10 -46.34
N VAL C 127 52.97 -47.64 -47.15
CA VAL C 127 52.99 -49.07 -47.43
C VAL C 127 54.18 -49.44 -48.30
N GLY C 128 54.42 -48.68 -49.37
CA GLY C 128 55.41 -49.05 -50.36
C GLY C 128 56.67 -48.20 -50.44
N GLY C 129 56.99 -47.47 -49.37
CA GLY C 129 58.17 -46.64 -49.35
C GLY C 129 57.96 -45.29 -49.99
N ASN C 130 58.54 -44.26 -49.41
CA ASN C 130 58.38 -42.91 -49.92
C ASN C 130 59.04 -42.78 -51.29
N TYR C 131 58.44 -41.96 -52.15
CA TYR C 131 58.86 -41.93 -53.55
C TYR C 131 58.88 -40.48 -54.02
N ILE C 132 59.05 -40.29 -55.33
CA ILE C 132 59.11 -38.97 -55.94
C ILE C 132 57.97 -38.84 -56.93
N GLY C 133 57.19 -37.77 -56.80
CA GLY C 133 56.13 -37.46 -57.73
C GLY C 133 56.51 -36.32 -58.66
N MET C 134 56.01 -36.38 -59.89
CA MET C 134 56.33 -35.39 -60.91
C MET C 134 55.06 -34.91 -61.61
N MET C 135 55.14 -33.72 -62.17
CA MET C 135 54.05 -33.12 -62.92
C MET C 135 54.62 -32.32 -64.08
N PRO C 136 54.33 -32.73 -65.30
CA PRO C 136 54.87 -32.04 -66.47
C PRO C 136 54.15 -30.73 -66.75
N GLY C 137 54.75 -29.94 -67.61
CA GLY C 137 54.21 -28.64 -67.99
C GLY C 137 54.51 -28.34 -69.44
N LYS C 138 54.59 -27.05 -69.76
CA LYS C 138 54.78 -26.57 -71.13
C LYS C 138 55.97 -25.63 -71.21
N GLY C 139 57.10 -26.03 -70.65
CA GLY C 139 58.30 -25.24 -70.73
C GLY C 139 59.04 -25.42 -72.04
N LYS C 140 60.25 -24.88 -72.09
CA LYS C 140 61.09 -25.00 -73.27
C LYS C 140 62.04 -26.19 -73.16
N GLU C 141 62.93 -26.17 -72.17
CA GLU C 141 63.87 -27.24 -71.95
C GLU C 141 64.57 -26.99 -70.63
N GLN C 142 64.82 -28.05 -69.87
CA GLN C 142 65.48 -27.91 -68.58
C GLN C 142 66.09 -29.25 -68.19
N ASP C 143 67.26 -29.19 -67.56
CA ASP C 143 67.92 -30.38 -67.04
C ASP C 143 68.30 -30.23 -65.58
N HIS C 144 67.87 -29.15 -64.92
CA HIS C 144 68.20 -28.91 -63.51
C HIS C 144 66.96 -28.32 -62.85
N PHE C 145 66.36 -29.07 -61.92
CA PHE C 145 65.12 -28.67 -61.30
C PHE C 145 65.30 -28.46 -59.80
N VAL C 146 64.35 -27.74 -59.20
CA VAL C 146 64.30 -27.49 -57.77
C VAL C 146 63.04 -28.12 -57.22
N ALA C 147 63.18 -29.02 -56.26
CA ALA C 147 62.05 -29.73 -55.70
C ALA C 147 61.15 -28.78 -54.91
N LEU C 148 59.87 -29.09 -54.91
CA LEU C 148 58.90 -28.29 -54.18
C LEU C 148 58.74 -28.86 -52.77
N ASP C 149 57.76 -28.38 -52.04
CA ASP C 149 57.58 -28.76 -50.65
C ASP C 149 56.31 -29.55 -50.36
N THR C 150 55.14 -29.10 -50.83
CA THR C 150 53.90 -29.76 -50.44
C THR C 150 53.04 -30.23 -51.61
N GLN C 151 53.61 -30.44 -52.79
CA GLN C 151 52.83 -30.92 -53.93
C GLN C 151 51.61 -30.06 -54.21
N PRO C 152 51.78 -28.92 -54.85
CA PRO C 152 50.65 -28.04 -55.13
C PRO C 152 49.60 -28.68 -56.02
N LYS C 153 48.36 -28.24 -55.82
CA LYS C 153 47.23 -28.76 -56.56
C LYS C 153 47.42 -28.57 -58.06
N TYR C 154 47.13 -29.61 -58.82
CA TYR C 154 47.29 -29.59 -60.27
C TYR C 154 45.99 -29.52 -61.05
N ARG C 155 44.87 -29.89 -60.43
CA ARG C 155 43.53 -29.86 -61.01
C ARG C 155 43.39 -30.96 -62.06
N LEU C 156 42.18 -31.17 -62.58
CA LEU C 156 41.93 -32.23 -63.56
C LEU C 156 41.26 -31.78 -64.84
N ASP C 157 40.57 -30.64 -64.84
CA ASP C 157 39.87 -30.11 -66.01
C ASP C 157 38.86 -31.11 -66.56
N ASN C 158 37.89 -31.45 -65.71
CA ASN C 158 36.84 -32.39 -66.05
C ASN C 158 35.55 -31.70 -66.43
N GLY C 159 35.57 -30.40 -66.67
CA GLY C 159 34.36 -29.65 -66.92
C GLY C 159 33.72 -29.06 -65.68
N ASP C 160 34.41 -29.07 -64.55
CA ASP C 160 33.87 -28.52 -63.33
C ASP C 160 33.83 -26.99 -63.39
N LEU C 161 33.07 -26.41 -62.48
CA LEU C 161 32.88 -24.96 -62.45
C LEU C 161 33.71 -24.36 -61.31
N MET C 162 34.54 -23.39 -61.62
CA MET C 162 35.40 -22.74 -60.65
C MET C 162 34.84 -21.36 -60.34
N ILE C 163 34.60 -21.06 -59.07
CA ILE C 163 34.07 -19.77 -58.68
C ILE C 163 34.84 -19.25 -57.48
N HIS C 164 34.71 -17.95 -57.24
CA HIS C 164 35.45 -17.27 -56.20
C HIS C 164 34.50 -16.65 -55.21
N LEU C 165 34.92 -16.64 -53.95
CA LEU C 165 34.16 -16.00 -52.89
C LEU C 165 35.06 -15.04 -52.13
N GLN C 166 34.49 -13.93 -51.69
CA GLN C 166 35.24 -12.91 -50.96
C GLN C 166 34.74 -12.81 -49.54
N ALA C 167 35.65 -12.94 -48.59
CA ALA C 167 35.31 -12.91 -47.18
C ALA C 167 36.32 -12.03 -46.45
N PRO C 168 35.90 -11.39 -45.37
CA PRO C 168 36.87 -10.65 -44.56
C PRO C 168 37.93 -11.54 -43.96
N ASP C 169 37.62 -12.79 -43.66
CA ASP C 169 38.59 -13.71 -43.11
C ASP C 169 38.24 -15.12 -43.59
N LEU C 170 39.22 -16.00 -43.52
CA LEU C 170 39.01 -17.37 -43.96
C LEU C 170 38.04 -18.12 -43.08
N GLY C 171 38.02 -17.82 -41.80
CA GLY C 171 37.15 -18.55 -40.91
C GLY C 171 37.71 -19.92 -40.58
N SER C 172 36.82 -20.83 -40.27
CA SER C 172 37.25 -22.19 -39.97
C SER C 172 37.55 -23.03 -41.20
N LEU C 173 37.28 -22.51 -42.38
CA LEU C 173 37.43 -23.30 -43.61
C LEU C 173 38.88 -23.60 -43.89
N ASN C 174 39.14 -24.83 -44.32
CA ASN C 174 40.44 -25.28 -44.74
C ASN C 174 40.29 -25.90 -46.12
N SER C 175 41.41 -26.32 -46.68
CA SER C 175 41.36 -27.00 -47.97
C SER C 175 40.72 -28.37 -47.81
N GLY C 176 39.72 -28.64 -48.63
CA GLY C 176 38.97 -29.87 -48.56
C GLY C 176 37.64 -29.77 -47.86
N SER C 177 37.29 -28.62 -47.33
CA SER C 177 35.97 -28.47 -46.74
C SER C 177 34.91 -28.50 -47.84
N LEU C 178 33.74 -28.98 -47.50
CA LEU C 178 32.72 -29.36 -48.46
C LEU C 178 31.73 -28.23 -48.73
N VAL C 179 31.10 -28.31 -49.90
CA VAL C 179 30.07 -27.37 -50.34
C VAL C 179 28.78 -28.15 -50.46
N TYR C 180 27.71 -27.63 -49.88
CA TYR C 180 26.44 -28.31 -49.72
C TYR C 180 25.32 -27.57 -50.42
N PHE C 181 24.45 -28.33 -51.06
CA PHE C 181 23.16 -27.85 -51.53
C PHE C 181 22.10 -28.80 -51.00
N ARG C 182 21.15 -28.26 -50.25
CA ARG C 182 20.14 -29.08 -49.57
C ARG C 182 20.79 -30.13 -48.69
N LYS C 183 21.88 -29.73 -48.05
CA LYS C 183 22.71 -30.62 -47.25
C LYS C 183 23.17 -31.84 -48.03
N ILE C 184 23.50 -31.63 -49.30
CA ILE C 184 24.05 -32.66 -50.16
C ILE C 184 25.37 -32.14 -50.71
N PRO C 185 26.47 -32.88 -50.59
CA PRO C 185 27.74 -32.38 -51.07
C PRO C 185 27.82 -32.32 -52.58
N VAL C 186 28.13 -31.14 -53.11
CA VAL C 186 28.20 -30.95 -54.55
C VAL C 186 29.52 -30.29 -54.95
N GLY C 187 30.47 -30.17 -54.04
CA GLY C 187 31.72 -29.54 -54.38
C GLY C 187 32.62 -29.45 -53.16
N LYS C 188 33.78 -28.83 -53.36
CA LYS C 188 34.73 -28.70 -52.26
C LYS C 188 35.56 -27.43 -52.47
N VAL C 189 36.16 -26.96 -51.39
CA VAL C 189 37.00 -25.78 -51.45
C VAL C 189 38.33 -26.15 -52.05
N TYR C 190 38.73 -25.43 -53.09
CA TYR C 190 39.97 -25.73 -53.80
C TYR C 190 41.18 -25.03 -53.23
N ASP C 191 41.11 -23.73 -53.03
CA ASP C 191 42.28 -22.98 -52.59
C ASP C 191 41.82 -21.72 -51.87
N TYR C 192 42.75 -21.05 -51.20
CA TYR C 192 42.50 -19.77 -50.57
C TYR C 192 43.70 -18.88 -50.73
N ALA C 193 43.47 -17.57 -50.74
CA ALA C 193 44.53 -16.61 -50.94
C ALA C 193 44.13 -15.27 -50.35
N ILE C 194 45.12 -14.40 -50.21
CA ILE C 194 44.95 -13.05 -49.67
C ILE C 194 44.96 -12.06 -50.82
N ASN C 195 44.02 -11.12 -50.79
CA ASN C 195 43.99 -10.09 -51.80
C ASN C 195 45.20 -9.19 -51.72
N PRO C 196 45.56 -8.54 -52.81
CA PRO C 196 46.61 -7.52 -52.74
C PRO C 196 46.30 -6.44 -51.74
N ASN C 197 45.03 -6.06 -51.63
CA ASN C 197 44.59 -5.31 -50.47
C ASN C 197 44.51 -6.27 -49.29
N LYS C 198 45.05 -5.86 -48.16
CA LYS C 198 45.14 -6.75 -47.03
C LYS C 198 43.79 -6.99 -46.36
N GLN C 199 42.75 -6.27 -46.76
CA GLN C 199 41.47 -6.42 -46.10
C GLN C 199 40.73 -7.68 -46.50
N GLY C 200 40.90 -8.15 -47.74
CA GLY C 200 40.07 -9.20 -48.29
C GLY C 200 40.77 -10.54 -48.42
N VAL C 201 39.97 -11.60 -48.36
CA VAL C 201 40.45 -12.96 -48.54
C VAL C 201 39.58 -13.63 -49.60
N VAL C 202 40.22 -14.27 -50.58
CA VAL C 202 39.54 -14.89 -51.70
C VAL C 202 39.63 -16.39 -51.56
N ILE C 203 38.47 -17.05 -51.54
CA ILE C 203 38.36 -18.50 -51.47
C ILE C 203 37.89 -19.01 -52.82
N ASP C 204 38.71 -19.83 -53.44
CA ASP C 204 38.43 -20.40 -54.74
C ASP C 204 37.86 -21.79 -54.57
N VAL C 205 36.60 -22.01 -54.99
CA VAL C 205 35.92 -23.28 -54.79
C VAL C 205 35.52 -23.84 -56.13
N LEU C 206 35.25 -25.15 -56.12
CA LEU C 206 35.01 -25.93 -57.33
C LEU C 206 33.74 -26.75 -57.16
N ILE C 207 32.81 -26.60 -58.09
CA ILE C 207 31.57 -27.34 -58.11
C ILE C 207 31.63 -28.40 -59.20
N GLU C 208 31.12 -29.59 -58.91
CA GLU C 208 31.21 -30.70 -59.82
C GLU C 208 30.43 -30.43 -61.08
N ARG C 209 30.69 -31.23 -62.11
CA ARG C 209 30.07 -30.99 -63.41
C ARG C 209 28.58 -31.26 -63.38
N ARG C 210 28.17 -32.26 -62.63
CA ARG C 210 26.76 -32.65 -62.62
C ARG C 210 25.88 -31.57 -62.05
N PHE C 211 26.43 -30.68 -61.25
CA PHE C 211 25.64 -29.64 -60.62
C PHE C 211 26.05 -28.27 -61.10
N THR C 212 26.56 -28.19 -62.31
CA THR C 212 26.95 -26.88 -62.81
C THR C 212 25.74 -25.98 -63.02
N ASP C 213 24.60 -26.56 -63.39
CA ASP C 213 23.39 -25.75 -63.54
C ASP C 213 22.80 -25.32 -62.21
N LEU C 214 23.28 -25.85 -61.09
CA LEU C 214 22.72 -25.44 -59.81
C LEU C 214 23.11 -24.00 -59.45
N VAL C 215 24.30 -23.57 -59.82
CA VAL C 215 24.78 -22.24 -59.46
C VAL C 215 24.15 -21.23 -60.40
N LYS C 216 23.54 -20.20 -59.84
CA LYS C 216 22.90 -19.14 -60.59
C LYS C 216 23.54 -17.80 -60.25
N LYS C 217 23.10 -16.77 -60.95
CA LYS C 217 23.59 -15.43 -60.65
C LYS C 217 23.14 -14.95 -59.28
N GLY C 218 21.92 -15.29 -58.90
CA GLY C 218 21.39 -14.88 -57.62
C GLY C 218 21.65 -15.85 -56.49
N SER C 219 22.51 -16.83 -56.69
CA SER C 219 22.82 -17.80 -55.64
C SER C 219 23.58 -17.13 -54.50
N ARG C 220 23.23 -17.50 -53.28
CA ARG C 220 23.85 -16.95 -52.08
C ARG C 220 24.59 -18.06 -51.35
N PHE C 221 25.76 -17.72 -50.80
CA PHE C 221 26.64 -18.65 -50.12
C PHE C 221 26.81 -18.24 -48.68
N TRP C 222 26.79 -19.20 -47.77
CA TRP C 222 27.02 -18.91 -46.36
C TRP C 222 27.85 -20.00 -45.76
N ASN C 223 28.49 -19.68 -44.65
CA ASN C 223 29.44 -20.57 -43.99
C ASN C 223 28.82 -21.27 -42.81
N VAL C 224 28.88 -22.59 -42.79
CA VAL C 224 28.41 -23.41 -41.69
C VAL C 224 29.59 -24.20 -41.19
N SER C 225 30.15 -23.80 -40.05
CA SER C 225 31.29 -24.48 -39.46
C SER C 225 31.19 -24.40 -37.94
N GLY C 226 31.60 -25.45 -37.25
CA GLY C 226 31.54 -25.50 -35.81
C GLY C 226 30.14 -25.74 -35.28
N VAL C 227 30.01 -25.61 -33.96
CA VAL C 227 28.75 -25.81 -33.26
C VAL C 227 28.43 -24.61 -32.40
N ASP C 228 27.22 -24.08 -32.53
CA ASP C 228 26.79 -22.91 -31.77
C ASP C 228 25.59 -23.29 -30.92
N ALA C 229 25.74 -23.22 -29.60
CA ALA C 229 24.67 -23.55 -28.67
C ALA C 229 24.17 -22.27 -28.02
N ASN C 230 22.86 -21.99 -28.17
CA ASN C 230 22.26 -20.79 -27.62
C ASN C 230 21.07 -21.17 -26.76
N VAL C 231 21.14 -20.88 -25.46
CA VAL C 231 20.05 -21.14 -24.55
C VAL C 231 19.20 -19.89 -24.41
N SER C 232 17.90 -20.03 -24.60
CA SER C 232 16.97 -18.92 -24.49
C SER C 232 16.43 -18.87 -23.06
N ILE C 233 15.43 -18.01 -22.85
CA ILE C 233 14.77 -17.95 -21.55
C ILE C 233 14.04 -19.25 -21.24
N SER C 234 13.40 -19.85 -22.25
CA SER C 234 12.72 -21.13 -22.06
C SER C 234 13.00 -22.10 -23.20
N GLY C 235 14.04 -21.85 -24.01
CA GLY C 235 14.38 -22.74 -25.09
C GLY C 235 15.88 -22.96 -25.18
N ALA C 236 16.26 -23.88 -26.06
CA ALA C 236 17.67 -24.20 -26.29
C ALA C 236 17.83 -24.66 -27.73
N LYS C 237 18.66 -23.95 -28.49
CA LYS C 237 18.91 -24.24 -29.89
C LYS C 237 20.38 -24.60 -30.07
N VAL C 238 20.63 -25.81 -30.52
CA VAL C 238 21.97 -26.30 -30.79
C VAL C 238 22.11 -26.38 -32.30
N LYS C 239 22.71 -25.35 -32.89
CA LYS C 239 22.90 -25.27 -34.32
C LYS C 239 24.23 -25.91 -34.70
N LEU C 240 24.18 -27.00 -35.46
CA LEU C 240 25.40 -27.66 -35.89
C LEU C 240 25.08 -28.46 -37.14
N GLU C 241 26.12 -28.85 -37.84
CA GLU C 241 26.03 -29.66 -39.04
C GLU C 241 26.77 -30.98 -38.84
N SER C 242 26.97 -31.70 -39.93
CA SER C 242 27.67 -32.97 -39.88
C SER C 242 29.04 -32.86 -39.22
N LEU C 243 29.58 -34.01 -38.85
CA LEU C 243 30.81 -34.06 -38.08
C LEU C 243 31.98 -33.48 -38.87
N ALA C 244 31.96 -33.61 -40.19
CA ALA C 244 33.01 -33.01 -41.00
C ALA C 244 32.98 -31.50 -40.90
N ALA C 245 31.80 -30.91 -40.76
CA ALA C 245 31.69 -29.47 -40.56
C ALA C 245 32.25 -29.07 -39.21
N LEU C 246 32.04 -29.88 -38.19
CA LEU C 246 32.61 -29.57 -36.88
C LEU C 246 34.12 -29.70 -36.89
N VAL C 247 34.64 -30.70 -37.58
CA VAL C 247 36.09 -30.88 -37.62
C VAL C 247 36.75 -29.89 -38.58
N ASN C 248 36.22 -29.76 -39.80
CA ASN C 248 36.80 -28.90 -40.82
C ASN C 248 35.93 -27.70 -41.16
N GLY C 249 34.71 -27.91 -41.61
CA GLY C 249 33.86 -26.79 -42.02
C GLY C 249 33.07 -27.03 -43.28
N ALA C 250 32.14 -26.14 -43.61
CA ALA C 250 31.32 -26.34 -44.78
C ALA C 250 30.82 -24.99 -45.30
N ILE C 251 30.47 -24.98 -46.57
CA ILE C 251 29.87 -23.84 -47.24
C ILE C 251 28.60 -24.29 -47.91
N ALA C 252 27.48 -23.71 -47.53
CA ALA C 252 26.20 -24.10 -48.07
C ALA C 252 25.64 -23.00 -48.95
N PHE C 253 25.02 -23.36 -50.06
CA PHE C 253 24.56 -22.34 -50.99
C PHE C 253 23.13 -22.60 -51.44
N ASP C 254 22.47 -21.51 -51.81
CA ASP C 254 21.09 -21.54 -52.28
C ASP C 254 20.94 -20.93 -53.67
N SER C 255 20.17 -21.61 -54.52
CA SER C 255 19.87 -21.25 -55.90
C SER C 255 18.51 -20.58 -56.02
N PRO C 256 18.42 -19.43 -56.61
CA PRO C 256 17.12 -18.79 -56.79
C PRO C 256 16.30 -19.47 -57.87
N GLU C 257 15.07 -19.00 -58.07
CA GLU C 257 14.17 -19.64 -59.02
C GLU C 257 14.48 -19.21 -60.45
N GLU C 258 14.39 -17.93 -60.73
CA GLU C 258 14.58 -17.40 -62.08
C GLU C 258 15.83 -16.53 -62.11
N SER C 259 16.92 -17.10 -62.61
CA SER C 259 18.16 -16.37 -62.77
C SER C 259 19.00 -17.04 -63.85
N LYS C 260 19.86 -16.26 -64.47
CA LYS C 260 20.76 -16.81 -65.46
C LYS C 260 21.84 -17.64 -64.77
N PRO C 261 22.33 -18.67 -65.44
CA PRO C 261 23.43 -19.44 -64.87
C PRO C 261 24.71 -18.63 -64.80
N ALA C 262 25.52 -18.94 -63.81
CA ALA C 262 26.80 -18.30 -63.56
C ALA C 262 27.93 -19.17 -64.09
N GLU C 263 28.99 -18.51 -64.57
CA GLU C 263 30.09 -19.25 -65.18
C GLU C 263 31.34 -18.39 -65.21
N ALA C 264 32.47 -19.04 -65.49
CA ALA C 264 33.73 -18.37 -65.76
C ALA C 264 34.21 -17.52 -64.59
N GLU C 265 34.47 -18.19 -63.49
CA GLU C 265 35.08 -17.58 -62.31
C GLU C 265 34.28 -16.39 -61.81
N ASP C 266 32.97 -16.54 -61.79
CA ASP C 266 32.13 -15.47 -61.27
C ASP C 266 32.32 -15.35 -59.76
N THR C 267 32.42 -14.12 -59.27
CA THR C 267 32.70 -13.90 -57.85
C THR C 267 31.40 -13.78 -57.05
N PHE C 268 31.49 -14.13 -55.77
CA PHE C 268 30.35 -14.07 -54.86
C PHE C 268 30.82 -13.62 -53.49
N GLY C 269 29.87 -13.30 -52.62
CA GLY C 269 30.16 -12.92 -51.24
C GLY C 269 29.76 -14.04 -50.29
N LEU C 270 30.62 -14.34 -49.34
CA LEU C 270 30.39 -15.43 -48.39
C LEU C 270 29.83 -14.84 -47.11
N TYR C 271 28.56 -15.10 -46.85
CA TYR C 271 27.94 -14.64 -45.62
C TYR C 271 28.33 -15.54 -44.47
N GLU C 272 28.36 -14.96 -43.28
CA GLU C 272 28.81 -15.70 -42.11
C GLU C 272 27.75 -16.63 -41.54
N ASP C 273 26.50 -16.47 -41.93
CA ASP C 273 25.46 -17.28 -41.34
C ASP C 273 24.28 -17.33 -42.29
N LEU C 274 23.41 -18.31 -42.04
CA LEU C 274 22.19 -18.39 -42.83
C LEU C 274 21.30 -17.19 -42.57
N ALA C 275 21.24 -16.73 -41.33
CA ALA C 275 20.41 -15.58 -41.02
C ALA C 275 20.90 -14.32 -41.72
N HIS C 276 22.23 -14.14 -41.79
CA HIS C 276 22.77 -12.99 -42.49
C HIS C 276 22.57 -13.07 -43.98
N SER C 277 22.33 -14.24 -44.53
CA SER C 277 22.12 -14.37 -45.95
C SER C 277 20.67 -14.15 -46.36
N GLN C 278 19.78 -13.95 -45.42
CA GLN C 278 18.38 -13.73 -45.76
C GLN C 278 18.20 -12.39 -46.45
N ARG C 279 17.46 -12.40 -47.55
CA ARG C 279 17.24 -11.19 -48.32
C ARG C 279 16.32 -10.24 -47.55
N GLY C 280 16.62 -8.95 -47.67
CA GLY C 280 15.84 -7.93 -47.00
C GLY C 280 16.14 -6.57 -47.60
N VAL C 281 15.44 -5.58 -47.09
CA VAL C 281 15.57 -4.21 -47.56
C VAL C 281 16.14 -3.36 -46.42
N ILE C 282 17.12 -2.52 -46.75
CA ILE C 282 17.83 -1.70 -45.78
C ILE C 282 17.08 -0.39 -45.57
N ILE C 283 16.81 -0.06 -44.32
CA ILE C 283 16.15 1.18 -43.93
C ILE C 283 17.04 1.91 -42.95
N LYS C 284 17.27 3.19 -43.20
CA LYS C 284 18.10 4.02 -42.33
C LYS C 284 17.23 4.76 -41.34
N LEU C 285 17.64 4.75 -40.08
CA LEU C 285 16.89 5.34 -38.99
C LEU C 285 17.74 6.38 -38.26
N GLU C 286 17.13 7.51 -37.96
CA GLU C 286 17.77 8.58 -37.20
C GLU C 286 17.25 8.52 -35.78
N LEU C 287 17.87 7.72 -34.96
CA LEU C 287 17.44 7.44 -33.60
C LEU C 287 17.77 8.59 -32.66
N PRO C 288 16.97 8.80 -31.62
CA PRO C 288 17.33 9.80 -30.63
C PRO C 288 18.46 9.40 -29.71
N SER C 289 18.47 8.16 -29.25
CA SER C 289 19.52 7.64 -28.39
C SER C 289 19.49 6.13 -28.50
N GLY C 290 20.58 5.51 -28.07
CA GLY C 290 20.68 4.07 -28.09
C GLY C 290 20.68 3.49 -26.71
N ALA C 291 19.81 4.01 -25.85
CA ALA C 291 19.81 3.62 -24.45
C ALA C 291 19.45 2.16 -24.25
N GLY C 292 18.44 1.67 -24.93
CA GLY C 292 18.04 0.30 -24.72
C GLY C 292 18.00 -0.49 -26.01
N LEU C 293 18.81 -0.09 -26.99
CA LEU C 293 18.83 -0.71 -28.29
C LEU C 293 20.07 -1.54 -28.47
N THR C 294 19.89 -2.77 -28.95
CA THR C 294 20.94 -3.73 -29.19
C THR C 294 20.91 -4.18 -30.63
N ALA C 295 22.07 -4.20 -31.26
CA ALA C 295 22.17 -4.65 -32.64
C ALA C 295 21.86 -6.14 -32.74
N ASP C 296 21.12 -6.49 -33.80
CA ASP C 296 20.67 -7.86 -34.07
C ASP C 296 19.82 -8.44 -32.94
N SER C 297 19.22 -7.58 -32.13
CA SER C 297 18.35 -8.07 -31.07
C SER C 297 17.06 -7.30 -30.91
N THR C 298 16.90 -6.11 -31.49
CA THR C 298 15.71 -5.30 -31.33
C THR C 298 14.80 -5.49 -32.52
N PRO C 299 13.59 -6.01 -32.33
CA PRO C 299 12.72 -6.30 -33.46
C PRO C 299 11.85 -5.11 -33.86
N LEU C 300 11.18 -5.27 -34.99
CA LEU C 300 10.19 -4.32 -35.50
C LEU C 300 8.84 -5.04 -35.52
N MET C 301 7.98 -4.71 -34.59
CA MET C 301 6.71 -5.38 -34.41
C MET C 301 5.60 -4.66 -35.16
N TYR C 302 4.90 -5.37 -36.04
CA TYR C 302 3.69 -4.87 -36.69
C TYR C 302 2.59 -5.88 -36.48
N GLN C 303 1.45 -5.41 -35.96
CA GLN C 303 0.31 -6.26 -35.62
C GLN C 303 0.70 -7.39 -34.67
N GLY C 304 1.68 -7.14 -33.82
CA GLY C 304 2.15 -8.16 -32.92
C GLY C 304 3.13 -9.16 -33.49
N LEU C 305 3.48 -9.05 -34.76
CA LEU C 305 4.38 -9.99 -35.41
C LEU C 305 5.67 -9.29 -35.77
N GLU C 306 6.79 -9.99 -35.61
CA GLU C 306 8.09 -9.42 -35.90
C GLU C 306 8.33 -9.45 -37.40
N VAL C 307 8.58 -8.28 -37.99
CA VAL C 307 8.85 -8.16 -39.41
C VAL C 307 10.19 -7.53 -39.72
N GLY C 308 10.89 -6.98 -38.73
CA GLY C 308 12.18 -6.35 -38.96
C GLY C 308 13.16 -6.69 -37.86
N GLN C 309 14.38 -6.20 -38.02
CA GLN C 309 15.46 -6.46 -37.07
C GLN C 309 16.47 -5.33 -37.17
N LEU C 310 16.74 -4.67 -36.06
CA LEU C 310 17.75 -3.63 -36.03
C LEU C 310 19.13 -4.25 -36.17
N THR C 311 19.84 -3.92 -37.24
CA THR C 311 21.09 -4.60 -37.54
C THR C 311 22.32 -3.78 -37.17
N LYS C 312 22.37 -2.51 -37.56
CA LYS C 312 23.56 -1.70 -37.35
C LYS C 312 23.23 -0.49 -36.49
N LEU C 313 24.16 -0.11 -35.61
CA LEU C 313 23.96 1.00 -34.68
C LEU C 313 25.28 1.75 -34.56
N ASP C 314 25.28 3.03 -34.92
CA ASP C 314 26.50 3.83 -34.99
C ASP C 314 26.31 5.17 -34.30
N LEU C 315 27.43 5.77 -33.92
CA LEU C 315 27.46 7.08 -33.28
C LEU C 315 28.24 8.03 -34.18
N ASN C 316 27.53 8.72 -35.06
CA ASN C 316 28.14 9.73 -35.89
C ASN C 316 28.54 10.95 -35.07
N PRO C 317 29.60 11.65 -35.47
CA PRO C 317 30.09 12.77 -34.67
C PRO C 317 29.06 13.89 -34.57
N GLY C 318 29.15 14.62 -33.48
CA GLY C 318 28.09 15.50 -33.05
C GLY C 318 27.10 14.85 -32.13
N GLY C 319 27.38 13.64 -31.66
CA GLY C 319 26.47 12.91 -30.81
C GLY C 319 25.20 12.49 -31.53
N LYS C 320 25.31 11.99 -32.76
CA LYS C 320 24.14 11.62 -33.55
C LYS C 320 24.06 10.10 -33.63
N VAL C 321 23.09 9.51 -32.94
CA VAL C 321 22.93 8.07 -32.98
C VAL C 321 22.11 7.69 -34.20
N THR C 322 22.64 6.79 -35.04
CA THR C 322 21.94 6.36 -36.24
C THR C 322 21.90 4.84 -36.28
N GLY C 323 20.93 4.32 -37.02
CA GLY C 323 20.73 2.89 -37.11
C GLY C 323 20.35 2.46 -38.51
N GLU C 324 20.46 1.16 -38.71
CA GLU C 324 20.18 0.54 -39.99
C GLU C 324 19.46 -0.78 -39.74
N MET C 325 18.29 -0.96 -40.35
CA MET C 325 17.38 -2.05 -40.06
C MET C 325 17.04 -2.80 -41.35
N THR C 326 16.95 -4.12 -41.26
CA THR C 326 16.53 -4.95 -42.38
C THR C 326 15.07 -5.33 -42.21
N VAL C 327 14.28 -5.12 -43.26
CA VAL C 327 12.87 -5.47 -43.26
C VAL C 327 12.62 -6.53 -44.32
N ASP C 328 11.71 -7.45 -44.03
CA ASP C 328 11.38 -8.52 -44.96
C ASP C 328 10.56 -7.96 -46.13
N PRO C 329 10.59 -8.64 -47.27
CA PRO C 329 9.88 -8.12 -48.45
C PRO C 329 8.37 -8.07 -48.33
N SER C 330 7.77 -8.62 -47.29
CA SER C 330 6.31 -8.64 -47.21
C SER C 330 5.76 -7.25 -46.91
N VAL C 331 6.48 -6.42 -46.16
CA VAL C 331 5.97 -5.15 -45.70
C VAL C 331 6.70 -3.98 -46.36
N VAL C 332 7.31 -4.21 -47.51
CA VAL C 332 7.99 -3.13 -48.22
C VAL C 332 6.98 -2.12 -48.74
N THR C 333 5.85 -2.60 -49.23
CA THR C 333 4.82 -1.71 -49.74
C THR C 333 4.18 -0.85 -48.65
N LEU C 334 4.36 -1.20 -47.39
CA LEU C 334 3.85 -0.41 -46.29
C LEU C 334 4.78 0.72 -45.89
N LEU C 335 5.98 0.77 -46.43
CA LEU C 335 6.95 1.82 -46.11
C LEU C 335 6.81 2.94 -47.13
N ARG C 336 6.03 3.96 -46.78
CA ARG C 336 5.77 5.07 -47.67
C ARG C 336 5.96 6.39 -46.94
N GLU C 337 5.57 7.49 -47.54
CA GLU C 337 5.57 8.76 -46.82
C GLU C 337 4.52 8.77 -45.73
N ASN C 338 4.72 9.68 -44.79
CA ASN C 338 3.96 9.77 -43.54
C ASN C 338 3.68 8.40 -42.91
N THR C 339 4.68 7.52 -42.96
CA THR C 339 4.67 6.24 -42.26
C THR C 339 5.62 6.39 -41.08
N ARG C 340 5.12 6.09 -39.89
CA ARG C 340 5.84 6.42 -38.68
C ARG C 340 6.44 5.17 -38.06
N ILE C 341 7.64 5.31 -37.49
CA ILE C 341 8.29 4.26 -36.74
C ILE C 341 8.62 4.81 -35.38
N GLU C 342 8.09 4.19 -34.34
CA GLU C 342 8.27 4.70 -32.99
C GLU C 342 8.83 3.63 -32.08
N LEU C 343 9.21 4.01 -30.87
CA LEU C 343 9.75 3.07 -29.90
C LEU C 343 8.84 2.99 -28.68
N ARG C 344 8.62 1.78 -28.22
CA ARG C 344 7.78 1.49 -27.08
C ARG C 344 8.60 0.87 -25.96
N ASN C 345 8.45 1.41 -24.76
CA ASN C 345 9.07 0.84 -23.58
C ASN C 345 8.23 -0.32 -23.05
N PRO C 346 8.86 -1.30 -22.43
CA PRO C 346 8.10 -2.41 -21.85
C PRO C 346 7.34 -2.00 -20.60
N LYS C 347 6.03 -1.88 -20.70
CA LYS C 347 5.20 -1.47 -19.58
C LYS C 347 4.72 -2.68 -18.79
N LEU C 348 4.61 -2.51 -17.48
CA LEU C 348 4.18 -3.57 -16.58
C LEU C 348 2.69 -3.40 -16.29
N SER C 349 1.92 -4.42 -16.62
CA SER C 349 0.47 -4.43 -16.40
C SER C 349 0.14 -5.46 -15.33
N LEU C 350 -0.52 -5.01 -14.27
CA LEU C 350 -0.88 -5.92 -13.19
C LEU C 350 -2.01 -6.86 -13.61
N SER C 351 -2.94 -6.35 -14.43
CA SER C 351 -4.06 -7.17 -14.87
C SER C 351 -3.62 -8.22 -15.87
N ASP C 352 -2.78 -7.84 -16.83
CA ASP C 352 -2.31 -8.75 -17.88
C ASP C 352 -0.78 -8.72 -17.85
N ALA C 353 -0.19 -9.60 -17.03
CA ALA C 353 1.25 -9.67 -16.90
C ALA C 353 1.85 -10.35 -18.12
N ASN C 354 2.87 -9.72 -18.70
CA ASN C 354 3.57 -10.24 -19.87
C ASN C 354 5.06 -10.28 -19.56
N LEU C 355 5.54 -11.44 -19.11
CA LEU C 355 6.95 -11.57 -18.77
C LEU C 355 7.84 -11.49 -19.99
N SER C 356 7.40 -12.04 -21.11
CA SER C 356 8.21 -11.98 -22.33
C SER C 356 8.37 -10.55 -22.81
N ALA C 357 7.30 -9.77 -22.74
CA ALA C 357 7.39 -8.37 -23.13
C ALA C 357 8.29 -7.59 -22.20
N LEU C 358 8.29 -7.94 -20.92
CA LEU C 358 9.22 -7.30 -19.99
C LEU C 358 10.66 -7.67 -20.30
N LEU C 359 10.90 -8.92 -20.68
CA LEU C 359 12.26 -9.35 -20.95
C LEU C 359 12.79 -8.82 -22.29
N THR C 360 11.91 -8.57 -23.25
CA THR C 360 12.39 -8.10 -24.56
C THR C 360 12.96 -6.68 -24.46
N GLY C 361 12.27 -5.78 -23.80
CA GLY C 361 12.75 -4.42 -23.67
C GLY C 361 12.15 -3.44 -24.65
N LYS C 362 12.97 -2.55 -25.22
CA LYS C 362 12.47 -1.60 -26.19
C LYS C 362 12.00 -2.30 -27.46
N THR C 363 10.93 -1.79 -28.04
CA THR C 363 10.33 -2.42 -29.21
C THR C 363 10.02 -1.37 -30.27
N PHE C 364 10.40 -1.63 -31.51
CA PHE C 364 10.07 -0.73 -32.62
C PHE C 364 8.68 -1.07 -33.15
N GLU C 365 7.82 -0.08 -33.23
CA GLU C 365 6.45 -0.22 -33.70
C GLU C 365 6.27 0.56 -34.98
N LEU C 366 5.58 -0.03 -35.95
CA LEU C 366 5.37 0.53 -37.27
C LEU C 366 3.92 0.94 -37.46
N VAL C 367 3.70 2.19 -37.85
CA VAL C 367 2.40 2.72 -38.18
C VAL C 367 2.37 3.10 -39.64
N PRO C 368 1.71 2.31 -40.49
CA PRO C 368 1.76 2.58 -41.93
C PRO C 368 1.02 3.84 -42.33
N GLY C 369 1.45 4.39 -43.46
CA GLY C 369 0.83 5.56 -44.05
C GLY C 369 0.67 5.41 -45.54
N ASP C 370 0.43 6.53 -46.24
CA ASP C 370 0.25 6.51 -47.69
C ASP C 370 1.08 7.61 -48.35
N GLY C 371 1.52 7.33 -49.57
CA GLY C 371 2.28 8.29 -50.34
C GLY C 371 3.39 7.61 -51.10
N GLU C 372 4.37 8.41 -51.51
CA GLU C 372 5.52 7.89 -52.23
C GLU C 372 6.36 7.02 -51.30
N PRO C 373 6.87 5.90 -51.78
CA PRO C 373 7.76 5.08 -50.92
C PRO C 373 9.05 5.79 -50.56
N ARG C 374 9.52 5.52 -49.34
CA ARG C 374 10.75 6.11 -48.84
C ARG C 374 11.54 5.06 -48.08
N LYS C 375 12.86 5.28 -47.99
CA LYS C 375 13.75 4.32 -47.36
C LYS C 375 14.45 4.85 -46.12
N GLU C 376 14.11 6.03 -45.64
CA GLU C 376 14.73 6.58 -44.45
C GLU C 376 13.66 7.23 -43.59
N PHE C 377 13.80 7.12 -42.28
CA PHE C 377 12.80 7.61 -41.34
C PHE C 377 13.49 8.25 -40.14
N VAL C 378 12.72 9.06 -39.42
CA VAL C 378 13.17 9.68 -38.18
C VAL C 378 12.32 9.14 -37.05
N VAL C 379 12.96 8.56 -36.06
CA VAL C 379 12.27 7.91 -34.95
C VAL C 379 12.05 8.91 -33.83
N VAL C 380 10.82 9.01 -33.36
CA VAL C 380 10.44 9.92 -32.27
C VAL C 380 10.11 9.11 -31.03
N PRO C 381 10.33 9.67 -29.84
CA PRO C 381 9.99 8.95 -28.61
C PRO C 381 8.49 8.81 -28.44
N GLY C 382 8.12 7.92 -27.52
CA GLY C 382 6.71 7.66 -27.25
C GLY C 382 5.98 8.83 -26.63
N GLU C 383 6.70 9.72 -25.96
CA GLU C 383 6.07 10.92 -25.42
C GLU C 383 5.61 11.85 -26.52
N LYS C 384 6.37 11.95 -27.59
CA LYS C 384 6.05 12.83 -28.71
C LYS C 384 5.27 12.12 -29.81
N ALA C 385 4.82 10.90 -29.56
CA ALA C 385 4.10 10.14 -30.58
C ALA C 385 2.81 10.81 -30.98
N LEU C 386 2.08 11.36 -30.02
CA LEU C 386 0.83 12.03 -30.32
C LEU C 386 1.07 13.33 -31.07
N LEU C 387 2.23 13.93 -30.87
CA LEU C 387 2.50 15.21 -31.50
C LEU C 387 2.72 15.06 -33.00
N HIS C 388 3.15 13.89 -33.45
CA HIS C 388 3.51 13.69 -34.85
C HIS C 388 2.43 12.97 -35.66
N GLU C 389 1.21 12.88 -35.12
CA GLU C 389 0.13 12.30 -35.90
C GLU C 389 -0.25 13.23 -37.04
N PRO C 390 -0.80 12.68 -38.13
CA PRO C 390 -1.17 13.54 -39.27
C PRO C 390 -2.17 14.63 -38.93
N ASP C 391 -3.13 14.36 -38.05
CA ASP C 391 -4.05 15.39 -37.59
C ASP C 391 -4.01 15.41 -36.08
N VAL C 392 -3.73 16.57 -35.52
CA VAL C 392 -3.67 16.72 -34.07
C VAL C 392 -3.79 18.20 -33.78
N LEU C 393 -4.48 18.53 -32.70
CA LEU C 393 -4.69 19.92 -32.34
C LEU C 393 -3.73 20.31 -31.23
N THR C 394 -2.76 21.14 -31.55
CA THR C 394 -1.75 21.58 -30.59
C THR C 394 -2.14 22.94 -30.03
N LEU C 395 -2.14 23.05 -28.72
CA LEU C 395 -2.56 24.26 -28.03
C LEU C 395 -1.53 24.65 -27.00
N THR C 396 -1.35 25.96 -26.82
CA THR C 396 -0.47 26.52 -25.81
C THR C 396 -1.30 27.34 -24.85
N LEU C 397 -1.19 27.03 -23.57
CA LEU C 397 -1.96 27.74 -22.55
C LEU C 397 -1.05 28.18 -21.41
N THR C 398 -1.26 29.39 -20.94
CA THR C 398 -0.42 30.01 -19.93
C THR C 398 -1.13 30.06 -18.58
N ALA C 399 -0.34 30.01 -17.52
CA ALA C 399 -0.83 30.06 -16.16
C ALA C 399 0.24 30.66 -15.27
N PRO C 400 -0.15 31.39 -14.23
CA PRO C 400 0.86 31.92 -13.32
C PRO C 400 1.53 30.88 -12.45
N GLU C 401 0.97 29.69 -12.31
CA GLU C 401 1.51 28.65 -11.46
C GLU C 401 1.38 27.31 -12.18
N SER C 402 2.24 26.38 -11.82
CA SER C 402 2.15 25.06 -12.45
C SER C 402 0.95 24.26 -11.95
N TYR C 403 0.51 24.51 -10.73
CA TYR C 403 -0.60 23.80 -10.10
C TYR C 403 -0.35 22.31 -10.03
N GLY C 404 0.92 21.93 -9.99
CA GLY C 404 1.26 20.52 -9.94
C GLY C 404 0.91 19.72 -11.16
N ILE C 405 1.05 20.29 -12.35
CA ILE C 405 0.73 19.60 -13.59
C ILE C 405 2.01 19.24 -14.29
N ASP C 406 2.22 17.96 -14.54
CA ASP C 406 3.42 17.47 -15.16
C ASP C 406 3.22 17.37 -16.67
N ALA C 407 4.16 16.71 -17.35
CA ALA C 407 4.10 16.59 -18.81
C ALA C 407 3.51 15.28 -19.27
N GLY C 408 2.79 14.58 -18.41
CA GLY C 408 2.16 13.34 -18.83
C GLY C 408 0.70 13.26 -18.43
N GLN C 409 0.19 14.37 -17.92
CA GLN C 409 -1.17 14.44 -17.46
C GLN C 409 -2.13 14.42 -18.64
N PRO C 410 -3.31 13.85 -18.47
CA PRO C 410 -4.30 13.82 -19.55
C PRO C 410 -5.22 15.02 -19.55
N LEU C 411 -5.90 15.20 -20.69
CA LEU C 411 -6.96 16.17 -20.83
C LEU C 411 -8.29 15.46 -20.86
N ILE C 412 -9.24 15.93 -20.07
CA ILE C 412 -10.50 15.22 -19.82
C ILE C 412 -11.67 16.08 -20.24
N LEU C 413 -12.54 15.52 -21.08
CA LEU C 413 -13.78 16.16 -21.47
C LEU C 413 -14.91 15.20 -21.17
N HIS C 414 -15.86 15.65 -20.36
CA HIS C 414 -17.03 14.88 -19.97
C HIS C 414 -16.62 13.55 -19.35
N GLY C 415 -15.53 13.56 -18.61
CA GLY C 415 -15.05 12.35 -17.99
C GLY C 415 -14.28 11.41 -18.87
N VAL C 416 -14.03 11.77 -20.13
CA VAL C 416 -13.35 10.91 -21.08
C VAL C 416 -12.05 11.58 -21.48
N GLN C 417 -10.96 10.83 -21.47
CA GLN C 417 -9.67 11.37 -21.86
C GLN C 417 -9.63 11.59 -23.36
N VAL C 418 -9.44 12.83 -23.78
CA VAL C 418 -9.40 13.20 -25.19
C VAL C 418 -8.06 13.78 -25.60
N GLY C 419 -7.11 13.90 -24.69
CA GLY C 419 -5.83 14.49 -25.02
C GLY C 419 -4.79 14.16 -23.99
N GLN C 420 -3.65 14.85 -24.09
CA GLN C 420 -2.53 14.62 -23.20
C GLN C 420 -1.64 15.84 -23.21
N VAL C 421 -1.15 16.22 -22.03
CA VAL C 421 -0.21 17.33 -21.93
C VAL C 421 1.13 16.89 -22.50
N ILE C 422 1.65 17.67 -23.43
CA ILE C 422 2.90 17.31 -24.09
C ILE C 422 4.10 17.81 -23.29
N ASP C 423 4.16 19.10 -22.98
CA ASP C 423 5.32 19.59 -22.24
C ASP C 423 4.97 20.84 -21.46
N ARG C 424 5.85 21.17 -20.51
CA ARG C 424 5.70 22.31 -19.63
C ARG C 424 6.98 23.11 -19.59
N LYS C 425 6.86 24.42 -19.69
CA LYS C 425 8.01 25.31 -19.68
C LYS C 425 7.81 26.43 -18.69
N LEU C 426 8.88 26.80 -17.98
CA LEU C 426 8.85 27.87 -17.00
C LEU C 426 9.55 29.10 -17.57
N THR C 427 8.86 30.22 -17.57
CA THR C 427 9.37 31.49 -18.06
C THR C 427 9.30 32.53 -16.97
N SER C 428 9.74 33.74 -17.30
CA SER C 428 9.67 34.82 -16.33
C SER C 428 8.24 35.21 -16.02
N LYS C 429 7.37 35.24 -17.05
CA LYS C 429 5.98 35.61 -16.80
C LYS C 429 5.25 34.53 -16.03
N GLY C 430 5.49 33.26 -16.37
CA GLY C 430 4.81 32.19 -15.69
C GLY C 430 5.13 30.84 -16.27
N VAL C 431 4.13 29.97 -16.37
CA VAL C 431 4.29 28.61 -16.85
C VAL C 431 3.43 28.42 -18.08
N THR C 432 4.02 27.90 -19.14
CA THR C 432 3.32 27.63 -20.39
C THR C 432 3.28 26.14 -20.64
N PHE C 433 2.08 25.61 -20.86
CA PHE C 433 1.86 24.22 -21.17
C PHE C 433 1.50 24.06 -22.64
N THR C 434 2.16 23.13 -23.31
CA THR C 434 1.80 22.73 -24.65
C THR C 434 1.13 21.38 -24.59
N VAL C 435 -0.10 21.29 -25.12
CA VAL C 435 -0.94 20.12 -25.02
C VAL C 435 -1.44 19.74 -26.41
N ALA C 436 -1.89 18.50 -26.54
CA ALA C 436 -2.37 17.96 -27.81
C ALA C 436 -3.73 17.34 -27.65
N ILE C 437 -4.54 17.44 -28.70
CA ILE C 437 -5.88 16.89 -28.75
C ILE C 437 -5.96 15.94 -29.94
N GLU C 438 -6.48 14.75 -29.71
CA GLU C 438 -6.54 13.73 -30.73
C GLU C 438 -7.50 14.16 -31.84
N PRO C 439 -7.26 13.72 -33.07
CA PRO C 439 -8.15 14.11 -34.16
C PRO C 439 -9.55 13.55 -34.08
N GLN C 440 -9.74 12.47 -33.34
CA GLN C 440 -11.08 11.88 -33.23
C GLN C 440 -12.02 12.86 -32.57
N HIS C 441 -11.55 13.54 -31.54
CA HIS C 441 -12.36 14.50 -30.83
C HIS C 441 -12.00 15.92 -31.19
N ARG C 442 -11.34 16.08 -32.34
CA ARG C 442 -10.95 17.41 -32.77
C ARG C 442 -12.17 18.28 -33.03
N GLU C 443 -13.24 17.68 -33.53
CA GLU C 443 -14.43 18.43 -33.84
C GLU C 443 -15.23 18.79 -32.61
N LEU C 444 -14.94 18.19 -31.46
CA LEU C 444 -15.68 18.49 -30.25
C LEU C 444 -15.02 19.57 -29.41
N VAL C 445 -13.89 20.10 -29.85
CA VAL C 445 -13.16 21.08 -29.05
C VAL C 445 -13.93 22.38 -28.97
N LYS C 446 -14.42 22.87 -30.10
CA LYS C 446 -15.29 24.06 -30.12
C LYS C 446 -14.61 25.28 -29.50
N GLY C 447 -13.63 25.78 -30.24
CA GLY C 447 -12.59 26.65 -29.76
C GLY C 447 -12.92 27.68 -28.69
N ASP C 448 -14.11 28.26 -28.71
CA ASP C 448 -14.51 29.12 -27.61
C ASP C 448 -14.85 28.28 -26.38
N SER C 449 -13.80 27.78 -25.73
CA SER C 449 -13.92 26.83 -24.63
C SER C 449 -13.03 27.28 -23.48
N LYS C 450 -13.08 26.54 -22.38
CA LYS C 450 -12.35 26.88 -21.18
C LYS C 450 -11.53 25.69 -20.70
N PHE C 451 -10.45 25.97 -19.96
CA PHE C 451 -9.60 24.93 -19.39
C PHE C 451 -9.45 25.18 -17.90
N VAL C 452 -9.65 24.13 -17.12
CA VAL C 452 -9.70 24.19 -15.66
C VAL C 452 -8.72 23.20 -15.07
N VAL C 453 -8.04 23.61 -14.01
CA VAL C 453 -7.15 22.70 -13.31
C VAL C 453 -7.93 21.66 -12.54
N ASN C 454 -7.56 20.39 -12.70
CA ASN C 454 -8.15 19.30 -11.93
C ASN C 454 -7.14 18.58 -11.07
N SER C 455 -5.97 19.18 -10.82
CA SER C 455 -4.92 18.54 -10.05
C SER C 455 -5.00 18.78 -8.55
N ARG C 456 -5.90 19.65 -8.10
CA ARG C 456 -6.02 19.94 -6.68
C ARG C 456 -7.44 19.70 -6.21
N VAL C 457 -7.57 19.15 -5.01
CA VAL C 457 -8.85 18.86 -4.40
C VAL C 457 -9.19 19.96 -3.41
N ASP C 458 -10.47 20.32 -3.36
CA ASP C 458 -10.97 21.35 -2.45
C ASP C 458 -12.13 20.79 -1.66
N VAL C 459 -12.09 20.98 -0.34
CA VAL C 459 -13.15 20.53 0.56
C VAL C 459 -13.66 21.75 1.31
N LYS C 460 -14.96 22.00 1.24
CA LYS C 460 -15.61 23.08 1.96
C LYS C 460 -16.67 22.50 2.89
N VAL C 461 -16.61 22.88 4.16
CA VAL C 461 -17.53 22.38 5.18
C VAL C 461 -18.39 23.52 5.69
N GLY C 462 -19.53 23.15 6.27
CA GLY C 462 -20.44 24.14 6.80
C GLY C 462 -21.62 23.46 7.47
N LEU C 463 -22.49 24.29 8.05
CA LEU C 463 -23.69 23.77 8.69
C LEU C 463 -24.63 23.11 7.70
N ASP C 464 -24.78 23.71 6.52
CA ASP C 464 -25.65 23.19 5.49
C ASP C 464 -24.95 22.90 4.18
N GLY C 465 -23.95 23.69 3.80
CA GLY C 465 -23.26 23.50 2.54
C GLY C 465 -21.89 22.88 2.69
N VAL C 466 -21.78 21.60 2.36
CA VAL C 466 -20.52 20.88 2.35
C VAL C 466 -20.30 20.35 0.95
N GLU C 467 -19.17 20.69 0.33
CA GLU C 467 -18.89 20.29 -1.03
C GLU C 467 -17.45 19.81 -1.17
N PHE C 468 -17.24 18.95 -2.17
CA PHE C 468 -15.95 18.34 -2.49
C PHE C 468 -15.70 18.59 -3.97
N LEU C 469 -15.02 19.69 -4.28
CA LEU C 469 -14.80 20.12 -5.65
C LEU C 469 -13.33 19.92 -6.02
N GLY C 470 -12.98 20.34 -7.23
CA GLY C 470 -11.63 20.20 -7.74
C GLY C 470 -11.40 18.90 -8.47
N ALA C 471 -11.41 17.79 -7.75
CA ALA C 471 -11.15 16.49 -8.35
C ALA C 471 -11.71 15.41 -7.43
N SER C 472 -12.29 14.37 -8.04
CA SER C 472 -12.70 13.19 -7.31
C SER C 472 -11.49 12.29 -7.10
N ALA C 473 -11.70 11.11 -6.51
CA ALA C 473 -10.59 10.21 -6.22
C ALA C 473 -9.92 9.71 -7.49
N SER C 474 -10.72 9.30 -8.47
CA SER C 474 -10.17 8.92 -9.77
C SER C 474 -9.56 10.13 -10.46
N GLU C 475 -10.19 11.29 -10.34
CA GLU C 475 -9.62 12.51 -10.91
C GLU C 475 -8.35 12.93 -10.17
N TRP C 476 -8.26 12.68 -8.87
CA TRP C 476 -7.06 13.01 -8.12
C TRP C 476 -5.91 12.10 -8.50
N ILE C 477 -6.18 10.80 -8.66
CA ILE C 477 -5.12 9.89 -9.08
C ILE C 477 -4.79 10.04 -10.55
N ASN C 478 -5.68 10.63 -11.34
CA ASN C 478 -5.36 10.91 -12.74
C ASN C 478 -4.77 12.31 -12.92
N GLY C 479 -5.37 13.33 -12.31
CA GLY C 479 -4.92 14.69 -12.48
C GLY C 479 -5.27 15.21 -13.87
N GLY C 480 -4.63 16.31 -14.23
CA GLY C 480 -4.76 16.85 -15.57
C GLY C 480 -5.63 18.08 -15.65
N ILE C 481 -6.13 18.33 -16.85
CA ILE C 481 -6.89 19.53 -17.17
C ILE C 481 -8.27 19.15 -17.68
N ARG C 482 -9.29 19.78 -17.13
CA ARG C 482 -10.66 19.59 -17.54
C ARG C 482 -11.03 20.61 -18.59
N ILE C 483 -11.83 20.21 -19.57
CA ILE C 483 -12.20 21.08 -20.69
C ILE C 483 -13.68 21.39 -20.57
N LEU C 484 -14.01 22.68 -20.58
CA LEU C 484 -15.40 23.09 -20.60
C LEU C 484 -15.71 23.51 -22.02
N PRO C 485 -16.51 22.75 -22.77
CA PRO C 485 -16.70 23.03 -24.19
C PRO C 485 -17.58 24.26 -24.39
N GLY C 486 -17.58 24.72 -25.64
CA GLY C 486 -18.36 25.88 -26.01
C GLY C 486 -19.34 25.61 -27.13
N ASP C 487 -19.80 26.67 -27.80
CA ASP C 487 -20.80 26.54 -28.85
C ASP C 487 -20.26 26.89 -30.23
N LYS C 488 -19.50 27.97 -30.35
CA LYS C 488 -18.97 28.36 -31.64
C LYS C 488 -17.74 29.23 -31.41
N GLY C 489 -16.68 28.94 -32.16
CA GLY C 489 -15.46 29.69 -32.00
C GLY C 489 -14.58 29.54 -33.22
N GLU C 490 -13.46 30.26 -33.18
CA GLU C 490 -12.51 30.27 -34.29
C GLU C 490 -11.20 29.59 -33.91
N MET C 491 -11.13 28.98 -32.73
CA MET C 491 -9.94 28.24 -32.28
C MET C 491 -8.70 29.12 -32.24
N LYS C 492 -8.73 30.13 -31.37
CA LYS C 492 -7.58 31.00 -31.24
C LYS C 492 -6.40 30.25 -30.65
N ALA C 493 -5.21 30.86 -30.75
CA ALA C 493 -3.99 30.18 -30.33
C ALA C 493 -3.87 30.04 -28.82
N SER C 494 -3.68 31.15 -28.14
CA SER C 494 -3.47 31.11 -26.70
C SER C 494 -4.78 30.89 -25.96
N TYR C 495 -4.67 30.39 -24.75
CA TYR C 495 -5.80 30.14 -23.89
C TYR C 495 -5.35 30.43 -22.46
N PRO C 496 -6.25 30.83 -21.59
CA PRO C 496 -5.90 30.89 -20.18
C PRO C 496 -6.28 29.58 -19.48
N LEU C 497 -5.58 29.32 -18.39
CA LEU C 497 -5.84 28.20 -17.50
C LEU C 497 -6.39 28.74 -16.20
N TYR C 498 -7.55 28.25 -15.78
CA TYR C 498 -8.19 28.76 -14.58
C TYR C 498 -7.85 27.89 -13.39
N ALA C 499 -7.75 28.54 -12.25
CA ALA C 499 -7.32 27.84 -11.03
C ALA C 499 -8.36 26.85 -10.54
N ASN C 500 -9.63 27.22 -10.55
CA ASN C 500 -10.63 26.31 -10.06
C ASN C 500 -11.92 26.53 -10.85
N LEU C 501 -12.93 25.76 -10.49
CA LEU C 501 -14.19 25.81 -11.23
C LEU C 501 -14.87 27.15 -11.09
N GLU C 502 -14.90 27.72 -9.88
CA GLU C 502 -15.61 28.98 -9.66
C GLU C 502 -15.06 30.09 -10.54
N LYS C 503 -13.74 30.23 -10.60
CA LYS C 503 -13.14 31.27 -11.43
C LYS C 503 -13.48 31.06 -12.90
N ALA C 504 -13.49 29.81 -13.34
CA ALA C 504 -13.85 29.51 -14.71
C ALA C 504 -15.28 29.91 -15.02
N LEU C 505 -16.21 29.61 -14.12
CA LEU C 505 -17.59 30.00 -14.32
C LEU C 505 -17.74 31.51 -14.32
N GLU C 506 -17.06 32.19 -13.40
CA GLU C 506 -17.11 33.65 -13.32
C GLU C 506 -16.26 34.31 -14.40
N ASN C 507 -15.51 33.54 -15.17
CA ASN C 507 -14.61 34.05 -16.20
C ASN C 507 -13.62 35.08 -15.65
N SER C 508 -13.15 34.83 -14.43
CA SER C 508 -12.19 35.69 -13.76
C SER C 508 -10.85 35.00 -13.75
N LEU C 509 -9.85 35.62 -14.39
CA LEU C 509 -8.50 35.09 -14.45
C LEU C 509 -7.55 35.76 -13.47
N SER C 510 -8.08 36.51 -12.52
CA SER C 510 -7.26 37.20 -11.53
C SER C 510 -7.78 36.88 -10.13
N ASP C 511 -6.86 36.90 -9.17
CA ASP C 511 -7.21 36.55 -7.79
C ASP C 511 -8.15 37.59 -7.19
N LEU C 512 -7.83 38.84 -7.31
CA LEU C 512 -8.69 39.88 -6.78
C LEU C 512 -9.70 40.29 -7.85
N PRO C 513 -10.97 40.36 -7.51
CA PRO C 513 -11.96 40.82 -8.49
C PRO C 513 -11.85 42.32 -8.73
N THR C 514 -12.31 42.71 -9.90
CA THR C 514 -12.22 44.10 -10.29
C THR C 514 -13.12 44.97 -9.42
N THR C 515 -12.65 46.16 -9.11
CA THR C 515 -13.43 47.10 -8.31
C THR C 515 -14.60 47.60 -9.13
N THR C 516 -15.71 47.80 -8.48
CA THR C 516 -16.89 48.33 -9.15
C THR C 516 -17.45 49.54 -8.44
N VAL C 517 -17.49 49.53 -7.11
CA VAL C 517 -18.07 50.61 -6.33
C VAL C 517 -17.03 51.08 -5.32
N SER C 518 -16.89 52.39 -5.17
CA SER C 518 -16.03 52.98 -4.17
C SER C 518 -16.85 53.86 -3.25
N LEU C 519 -16.71 53.66 -1.94
CA LEU C 519 -17.44 54.41 -0.94
C LEU C 519 -16.45 54.99 0.06
N SER C 520 -16.82 56.14 0.64
CA SER C 520 -16.02 56.81 1.65
C SER C 520 -16.81 56.90 2.93
N ALA C 521 -16.20 56.51 4.04
CA ALA C 521 -16.86 56.53 5.33
C ALA C 521 -15.97 57.17 6.38
N GLU C 522 -16.60 57.85 7.34
CA GLU C 522 -15.85 58.46 8.42
C GLU C 522 -15.34 57.40 9.40
N THR C 523 -16.20 56.47 9.78
CA THR C 523 -15.84 55.35 10.64
C THR C 523 -16.08 54.04 9.89
N LEU C 524 -15.89 52.93 10.60
CA LEU C 524 -15.99 51.60 10.02
C LEU C 524 -16.94 50.75 10.85
N PRO C 525 -18.23 50.96 10.70
CA PRO C 525 -19.17 50.26 11.60
C PRO C 525 -19.39 48.80 11.26
N ASP C 526 -18.75 47.92 12.03
CA ASP C 526 -18.99 46.48 12.00
C ASP C 526 -18.86 45.89 10.59
N VAL C 527 -17.89 46.40 9.83
CA VAL C 527 -17.65 45.94 8.47
C VAL C 527 -16.16 45.72 8.29
N GLN C 528 -15.80 44.69 7.53
CA GLN C 528 -14.41 44.39 7.25
C GLN C 528 -14.34 43.76 5.87
N ALA C 529 -13.17 43.25 5.51
CA ALA C 529 -13.02 42.58 4.24
C ALA C 529 -13.79 41.27 4.22
N GLY C 530 -14.43 40.99 3.09
CA GLY C 530 -15.22 39.80 2.94
C GLY C 530 -16.65 39.90 3.40
N SER C 531 -17.10 41.05 3.87
CA SER C 531 -18.48 41.21 4.29
C SER C 531 -19.41 41.26 3.07
N VAL C 532 -20.67 40.90 3.30
CA VAL C 532 -21.61 40.77 2.19
C VAL C 532 -22.24 42.12 1.85
N VAL C 533 -22.70 42.23 0.61
CA VAL C 533 -23.44 43.39 0.14
C VAL C 533 -24.85 42.94 -0.19
N LEU C 534 -25.84 43.56 0.45
CA LEU C 534 -27.22 43.10 0.38
C LEU C 534 -28.12 44.12 -0.29
N TYR C 535 -28.90 43.66 -1.26
CA TYR C 535 -29.97 44.44 -1.84
C TYR C 535 -31.28 43.85 -1.33
N ARG C 536 -31.91 44.55 -0.40
CA ARG C 536 -33.11 44.06 0.27
C ARG C 536 -32.89 42.68 0.86
N LYS C 537 -31.77 42.53 1.56
CA LYS C 537 -31.37 41.28 2.20
C LYS C 537 -31.20 40.13 1.22
N PHE C 538 -30.60 40.41 0.07
CA PHE C 538 -30.26 39.38 -0.91
C PHE C 538 -28.79 39.48 -1.25
N GLU C 539 -28.08 38.36 -1.20
CA GLU C 539 -26.62 38.39 -1.37
C GLU C 539 -26.27 38.76 -2.80
N VAL C 540 -25.71 39.95 -2.98
CA VAL C 540 -25.27 40.45 -4.28
C VAL C 540 -23.86 40.99 -4.10
N GLY C 541 -22.87 40.19 -4.45
CA GLY C 541 -21.51 40.67 -4.40
C GLY C 541 -20.94 40.66 -3.00
N GLU C 542 -19.73 41.19 -2.90
CA GLU C 542 -19.01 41.18 -1.63
C GLU C 542 -18.05 42.35 -1.59
N VAL C 543 -17.68 42.72 -0.37
CA VAL C 543 -16.70 43.77 -0.18
C VAL C 543 -15.33 43.28 -0.61
N ILE C 544 -14.67 44.02 -1.48
CA ILE C 544 -13.34 43.62 -1.92
C ILE C 544 -12.31 44.00 -0.88
N THR C 545 -12.29 45.28 -0.48
CA THR C 545 -11.23 45.68 0.45
C THR C 545 -11.60 46.99 1.13
N VAL C 546 -10.84 47.30 2.18
CA VAL C 546 -10.95 48.53 2.95
C VAL C 546 -9.56 49.09 3.15
N ARG C 547 -9.39 50.38 2.87
CA ARG C 547 -8.08 51.02 3.03
C ARG C 547 -8.19 52.29 3.86
N PRO C 548 -7.15 52.62 4.60
CA PRO C 548 -7.17 53.86 5.40
C PRO C 548 -6.64 55.06 4.62
N ARG C 549 -7.39 55.49 3.62
CA ARG C 549 -6.99 56.63 2.81
C ARG C 549 -7.22 57.92 3.58
N ALA C 550 -6.14 58.69 3.77
CA ALA C 550 -6.17 59.94 4.53
C ALA C 550 -6.77 59.74 5.92
N ASN C 551 -7.91 60.37 6.18
CA ASN C 551 -8.62 60.17 7.43
C ASN C 551 -9.93 59.41 7.27
N ALA C 552 -10.43 59.26 6.04
CA ALA C 552 -11.72 58.64 5.80
C ALA C 552 -11.51 57.28 5.14
N PHE C 553 -12.05 56.24 5.76
CA PHE C 553 -11.80 54.88 5.29
C PHE C 553 -12.50 54.66 3.95
N ASP C 554 -11.74 54.11 3.01
CA ASP C 554 -12.17 53.90 1.63
C ASP C 554 -12.54 52.43 1.43
N ILE C 555 -13.78 52.15 1.03
CA ILE C 555 -14.28 50.79 0.89
C ILE C 555 -14.56 50.51 -0.57
N ASP C 556 -13.90 49.48 -1.13
CA ASP C 556 -14.11 49.04 -2.50
C ASP C 556 -14.90 47.73 -2.52
N LEU C 557 -15.96 47.72 -3.33
CA LEU C 557 -16.94 46.65 -3.39
C LEU C 557 -17.14 46.18 -4.82
N HIS C 558 -17.58 44.92 -4.93
CA HIS C 558 -17.87 44.25 -6.19
C HIS C 558 -19.27 43.68 -6.14
N ILE C 559 -19.97 43.74 -7.26
CA ILE C 559 -21.28 43.12 -7.40
C ILE C 559 -21.26 42.23 -8.62
N LYS C 560 -22.16 41.26 -8.63
CA LYS C 560 -22.23 40.36 -9.75
C LYS C 560 -22.71 41.09 -11.00
N PRO C 561 -22.20 40.74 -12.16
CA PRO C 561 -22.61 41.44 -13.39
C PRO C 561 -24.08 41.30 -13.70
N GLU C 562 -24.67 40.14 -13.41
CA GLU C 562 -26.08 39.94 -13.67
C GLU C 562 -26.96 40.87 -12.85
N TYR C 563 -26.46 41.33 -11.72
CA TYR C 563 -27.17 42.31 -10.90
C TYR C 563 -26.60 43.71 -11.05
N ARG C 564 -25.69 43.92 -11.98
CA ARG C 564 -25.06 45.22 -12.15
C ARG C 564 -26.05 46.28 -12.61
N ASN C 565 -27.23 45.89 -13.09
CA ASN C 565 -28.28 46.83 -13.44
C ASN C 565 -29.10 47.29 -12.25
N LEU C 566 -28.85 46.75 -11.06
CA LEU C 566 -29.66 47.06 -9.88
C LEU C 566 -29.37 48.41 -9.26
N LEU C 567 -28.30 49.10 -9.66
CA LEU C 567 -28.00 50.40 -9.09
C LEU C 567 -28.11 51.48 -10.15
N THR C 568 -28.37 52.70 -9.69
CA THR C 568 -28.49 53.85 -10.57
C THR C 568 -27.76 55.02 -9.91
N SER C 569 -28.01 56.22 -10.46
CA SER C 569 -27.38 57.43 -9.93
C SER C 569 -27.82 57.69 -8.49
N ASN C 570 -29.08 57.41 -8.17
CA ASN C 570 -29.58 57.63 -6.83
C ASN C 570 -29.55 56.30 -6.09
N SER C 571 -28.60 56.16 -5.17
CA SER C 571 -28.47 54.93 -4.39
C SER C 571 -27.84 55.22 -3.04
N VAL C 572 -28.50 54.78 -1.99
CA VAL C 572 -28.08 54.99 -0.61
C VAL C 572 -27.52 53.67 -0.10
N PHE C 573 -26.57 53.77 0.84
CA PHE C 573 -25.88 52.63 1.44
C PHE C 573 -25.84 52.78 2.95
N TRP C 574 -26.27 51.75 3.68
CA TRP C 574 -26.21 51.71 5.13
C TRP C 574 -25.76 50.33 5.56
N ALA C 575 -25.08 50.24 6.71
CA ALA C 575 -24.51 48.96 7.12
C ALA C 575 -25.23 48.36 8.32
N GLU C 576 -25.18 47.03 8.39
CA GLU C 576 -25.73 46.22 9.47
C GLU C 576 -24.64 45.35 10.08
N GLY C 577 -24.73 45.13 11.39
CA GLY C 577 -23.76 44.32 12.10
C GLY C 577 -24.02 42.83 11.98
N GLY C 578 -23.86 42.10 13.08
CA GLY C 578 -24.05 40.67 13.05
C GLY C 578 -25.46 40.18 13.30
N ALA C 579 -25.60 39.23 14.21
CA ALA C 579 -26.91 38.65 14.49
C ALA C 579 -27.75 39.62 15.30
N LYS C 580 -28.98 39.86 14.84
CA LYS C 580 -29.88 40.79 15.51
C LYS C 580 -31.09 40.05 16.06
N VAL C 581 -31.23 40.02 17.38
CA VAL C 581 -32.35 39.37 18.04
C VAL C 581 -33.28 40.47 18.55
N GLN C 582 -34.53 40.44 18.11
CA GLN C 582 -35.50 41.48 18.45
C GLN C 582 -36.76 40.85 19.02
N LEU C 583 -37.23 41.35 20.16
CA LEU C 583 -38.45 40.88 20.81
C LEU C 583 -39.43 42.05 20.88
N ASN C 584 -40.52 41.96 20.12
CA ASN C 584 -41.54 42.99 20.11
C ASN C 584 -42.91 42.40 20.40
N GLY C 585 -43.97 43.21 20.25
CA GLY C 585 -45.31 42.71 20.47
C GLY C 585 -45.79 41.74 19.42
N SER C 586 -45.22 41.79 18.22
CA SER C 586 -45.60 40.84 17.18
C SER C 586 -44.99 39.45 17.41
N GLY C 587 -43.81 39.39 18.02
CA GLY C 587 -43.17 38.12 18.27
C GLY C 587 -41.66 38.24 18.46
N LEU C 588 -40.90 37.36 17.83
CA LEU C 588 -39.45 37.37 17.92
C LEU C 588 -38.86 37.24 16.53
N THR C 589 -37.93 38.12 16.20
CA THR C 589 -37.22 38.09 14.92
C THR C 589 -35.74 37.83 15.14
N VAL C 590 -35.21 36.80 14.49
CA VAL C 590 -33.79 36.46 14.54
C VAL C 590 -33.20 36.75 13.16
N GLN C 591 -32.53 37.89 13.04
CA GLN C 591 -31.93 38.33 11.79
C GLN C 591 -30.45 37.94 11.80
N ALA C 592 -30.21 36.67 11.45
CA ALA C 592 -28.87 36.10 11.33
C ALA C 592 -28.79 35.13 10.17
N SER C 593 -29.57 35.36 9.11
CA SER C 593 -29.70 34.36 8.06
C SER C 593 -28.38 34.07 7.34
N PRO C 594 -27.61 35.04 6.87
CA PRO C 594 -26.34 34.68 6.26
C PRO C 594 -25.26 34.54 7.32
N LEU C 595 -24.55 33.42 7.29
CA LEU C 595 -23.50 33.17 8.26
C LEU C 595 -22.36 34.18 8.10
N SER C 596 -22.02 34.51 6.87
CA SER C 596 -20.97 35.48 6.62
C SER C 596 -21.36 36.85 7.14
N ARG C 597 -22.65 37.17 7.16
CA ARG C 597 -23.09 38.41 7.78
C ARG C 597 -22.86 38.40 9.29
N ALA C 598 -23.25 37.31 9.94
CA ALA C 598 -23.05 37.22 11.37
C ALA C 598 -21.59 37.13 11.76
N LEU C 599 -20.72 36.71 10.84
CA LEU C 599 -19.29 36.66 11.12
C LEU C 599 -18.54 37.92 10.69
N LYS C 600 -18.97 38.59 9.64
CA LYS C 600 -18.28 39.76 9.12
C LYS C 600 -19.13 41.00 9.14
N GLY C 601 -20.34 40.95 8.60
CA GLY C 601 -21.21 42.11 8.56
C GLY C 601 -21.92 42.25 7.22
N ALA C 602 -22.75 43.26 7.05
CA ALA C 602 -23.50 43.42 5.81
C ALA C 602 -23.63 44.89 5.45
N ILE C 603 -23.70 45.17 4.15
CA ILE C 603 -23.89 46.53 3.65
C ILE C 603 -25.09 46.56 2.71
N SER C 604 -26.23 47.02 3.21
CA SER C 604 -27.47 47.08 2.46
C SER C 604 -27.58 48.37 1.64
N PHE C 605 -28.23 48.27 0.47
CA PHE C 605 -28.34 49.44 -0.40
C PHE C 605 -29.72 49.49 -1.06
N ASP C 606 -30.06 50.67 -1.60
CA ASP C 606 -31.36 50.84 -2.27
C ASP C 606 -31.34 52.15 -3.04
N ASN C 607 -32.34 52.36 -3.89
CA ASN C 607 -32.44 53.58 -4.69
C ASN C 607 -33.42 54.56 -4.07
N LEU C 608 -33.11 55.85 -4.15
CA LEU C 608 -33.96 56.89 -3.59
C LEU C 608 -34.30 57.96 -4.63
N SER C 609 -34.87 59.08 -4.20
CA SER C 609 -35.26 60.16 -5.10
C SER C 609 -34.40 61.41 -4.96
N GLY C 610 -34.24 61.92 -3.75
CA GLY C 610 -33.48 63.13 -3.49
C GLY C 610 -32.07 62.91 -2.99
N ALA C 611 -31.48 61.74 -3.26
CA ALA C 611 -30.14 61.45 -2.74
C ALA C 611 -29.05 62.32 -3.34
N SER C 612 -29.26 62.86 -4.54
CA SER C 612 -28.24 63.69 -5.16
C SER C 612 -28.15 65.06 -4.47
N LYS C 620 -17.78 61.60 -2.30
CA LYS C 620 -18.48 60.44 -2.83
C LYS C 620 -19.69 60.11 -1.97
N ARG C 621 -20.29 58.96 -2.23
CA ARG C 621 -21.41 58.50 -1.42
C ARG C 621 -20.93 58.10 -0.03
N ILE C 622 -21.75 58.42 0.96
CA ILE C 622 -21.41 58.16 2.36
C ILE C 622 -22.14 56.91 2.82
N LEU C 623 -21.39 55.98 3.40
CA LEU C 623 -22.01 54.82 4.03
C LEU C 623 -22.57 55.22 5.40
N TYR C 624 -23.87 55.07 5.57
CA TYR C 624 -24.53 55.48 6.80
C TYR C 624 -24.60 54.31 7.77
N ALA C 625 -25.09 54.58 8.99
CA ALA C 625 -25.16 53.57 10.02
C ALA C 625 -26.52 52.92 10.15
N SER C 626 -27.59 53.57 9.69
CA SER C 626 -28.93 53.01 9.78
C SER C 626 -29.70 53.31 8.51
N GLU C 627 -30.78 52.56 8.30
CA GLU C 627 -31.64 52.82 7.16
C GLU C 627 -32.30 54.18 7.27
N THR C 628 -32.74 54.54 8.47
CA THR C 628 -33.40 55.83 8.65
C THR C 628 -32.45 57.00 8.40
N ALA C 629 -31.18 56.86 8.75
CA ALA C 629 -30.21 57.92 8.46
C ALA C 629 -30.02 58.09 6.96
N ALA C 630 -30.01 57.00 6.21
CA ALA C 630 -29.88 57.08 4.76
C ALA C 630 -31.14 57.63 4.11
N ARG C 631 -32.32 57.33 4.68
CA ARG C 631 -33.56 57.78 4.08
C ARG C 631 -33.82 59.26 4.29
N ALA C 632 -33.05 59.93 5.14
CA ALA C 632 -33.27 61.34 5.43
C ALA C 632 -32.83 62.24 4.28
N VAL C 633 -33.76 62.60 3.40
CA VAL C 633 -33.50 63.53 2.31
C VAL C 633 -34.65 64.53 2.22
N GLY C 634 -34.37 65.68 1.62
CA GLY C 634 -35.34 66.73 1.44
C GLY C 634 -34.78 68.06 1.88
N GLY C 635 -35.68 69.02 2.13
CA GLY C 635 -35.24 70.32 2.57
C GLY C 635 -34.74 70.29 4.00
N GLN C 636 -33.95 71.31 4.36
CA GLN C 636 -33.32 71.35 5.68
C GLN C 636 -33.82 72.58 6.42
N ILE C 637 -34.21 72.39 7.69
CA ILE C 637 -34.69 73.46 8.54
C ILE C 637 -33.96 73.43 9.87
N THR C 638 -34.01 74.54 10.57
CA THR C 638 -33.34 74.72 11.85
C THR C 638 -34.36 75.11 12.91
N LEU C 639 -34.27 74.48 14.07
CA LEU C 639 -35.13 74.78 15.20
C LEU C 639 -34.27 75.24 16.37
N HIS C 640 -34.75 76.24 17.10
CA HIS C 640 -34.08 76.75 18.27
C HIS C 640 -34.85 76.34 19.51
N ALA C 641 -34.16 75.76 20.47
CA ALA C 641 -34.80 75.28 21.69
C ALA C 641 -34.05 75.79 22.91
N PHE C 642 -34.81 76.02 23.98
CA PHE C 642 -34.19 76.37 25.25
C PHE C 642 -33.62 75.17 25.98
N ASP C 643 -33.99 73.95 25.59
CA ASP C 643 -33.54 72.76 26.29
C ASP C 643 -33.65 71.59 25.32
N ALA C 644 -32.58 70.80 25.23
CA ALA C 644 -32.53 69.64 24.35
C ALA C 644 -32.72 68.33 25.10
N GLY C 645 -33.28 68.39 26.30
CA GLY C 645 -33.47 67.18 27.07
C GLY C 645 -34.48 66.23 26.43
N LYS C 646 -35.51 66.79 25.82
CA LYS C 646 -36.55 65.97 25.19
C LYS C 646 -36.26 65.65 23.74
N LEU C 647 -35.21 66.22 23.16
CA LEU C 647 -34.87 65.99 21.77
C LEU C 647 -33.82 64.89 21.65
N ALA C 648 -33.77 64.27 20.47
CA ALA C 648 -32.80 63.23 20.20
C ALA C 648 -32.54 63.17 18.70
N VAL C 649 -31.41 62.60 18.33
CA VAL C 649 -31.06 62.46 16.92
C VAL C 649 -31.86 61.31 16.33
N GLY C 650 -32.48 61.57 15.18
CA GLY C 650 -33.36 60.61 14.57
C GLY C 650 -34.78 60.66 15.07
N MET C 651 -35.14 61.67 15.84
CA MET C 651 -36.49 61.79 16.36
C MET C 651 -37.47 62.09 15.23
N PRO C 652 -38.52 61.30 15.07
CA PRO C 652 -39.45 61.54 13.97
C PRO C 652 -40.28 62.81 14.17
N ILE C 653 -40.65 63.42 13.05
CA ILE C 653 -41.55 64.57 13.00
C ILE C 653 -42.82 64.09 12.33
N ARG C 654 -43.96 64.26 13.02
CA ARG C 654 -45.21 63.67 12.59
C ARG C 654 -46.28 64.75 12.46
N TYR C 655 -47.03 64.72 11.37
CA TYR C 655 -48.23 65.51 11.20
C TYR C 655 -49.41 64.57 11.09
N LEU C 656 -50.39 64.73 11.98
CA LEU C 656 -51.57 63.88 12.06
C LEU C 656 -51.19 62.41 12.18
N GLY C 657 -50.09 62.14 12.88
CA GLY C 657 -49.62 60.78 13.05
C GLY C 657 -48.90 60.17 11.86
N ILE C 658 -48.54 60.96 10.87
CA ILE C 658 -47.83 60.49 9.69
C ILE C 658 -46.48 61.19 9.63
N ASP C 659 -45.41 60.43 9.45
CA ASP C 659 -44.06 60.98 9.44
C ASP C 659 -43.85 61.85 8.21
N ILE C 660 -43.36 63.06 8.43
CA ILE C 660 -43.08 64.00 7.35
C ILE C 660 -41.67 64.54 7.49
N GLY C 661 -41.00 64.26 8.60
CA GLY C 661 -39.70 64.83 8.83
C GLY C 661 -38.89 64.00 9.80
N GLN C 662 -37.69 64.48 10.09
CA GLN C 662 -36.75 63.77 10.95
C GLN C 662 -35.66 64.72 11.40
N ILE C 663 -35.36 64.70 12.70
CA ILE C 663 -34.25 65.51 13.23
C ILE C 663 -32.94 64.79 12.98
N GLN C 664 -31.97 65.49 12.41
CA GLN C 664 -30.71 64.87 12.06
C GLN C 664 -29.52 65.30 12.91
N THR C 665 -29.52 66.49 13.49
CA THR C 665 -28.40 66.79 14.39
C THR C 665 -28.81 67.83 15.44
N LEU C 666 -28.07 67.85 16.55
CA LEU C 666 -28.26 68.79 17.64
C LEU C 666 -26.92 69.44 17.97
N ASP C 667 -26.95 70.73 18.33
CA ASP C 667 -25.73 71.44 18.67
C ASP C 667 -26.02 72.48 19.74
N LEU C 668 -25.29 72.42 20.85
CA LEU C 668 -25.39 73.45 21.88
C LEU C 668 -24.62 74.69 21.48
N ILE C 669 -25.16 75.86 21.79
CA ILE C 669 -24.46 77.11 21.60
C ILE C 669 -24.30 77.77 22.94
N THR C 670 -23.06 78.15 23.27
CA THR C 670 -22.78 78.77 24.55
C THR C 670 -22.91 80.29 24.52
N ALA C 671 -22.68 80.91 23.37
CA ALA C 671 -22.85 82.35 23.25
C ALA C 671 -24.33 82.72 23.38
N ARG C 672 -25.15 82.23 22.48
CA ARG C 672 -26.60 82.31 22.62
C ARG C 672 -27.06 81.06 23.33
N ASN C 673 -27.60 81.23 24.54
CA ASN C 673 -27.88 80.10 25.43
C ASN C 673 -29.07 79.31 24.90
N GLU C 674 -28.80 78.44 23.94
CA GLU C 674 -29.85 77.68 23.27
C GLU C 674 -29.21 76.46 22.59
N VAL C 675 -30.07 75.64 22.02
CA VAL C 675 -29.66 74.47 21.25
C VAL C 675 -30.28 74.57 19.87
N GLN C 676 -29.46 74.45 18.84
CA GLN C 676 -29.92 74.46 17.46
C GLN C 676 -29.99 73.03 16.96
N ALA C 677 -31.16 72.64 16.49
CA ALA C 677 -31.40 71.31 15.94
C ALA C 677 -31.67 71.44 14.46
N LYS C 678 -30.88 70.75 13.64
CA LYS C 678 -31.10 70.72 12.21
C LYS C 678 -31.89 69.47 11.87
N ALA C 679 -32.95 69.64 11.08
CA ALA C 679 -33.85 68.57 10.71
C ALA C 679 -34.13 68.65 9.22
N VAL C 680 -34.69 67.58 8.67
CA VAL C 680 -35.01 67.47 7.25
C VAL C 680 -36.49 67.20 7.08
N LEU C 681 -37.10 67.92 6.15
CA LEU C 681 -38.45 67.64 5.70
C LEU C 681 -38.41 66.94 4.35
N TYR C 682 -39.25 65.92 4.21
CA TYR C 682 -39.29 65.12 3.00
C TYR C 682 -39.78 65.98 1.83
N PRO C 683 -39.36 65.66 0.60
CA PRO C 683 -39.68 66.52 -0.54
C PRO C 683 -41.16 66.65 -0.83
N GLU C 684 -41.99 65.70 -0.41
CA GLU C 684 -43.41 65.82 -0.65
C GLU C 684 -44.08 66.87 0.23
N TYR C 685 -43.45 67.21 1.35
CA TYR C 685 -44.07 68.10 2.34
C TYR C 685 -43.25 69.35 2.62
N VAL C 686 -42.18 69.59 1.89
CA VAL C 686 -41.34 70.76 2.17
C VAL C 686 -42.06 72.04 1.78
N GLN C 687 -42.83 72.01 0.70
CA GLN C 687 -43.54 73.21 0.26
C GLN C 687 -44.75 73.50 1.13
N THR C 688 -45.47 72.46 1.54
CA THR C 688 -46.69 72.65 2.32
C THR C 688 -46.38 73.24 3.69
N PHE C 689 -45.37 72.72 4.36
CA PHE C 689 -44.93 73.27 5.63
C PHE C 689 -43.81 74.27 5.39
N ALA C 690 -43.17 74.72 6.45
CA ALA C 690 -42.09 75.70 6.38
C ALA C 690 -42.54 76.99 5.68
N ARG C 691 -43.68 77.51 6.10
CA ARG C 691 -44.27 78.69 5.48
C ARG C 691 -44.53 79.81 6.48
N GLY C 692 -43.93 79.75 7.65
CA GLY C 692 -44.18 80.77 8.64
C GLY C 692 -45.49 80.58 9.35
N GLY C 693 -45.49 80.75 10.66
CA GLY C 693 -46.64 80.40 11.45
C GLY C 693 -46.75 78.93 11.78
N THR C 694 -45.79 78.11 11.34
CA THR C 694 -45.76 76.70 11.66
C THR C 694 -45.24 76.49 13.07
N ARG C 695 -45.90 75.61 13.82
CA ARG C 695 -45.53 75.37 15.20
C ARG C 695 -45.05 73.94 15.38
N PHE C 696 -43.98 73.77 16.13
CA PHE C 696 -43.41 72.46 16.44
C PHE C 696 -43.46 72.25 17.95
N SER C 697 -43.88 71.07 18.39
CA SER C 697 -43.94 70.80 19.82
C SER C 697 -43.61 69.35 20.10
N VAL C 698 -42.83 69.10 21.15
CA VAL C 698 -42.53 67.74 21.58
C VAL C 698 -43.68 67.23 22.45
N VAL C 699 -44.16 66.03 22.15
CA VAL C 699 -45.22 65.40 22.93
C VAL C 699 -44.61 64.56 24.03
N THR C 700 -45.22 64.59 25.20
CA THR C 700 -44.77 63.89 26.39
C THR C 700 -45.92 63.11 27.00
N PRO C 701 -45.64 62.01 27.68
CA PRO C 701 -46.70 61.28 28.36
C PRO C 701 -47.32 62.08 29.49
N GLN C 702 -48.61 61.90 29.68
CA GLN C 702 -49.39 62.60 30.70
C GLN C 702 -50.11 61.59 31.57
N ILE C 703 -49.56 61.33 32.75
CA ILE C 703 -50.12 60.39 33.71
C ILE C 703 -50.49 61.16 34.97
N SER C 704 -51.77 61.15 35.31
CA SER C 704 -52.27 61.86 36.47
C SER C 704 -53.42 61.06 37.07
N ALA C 705 -54.02 61.62 38.12
CA ALA C 705 -55.21 61.02 38.69
C ALA C 705 -56.42 61.20 37.80
N ALA C 706 -56.41 62.19 36.92
CA ALA C 706 -57.52 62.40 36.01
C ALA C 706 -57.53 61.36 34.91
N GLY C 707 -56.37 60.97 34.40
CA GLY C 707 -56.32 59.97 33.35
C GLY C 707 -54.94 59.95 32.71
N VAL C 708 -54.82 59.07 31.72
CA VAL C 708 -53.59 58.92 30.93
C VAL C 708 -53.90 59.25 29.48
N GLU C 709 -53.06 60.07 28.86
CA GLU C 709 -53.31 60.55 27.51
C GLU C 709 -52.41 59.92 26.46
N HIS C 710 -51.10 60.03 26.61
CA HIS C 710 -50.15 59.47 25.67
C HIS C 710 -49.29 58.46 26.40
N LEU C 711 -49.23 57.25 25.87
CA LEU C 711 -48.40 56.21 26.44
C LEU C 711 -47.41 55.62 25.47
N ASP C 712 -47.59 55.85 24.17
CA ASP C 712 -46.61 55.41 23.19
C ASP C 712 -45.35 56.27 23.20
N THR C 713 -45.38 57.43 23.84
CA THR C 713 -44.24 58.32 23.91
C THR C 713 -43.33 58.00 25.09
N ILE C 714 -43.63 56.95 25.85
CA ILE C 714 -42.69 56.47 26.86
C ILE C 714 -41.41 55.98 26.20
N LEU C 715 -41.53 55.24 25.12
CA LEU C 715 -40.39 54.69 24.40
C LEU C 715 -40.10 55.39 23.09
N GLN C 716 -41.10 55.93 22.40
CA GLN C 716 -40.91 56.54 21.09
C GLN C 716 -41.58 57.90 21.06
N PRO C 717 -40.93 58.93 21.60
CA PRO C 717 -41.48 60.28 21.47
C PRO C 717 -41.30 60.84 20.07
N TYR C 718 -42.11 61.83 19.74
CA TYR C 718 -42.09 62.45 18.42
C TYR C 718 -42.37 63.93 18.56
N ILE C 719 -42.52 64.61 17.43
CA ILE C 719 -42.76 66.05 17.38
C ILE C 719 -44.01 66.29 16.55
N ASN C 720 -44.96 67.03 17.11
CA ASN C 720 -46.19 67.38 16.43
C ASN C 720 -46.05 68.73 15.74
N VAL C 721 -46.68 68.87 14.58
CA VAL C 721 -46.52 70.03 13.72
C VAL C 721 -47.90 70.60 13.41
N GLU C 722 -48.05 71.91 13.60
CA GLU C 722 -49.23 72.65 13.16
C GLU C 722 -48.84 73.54 12.00
N PRO C 723 -49.36 73.31 10.80
CA PRO C 723 -48.95 74.11 9.64
C PRO C 723 -49.49 75.53 9.70
N GLY C 724 -48.81 76.42 8.98
CA GLY C 724 -49.20 77.80 8.90
C GLY C 724 -49.22 78.28 7.45
N ARG C 725 -49.61 79.54 7.28
CA ARG C 725 -49.70 80.17 5.97
C ARG C 725 -48.90 81.46 5.98
N GLY C 726 -48.15 81.67 4.91
CA GLY C 726 -47.34 82.87 4.79
C GLY C 726 -46.13 82.62 3.91
N ASN C 727 -45.19 83.54 3.97
CA ASN C 727 -43.98 83.42 3.19
C ASN C 727 -43.07 82.35 3.78
N PRO C 728 -42.26 81.68 2.95
CA PRO C 728 -41.33 80.68 3.47
C PRO C 728 -40.34 81.27 4.45
N ARG C 729 -40.14 80.57 5.57
CA ARG C 729 -39.33 81.05 6.67
C ARG C 729 -38.08 80.24 6.90
N ARG C 730 -38.23 78.92 7.08
CA ARG C 730 -37.13 77.98 7.28
C ARG C 730 -36.31 78.23 8.54
N ASP C 731 -36.86 78.98 9.51
CA ASP C 731 -36.20 79.20 10.80
C ASP C 731 -37.29 79.29 11.85
N PHE C 732 -37.40 78.28 12.70
CA PHE C 732 -38.46 78.19 13.68
C PHE C 732 -37.89 77.94 15.06
N GLU C 733 -38.76 77.97 16.06
CA GLU C 733 -38.37 77.69 17.42
C GLU C 733 -39.37 76.72 18.04
N LEU C 734 -38.90 75.94 18.99
CA LEU C 734 -39.71 74.92 19.62
C LEU C 734 -40.67 75.55 20.62
N GLN C 735 -41.93 75.16 20.55
CA GLN C 735 -42.96 75.67 21.43
C GLN C 735 -43.17 74.71 22.59
N GLU C 736 -44.20 74.97 23.39
CA GLU C 736 -44.54 74.13 24.53
C GLU C 736 -45.82 73.33 24.33
N ALA C 737 -46.85 73.93 23.73
CA ALA C 737 -48.10 73.24 23.48
C ALA C 737 -48.56 73.51 22.05
N THR C 738 -49.28 72.54 21.48
CA THR C 738 -49.77 72.64 20.12
C THR C 738 -51.04 71.81 19.99
N ILE C 739 -52.04 72.39 19.31
CA ILE C 739 -53.31 71.70 19.11
C ILE C 739 -53.09 70.53 18.18
N THR C 740 -53.26 69.31 18.70
CA THR C 740 -53.12 68.10 17.89
C THR C 740 -54.45 67.62 17.33
N ASP C 741 -55.20 68.54 16.72
CA ASP C 741 -56.51 68.21 16.17
C ASP C 741 -56.59 68.43 14.67
N SER C 742 -56.26 69.64 14.22
CA SER C 742 -56.38 70.03 12.81
C SER C 742 -57.81 69.83 12.29
N ARG C 743 -58.80 70.06 13.15
CA ARG C 743 -60.19 70.08 12.72
C ARG C 743 -60.85 71.43 12.93
N TYR C 744 -60.26 72.30 13.72
CA TYR C 744 -60.72 73.68 13.87
C TYR C 744 -59.94 74.63 12.97
N LEU C 745 -59.13 74.10 12.05
CA LEU C 745 -58.20 74.93 11.31
C LEU C 745 -58.90 75.82 10.29
N ASP C 746 -60.03 75.39 9.76
CA ASP C 746 -60.70 76.09 8.67
C ASP C 746 -61.67 77.15 9.14
N GLY C 747 -61.97 77.25 10.43
CA GLY C 747 -63.03 78.11 10.92
C GLY C 747 -62.58 79.53 11.23
N LEU C 748 -63.50 80.29 11.81
CA LEU C 748 -63.21 81.67 12.18
C LEU C 748 -62.21 81.73 13.31
N SER C 749 -61.33 82.72 13.25
CA SER C 749 -60.33 82.92 14.28
C SER C 749 -60.59 84.27 14.94
N ILE C 750 -61.28 84.25 16.07
CA ILE C 750 -61.72 85.47 16.73
C ILE C 750 -60.84 85.73 17.94
N ILE C 751 -60.93 86.95 18.48
CA ILE C 751 -60.11 87.42 19.59
C ILE C 751 -61.03 87.86 20.72
N VAL C 752 -60.69 87.48 21.95
CA VAL C 752 -61.41 87.88 23.15
C VAL C 752 -60.45 88.60 24.07
N GLU C 753 -60.84 89.76 24.57
CA GLU C 753 -60.01 90.57 25.45
C GLU C 753 -60.44 90.40 26.88
N ALA C 754 -59.49 90.08 27.75
CA ALA C 754 -59.77 89.88 29.16
C ALA C 754 -58.75 90.58 30.02
N PRO C 755 -59.15 91.08 31.18
CA PRO C 755 -58.18 91.68 32.09
C PRO C 755 -57.13 90.72 32.61
N GLU C 756 -57.48 89.45 32.78
CA GLU C 756 -56.59 88.48 33.41
C GLU C 756 -56.65 87.18 32.63
N ALA C 757 -55.54 86.46 32.61
CA ALA C 757 -55.50 85.17 31.93
C ALA C 757 -56.27 84.12 32.72
N GLY C 758 -55.83 83.85 33.95
CA GLY C 758 -56.54 82.88 34.77
C GLY C 758 -56.15 81.48 34.44
N SER C 759 -57.15 80.62 34.27
CA SER C 759 -56.93 79.21 34.00
C SER C 759 -56.89 78.89 32.52
N LEU C 760 -56.98 79.90 31.66
CA LEU C 760 -56.98 79.67 30.23
C LEU C 760 -55.62 79.20 29.74
N GLY C 761 -55.63 78.38 28.69
CA GLY C 761 -54.39 77.91 28.11
C GLY C 761 -54.67 77.37 26.72
N ILE C 762 -53.60 76.91 26.07
CA ILE C 762 -53.75 76.37 24.73
C ILE C 762 -54.44 75.02 24.79
N GLY C 763 -55.50 74.87 24.00
CA GLY C 763 -56.32 73.69 24.04
C GLY C 763 -57.53 73.76 24.92
N THR C 764 -57.79 74.90 25.55
CA THR C 764 -58.96 75.05 26.38
C THR C 764 -60.22 75.07 25.53
N PRO C 765 -61.21 74.24 25.82
CA PRO C 765 -62.39 74.18 24.96
C PRO C 765 -63.27 75.42 25.08
N VAL C 766 -63.99 75.70 23.99
CA VAL C 766 -65.04 76.71 23.94
C VAL C 766 -66.36 75.98 23.83
N LEU C 767 -67.31 76.33 24.70
CA LEU C 767 -68.55 75.58 24.84
C LEU C 767 -69.75 76.45 24.51
N PHE C 768 -70.61 75.93 23.64
CA PHE C 768 -71.92 76.52 23.39
C PHE C 768 -72.98 75.55 23.91
N ARG C 769 -73.75 76.00 24.89
CA ARG C 769 -74.76 75.17 25.54
C ARG C 769 -74.17 73.87 26.07
N GLY C 770 -72.94 73.94 26.54
CA GLY C 770 -72.27 72.77 27.05
C GLY C 770 -71.65 71.86 26.03
N LEU C 771 -71.71 72.18 24.75
CA LEU C 771 -71.14 71.36 23.70
C LEU C 771 -69.89 72.04 23.15
N GLU C 772 -68.81 71.28 22.99
CA GLU C 772 -67.55 71.85 22.56
C GLU C 772 -67.60 72.19 21.07
N VAL C 773 -67.44 73.48 20.75
CA VAL C 773 -67.44 73.94 19.37
C VAL C 773 -66.13 74.57 18.94
N GLY C 774 -65.17 74.75 19.82
CA GLY C 774 -63.92 75.38 19.43
C GLY C 774 -62.89 75.23 20.52
N THR C 775 -61.68 75.71 20.23
CA THR C 775 -60.57 75.62 21.17
C THR C 775 -59.85 76.95 21.21
N VAL C 776 -59.12 77.17 22.31
CA VAL C 776 -58.29 78.35 22.46
C VAL C 776 -56.98 78.11 21.75
N THR C 777 -56.73 78.86 20.67
CA THR C 777 -55.51 78.70 19.90
C THR C 777 -54.30 79.26 20.63
N GLY C 778 -54.42 80.46 21.19
CA GLY C 778 -53.26 81.05 21.82
C GLY C 778 -53.64 82.23 22.70
N MET C 779 -52.67 82.65 23.51
CA MET C 779 -52.83 83.77 24.42
C MET C 779 -51.62 84.69 24.31
N THR C 780 -51.85 86.00 24.37
CA THR C 780 -50.76 86.95 24.28
C THR C 780 -51.22 88.26 24.92
N LEU C 781 -50.37 89.27 24.85
CA LEU C 781 -50.67 90.62 25.33
C LEU C 781 -50.77 91.59 24.16
N GLY C 782 -51.35 92.75 24.44
CA GLY C 782 -51.45 93.78 23.44
C GLY C 782 -50.17 94.56 23.25
N THR C 783 -50.22 95.52 22.34
CA THR C 783 -49.09 96.41 22.14
C THR C 783 -48.83 97.22 23.40
N LEU C 784 -49.88 97.72 24.03
CA LEU C 784 -49.81 98.23 25.38
C LEU C 784 -50.27 97.12 26.32
N SER C 785 -49.49 96.87 27.36
CA SER C 785 -49.73 95.74 28.25
C SER C 785 -50.78 96.11 29.29
N ASP C 786 -52.01 96.26 28.82
CA ASP C 786 -53.13 96.56 29.67
C ASP C 786 -54.26 95.54 29.57
N ARG C 787 -54.14 94.55 28.69
CA ARG C 787 -55.14 93.50 28.59
C ARG C 787 -54.51 92.27 27.96
N VAL C 788 -55.19 91.14 28.10
CA VAL C 788 -54.75 89.87 27.55
C VAL C 788 -55.65 89.50 26.39
N MET C 789 -55.07 89.21 25.24
CA MET C 789 -55.82 88.85 24.04
C MET C 789 -55.74 87.34 23.84
N ILE C 790 -56.90 86.70 23.71
CA ILE C 790 -57.01 85.26 23.55
C ILE C 790 -57.56 85.00 22.16
N ALA C 791 -56.77 84.32 21.35
CA ALA C 791 -57.16 83.95 20.00
C ALA C 791 -57.72 82.55 20.00
N MET C 792 -58.94 82.38 19.48
CA MET C 792 -59.61 81.10 19.48
C MET C 792 -60.24 80.83 18.12
N ARG C 793 -60.35 79.55 17.76
CA ARG C 793 -60.91 79.13 16.49
C ARG C 793 -62.17 78.30 16.71
N ILE C 794 -63.18 78.54 15.88
CA ILE C 794 -64.44 77.82 15.94
C ILE C 794 -64.51 76.88 14.75
N SER C 795 -65.36 75.86 14.86
CA SER C 795 -65.52 74.90 13.79
C SER C 795 -66.24 75.51 12.61
N LYS C 796 -66.11 74.84 11.46
CA LYS C 796 -66.88 75.23 10.28
C LYS C 796 -68.36 74.98 10.48
N ARG C 797 -68.71 73.88 11.13
CA ARG C 797 -70.13 73.54 11.30
C ARG C 797 -70.82 74.53 12.22
N TYR C 798 -70.15 74.96 13.28
CA TYR C 798 -70.73 75.88 14.25
C TYR C 798 -70.30 77.32 14.03
N GLN C 799 -69.88 77.65 12.83
CA GLN C 799 -69.41 79.01 12.55
C GLN C 799 -70.57 80.01 12.58
N HIS C 800 -71.76 79.60 12.16
CA HIS C 800 -72.90 80.50 12.09
C HIS C 800 -73.44 80.90 13.45
N LEU C 801 -73.00 80.25 14.52
CA LEU C 801 -73.51 80.58 15.83
C LEU C 801 -72.99 81.90 16.36
N VAL C 802 -71.89 82.41 15.82
CA VAL C 802 -71.27 83.62 16.32
C VAL C 802 -71.82 84.81 15.55
N ARG C 803 -72.35 85.79 16.28
CA ARG C 803 -72.91 87.00 15.71
C ARG C 803 -72.17 88.22 16.26
N ASN C 804 -72.50 89.38 15.74
CA ASN C 804 -71.89 90.62 16.21
C ASN C 804 -72.27 90.92 17.66
N ASN C 805 -73.52 90.68 18.04
CA ASN C 805 -73.95 90.86 19.42
C ASN C 805 -73.97 89.49 20.10
N SER C 806 -72.79 89.01 20.46
CA SER C 806 -72.63 87.77 21.19
C SER C 806 -71.87 88.04 22.48
N VAL C 807 -72.32 87.41 23.55
CA VAL C 807 -71.72 87.60 24.87
C VAL C 807 -70.86 86.38 25.19
N PHE C 808 -69.63 86.65 25.62
CA PHE C 808 -68.66 85.63 26.03
C PHE C 808 -68.41 85.77 27.51
N TRP C 809 -68.46 84.66 28.24
CA TRP C 809 -68.13 84.65 29.65
C TRP C 809 -67.25 83.45 29.94
N LEU C 810 -66.67 83.44 31.15
CA LEU C 810 -65.68 82.47 31.54
C LEU C 810 -66.30 81.45 32.48
N ALA C 811 -66.31 80.18 32.06
CA ALA C 811 -66.80 79.09 32.87
C ALA C 811 -65.60 78.25 33.26
N SER C 812 -64.98 78.59 34.39
CA SER C 812 -63.79 77.92 34.88
C SER C 812 -64.02 77.48 36.32
N GLY C 813 -63.73 76.22 36.61
CA GLY C 813 -63.92 75.70 37.94
C GLY C 813 -65.40 75.53 38.28
N TYR C 814 -65.66 75.50 39.58
CA TYR C 814 -67.01 75.37 40.11
C TYR C 814 -67.45 76.69 40.71
N SER C 815 -68.63 77.15 40.34
CA SER C 815 -69.21 78.36 40.90
C SER C 815 -70.55 78.02 41.53
N LEU C 816 -70.77 78.49 42.75
CA LEU C 816 -72.02 78.24 43.45
C LEU C 816 -72.42 79.49 44.22
N ASP C 817 -73.72 79.60 44.47
CA ASP C 817 -74.29 80.71 45.22
C ASP C 817 -74.94 80.19 46.49
N PHE C 818 -74.69 80.89 47.59
CA PHE C 818 -75.17 80.51 48.91
C PHE C 818 -76.17 81.55 49.39
N GLY C 819 -77.32 81.08 49.88
CA GLY C 819 -78.36 81.95 50.40
C GLY C 819 -78.37 81.95 51.91
N LEU C 820 -78.88 83.05 52.49
CA LEU C 820 -78.94 83.16 53.94
C LEU C 820 -79.97 82.21 54.52
N THR C 821 -81.09 81.99 53.81
CA THR C 821 -82.14 81.11 54.27
C THR C 821 -82.18 79.77 53.54
N GLY C 822 -81.74 79.73 52.29
CA GLY C 822 -81.72 78.49 51.53
C GLY C 822 -80.45 78.30 50.74
N GLY C 823 -79.74 77.20 50.99
CA GLY C 823 -78.49 76.93 50.31
C GLY C 823 -78.51 75.65 49.53
N VAL C 824 -78.43 75.75 48.20
CA VAL C 824 -78.41 74.59 47.31
C VAL C 824 -77.15 74.66 46.48
N VAL C 825 -76.35 73.58 46.52
CA VAL C 825 -75.11 73.52 45.76
C VAL C 825 -75.15 72.31 44.83
N LYS C 826 -74.47 72.44 43.69
CA LYS C 826 -74.46 71.38 42.70
C LYS C 826 -73.06 71.25 42.10
N THR C 827 -72.71 70.02 41.72
CA THR C 827 -71.44 69.71 41.08
C THR C 827 -71.68 68.92 39.80
N GLY C 828 -70.71 68.96 38.89
CA GLY C 828 -70.86 68.29 37.62
C GLY C 828 -69.58 67.69 37.07
N THR C 829 -68.57 67.51 37.93
CA THR C 829 -67.23 66.98 37.58
C THR C 829 -66.74 67.46 36.21
N PHE C 830 -66.88 68.77 35.99
CA PHE C 830 -66.60 69.33 34.68
C PHE C 830 -65.10 69.30 34.38
N ASN C 831 -64.79 69.29 33.08
CA ASN C 831 -63.42 69.52 32.63
C ASN C 831 -62.96 70.96 32.83
N GLN C 832 -63.88 71.86 33.17
CA GLN C 832 -63.54 73.23 33.53
C GLN C 832 -62.73 73.30 34.81
N PHE C 833 -62.81 72.28 35.66
CA PHE C 833 -61.92 72.13 36.79
C PHE C 833 -60.59 71.50 36.41
N ILE C 834 -60.42 71.13 35.15
CA ILE C 834 -59.13 70.74 34.60
C ILE C 834 -58.61 71.76 33.60
N ARG C 835 -59.47 72.20 32.69
CA ARG C 835 -59.19 73.26 31.71
C ARG C 835 -60.42 74.16 31.67
N GLY C 836 -60.34 75.30 32.35
CA GLY C 836 -61.47 76.20 32.47
C GLY C 836 -61.90 76.84 31.16
N GLY C 837 -63.10 76.52 30.69
CA GLY C 837 -63.53 76.89 29.36
C GLY C 837 -64.16 78.26 29.27
N ILE C 838 -64.53 78.63 28.05
CA ILE C 838 -65.17 79.89 27.74
C ILE C 838 -66.48 79.59 27.03
N ALA C 839 -67.57 80.15 27.52
CA ALA C 839 -68.88 79.94 26.95
C ALA C 839 -69.37 81.21 26.27
N PHE C 840 -70.32 81.05 25.35
CA PHE C 840 -70.88 82.22 24.67
C PHE C 840 -72.34 81.97 24.33
N ALA C 841 -73.06 83.07 24.12
CA ALA C 841 -74.48 83.01 23.78
C ALA C 841 -74.86 84.25 22.99
N THR C 842 -76.10 84.25 22.49
CA THR C 842 -76.62 85.34 21.67
C THR C 842 -77.91 85.85 22.28
N PRO C 843 -78.03 87.15 22.58
CA PRO C 843 -79.28 87.66 23.12
C PRO C 843 -80.39 87.59 22.08
N PRO C 844 -81.64 87.49 22.52
CA PRO C 844 -82.74 87.41 21.56
C PRO C 844 -82.97 88.73 20.85
N GLY C 845 -83.53 88.62 19.64
CA GLY C 845 -83.86 89.77 18.84
C GLY C 845 -84.42 89.38 17.49
N THR C 846 -85.50 90.02 17.06
CA THR C 846 -86.13 89.64 15.79
C THR C 846 -85.22 89.88 14.58
N PRO C 847 -84.57 91.04 14.43
CA PRO C 847 -83.56 91.14 13.37
C PRO C 847 -82.20 90.64 13.86
N LEU C 848 -81.65 89.66 13.16
CA LEU C 848 -80.38 89.07 13.55
C LEU C 848 -79.21 89.94 13.08
N ALA C 849 -78.22 90.08 13.95
CA ALA C 849 -77.02 90.81 13.60
C ALA C 849 -76.22 90.02 12.56
N PRO C 850 -75.42 90.69 11.75
CA PRO C 850 -74.62 89.97 10.77
C PRO C 850 -73.59 89.07 11.42
N LYS C 851 -73.21 88.03 10.71
CA LYS C 851 -72.21 87.08 11.21
C LYS C 851 -70.87 87.79 11.39
N ALA C 852 -70.11 87.32 12.37
CA ALA C 852 -68.80 87.90 12.66
C ALA C 852 -67.83 87.64 11.51
N GLN C 853 -66.96 88.61 11.26
CA GLN C 853 -65.96 88.48 10.20
C GLN C 853 -64.77 87.69 10.71
N GLU C 854 -63.69 87.66 9.93
CA GLU C 854 -62.51 86.88 10.31
C GLU C 854 -61.82 87.48 11.53
N GLY C 855 -61.60 88.79 11.52
CA GLY C 855 -60.97 89.44 12.66
C GLY C 855 -61.97 90.24 13.47
N LYS C 856 -62.37 89.72 14.62
CA LYS C 856 -63.37 90.37 15.45
C LYS C 856 -62.93 90.30 16.90
N HIS C 857 -63.13 91.39 17.63
CA HIS C 857 -62.73 91.48 19.03
C HIS C 857 -63.98 91.57 19.89
N PHE C 858 -64.03 90.73 20.93
CA PHE C 858 -65.10 90.74 21.91
C PHE C 858 -64.49 91.02 23.28
N LEU C 859 -65.35 91.44 24.21
CA LEU C 859 -64.97 91.68 25.59
C LEU C 859 -65.52 90.56 26.47
N LEU C 860 -64.64 89.96 27.27
CA LEU C 860 -65.05 88.85 28.13
C LEU C 860 -65.82 89.40 29.33
N GLN C 861 -67.04 88.92 29.52
CA GLN C 861 -67.85 89.30 30.66
C GLN C 861 -67.27 88.73 31.93
N GLU C 862 -67.30 89.52 33.00
CA GLU C 862 -66.78 89.07 34.27
C GLU C 862 -67.67 88.06 34.96
N SER C 863 -68.95 87.97 34.56
CA SER C 863 -69.86 87.04 35.19
C SER C 863 -70.87 86.53 34.17
N GLU C 864 -71.45 85.40 34.48
CA GLU C 864 -72.42 84.78 33.59
C GLU C 864 -73.71 85.59 33.57
N PRO C 865 -74.27 85.86 32.39
CA PRO C 865 -75.57 86.52 32.33
C PRO C 865 -76.66 85.67 32.98
N LYS C 866 -77.61 86.34 33.61
CA LYS C 866 -78.53 85.65 34.51
C LYS C 866 -79.57 84.82 33.76
N GLU C 867 -80.06 85.31 32.64
CA GLU C 867 -81.19 84.68 31.95
C GLU C 867 -80.80 84.16 30.59
N TRP C 868 -79.57 83.66 30.44
CA TRP C 868 -79.15 83.14 29.15
C TRP C 868 -79.80 81.80 28.84
N ARG C 869 -80.24 81.06 29.86
CA ARG C 869 -80.86 79.77 29.62
C ARG C 869 -82.26 79.92 29.05
N GLU C 870 -82.92 81.04 29.27
CA GLU C 870 -84.28 81.25 28.82
C GLU C 870 -84.36 82.12 27.58
N TRP C 871 -83.23 82.39 26.92
CA TRP C 871 -83.24 83.25 25.75
C TRP C 871 -83.88 82.54 24.56
N GLY C 872 -83.31 81.41 24.14
CA GLY C 872 -83.89 80.65 23.05
C GLY C 872 -83.88 81.34 21.71
N THR C 873 -82.78 81.99 21.35
CA THR C 873 -82.68 82.64 20.05
C THR C 873 -82.58 81.61 18.95
N ALA C 874 -83.31 81.85 17.86
CA ALA C 874 -83.32 80.94 16.72
C ALA C 874 -82.22 81.32 15.76
N LEU C 875 -81.23 80.44 15.59
CA LEU C 875 -80.11 80.69 14.68
C LEU C 875 -80.22 79.76 13.48
N PRO C 876 -80.53 80.27 12.29
CA PRO C 876 -80.70 79.39 11.13
C PRO C 876 -79.38 78.83 10.65
N LYS C 877 -79.49 77.86 9.74
CA LYS C 877 -78.35 77.17 9.14
C LYS C 877 -77.45 76.51 10.18
N LEU D 25 92.50 -71.66 -61.87
CA LEU D 25 92.68 -72.32 -60.58
C LEU D 25 91.72 -71.76 -59.53
N LEU D 26 91.23 -72.64 -58.66
CA LEU D 26 90.33 -72.22 -57.60
C LEU D 26 91.00 -71.28 -56.60
N PRO D 27 92.20 -71.58 -56.11
CA PRO D 27 92.85 -70.64 -55.17
C PRO D 27 93.12 -69.27 -55.77
N PHE D 28 93.45 -69.20 -57.07
CA PHE D 28 93.67 -67.91 -57.72
C PHE D 28 92.38 -67.09 -57.76
N ILE D 29 91.27 -67.74 -58.08
CA ILE D 29 89.98 -67.03 -58.12
C ILE D 29 89.56 -66.61 -56.71
N ALA D 30 89.81 -67.45 -55.71
CA ALA D 30 89.49 -67.08 -54.34
C ALA D 30 90.33 -65.89 -53.89
N LEU D 31 91.61 -65.87 -54.25
CA LEU D 31 92.48 -64.74 -53.91
C LEU D 31 92.04 -63.48 -54.64
N MET D 32 91.62 -63.60 -55.90
CA MET D 32 91.13 -62.44 -56.63
C MET D 32 89.87 -61.87 -55.99
N ILE D 33 88.95 -62.76 -55.58
CA ILE D 33 87.73 -62.32 -54.92
C ILE D 33 88.05 -61.64 -53.58
N ALA D 34 88.98 -62.21 -52.83
CA ALA D 34 89.37 -61.61 -51.56
C ALA D 34 90.01 -60.24 -51.77
N SER D 35 90.85 -60.12 -52.80
CA SER D 35 91.46 -58.82 -53.11
C SER D 35 90.42 -57.80 -53.54
N TRP D 36 89.43 -58.22 -54.33
CA TRP D 36 88.36 -57.31 -54.72
C TRP D 36 87.54 -56.86 -53.52
N LEU D 37 87.25 -57.78 -52.60
CA LEU D 37 86.52 -57.41 -51.38
C LEU D 37 87.33 -56.46 -50.52
N ILE D 38 88.64 -56.70 -50.41
CA ILE D 38 89.50 -55.82 -49.63
C ILE D 38 89.56 -54.43 -50.25
N TRP D 39 89.66 -54.36 -51.59
CA TRP D 39 89.66 -53.06 -52.26
C TRP D 39 88.34 -52.33 -52.07
N ASP D 40 87.22 -53.07 -52.14
CA ASP D 40 85.91 -52.45 -51.92
C ASP D 40 85.78 -51.94 -50.49
N SER D 41 86.31 -52.68 -49.52
CA SER D 41 86.27 -52.23 -48.14
C SER D 41 87.17 -51.02 -47.92
N TYR D 42 88.35 -51.00 -48.54
CA TYR D 42 89.30 -49.90 -48.36
C TYR D 42 88.92 -48.66 -49.15
N GLN D 43 88.05 -48.79 -50.15
CA GLN D 43 87.63 -47.63 -50.93
C GLN D 43 86.82 -46.65 -50.07
N ASP D 44 86.12 -47.14 -49.07
CA ASP D 44 85.30 -46.31 -48.18
C ASP D 44 85.64 -46.61 -46.73
N ARG D 45 86.93 -46.71 -46.42
CA ARG D 45 87.34 -46.96 -45.04
C ARG D 45 87.04 -45.76 -44.16
N GLY D 46 87.44 -44.57 -44.60
CA GLY D 46 87.13 -43.36 -43.86
C GLY D 46 87.91 -43.22 -42.57
N ASN D 47 87.43 -42.30 -41.74
CA ASN D 47 88.00 -42.03 -40.44
C ASN D 47 87.11 -42.60 -39.35
N THR D 48 87.71 -43.12 -38.29
CA THR D 48 86.98 -43.71 -37.18
C THR D 48 86.83 -42.68 -36.07
N VAL D 49 85.60 -42.45 -35.62
CA VAL D 49 85.30 -41.47 -34.61
C VAL D 49 84.59 -42.17 -33.45
N THR D 50 84.92 -41.76 -32.23
CA THR D 50 84.31 -42.32 -31.02
C THR D 50 83.29 -41.34 -30.45
N ILE D 51 82.08 -41.84 -30.21
CA ILE D 51 80.98 -41.06 -29.67
C ILE D 51 80.54 -41.67 -28.35
N ASP D 52 80.22 -40.81 -27.38
CA ASP D 52 79.77 -41.23 -26.07
C ASP D 52 78.26 -41.14 -26.01
N PHE D 53 77.60 -42.27 -25.78
CA PHE D 53 76.16 -42.34 -25.66
C PHE D 53 75.77 -42.72 -24.24
N MET D 54 74.67 -42.13 -23.77
CA MET D 54 74.15 -42.50 -22.45
C MET D 54 73.47 -43.86 -22.51
N SER D 55 72.78 -44.16 -23.60
CA SER D 55 72.10 -45.45 -23.73
C SER D 55 71.90 -45.74 -25.20
N ALA D 56 72.61 -46.75 -25.72
CA ALA D 56 72.45 -47.17 -27.11
C ALA D 56 71.42 -48.27 -27.16
N ASP D 57 70.17 -47.88 -27.35
CA ASP D 57 69.06 -48.82 -27.21
C ASP D 57 69.03 -49.85 -28.32
N GLY D 58 69.14 -49.41 -29.57
CA GLY D 58 69.02 -50.33 -30.68
C GLY D 58 70.10 -50.21 -31.73
N ILE D 59 71.32 -49.90 -31.31
CA ILE D 59 72.44 -49.74 -32.22
C ILE D 59 73.08 -51.11 -32.46
N VAL D 60 72.95 -51.61 -33.69
CA VAL D 60 73.55 -52.87 -34.08
C VAL D 60 74.96 -52.60 -34.59
N PRO D 61 75.98 -53.27 -34.08
CA PRO D 61 77.34 -52.99 -34.55
C PRO D 61 77.57 -53.33 -36.01
N GLY D 62 76.75 -54.18 -36.60
CA GLY D 62 76.96 -54.53 -37.99
C GLY D 62 76.43 -53.51 -38.96
N ARG D 63 75.13 -53.22 -38.89
CA ARG D 63 74.47 -52.30 -39.81
C ARG D 63 73.67 -51.29 -39.02
N THR D 64 74.16 -50.05 -38.96
CA THR D 64 73.45 -48.94 -38.35
C THR D 64 73.96 -47.69 -39.02
N PRO D 65 73.24 -47.15 -39.98
CA PRO D 65 73.75 -46.03 -40.76
C PRO D 65 73.72 -44.73 -39.97
N VAL D 66 74.60 -43.83 -40.38
CA VAL D 66 74.63 -42.46 -39.87
C VAL D 66 74.13 -41.57 -40.99
N ARG D 67 72.97 -40.96 -40.80
CA ARG D 67 72.28 -40.23 -41.84
C ARG D 67 72.32 -38.73 -41.56
N TYR D 68 72.76 -37.96 -42.55
CA TYR D 68 72.68 -36.51 -42.52
C TYR D 68 71.63 -36.07 -43.54
N GLN D 69 70.56 -35.45 -43.05
CA GLN D 69 69.44 -35.05 -43.88
C GLN D 69 68.87 -36.24 -44.65
N GLY D 70 68.89 -37.41 -44.03
CA GLY D 70 68.41 -38.62 -44.67
C GLY D 70 69.38 -39.29 -45.61
N VAL D 71 70.57 -38.74 -45.82
CA VAL D 71 71.57 -39.31 -46.71
C VAL D 71 72.55 -40.11 -45.87
N GLU D 72 72.74 -41.38 -46.22
CA GLU D 72 73.67 -42.23 -45.49
C GLU D 72 75.10 -41.78 -45.76
N VAL D 73 75.89 -41.63 -44.70
CA VAL D 73 77.26 -41.17 -44.79
C VAL D 73 78.22 -42.19 -44.18
N GLY D 74 77.95 -42.64 -42.96
CA GLY D 74 78.82 -43.55 -42.25
C GLY D 74 78.07 -44.77 -41.76
N THR D 75 78.81 -45.67 -41.12
CA THR D 75 78.27 -46.91 -40.59
C THR D 75 78.91 -47.19 -39.24
N VAL D 76 78.09 -47.62 -38.28
CA VAL D 76 78.60 -47.96 -36.95
C VAL D 76 79.48 -49.20 -37.04
N GLN D 77 80.66 -49.12 -36.45
CA GLN D 77 81.62 -50.22 -36.49
C GLN D 77 81.67 -51.02 -35.19
N ASP D 78 81.91 -50.37 -34.05
CA ASP D 78 82.16 -51.09 -32.82
C ASP D 78 81.43 -50.42 -31.66
N ILE D 79 81.07 -51.23 -30.66
CA ILE D 79 80.43 -50.77 -29.43
C ILE D 79 81.21 -51.32 -28.25
N SER D 80 81.48 -50.48 -27.26
CA SER D 80 82.17 -50.92 -26.06
C SER D 80 81.69 -50.10 -24.88
N LEU D 81 82.08 -50.54 -23.68
CA LEU D 81 81.70 -49.88 -22.44
C LEU D 81 82.95 -49.35 -21.74
N SER D 82 82.84 -48.14 -21.19
CA SER D 82 83.95 -47.49 -20.50
C SER D 82 83.96 -47.92 -19.04
N ASP D 83 84.36 -49.16 -18.84
CA ASP D 83 84.42 -49.83 -17.53
C ASP D 83 83.23 -49.50 -16.65
N ASP D 84 82.03 -49.61 -17.24
CA ASP D 84 80.76 -49.46 -16.53
C ASP D 84 80.64 -48.11 -15.83
N LEU D 85 81.09 -47.05 -16.50
CA LEU D 85 80.93 -45.69 -15.99
C LEU D 85 79.76 -44.97 -16.64
N ARG D 86 78.71 -45.71 -16.97
CA ARG D 86 77.48 -45.16 -17.54
C ARG D 86 77.75 -44.43 -18.85
N LYS D 87 78.76 -44.85 -19.59
CA LYS D 87 79.08 -44.28 -20.90
C LYS D 87 79.31 -45.40 -21.88
N ILE D 88 78.75 -45.27 -23.07
CA ILE D 88 78.90 -46.26 -24.13
C ILE D 88 79.73 -45.63 -25.24
N GLU D 89 80.88 -46.23 -25.53
CA GLU D 89 81.77 -45.75 -26.57
C GLU D 89 81.42 -46.44 -27.88
N VAL D 90 81.05 -45.65 -28.89
CA VAL D 90 80.67 -46.17 -30.19
C VAL D 90 81.67 -45.68 -31.21
N LYS D 91 82.35 -46.60 -31.89
CA LYS D 91 83.30 -46.27 -32.94
C LYS D 91 82.59 -46.40 -34.29
N VAL D 92 82.55 -45.31 -35.05
CA VAL D 92 81.83 -45.20 -36.30
C VAL D 92 82.79 -44.74 -37.39
N SER D 93 82.75 -45.41 -38.53
CA SER D 93 83.54 -45.00 -39.69
C SER D 93 82.77 -44.00 -40.54
N ILE D 94 83.49 -42.99 -41.03
CA ILE D 94 82.92 -41.92 -41.83
C ILE D 94 83.68 -41.85 -43.15
N LYS D 95 82.94 -41.72 -44.24
CA LYS D 95 83.55 -41.61 -45.56
C LYS D 95 84.36 -40.32 -45.69
N SER D 96 85.31 -40.34 -46.62
CA SER D 96 86.26 -39.25 -46.77
C SER D 96 85.65 -37.98 -47.34
N ASP D 97 84.44 -38.05 -47.90
CA ASP D 97 83.80 -36.85 -48.42
C ASP D 97 83.36 -35.91 -47.31
N MET D 98 82.94 -36.45 -46.17
CA MET D 98 82.40 -35.68 -45.07
C MET D 98 83.46 -35.23 -44.08
N LYS D 99 84.70 -35.69 -44.22
CA LYS D 99 85.73 -35.38 -43.24
C LYS D 99 86.13 -33.91 -43.24
N ASP D 100 85.77 -33.17 -44.27
CA ASP D 100 86.03 -31.73 -44.28
C ASP D 100 85.21 -31.02 -43.22
N ALA D 101 83.96 -31.43 -43.04
CA ALA D 101 83.08 -30.82 -42.06
C ALA D 101 83.11 -31.52 -40.71
N LEU D 102 83.91 -32.57 -40.56
CA LEU D 102 84.04 -33.29 -39.29
C LEU D 102 84.90 -32.46 -38.35
N ARG D 103 84.25 -31.49 -37.70
CA ARG D 103 84.96 -30.52 -36.89
C ARG D 103 84.44 -30.46 -35.46
N GLU D 104 84.91 -29.48 -34.69
CA GLU D 104 84.59 -29.44 -33.26
C GLU D 104 83.11 -29.20 -33.01
N GLU D 105 82.49 -28.30 -33.76
CA GLU D 105 81.09 -27.95 -33.53
C GLU D 105 80.12 -28.87 -34.26
N THR D 106 80.30 -30.17 -34.09
CA THR D 106 79.47 -31.17 -34.74
C THR D 106 78.57 -31.85 -33.71
N GLN D 107 77.31 -32.03 -34.06
CA GLN D 107 76.32 -32.57 -33.16
C GLN D 107 75.85 -33.94 -33.63
N PHE D 108 75.72 -34.87 -32.70
CA PHE D 108 75.23 -36.21 -32.99
C PHE D 108 74.06 -36.52 -32.06
N TRP D 109 73.11 -37.30 -32.56
CA TRP D 109 71.98 -37.72 -31.74
C TRP D 109 71.45 -39.04 -32.27
N LEU D 110 70.65 -39.70 -31.44
CA LEU D 110 70.09 -41.02 -31.75
C LEU D 110 68.62 -40.86 -32.07
N VAL D 111 68.25 -41.07 -33.34
CA VAL D 111 66.86 -41.01 -33.76
C VAL D 111 66.23 -42.37 -33.52
N THR D 112 65.22 -42.40 -32.64
CA THR D 112 64.55 -43.61 -32.18
C THR D 112 63.07 -43.28 -32.01
N PRO D 113 62.17 -44.10 -32.56
CA PRO D 113 60.74 -43.80 -32.44
C PRO D 113 60.26 -43.91 -31.00
N LYS D 114 59.26 -43.09 -30.68
CA LYS D 114 58.62 -43.08 -29.37
C LYS D 114 57.17 -42.67 -29.53
N ALA D 115 56.35 -43.10 -28.58
CA ALA D 115 54.91 -42.81 -28.58
C ALA D 115 54.67 -41.48 -27.90
N SER D 116 55.01 -40.40 -28.62
CA SER D 116 54.82 -39.07 -28.09
C SER D 116 53.35 -38.68 -28.12
N LEU D 117 53.03 -37.63 -27.37
CA LEU D 117 51.67 -37.11 -27.31
C LEU D 117 51.41 -36.11 -28.43
N ALA D 118 50.16 -36.06 -28.88
CA ALA D 118 49.75 -35.19 -29.98
C ALA D 118 50.59 -35.43 -31.24
N GLY D 119 50.84 -36.69 -31.54
CA GLY D 119 51.66 -37.05 -32.68
C GLY D 119 52.83 -37.92 -32.30
N VAL D 120 53.25 -38.80 -33.20
CA VAL D 120 54.34 -39.73 -32.95
C VAL D 120 55.54 -39.34 -33.82
N SER D 121 56.72 -39.36 -33.23
CA SER D 121 57.94 -39.00 -33.93
C SER D 121 58.70 -40.24 -34.37
N GLY D 122 59.59 -40.06 -35.34
CA GLY D 122 60.42 -41.15 -35.82
C GLY D 122 59.67 -42.25 -36.55
N LEU D 123 58.74 -41.89 -37.42
CA LEU D 123 58.05 -42.89 -38.22
C LEU D 123 59.01 -43.61 -39.16
N ASP D 124 59.90 -42.86 -39.80
CA ASP D 124 60.92 -43.46 -40.65
C ASP D 124 61.86 -44.34 -39.85
N ALA D 125 62.21 -43.90 -38.65
CA ALA D 125 63.04 -44.74 -37.79
C ALA D 125 62.29 -45.98 -37.33
N LEU D 126 60.97 -45.89 -37.15
CA LEU D 126 60.20 -47.07 -36.82
C LEU D 126 60.17 -48.07 -37.98
N VAL D 127 60.02 -47.57 -39.20
CA VAL D 127 59.96 -48.47 -40.35
C VAL D 127 61.31 -49.10 -40.62
N GLY D 128 62.37 -48.29 -40.62
CA GLY D 128 63.66 -48.78 -41.06
C GLY D 128 64.72 -48.91 -39.99
N GLY D 129 64.30 -49.01 -38.72
CA GLY D 129 65.26 -49.16 -37.65
C GLY D 129 65.85 -47.84 -37.18
N ASN D 130 66.03 -47.70 -35.87
CA ASN D 130 66.57 -46.47 -35.31
C ASN D 130 68.01 -46.26 -35.75
N TYR D 131 68.38 -44.99 -35.92
CA TYR D 131 69.66 -44.67 -36.53
C TYR D 131 70.30 -43.49 -35.79
N ILE D 132 71.37 -42.95 -36.37
CA ILE D 132 72.11 -41.84 -35.79
C ILE D 132 72.05 -40.68 -36.77
N GLY D 133 71.66 -39.51 -36.27
CA GLY D 133 71.66 -38.30 -37.06
C GLY D 133 72.80 -37.38 -36.66
N MET D 134 73.33 -36.64 -37.64
CA MET D 134 74.47 -35.76 -37.43
C MET D 134 74.20 -34.40 -38.04
N MET D 135 74.89 -33.40 -37.52
CA MET D 135 74.81 -32.03 -38.00
C MET D 135 76.18 -31.38 -37.91
N PRO D 136 76.78 -31.01 -39.03
CA PRO D 136 78.12 -30.42 -39.01
C PRO D 136 78.08 -28.97 -38.57
N GLY D 137 79.26 -28.45 -38.28
CA GLY D 137 79.41 -27.07 -37.84
C GLY D 137 80.71 -26.47 -38.35
N LYS D 138 81.23 -25.50 -37.61
CA LYS D 138 82.41 -24.74 -38.01
C LYS D 138 83.46 -24.76 -36.91
N GLY D 139 83.74 -25.95 -36.40
CA GLY D 139 84.76 -26.11 -35.40
C GLY D 139 86.15 -26.17 -35.99
N LYS D 140 87.12 -26.51 -35.15
CA LYS D 140 88.51 -26.65 -35.60
C LYS D 140 88.83 -28.08 -35.97
N GLU D 141 88.74 -29.00 -35.01
CA GLU D 141 89.01 -30.41 -35.23
C GLU D 141 88.60 -31.17 -33.98
N GLN D 142 88.02 -32.35 -34.17
CA GLN D 142 87.59 -33.16 -33.05
C GLN D 142 87.45 -34.61 -33.49
N ASP D 143 87.82 -35.52 -32.60
CA ASP D 143 87.68 -36.95 -32.84
C ASP D 143 86.92 -37.66 -31.72
N HIS D 144 86.38 -36.92 -30.76
CA HIS D 144 85.65 -37.50 -29.63
C HIS D 144 84.46 -36.60 -29.34
N PHE D 145 83.26 -37.11 -29.55
CA PHE D 145 82.05 -36.31 -29.43
C PHE D 145 81.15 -36.85 -28.32
N VAL D 146 80.24 -35.99 -27.86
CA VAL D 146 79.24 -36.37 -26.86
C VAL D 146 77.86 -36.23 -27.49
N ALA D 147 77.11 -37.32 -27.48
CA ALA D 147 75.79 -37.33 -28.11
C ALA D 147 74.82 -36.43 -27.35
N LEU D 148 73.88 -35.86 -28.08
CA LEU D 148 72.87 -35.00 -27.50
C LEU D 148 71.66 -35.85 -27.13
N ASP D 149 70.56 -35.21 -26.76
CA ASP D 149 69.38 -35.92 -26.28
C ASP D 149 68.16 -35.80 -27.19
N THR D 150 67.78 -34.60 -27.64
CA THR D 150 66.55 -34.45 -28.38
C THR D 150 66.69 -33.80 -29.75
N GLN D 151 67.88 -33.83 -30.35
CA GLN D 151 68.05 -33.25 -31.68
C GLN D 151 67.58 -31.79 -31.75
N PRO D 152 68.38 -30.86 -31.27
CA PRO D 152 67.97 -29.45 -31.28
C PRO D 152 67.77 -28.92 -32.69
N LYS D 153 66.86 -27.94 -32.78
CA LYS D 153 66.52 -27.32 -34.05
C LYS D 153 67.75 -26.72 -34.73
N TYR D 154 67.88 -26.97 -36.02
CA TYR D 154 69.01 -26.49 -36.78
C TYR D 154 68.69 -25.34 -37.73
N ARG D 155 67.42 -25.17 -38.08
CA ARG D 155 66.92 -24.11 -38.96
C ARG D 155 67.35 -24.37 -40.40
N LEU D 156 66.87 -23.58 -41.35
CA LEU D 156 67.18 -23.79 -42.76
C LEU D 156 67.71 -22.56 -43.48
N ASP D 157 67.47 -21.36 -42.98
CA ASP D 157 67.94 -20.11 -43.58
C ASP D 157 67.43 -19.98 -45.02
N ASN D 158 66.10 -19.95 -45.15
CA ASN D 158 65.45 -19.84 -46.45
C ASN D 158 64.96 -18.44 -46.73
N GLY D 159 65.40 -17.45 -45.96
CA GLY D 159 64.91 -16.10 -46.08
C GLY D 159 63.71 -15.77 -45.21
N ASP D 160 63.36 -16.64 -44.27
CA ASP D 160 62.25 -16.40 -43.38
C ASP D 160 62.56 -15.30 -42.38
N LEU D 161 61.52 -14.79 -41.74
CA LEU D 161 61.66 -13.69 -40.79
C LEU D 161 61.53 -14.22 -39.37
N MET D 162 62.51 -13.93 -38.53
CA MET D 162 62.54 -14.38 -37.14
C MET D 162 62.23 -13.22 -36.23
N ILE D 163 61.22 -13.35 -35.37
CA ILE D 163 60.85 -12.28 -34.47
C ILE D 163 60.62 -12.86 -33.09
N HIS D 164 60.64 -11.97 -32.09
CA HIS D 164 60.54 -12.38 -30.71
C HIS D 164 59.31 -11.75 -30.08
N LEU D 165 58.70 -12.48 -29.17
CA LEU D 165 57.56 -11.98 -28.42
C LEU D 165 57.84 -12.18 -26.95
N GLN D 166 57.38 -11.25 -26.12
CA GLN D 166 57.57 -11.29 -24.69
C GLN D 166 56.24 -11.47 -24.00
N ALA D 167 56.14 -12.49 -23.16
CA ALA D 167 54.92 -12.80 -22.45
C ALA D 167 55.26 -13.10 -21.00
N PRO D 168 54.34 -12.82 -20.09
CA PRO D 168 54.56 -13.23 -18.70
C PRO D 168 54.67 -14.72 -18.52
N ASP D 169 53.98 -15.52 -19.32
CA ASP D 169 54.08 -16.96 -19.21
C ASP D 169 53.91 -17.55 -20.61
N LEU D 170 54.34 -18.79 -20.76
CA LEU D 170 54.24 -19.42 -22.07
C LEU D 170 52.80 -19.67 -22.46
N GLY D 171 51.93 -19.96 -21.52
CA GLY D 171 50.57 -20.27 -21.87
C GLY D 171 50.45 -21.68 -22.42
N SER D 172 49.44 -21.88 -23.26
CA SER D 172 49.25 -23.18 -23.88
C SER D 172 50.16 -23.46 -25.06
N LEU D 173 50.92 -22.47 -25.49
CA LEU D 173 51.73 -22.63 -26.69
C LEU D 173 52.86 -23.63 -26.50
N ASN D 174 53.07 -24.46 -27.51
CA ASN D 174 54.17 -25.41 -27.52
C ASN D 174 54.94 -25.20 -28.82
N SER D 175 56.00 -25.96 -28.97
CA SER D 175 56.76 -25.89 -30.21
C SER D 175 55.94 -26.51 -31.34
N GLY D 176 55.79 -25.77 -32.41
CA GLY D 176 54.99 -26.19 -33.54
C GLY D 176 53.60 -25.59 -33.62
N SER D 177 53.20 -24.78 -32.65
CA SER D 177 51.91 -24.11 -32.73
C SER D 177 51.94 -23.05 -33.84
N LEU D 178 50.79 -22.80 -34.45
CA LEU D 178 50.73 -22.06 -35.70
C LEU D 178 50.47 -20.56 -35.46
N VAL D 179 50.87 -19.78 -36.45
CA VAL D 179 50.67 -18.33 -36.46
C VAL D 179 49.74 -18.01 -37.61
N TYR D 180 48.70 -17.23 -37.34
CA TYR D 180 47.60 -16.97 -38.24
C TYR D 180 47.47 -15.49 -38.57
N PHE D 181 47.19 -15.22 -39.83
CA PHE D 181 46.73 -13.92 -40.30
C PHE D 181 45.46 -14.14 -41.09
N ARG D 182 44.38 -13.49 -40.67
CA ARG D 182 43.05 -13.72 -41.26
C ARG D 182 42.69 -15.19 -41.19
N LYS D 183 43.07 -15.82 -40.10
CA LYS D 183 42.89 -17.25 -39.94
C LYS D 183 43.52 -18.07 -41.06
N ILE D 184 44.69 -17.63 -41.52
CA ILE D 184 45.47 -18.33 -42.53
C ILE D 184 46.85 -18.58 -41.94
N PRO D 185 47.35 -19.80 -41.95
CA PRO D 185 48.66 -20.06 -41.35
C PRO D 185 49.79 -19.46 -42.18
N VAL D 186 50.61 -18.65 -41.54
CA VAL D 186 51.72 -17.98 -42.22
C VAL D 186 53.02 -18.20 -41.46
N GLY D 187 53.03 -19.05 -40.44
CA GLY D 187 54.24 -19.27 -39.69
C GLY D 187 54.00 -20.22 -38.55
N LYS D 188 55.04 -20.44 -37.77
CA LYS D 188 54.95 -21.35 -36.64
C LYS D 188 55.90 -20.90 -35.55
N VAL D 189 55.65 -21.37 -34.34
CA VAL D 189 56.50 -21.04 -33.21
C VAL D 189 57.77 -21.88 -33.27
N TYR D 190 58.92 -21.22 -33.22
CA TYR D 190 60.20 -21.90 -33.35
C TYR D 190 60.75 -22.37 -32.01
N ASP D 191 60.82 -21.51 -31.01
CA ASP D 191 61.46 -21.89 -29.76
C ASP D 191 60.90 -21.01 -28.65
N TYR D 192 61.19 -21.39 -27.40
CA TYR D 192 60.82 -20.59 -26.24
C TYR D 192 61.93 -20.65 -25.21
N ALA D 193 62.04 -19.61 -24.41
CA ALA D 193 63.11 -19.51 -23.42
C ALA D 193 62.68 -18.57 -22.31
N ILE D 194 63.42 -18.63 -21.21
CA ILE D 194 63.19 -17.80 -20.03
C ILE D 194 64.20 -16.67 -20.03
N ASN D 195 63.74 -15.45 -19.76
CA ASN D 195 64.62 -14.32 -19.65
C ASN D 195 65.57 -14.47 -18.47
N PRO D 196 66.71 -13.79 -18.52
CA PRO D 196 67.57 -13.74 -17.34
C PRO D 196 66.86 -13.20 -16.14
N ASN D 197 66.00 -12.22 -16.33
CA ASN D 197 65.03 -11.89 -15.31
C ASN D 197 63.96 -12.96 -15.31
N LYS D 198 63.62 -13.44 -14.13
CA LYS D 198 62.69 -14.57 -14.04
C LYS D 198 61.27 -14.18 -14.36
N GLN D 199 60.98 -12.90 -14.53
CA GLN D 199 59.61 -12.47 -14.76
C GLN D 199 59.15 -12.74 -16.18
N GLY D 200 60.04 -12.68 -17.16
CA GLY D 200 59.67 -12.68 -18.57
C GLY D 200 59.97 -13.98 -19.28
N VAL D 201 59.19 -14.26 -20.32
CA VAL D 201 59.37 -15.43 -21.17
C VAL D 201 59.39 -14.95 -22.61
N VAL D 202 60.38 -15.40 -23.37
CA VAL D 202 60.59 -14.99 -24.75
C VAL D 202 60.23 -16.14 -25.67
N ILE D 203 59.31 -15.89 -26.58
CA ILE D 203 58.89 -16.86 -27.60
C ILE D 203 59.43 -16.39 -28.93
N ASP D 204 60.26 -17.21 -29.54
CA ASP D 204 60.89 -16.91 -30.80
C ASP D 204 60.09 -17.60 -31.92
N VAL D 205 59.50 -16.81 -32.82
CA VAL D 205 58.64 -17.35 -33.87
C VAL D 205 59.21 -16.97 -35.23
N LEU D 206 58.76 -17.73 -36.23
CA LEU D 206 59.28 -17.63 -37.59
C LEU D 206 58.14 -17.50 -38.58
N ILE D 207 58.18 -16.47 -39.41
CA ILE D 207 57.20 -16.22 -40.46
C ILE D 207 57.82 -16.57 -41.80
N GLU D 208 57.02 -17.18 -42.67
CA GLU D 208 57.51 -17.66 -43.95
C GLU D 208 57.94 -16.50 -44.83
N ARG D 209 58.70 -16.81 -45.87
CA ARG D 209 59.25 -15.77 -46.72
C ARG D 209 58.17 -15.05 -47.52
N ARG D 210 57.16 -15.78 -47.95
CA ARG D 210 56.13 -15.19 -48.79
C ARG D 210 55.34 -14.12 -48.08
N PHE D 211 55.33 -14.15 -46.76
CA PHE D 211 54.54 -13.21 -45.99
C PHE D 211 55.43 -12.32 -45.13
N THR D 212 56.66 -12.11 -45.58
CA THR D 212 57.54 -11.26 -44.80
C THR D 212 57.05 -9.83 -44.80
N ASP D 213 56.42 -9.38 -45.87
CA ASP D 213 55.88 -8.03 -45.91
C ASP D 213 54.62 -7.88 -45.07
N LEU D 214 54.03 -8.96 -44.59
CA LEU D 214 52.82 -8.81 -43.78
C LEU D 214 53.12 -8.19 -42.42
N VAL D 215 54.27 -8.49 -41.84
CA VAL D 215 54.62 -8.00 -40.51
C VAL D 215 55.08 -6.56 -40.63
N LYS D 216 54.49 -5.69 -39.84
CA LYS D 216 54.80 -4.27 -39.78
C LYS D 216 55.25 -3.90 -38.38
N LYS D 217 55.66 -2.64 -38.23
CA LYS D 217 56.05 -2.15 -36.92
C LYS D 217 54.86 -2.07 -35.97
N GLY D 218 53.70 -1.71 -36.48
CA GLY D 218 52.51 -1.59 -35.66
C GLY D 218 51.69 -2.86 -35.56
N SER D 219 52.22 -3.98 -36.03
CA SER D 219 51.49 -5.24 -35.96
C SER D 219 51.35 -5.67 -34.51
N ARG D 220 50.17 -6.18 -34.18
CA ARG D 220 49.85 -6.63 -32.83
C ARG D 220 49.61 -8.13 -32.85
N PHE D 221 50.10 -8.80 -31.82
CA PHE D 221 50.03 -10.24 -31.71
C PHE D 221 49.21 -10.63 -30.49
N TRP D 222 48.35 -11.62 -30.64
CA TRP D 222 47.57 -12.09 -29.51
C TRP D 222 47.32 -13.57 -29.63
N ASN D 223 47.11 -14.22 -28.49
CA ASN D 223 46.86 -15.64 -28.54
C ASN D 223 45.42 -15.88 -28.94
N VAL D 224 45.19 -16.91 -29.74
CA VAL D 224 43.85 -17.26 -30.18
C VAL D 224 43.48 -18.62 -29.64
N SER D 225 42.34 -18.70 -28.98
CA SER D 225 41.72 -19.96 -28.62
C SER D 225 40.34 -19.97 -29.25
N GLY D 226 40.02 -21.00 -30.03
CA GLY D 226 38.77 -21.04 -30.75
C GLY D 226 37.56 -21.38 -29.90
N VAL D 227 37.39 -20.68 -28.80
CA VAL D 227 36.27 -20.88 -27.89
C VAL D 227 35.71 -19.53 -27.51
N ASP D 228 34.43 -19.35 -27.73
CA ASP D 228 33.69 -18.20 -27.22
C ASP D 228 32.76 -18.70 -26.13
N ALA D 229 32.90 -18.12 -24.93
CA ALA D 229 32.20 -18.59 -23.73
C ALA D 229 31.42 -17.47 -23.08
N ASN D 230 30.65 -16.75 -23.89
CA ASN D 230 29.91 -15.61 -23.37
C ASN D 230 28.78 -16.07 -22.46
N VAL D 231 28.48 -15.27 -21.45
CA VAL D 231 27.43 -15.58 -20.48
C VAL D 231 26.28 -14.58 -20.58
N SER D 232 26.59 -13.29 -20.49
CA SER D 232 25.62 -12.18 -20.61
C SER D 232 24.52 -12.41 -19.56
N ILE D 233 23.27 -12.09 -19.89
CA ILE D 233 22.17 -12.32 -18.97
C ILE D 233 21.15 -13.30 -19.51
N SER D 234 21.08 -13.52 -20.83
CA SER D 234 20.11 -14.46 -21.38
C SER D 234 20.50 -15.90 -21.09
N GLY D 235 21.76 -16.24 -21.26
CA GLY D 235 22.22 -17.59 -21.01
C GLY D 235 23.56 -17.84 -21.64
N ALA D 236 24.14 -18.98 -21.27
CA ALA D 236 25.49 -19.33 -21.69
C ALA D 236 25.54 -19.59 -23.20
N LYS D 237 26.21 -18.71 -23.93
CA LYS D 237 26.45 -18.87 -25.35
C LYS D 237 27.87 -19.36 -25.55
N VAL D 238 28.01 -20.60 -26.00
CA VAL D 238 29.30 -21.23 -26.22
C VAL D 238 29.42 -21.55 -27.70
N LYS D 239 30.47 -21.03 -28.33
CA LYS D 239 30.71 -21.24 -29.75
C LYS D 239 32.10 -21.81 -29.95
N LEU D 240 32.21 -22.84 -30.78
CA LEU D 240 33.47 -23.48 -31.10
C LEU D 240 33.84 -23.14 -32.53
N GLU D 241 34.91 -22.35 -32.70
CA GLU D 241 35.32 -21.91 -34.02
C GLU D 241 36.38 -22.82 -34.64
N SER D 242 37.53 -22.95 -33.99
CA SER D 242 38.66 -23.71 -34.51
C SER D 242 39.11 -24.75 -33.50
N LEU D 243 39.02 -26.02 -33.90
CA LEU D 243 39.45 -27.10 -33.03
C LEU D 243 40.97 -27.18 -32.92
N ALA D 244 41.67 -26.79 -33.98
CA ALA D 244 43.13 -26.86 -33.95
C ALA D 244 43.72 -25.90 -32.93
N ALA D 245 43.02 -24.81 -32.65
CA ALA D 245 43.47 -23.90 -31.59
C ALA D 245 43.44 -24.55 -30.22
N LEU D 246 42.42 -25.36 -29.95
CA LEU D 246 42.35 -26.07 -28.67
C LEU D 246 43.35 -27.21 -28.63
N VAL D 247 43.48 -27.93 -29.72
CA VAL D 247 44.36 -29.08 -29.73
C VAL D 247 45.82 -28.64 -29.67
N ASN D 248 46.17 -27.63 -30.46
CA ASN D 248 47.56 -27.22 -30.57
C ASN D 248 47.85 -25.87 -29.91
N GLY D 249 47.09 -24.84 -30.21
CA GLY D 249 47.39 -23.48 -29.82
C GLY D 249 47.76 -22.65 -31.03
N ALA D 250 47.49 -21.36 -30.94
CA ALA D 250 47.68 -20.48 -32.08
C ALA D 250 47.95 -19.07 -31.63
N ILE D 251 48.85 -18.41 -32.35
CA ILE D 251 49.14 -17.00 -32.23
C ILE D 251 48.60 -16.34 -33.47
N ALA D 252 47.67 -15.40 -33.31
CA ALA D 252 47.25 -14.61 -34.46
C ALA D 252 47.92 -13.25 -34.44
N PHE D 253 47.74 -12.52 -35.53
CA PHE D 253 48.30 -11.18 -35.53
C PHE D 253 47.65 -10.34 -36.60
N ASP D 254 47.68 -9.04 -36.35
CA ASP D 254 47.13 -8.03 -37.24
C ASP D 254 48.15 -7.01 -37.68
N SER D 255 48.12 -6.71 -38.95
CA SER D 255 48.98 -5.77 -39.66
C SER D 255 48.26 -4.46 -39.85
N PRO D 256 48.85 -3.36 -39.46
CA PRO D 256 48.22 -2.06 -39.68
C PRO D 256 48.30 -1.65 -41.12
N GLU D 257 47.70 -0.51 -41.45
CA GLU D 257 47.65 -0.08 -42.84
C GLU D 257 48.96 0.57 -43.29
N GLU D 258 49.34 1.65 -42.63
CA GLU D 258 50.54 2.40 -43.00
C GLU D 258 51.58 2.30 -41.90
N SER D 259 52.56 1.42 -42.11
CA SER D 259 53.68 1.27 -41.18
C SER D 259 54.85 0.67 -41.94
N LYS D 260 56.04 0.93 -41.42
CA LYS D 260 57.24 0.38 -42.02
C LYS D 260 57.33 -1.12 -41.71
N PRO D 261 57.92 -1.90 -42.60
CA PRO D 261 58.11 -3.31 -42.32
C PRO D 261 59.10 -3.53 -41.19
N ALA D 262 58.87 -4.60 -40.45
CA ALA D 262 59.71 -5.01 -39.34
C ALA D 262 60.66 -6.11 -39.77
N GLU D 263 61.86 -6.11 -39.19
CA GLU D 263 62.87 -7.08 -39.61
C GLU D 263 63.92 -7.22 -38.53
N ALA D 264 64.75 -8.25 -38.67
CA ALA D 264 65.94 -8.44 -37.84
C ALA D 264 65.61 -8.55 -36.36
N GLU D 265 64.87 -9.60 -36.04
CA GLU D 265 64.58 -9.96 -34.66
C GLU D 265 63.93 -8.83 -33.88
N ASP D 266 62.99 -8.15 -34.50
CA ASP D 266 62.27 -7.09 -33.83
C ASP D 266 61.37 -7.68 -32.76
N THR D 267 61.34 -7.07 -31.59
CA THR D 267 60.59 -7.59 -30.47
C THR D 267 59.17 -7.04 -30.44
N PHE D 268 58.26 -7.82 -29.86
CA PHE D 268 56.85 -7.44 -29.74
C PHE D 268 56.31 -7.93 -28.41
N GLY D 269 55.13 -7.45 -28.06
CA GLY D 269 54.43 -7.86 -26.85
C GLY D 269 53.25 -8.76 -27.20
N LEU D 270 53.10 -9.85 -26.47
CA LEU D 270 52.05 -10.82 -26.71
C LEU D 270 50.87 -10.54 -25.79
N TYR D 271 49.78 -10.05 -26.34
CA TYR D 271 48.59 -9.79 -25.55
C TYR D 271 47.85 -11.10 -25.31
N GLU D 272 47.16 -11.15 -24.19
CA GLU D 272 46.48 -12.37 -23.80
C GLU D 272 45.18 -12.62 -24.53
N ASP D 273 44.63 -11.61 -25.18
CA ASP D 273 43.33 -11.78 -25.80
C ASP D 273 43.19 -10.76 -26.91
N LEU D 274 42.23 -11.01 -27.80
CA LEU D 274 41.93 -10.03 -28.84
C LEU D 274 41.40 -8.74 -28.25
N ALA D 275 40.58 -8.83 -27.22
CA ALA D 275 40.03 -7.63 -26.61
C ALA D 275 41.12 -6.78 -25.98
N HIS D 276 42.09 -7.41 -25.34
CA HIS D 276 43.19 -6.67 -24.77
C HIS D 276 44.10 -6.05 -25.80
N SER D 277 44.09 -6.53 -27.02
CA SER D 277 44.92 -5.97 -28.07
C SER D 277 44.29 -4.80 -28.78
N GLN D 278 43.05 -4.47 -28.46
CA GLN D 278 42.38 -3.36 -29.12
C GLN D 278 43.02 -2.04 -28.69
N ARG D 279 43.28 -1.19 -29.67
CA ARG D 279 43.91 0.09 -29.41
C ARG D 279 42.97 1.03 -28.70
N GLY D 280 43.51 1.81 -27.77
CA GLY D 280 42.72 2.74 -27.00
C GLY D 280 43.62 3.75 -26.34
N VAL D 281 42.99 4.69 -25.64
CA VAL D 281 43.68 5.76 -24.94
C VAL D 281 43.45 5.60 -23.46
N ILE D 282 44.52 5.73 -22.68
CA ILE D 282 44.49 5.54 -21.23
C ILE D 282 44.10 6.84 -20.55
N ILE D 283 43.11 6.77 -19.66
CA ILE D 283 42.64 7.90 -18.87
C ILE D 283 42.71 7.51 -17.41
N LYS D 284 43.31 8.38 -16.60
CA LYS D 284 43.43 8.15 -15.17
C LYS D 284 42.30 8.82 -14.43
N LEU D 285 41.69 8.09 -13.49
CA LEU D 285 40.54 8.54 -12.75
C LEU D 285 40.83 8.50 -11.25
N GLU D 286 40.41 9.56 -10.56
CA GLU D 286 40.54 9.65 -9.11
C GLU D 286 39.17 9.38 -8.50
N LEU D 287 38.87 8.13 -8.28
CA LEU D 287 37.57 7.68 -7.82
C LEU D 287 37.37 7.95 -6.34
N PRO D 288 36.13 8.20 -5.92
CA PRO D 288 35.86 8.34 -4.48
C PRO D 288 35.91 7.03 -3.72
N SER D 289 35.33 5.97 -4.28
CA SER D 289 35.35 4.66 -3.64
C SER D 289 35.11 3.63 -4.72
N GLY D 290 35.42 2.38 -4.41
CA GLY D 290 35.21 1.31 -5.35
C GLY D 290 34.11 0.38 -4.91
N ALA D 291 33.02 0.95 -4.42
CA ALA D 291 31.96 0.13 -3.83
C ALA D 291 31.28 -0.76 -4.87
N GLY D 292 30.97 -0.23 -6.03
CA GLY D 292 30.28 -1.03 -7.02
C GLY D 292 30.98 -1.08 -8.35
N LEU D 293 32.30 -0.92 -8.34
CA LEU D 293 33.10 -0.87 -9.55
C LEU D 293 33.89 -2.16 -9.70
N THR D 294 33.85 -2.72 -10.90
CA THR D 294 34.54 -3.95 -11.23
C THR D 294 35.44 -3.71 -12.43
N ALA D 295 36.68 -4.18 -12.33
CA ALA D 295 37.62 -4.04 -13.42
C ALA D 295 37.18 -4.87 -14.62
N ASP D 296 37.33 -4.30 -15.80
CA ASP D 296 36.94 -4.90 -17.08
C ASP D 296 35.46 -5.22 -17.14
N SER D 297 34.65 -4.55 -16.32
CA SER D 297 33.22 -4.79 -16.37
C SER D 297 32.38 -3.51 -16.30
N THR D 298 32.94 -2.37 -15.92
CA THR D 298 32.18 -1.15 -15.78
C THR D 298 32.34 -0.29 -17.02
N PRO D 299 31.28 -0.01 -17.76
CA PRO D 299 31.41 0.74 -19.01
C PRO D 299 31.35 2.24 -18.82
N LEU D 300 31.64 2.95 -19.91
CA LEU D 300 31.53 4.40 -20.00
C LEU D 300 30.47 4.71 -21.06
N MET D 301 29.30 5.12 -20.62
CA MET D 301 28.16 5.32 -21.51
C MET D 301 28.07 6.78 -21.94
N TYR D 302 28.08 7.02 -23.25
CA TYR D 302 27.81 8.33 -23.81
C TYR D 302 26.71 8.21 -24.84
N GLN D 303 25.66 9.02 -24.69
CA GLN D 303 24.47 8.97 -25.54
C GLN D 303 23.85 7.58 -25.55
N GLY D 304 23.97 6.85 -24.47
CA GLY D 304 23.44 5.52 -24.39
C GLY D 304 24.31 4.44 -24.99
N LEU D 305 25.46 4.78 -25.55
CA LEU D 305 26.34 3.82 -26.19
C LEU D 305 27.62 3.67 -25.39
N GLU D 306 28.13 2.45 -25.30
CA GLU D 306 29.34 2.18 -24.55
C GLU D 306 30.55 2.58 -25.38
N VAL D 307 31.37 3.47 -24.85
CA VAL D 307 32.57 3.93 -25.52
C VAL D 307 33.84 3.68 -24.71
N GLY D 308 33.74 3.28 -23.45
CA GLY D 308 34.91 3.04 -22.62
C GLY D 308 34.72 1.80 -21.77
N GLN D 309 35.76 1.48 -21.01
CA GLN D 309 35.79 0.31 -20.14
C GLN D 309 36.79 0.54 -19.03
N LEU D 310 36.33 0.44 -17.80
CA LEU D 310 37.22 0.57 -16.65
C LEU D 310 38.12 -0.64 -16.58
N THR D 311 39.42 -0.45 -16.71
CA THR D 311 40.34 -1.58 -16.83
C THR D 311 41.08 -1.85 -15.52
N LYS D 312 41.65 -0.84 -14.88
CA LYS D 312 42.47 -1.04 -13.70
C LYS D 312 41.90 -0.31 -12.50
N LEU D 313 42.00 -0.91 -11.32
CA LEU D 313 41.45 -0.36 -10.08
C LEU D 313 42.42 -0.66 -8.94
N ASP D 314 42.93 0.37 -8.30
CA ASP D 314 43.97 0.24 -7.28
C ASP D 314 43.63 1.05 -6.05
N LEU D 315 44.25 0.66 -4.93
CA LEU D 315 44.10 1.33 -3.64
C LEU D 315 45.45 1.86 -3.22
N ASN D 316 45.74 3.11 -3.58
CA ASN D 316 46.94 3.78 -3.16
C ASN D 316 46.88 4.11 -1.66
N PRO D 317 48.03 4.11 -0.99
CA PRO D 317 48.03 4.31 0.46
C PRO D 317 47.49 5.68 0.84
N GLY D 318 46.94 5.74 2.04
CA GLY D 318 46.10 6.84 2.45
C GLY D 318 44.64 6.63 2.16
N GLY D 319 44.25 5.43 1.74
CA GLY D 319 42.89 5.13 1.36
C GLY D 319 42.43 5.86 0.12
N LYS D 320 43.26 5.90 -0.91
CA LYS D 320 42.96 6.63 -2.13
C LYS D 320 42.65 5.62 -3.24
N VAL D 321 41.40 5.53 -3.63
CA VAL D 321 41.01 4.62 -4.70
C VAL D 321 41.23 5.30 -6.04
N THR D 322 41.99 4.67 -6.93
CA THR D 322 42.27 5.23 -8.23
C THR D 322 41.96 4.20 -9.30
N GLY D 323 41.71 4.68 -10.52
CA GLY D 323 41.33 3.83 -11.61
C GLY D 323 41.96 4.26 -12.92
N GLU D 324 41.91 3.35 -13.88
CA GLU D 324 42.49 3.54 -15.19
C GLU D 324 41.55 2.95 -16.23
N MET D 325 41.16 3.76 -17.21
CA MET D 325 40.12 3.42 -18.17
C MET D 325 40.63 3.58 -19.60
N THR D 326 40.23 2.65 -20.47
CA THR D 326 40.56 2.73 -21.90
C THR D 326 39.37 3.27 -22.66
N VAL D 327 39.62 4.28 -23.50
CA VAL D 327 38.57 4.86 -24.33
C VAL D 327 38.93 4.65 -25.78
N ASP D 328 37.92 4.43 -26.61
CA ASP D 328 38.11 4.22 -28.03
C ASP D 328 38.50 5.52 -28.71
N PRO D 329 39.17 5.45 -29.86
CA PRO D 329 39.63 6.69 -30.51
C PRO D 329 38.54 7.59 -31.04
N SER D 330 37.28 7.17 -31.03
CA SER D 330 36.22 8.00 -31.61
C SER D 330 35.92 9.21 -30.73
N VAL D 331 36.05 9.09 -29.42
CA VAL D 331 35.64 10.13 -28.48
C VAL D 331 36.84 10.77 -27.80
N VAL D 332 38.02 10.68 -28.39
CA VAL D 332 39.20 11.29 -27.80
C VAL D 332 39.09 12.80 -27.88
N THR D 333 38.55 13.33 -28.97
CA THR D 333 38.39 14.77 -29.12
C THR D 333 37.38 15.35 -28.14
N LEU D 334 36.54 14.53 -27.54
CA LEU D 334 35.58 14.99 -26.55
C LEU D 334 36.16 15.08 -25.15
N LEU D 335 37.38 14.61 -24.93
CA LEU D 335 38.03 14.65 -23.62
C LEU D 335 38.88 15.91 -23.55
N ARG D 336 38.31 16.97 -22.99
CA ARG D 336 39.00 18.25 -22.88
C ARG D 336 38.88 18.80 -21.47
N GLU D 337 39.26 20.05 -21.26
CA GLU D 337 39.02 20.67 -19.98
C GLU D 337 37.54 20.90 -19.75
N ASN D 338 37.19 21.07 -18.48
CA ASN D 338 35.81 21.12 -18.00
C ASN D 338 34.91 20.08 -18.66
N THR D 339 35.44 18.88 -18.87
CA THR D 339 34.69 17.72 -19.31
C THR D 339 34.52 16.82 -18.10
N ARG D 340 33.29 16.47 -17.77
CA ARG D 340 33.00 15.82 -16.50
C ARG D 340 32.73 14.34 -16.71
N ILE D 341 33.18 13.52 -15.78
CA ILE D 341 32.88 12.10 -15.77
C ILE D 341 32.26 11.78 -14.42
N GLU D 342 31.04 11.26 -14.43
CA GLU D 342 30.33 11.01 -13.20
C GLU D 342 29.85 9.57 -13.15
N LEU D 343 29.34 9.16 -11.99
CA LEU D 343 28.83 7.81 -11.82
C LEU D 343 27.34 7.85 -11.51
N ARG D 344 26.61 6.95 -12.14
CA ARG D 344 25.17 6.83 -11.99
C ARG D 344 24.83 5.48 -11.38
N ASN D 345 23.99 5.50 -10.36
CA ASN D 345 23.46 4.30 -9.76
C ASN D 345 22.28 3.78 -10.56
N PRO D 346 22.06 2.48 -10.57
CA PRO D 346 20.90 1.93 -11.28
C PRO D 346 19.60 2.22 -10.55
N LYS D 347 18.79 3.13 -11.09
CA LYS D 347 17.53 3.50 -10.48
C LYS D 347 16.40 2.63 -11.02
N LEU D 348 15.44 2.33 -10.16
CA LEU D 348 14.29 1.50 -10.51
C LEU D 348 13.11 2.40 -10.85
N SER D 349 12.60 2.26 -12.07
CA SER D 349 11.46 3.03 -12.54
C SER D 349 10.27 2.10 -12.74
N LEU D 350 9.15 2.42 -12.07
CA LEU D 350 7.97 1.59 -12.19
C LEU D 350 7.30 1.77 -13.54
N SER D 351 7.34 2.99 -14.09
CA SER D 351 6.72 3.23 -15.39
C SER D 351 7.51 2.60 -16.52
N ASP D 352 8.83 2.72 -16.49
CA ASP D 352 9.72 2.19 -17.53
C ASP D 352 10.74 1.28 -16.85
N ALA D 353 10.38 0.01 -16.69
CA ALA D 353 11.26 -0.95 -16.04
C ALA D 353 12.39 -1.35 -16.98
N ASN D 354 13.62 -1.29 -16.47
CA ASN D 354 14.80 -1.65 -17.23
C ASN D 354 15.59 -2.69 -16.44
N LEU D 355 15.37 -3.96 -16.77
CA LEU D 355 16.05 -5.03 -16.05
C LEU D 355 17.54 -5.05 -16.37
N SER D 356 17.91 -4.75 -17.61
CA SER D 356 19.32 -4.73 -17.98
C SER D 356 20.06 -3.63 -17.23
N ALA D 357 19.45 -2.46 -17.11
CA ALA D 357 20.08 -1.37 -16.37
C ALA D 357 20.21 -1.72 -14.90
N LEU D 358 19.23 -2.45 -14.35
CA LEU D 358 19.35 -2.90 -12.98
C LEU D 358 20.48 -3.90 -12.82
N LEU D 359 20.65 -4.80 -13.79
CA LEU D 359 21.68 -5.82 -13.68
C LEU D 359 23.08 -5.26 -13.92
N THR D 360 23.22 -4.19 -14.69
CA THR D 360 24.55 -3.66 -14.97
C THR D 360 25.18 -3.05 -13.73
N GLY D 361 24.44 -2.23 -13.00
CA GLY D 361 24.97 -1.61 -11.80
C GLY D 361 25.46 -0.18 -11.97
N LYS D 362 26.60 0.15 -11.37
CA LYS D 362 27.15 1.49 -11.53
C LYS D 362 27.55 1.74 -12.97
N THR D 363 27.35 2.96 -13.44
CA THR D 363 27.62 3.31 -14.83
C THR D 363 28.37 4.64 -14.90
N PHE D 364 29.45 4.68 -15.67
CA PHE D 364 30.18 5.93 -15.88
C PHE D 364 29.53 6.72 -17.02
N GLU D 365 29.21 7.97 -16.76
CA GLU D 365 28.56 8.86 -17.71
C GLU D 365 29.50 10.01 -18.04
N LEU D 366 29.56 10.36 -19.33
CA LEU D 366 30.47 11.38 -19.84
C LEU D 366 29.69 12.61 -20.29
N VAL D 367 30.08 13.77 -19.77
CA VAL D 367 29.51 15.06 -20.17
C VAL D 367 30.60 15.89 -20.81
N PRO D 368 30.60 16.03 -22.13
CA PRO D 368 31.70 16.73 -22.80
C PRO D 368 31.73 18.21 -22.50
N GLY D 369 32.93 18.77 -22.64
CA GLY D 369 33.16 20.20 -22.47
C GLY D 369 34.08 20.74 -23.54
N ASP D 370 34.65 21.93 -23.31
CA ASP D 370 35.55 22.57 -24.26
C ASP D 370 36.80 23.08 -23.58
N GLY D 371 37.90 23.08 -24.31
CA GLY D 371 39.16 23.58 -23.80
C GLY D 371 40.31 22.72 -24.26
N GLU D 372 41.42 22.84 -23.54
CA GLU D 372 42.60 22.06 -23.85
C GLU D 372 42.36 20.59 -23.52
N PRO D 373 42.80 19.66 -24.36
CA PRO D 373 42.63 18.25 -24.04
C PRO D 373 43.41 17.84 -22.79
N ARG D 374 42.82 16.92 -22.03
CA ARG D 374 43.42 16.42 -20.81
C ARG D 374 43.22 14.92 -20.72
N LYS D 375 44.08 14.25 -19.96
CA LYS D 375 44.05 12.80 -19.86
C LYS D 375 43.76 12.30 -18.45
N GLU D 376 43.44 13.18 -17.52
CA GLU D 376 43.13 12.77 -16.16
C GLU D 376 41.93 13.55 -15.65
N PHE D 377 41.08 12.89 -14.87
CA PHE D 377 39.85 13.48 -14.39
C PHE D 377 39.62 13.07 -12.94
N VAL D 378 38.76 13.83 -12.27
CA VAL D 378 38.33 13.54 -10.91
C VAL D 378 36.84 13.25 -10.96
N VAL D 379 36.47 12.09 -10.47
CA VAL D 379 35.09 11.61 -10.53
C VAL D 379 34.37 12.06 -9.28
N VAL D 380 33.20 12.69 -9.45
CA VAL D 380 32.38 13.16 -8.35
C VAL D 380 31.11 12.32 -8.26
N PRO D 381 30.54 12.14 -7.08
CA PRO D 381 29.29 11.39 -6.96
C PRO D 381 28.12 12.12 -7.59
N GLY D 382 27.04 11.38 -7.78
CA GLY D 382 25.84 11.95 -8.39
C GLY D 382 25.15 12.98 -7.54
N GLU D 383 25.35 12.93 -6.23
CA GLU D 383 24.78 13.94 -5.36
C GLU D 383 25.44 15.30 -5.59
N LYS D 384 26.73 15.32 -5.86
CA LYS D 384 27.47 16.54 -6.08
C LYS D 384 27.58 16.90 -7.55
N ALA D 385 26.84 16.22 -8.41
CA ALA D 385 26.92 16.48 -9.84
C ALA D 385 26.45 17.88 -10.19
N LEU D 386 25.39 18.35 -9.55
CA LEU D 386 24.90 19.69 -9.81
C LEU D 386 25.86 20.75 -9.30
N LEU D 387 26.63 20.43 -8.28
CA LEU D 387 27.52 21.41 -7.68
C LEU D 387 28.70 21.72 -8.59
N HIS D 388 29.08 20.80 -9.47
CA HIS D 388 30.26 20.96 -10.30
C HIS D 388 29.94 21.38 -11.72
N GLU D 389 28.72 21.85 -11.98
CA GLU D 389 28.40 22.37 -13.29
C GLU D 389 29.13 23.69 -13.53
N PRO D 390 29.41 24.02 -14.79
CA PRO D 390 30.12 25.27 -15.06
C PRO D 390 29.43 26.51 -14.56
N ASP D 391 28.11 26.58 -14.60
CA ASP D 391 27.37 27.69 -14.02
C ASP D 391 26.35 27.12 -13.06
N VAL D 392 26.40 27.58 -11.82
CA VAL D 392 25.45 27.11 -10.82
C VAL D 392 25.47 28.13 -9.72
N LEU D 393 24.31 28.38 -9.13
CA LEU D 393 24.19 29.35 -8.07
C LEU D 393 24.14 28.65 -6.71
N THR D 394 25.22 28.78 -5.94
CA THR D 394 25.33 28.14 -4.64
C THR D 394 24.94 29.14 -3.56
N LEU D 395 24.05 28.74 -2.67
CA LEU D 395 23.53 29.58 -1.62
C LEU D 395 23.60 28.87 -0.28
N THR D 396 23.85 29.63 0.77
CA THR D 396 23.85 29.11 2.13
C THR D 396 22.77 29.82 2.92
N LEU D 397 21.89 29.05 3.53
CA LEU D 397 20.79 29.62 4.30
C LEU D 397 20.69 28.97 5.67
N THR D 398 20.46 29.79 6.69
CA THR D 398 20.43 29.35 8.07
C THR D 398 19.02 29.29 8.64
N ALA D 399 18.82 28.40 9.59
CA ALA D 399 17.53 28.23 10.23
C ALA D 399 17.76 27.69 11.63
N PRO D 400 16.93 28.05 12.59
CA PRO D 400 17.08 27.49 13.93
C PRO D 400 16.71 26.02 14.02
N GLU D 401 15.98 25.48 13.07
CA GLU D 401 15.54 24.10 13.08
C GLU D 401 15.69 23.51 11.69
N SER D 402 15.83 22.20 11.63
CA SER D 402 15.93 21.53 10.33
C SER D 402 14.61 21.51 9.60
N TYR D 403 13.50 21.50 10.32
CA TYR D 403 12.16 21.43 9.75
C TYR D 403 11.98 20.19 8.89
N GLY D 404 12.73 19.14 9.20
CA GLY D 404 12.61 17.93 8.43
C GLY D 404 13.06 18.03 7.00
N ILE D 405 14.12 18.77 6.72
CA ILE D 405 14.63 18.94 5.37
C ILE D 405 15.91 18.15 5.26
N ASP D 406 15.94 17.22 4.33
CA ASP D 406 17.09 16.36 4.15
C ASP D 406 18.01 16.97 3.09
N ALA D 407 19.00 16.21 2.63
CA ALA D 407 19.96 16.70 1.65
C ALA D 407 19.62 16.29 0.22
N GLY D 408 18.38 15.89 -0.04
CA GLY D 408 17.99 15.56 -1.39
C GLY D 408 16.70 16.23 -1.80
N GLN D 409 16.22 17.12 -0.97
CA GLN D 409 14.98 17.83 -1.22
C GLN D 409 15.17 18.81 -2.36
N PRO D 410 14.13 19.05 -3.14
CA PRO D 410 14.22 20.01 -4.24
C PRO D 410 13.84 21.43 -3.83
N LEU D 411 14.21 22.37 -4.68
CA LEU D 411 13.80 23.75 -4.56
C LEU D 411 12.76 24.05 -5.63
N ILE D 412 11.65 24.67 -5.24
CA ILE D 412 10.48 24.82 -6.09
C ILE D 412 10.16 26.29 -6.26
N LEU D 413 10.04 26.73 -7.50
CA LEU D 413 9.60 28.06 -7.84
C LEU D 413 8.42 27.96 -8.77
N HIS D 414 7.30 28.54 -8.37
CA HIS D 414 6.07 28.54 -9.15
C HIS D 414 5.64 27.13 -9.51
N GLY D 415 5.85 26.21 -8.58
CA GLY D 415 5.49 24.84 -8.82
C GLY D 415 6.44 24.04 -9.67
N VAL D 416 7.56 24.60 -10.09
CA VAL D 416 8.52 23.93 -10.95
C VAL D 416 9.82 23.78 -10.19
N GLN D 417 10.40 22.59 -10.24
CA GLN D 417 11.66 22.35 -9.56
C GLN D 417 12.79 23.04 -10.30
N VAL D 418 13.48 23.96 -9.64
CA VAL D 418 14.56 24.70 -10.24
C VAL D 418 15.88 24.47 -9.55
N GLY D 419 15.92 23.67 -8.50
CA GLY D 419 17.16 23.45 -7.77
C GLY D 419 17.09 22.22 -6.91
N GLN D 420 18.08 22.08 -6.04
CA GLN D 420 18.18 20.93 -5.18
C GLN D 420 19.05 21.26 -3.98
N VAL D 421 18.62 20.82 -2.80
CA VAL D 421 19.42 20.99 -1.60
C VAL D 421 20.63 20.09 -1.67
N ILE D 422 21.81 20.67 -1.49
CA ILE D 422 23.04 19.90 -1.59
C ILE D 422 23.41 19.25 -0.28
N ASP D 423 23.50 20.01 0.81
CA ASP D 423 23.86 19.40 2.08
C ASP D 423 23.32 20.20 3.25
N ARG D 424 23.31 19.56 4.41
CA ARG D 424 22.83 20.13 5.65
C ARG D 424 23.85 19.90 6.75
N LYS D 425 24.12 20.95 7.54
CA LYS D 425 25.08 20.88 8.62
C LYS D 425 24.48 21.43 9.91
N LEU D 426 24.80 20.78 11.03
CA LEU D 426 24.31 21.20 12.33
C LEU D 426 25.43 21.87 13.11
N THR D 427 25.18 23.07 13.57
CA THR D 427 26.13 23.86 14.34
C THR D 427 25.53 24.22 15.69
N SER D 428 26.30 24.95 16.48
CA SER D 428 25.80 25.40 17.77
C SER D 428 24.68 26.42 17.61
N LYS D 429 24.82 27.34 16.66
CA LYS D 429 23.77 28.33 16.45
C LYS D 429 22.51 27.70 15.89
N GLY D 430 22.66 26.79 14.93
CA GLY D 430 21.50 26.18 14.32
C GLY D 430 21.84 25.23 13.19
N VAL D 431 21.05 25.27 12.13
CA VAL D 431 21.22 24.38 10.99
C VAL D 431 21.46 25.21 9.75
N THR D 432 22.51 24.90 9.01
CA THR D 432 22.84 25.60 7.78
C THR D 432 22.68 24.65 6.60
N PHE D 433 21.92 25.07 5.62
CA PHE D 433 21.69 24.32 4.38
C PHE D 433 22.44 24.99 3.25
N THR D 434 23.18 24.20 2.48
CA THR D 434 23.81 24.63 1.25
C THR D 434 23.04 24.05 0.09
N VAL D 435 22.55 24.93 -0.79
CA VAL D 435 21.68 24.54 -1.89
C VAL D 435 22.22 25.10 -3.19
N ALA D 436 21.75 24.53 -4.30
CA ALA D 436 22.21 24.89 -5.63
C ALA D 436 21.02 25.19 -6.54
N ILE D 437 21.23 26.13 -7.44
CA ILE D 437 20.24 26.56 -8.42
C ILE D 437 20.82 26.37 -9.80
N GLU D 438 20.05 25.74 -10.69
CA GLU D 438 20.52 25.45 -12.02
C GLU D 438 20.72 26.73 -12.81
N PRO D 439 21.66 26.73 -13.76
CA PRO D 439 21.90 27.94 -14.54
C PRO D 439 20.77 28.35 -15.46
N GLN D 440 19.88 27.44 -15.82
CA GLN D 440 18.78 27.78 -16.70
C GLN D 440 17.88 28.79 -16.06
N HIS D 441 17.62 28.62 -14.77
CA HIS D 441 16.76 29.52 -14.02
C HIS D 441 17.57 30.45 -13.15
N ARG D 442 18.85 30.59 -13.46
CA ARG D 442 19.70 31.47 -12.67
C ARG D 442 19.24 32.90 -12.76
N GLU D 443 18.73 33.31 -13.91
CA GLU D 443 18.28 34.68 -14.10
C GLU D 443 16.95 34.94 -13.44
N LEU D 444 16.23 33.91 -13.02
CA LEU D 444 14.95 34.13 -12.39
C LEU D 444 15.03 34.19 -10.87
N VAL D 445 16.24 34.06 -10.31
CA VAL D 445 16.37 34.03 -8.85
C VAL D 445 16.06 35.39 -8.26
N LYS D 446 16.62 36.47 -8.83
CA LYS D 446 16.27 37.82 -8.39
C LYS D 446 16.56 38.04 -6.91
N GLY D 447 17.85 38.10 -6.61
CA GLY D 447 18.43 37.91 -5.29
C GLY D 447 17.67 38.44 -4.10
N ASP D 448 16.97 39.56 -4.22
CA ASP D 448 16.09 40.00 -3.15
C ASP D 448 14.84 39.12 -3.10
N SER D 449 15.00 37.91 -2.60
CA SER D 449 13.95 36.90 -2.63
C SER D 449 13.83 36.26 -1.25
N LYS D 450 12.87 35.37 -1.10
CA LYS D 450 12.59 34.73 0.18
C LYS D 450 12.57 33.21 0.01
N PHE D 451 12.85 32.52 1.11
CA PHE D 451 12.80 31.05 1.14
C PHE D 451 11.86 30.61 2.24
N VAL D 452 10.97 29.69 1.89
CA VAL D 452 9.88 29.25 2.75
C VAL D 452 9.93 27.74 2.89
N VAL D 453 9.69 27.26 4.10
CA VAL D 453 9.65 25.84 4.35
C VAL D 453 8.40 25.26 3.72
N ASN D 454 8.56 24.14 3.01
CA ASN D 454 7.43 23.43 2.42
C ASN D 454 7.37 21.99 2.86
N SER D 455 8.09 21.63 3.91
CA SER D 455 8.12 20.26 4.38
C SER D 455 7.05 19.94 5.41
N ARG D 456 6.32 20.94 5.90
CA ARG D 456 5.29 20.72 6.90
C ARG D 456 3.97 21.31 6.41
N VAL D 457 2.88 20.62 6.73
CA VAL D 457 1.53 21.03 6.37
C VAL D 457 0.87 21.66 7.57
N ASP D 458 0.04 22.68 7.31
CA ASP D 458 -0.70 23.37 8.36
C ASP D 458 -2.16 23.43 7.98
N VAL D 459 -3.03 23.02 8.90
CA VAL D 459 -4.47 23.05 8.71
C VAL D 459 -5.08 23.92 9.79
N LYS D 460 -5.79 24.97 9.37
CA LYS D 460 -6.49 25.86 10.30
C LYS D 460 -7.99 25.75 10.05
N VAL D 461 -8.74 25.46 11.10
CA VAL D 461 -10.17 25.28 11.00
C VAL D 461 -10.86 26.46 11.71
N GLY D 462 -12.11 26.68 11.35
CA GLY D 462 -12.87 27.76 11.93
C GLY D 462 -14.30 27.73 11.40
N LEU D 463 -15.10 28.65 11.92
CA LEU D 463 -16.48 28.76 11.47
C LEU D 463 -16.56 29.19 10.01
N ASP D 464 -15.72 30.13 9.61
CA ASP D 464 -15.68 30.62 8.23
C ASP D 464 -14.33 30.44 7.56
N GLY D 465 -13.24 30.61 8.31
CA GLY D 465 -11.93 30.50 7.71
C GLY D 465 -11.25 29.19 7.98
N VAL D 466 -11.26 28.32 6.97
CA VAL D 466 -10.56 27.03 7.01
C VAL D 466 -9.56 27.05 5.87
N GLU D 467 -8.28 26.86 6.19
CA GLU D 467 -7.23 26.94 5.20
C GLU D 467 -6.25 25.79 5.38
N PHE D 468 -5.61 25.44 4.27
CA PHE D 468 -4.63 24.36 4.20
C PHE D 468 -3.36 24.95 3.62
N LEU D 469 -2.52 25.49 4.49
CA LEU D 469 -1.31 26.19 4.10
C LEU D 469 -0.08 25.33 4.37
N GLY D 470 1.09 25.89 4.10
CA GLY D 470 2.33 25.17 4.29
C GLY D 470 2.74 24.38 3.06
N ALA D 471 1.99 23.35 2.75
CA ALA D 471 2.29 22.50 1.60
C ALA D 471 1.03 21.75 1.20
N SER D 472 0.85 21.57 -0.10
CA SER D 472 -0.21 20.72 -0.64
C SER D 472 0.25 19.27 -0.56
N ALA D 473 -0.59 18.35 -1.04
CA ALA D 473 -0.24 16.94 -0.98
C ALA D 473 0.98 16.61 -1.84
N SER D 474 1.02 17.14 -3.06
CA SER D 474 2.21 16.99 -3.89
C SER D 474 3.39 17.73 -3.28
N GLU D 475 3.14 18.91 -2.71
CA GLU D 475 4.21 19.62 -2.02
C GLU D 475 4.66 18.89 -0.76
N TRP D 476 3.75 18.22 -0.06
CA TRP D 476 4.13 17.47 1.14
C TRP D 476 4.97 16.26 0.79
N ILE D 477 4.60 15.52 -0.25
CA ILE D 477 5.40 14.36 -0.64
C ILE D 477 6.71 14.80 -1.26
N ASN D 478 6.74 15.95 -1.93
CA ASN D 478 8.00 16.47 -2.44
C ASN D 478 8.85 17.12 -1.35
N GLY D 479 8.24 17.84 -0.43
CA GLY D 479 8.99 18.59 0.56
C GLY D 479 9.72 19.76 -0.09
N GLY D 480 10.82 20.17 0.53
CA GLY D 480 11.71 21.14 -0.06
C GLY D 480 11.45 22.56 0.38
N ILE D 481 12.00 23.49 -0.40
CA ILE D 481 11.98 24.91 -0.10
C ILE D 481 11.30 25.66 -1.23
N ARG D 482 10.34 26.50 -0.89
CA ARG D 482 9.65 27.36 -1.85
C ARG D 482 10.38 28.68 -1.97
N ILE D 483 10.43 29.24 -3.17
CA ILE D 483 11.15 30.48 -3.45
C ILE D 483 10.14 31.56 -3.76
N LEU D 484 10.22 32.68 -3.06
CA LEU D 484 9.41 33.84 -3.35
C LEU D 484 10.28 34.83 -4.09
N PRO D 485 10.08 35.03 -5.39
CA PRO D 485 11.02 35.85 -6.17
C PRO D 485 10.86 37.33 -5.90
N GLY D 486 11.91 38.06 -6.26
CA GLY D 486 11.92 39.49 -6.10
C GLY D 486 12.01 40.28 -7.40
N ASP D 487 12.15 41.59 -7.28
CA ASP D 487 12.26 42.47 -8.43
C ASP D 487 13.68 42.85 -8.78
N LYS D 488 14.52 43.11 -7.78
CA LYS D 488 15.90 43.47 -8.02
C LYS D 488 16.69 43.19 -6.76
N GLY D 489 17.88 42.62 -6.94
CA GLY D 489 18.69 42.26 -5.79
C GLY D 489 20.15 42.17 -6.15
N GLU D 490 20.95 41.83 -5.14
CA GLU D 490 22.40 41.79 -5.28
C GLU D 490 22.99 40.42 -4.93
N MET D 491 22.16 39.42 -4.66
CA MET D 491 22.65 38.06 -4.43
C MET D 491 23.65 38.03 -3.27
N LYS D 492 23.09 38.15 -2.07
CA LYS D 492 23.89 38.11 -0.86
C LYS D 492 24.42 36.71 -0.61
N ALA D 493 25.33 36.62 0.35
CA ALA D 493 26.00 35.37 0.68
C ALA D 493 25.11 34.42 1.47
N SER D 494 24.43 34.92 2.49
CA SER D 494 23.63 34.11 3.38
C SER D 494 22.23 34.69 3.46
N TYR D 495 21.23 33.81 3.60
CA TYR D 495 19.85 34.23 3.66
C TYR D 495 19.17 33.46 4.79
N PRO D 496 18.22 34.06 5.47
CA PRO D 496 17.46 33.33 6.46
C PRO D 496 16.50 32.36 5.79
N LEU D 497 16.05 31.39 6.55
CA LEU D 497 15.01 30.49 6.09
C LEU D 497 13.76 30.79 6.92
N TYR D 498 12.65 31.08 6.26
CA TYR D 498 11.44 31.46 6.95
C TYR D 498 10.52 30.24 7.14
N ALA D 499 9.81 30.23 8.25
CA ALA D 499 8.99 29.07 8.58
C ALA D 499 7.81 28.95 7.63
N ASN D 500 7.14 30.06 7.31
CA ASN D 500 5.99 29.99 6.43
C ASN D 500 5.91 31.27 5.61
N LEU D 501 4.89 31.36 4.76
CA LEU D 501 4.75 32.49 3.86
C LEU D 501 4.52 33.80 4.60
N GLU D 502 3.67 33.78 5.61
CA GLU D 502 3.33 35.00 6.35
C GLU D 502 4.56 35.64 6.96
N LYS D 503 5.40 34.83 7.61
CA LYS D 503 6.61 35.36 8.23
C LYS D 503 7.53 35.95 7.18
N ALA D 504 7.63 35.31 6.02
CA ALA D 504 8.46 35.83 4.95
C ALA D 504 7.96 37.18 4.48
N LEU D 505 6.64 37.32 4.30
CA LEU D 505 6.09 38.61 3.88
C LEU D 505 6.31 39.67 4.96
N GLU D 506 6.11 39.32 6.22
CA GLU D 506 6.32 40.27 7.30
C GLU D 506 7.78 40.47 7.63
N ASN D 507 8.68 39.72 7.00
CA ASN D 507 10.11 39.79 7.29
C ASN D 507 10.42 39.58 8.76
N SER D 508 9.66 38.69 9.39
CA SER D 508 9.82 38.36 10.80
C SER D 508 10.47 36.99 10.90
N LEU D 509 11.65 36.93 11.49
CA LEU D 509 12.37 35.67 11.67
C LEU D 509 12.24 35.12 13.09
N SER D 510 11.31 35.64 13.88
CA SER D 510 11.11 35.18 15.25
C SER D 510 9.64 34.86 15.46
N ASP D 511 9.40 33.91 16.37
CA ASP D 511 8.03 33.48 16.62
C ASP D 511 7.21 34.58 17.27
N LEU D 512 7.74 35.20 18.30
CA LEU D 512 7.01 36.29 18.95
C LEU D 512 7.37 37.60 18.28
N PRO D 513 6.39 38.42 17.92
CA PRO D 513 6.71 39.72 17.33
C PRO D 513 7.24 40.68 18.39
N THR D 514 8.01 41.66 17.92
CA THR D 514 8.62 42.61 18.81
C THR D 514 7.57 43.49 19.47
N THR D 515 7.81 43.82 20.73
CA THR D 515 6.90 44.70 21.45
C THR D 515 7.00 46.10 20.91
N THR D 516 5.88 46.78 20.87
CA THR D 516 5.83 48.15 20.41
C THR D 516 5.16 49.07 21.41
N VAL D 517 4.07 48.61 22.02
CA VAL D 517 3.30 49.43 22.95
C VAL D 517 3.16 48.65 24.25
N SER D 518 3.35 49.33 25.37
CA SER D 518 3.14 48.73 26.68
C SER D 518 2.08 49.51 27.42
N LEU D 519 1.08 48.81 27.95
CA LEU D 519 0.00 49.45 28.69
C LEU D 519 -0.14 48.79 30.03
N SER D 520 -0.61 49.56 31.00
CA SER D 520 -0.85 49.10 32.35
C SER D 520 -2.31 49.27 32.70
N ALA D 521 -2.93 48.22 33.23
CA ALA D 521 -4.35 48.30 33.55
C ALA D 521 -4.59 47.74 34.94
N GLU D 522 -5.58 48.33 35.63
CA GLU D 522 -5.94 47.84 36.94
C GLU D 522 -6.68 46.51 36.86
N THR D 523 -7.64 46.41 35.95
CA THR D 523 -8.36 45.16 35.72
C THR D 523 -8.12 44.72 34.27
N LEU D 524 -8.79 43.66 33.87
CA LEU D 524 -8.60 43.06 32.55
C LEU D 524 -9.95 42.93 31.88
N PRO D 525 -10.51 44.00 31.36
CA PRO D 525 -11.88 43.89 30.83
C PRO D 525 -11.99 43.22 29.48
N ASP D 526 -12.41 41.95 29.48
CA ASP D 526 -12.78 41.21 28.27
C ASP D 526 -11.66 41.22 27.22
N VAL D 527 -10.42 41.13 27.68
CA VAL D 527 -9.26 41.14 26.79
C VAL D 527 -8.31 40.04 27.21
N GLN D 528 -7.68 39.40 26.22
CA GLN D 528 -6.72 38.36 26.50
C GLN D 528 -5.67 38.37 25.39
N ALA D 529 -4.80 37.37 25.39
CA ALA D 529 -3.80 37.27 24.34
C ALA D 529 -4.44 36.94 23.01
N GLY D 530 -3.92 37.58 21.95
CA GLY D 530 -4.45 37.39 20.62
C GLY D 530 -5.61 38.28 20.25
N SER D 531 -6.02 39.18 21.12
CA SER D 531 -7.10 40.09 20.80
C SER D 531 -6.61 41.16 19.83
N VAL D 532 -7.53 41.73 19.08
CA VAL D 532 -7.21 42.65 18.00
C VAL D 532 -7.04 44.05 18.57
N VAL D 533 -6.30 44.88 17.83
CA VAL D 533 -6.12 46.30 18.14
C VAL D 533 -6.75 47.09 17.01
N LEU D 534 -7.71 47.94 17.35
CA LEU D 534 -8.53 48.61 16.34
C LEU D 534 -8.32 50.12 16.35
N TYR D 535 -8.07 50.69 15.17
CA TYR D 535 -8.07 52.14 14.98
C TYR D 535 -9.32 52.50 14.21
N ARG D 536 -10.30 53.08 14.92
CA ARG D 536 -11.61 53.39 14.35
C ARG D 536 -12.23 52.17 13.71
N LYS D 537 -12.19 51.07 14.46
CA LYS D 537 -12.73 49.78 14.06
C LYS D 537 -12.06 49.25 12.80
N PHE D 538 -10.74 49.42 12.71
CA PHE D 538 -9.95 48.87 11.62
C PHE D 538 -8.82 48.06 12.21
N GLU D 539 -8.65 46.83 11.73
CA GLU D 539 -7.68 45.89 12.31
C GLU D 539 -6.26 46.37 12.05
N VAL D 540 -5.57 46.80 13.10
CA VAL D 540 -4.19 47.26 13.04
C VAL D 540 -3.43 46.57 14.17
N GLY D 541 -2.73 45.50 13.84
CA GLY D 541 -1.91 44.84 14.82
C GLY D 541 -2.74 43.96 15.75
N GLU D 542 -2.06 43.41 16.75
CA GLU D 542 -2.69 42.48 17.67
C GLU D 542 -2.01 42.52 19.00
N VAL D 543 -2.68 41.97 19.99
CA VAL D 543 -2.15 41.97 21.34
C VAL D 543 -1.18 40.81 21.43
N ILE D 544 0.01 41.08 21.95
CA ILE D 544 1.01 40.03 22.08
C ILE D 544 0.74 39.23 23.33
N THR D 545 0.71 39.88 24.48
CA THR D 545 0.67 39.07 25.68
C THR D 545 0.22 39.92 26.86
N VAL D 546 -0.21 39.24 27.91
CA VAL D 546 -0.62 39.85 29.16
C VAL D 546 0.07 39.14 30.29
N ARG D 547 0.70 39.90 31.18
CA ARG D 547 1.35 39.34 32.36
C ARG D 547 0.73 39.93 33.61
N PRO D 548 0.17 39.11 34.49
CA PRO D 548 -0.42 39.63 35.71
C PRO D 548 0.62 39.95 36.76
N ARG D 549 0.32 40.98 37.56
CA ARG D 549 1.07 41.34 38.73
C ARG D 549 0.08 41.48 39.88
N ALA D 550 0.62 41.52 41.10
CA ALA D 550 -0.21 41.35 42.28
C ALA D 550 -1.28 42.43 42.40
N ASN D 551 -1.14 43.54 41.70
CA ASN D 551 -2.18 44.55 41.68
C ASN D 551 -2.61 44.97 40.28
N ALA D 552 -2.02 44.45 39.22
CA ALA D 552 -2.28 45.05 37.91
C ALA D 552 -2.03 44.05 36.80
N PHE D 553 -1.97 44.56 35.57
CA PHE D 553 -1.74 43.74 34.39
C PHE D 553 -0.94 44.56 33.41
N ASP D 554 0.21 44.02 33.00
CA ASP D 554 1.07 44.63 32.01
C ASP D 554 0.81 43.97 30.65
N ILE D 555 0.38 44.75 29.67
CA ILE D 555 -0.01 44.23 28.37
C ILE D 555 0.97 44.71 27.32
N ASP D 556 1.53 43.77 26.55
CA ASP D 556 2.42 44.09 25.46
C ASP D 556 1.68 43.92 24.14
N LEU D 557 1.80 44.94 23.29
CA LEU D 557 1.12 45.00 22.00
C LEU D 557 2.14 45.33 20.93
N HIS D 558 1.72 45.11 19.69
CA HIS D 558 2.55 45.33 18.54
C HIS D 558 1.68 45.87 17.42
N ILE D 559 2.24 46.79 16.65
CA ILE D 559 1.60 47.32 15.47
C ILE D 559 2.54 47.19 14.28
N LYS D 560 1.94 47.17 13.11
CA LYS D 560 2.72 47.06 11.89
C LYS D 560 3.54 48.33 11.69
N PRO D 561 4.76 48.20 11.16
CA PRO D 561 5.60 49.39 10.97
C PRO D 561 4.99 50.40 10.02
N GLU D 562 4.30 49.93 8.98
CA GLU D 562 3.69 50.84 8.03
C GLU D 562 2.61 51.70 8.68
N TYR D 563 2.02 51.24 9.76
CA TYR D 563 1.05 52.01 10.51
C TYR D 563 1.62 52.59 11.79
N ARG D 564 2.94 52.48 11.99
CA ARG D 564 3.57 52.96 13.21
C ARG D 564 3.49 54.47 13.35
N ASN D 565 3.16 55.20 12.28
CA ASN D 565 2.95 56.64 12.32
C ASN D 565 1.56 57.02 12.80
N LEU D 566 0.69 56.03 13.04
CA LEU D 566 -0.70 56.31 13.39
C LEU D 566 -0.89 56.73 14.84
N LEU D 567 0.12 56.63 15.69
CA LEU D 567 -0.03 57.03 17.08
C LEU D 567 0.87 58.21 17.37
N THR D 568 0.48 58.99 18.38
CA THR D 568 1.25 60.14 18.81
C THR D 568 1.25 60.16 20.34
N SER D 569 1.68 61.30 20.89
CA SER D 569 1.73 61.46 22.34
C SER D 569 0.35 61.36 22.96
N ASN D 570 -0.66 61.88 22.28
CA ASN D 570 -2.03 61.84 22.78
C ASN D 570 -2.74 60.68 22.11
N SER D 571 -2.97 59.60 22.85
CA SER D 571 -3.66 58.44 22.31
C SER D 571 -4.37 57.70 23.42
N VAL D 572 -5.65 57.43 23.24
CA VAL D 572 -6.45 56.75 24.26
C VAL D 572 -6.70 55.32 23.81
N PHE D 573 -6.85 54.43 24.78
CA PHE D 573 -7.06 53.01 24.55
C PHE D 573 -8.20 52.50 25.41
N TRP D 574 -9.12 51.72 24.84
CA TRP D 574 -10.14 51.12 25.68
C TRP D 574 -10.47 49.73 25.14
N ALA D 575 -11.48 49.09 25.71
CA ALA D 575 -11.86 47.74 25.31
C ALA D 575 -13.31 47.69 24.85
N GLU D 576 -13.54 47.10 23.67
CA GLU D 576 -14.89 47.00 23.17
C GLU D 576 -15.64 45.85 23.85
N GLY D 577 -16.95 46.00 23.98
CA GLY D 577 -17.80 45.00 24.57
C GLY D 577 -18.37 44.06 23.54
N GLY D 578 -19.40 43.33 23.94
CA GLY D 578 -20.01 42.38 23.03
C GLY D 578 -21.32 42.87 22.48
N ALA D 579 -22.42 42.39 23.04
CA ALA D 579 -23.75 42.74 22.55
C ALA D 579 -24.09 44.18 22.90
N LYS D 580 -24.89 44.80 22.05
CA LYS D 580 -25.42 46.13 22.28
C LYS D 580 -26.92 46.05 22.37
N VAL D 581 -27.49 46.60 23.45
CA VAL D 581 -28.92 46.52 23.72
C VAL D 581 -29.54 47.89 23.56
N GLN D 582 -30.62 47.98 22.80
CA GLN D 582 -31.33 49.23 22.58
C GLN D 582 -32.81 49.01 22.86
N LEU D 583 -33.37 49.86 23.72
CA LEU D 583 -34.79 49.85 24.02
C LEU D 583 -35.42 51.08 23.39
N ASN D 584 -36.34 50.86 22.46
CA ASN D 584 -36.95 51.97 21.73
C ASN D 584 -38.35 51.56 21.31
N GLY D 585 -38.93 52.32 20.38
CA GLY D 585 -40.28 52.05 19.94
C GLY D 585 -40.47 50.72 19.24
N SER D 586 -39.39 50.16 18.71
CA SER D 586 -39.43 48.83 18.11
C SER D 586 -39.24 47.71 19.13
N GLY D 587 -39.05 48.06 20.40
CA GLY D 587 -38.89 47.07 21.44
C GLY D 587 -37.47 46.96 21.94
N LEU D 588 -37.04 45.75 22.28
CA LEU D 588 -35.68 45.47 22.70
C LEU D 588 -34.92 44.82 21.55
N THR D 589 -33.90 45.51 21.05
CA THR D 589 -33.05 45.01 19.99
C THR D 589 -31.65 44.74 20.52
N VAL D 590 -31.13 43.54 20.29
CA VAL D 590 -29.81 43.15 20.73
C VAL D 590 -28.97 42.83 19.49
N GLN D 591 -27.87 43.57 19.31
CA GLN D 591 -26.94 43.31 18.22
C GLN D 591 -25.71 42.61 18.78
N ALA D 592 -25.43 41.41 18.28
CA ALA D 592 -24.38 40.57 18.83
C ALA D 592 -23.01 40.82 18.24
N SER D 593 -22.89 41.70 17.24
CA SER D 593 -21.66 42.07 16.53
C SER D 593 -21.12 40.87 15.76
N PRO D 594 -20.16 41.08 14.84
CA PRO D 594 -19.52 39.94 14.21
C PRO D 594 -18.81 39.06 15.23
N LEU D 595 -18.92 37.75 15.04
CA LEU D 595 -18.47 36.83 16.06
C LEU D 595 -16.98 36.62 16.07
N SER D 596 -16.28 37.00 15.00
CA SER D 596 -14.84 36.81 14.96
C SER D 596 -14.16 37.74 15.97
N ARG D 597 -14.38 39.03 15.83
CA ARG D 597 -13.80 39.99 16.77
C ARG D 597 -14.40 39.84 18.16
N ALA D 598 -15.65 39.41 18.24
CA ALA D 598 -16.25 39.18 19.54
C ALA D 598 -15.58 38.02 20.28
N LEU D 599 -15.30 36.93 19.58
CA LEU D 599 -14.63 35.82 20.23
C LEU D 599 -13.18 36.13 20.53
N LYS D 600 -12.48 36.79 19.61
CA LYS D 600 -11.09 37.12 19.87
C LYS D 600 -10.94 38.22 20.90
N GLY D 601 -11.85 39.20 20.89
CA GLY D 601 -11.74 40.38 21.70
C GLY D 601 -11.10 41.51 20.90
N ALA D 602 -11.36 42.74 21.34
CA ALA D 602 -10.88 43.88 20.58
C ALA D 602 -10.58 45.06 21.48
N ILE D 603 -9.35 45.56 21.39
CA ILE D 603 -8.90 46.75 22.08
C ILE D 603 -8.95 47.95 21.14
N SER D 604 -10.15 48.50 20.97
CA SER D 604 -10.25 49.68 20.13
C SER D 604 -9.44 50.80 20.78
N PHE D 605 -8.63 51.46 19.98
CA PHE D 605 -7.79 52.58 20.41
C PHE D 605 -8.11 53.72 19.47
N ASP D 606 -8.10 54.94 19.98
CA ASP D 606 -8.42 56.10 19.17
C ASP D 606 -7.55 57.25 19.64
N ASN D 607 -7.54 58.32 18.86
CA ASN D 607 -6.76 59.51 19.17
C ASN D 607 -7.68 60.55 19.78
N LEU D 608 -7.16 61.28 20.76
CA LEU D 608 -7.92 62.31 21.44
C LEU D 608 -7.17 63.63 21.41
N SER D 609 -7.63 64.61 22.18
CA SER D 609 -7.02 65.92 22.22
C SER D 609 -6.28 66.23 23.52
N GLY D 610 -6.93 66.04 24.66
CA GLY D 610 -6.35 66.33 25.96
C GLY D 610 -5.79 65.12 26.70
N ALA D 611 -5.47 64.04 25.99
CA ALA D 611 -5.01 62.83 26.65
C ALA D 611 -3.65 62.99 27.33
N SER D 612 -2.83 63.94 26.89
CA SER D 612 -1.52 64.11 27.51
C SER D 612 -1.62 64.74 28.90
N ALA D 613 -2.68 65.48 29.18
CA ALA D 613 -2.82 66.13 30.46
C ALA D 613 -3.38 65.15 31.50
N LYS D 620 3.01 55.14 32.25
CA LYS D 620 2.66 54.98 30.84
C LYS D 620 1.18 55.21 30.62
N ARG D 621 0.71 54.87 29.42
CA ARG D 621 -0.71 54.97 29.12
C ARG D 621 -1.48 53.89 29.86
N ILE D 622 -2.67 54.25 30.32
CA ILE D 622 -3.52 53.36 31.11
C ILE D 622 -4.60 52.78 30.21
N LEU D 623 -4.73 51.46 30.23
CA LEU D 623 -5.83 50.79 29.55
C LEU D 623 -7.08 50.91 30.42
N TYR D 624 -8.12 51.53 29.85
CA TYR D 624 -9.33 51.75 30.61
C TYR D 624 -10.30 50.60 30.38
N ALA D 625 -11.43 50.64 31.09
CA ALA D 625 -12.42 49.57 31.00
C ALA D 625 -13.57 49.89 30.07
N SER D 626 -13.82 51.15 29.79
CA SER D 626 -14.91 51.55 28.92
C SER D 626 -14.45 52.70 28.04
N GLU D 627 -15.17 52.92 26.96
CA GLU D 627 -14.87 54.06 26.08
C GLU D 627 -15.09 55.38 26.78
N THR D 628 -16.17 55.48 27.56
CA THR D 628 -16.47 56.72 28.26
C THR D 628 -15.42 57.06 29.30
N ALA D 629 -14.85 56.06 29.95
CA ALA D 629 -13.77 56.31 30.91
C ALA D 629 -12.54 56.85 30.21
N ALA D 630 -12.25 56.35 29.01
CA ALA D 630 -11.12 56.87 28.27
C ALA D 630 -11.38 58.27 27.74
N ARG D 631 -12.63 58.57 27.38
CA ARG D 631 -12.93 59.89 26.81
C ARG D 631 -12.94 61.00 27.85
N ALA D 632 -12.89 60.68 29.14
CA ALA D 632 -12.95 61.70 30.18
C ALA D 632 -11.64 62.47 30.29
N VAL D 633 -11.55 63.61 29.61
CA VAL D 633 -10.40 64.50 29.70
C VAL D 633 -10.89 65.93 29.84
N GLY D 634 -10.02 66.78 30.38
CA GLY D 634 -10.32 68.18 30.58
C GLY D 634 -9.97 68.60 31.99
N GLY D 635 -10.53 69.73 32.41
CA GLY D 635 -10.28 70.20 33.75
C GLY D 635 -10.96 69.36 34.80
N GLN D 636 -10.46 69.45 36.03
CA GLN D 636 -10.94 68.63 37.13
C GLN D 636 -11.53 69.52 38.21
N ILE D 637 -12.72 69.16 38.67
CA ILE D 637 -13.42 69.90 39.72
C ILE D 637 -13.86 68.92 40.80
N THR D 638 -14.15 69.48 41.98
CA THR D 638 -14.56 68.73 43.15
C THR D 638 -15.90 69.24 43.64
N LEU D 639 -16.80 68.30 43.96
CA LEU D 639 -18.10 68.62 44.50
C LEU D 639 -18.25 68.00 45.87
N HIS D 640 -18.86 68.73 46.80
CA HIS D 640 -19.11 68.26 48.14
C HIS D 640 -20.60 67.98 48.29
N ALA D 641 -20.94 66.79 48.78
CA ALA D 641 -22.32 66.41 48.93
C ALA D 641 -22.58 65.87 50.32
N PHE D 642 -23.79 66.09 50.82
CA PHE D 642 -24.21 65.50 52.08
C PHE D 642 -24.61 64.04 51.96
N ASP D 643 -24.85 63.56 50.75
CA ASP D 643 -25.29 62.18 50.54
C ASP D 643 -24.93 61.78 49.13
N ALA D 644 -24.33 60.59 48.99
CA ALA D 644 -23.93 60.06 47.70
C ALA D 644 -24.88 59.00 47.19
N GLY D 645 -26.11 58.94 47.72
CA GLY D 645 -27.04 57.93 47.27
C GLY D 645 -27.47 58.12 45.83
N LYS D 646 -27.62 59.36 45.40
CA LYS D 646 -28.04 59.65 44.04
C LYS D 646 -26.89 59.77 43.05
N LEU D 647 -25.64 59.74 43.52
CA LEU D 647 -24.47 59.88 42.66
C LEU D 647 -23.93 58.51 42.27
N ALA D 648 -23.21 58.48 41.16
CA ALA D 648 -22.59 57.25 40.69
C ALA D 648 -21.38 57.61 39.84
N VAL D 649 -20.48 56.66 39.70
CA VAL D 649 -19.29 56.86 38.89
C VAL D 649 -19.66 56.77 37.43
N GLY D 650 -19.23 57.74 36.64
CA GLY D 650 -19.61 57.84 35.25
C GLY D 650 -20.92 58.54 35.00
N MET D 651 -21.48 59.20 35.99
CA MET D 651 -22.74 59.90 35.84
C MET D 651 -22.53 61.12 34.96
N PRO D 652 -23.31 61.28 33.89
CA PRO D 652 -23.11 62.43 33.01
C PRO D 652 -23.52 63.75 33.65
N ILE D 653 -22.85 64.81 33.23
CA ILE D 653 -23.16 66.18 33.62
C ILE D 653 -23.66 66.87 32.36
N ARG D 654 -24.86 67.43 32.42
CA ARG D 654 -25.54 67.95 31.24
C ARG D 654 -25.93 69.39 31.46
N TYR D 655 -25.66 70.23 30.45
CA TYR D 655 -26.17 71.59 30.38
C TYR D 655 -27.10 71.67 29.18
N LEU D 656 -28.35 72.04 29.43
CA LEU D 656 -29.39 72.13 28.41
C LEU D 656 -29.55 70.81 27.65
N GLY D 657 -29.35 69.70 28.35
CA GLY D 657 -29.44 68.40 27.72
C GLY D 657 -28.25 67.99 26.89
N ILE D 658 -27.13 68.69 26.98
CA ILE D 658 -25.92 68.37 26.23
C ILE D 658 -24.83 68.05 27.22
N ASP D 659 -24.14 66.93 27.01
CA ASP D 659 -23.11 66.50 27.95
C ASP D 659 -21.91 67.42 27.87
N ILE D 660 -21.47 67.90 29.05
CA ILE D 660 -20.33 68.78 29.14
C ILE D 660 -19.34 68.25 30.17
N GLY D 661 -19.73 67.24 30.92
CA GLY D 661 -18.89 66.74 32.00
C GLY D 661 -19.22 65.31 32.34
N GLN D 662 -18.52 64.80 33.35
CA GLN D 662 -18.64 63.42 33.77
C GLN D 662 -18.02 63.25 35.15
N ILE D 663 -18.73 62.58 36.05
CA ILE D 663 -18.19 62.29 37.37
C ILE D 663 -17.28 61.08 37.29
N GLN D 664 -16.06 61.20 37.81
CA GLN D 664 -15.10 60.11 37.69
C GLN D 664 -14.79 59.38 38.99
N THR D 665 -14.95 60.00 40.16
CA THR D 665 -14.76 59.20 41.38
C THR D 665 -15.54 59.79 42.54
N LEU D 666 -15.81 58.94 43.54
CA LEU D 666 -16.51 59.32 44.77
C LEU D 666 -15.69 58.85 45.96
N ASP D 667 -15.69 59.64 47.05
CA ASP D 667 -14.95 59.28 48.24
C ASP D 667 -15.68 59.79 49.48
N LEU D 668 -15.97 58.90 50.42
CA LEU D 668 -16.55 59.31 51.69
C LEU D 668 -15.46 59.85 52.61
N ILE D 669 -15.79 60.90 53.36
CA ILE D 669 -14.90 61.43 54.39
C ILE D 669 -15.59 61.30 55.72
N THR D 670 -14.92 60.70 56.68
CA THR D 670 -15.49 60.49 58.01
C THR D 670 -15.22 61.66 58.95
N ALA D 671 -14.12 62.37 58.76
CA ALA D 671 -13.84 63.54 59.61
C ALA D 671 -14.84 64.65 59.32
N ARG D 672 -14.86 65.13 58.09
CA ARG D 672 -15.92 66.03 57.64
C ARG D 672 -17.02 65.16 57.04
N ASN D 673 -18.20 65.17 57.66
CA ASN D 673 -19.26 64.22 57.33
C ASN D 673 -19.87 64.58 55.98
N GLU D 674 -19.19 64.15 54.91
CA GLU D 674 -19.59 64.49 53.55
C GLU D 674 -18.95 63.50 52.59
N VAL D 675 -19.31 63.64 51.32
CA VAL D 675 -18.75 62.86 50.24
C VAL D 675 -18.18 63.83 49.20
N GLN D 676 -16.92 63.62 48.84
CA GLN D 676 -16.26 64.40 47.82
C GLN D 676 -16.27 63.62 46.51
N ALA D 677 -16.82 64.23 45.47
CA ALA D 677 -16.89 63.63 44.15
C ALA D 677 -16.00 64.43 43.21
N LYS D 678 -15.05 63.77 42.59
CA LYS D 678 -14.19 64.40 41.60
C LYS D 678 -14.75 64.13 40.21
N ALA D 679 -14.88 65.18 39.41
CA ALA D 679 -15.45 65.13 38.08
C ALA D 679 -14.57 65.91 37.12
N VAL D 680 -14.80 65.69 35.82
CA VAL D 680 -14.05 66.34 34.76
C VAL D 680 -14.99 67.11 33.86
N LEU D 681 -14.59 68.33 33.53
CA LEU D 681 -15.24 69.14 32.52
C LEU D 681 -14.41 69.11 31.23
N TYR D 682 -15.10 68.98 30.10
CA TYR D 682 -14.45 68.88 28.81
C TYR D 682 -13.76 70.21 28.48
N PRO D 683 -12.68 70.17 27.70
CA PRO D 683 -11.90 71.39 27.46
C PRO D 683 -12.66 72.50 26.76
N GLU D 684 -13.73 72.18 26.04
CA GLU D 684 -14.50 73.22 25.38
C GLU D 684 -15.33 74.04 26.34
N TYR D 685 -15.64 73.49 27.52
CA TYR D 685 -16.56 74.14 28.44
C TYR D 685 -15.95 74.41 29.80
N VAL D 686 -14.65 74.18 29.97
CA VAL D 686 -14.02 74.38 31.27
C VAL D 686 -13.96 75.87 31.61
N GLN D 687 -13.71 76.71 30.62
CA GLN D 687 -13.61 78.14 30.87
C GLN D 687 -14.97 78.77 31.08
N THR D 688 -15.98 78.34 30.32
CA THR D 688 -17.31 78.93 30.42
C THR D 688 -17.94 78.67 31.78
N PHE D 689 -17.85 77.43 32.26
CA PHE D 689 -18.34 77.09 33.59
C PHE D 689 -17.20 77.19 34.60
N ALA D 690 -17.42 76.72 35.80
CA ALA D 690 -16.43 76.78 36.88
C ALA D 690 -15.94 78.20 37.12
N ARG D 691 -16.90 79.12 37.25
CA ARG D 691 -16.59 80.54 37.43
C ARG D 691 -17.22 81.12 38.68
N GLY D 692 -17.65 80.29 39.61
CA GLY D 692 -18.29 80.79 40.80
C GLY D 692 -19.73 81.19 40.54
N GLY D 693 -20.62 80.83 41.46
CA GLY D 693 -22.03 80.98 41.23
C GLY D 693 -22.66 79.90 40.39
N THR D 694 -21.89 78.91 39.96
CA THR D 694 -22.41 77.78 39.21
C THR D 694 -23.09 76.79 40.15
N ARG D 695 -24.25 76.31 39.75
CA ARG D 695 -25.04 75.40 40.58
C ARG D 695 -25.14 74.05 39.92
N PHE D 696 -24.97 72.99 40.70
CA PHE D 696 -25.09 71.60 40.24
C PHE D 696 -26.23 70.94 41.00
N SER D 697 -27.09 70.20 40.30
CA SER D 697 -28.19 69.52 40.96
C SER D 697 -28.48 68.19 40.29
N VAL D 698 -28.75 67.15 41.09
CA VAL D 698 -29.15 65.86 40.55
C VAL D 698 -30.64 65.86 40.25
N VAL D 699 -31.02 65.42 39.06
CA VAL D 699 -32.41 65.34 38.68
C VAL D 699 -32.95 63.97 39.04
N THR D 700 -34.19 63.95 39.52
CA THR D 700 -34.89 62.75 39.97
C THR D 700 -36.26 62.69 39.34
N PRO D 701 -36.79 61.50 39.15
CA PRO D 701 -38.16 61.38 38.63
C PRO D 701 -39.18 61.92 39.61
N GLN D 702 -40.23 62.50 39.05
CA GLN D 702 -41.32 63.12 39.82
C GLN D 702 -42.63 62.51 39.37
N ILE D 703 -43.15 61.56 40.15
CA ILE D 703 -44.42 60.88 39.86
C ILE D 703 -45.38 61.20 40.98
N SER D 704 -46.49 61.85 40.65
CA SER D 704 -47.50 62.24 41.63
C SER D 704 -48.86 62.15 40.98
N ALA D 705 -49.89 62.52 41.74
CA ALA D 705 -51.22 62.62 41.18
C ALA D 705 -51.36 63.82 40.25
N ALA D 706 -50.51 64.83 40.41
CA ALA D 706 -50.56 65.98 39.52
C ALA D 706 -50.03 65.65 38.13
N GLY D 707 -48.97 64.86 38.04
CA GLY D 707 -48.42 64.51 36.75
C GLY D 707 -47.05 63.89 36.92
N VAL D 708 -46.46 63.55 35.77
CA VAL D 708 -45.11 62.99 35.71
C VAL D 708 -44.23 63.93 34.91
N GLU D 709 -43.04 64.22 35.44
CA GLU D 709 -42.16 65.21 34.83
C GLU D 709 -40.94 64.59 34.15
N HIS D 710 -40.14 63.81 34.86
CA HIS D 710 -38.96 63.19 34.30
C HIS D 710 -39.11 61.69 34.42
N LEU D 711 -38.96 60.99 33.30
CA LEU D 711 -39.03 59.54 33.28
C LEU D 711 -37.80 58.88 32.70
N ASP D 712 -36.96 59.62 32.00
CA ASP D 712 -35.71 59.08 31.50
C ASP D 712 -34.69 58.91 32.61
N THR D 713 -34.91 59.50 33.77
CA THR D 713 -33.99 59.40 34.89
C THR D 713 -34.27 58.18 35.77
N ILE D 714 -35.24 57.35 35.40
CA ILE D 714 -35.42 56.07 36.08
C ILE D 714 -34.19 55.19 35.89
N LEU D 715 -33.67 55.14 34.67
CA LEU D 715 -32.52 54.32 34.35
C LEU D 715 -31.24 55.11 34.13
N GLN D 716 -31.32 56.35 33.65
CA GLN D 716 -30.15 57.15 33.35
C GLN D 716 -30.28 58.54 33.97
N PRO D 717 -30.01 58.67 35.26
CA PRO D 717 -29.99 59.99 35.88
C PRO D 717 -28.77 60.81 35.47
N TYR D 718 -28.88 62.13 35.60
CA TYR D 718 -27.80 63.02 35.23
C TYR D 718 -27.76 64.19 36.20
N ILE D 719 -26.91 65.18 35.91
CA ILE D 719 -26.73 66.36 36.75
C ILE D 719 -26.95 67.60 35.89
N ASN D 720 -27.82 68.48 36.34
CA ASN D 720 -28.09 69.74 35.66
C ASN D 720 -27.21 70.85 36.22
N VAL D 721 -26.78 71.76 35.35
CA VAL D 721 -25.81 72.80 35.67
C VAL D 721 -26.40 74.15 35.30
N GLU D 722 -26.35 75.10 36.23
CA GLU D 722 -26.66 76.50 35.95
C GLU D 722 -25.39 77.33 36.02
N PRO D 723 -24.94 77.91 34.91
CA PRO D 723 -23.68 78.64 34.92
C PRO D 723 -23.78 79.96 35.69
N GLY D 724 -22.62 80.42 36.15
CA GLY D 724 -22.51 81.68 36.88
C GLY D 724 -21.40 82.55 36.31
N ARG D 725 -21.27 83.72 36.91
CA ARG D 725 -20.27 84.70 36.51
C ARG D 725 -19.45 85.12 37.72
N GLY D 726 -18.15 85.20 37.53
CA GLY D 726 -17.26 85.60 38.60
C GLY D 726 -15.89 85.01 38.39
N ASN D 727 -15.08 85.05 39.45
CA ASN D 727 -13.74 84.51 39.38
C ASN D 727 -13.77 82.99 39.38
N PRO D 728 -12.80 82.34 38.75
CA PRO D 728 -12.74 80.88 38.77
C PRO D 728 -12.64 80.32 40.18
N ARG D 729 -13.44 79.30 40.47
CA ARG D 729 -13.57 78.76 41.81
C ARG D 729 -13.06 77.32 41.91
N ARG D 730 -13.58 76.42 41.08
CA ARG D 730 -13.18 75.02 41.01
C ARG D 730 -13.46 74.24 42.30
N ASP D 731 -14.34 74.73 43.16
CA ASP D 731 -14.75 74.02 44.37
C ASP D 731 -16.22 74.34 44.61
N PHE D 732 -17.12 73.39 44.39
CA PHE D 732 -18.54 73.63 44.48
C PHE D 732 -19.18 72.61 45.39
N GLU D 733 -20.47 72.79 45.65
CA GLU D 733 -21.23 71.85 46.47
C GLU D 733 -22.55 71.55 45.78
N LEU D 734 -23.07 70.36 46.02
CA LEU D 734 -24.30 69.90 45.38
C LEU D 734 -25.50 70.57 46.02
N GLN D 735 -26.40 71.09 45.19
CA GLN D 735 -27.60 71.75 45.63
C GLN D 735 -28.78 70.79 45.60
N GLU D 736 -29.98 71.30 45.82
CA GLU D 736 -31.20 70.51 45.81
C GLU D 736 -32.10 70.80 44.62
N ALA D 737 -32.22 72.07 44.22
CA ALA D 737 -33.04 72.45 43.08
C ALA D 737 -32.27 73.43 42.20
N THR D 738 -32.58 73.41 40.90
CA THR D 738 -31.92 74.27 39.93
C THR D 738 -32.86 74.52 38.77
N ILE D 739 -32.94 75.77 38.34
CA ILE D 739 -33.80 76.14 37.22
C ILE D 739 -33.25 75.51 35.94
N THR D 740 -33.99 74.58 35.36
CA THR D 740 -33.58 73.95 34.12
C THR D 740 -34.18 74.63 32.91
N ASP D 741 -34.06 75.95 32.84
CA ASP D 741 -34.62 76.73 31.74
C ASP D 741 -33.58 77.48 30.95
N SER D 742 -32.77 78.30 31.63
CA SER D 742 -31.78 79.16 30.99
C SER D 742 -32.41 80.06 29.94
N ARG D 743 -33.64 80.50 30.20
CA ARG D 743 -34.28 81.53 29.38
C ARG D 743 -34.59 82.80 30.15
N TYR D 744 -34.55 82.77 31.47
CA TYR D 744 -34.65 83.96 32.30
C TYR D 744 -33.29 84.49 32.70
N LEU D 745 -32.22 83.96 32.12
CA LEU D 745 -30.88 84.25 32.62
C LEU D 745 -30.43 85.68 32.30
N ASP D 746 -30.93 86.25 31.22
CA ASP D 746 -30.46 87.55 30.76
C ASP D 746 -31.21 88.73 31.35
N GLY D 747 -32.30 88.50 32.08
CA GLY D 747 -33.16 89.58 32.52
C GLY D 747 -32.76 90.18 33.85
N LEU D 748 -33.62 91.07 34.34
CA LEU D 748 -33.39 91.71 35.62
C LEU D 748 -33.49 90.73 36.76
N SER D 749 -32.64 90.91 37.76
CA SER D 749 -32.65 90.06 38.94
C SER D 749 -32.99 90.94 40.15
N ILE D 750 -34.27 90.95 40.53
CA ILE D 750 -34.76 91.82 41.58
C ILE D 750 -34.96 91.03 42.86
N ILE D 751 -35.14 91.75 43.97
CA ILE D 751 -35.26 91.18 45.30
C ILE D 751 -36.58 91.64 45.90
N VAL D 752 -37.30 90.72 46.54
CA VAL D 752 -38.55 91.01 47.23
C VAL D 752 -38.39 90.59 48.69
N GLU D 753 -38.76 91.47 49.61
CA GLU D 753 -38.62 91.21 51.04
C GLU D 753 -39.98 90.83 51.63
N ALA D 754 -40.02 89.70 52.32
CA ALA D 754 -41.24 89.22 52.92
C ALA D 754 -41.00 88.77 54.36
N PRO D 755 -41.99 88.95 55.24
CA PRO D 755 -41.84 88.45 56.60
C PRO D 755 -41.72 86.94 56.68
N GLU D 756 -42.36 86.20 55.79
CA GLU D 756 -42.41 84.74 55.88
C GLU D 756 -42.19 84.15 54.51
N ALA D 757 -41.58 82.96 54.48
CA ALA D 757 -41.37 82.28 53.20
C ALA D 757 -42.67 81.73 52.66
N GLY D 758 -43.29 80.82 53.38
CA GLY D 758 -44.56 80.26 52.94
C GLY D 758 -44.36 79.16 51.95
N SER D 759 -45.11 79.22 50.86
CA SER D 759 -45.07 78.20 49.82
C SER D 759 -44.06 78.50 48.73
N LEU D 760 -43.31 79.57 48.86
CA LEU D 760 -42.35 79.94 47.82
C LEU D 760 -41.19 78.95 47.79
N GLY D 761 -40.63 78.77 46.60
CA GLY D 761 -39.49 77.89 46.43
C GLY D 761 -38.82 78.18 45.11
N ILE D 762 -37.75 77.46 44.84
CA ILE D 762 -37.01 77.64 43.60
C ILE D 762 -37.83 77.08 42.46
N GLY D 763 -38.03 77.90 41.43
CA GLY D 763 -38.87 77.55 40.31
C GLY D 763 -40.29 78.03 40.40
N THR D 764 -40.65 78.76 41.43
CA THR D 764 -42.00 79.30 41.57
C THR D 764 -42.23 80.37 40.53
N PRO D 765 -43.29 80.30 39.74
CA PRO D 765 -43.50 81.28 38.69
C PRO D 765 -43.90 82.65 39.21
N VAL D 766 -43.55 83.67 38.44
CA VAL D 766 -43.99 85.05 38.67
C VAL D 766 -44.97 85.39 37.55
N LEU D 767 -46.14 85.89 37.93
CA LEU D 767 -47.25 86.08 37.01
C LEU D 767 -47.62 87.55 36.88
N PHE D 768 -47.71 88.03 35.65
CA PHE D 768 -48.28 89.33 35.34
C PHE D 768 -49.57 89.11 34.57
N ARG D 769 -50.68 89.53 35.16
CA ARG D 769 -52.02 89.34 34.57
C ARG D 769 -52.28 87.87 34.25
N GLY D 770 -51.77 86.99 35.11
CA GLY D 770 -51.94 85.57 34.91
C GLY D 770 -51.00 84.92 33.94
N LEU D 771 -50.07 85.65 33.35
CA LEU D 771 -49.12 85.10 32.39
C LEU D 771 -47.74 85.01 33.03
N GLU D 772 -47.07 83.87 32.87
CA GLU D 772 -45.78 83.66 33.51
C GLU D 772 -44.71 84.49 32.80
N VAL D 773 -44.08 85.41 33.54
CA VAL D 773 -43.02 86.23 33.00
C VAL D 773 -41.69 86.05 33.71
N GLY D 774 -41.61 85.27 34.78
CA GLY D 774 -40.36 85.09 35.49
C GLY D 774 -40.47 83.96 36.48
N THR D 775 -39.34 83.66 37.13
CA THR D 775 -39.28 82.58 38.11
C THR D 775 -38.53 83.04 39.34
N VAL D 776 -38.77 82.36 40.45
CA VAL D 776 -38.05 82.64 41.69
C VAL D 776 -36.71 81.92 41.64
N THR D 777 -35.64 82.70 41.59
CA THR D 777 -34.30 82.12 41.52
C THR D 777 -33.87 81.52 42.84
N GLY D 778 -34.09 82.23 43.95
CA GLY D 778 -33.61 81.71 45.22
C GLY D 778 -34.24 82.44 46.38
N MET D 779 -34.06 81.86 47.56
CA MET D 779 -34.58 82.42 48.81
C MET D 779 -33.48 82.36 49.86
N THR D 780 -33.39 83.41 50.69
CA THR D 780 -32.37 83.44 51.73
C THR D 780 -32.85 84.41 52.81
N LEU D 781 -32.00 84.63 53.80
CA LEU D 781 -32.26 85.59 54.87
C LEU D 781 -31.29 86.76 54.78
N GLY D 782 -31.62 87.83 55.48
CA GLY D 782 -30.76 88.98 55.52
C GLY D 782 -29.60 88.81 56.47
N THR D 783 -28.77 89.86 56.54
CA THR D 783 -27.67 89.87 57.50
C THR D 783 -28.20 89.82 58.92
N LEU D 784 -29.25 90.58 59.20
CA LEU D 784 -30.03 90.40 60.40
C LEU D 784 -31.24 89.56 60.03
N SER D 785 -31.51 88.53 60.82
CA SER D 785 -32.54 87.55 60.48
C SER D 785 -33.90 88.07 60.93
N ASP D 786 -34.36 89.11 60.23
CA ASP D 786 -35.66 89.69 60.49
C ASP D 786 -36.56 89.70 59.28
N ARG D 787 -36.07 89.26 58.12
CA ARG D 787 -36.92 89.16 56.94
C ARG D 787 -36.31 88.15 55.99
N VAL D 788 -37.11 87.72 55.02
CA VAL D 788 -36.71 86.75 54.01
C VAL D 788 -36.59 87.47 52.68
N MET D 789 -35.45 87.33 52.03
CA MET D 789 -35.19 87.96 50.75
C MET D 789 -35.32 86.92 49.64
N ILE D 790 -36.16 87.23 48.66
CA ILE D 790 -36.43 86.33 47.54
C ILE D 790 -35.88 86.98 46.29
N ALA D 791 -34.92 86.33 45.65
CA ALA D 791 -34.33 86.79 44.42
C ALA D 791 -35.02 86.14 43.25
N MET D 792 -35.51 86.95 42.32
CA MET D 792 -36.25 86.46 41.18
C MET D 792 -35.78 87.15 39.91
N ARG D 793 -35.89 86.44 38.78
CA ARG D 793 -35.47 86.95 37.49
C ARG D 793 -36.64 87.06 36.54
N ILE D 794 -36.69 88.15 35.77
CA ILE D 794 -37.73 88.38 34.80
C ILE D 794 -37.14 88.21 33.40
N SER D 795 -38.01 87.96 32.43
CA SER D 795 -37.58 87.77 31.06
C SER D 795 -37.09 89.08 30.46
N LYS D 796 -36.34 88.95 29.36
CA LYS D 796 -35.94 90.12 28.59
C LYS D 796 -37.13 90.78 27.93
N ARG D 797 -38.07 89.99 27.42
CA ARG D 797 -39.21 90.55 26.71
C ARG D 797 -40.12 91.33 27.65
N TYR D 798 -40.32 90.84 28.86
CA TYR D 798 -41.21 91.49 29.82
C TYR D 798 -40.44 92.31 30.85
N GLN D 799 -39.23 92.73 30.51
CA GLN D 799 -38.43 93.51 31.44
C GLN D 799 -39.00 94.90 31.64
N HIS D 800 -39.61 95.48 30.62
CA HIS D 800 -40.12 96.84 30.71
C HIS D 800 -41.35 96.96 31.59
N LEU D 801 -41.96 95.85 31.99
CA LEU D 801 -43.17 95.92 32.80
C LEU D 801 -42.87 96.34 34.24
N VAL D 802 -41.64 96.21 34.70
CA VAL D 802 -41.30 96.51 36.09
C VAL D 802 -40.86 97.97 36.19
N ARG D 803 -41.51 98.72 37.08
CA ARG D 803 -41.23 100.12 37.33
C ARG D 803 -40.86 100.31 38.78
N ASN D 804 -40.47 101.54 39.11
CA ASN D 804 -40.13 101.86 40.49
C ASN D 804 -41.34 101.77 41.41
N ASN D 805 -42.50 102.22 40.95
CA ASN D 805 -43.73 102.09 41.72
C ASN D 805 -44.52 100.89 41.21
N SER D 806 -44.08 99.71 41.60
CA SER D 806 -44.76 98.47 41.29
C SER D 806 -45.10 97.74 42.57
N VAL D 807 -46.29 97.16 42.62
CA VAL D 807 -46.78 96.46 43.79
C VAL D 807 -46.68 94.97 43.54
N PHE D 808 -46.11 94.25 44.49
CA PHE D 808 -45.97 92.81 44.46
C PHE D 808 -46.82 92.21 45.57
N TRP D 809 -47.60 91.19 45.24
CA TRP D 809 -48.37 90.46 46.23
C TRP D 809 -48.24 88.96 45.96
N LEU D 810 -48.70 88.18 46.92
CA LEU D 810 -48.52 86.74 46.92
C LEU D 810 -49.82 86.05 46.54
N ALA D 811 -49.80 85.31 45.43
CA ALA D 811 -50.95 84.54 44.98
C ALA D 811 -50.60 83.07 45.14
N SER D 812 -50.90 82.53 46.32
CA SER D 812 -50.60 81.15 46.66
C SER D 812 -51.87 80.46 47.14
N GLY D 813 -52.15 79.29 46.58
CA GLY D 813 -53.34 78.55 46.96
C GLY D 813 -54.61 79.22 46.45
N TYR D 814 -55.71 78.88 47.11
CA TYR D 814 -57.02 79.42 46.78
C TYR D 814 -57.46 80.39 47.86
N SER D 815 -57.89 81.58 47.45
CA SER D 815 -58.42 82.58 48.36
C SER D 815 -59.84 82.92 47.95
N LEU D 816 -60.75 82.93 48.92
CA LEU D 816 -62.14 83.27 48.66
C LEU D 816 -62.67 84.12 49.80
N ASP D 817 -63.72 84.89 49.50
CA ASP D 817 -64.37 85.75 50.47
C ASP D 817 -65.82 85.31 50.63
N PHE D 818 -66.27 85.25 51.88
CA PHE D 818 -67.61 84.79 52.21
C PHE D 818 -68.40 85.96 52.80
N GLY D 819 -69.61 86.15 52.30
CA GLY D 819 -70.49 87.21 52.77
C GLY D 819 -71.58 86.66 53.68
N LEU D 820 -72.08 87.53 54.56
CA LEU D 820 -73.13 87.11 55.49
C LEU D 820 -74.45 86.87 54.77
N THR D 821 -74.75 87.65 53.73
CA THR D 821 -75.97 87.50 52.97
C THR D 821 -75.78 86.85 51.60
N GLY D 822 -74.61 87.01 50.99
CA GLY D 822 -74.33 86.40 49.70
C GLY D 822 -72.97 85.78 49.62
N GLY D 823 -72.91 84.49 49.33
CA GLY D 823 -71.64 83.79 49.25
C GLY D 823 -71.37 83.18 47.89
N VAL D 824 -70.37 83.70 47.19
CA VAL D 824 -69.96 83.20 45.88
C VAL D 824 -68.50 82.78 45.96
N VAL D 825 -68.22 81.54 45.59
CA VAL D 825 -66.86 81.01 45.60
C VAL D 825 -66.51 80.53 44.20
N LYS D 826 -65.22 80.60 43.87
CA LYS D 826 -64.74 80.22 42.55
C LYS D 826 -63.41 79.50 42.69
N THR D 827 -63.17 78.55 41.78
CA THR D 827 -61.94 77.79 41.71
C THR D 827 -61.37 77.83 40.31
N GLY D 828 -60.07 77.60 40.19
CA GLY D 828 -59.41 77.68 38.90
C GLY D 828 -58.29 76.68 38.68
N THR D 829 -58.26 75.64 39.51
CA THR D 829 -57.23 74.56 39.48
C THR D 829 -55.83 75.11 39.18
N PHE D 830 -55.48 76.20 39.87
CA PHE D 830 -54.24 76.89 39.57
C PHE D 830 -53.03 76.07 39.99
N ASN D 831 -51.90 76.35 39.32
CA ASN D 831 -50.62 75.83 39.77
C ASN D 831 -50.14 76.51 41.03
N GLN D 832 -50.81 77.59 41.47
CA GLN D 832 -50.53 78.21 42.75
C GLN D 832 -50.87 77.29 43.93
N PHE D 833 -51.74 76.31 43.72
CA PHE D 833 -51.97 75.25 44.69
C PHE D 833 -50.94 74.13 44.59
N ILE D 834 -50.02 74.23 43.64
CA ILE D 834 -48.85 73.36 43.57
C ILE D 834 -47.57 74.14 43.87
N ARG D 835 -47.41 75.30 43.25
CA ARG D 835 -46.29 76.22 43.49
C ARG D 835 -46.89 77.62 43.56
N GLY D 836 -47.06 78.13 44.78
CA GLY D 836 -47.70 79.41 44.99
C GLY D 836 -46.94 80.60 44.44
N GLY D 837 -47.49 81.28 43.43
CA GLY D 837 -46.75 82.28 42.71
C GLY D 837 -46.83 83.67 43.32
N ILE D 838 -46.12 84.59 42.67
CA ILE D 838 -46.07 86.00 43.07
C ILE D 838 -46.50 86.85 41.90
N ALA D 839 -47.47 87.72 42.13
CA ALA D 839 -47.99 88.60 41.09
C ALA D 839 -47.56 90.03 41.35
N PHE D 840 -47.57 90.84 40.29
CA PHE D 840 -47.22 92.25 40.42
C PHE D 840 -48.02 93.08 39.43
N ALA D 841 -48.12 94.37 39.73
CA ALA D 841 -48.85 95.32 38.90
C ALA D 841 -48.29 96.72 39.09
N THR D 842 -48.77 97.65 38.27
CA THR D 842 -48.30 99.04 38.29
C THR D 842 -49.50 99.97 38.45
N PRO D 843 -49.51 100.83 39.47
CA PRO D 843 -50.61 101.75 39.62
C PRO D 843 -50.65 102.76 38.48
N PRO D 844 -51.83 103.28 38.15
CA PRO D 844 -51.93 104.26 37.06
C PRO D 844 -51.29 105.58 37.43
N GLY D 845 -50.84 106.29 36.40
CA GLY D 845 -50.24 107.60 36.56
C GLY D 845 -49.76 108.15 35.24
N THR D 846 -50.05 109.42 34.97
CA THR D 846 -49.66 110.00 33.68
C THR D 846 -48.15 110.07 33.48
N PRO D 847 -47.34 110.53 34.44
CA PRO D 847 -45.89 110.37 34.29
C PRO D 847 -45.42 109.02 34.80
N LEU D 848 -44.78 108.25 33.94
CA LEU D 848 -44.33 106.91 34.31
C LEU D 848 -43.02 106.98 35.09
N ALA D 849 -42.93 106.17 36.13
CA ALA D 849 -41.71 106.08 36.89
C ALA D 849 -40.62 105.41 36.05
N PRO D 850 -39.35 105.69 36.35
CA PRO D 850 -38.27 105.05 35.60
C PRO D 850 -38.23 103.55 35.83
N LYS D 851 -37.71 102.84 34.84
CA LYS D 851 -37.59 101.40 34.93
C LYS D 851 -36.66 101.00 36.06
N ALA D 852 -36.93 99.85 36.66
CA ALA D 852 -36.13 99.35 37.76
C ALA D 852 -34.73 98.99 37.30
N GLN D 853 -33.75 99.23 38.17
CA GLN D 853 -32.36 98.93 37.86
C GLN D 853 -32.09 97.45 38.13
N GLU D 854 -30.82 97.06 38.11
CA GLU D 854 -30.47 95.65 38.30
C GLU D 854 -30.73 95.21 39.74
N GLY D 855 -30.29 96.00 40.70
CA GLY D 855 -30.55 95.67 42.10
C GLY D 855 -31.61 96.55 42.71
N LYS D 856 -32.81 96.02 42.88
CA LYS D 856 -33.92 96.78 43.40
C LYS D 856 -34.66 95.93 44.42
N HIS D 857 -35.07 96.56 45.51
CA HIS D 857 -35.77 95.87 46.59
C HIS D 857 -37.20 96.36 46.66
N PHE D 858 -38.13 95.42 46.70
CA PHE D 858 -39.55 95.72 46.86
C PHE D 858 -40.05 95.05 48.14
N LEU D 859 -41.19 95.53 48.62
CA LEU D 859 -41.86 94.97 49.79
C LEU D 859 -43.09 94.19 49.34
N LEU D 860 -43.19 92.94 49.78
CA LEU D 860 -44.31 92.10 49.40
C LEU D 860 -45.56 92.51 50.17
N GLN D 861 -46.62 92.84 49.44
CA GLN D 861 -47.87 93.19 50.07
C GLN D 861 -48.51 91.97 50.71
N GLU D 862 -49.11 92.16 51.88
CA GLU D 862 -49.74 91.06 52.57
C GLU D 862 -51.05 90.64 51.92
N SER D 863 -51.64 91.50 51.09
CA SER D 863 -52.91 91.18 50.47
C SER D 863 -52.99 91.80 49.09
N GLU D 864 -53.85 91.24 48.26
CA GLU D 864 -54.02 91.72 46.90
C GLU D 864 -54.69 93.08 46.91
N PRO D 865 -54.20 94.05 46.14
CA PRO D 865 -54.89 95.33 46.01
C PRO D 865 -56.25 95.16 45.38
N LYS D 866 -57.20 95.98 45.82
CA LYS D 866 -58.61 95.72 45.54
C LYS D 866 -58.96 96.05 44.09
N GLU D 867 -58.39 97.10 43.53
CA GLU D 867 -58.80 97.60 42.23
C GLU D 867 -57.68 97.50 41.21
N TRP D 868 -56.86 96.45 41.30
CA TRP D 868 -55.79 96.29 40.33
C TRP D 868 -56.29 95.86 38.96
N ARG D 869 -57.46 95.24 38.90
CA ARG D 869 -58.00 94.80 37.62
C ARG D 869 -58.51 95.96 36.78
N GLU D 870 -58.86 97.07 37.41
CA GLU D 870 -59.43 98.22 36.71
C GLU D 870 -58.41 99.33 36.51
N TRP D 871 -57.13 99.07 36.76
CA TRP D 871 -56.12 100.10 36.61
C TRP D 871 -55.87 100.43 35.15
N GLY D 872 -55.45 99.46 34.37
CA GLY D 872 -55.23 99.66 32.95
C GLY D 872 -54.13 100.63 32.59
N THR D 873 -52.99 100.55 33.27
CA THR D 873 -51.87 101.41 32.97
C THR D 873 -51.25 101.03 31.63
N ALA D 874 -50.93 102.02 30.83
CA ALA D 874 -50.35 101.81 29.51
C ALA D 874 -48.83 101.76 29.64
N LEU D 875 -48.24 100.60 29.37
CA LEU D 875 -46.79 100.44 29.45
C LEU D 875 -46.22 100.28 28.05
N PRO D 876 -45.48 101.26 27.54
CA PRO D 876 -44.97 101.17 26.17
C PRO D 876 -43.85 100.14 26.06
N LYS D 877 -43.50 99.86 24.79
CA LYS D 877 -42.46 98.91 24.44
C LYS D 877 -42.71 97.52 25.00
N GLY E 46 81.58 -67.26 -20.95
CA GLY E 46 81.38 -66.44 -19.77
C GLY E 46 80.95 -67.25 -18.56
N ASN E 47 80.49 -66.55 -17.52
CA ASN E 47 80.05 -67.20 -16.30
C ASN E 47 78.56 -67.47 -16.36
N THR E 48 78.14 -68.61 -15.80
CA THR E 48 76.74 -68.99 -15.79
C THR E 48 76.10 -68.60 -14.47
N VAL E 49 74.99 -67.87 -14.54
CA VAL E 49 74.30 -67.36 -13.37
C VAL E 49 72.87 -67.88 -13.41
N THR E 50 72.34 -68.24 -12.25
CA THR E 50 70.97 -68.72 -12.12
C THR E 50 70.09 -67.63 -11.52
N ILE E 51 68.97 -67.35 -12.20
CA ILE E 51 68.02 -66.34 -11.78
C ILE E 51 66.67 -67.00 -11.55
N ASP E 52 65.97 -66.57 -10.50
CA ASP E 52 64.66 -67.10 -10.15
C ASP E 52 63.60 -66.15 -10.66
N PHE E 53 62.74 -66.64 -11.55
CA PHE E 53 61.64 -65.87 -12.10
C PHE E 53 60.31 -66.44 -11.63
N MET E 54 59.35 -65.54 -11.38
CA MET E 54 58.01 -65.98 -11.03
C MET E 54 57.27 -66.52 -12.25
N SER E 55 57.48 -65.91 -13.41
CA SER E 55 56.81 -66.37 -14.62
C SER E 55 57.62 -65.89 -15.81
N ALA E 56 58.24 -66.83 -16.53
CA ALA E 56 59.01 -66.51 -17.73
C ALA E 56 58.08 -66.64 -18.94
N ASP E 57 57.42 -65.54 -19.28
CA ASP E 57 56.35 -65.58 -20.26
C ASP E 57 56.89 -65.87 -21.66
N GLY E 58 57.92 -65.16 -22.08
CA GLY E 58 58.39 -65.32 -23.44
C GLY E 58 59.88 -65.50 -23.60
N ILE E 59 60.51 -66.17 -22.63
CA ILE E 59 61.95 -66.39 -22.65
C ILE E 59 62.24 -67.65 -23.46
N VAL E 60 62.89 -67.48 -24.60
CA VAL E 60 63.30 -68.59 -25.46
C VAL E 60 64.68 -69.04 -25.03
N PRO E 61 64.88 -70.32 -24.74
CA PRO E 61 66.20 -70.78 -24.30
C PRO E 61 67.29 -70.62 -25.33
N GLY E 62 66.95 -70.50 -26.60
CA GLY E 62 67.96 -70.36 -27.62
C GLY E 62 68.49 -68.95 -27.76
N ARG E 63 67.60 -67.99 -28.03
CA ARG E 63 67.98 -66.61 -28.26
C ARG E 63 67.12 -65.70 -27.40
N THR E 64 67.70 -65.16 -26.34
CA THR E 64 67.05 -64.17 -25.50
C THR E 64 68.14 -63.33 -24.86
N PRO E 65 68.43 -62.16 -25.41
CA PRO E 65 69.56 -61.38 -24.93
C PRO E 65 69.30 -60.74 -23.58
N VAL E 66 70.39 -60.46 -22.88
CA VAL E 66 70.37 -59.70 -21.64
C VAL E 66 70.99 -58.35 -21.95
N ARG E 67 70.19 -57.29 -21.89
CA ARG E 67 70.59 -55.97 -22.33
C ARG E 67 70.75 -55.05 -21.14
N TYR E 68 71.91 -54.40 -21.05
CA TYR E 68 72.15 -53.33 -20.09
C TYR E 68 72.22 -52.01 -20.85
N GLN E 69 71.28 -51.12 -20.56
CA GLN E 69 71.16 -49.84 -21.26
C GLN E 69 71.02 -50.06 -22.76
N GLY E 70 70.35 -51.13 -23.15
CA GLY E 70 70.18 -51.46 -24.55
C GLY E 70 71.36 -52.16 -25.20
N VAL E 71 72.44 -52.40 -24.48
CA VAL E 71 73.62 -53.07 -25.02
C VAL E 71 73.54 -54.54 -24.64
N GLU E 72 73.64 -55.42 -25.63
CA GLU E 72 73.60 -56.85 -25.37
C GLU E 72 74.87 -57.29 -24.65
N VAL E 73 74.71 -58.05 -23.57
CA VAL E 73 75.82 -58.53 -22.76
C VAL E 73 75.85 -60.04 -22.67
N GLY E 74 74.70 -60.66 -22.32
CA GLY E 74 74.63 -62.08 -22.15
C GLY E 74 73.49 -62.70 -22.95
N THR E 75 73.39 -64.02 -22.84
CA THR E 75 72.37 -64.77 -23.56
C THR E 75 71.81 -65.85 -22.67
N VAL E 76 70.49 -66.03 -22.69
CA VAL E 76 69.85 -67.07 -21.90
C VAL E 76 70.25 -68.44 -22.44
N GLN E 77 70.67 -69.32 -21.54
CA GLN E 77 71.12 -70.66 -21.91
C GLN E 77 70.08 -71.74 -21.63
N ASP E 78 69.61 -71.84 -20.39
CA ASP E 78 68.77 -72.96 -20.00
C ASP E 78 67.61 -72.48 -19.13
N ILE E 79 66.50 -73.23 -19.18
CA ILE E 79 65.31 -72.97 -18.38
C ILE E 79 64.91 -74.28 -17.71
N SER E 80 64.61 -74.21 -16.41
CA SER E 80 64.17 -75.40 -15.68
C SER E 80 63.20 -74.97 -14.58
N LEU E 81 62.54 -75.96 -13.98
CA LEU E 81 61.59 -75.73 -12.91
C LEU E 81 62.08 -76.36 -11.62
N SER E 82 61.90 -75.65 -10.52
CA SER E 82 62.35 -76.12 -9.20
C SER E 82 61.24 -76.97 -8.57
N ASP E 83 61.11 -78.17 -9.13
CA ASP E 83 60.11 -79.17 -8.75
C ASP E 83 58.74 -78.54 -8.46
N ASP E 84 58.30 -77.69 -9.38
CA ASP E 84 56.97 -77.08 -9.34
C ASP E 84 56.71 -76.32 -8.05
N LEU E 85 57.71 -75.59 -7.57
CA LEU E 85 57.54 -74.73 -6.41
C LEU E 85 57.34 -73.27 -6.80
N ARG E 86 56.67 -73.04 -7.92
CA ARG E 86 56.34 -71.70 -8.39
C ARG E 86 57.58 -70.85 -8.61
N LYS E 87 58.70 -71.48 -8.97
CA LYS E 87 59.94 -70.78 -9.26
C LYS E 87 60.54 -71.34 -10.53
N ILE E 88 60.99 -70.46 -11.41
CA ILE E 88 61.62 -70.84 -12.68
C ILE E 88 63.09 -70.49 -12.60
N GLU E 89 63.95 -71.50 -12.73
CA GLU E 89 65.38 -71.30 -12.70
C GLU E 89 65.89 -71.08 -14.12
N VAL E 90 66.50 -69.92 -14.36
CA VAL E 90 67.02 -69.57 -15.68
C VAL E 90 68.53 -69.44 -15.56
N LYS E 91 69.25 -70.24 -16.33
CA LYS E 91 70.71 -70.19 -16.38
C LYS E 91 71.12 -69.35 -17.58
N VAL E 92 71.86 -68.28 -17.32
CA VAL E 92 72.24 -67.30 -18.33
C VAL E 92 73.75 -67.14 -18.30
N SER E 93 74.37 -67.15 -19.48
CA SER E 93 75.79 -66.91 -19.61
C SER E 93 76.07 -65.42 -19.78
N ILE E 94 77.13 -64.94 -19.13
CA ILE E 94 77.53 -63.55 -19.14
C ILE E 94 78.97 -63.45 -19.60
N LYS E 95 79.23 -62.51 -20.50
CA LYS E 95 80.58 -62.30 -21.00
C LYS E 95 81.51 -61.83 -19.89
N SER E 96 82.81 -62.06 -20.10
CA SER E 96 83.81 -61.79 -19.08
C SER E 96 84.04 -60.32 -18.83
N ASP E 97 83.57 -59.43 -19.70
CA ASP E 97 83.76 -58.00 -19.47
C ASP E 97 82.89 -57.50 -18.33
N MET E 98 81.69 -58.05 -18.17
CA MET E 98 80.74 -57.60 -17.18
C MET E 98 80.89 -58.29 -15.83
N LYS E 99 81.75 -59.29 -15.73
CA LYS E 99 81.87 -60.07 -14.51
C LYS E 99 82.46 -59.27 -13.36
N ASP E 100 83.09 -58.14 -13.65
CA ASP E 100 83.60 -57.29 -12.59
C ASP E 100 82.46 -56.68 -11.76
N ALA E 101 81.39 -56.30 -12.42
CA ALA E 101 80.23 -55.71 -11.75
C ALA E 101 79.17 -56.74 -11.37
N LEU E 102 79.39 -58.01 -11.67
CA LEU E 102 78.45 -59.08 -11.31
C LEU E 102 78.58 -59.36 -9.81
N ARG E 103 77.90 -58.55 -9.02
CA ARG E 103 78.05 -58.58 -7.58
C ARG E 103 76.73 -58.76 -6.87
N GLU E 104 76.73 -58.64 -5.55
CA GLU E 104 75.53 -58.95 -4.77
C GLU E 104 74.39 -57.98 -5.05
N GLU E 105 74.68 -56.70 -5.16
CA GLU E 105 73.64 -55.68 -5.34
C GLU E 105 73.28 -55.47 -6.81
N THR E 106 72.98 -56.56 -7.51
CA THR E 106 72.64 -56.53 -8.93
C THR E 106 71.16 -56.85 -9.09
N GLN E 107 70.50 -56.09 -9.94
CA GLN E 107 69.06 -56.22 -10.14
C GLN E 107 68.78 -56.72 -11.54
N PHE E 108 67.83 -57.66 -11.64
CA PHE E 108 67.40 -58.21 -12.92
C PHE E 108 65.89 -58.08 -13.03
N TRP E 109 65.41 -57.88 -14.25
CA TRP E 109 63.97 -57.80 -14.48
C TRP E 109 63.68 -58.23 -15.91
N LEU E 110 62.42 -58.54 -16.17
CA LEU E 110 61.96 -59.01 -17.46
C LEU E 110 61.19 -57.90 -18.15
N VAL E 111 61.76 -57.36 -19.22
CA VAL E 111 61.09 -56.32 -20.00
C VAL E 111 60.18 -56.99 -21.01
N THR E 112 58.87 -56.74 -20.89
CA THR E 112 57.82 -57.34 -21.68
C THR E 112 56.75 -56.29 -21.95
N PRO E 113 56.33 -56.12 -23.20
CA PRO E 113 55.31 -55.10 -23.51
C PRO E 113 53.97 -55.42 -22.89
N LYS E 114 53.24 -54.36 -22.55
CA LYS E 114 51.89 -54.47 -21.98
C LYS E 114 51.08 -53.26 -22.39
N ALA E 115 49.76 -53.44 -22.42
CA ALA E 115 48.84 -52.37 -22.81
C ALA E 115 48.49 -51.54 -21.58
N SER E 116 49.45 -50.72 -21.17
CA SER E 116 49.24 -49.86 -20.02
C SER E 116 48.34 -48.69 -20.37
N LEU E 117 47.83 -48.04 -19.32
CA LEU E 117 46.97 -46.89 -19.48
C LEU E 117 47.78 -45.60 -19.60
N ALA E 118 47.23 -44.65 -20.35
CA ALA E 118 47.89 -43.37 -20.61
C ALA E 118 49.28 -43.57 -21.21
N GLY E 119 49.39 -44.50 -22.15
CA GLY E 119 50.66 -44.82 -22.78
C GLY E 119 51.01 -46.29 -22.65
N VAL E 120 51.73 -46.82 -23.64
CA VAL E 120 52.11 -48.22 -23.66
C VAL E 120 53.62 -48.32 -23.46
N SER E 121 54.04 -49.26 -22.64
CA SER E 121 55.44 -49.47 -22.32
C SER E 121 56.00 -50.64 -23.13
N GLY E 122 57.32 -50.67 -23.24
CA GLY E 122 57.99 -51.75 -23.95
C GLY E 122 57.74 -51.82 -25.43
N LEU E 123 57.76 -50.67 -26.11
CA LEU E 123 57.62 -50.68 -27.56
C LEU E 123 58.77 -51.42 -28.24
N ASP E 124 59.99 -51.18 -27.78
CA ASP E 124 61.14 -51.90 -28.31
C ASP E 124 61.06 -53.38 -28.01
N ALA E 125 60.58 -53.75 -26.83
CA ALA E 125 60.38 -55.16 -26.52
C ALA E 125 59.28 -55.76 -27.38
N LEU E 126 58.27 -54.98 -27.73
CA LEU E 126 57.23 -55.47 -28.63
C LEU E 126 57.79 -55.71 -30.03
N VAL E 127 58.64 -54.81 -30.51
CA VAL E 127 59.18 -54.97 -31.85
C VAL E 127 60.17 -56.12 -31.91
N GLY E 128 61.08 -56.19 -30.94
CA GLY E 128 62.16 -57.14 -31.02
C GLY E 128 62.14 -58.28 -30.01
N GLY E 129 60.97 -58.59 -29.47
CA GLY E 129 60.86 -59.68 -28.52
C GLY E 129 61.24 -59.28 -27.11
N ASN E 130 60.49 -59.78 -26.13
CA ASN E 130 60.74 -59.44 -24.74
C ASN E 130 62.09 -59.97 -24.29
N TYR E 131 62.75 -59.24 -23.40
CA TYR E 131 64.14 -59.55 -23.06
C TYR E 131 64.33 -59.37 -21.56
N ILE E 132 65.59 -59.42 -21.12
CA ILE E 132 65.95 -59.28 -19.72
C ILE E 132 66.83 -58.07 -19.56
N GLY E 133 66.48 -57.20 -18.63
CA GLY E 133 67.28 -56.03 -18.29
C GLY E 133 68.00 -56.22 -16.97
N MET E 134 69.20 -55.64 -16.87
CA MET E 134 70.04 -55.78 -15.68
C MET E 134 70.56 -54.42 -15.26
N MET E 135 70.90 -54.32 -13.98
CA MET E 135 71.47 -53.13 -13.39
C MET E 135 72.50 -53.51 -12.35
N PRO E 136 73.76 -53.18 -12.56
CA PRO E 136 74.81 -53.57 -11.62
C PRO E 136 74.79 -52.68 -10.38
N GLY E 137 75.52 -53.13 -9.37
CA GLY E 137 75.64 -52.41 -8.11
C GLY E 137 77.01 -52.57 -7.51
N LYS E 138 77.08 -52.48 -6.18
CA LYS E 138 78.34 -52.50 -5.45
C LYS E 138 78.31 -53.58 -4.36
N GLY E 139 77.88 -54.77 -4.72
CA GLY E 139 77.86 -55.87 -3.79
C GLY E 139 79.23 -56.52 -3.64
N LYS E 140 79.23 -57.66 -2.95
CA LYS E 140 80.47 -58.43 -2.75
C LYS E 140 80.64 -59.51 -3.81
N GLU E 141 79.71 -60.45 -3.86
CA GLU E 141 79.74 -61.54 -4.83
C GLU E 141 78.43 -62.30 -4.74
N GLN E 142 77.90 -62.71 -5.88
CA GLN E 142 76.64 -63.44 -5.91
C GLN E 142 76.53 -64.23 -7.20
N ASP E 143 75.97 -65.43 -7.11
CA ASP E 143 75.72 -66.26 -8.28
C ASP E 143 74.27 -66.73 -8.37
N HIS E 144 73.40 -66.24 -7.49
CA HIS E 144 71.99 -66.63 -7.46
C HIS E 144 71.18 -65.38 -7.16
N PHE E 145 70.38 -64.94 -8.13
CA PHE E 145 69.62 -63.71 -8.01
C PHE E 145 68.13 -63.97 -8.04
N VAL E 146 67.37 -62.99 -7.57
CA VAL E 146 65.90 -63.03 -7.59
C VAL E 146 65.41 -61.88 -8.45
N ALA E 147 64.65 -62.20 -9.49
CA ALA E 147 64.17 -61.19 -10.41
C ALA E 147 63.18 -60.26 -9.73
N LEU E 148 63.15 -59.02 -10.20
CA LEU E 148 62.24 -58.02 -9.67
C LEU E 148 60.96 -58.03 -10.49
N ASP E 149 60.10 -57.05 -10.26
CA ASP E 149 58.79 -57.03 -10.90
C ASP E 149 58.61 -55.87 -11.88
N THR E 150 58.92 -54.64 -11.50
CA THR E 150 58.60 -53.49 -12.35
C THR E 150 59.80 -52.62 -12.71
N GLN E 151 61.03 -53.12 -12.63
CA GLN E 151 62.19 -52.31 -13.00
C GLN E 151 62.23 -50.98 -12.25
N PRO E 152 62.66 -50.99 -11.01
CA PRO E 152 62.70 -49.74 -10.23
C PRO E 152 63.64 -48.71 -10.80
N LYS E 153 63.28 -47.45 -10.57
CA LYS E 153 64.06 -46.33 -11.08
C LYS E 153 65.50 -46.38 -10.60
N TYR E 154 66.43 -46.16 -11.52
CA TYR E 154 67.85 -46.22 -11.22
C TYR E 154 68.54 -44.86 -11.18
N ARG E 155 67.94 -43.83 -11.79
CA ARG E 155 68.43 -42.46 -11.81
C ARG E 155 69.66 -42.37 -12.72
N LEU E 156 70.14 -41.16 -12.98
CA LEU E 156 71.28 -40.96 -13.87
C LEU E 156 72.42 -40.14 -13.29
N ASP E 157 72.16 -39.33 -12.26
CA ASP E 157 73.19 -38.50 -11.62
C ASP E 157 73.86 -37.56 -12.63
N ASN E 158 73.02 -36.71 -13.22
CA ASN E 158 73.48 -35.74 -14.21
C ASN E 158 73.64 -34.36 -13.62
N GLY E 159 73.64 -34.24 -12.30
CA GLY E 159 73.68 -32.93 -11.68
C GLY E 159 72.33 -32.33 -11.40
N ASP E 160 71.25 -33.09 -11.53
CA ASP E 160 69.92 -32.59 -11.27
C ASP E 160 69.69 -32.37 -9.79
N LEU E 161 68.65 -31.62 -9.47
CA LEU E 161 68.34 -31.28 -8.09
C LEU E 161 67.16 -32.11 -7.61
N MET E 162 67.32 -32.81 -6.51
CA MET E 162 66.29 -33.67 -5.94
C MET E 162 65.70 -32.98 -4.72
N ILE E 163 64.39 -32.79 -4.69
CA ILE E 163 63.75 -32.14 -3.56
C ILE E 163 62.52 -32.94 -3.17
N HIS E 164 62.03 -32.69 -1.97
CA HIS E 164 60.92 -33.43 -1.39
C HIS E 164 59.78 -32.50 -1.07
N LEU E 165 58.56 -32.99 -1.23
CA LEU E 165 57.36 -32.25 -0.89
C LEU E 165 56.50 -33.09 0.02
N GLN E 166 55.84 -32.45 0.97
CA GLN E 166 54.97 -33.14 1.92
C GLN E 166 53.53 -32.74 1.72
N ALA E 167 52.68 -33.73 1.52
CA ALA E 167 51.27 -33.49 1.28
C ALA E 167 50.45 -34.44 2.12
N PRO E 168 49.25 -34.04 2.51
CA PRO E 168 48.37 -34.97 3.20
C PRO E 168 47.99 -36.16 2.33
N ASP E 169 47.90 -36.00 1.02
CA ASP E 169 47.58 -37.12 0.14
C ASP E 169 48.28 -36.91 -1.18
N LEU E 170 48.42 -37.99 -1.94
CA LEU E 170 49.10 -37.91 -3.23
C LEU E 170 48.31 -37.08 -4.23
N GLY E 171 46.99 -37.12 -4.16
CA GLY E 171 46.21 -36.40 -5.14
C GLY E 171 46.18 -37.13 -6.47
N SER E 172 46.02 -36.38 -7.54
CA SER E 172 46.00 -36.97 -8.86
C SER E 172 47.37 -37.27 -9.40
N LEU E 173 48.43 -36.86 -8.71
CA LEU E 173 49.77 -37.01 -9.24
C LEU E 173 50.19 -38.48 -9.32
N ASN E 174 50.85 -38.82 -10.40
CA ASN E 174 51.43 -40.13 -10.62
C ASN E 174 52.89 -39.94 -11.00
N SER E 175 53.57 -41.06 -11.19
CA SER E 175 54.95 -40.98 -11.63
C SER E 175 55.04 -40.50 -13.07
N GLY E 176 55.84 -39.48 -13.30
CA GLY E 176 55.97 -38.89 -14.61
C GLY E 176 55.19 -37.61 -14.81
N SER E 177 54.44 -37.17 -13.82
CA SER E 177 53.76 -35.89 -13.93
C SER E 177 54.79 -34.76 -13.90
N LEU E 178 54.48 -33.69 -14.58
CA LEU E 178 55.44 -32.64 -14.91
C LEU E 178 55.43 -31.52 -13.88
N VAL E 179 56.55 -30.81 -13.81
CA VAL E 179 56.74 -29.66 -12.94
C VAL E 179 56.94 -28.44 -13.82
N TYR E 180 56.20 -27.38 -13.53
CA TYR E 180 56.11 -26.21 -14.39
C TYR E 180 56.58 -24.95 -13.68
N PHE E 181 57.31 -24.13 -14.41
CA PHE E 181 57.60 -22.75 -14.03
C PHE E 181 57.22 -21.85 -15.18
N ARG E 182 56.32 -20.90 -14.92
CA ARG E 182 55.76 -20.04 -15.95
C ARG E 182 55.14 -20.87 -17.04
N LYS E 183 54.51 -21.96 -16.65
CA LYS E 183 53.95 -22.95 -17.56
C LYS E 183 54.96 -23.48 -18.57
N ILE E 184 56.18 -23.69 -18.10
CA ILE E 184 57.25 -24.29 -18.89
C ILE E 184 57.76 -25.50 -18.11
N PRO E 185 57.82 -26.67 -18.72
CA PRO E 185 58.27 -27.86 -17.99
C PRO E 185 59.76 -27.81 -17.67
N VAL E 186 60.08 -27.94 -16.39
CA VAL E 186 61.46 -27.89 -15.95
C VAL E 186 61.80 -29.10 -15.08
N GLY E 187 60.91 -30.07 -15.01
CA GLY E 187 61.21 -31.23 -14.18
C GLY E 187 60.05 -32.19 -14.19
N LYS E 188 60.20 -33.25 -13.41
CA LYS E 188 59.16 -34.26 -13.34
C LYS E 188 59.17 -34.93 -11.98
N VAL E 189 58.05 -35.54 -11.63
CA VAL E 189 57.93 -36.25 -10.36
C VAL E 189 58.65 -37.58 -10.45
N TYR E 190 59.55 -37.82 -9.52
CA TYR E 190 60.38 -39.02 -9.53
C TYR E 190 59.75 -40.20 -8.80
N ASP E 191 59.30 -39.99 -7.56
CA ASP E 191 58.80 -41.11 -6.77
C ASP E 191 57.84 -40.57 -5.71
N TYR E 192 57.11 -41.46 -5.08
CA TYR E 192 56.23 -41.13 -3.97
C TYR E 192 56.29 -42.22 -2.92
N ALA E 193 56.04 -41.84 -1.68
CA ALA E 193 56.13 -42.77 -0.57
C ALA E 193 55.28 -42.28 0.58
N ILE E 194 55.03 -43.16 1.53
CA ILE E 194 54.25 -42.89 2.72
C ILE E 194 55.19 -42.68 3.89
N ASN E 195 54.93 -41.65 4.69
CA ASN E 195 55.73 -41.41 5.86
C ASN E 195 55.53 -42.52 6.87
N PRO E 196 56.51 -42.72 7.77
CA PRO E 196 56.30 -43.64 8.88
C PRO E 196 55.09 -43.30 9.72
N ASN E 197 54.86 -42.01 9.90
CA ASN E 197 53.56 -41.57 10.37
C ASN E 197 52.58 -41.69 9.23
N LYS E 198 51.42 -42.26 9.50
CA LYS E 198 50.47 -42.53 8.44
C LYS E 198 49.79 -41.28 7.91
N GLN E 199 50.00 -40.15 8.55
CA GLN E 199 49.31 -38.93 8.13
C GLN E 199 49.91 -38.31 6.87
N GLY E 200 51.21 -38.44 6.66
CA GLY E 200 51.91 -37.70 5.63
C GLY E 200 52.33 -38.55 4.45
N VAL E 201 52.43 -37.89 3.30
CA VAL E 201 52.89 -38.50 2.06
C VAL E 201 54.00 -37.64 1.50
N VAL E 202 55.12 -38.26 1.13
CA VAL E 202 56.29 -37.57 0.64
C VAL E 202 56.42 -37.83 -0.85
N ILE E 203 56.46 -36.77 -1.63
CA ILE E 203 56.65 -36.82 -3.08
C ILE E 203 58.04 -36.33 -3.38
N ASP E 204 58.85 -37.18 -3.98
CA ASP E 204 60.21 -36.84 -4.33
C ASP E 204 60.28 -36.45 -5.80
N VAL E 205 60.66 -35.20 -6.07
CA VAL E 205 60.67 -34.68 -7.43
C VAL E 205 62.08 -34.24 -7.80
N LEU E 206 62.30 -34.13 -9.11
CA LEU E 206 63.61 -33.88 -9.68
C LEU E 206 63.53 -32.73 -10.68
N ILE E 207 64.37 -31.72 -10.50
CA ILE E 207 64.46 -30.56 -11.37
C ILE E 207 65.74 -30.67 -12.19
N GLU E 208 65.64 -30.32 -13.47
CA GLU E 208 66.76 -30.47 -14.39
C GLU E 208 67.91 -29.56 -13.98
N ARG E 209 69.08 -29.84 -14.54
CA ARG E 209 70.27 -29.11 -14.15
C ARG E 209 70.22 -27.65 -14.60
N ARG E 210 69.64 -27.41 -15.78
CA ARG E 210 69.63 -26.07 -16.33
C ARG E 210 68.82 -25.10 -15.48
N PHE E 211 67.91 -25.61 -14.68
CA PHE E 211 67.05 -24.76 -13.89
C PHE E 211 67.29 -24.97 -12.41
N THR E 212 68.49 -25.39 -12.05
CA THR E 212 68.75 -25.59 -10.63
C THR E 212 68.72 -24.27 -9.87
N ASP E 213 69.12 -23.19 -10.50
CA ASP E 213 69.07 -21.89 -9.85
C ASP E 213 67.65 -21.35 -9.73
N LEU E 214 66.68 -21.96 -10.39
CA LEU E 214 65.31 -21.46 -10.28
C LEU E 214 64.72 -21.71 -8.90
N VAL E 215 65.07 -22.82 -8.27
CA VAL E 215 64.51 -23.16 -6.97
C VAL E 215 65.22 -22.36 -5.89
N LYS E 216 64.45 -21.69 -5.06
CA LYS E 216 64.94 -20.87 -3.97
C LYS E 216 64.38 -21.39 -2.66
N LYS E 217 64.83 -20.80 -1.57
CA LYS E 217 64.32 -21.16 -0.25
C LYS E 217 62.86 -20.77 -0.10
N GLY E 218 62.48 -19.63 -0.65
CA GLY E 218 61.12 -19.16 -0.55
C GLY E 218 60.21 -19.61 -1.67
N SER E 219 60.63 -20.55 -2.49
CA SER E 219 59.80 -21.05 -3.57
C SER E 219 58.60 -21.80 -3.02
N ARG E 220 57.45 -21.59 -3.64
CA ARG E 220 56.20 -22.23 -3.24
C ARG E 220 55.70 -23.15 -4.34
N PHE E 221 55.16 -24.30 -3.95
CA PHE E 221 54.71 -25.32 -4.88
C PHE E 221 53.22 -25.54 -4.70
N TRP E 222 52.54 -25.88 -5.77
CA TRP E 222 51.11 -26.14 -5.71
C TRP E 222 50.74 -27.14 -6.78
N ASN E 223 49.60 -27.80 -6.58
CA ASN E 223 49.16 -28.88 -7.43
C ASN E 223 48.11 -28.44 -8.44
N VAL E 224 48.38 -28.69 -9.71
CA VAL E 224 47.45 -28.40 -10.79
C VAL E 224 47.16 -29.71 -11.50
N SER E 225 45.99 -30.29 -11.26
CA SER E 225 45.61 -31.55 -11.88
C SER E 225 44.11 -31.56 -12.12
N GLY E 226 43.69 -32.14 -13.24
CA GLY E 226 42.29 -32.20 -13.57
C GLY E 226 41.75 -30.89 -14.12
N VAL E 227 40.43 -30.84 -14.26
CA VAL E 227 39.72 -29.67 -14.78
C VAL E 227 38.62 -29.27 -13.83
N ASP E 228 38.58 -28.00 -13.46
CA ASP E 228 37.59 -27.45 -12.54
C ASP E 228 36.79 -26.37 -13.26
N ALA E 229 35.49 -26.60 -13.43
CA ALA E 229 34.61 -25.65 -14.08
C ALA E 229 33.70 -25.02 -13.04
N ASN E 230 33.74 -23.69 -12.94
CA ASN E 230 32.94 -22.96 -11.96
C ASN E 230 32.13 -21.89 -12.67
N VAL E 231 30.81 -22.01 -12.63
CA VAL E 231 29.92 -21.03 -13.23
C VAL E 231 29.50 -20.03 -12.16
N SER E 232 29.67 -18.74 -12.45
CA SER E 232 29.30 -17.69 -11.52
C SER E 232 27.87 -17.23 -11.84
N ILE E 233 27.45 -16.14 -11.20
CA ILE E 233 26.13 -15.57 -11.49
C ILE E 233 26.07 -15.05 -12.92
N SER E 234 27.16 -14.43 -13.38
CA SER E 234 27.23 -13.93 -14.77
C SER E 234 28.55 -14.28 -15.44
N GLY E 235 29.32 -15.22 -14.88
CA GLY E 235 30.59 -15.61 -15.48
C GLY E 235 30.78 -17.11 -15.46
N ALA E 236 31.84 -17.55 -16.12
CA ALA E 236 32.17 -18.97 -16.19
C ALA E 236 33.68 -19.11 -16.32
N LYS E 237 34.30 -19.78 -15.35
CA LYS E 237 35.74 -19.97 -15.34
C LYS E 237 36.04 -21.45 -15.44
N VAL E 238 36.75 -21.84 -16.48
CA VAL E 238 37.16 -23.21 -16.71
C VAL E 238 38.66 -23.27 -16.46
N LYS E 239 39.04 -23.68 -15.26
CA LYS E 239 40.44 -23.76 -14.88
C LYS E 239 40.99 -25.15 -15.22
N LEU E 240 41.95 -25.19 -16.13
CA LEU E 240 42.56 -26.45 -16.52
C LEU E 240 43.92 -26.14 -17.10
N GLU E 241 44.73 -27.18 -17.20
CA GLU E 241 46.07 -27.10 -17.76
C GLU E 241 46.16 -28.01 -18.99
N SER E 242 47.38 -28.25 -19.45
CA SER E 242 47.60 -29.09 -20.60
C SER E 242 46.98 -30.48 -20.41
N LEU E 243 46.86 -31.19 -21.52
CA LEU E 243 46.16 -32.48 -21.54
C LEU E 243 46.86 -33.50 -20.66
N ALA E 244 48.18 -33.41 -20.53
CA ALA E 244 48.89 -34.32 -19.65
C ALA E 244 48.49 -34.09 -18.21
N ALA E 245 48.20 -32.85 -17.85
CA ALA E 245 47.72 -32.57 -16.50
C ALA E 245 46.34 -33.15 -16.28
N LEU E 246 45.48 -33.12 -17.30
CA LEU E 246 44.16 -33.72 -17.16
C LEU E 246 44.25 -35.23 -17.06
N VAL E 247 45.16 -35.85 -17.82
CA VAL E 247 45.29 -37.29 -17.79
C VAL E 247 46.07 -37.75 -16.56
N ASN E 248 47.20 -37.12 -16.27
CA ASN E 248 48.05 -37.51 -15.16
C ASN E 248 48.12 -36.46 -14.05
N GLY E 249 48.54 -35.23 -14.34
CA GLY E 249 48.67 -34.23 -13.30
C GLY E 249 49.91 -33.39 -13.39
N ALA E 250 50.00 -32.34 -12.58
CA ALA E 250 51.16 -31.45 -12.67
C ALA E 250 51.37 -30.75 -11.33
N ILE E 251 52.61 -30.31 -11.12
CA ILE E 251 53.02 -29.53 -9.97
C ILE E 251 53.71 -28.27 -10.47
N ALA E 252 53.17 -27.13 -10.12
CA ALA E 252 53.73 -25.87 -10.59
C ALA E 252 54.36 -25.14 -9.43
N PHE E 253 55.36 -24.32 -9.70
CA PHE E 253 56.06 -23.67 -8.60
C PHE E 253 56.48 -22.26 -8.97
N ASP E 254 56.61 -21.43 -7.95
CA ASP E 254 57.03 -20.05 -8.10
C ASP E 254 58.28 -19.74 -7.31
N SER E 255 59.20 -19.02 -7.94
CA SER E 255 60.47 -18.59 -7.41
C SER E 255 60.40 -17.15 -6.94
N PRO E 256 60.77 -16.85 -5.72
CA PRO E 256 60.77 -15.46 -5.27
C PRO E 256 61.92 -14.68 -5.86
N GLU E 257 61.99 -13.39 -5.57
CA GLU E 257 63.00 -12.53 -6.15
C GLU E 257 64.35 -12.68 -5.46
N GLU E 258 64.39 -12.39 -4.16
CA GLU E 258 65.63 -12.42 -3.40
C GLU E 258 65.55 -13.53 -2.37
N SER E 259 66.19 -14.66 -2.67
CA SER E 259 66.28 -15.77 -1.74
C SER E 259 67.48 -16.62 -2.11
N LYS E 260 68.00 -17.33 -1.12
CA LYS E 260 69.12 -18.22 -1.36
C LYS E 260 68.64 -19.45 -2.12
N PRO E 261 69.50 -20.02 -2.95
CA PRO E 261 69.13 -21.25 -3.64
C PRO E 261 68.99 -22.41 -2.67
N ALA E 262 68.09 -23.32 -3.03
CA ALA E 262 67.81 -24.53 -2.26
C ALA E 262 68.53 -25.72 -2.86
N GLU E 263 68.94 -26.65 -2.00
CA GLU E 263 69.70 -27.79 -2.46
C GLU E 263 69.64 -28.91 -1.43
N ALA E 264 70.08 -30.10 -1.85
CA ALA E 264 70.29 -31.24 -0.97
C ALA E 264 69.00 -31.67 -0.27
N GLU E 265 68.05 -32.09 -1.08
CA GLU E 265 66.82 -32.69 -0.60
C GLU E 265 66.08 -31.77 0.38
N ASP E 266 66.01 -30.50 0.04
CA ASP E 266 65.27 -29.56 0.86
C ASP E 266 63.77 -29.85 0.76
N THR E 267 63.08 -29.81 1.88
CA THR E 267 61.67 -30.15 1.91
C THR E 267 60.80 -28.92 1.70
N PHE E 268 59.61 -29.13 1.16
CA PHE E 268 58.66 -28.06 0.90
C PHE E 268 57.25 -28.57 1.17
N GLY E 269 56.30 -27.66 1.19
CA GLY E 269 54.89 -27.99 1.37
C GLY E 269 54.13 -27.81 0.07
N LEU E 270 53.29 -28.78 -0.25
CA LEU E 270 52.53 -28.77 -1.49
C LEU E 270 51.14 -28.22 -1.21
N TYR E 271 50.87 -27.02 -1.68
CA TYR E 271 49.56 -26.41 -1.53
C TYR E 271 48.59 -27.00 -2.55
N GLU E 272 47.33 -27.03 -2.19
CA GLU E 272 46.32 -27.64 -3.04
C GLU E 272 45.89 -26.76 -4.20
N ASP E 273 46.18 -25.47 -4.18
CA ASP E 273 45.70 -24.59 -5.22
C ASP E 273 46.60 -23.36 -5.28
N LEU E 274 46.50 -22.65 -6.39
CA LEU E 274 47.23 -21.41 -6.52
C LEU E 274 46.73 -20.38 -5.52
N ALA E 275 45.43 -20.34 -5.29
CA ALA E 275 44.88 -19.39 -4.34
C ALA E 275 45.37 -19.67 -2.93
N HIS E 276 45.47 -20.94 -2.56
CA HIS E 276 45.98 -21.28 -1.25
C HIS E 276 47.45 -20.98 -1.08
N SER E 277 48.18 -20.86 -2.16
CA SER E 277 49.60 -20.57 -2.09
C SER E 277 49.90 -19.09 -2.01
N GLN E 278 48.89 -18.23 -2.11
CA GLN E 278 49.15 -16.79 -2.05
C GLN E 278 49.57 -16.40 -0.64
N ARG E 279 50.63 -15.60 -0.58
CA ARG E 279 51.15 -15.16 0.71
C ARG E 279 50.19 -14.18 1.37
N GLY E 280 50.10 -14.28 2.69
CA GLY E 280 49.22 -13.42 3.45
C GLY E 280 49.58 -13.48 4.92
N VAL E 281 48.86 -12.69 5.70
CA VAL E 281 49.09 -12.59 7.13
C VAL E 281 47.84 -13.11 7.85
N ILE E 282 48.05 -13.93 8.86
CA ILE E 282 46.99 -14.59 9.61
C ILE E 282 46.53 -13.68 10.74
N ILE E 283 45.22 -13.46 10.82
CA ILE E 283 44.60 -12.66 11.86
C ILE E 283 43.54 -13.52 12.54
N LYS E 284 43.57 -13.55 13.86
CA LYS E 284 42.61 -14.32 14.63
C LYS E 284 41.45 -13.45 15.06
N LEU E 285 40.24 -13.95 14.88
CA LEU E 285 39.03 -13.20 15.16
C LEU E 285 38.17 -13.95 16.18
N GLU E 286 37.63 -13.21 17.13
CA GLU E 286 36.73 -13.75 18.15
C GLU E 286 35.31 -13.34 17.77
N LEU E 287 34.68 -14.12 16.93
CA LEU E 287 33.37 -13.83 16.37
C LEU E 287 32.26 -14.07 17.38
N PRO E 288 31.16 -13.30 17.29
CA PRO E 288 30.02 -13.58 18.16
C PRO E 288 29.25 -14.82 17.77
N SER E 289 29.01 -15.02 16.48
CA SER E 289 28.31 -16.20 15.99
C SER E 289 28.68 -16.37 14.53
N GLY E 290 28.42 -17.56 14.02
CA GLY E 290 28.71 -17.85 12.63
C GLY E 290 27.45 -18.02 11.83
N ALA E 291 26.47 -17.15 12.07
CA ALA E 291 25.16 -17.31 11.46
C ALA E 291 25.22 -17.15 9.94
N GLY E 292 25.93 -16.16 9.45
CA GLY E 292 25.95 -15.96 8.02
C GLY E 292 27.35 -15.93 7.44
N LEU E 293 28.28 -16.60 8.11
CA LEU E 293 29.69 -16.60 7.73
C LEU E 293 30.06 -17.94 7.12
N THR E 294 30.74 -17.89 5.99
CA THR E 294 31.19 -19.06 5.24
C THR E 294 32.68 -18.98 5.04
N ALA E 295 33.36 -20.08 5.30
CA ALA E 295 34.80 -20.15 5.12
C ALA E 295 35.14 -20.03 3.64
N ASP E 296 36.20 -19.29 3.36
CA ASP E 296 36.70 -19.01 2.02
C ASP E 296 35.66 -18.32 1.14
N SER E 297 34.69 -17.66 1.73
CA SER E 297 33.69 -16.94 0.95
C SER E 297 33.34 -15.57 1.49
N THR E 298 33.70 -15.24 2.72
CA THR E 298 33.34 -13.95 3.32
C THR E 298 34.51 -13.00 3.20
N PRO E 299 34.37 -11.90 2.51
CA PRO E 299 35.48 -10.99 2.29
C PRO E 299 35.63 -9.94 3.39
N LEU E 300 36.75 -9.23 3.32
CA LEU E 300 37.05 -8.09 4.19
C LEU E 300 37.13 -6.86 3.30
N MET E 301 36.12 -6.03 3.35
CA MET E 301 36.01 -4.87 2.47
C MET E 301 36.56 -3.63 3.15
N TYR E 302 37.52 -2.99 2.50
CA TYR E 302 38.02 -1.68 2.93
C TYR E 302 37.94 -0.73 1.74
N GLN E 303 37.30 0.41 1.95
CA GLN E 303 37.06 1.41 0.91
C GLN E 303 36.35 0.80 -0.29
N GLY E 304 35.51 -0.20 -0.06
CA GLY E 304 34.82 -0.86 -1.13
C GLY E 304 35.60 -1.92 -1.87
N LEU E 305 36.85 -2.17 -1.51
CA LEU E 305 37.69 -3.13 -2.20
C LEU E 305 37.98 -4.29 -1.27
N GLU E 306 37.98 -5.50 -1.83
CA GLU E 306 38.24 -6.70 -1.04
C GLU E 306 39.73 -6.85 -0.77
N VAL E 307 40.11 -6.88 0.50
CA VAL E 307 41.50 -7.04 0.90
C VAL E 307 41.75 -8.27 1.75
N GLY E 308 40.71 -8.95 2.23
CA GLY E 308 40.87 -10.12 3.07
C GLY E 308 39.89 -11.22 2.70
N GLN E 309 40.01 -12.34 3.39
CA GLN E 309 39.16 -13.50 3.14
C GLN E 309 39.11 -14.34 4.39
N LEU E 310 37.92 -14.59 4.90
CA LEU E 310 37.74 -15.46 6.06
C LEU E 310 38.05 -16.89 5.66
N THR E 311 39.08 -17.48 6.24
CA THR E 311 39.55 -18.79 5.80
C THR E 311 39.09 -19.91 6.72
N LYS E 312 39.25 -19.77 8.04
CA LYS E 312 38.95 -20.84 8.97
C LYS E 312 37.88 -20.40 9.96
N LEU E 313 36.99 -21.34 10.31
CA LEU E 313 35.88 -21.05 11.21
C LEU E 313 35.67 -22.26 12.12
N ASP E 314 35.81 -22.07 13.43
CA ASP E 314 35.78 -23.15 14.40
C ASP E 314 34.86 -22.83 15.57
N LEU E 315 34.43 -23.89 16.25
CA LEU E 315 33.58 -23.80 17.44
C LEU E 315 34.33 -24.40 18.62
N ASN E 316 35.05 -23.54 19.35
CA ASN E 316 35.72 -23.94 20.56
C ASN E 316 34.71 -24.23 21.67
N PRO E 317 35.03 -25.15 22.57
CA PRO E 317 34.06 -25.54 23.60
C PRO E 317 33.72 -24.38 24.53
N GLY E 318 32.50 -24.45 25.06
CA GLY E 318 31.87 -23.31 25.69
C GLY E 318 31.05 -22.48 24.75
N GLY E 319 30.82 -22.97 23.54
CA GLY E 319 30.09 -22.23 22.53
C GLY E 319 30.79 -20.98 22.06
N LYS E 320 32.10 -21.07 21.80
CA LYS E 320 32.89 -19.92 21.40
C LYS E 320 33.24 -20.03 19.93
N VAL E 321 32.63 -19.22 19.10
CA VAL E 321 32.92 -19.22 17.67
C VAL E 321 34.15 -18.37 17.40
N THR E 322 35.14 -18.95 16.75
CA THR E 322 36.37 -18.23 16.43
C THR E 322 36.67 -18.40 14.95
N GLY E 323 37.44 -17.46 14.42
CA GLY E 323 37.75 -17.45 13.01
C GLY E 323 39.19 -17.04 12.77
N GLU E 324 39.64 -17.30 11.56
CA GLU E 324 40.99 -17.02 11.13
C GLU E 324 40.96 -16.51 9.70
N MET E 325 41.55 -15.33 9.47
CA MET E 325 41.42 -14.61 8.22
C MET E 325 42.81 -14.26 7.67
N THR E 326 42.96 -14.37 6.35
CA THR E 326 44.19 -13.99 5.66
C THR E 326 44.03 -12.61 5.06
N VAL E 327 44.99 -11.74 5.32
CA VAL E 327 44.97 -10.39 4.77
C VAL E 327 46.19 -10.22 3.89
N ASP E 328 46.03 -9.47 2.81
CA ASP E 328 47.12 -9.22 1.87
C ASP E 328 48.12 -8.25 2.49
N PRO E 329 49.38 -8.29 2.03
CA PRO E 329 50.41 -7.44 2.63
C PRO E 329 50.23 -5.94 2.45
N SER E 330 49.27 -5.50 1.65
CA SER E 330 49.13 -4.06 1.42
C SER E 330 48.57 -3.34 2.64
N VAL E 331 47.71 -3.98 3.42
CA VAL E 331 47.01 -3.34 4.51
C VAL E 331 47.48 -3.85 5.87
N VAL E 332 48.69 -4.41 5.93
CA VAL E 332 49.21 -4.89 7.21
C VAL E 332 49.50 -3.72 8.13
N THR E 333 50.02 -2.62 7.57
CA THR E 333 50.32 -1.44 8.38
C THR E 333 49.07 -0.78 8.93
N LEU E 334 47.90 -1.08 8.40
CA LEU E 334 46.65 -0.54 8.91
C LEU E 334 46.10 -1.34 10.09
N LEU E 335 46.69 -2.49 10.40
CA LEU E 335 46.23 -3.33 11.51
C LEU E 335 47.04 -2.97 12.74
N ARG E 336 46.48 -2.10 13.56
CA ARG E 336 47.14 -1.63 14.77
C ARG E 336 46.18 -1.69 15.95
N GLU E 337 46.57 -1.11 17.08
CA GLU E 337 45.64 -0.99 18.20
C GLU E 337 44.51 -0.03 17.86
N ASN E 338 43.43 -0.16 18.63
CA ASN E 338 42.16 0.52 18.36
C ASN E 338 41.79 0.56 16.89
N THR E 339 42.03 -0.55 16.19
CA THR E 339 41.58 -0.76 14.82
C THR E 339 40.43 -1.74 14.91
N ARG E 340 39.28 -1.38 14.34
CA ARG E 340 38.06 -2.12 14.57
C ARG E 340 37.70 -2.94 13.34
N ILE E 341 37.18 -4.14 13.56
CA ILE E 341 36.66 -4.98 12.50
C ILE E 341 35.23 -5.33 12.85
N GLU E 342 34.29 -4.97 11.98
CA GLU E 342 32.88 -5.18 12.27
C GLU E 342 32.20 -5.93 11.14
N LEU E 343 30.95 -6.34 11.36
CA LEU E 343 30.20 -7.07 10.35
C LEU E 343 28.98 -6.27 9.94
N ARG E 344 28.72 -6.24 8.64
CA ARG E 344 27.62 -5.52 8.05
C ARG E 344 26.67 -6.49 7.38
N ASN E 345 25.38 -6.35 7.68
CA ASN E 345 24.35 -7.13 7.01
C ASN E 345 24.00 -6.48 5.68
N PRO E 346 23.59 -7.28 4.71
CA PRO E 346 23.18 -6.72 3.42
C PRO E 346 21.84 -6.00 3.51
N LYS E 347 21.85 -4.68 3.45
CA LYS E 347 20.64 -3.88 3.54
C LYS E 347 20.06 -3.62 2.16
N LEU E 348 18.73 -3.57 2.10
CA LEU E 348 18.01 -3.34 0.85
C LEU E 348 17.62 -1.88 0.75
N SER E 349 18.10 -1.22 -0.30
CA SER E 349 17.82 0.18 -0.56
C SER E 349 16.93 0.30 -1.79
N LEU E 350 15.77 0.94 -1.63
CA LEU E 350 14.86 1.11 -2.75
C LEU E 350 15.40 2.13 -3.74
N SER E 351 16.06 3.17 -3.24
CA SER E 351 16.59 4.19 -4.14
C SER E 351 17.79 3.69 -4.93
N ASP E 352 18.70 2.98 -4.28
CA ASP E 352 19.91 2.45 -4.91
C ASP E 352 19.94 0.94 -4.68
N ALA E 353 19.32 0.20 -5.58
CA ALA E 353 19.27 -1.25 -5.46
C ALA E 353 20.61 -1.86 -5.84
N ASN E 354 21.12 -2.74 -4.97
CA ASN E 354 22.39 -3.43 -5.18
C ASN E 354 22.15 -4.92 -5.07
N LEU E 355 21.95 -5.58 -6.20
CA LEU E 355 21.70 -7.01 -6.18
C LEU E 355 22.92 -7.80 -5.75
N SER E 356 24.11 -7.35 -6.17
CA SER E 356 25.33 -8.05 -5.78
C SER E 356 25.56 -7.97 -4.28
N ALA E 357 25.31 -6.82 -3.69
CA ALA E 357 25.46 -6.69 -2.25
C ALA E 357 24.44 -7.56 -1.53
N LEU E 358 23.24 -7.68 -2.08
CA LEU E 358 22.26 -8.58 -1.49
C LEU E 358 22.70 -10.03 -1.60
N LEU E 359 23.30 -10.41 -2.72
CA LEU E 359 23.71 -11.80 -2.90
C LEU E 359 24.96 -12.16 -2.08
N THR E 360 25.82 -11.19 -1.78
CA THR E 360 27.02 -11.52 -1.02
C THR E 360 26.71 -11.92 0.40
N GLY E 361 25.87 -11.15 1.08
CA GLY E 361 25.52 -11.46 2.45
C GLY E 361 26.30 -10.68 3.49
N LYS E 362 26.72 -11.34 4.56
CA LYS E 362 27.50 -10.66 5.59
C LYS E 362 28.84 -10.21 5.04
N THR E 363 29.29 -9.04 5.48
CA THR E 363 30.53 -8.44 4.98
C THR E 363 31.37 -7.93 6.14
N PHE E 364 32.65 -8.24 6.15
CA PHE E 364 33.57 -7.72 7.16
C PHE E 364 34.09 -6.35 6.73
N GLU E 365 33.96 -5.37 7.59
CA GLU E 365 34.38 -4.00 7.34
C GLU E 365 35.50 -3.62 8.30
N LEU E 366 36.51 -2.94 7.77
CA LEU E 366 37.70 -2.58 8.52
C LEU E 366 37.74 -1.07 8.74
N VAL E 367 37.89 -0.66 9.99
CA VAL E 367 38.06 0.74 10.37
C VAL E 367 39.44 0.92 10.97
N PRO E 368 40.38 1.52 10.26
CA PRO E 368 41.75 1.59 10.76
C PRO E 368 41.88 2.53 11.96
N GLY E 369 42.91 2.27 12.76
CA GLY E 369 43.25 3.09 13.90
C GLY E 369 44.74 3.32 13.99
N ASP E 370 45.22 3.76 15.15
CA ASP E 370 46.64 4.03 15.36
C ASP E 370 47.14 3.40 16.66
N GLY E 371 48.40 3.01 16.66
CA GLY E 371 49.02 2.44 17.84
C GLY E 371 49.93 1.29 17.47
N GLU E 372 50.23 0.46 18.46
CA GLU E 372 51.08 -0.69 18.25
C GLU E 372 50.36 -1.72 17.38
N PRO E 373 51.04 -2.34 16.44
CA PRO E 373 50.40 -3.37 15.61
C PRO E 373 49.97 -4.59 16.43
N ARG E 374 48.84 -5.17 16.03
CA ARG E 374 48.30 -6.34 16.69
C ARG E 374 47.77 -7.32 15.65
N LYS E 375 47.69 -8.59 16.03
CA LYS E 375 47.29 -9.64 15.10
C LYS E 375 46.01 -10.35 15.52
N GLU E 376 45.32 -9.88 16.54
CA GLU E 376 44.08 -10.49 16.97
C GLU E 376 43.07 -9.40 17.30
N PHE E 377 41.80 -9.66 16.98
CA PHE E 377 40.76 -8.68 17.17
C PHE E 377 39.50 -9.36 17.68
N VAL E 378 38.62 -8.55 18.24
CA VAL E 378 37.31 -8.99 18.70
C VAL E 378 36.27 -8.29 17.86
N VAL E 379 35.41 -9.06 17.21
CA VAL E 379 34.41 -8.55 16.29
C VAL E 379 33.13 -8.25 17.05
N VAL E 380 32.61 -7.05 16.87
CA VAL E 380 31.36 -6.64 17.52
C VAL E 380 30.26 -6.51 16.48
N PRO E 381 29.00 -6.74 16.85
CA PRO E 381 27.91 -6.58 15.89
C PRO E 381 27.71 -5.13 15.52
N GLY E 382 26.94 -4.92 14.44
CA GLY E 382 26.66 -3.58 13.95
C GLY E 382 25.81 -2.75 14.88
N GLU E 383 25.02 -3.39 15.74
CA GLU E 383 24.25 -2.63 16.70
C GLU E 383 25.15 -1.98 17.75
N LYS E 384 26.21 -2.65 18.13
CA LYS E 384 27.14 -2.14 19.12
C LYS E 384 28.30 -1.39 18.51
N ALA E 385 28.26 -1.12 17.21
CA ALA E 385 29.38 -0.46 16.55
C ALA E 385 29.59 0.95 17.08
N LEU E 386 28.52 1.67 17.33
CA LEU E 386 28.64 3.02 17.86
C LEU E 386 29.16 3.01 19.29
N LEU E 387 28.90 1.94 20.02
CA LEU E 387 29.30 1.89 21.41
C LEU E 387 30.81 1.75 21.55
N HIS E 388 31.48 1.19 20.56
CA HIS E 388 32.90 0.91 20.65
C HIS E 388 33.77 1.94 19.93
N GLU E 389 33.22 3.09 19.57
CA GLU E 389 34.02 4.13 18.98
C GLU E 389 34.97 4.71 20.02
N PRO E 390 36.11 5.26 19.60
CA PRO E 390 37.06 5.82 20.57
C PRO E 390 36.49 6.93 21.42
N ASP E 391 35.64 7.79 20.87
CA ASP E 391 34.96 8.81 21.67
C ASP E 391 33.48 8.66 21.45
N VAL E 392 32.73 8.51 22.54
CA VAL E 392 31.30 8.37 22.44
C VAL E 392 30.75 8.69 23.81
N LEU E 393 29.60 9.33 23.85
CA LEU E 393 28.98 9.71 25.11
C LEU E 393 27.86 8.74 25.44
N THR E 394 28.07 7.91 26.44
CA THR E 394 27.10 6.91 26.86
C THR E 394 26.29 7.44 28.03
N LEU E 395 24.97 7.37 27.91
CA LEU E 395 24.07 7.89 28.93
C LEU E 395 23.03 6.85 29.28
N THR E 396 22.63 6.86 30.54
CA THR E 396 21.57 5.99 31.04
C THR E 396 20.44 6.85 31.55
N LEU E 397 19.24 6.62 31.05
CA LEU E 397 18.09 7.40 31.45
C LEU E 397 16.94 6.49 31.82
N THR E 398 16.24 6.83 32.89
CA THR E 398 15.18 6.02 33.45
C THR E 398 13.81 6.63 33.16
N ALA E 399 12.81 5.76 33.06
CA ALA E 399 11.44 6.17 32.81
C ALA E 399 10.51 5.13 33.39
N PRO E 400 9.34 5.54 33.89
CA PRO E 400 8.40 4.56 34.39
C PRO E 400 7.76 3.69 33.31
N GLU E 401 7.81 4.10 32.05
CA GLU E 401 7.20 3.37 30.96
C GLU E 401 8.14 3.38 29.77
N SER E 402 7.99 2.38 28.91
CA SER E 402 8.83 2.33 27.73
C SER E 402 8.44 3.38 26.69
N TYR E 403 7.18 3.77 26.67
CA TYR E 403 6.64 4.73 25.71
C TYR E 403 6.85 4.28 24.28
N GLY E 404 6.92 2.97 24.08
CA GLY E 404 7.13 2.44 22.74
C GLY E 404 8.46 2.76 22.10
N ILE E 405 9.53 2.76 22.87
CA ILE E 405 10.87 3.06 22.37
C ILE E 405 11.66 1.77 22.32
N ASP E 406 12.13 1.41 21.15
CA ASP E 406 12.86 0.19 20.95
C ASP E 406 14.35 0.46 21.09
N ALA E 407 15.18 -0.50 20.72
CA ALA E 407 16.62 -0.37 20.85
C ALA E 407 17.30 0.07 19.56
N GLY E 408 16.55 0.63 18.61
CA GLY E 408 17.16 1.10 17.39
C GLY E 408 16.72 2.51 17.03
N GLN E 409 16.00 3.13 17.94
CA GLN E 409 15.47 4.46 17.72
C GLN E 409 16.61 5.48 17.76
N PRO E 410 16.50 6.56 17.00
CA PRO E 410 17.53 7.59 17.01
C PRO E 410 17.27 8.68 18.04
N LEU E 411 18.33 9.44 18.32
CA LEU E 411 18.26 10.64 19.13
C LEU E 411 18.38 11.86 18.23
N ILE E 412 17.48 12.80 18.42
CA ILE E 412 17.30 13.94 17.52
C ILE E 412 17.51 15.24 18.26
N LEU E 413 18.39 16.08 17.74
CA LEU E 413 18.60 17.42 18.26
C LEU E 413 18.41 18.40 17.11
N HIS E 414 17.50 19.33 17.28
CA HIS E 414 17.20 20.36 16.28
C HIS E 414 16.84 19.74 14.94
N GLY E 415 16.16 18.62 14.99
CA GLY E 415 15.78 17.94 13.78
C GLY E 415 16.85 17.11 13.12
N VAL E 416 18.02 17.00 13.70
CA VAL E 416 19.14 16.28 13.12
C VAL E 416 19.49 15.12 14.03
N GLN E 417 19.66 13.93 13.45
CA GLN E 417 20.01 12.76 14.24
C GLN E 417 21.45 12.83 14.71
N VAL E 418 21.64 12.84 16.03
CA VAL E 418 22.96 12.94 16.62
C VAL E 418 23.32 11.72 17.45
N GLY E 419 22.43 10.74 17.55
CA GLY E 419 22.72 9.57 18.36
C GLY E 419 21.81 8.42 18.04
N GLN E 420 21.85 7.42 18.90
CA GLN E 420 21.06 6.22 18.68
C GLN E 420 20.89 5.50 20.00
N VAL E 421 19.68 4.99 20.25
CA VAL E 421 19.42 4.20 21.44
C VAL E 421 20.11 2.84 21.31
N ILE E 422 20.91 2.50 22.30
CA ILE E 422 21.67 1.26 22.25
C ILE E 422 20.86 0.09 22.78
N ASP E 423 20.32 0.18 23.99
CA ASP E 423 19.56 -0.94 24.52
C ASP E 423 18.53 -0.47 25.55
N ARG E 424 17.58 -1.36 25.84
CA ARG E 424 16.51 -1.10 26.78
C ARG E 424 16.39 -2.27 27.75
N LYS E 425 16.25 -1.97 29.03
CA LYS E 425 16.14 -2.99 30.06
C LYS E 425 14.95 -2.71 30.96
N LEU E 426 14.24 -3.75 31.35
CA LEU E 426 13.09 -3.65 32.23
C LEU E 426 13.46 -4.14 33.63
N THR E 427 13.22 -3.30 34.62
CA THR E 427 13.51 -3.60 36.00
C THR E 427 12.24 -3.48 36.83
N SER E 428 12.37 -3.72 38.13
CA SER E 428 11.23 -3.57 39.02
C SER E 428 10.80 -2.12 39.13
N LYS E 429 11.74 -1.20 39.21
CA LYS E 429 11.39 0.20 39.32
C LYS E 429 10.79 0.73 38.03
N GLY E 430 11.36 0.35 36.89
CA GLY E 430 10.85 0.84 35.63
C GLY E 430 11.67 0.38 34.45
N VAL E 431 11.88 1.27 33.48
CA VAL E 431 12.59 0.96 32.25
C VAL E 431 13.80 1.86 32.14
N THR E 432 14.96 1.28 31.90
CA THR E 432 16.20 2.02 31.75
C THR E 432 16.72 1.88 30.33
N PHE E 433 16.97 3.00 29.68
CA PHE E 433 17.52 3.06 28.33
C PHE E 433 18.96 3.48 28.39
N THR E 434 19.82 2.75 27.70
CA THR E 434 21.21 3.15 27.50
C THR E 434 21.37 3.61 26.07
N VAL E 435 21.84 4.85 25.90
CA VAL E 435 21.93 5.50 24.61
C VAL E 435 23.33 6.04 24.41
N ALA E 436 23.66 6.33 23.16
CA ALA E 436 24.98 6.81 22.78
C ALA E 436 24.86 8.07 21.94
N ILE E 437 25.84 8.96 22.10
CA ILE E 437 25.93 10.21 21.37
C ILE E 437 27.25 10.24 20.64
N GLU E 438 27.21 10.59 19.36
CA GLU E 438 28.40 10.58 18.53
C GLU E 438 29.38 11.66 18.99
N PRO E 439 30.67 11.45 18.81
CA PRO E 439 31.65 12.44 19.23
C PRO E 439 31.62 13.74 18.47
N GLN E 440 31.06 13.75 17.26
CA GLN E 440 31.01 14.97 16.48
C GLN E 440 30.16 16.01 17.17
N HIS E 441 29.05 15.58 17.74
CA HIS E 441 28.13 16.45 18.43
C HIS E 441 28.27 16.32 19.94
N ARG E 442 29.40 15.77 20.38
CA ARG E 442 29.61 15.59 21.81
C ARG E 442 29.65 16.93 22.51
N GLU E 443 30.20 17.93 21.85
CA GLU E 443 30.31 19.25 22.46
C GLU E 443 29.00 20.00 22.50
N LEU E 444 27.99 19.55 21.77
CA LEU E 444 26.71 20.24 21.76
C LEU E 444 25.73 19.67 22.77
N VAL E 445 26.12 18.66 23.54
CA VAL E 445 25.20 18.01 24.46
C VAL E 445 24.86 18.95 25.61
N LYS E 446 25.86 19.59 26.21
CA LYS E 446 25.62 20.61 27.24
C LYS E 446 24.83 20.04 28.41
N GLY E 447 25.51 19.20 29.18
CA GLY E 447 24.95 18.23 30.10
C GLY E 447 23.70 18.61 30.87
N ASP E 448 23.55 19.87 31.27
CA ASP E 448 22.29 20.31 31.86
C ASP E 448 21.23 20.43 30.78
N SER E 449 20.72 19.29 30.34
CA SER E 449 19.80 19.21 29.20
C SER E 449 18.62 18.32 29.57
N LYS E 450 17.68 18.20 28.65
CA LYS E 450 16.45 17.45 28.87
C LYS E 450 16.24 16.46 27.74
N PHE E 451 15.55 15.37 28.04
CA PHE E 451 15.19 14.36 27.06
C PHE E 451 13.68 14.15 27.07
N VAL E 452 13.08 14.16 25.89
CA VAL E 452 11.64 14.14 25.72
C VAL E 452 11.28 12.98 24.80
N VAL E 453 10.20 12.29 25.13
CA VAL E 453 9.69 11.23 24.27
C VAL E 453 9.07 11.83 23.02
N ASN E 454 9.46 11.30 21.87
CA ASN E 454 8.87 11.71 20.60
C ASN E 454 8.17 10.56 19.90
N SER E 455 7.86 9.48 20.60
CA SER E 455 7.25 8.30 20.00
C SER E 455 5.72 8.34 19.99
N ARG E 456 5.10 9.32 20.63
CA ARG E 456 3.64 9.39 20.67
C ARG E 456 3.18 10.74 20.16
N VAL E 457 2.08 10.73 19.41
CA VAL E 457 1.48 11.93 18.84
C VAL E 457 0.31 12.36 19.71
N ASP E 458 0.15 13.66 19.88
CA ASP E 458 -0.93 14.22 20.68
C ASP E 458 -1.67 15.26 19.84
N VAL E 459 -3.00 15.16 19.80
CA VAL E 459 -3.84 16.10 19.07
C VAL E 459 -4.81 16.73 20.07
N LYS E 460 -4.82 18.06 20.13
CA LYS E 460 -5.75 18.80 20.99
C LYS E 460 -6.60 19.72 20.12
N VAL E 461 -7.92 19.63 20.28
CA VAL E 461 -8.85 20.41 19.50
C VAL E 461 -9.59 21.39 20.41
N GLY E 462 -10.14 22.43 19.80
CA GLY E 462 -10.88 23.44 20.54
C GLY E 462 -11.45 24.47 19.60
N LEU E 463 -12.20 25.41 20.18
CA LEU E 463 -12.80 26.48 19.39
C LEU E 463 -11.73 27.39 18.78
N ASP E 464 -10.69 27.69 19.55
CA ASP E 464 -9.61 28.54 19.09
C ASP E 464 -8.24 27.89 19.12
N GLY E 465 -7.98 27.03 20.09
CA GLY E 465 -6.68 26.40 20.21
C GLY E 465 -6.66 24.94 19.77
N VAL E 466 -6.11 24.69 18.59
CA VAL E 466 -5.92 23.35 18.06
C VAL E 466 -4.43 23.15 17.80
N GLU E 467 -3.86 22.10 18.40
CA GLU E 467 -2.43 21.86 18.27
C GLU E 467 -2.17 20.38 18.02
N PHE E 468 -1.03 20.12 17.38
CA PHE E 468 -0.57 18.78 17.03
C PHE E 468 0.86 18.64 17.55
N LEU E 469 0.99 18.14 18.78
CA LEU E 469 2.28 18.05 19.45
C LEU E 469 2.73 16.60 19.53
N GLY E 470 3.87 16.38 20.19
CA GLY E 470 4.45 15.05 20.33
C GLY E 470 5.41 14.69 19.22
N ALA E 471 4.89 14.51 18.01
CA ALA E 471 5.70 14.12 16.88
C ALA E 471 4.95 14.46 15.60
N SER E 472 5.69 14.94 14.60
CA SER E 472 5.17 15.14 13.26
C SER E 472 5.16 13.80 12.52
N ALA E 473 4.77 13.82 11.25
CA ALA E 473 4.68 12.58 10.47
C ALA E 473 6.05 11.92 10.29
N SER E 474 7.06 12.71 9.93
CA SER E 474 8.42 12.20 9.85
C SER E 474 8.92 11.79 11.24
N GLU E 475 8.59 12.58 12.25
CA GLU E 475 8.95 12.20 13.62
C GLU E 475 8.20 10.96 14.08
N TRP E 476 6.96 10.77 13.63
CA TRP E 476 6.21 9.58 14.02
C TRP E 476 6.79 8.34 13.35
N ILE E 477 7.17 8.45 12.07
CA ILE E 477 7.76 7.30 11.40
C ILE E 477 9.21 7.07 11.82
N ASN E 478 9.86 8.08 12.39
CA ASN E 478 11.20 7.91 12.94
C ASN E 478 11.17 7.51 14.41
N GLY E 479 10.38 8.22 15.22
CA GLY E 479 10.36 7.96 16.63
C GLY E 479 11.63 8.46 17.29
N GLY E 480 11.86 7.99 18.51
CA GLY E 480 13.08 8.26 19.22
C GLY E 480 12.91 9.27 20.33
N ILE E 481 14.02 9.89 20.70
CA ILE E 481 14.09 10.81 21.82
C ILE E 481 14.59 12.16 21.35
N ARG E 482 13.88 13.21 21.72
CA ARG E 482 14.27 14.57 21.40
C ARG E 482 15.11 15.14 22.54
N ILE E 483 16.11 15.95 22.19
CA ILE E 483 17.04 16.53 23.16
C ILE E 483 16.81 18.02 23.24
N LEU E 484 16.57 18.52 24.45
CA LEU E 484 16.48 19.94 24.68
C LEU E 484 17.79 20.39 25.28
N PRO E 485 18.62 21.13 24.56
CA PRO E 485 19.96 21.44 25.06
C PRO E 485 19.93 22.47 26.18
N GLY E 486 21.08 22.59 26.83
CA GLY E 486 21.21 23.54 27.93
C GLY E 486 22.31 24.54 27.70
N ASP E 487 22.78 25.16 28.78
CA ASP E 487 23.81 26.20 28.70
C ASP E 487 25.12 25.80 29.33
N LYS E 488 25.08 25.20 30.52
CA LYS E 488 26.31 24.79 31.19
C LYS E 488 25.97 23.68 32.17
N GLY E 489 26.79 22.64 32.17
CA GLY E 489 26.54 21.51 33.04
C GLY E 489 27.79 20.69 33.23
N GLU E 490 27.68 19.68 34.08
CA GLU E 490 28.79 18.81 34.40
C GLU E 490 28.60 17.40 33.86
N MET E 491 27.54 17.17 33.07
CA MET E 491 27.27 15.87 32.45
C MET E 491 27.14 14.76 33.49
N LYS E 492 26.10 14.87 34.31
CA LYS E 492 25.88 13.85 35.33
C LYS E 492 25.46 12.53 34.67
N ALA E 493 25.50 11.45 35.45
CA ALA E 493 25.24 10.16 34.82
C ALA E 493 23.78 9.96 34.44
N SER E 494 22.90 9.85 35.43
CA SER E 494 21.50 9.57 35.14
C SER E 494 20.76 10.81 34.66
N TYR E 495 19.72 10.60 33.86
CA TYR E 495 18.86 11.68 33.43
C TYR E 495 17.43 11.19 33.46
N PRO E 496 16.47 12.07 33.68
CA PRO E 496 15.08 11.66 33.60
C PRO E 496 14.60 11.76 32.16
N LEU E 497 13.58 10.99 31.85
CA LEU E 497 12.92 11.02 30.55
C LEU E 497 11.51 11.52 30.72
N TYR E 498 11.14 12.56 29.98
CA TYR E 498 9.84 13.16 30.12
C TYR E 498 8.87 12.60 29.10
N ALA E 499 7.61 12.50 29.52
CA ALA E 499 6.61 11.88 28.66
C ALA E 499 6.28 12.73 27.46
N ASN E 500 6.15 14.04 27.62
CA ASN E 500 5.82 14.87 26.48
C ASN E 500 6.46 16.22 26.67
N LEU E 501 6.24 17.09 25.71
CA LEU E 501 6.86 18.41 25.72
C LEU E 501 6.40 19.25 26.90
N GLU E 502 5.09 19.24 27.19
CA GLU E 502 4.56 20.08 28.27
C GLU E 502 5.19 19.75 29.61
N LYS E 503 5.29 18.46 29.93
CA LYS E 503 5.91 18.07 31.19
C LYS E 503 7.36 18.50 31.26
N ALA E 504 8.07 18.39 30.14
CA ALA E 504 9.45 18.82 30.10
C ALA E 504 9.58 20.32 30.36
N LEU E 505 8.72 21.12 29.73
CA LEU E 505 8.75 22.56 29.96
C LEU E 505 8.40 22.89 31.41
N GLU E 506 7.40 22.21 31.96
CA GLU E 506 6.99 22.44 33.34
C GLU E 506 7.94 21.79 34.33
N ASN E 507 8.91 21.01 33.85
CA ASN E 507 9.85 20.27 34.69
C ASN E 507 9.13 19.38 35.70
N SER E 508 8.03 18.79 35.27
CA SER E 508 7.23 17.88 36.09
C SER E 508 7.46 16.46 35.62
N LEU E 509 7.98 15.63 36.50
CA LEU E 509 8.23 14.22 36.18
C LEU E 509 7.18 13.29 36.76
N SER E 510 6.05 13.82 37.20
CA SER E 510 4.98 13.01 37.77
C SER E 510 3.66 13.38 37.09
N ASP E 511 2.76 12.39 37.02
CA ASP E 511 1.49 12.59 36.34
C ASP E 511 0.62 13.60 37.08
N LEU E 512 0.48 13.43 38.36
CA LEU E 512 -0.31 14.38 39.12
C LEU E 512 0.58 15.51 39.61
N PRO E 513 0.18 16.76 39.40
CA PRO E 513 0.98 17.87 39.92
C PRO E 513 0.85 17.97 41.43
N THR E 514 1.88 18.57 42.03
CA THR E 514 1.93 18.70 43.47
C THR E 514 0.84 19.63 43.99
N THR E 515 0.30 19.28 45.14
CA THR E 515 -0.71 20.11 45.77
C THR E 515 -0.07 21.39 46.28
N THR E 516 -0.79 22.46 46.18
CA THR E 516 -0.34 23.76 46.66
C THR E 516 -1.33 24.40 47.60
N VAL E 517 -2.61 24.31 47.30
CA VAL E 517 -3.68 24.93 48.07
C VAL E 517 -4.68 23.85 48.42
N SER E 518 -5.13 23.85 49.66
CA SER E 518 -6.17 22.94 50.10
C SER E 518 -7.35 23.76 50.61
N LEU E 519 -8.54 23.45 50.13
CA LEU E 519 -9.72 24.19 50.56
C LEU E 519 -10.77 23.20 51.05
N SER E 520 -11.60 23.67 51.97
CA SER E 520 -12.68 22.90 52.53
C SER E 520 -14.01 23.58 52.26
N ALA E 521 -14.97 22.82 51.76
CA ALA E 521 -16.27 23.38 51.43
C ALA E 521 -17.39 22.50 51.95
N GLU E 522 -18.49 23.15 52.34
CA GLU E 522 -19.65 22.41 52.82
C GLU E 522 -20.35 21.72 51.66
N THR E 523 -20.55 22.45 50.56
CA THR E 523 -21.13 21.90 49.34
C THR E 523 -20.12 22.03 48.21
N LEU E 524 -20.55 21.67 47.01
CA LEU E 524 -19.69 21.65 45.84
C LEU E 524 -20.36 22.45 44.72
N PRO E 525 -20.31 23.75 44.77
CA PRO E 525 -21.07 24.52 43.77
C PRO E 525 -20.44 24.57 42.38
N ASP E 526 -20.97 23.76 41.47
CA ASP E 526 -20.64 23.82 40.05
C ASP E 526 -19.13 23.72 39.81
N VAL E 527 -18.46 22.89 40.59
CA VAL E 527 -17.03 22.70 40.48
C VAL E 527 -16.73 21.22 40.51
N GLN E 528 -15.74 20.80 39.73
CA GLN E 528 -15.33 19.40 39.70
C GLN E 528 -13.84 19.37 39.39
N ALA E 529 -13.32 18.19 39.14
CA ALA E 529 -11.92 18.07 38.78
C ALA E 529 -11.67 18.66 37.41
N GLY E 530 -10.55 19.35 37.28
CA GLY E 530 -10.20 19.99 36.04
C GLY E 530 -10.74 21.38 35.82
N SER E 531 -11.47 21.94 36.79
CA SER E 531 -11.99 23.29 36.65
C SER E 531 -10.87 24.31 36.83
N VAL E 532 -11.07 25.50 36.25
CA VAL E 532 -10.01 26.49 36.22
C VAL E 532 -9.99 27.29 37.51
N VAL E 533 -8.83 27.88 37.80
CA VAL E 533 -8.64 28.78 38.92
C VAL E 533 -8.29 30.14 38.35
N LEU E 534 -9.08 31.15 38.68
CA LEU E 534 -8.99 32.46 38.05
C LEU E 534 -8.59 33.54 39.05
N TYR E 535 -7.58 34.33 38.69
CA TYR E 535 -7.24 35.53 39.43
C TYR E 535 -7.68 36.71 38.58
N ARG E 536 -8.78 37.34 38.98
CA ARG E 536 -9.40 38.42 38.21
C ARG E 536 -9.66 38.00 36.77
N LYS E 537 -10.26 36.81 36.63
CA LYS E 537 -10.60 36.23 35.34
C LYS E 537 -9.39 36.00 34.45
N PHE E 538 -8.29 35.53 35.05
CA PHE E 538 -7.10 35.16 34.30
C PHE E 538 -6.71 33.74 34.69
N GLU E 539 -6.48 32.87 33.71
CA GLU E 539 -6.26 31.45 33.96
C GLU E 539 -4.94 31.26 34.69
N VAL E 540 -4.99 30.86 35.95
CA VAL E 540 -3.81 30.60 36.77
C VAL E 540 -4.06 29.27 37.44
N GLY E 541 -3.50 28.22 36.88
CA GLY E 541 -3.59 26.92 37.49
C GLY E 541 -4.93 26.24 37.25
N GLU E 542 -5.10 25.09 37.90
CA GLU E 542 -6.28 24.27 37.73
C GLU E 542 -6.55 23.44 38.97
N VAL E 543 -7.78 22.95 39.05
CA VAL E 543 -8.21 22.14 40.18
C VAL E 543 -7.79 20.70 39.94
N ILE E 544 -6.97 20.15 40.85
CA ILE E 544 -6.47 18.80 40.66
C ILE E 544 -7.58 17.80 40.93
N THR E 545 -8.34 17.98 42.02
CA THR E 545 -9.29 16.92 42.39
C THR E 545 -10.12 17.37 43.59
N VAL E 546 -11.19 16.62 43.83
CA VAL E 546 -12.10 16.81 44.94
C VAL E 546 -12.37 15.47 45.61
N ARG E 547 -12.25 15.41 46.94
CA ARG E 547 -12.48 14.16 47.65
C ARG E 547 -13.45 14.37 48.80
N PRO E 548 -14.25 13.36 49.12
CA PRO E 548 -15.18 13.48 50.25
C PRO E 548 -14.56 13.06 51.57
N ARG E 549 -13.62 13.86 52.06
CA ARG E 549 -12.95 13.58 53.32
C ARG E 549 -13.88 13.90 54.47
N ALA E 550 -14.16 12.90 55.31
CA ALA E 550 -15.07 13.03 56.46
C ALA E 550 -16.42 13.59 56.05
N ASN E 551 -16.76 14.77 56.54
CA ASN E 551 -17.98 15.46 56.14
C ASN E 551 -17.75 16.70 55.30
N ALA E 552 -16.53 17.21 55.23
CA ALA E 552 -16.24 18.45 54.53
C ALA E 552 -15.44 18.16 53.27
N PHE E 553 -15.96 18.58 52.12
CA PHE E 553 -15.31 18.23 50.87
C PHE E 553 -13.96 18.93 50.74
N ASP E 554 -12.95 18.16 50.39
CA ASP E 554 -11.56 18.59 50.32
C ASP E 554 -11.17 18.83 48.87
N ILE E 555 -10.73 20.04 48.53
CA ILE E 555 -10.41 20.42 47.16
C ILE E 555 -8.93 20.71 47.06
N ASP E 556 -8.24 19.97 46.17
CA ASP E 556 -6.82 20.14 45.88
C ASP E 556 -6.63 20.81 44.53
N LEU E 557 -5.82 21.86 44.52
CA LEU E 557 -5.61 22.74 43.36
C LEU E 557 -4.13 22.91 43.07
N HIS E 558 -3.83 23.28 41.83
CA HIS E 558 -2.49 23.48 41.34
C HIS E 558 -2.43 24.81 40.61
N ILE E 559 -1.33 25.52 40.74
CA ILE E 559 -1.10 26.75 39.98
C ILE E 559 0.24 26.66 39.26
N LYS E 560 0.36 27.43 38.18
CA LYS E 560 1.61 27.46 37.45
C LYS E 560 2.70 28.08 38.30
N PRO E 561 3.94 27.58 38.20
CA PRO E 561 5.01 28.16 39.03
C PRO E 561 5.28 29.62 38.76
N GLU E 562 5.17 30.05 37.50
CA GLU E 562 5.42 31.45 37.18
C GLU E 562 4.43 32.39 37.85
N TYR E 563 3.26 31.89 38.19
CA TYR E 563 2.25 32.66 38.91
C TYR E 563 2.18 32.28 40.37
N ARG E 564 3.10 31.44 40.84
CA ARG E 564 3.07 30.97 42.22
C ARG E 564 3.31 32.10 43.21
N ASN E 565 3.80 33.25 42.76
CA ASN E 565 3.96 34.42 43.61
C ASN E 565 2.67 35.22 43.77
N LEU E 566 1.60 34.84 43.09
CA LEU E 566 0.36 35.61 43.09
C LEU E 566 -0.47 35.42 44.35
N LEU E 567 -0.15 34.46 45.21
CA LEU E 567 -0.92 34.27 46.43
C LEU E 567 -0.05 34.57 47.65
N THR E 568 -0.72 34.94 48.73
CA THR E 568 -0.06 35.25 49.99
C THR E 568 -0.86 34.63 51.12
N SER E 569 -0.53 35.05 52.35
CA SER E 569 -1.24 34.54 53.52
C SER E 569 -2.71 34.91 53.50
N ASN E 570 -3.03 36.11 53.02
CA ASN E 570 -4.41 36.56 52.96
C ASN E 570 -4.93 36.32 51.55
N SER E 571 -5.77 35.32 51.38
CA SER E 571 -6.32 35.04 50.06
C SER E 571 -7.67 34.37 50.21
N VAL E 572 -8.68 34.91 49.55
CA VAL E 572 -10.04 34.41 49.61
C VAL E 572 -10.32 33.68 48.30
N PHE E 573 -11.20 32.68 48.38
CA PHE E 573 -11.59 31.84 47.24
C PHE E 573 -13.09 31.69 47.17
N TRP E 574 -13.65 31.77 45.96
CA TRP E 574 -15.08 31.62 45.78
C TRP E 574 -15.28 30.85 44.48
N ALA E 575 -16.53 30.67 44.08
CA ALA E 575 -16.82 29.84 42.93
C ALA E 575 -17.83 30.48 42.01
N GLU E 576 -17.68 30.21 40.70
CA GLU E 576 -18.62 30.61 39.68
C GLU E 576 -19.01 29.39 38.85
N GLY E 577 -20.26 29.38 38.41
CA GLY E 577 -20.78 28.31 37.59
C GLY E 577 -20.43 28.44 36.13
N GLY E 578 -21.38 28.15 35.27
CA GLY E 578 -21.12 28.21 33.85
C GLY E 578 -21.35 29.56 33.21
N ALA E 579 -22.10 29.57 32.13
CA ALA E 579 -22.35 30.80 31.40
C ALA E 579 -23.34 31.66 32.16
N LYS E 580 -22.99 32.93 32.36
CA LYS E 580 -23.82 33.88 33.10
C LYS E 580 -24.29 34.98 32.15
N VAL E 581 -25.58 35.06 31.89
CA VAL E 581 -26.17 36.08 31.04
C VAL E 581 -26.89 37.08 31.92
N GLN E 582 -26.49 38.35 31.86
CA GLN E 582 -27.06 39.37 32.72
C GLN E 582 -27.55 40.55 31.90
N LEU E 583 -28.79 40.98 32.17
CA LEU E 583 -29.39 42.12 31.50
C LEU E 583 -29.72 43.18 32.55
N ASN E 584 -29.01 44.30 32.49
CA ASN E 584 -29.22 45.41 33.41
C ASN E 584 -29.47 46.71 32.66
N GLY E 585 -29.50 47.83 33.38
CA GLY E 585 -29.70 49.12 32.74
C GLY E 585 -28.53 49.58 31.91
N SER E 586 -27.32 49.09 32.20
CA SER E 586 -26.16 49.46 31.41
C SER E 586 -26.13 48.73 30.07
N GLY E 587 -26.67 47.51 30.00
CA GLY E 587 -26.67 46.74 28.78
C GLY E 587 -26.80 45.24 29.00
N LEU E 588 -25.99 44.45 28.30
CA LEU E 588 -26.01 43.00 28.43
C LEU E 588 -24.59 42.49 28.58
N THR E 589 -24.36 41.65 29.59
CA THR E 589 -23.07 41.03 29.81
C THR E 589 -23.19 39.52 29.67
N VAL E 590 -22.35 38.93 28.81
CA VAL E 590 -22.31 37.49 28.61
C VAL E 590 -20.98 37.00 29.16
N GLN E 591 -21.01 36.42 30.37
CA GLN E 591 -19.84 35.94 31.06
C GLN E 591 -19.72 34.43 30.81
N ALA E 592 -19.15 34.10 29.65
CA ALA E 592 -18.87 32.73 29.25
C ALA E 592 -17.57 32.64 28.48
N SER E 593 -16.59 33.50 28.80
CA SER E 593 -15.39 33.61 27.98
C SER E 593 -14.56 32.34 27.93
N PRO E 594 -14.21 31.69 29.03
CA PRO E 594 -13.48 30.42 28.90
C PRO E 594 -14.46 29.28 28.69
N LEU E 595 -14.20 28.47 27.67
CA LEU E 595 -15.09 27.33 27.37
C LEU E 595 -15.05 26.30 28.47
N SER E 596 -13.87 26.05 29.05
CA SER E 596 -13.75 25.11 30.15
C SER E 596 -14.52 25.58 31.37
N ARG E 597 -14.65 26.88 31.55
CA ARG E 597 -15.48 27.38 32.64
C ARG E 597 -16.95 27.06 32.39
N ALA E 598 -17.44 27.32 31.19
CA ALA E 598 -18.84 27.03 30.88
C ALA E 598 -19.13 25.53 30.86
N LEU E 599 -18.13 24.70 30.67
CA LEU E 599 -18.33 23.25 30.71
C LEU E 599 -18.09 22.64 32.07
N LYS E 600 -17.18 23.19 32.88
CA LYS E 600 -16.84 22.61 34.17
C LYS E 600 -17.10 23.57 35.32
N GLY E 601 -16.62 24.80 35.24
CA GLY E 601 -16.81 25.77 36.31
C GLY E 601 -15.55 26.56 36.60
N ALA E 602 -15.59 27.48 37.55
CA ALA E 602 -14.42 28.31 37.83
C ALA E 602 -14.31 28.59 39.31
N ILE E 603 -13.08 28.75 39.79
CA ILE E 603 -12.82 29.09 41.19
C ILE E 603 -11.94 30.33 41.22
N SER E 604 -12.51 31.45 41.62
CA SER E 604 -11.80 32.72 41.62
C SER E 604 -11.17 33.02 42.97
N PHE E 605 -10.05 33.74 42.97
CA PHE E 605 -9.34 34.01 44.21
C PHE E 605 -8.75 35.42 44.18
N ASP E 606 -8.32 35.89 45.35
CA ASP E 606 -7.72 37.23 45.46
C ASP E 606 -7.18 37.41 46.87
N ASN E 607 -6.40 38.46 47.07
CA ASN E 607 -5.81 38.75 48.37
C ASN E 607 -6.61 39.82 49.09
N LEU E 608 -6.73 39.68 50.42
CA LEU E 608 -7.46 40.63 51.23
C LEU E 608 -6.62 41.14 52.39
N SER E 609 -7.23 41.83 53.35
CA SER E 609 -6.52 42.39 54.49
C SER E 609 -6.81 41.69 55.81
N GLY E 610 -8.09 41.55 56.15
CA GLY E 610 -8.53 40.94 57.39
C GLY E 610 -8.96 39.48 57.31
N ALA E 611 -8.49 38.77 56.29
CA ALA E 611 -8.92 37.39 56.09
C ALA E 611 -8.43 36.45 57.18
N SER E 612 -7.35 36.77 57.87
CA SER E 612 -6.86 35.89 58.92
C SER E 612 -7.74 35.91 60.16
N ALA E 613 -8.47 36.98 60.40
CA ALA E 613 -9.31 37.08 61.58
C ALA E 613 -10.48 36.11 61.51
N LYS E 620 -9.11 25.14 57.86
CA LYS E 620 -8.42 25.71 56.71
C LYS E 620 -9.22 26.82 56.08
N ARG E 621 -8.81 27.26 54.90
CA ARG E 621 -9.57 28.27 54.18
C ARG E 621 -10.87 27.69 53.65
N ILE E 622 -11.92 28.49 53.68
CA ILE E 622 -13.24 28.08 53.27
C ILE E 622 -13.51 28.60 51.87
N LEU E 623 -13.93 27.73 50.96
CA LEU E 623 -14.37 28.16 49.65
C LEU E 623 -15.79 28.71 49.76
N TYR E 624 -15.97 29.98 49.41
CA TYR E 624 -17.26 30.62 49.54
C TYR E 624 -18.04 30.48 48.24
N ALA E 625 -19.28 30.95 48.26
CA ALA E 625 -20.16 30.84 47.10
C ALA E 625 -20.23 32.10 46.26
N SER E 626 -19.90 33.27 46.82
CA SER E 626 -19.95 34.52 46.07
C SER E 626 -18.76 35.38 46.45
N GLU E 627 -18.47 36.35 45.59
CA GLU E 627 -17.40 37.29 45.90
C GLU E 627 -17.74 38.11 47.13
N THR E 628 -18.99 38.53 47.25
CA THR E 628 -19.39 39.34 48.38
C THR E 628 -19.31 38.57 49.69
N ALA E 629 -19.59 37.27 49.67
CA ALA E 629 -19.45 36.47 50.88
C ALA E 629 -17.99 36.38 51.30
N ALA E 630 -17.08 36.27 50.34
CA ALA E 630 -15.66 36.23 50.67
C ALA E 630 -15.14 37.57 51.14
N ARG E 631 -15.67 38.67 50.61
CA ARG E 631 -15.19 39.99 50.97
C ARG E 631 -15.63 40.43 52.36
N ALA E 632 -16.56 39.72 52.99
CA ALA E 632 -17.07 40.11 54.29
C ALA E 632 -16.06 39.86 55.40
N VAL E 633 -15.27 40.86 55.76
CA VAL E 633 -14.32 40.77 56.88
C VAL E 633 -14.42 42.04 57.71
N GLY E 634 -14.00 41.93 58.96
CA GLY E 634 -14.00 43.05 59.89
C GLY E 634 -14.63 42.66 61.19
N GLY E 635 -15.03 43.66 61.98
CA GLY E 635 -15.68 43.38 63.24
C GLY E 635 -17.08 42.84 63.05
N GLN E 636 -17.57 42.18 64.10
CA GLN E 636 -18.86 41.51 64.05
C GLN E 636 -19.80 42.14 65.07
N ILE E 637 -21.02 42.45 64.65
CA ILE E 637 -22.05 43.03 65.50
C ILE E 637 -23.33 42.24 65.35
N THR E 638 -24.21 42.41 66.34
CA THR E 638 -25.48 41.70 66.41
C THR E 638 -26.61 42.71 66.47
N LEU E 639 -27.65 42.48 65.70
CA LEU E 639 -28.84 43.32 65.69
C LEU E 639 -30.04 42.49 66.08
N HIS E 640 -30.92 43.07 66.88
CA HIS E 640 -32.15 42.41 67.29
C HIS E 640 -33.33 43.07 66.60
N ALA E 641 -34.17 42.26 65.98
CA ALA E 641 -35.31 42.78 65.25
C ALA E 641 -36.58 42.06 65.67
N PHE E 642 -37.70 42.78 65.62
CA PHE E 642 -39.00 42.17 65.86
C PHE E 642 -39.51 41.41 64.65
N ASP E 643 -38.94 41.64 63.47
CA ASP E 643 -39.43 41.02 62.25
C ASP E 643 -38.29 41.01 61.24
N ALA E 644 -38.07 39.86 60.62
CA ALA E 644 -37.03 39.68 59.63
C ALA E 644 -37.58 39.67 58.21
N GLY E 645 -38.77 40.19 58.01
CA GLY E 645 -39.34 40.20 56.67
C GLY E 645 -38.59 41.08 55.72
N LYS E 646 -38.09 42.21 56.20
CA LYS E 646 -37.35 43.15 55.35
C LYS E 646 -35.86 42.88 55.30
N LEU E 647 -35.35 41.95 56.08
CA LEU E 647 -33.94 41.63 56.12
C LEU E 647 -33.63 40.45 55.20
N ALA E 648 -32.36 40.37 54.79
CA ALA E 648 -31.91 39.29 53.94
C ALA E 648 -30.41 39.09 54.16
N VAL E 649 -29.94 37.90 53.81
CA VAL E 649 -28.52 37.59 53.94
C VAL E 649 -27.76 38.26 52.81
N GLY E 650 -26.68 38.95 53.16
CA GLY E 650 -25.94 39.73 52.19
C GLY E 650 -26.48 41.12 51.96
N MET E 651 -27.40 41.57 52.78
CA MET E 651 -27.97 42.90 52.64
C MET E 651 -26.92 43.95 52.96
N PRO E 652 -26.66 44.90 52.07
CA PRO E 652 -25.63 45.91 52.34
C PRO E 652 -26.04 46.88 53.43
N ILE E 653 -25.04 47.38 54.15
CA ILE E 653 -25.19 48.42 55.16
C ILE E 653 -24.49 49.66 54.63
N ARG E 654 -25.22 50.76 54.53
CA ARG E 654 -24.74 51.96 53.85
C ARG E 654 -24.82 53.16 54.77
N TYR E 655 -23.74 53.94 54.80
CA TYR E 655 -23.73 55.25 55.44
C TYR E 655 -23.50 56.29 54.36
N LEU E 656 -24.43 57.23 54.25
CA LEU E 656 -24.40 58.28 53.24
C LEU E 656 -24.27 57.70 51.84
N GLY E 657 -24.89 56.54 51.63
CA GLY E 657 -24.83 55.89 50.34
C GLY E 657 -23.54 55.16 50.04
N ILE E 658 -22.68 54.94 51.03
CA ILE E 658 -21.42 54.23 50.85
C ILE E 658 -21.45 52.99 51.72
N ASP E 659 -21.11 51.84 51.14
CA ASP E 659 -21.16 50.58 51.87
C ASP E 659 -20.08 50.53 52.93
N ILE E 660 -20.48 50.19 54.15
CA ILE E 660 -19.56 50.09 55.28
C ILE E 660 -19.74 48.74 55.99
N GLY E 661 -20.78 48.00 55.62
CA GLY E 661 -21.09 46.76 56.31
C GLY E 661 -21.88 45.82 55.44
N GLN E 662 -22.24 44.68 56.03
CA GLN E 662 -22.95 43.63 55.32
C GLN E 662 -23.52 42.66 56.34
N ILE E 663 -24.78 42.30 56.17
CA ILE E 663 -25.42 41.31 57.04
C ILE E 663 -25.04 39.92 56.56
N GLN E 664 -24.56 39.09 57.48
CA GLN E 664 -24.09 37.78 57.10
C GLN E 664 -24.97 36.62 57.55
N THR E 665 -25.73 36.74 58.64
CA THR E 665 -26.64 35.64 58.94
C THR E 665 -27.85 36.13 59.73
N LEU E 666 -28.94 35.34 59.67
CA LEU E 666 -30.17 35.60 60.40
C LEU E 666 -30.57 34.36 61.18
N ASP E 667 -31.13 34.55 62.37
CA ASP E 667 -31.57 33.42 63.19
C ASP E 667 -32.80 33.79 64.00
N LEU E 668 -33.85 33.02 63.88
CA LEU E 668 -35.03 33.21 64.70
C LEU E 668 -34.82 32.62 66.09
N ILE E 669 -35.32 33.31 67.12
CA ILE E 669 -35.30 32.80 68.47
C ILE E 669 -36.74 32.67 68.95
N THR E 670 -37.09 31.49 69.43
CA THR E 670 -38.44 31.24 69.90
C THR E 670 -38.65 31.59 71.37
N ALA E 671 -37.60 31.49 72.17
CA ALA E 671 -37.72 31.87 73.58
C ALA E 671 -37.93 33.36 73.72
N ARG E 672 -36.97 34.15 73.25
CA ARG E 672 -37.17 35.59 73.11
C ARG E 672 -37.69 35.85 71.71
N ASN E 673 -38.93 36.34 71.60
CA ASN E 673 -39.64 36.42 70.33
C ASN E 673 -39.01 37.52 69.47
N GLU E 674 -37.92 37.17 68.81
CA GLU E 674 -37.16 38.13 68.02
C GLU E 674 -36.29 37.37 67.02
N VAL E 675 -35.60 38.13 66.18
CA VAL E 675 -34.65 37.61 65.22
C VAL E 675 -33.33 38.30 65.45
N GLN E 676 -32.27 37.51 65.61
CA GLN E 676 -30.92 38.02 65.77
C GLN E 676 -30.20 37.92 64.42
N ALA E 677 -29.70 39.05 63.95
CA ALA E 677 -28.97 39.13 62.70
C ALA E 677 -27.52 39.48 63.02
N LYS E 678 -26.60 38.64 62.59
CA LYS E 678 -25.18 38.93 62.75
C LYS E 678 -24.65 39.55 61.46
N ALA E 679 -23.93 40.65 61.61
CA ALA E 679 -23.39 41.42 60.51
C ALA E 679 -21.93 41.77 60.77
N VAL E 680 -21.25 42.21 59.72
CA VAL E 680 -19.83 42.58 59.78
C VAL E 680 -19.67 44.02 59.33
N LEU E 681 -18.86 44.75 60.08
CA LEU E 681 -18.41 46.09 59.71
C LEU E 681 -16.97 46.00 59.22
N TYR E 682 -16.68 46.71 58.14
CA TYR E 682 -15.36 46.70 57.53
C TYR E 682 -14.35 47.33 58.47
N PRO E 683 -13.09 46.92 58.40
CA PRO E 683 -12.10 47.39 59.38
C PRO E 683 -11.86 48.88 59.35
N GLU E 684 -12.15 49.57 58.26
CA GLU E 684 -11.97 51.00 58.20
C GLU E 684 -13.01 51.75 59.01
N TYR E 685 -14.16 51.14 59.27
CA TYR E 685 -15.29 51.82 59.89
C TYR E 685 -15.75 51.17 61.19
N VAL E 686 -15.04 50.17 61.68
CA VAL E 686 -15.48 49.48 62.89
C VAL E 686 -15.31 50.39 64.11
N GLN E 687 -14.26 51.18 64.14
CA GLN E 687 -14.03 52.07 65.28
C GLN E 687 -14.95 53.28 65.25
N THR E 688 -15.20 53.83 64.08
CA THR E 688 -16.03 55.03 63.98
C THR E 688 -17.47 54.76 64.40
N PHE E 689 -18.04 53.66 63.93
CA PHE E 689 -19.37 53.25 64.35
C PHE E 689 -19.26 52.28 65.52
N ALA E 690 -20.38 51.66 65.88
CA ALA E 690 -20.43 50.73 67.00
C ALA E 690 -19.94 51.37 68.31
N ARG E 691 -20.46 52.56 68.60
CA ARG E 691 -20.04 53.33 69.77
C ARG E 691 -21.22 53.69 70.67
N GLY E 692 -22.35 53.03 70.52
CA GLY E 692 -23.50 53.37 71.33
C GLY E 692 -24.20 54.61 70.83
N GLY E 693 -25.52 54.59 70.80
CA GLY E 693 -26.28 55.64 70.16
C GLY E 693 -26.36 55.54 68.66
N THR E 694 -25.77 54.51 68.07
CA THR E 694 -25.86 54.29 66.63
C THR E 694 -27.21 53.68 66.28
N ARG E 695 -27.84 54.19 65.23
CA ARG E 695 -29.16 53.73 64.84
C ARG E 695 -29.09 53.06 63.48
N PHE E 696 -29.78 51.93 63.36
CA PHE E 696 -29.87 51.18 62.10
C PHE E 696 -31.33 51.13 61.67
N SER E 697 -31.58 51.38 60.40
CA SER E 697 -32.95 51.33 59.89
C SER E 697 -33.00 50.79 58.47
N VAL E 698 -33.98 49.95 58.19
CA VAL E 698 -34.19 49.46 56.83
C VAL E 698 -34.99 50.48 56.04
N VAL E 699 -34.52 50.81 54.84
CA VAL E 699 -35.22 51.75 53.96
C VAL E 699 -36.16 50.98 53.06
N THR E 700 -37.34 51.55 52.82
CA THR E 700 -38.38 50.95 52.02
C THR E 700 -38.88 51.96 51.00
N PRO E 701 -39.37 51.50 49.86
CA PRO E 701 -39.95 52.42 48.88
C PRO E 701 -41.20 53.09 49.42
N GLN E 702 -41.38 54.35 49.02
CA GLN E 702 -42.50 55.18 49.44
C GLN E 702 -43.23 55.71 48.21
N ILE E 703 -44.33 55.08 47.85
CA ILE E 703 -45.14 55.47 46.71
C ILE E 703 -46.51 55.90 47.21
N SER E 704 -46.87 57.16 46.98
CA SER E 704 -48.14 57.70 47.42
C SER E 704 -48.63 58.70 46.40
N ALA E 705 -49.77 59.31 46.69
CA ALA E 705 -50.26 60.40 45.86
C ALA E 705 -49.43 61.66 46.02
N ALA E 706 -48.72 61.80 47.14
CA ALA E 706 -47.87 62.96 47.34
C ALA E 706 -46.62 62.90 46.48
N GLY E 707 -46.04 61.71 46.34
CA GLY E 707 -44.84 61.57 45.53
C GLY E 707 -44.18 60.23 45.79
N VAL E 708 -43.06 60.02 45.10
CA VAL E 708 -42.25 58.82 45.24
C VAL E 708 -40.87 59.24 45.74
N GLU E 709 -40.37 58.54 46.75
CA GLU E 709 -39.12 58.93 47.41
C GLU E 709 -37.97 57.99 47.06
N HIS E 710 -38.10 56.70 47.34
CA HIS E 710 -37.06 55.72 47.06
C HIS E 710 -37.61 54.70 46.08
N LEU E 711 -36.90 54.50 44.99
CA LEU E 711 -37.29 53.52 43.98
C LEU E 711 -36.20 52.50 43.70
N ASP E 712 -34.97 52.76 44.10
CA ASP E 712 -33.92 51.78 43.96
C ASP E 712 -34.04 50.65 44.97
N THR E 713 -34.86 50.80 45.99
CA THR E 713 -35.04 49.78 47.00
C THR E 713 -36.12 48.79 46.64
N ILE E 714 -36.72 48.91 45.45
CA ILE E 714 -37.63 47.88 44.96
C ILE E 714 -36.88 46.57 44.76
N LEU E 715 -35.69 46.64 44.18
CA LEU E 715 -34.88 45.46 43.92
C LEU E 715 -33.69 45.32 44.85
N GLN E 716 -33.12 46.41 45.33
CA GLN E 716 -31.91 46.37 46.16
C GLN E 716 -32.11 47.22 47.41
N PRO E 717 -32.79 46.70 48.41
CA PRO E 717 -32.89 47.42 49.68
C PRO E 717 -31.59 47.38 50.46
N TYR E 718 -31.44 48.33 51.37
CA TYR E 718 -30.23 48.44 52.19
C TYR E 718 -30.62 48.92 53.58
N ILE E 719 -29.60 49.20 54.40
CA ILE E 719 -29.77 49.64 55.78
C ILE E 719 -29.03 50.94 55.96
N ASN E 720 -29.71 51.96 56.46
CA ASN E 720 -29.12 53.26 56.75
C ASN E 720 -28.67 53.33 58.19
N VAL E 721 -27.55 54.02 58.42
CA VAL E 721 -26.87 54.07 59.71
C VAL E 721 -26.69 55.51 60.13
N GLU E 722 -27.08 55.84 61.36
CA GLU E 722 -26.78 57.11 61.98
C GLU E 722 -25.77 56.91 63.09
N PRO E 723 -24.56 57.45 62.98
CA PRO E 723 -23.53 57.20 63.99
C PRO E 723 -23.83 57.93 65.29
N GLY E 724 -23.25 57.39 66.37
CA GLY E 724 -23.38 57.95 67.68
C GLY E 724 -22.04 58.09 68.36
N ARG E 725 -22.09 58.65 69.58
CA ARG E 725 -20.91 58.87 70.38
C ARG E 725 -21.09 58.25 71.75
N GLY E 726 -20.06 57.57 72.22
CA GLY E 726 -20.10 56.94 73.53
C GLY E 726 -19.17 55.75 73.58
N ASN E 727 -19.36 54.93 74.60
CA ASN E 727 -18.54 53.75 74.76
C ASN E 727 -18.92 52.69 73.74
N PRO E 728 -17.98 51.84 73.33
CA PRO E 728 -18.30 50.77 72.39
C PRO E 728 -19.34 49.82 72.97
N ARG E 729 -20.33 49.49 72.13
CA ARG E 729 -21.49 48.70 72.56
C ARG E 729 -21.55 47.35 71.90
N ARG E 730 -21.54 47.31 70.57
CA ARG E 730 -21.54 46.08 69.77
C ARG E 730 -22.83 45.24 69.95
N ASP E 731 -23.91 45.83 70.45
CA ASP E 731 -25.21 45.17 70.56
C ASP E 731 -26.29 46.20 70.32
N PHE E 732 -26.97 46.14 69.19
CA PHE E 732 -27.94 47.15 68.81
C PHE E 732 -29.25 46.49 68.44
N GLU E 733 -30.26 47.32 68.19
CA GLU E 733 -31.56 46.83 67.77
C GLU E 733 -32.04 47.66 66.59
N LEU E 734 -32.85 47.05 65.74
CA LEU E 734 -33.33 47.69 64.54
C LEU E 734 -34.43 48.68 64.86
N GLN E 735 -34.34 49.88 64.31
CA GLN E 735 -35.29 50.94 64.53
C GLN E 735 -36.30 50.97 63.37
N GLU E 736 -37.14 51.99 63.36
CA GLU E 736 -38.15 52.18 62.32
C GLU E 736 -37.86 53.35 61.40
N ALA E 737 -37.36 54.46 61.93
CA ALA E 737 -37.03 55.63 61.12
C ALA E 737 -35.67 56.17 61.54
N THR E 738 -34.97 56.78 60.58
CA THR E 738 -33.64 57.33 60.82
C THR E 738 -33.41 58.49 59.86
N ILE E 739 -32.86 59.59 60.38
CA ILE E 739 -32.58 60.76 59.57
C ILE E 739 -31.47 60.43 58.58
N THR E 740 -31.79 60.42 57.30
CA THR E 740 -30.81 60.15 56.25
C THR E 740 -30.20 61.43 55.70
N ASP E 741 -29.75 62.32 56.58
CA ASP E 741 -29.18 63.60 56.17
C ASP E 741 -27.74 63.78 56.60
N SER E 742 -27.47 63.63 57.90
CA SER E 742 -26.15 63.87 58.48
C SER E 742 -25.63 65.26 58.17
N ARG E 743 -26.54 66.25 58.12
CA ARG E 743 -26.15 67.65 58.02
C ARG E 743 -26.59 68.47 59.21
N TYR E 744 -27.50 67.96 60.04
CA TYR E 744 -27.87 68.58 61.29
C TYR E 744 -27.11 67.98 62.45
N LEU E 745 -26.10 67.15 62.19
CA LEU E 745 -25.48 66.37 63.25
C LEU E 745 -24.61 67.22 64.18
N ASP E 746 -24.06 68.31 63.67
CA ASP E 746 -23.10 69.10 64.44
C ASP E 746 -23.75 70.19 65.28
N GLY E 747 -25.06 70.43 65.15
CA GLY E 747 -25.68 71.57 65.77
C GLY E 747 -26.20 71.30 67.17
N LEU E 748 -26.92 72.29 67.70
CA LEU E 748 -27.51 72.17 69.02
C LEU E 748 -28.61 71.14 69.04
N SER E 749 -28.69 70.40 70.15
CA SER E 749 -29.71 69.40 70.35
C SER E 749 -30.58 69.82 71.53
N ILE E 750 -31.71 70.46 71.23
CA ILE E 750 -32.57 71.03 72.26
C ILE E 750 -33.79 70.14 72.45
N ILE E 751 -34.52 70.38 73.54
CA ILE E 751 -35.67 69.58 73.94
C ILE E 751 -36.88 70.50 74.06
N VAL E 752 -38.02 70.05 73.55
CA VAL E 752 -39.28 70.77 73.65
C VAL E 752 -40.28 69.88 74.36
N GLU E 753 -40.97 70.41 75.36
CA GLU E 753 -41.94 69.66 76.15
C GLU E 753 -43.35 70.00 75.69
N ALA E 754 -44.13 68.97 75.38
CA ALA E 754 -45.49 69.17 74.92
C ALA E 754 -46.44 68.21 75.63
N PRO E 755 -47.67 68.63 75.88
CA PRO E 755 -48.65 67.72 76.46
C PRO E 755 -48.98 66.52 75.58
N GLU E 756 -48.97 66.69 74.26
CA GLU E 756 -49.41 65.65 73.35
C GLU E 756 -48.45 65.57 72.18
N ALA E 757 -48.29 64.36 71.64
CA ALA E 757 -47.42 64.18 70.48
C ALA E 757 -48.05 64.78 69.23
N GLY E 758 -49.20 64.25 68.83
CA GLY E 758 -49.88 64.78 67.67
C GLY E 758 -49.31 64.23 66.38
N SER E 759 -49.05 65.11 65.42
CA SER E 759 -48.54 64.71 64.12
C SER E 759 -47.02 64.68 64.05
N LEU E 760 -46.35 64.95 65.15
CA LEU E 760 -44.89 65.00 65.15
C LEU E 760 -44.32 63.60 64.96
N GLY E 761 -43.15 63.55 64.33
CA GLY E 761 -42.46 62.28 64.13
C GLY E 761 -41.02 62.54 63.77
N ILE E 762 -40.28 61.46 63.57
CA ILE E 762 -38.88 61.58 63.23
C ILE E 762 -38.74 62.08 61.80
N GLY E 763 -37.96 63.14 61.64
CA GLY E 763 -37.82 63.79 60.35
C GLY E 763 -38.72 64.98 60.12
N THR E 764 -39.52 65.37 61.10
CA THR E 764 -40.39 66.51 60.96
C THR E 764 -39.58 67.79 60.93
N PRO E 765 -39.74 68.65 59.93
CA PRO E 765 -38.92 69.85 59.84
C PRO E 765 -39.24 70.89 60.91
N VAL E 766 -38.23 71.67 61.25
CA VAL E 766 -38.37 72.84 62.11
C VAL E 766 -38.16 74.07 61.23
N LEU E 767 -39.10 75.01 61.30
CA LEU E 767 -39.16 76.14 60.38
C LEU E 767 -38.97 77.45 61.12
N PHE E 768 -38.06 78.28 60.63
CA PHE E 768 -37.92 79.66 61.05
C PHE E 768 -38.30 80.56 59.88
N ARG E 769 -39.35 81.34 60.06
CA ARG E 769 -39.89 82.21 59.02
C ARG E 769 -40.19 81.43 57.75
N GLY E 770 -40.65 80.20 57.91
CA GLY E 770 -40.97 79.36 56.79
C GLY E 770 -39.81 78.65 56.13
N LEU E 771 -38.59 78.81 56.64
CA LEU E 771 -37.41 78.18 56.09
C LEU E 771 -36.94 77.05 57.00
N GLU E 772 -36.64 75.90 56.43
CA GLU E 772 -36.27 74.74 57.23
C GLU E 772 -34.86 74.92 57.78
N VAL E 773 -34.75 74.94 59.11
CA VAL E 773 -33.46 75.07 59.77
C VAL E 773 -33.10 73.87 60.64
N GLY E 774 -33.99 72.90 60.82
CA GLY E 774 -33.67 71.76 61.66
C GLY E 774 -34.70 70.68 61.50
N THR E 775 -34.47 69.56 62.17
CA THR E 775 -35.36 68.41 62.09
C THR E 775 -35.60 67.86 63.48
N VAL E 776 -36.70 67.13 63.63
CA VAL E 776 -37.03 66.45 64.88
C VAL E 776 -36.25 65.15 64.94
N THR E 777 -35.32 65.05 65.87
CA THR E 777 -34.50 63.85 66.01
C THR E 777 -35.27 62.69 66.61
N GLY E 778 -36.02 62.94 67.67
CA GLY E 778 -36.72 61.83 68.33
C GLY E 778 -37.79 62.32 69.27
N MET E 779 -38.63 61.39 69.70
CA MET E 779 -39.72 61.65 70.63
C MET E 779 -39.73 60.58 71.71
N THR E 780 -40.00 61.00 72.95
CA THR E 780 -40.05 60.04 74.05
C THR E 780 -40.90 60.65 75.16
N LEU E 781 -40.97 59.96 76.29
CA LEU E 781 -41.67 60.43 77.48
C LEU E 781 -40.68 60.71 78.59
N GLY E 782 -41.14 61.43 79.60
CA GLY E 782 -40.30 61.72 80.75
C GLY E 782 -40.21 60.57 81.71
N THR E 783 -39.45 60.79 82.79
CA THR E 783 -39.38 59.78 83.84
C THR E 783 -40.74 59.58 84.49
N LEU E 784 -41.45 60.66 84.74
CA LEU E 784 -42.86 60.60 85.04
C LEU E 784 -43.61 60.87 83.75
N SER E 785 -44.58 60.02 83.44
CA SER E 785 -45.29 60.07 82.16
C SER E 785 -46.40 61.11 82.22
N ASP E 786 -45.98 62.37 82.28
CA ASP E 786 -46.90 63.49 82.29
C ASP E 786 -46.66 64.48 81.16
N ARG E 787 -45.64 64.27 80.35
CA ARG E 787 -45.40 65.12 79.20
C ARG E 787 -44.57 64.34 78.19
N VAL E 788 -44.54 64.86 76.97
CA VAL E 788 -43.79 64.26 75.86
C VAL E 788 -42.61 65.16 75.56
N MET E 789 -41.41 64.59 75.53
CA MET E 789 -40.20 65.32 75.25
C MET E 789 -39.76 65.04 73.82
N ILE E 790 -39.55 66.11 73.05
CA ILE E 790 -39.17 66.05 71.66
C ILE E 790 -37.77 66.60 71.54
N ALA E 791 -36.83 65.78 71.11
CA ALA E 791 -35.45 66.17 70.90
C ALA E 791 -35.25 66.54 69.44
N MET E 792 -34.74 67.75 69.21
CA MET E 792 -34.56 68.25 67.85
C MET E 792 -33.19 68.90 67.72
N ARG E 793 -32.64 68.85 66.51
CA ARG E 793 -31.33 69.41 66.21
C ARG E 793 -31.43 70.54 65.19
N ILE E 794 -30.67 71.60 65.42
CA ILE E 794 -30.65 72.75 64.53
C ILE E 794 -29.31 72.75 63.78
N SER E 795 -29.29 73.44 62.64
CA SER E 795 -28.08 73.51 61.84
C SER E 795 -27.01 74.36 62.52
N LYS E 796 -25.79 74.19 62.06
CA LYS E 796 -24.69 75.04 62.52
C LYS E 796 -24.88 76.47 62.03
N ARG E 797 -25.36 76.65 60.79
CA ARG E 797 -25.49 77.99 60.25
C ARG E 797 -26.57 78.78 60.98
N TYR E 798 -27.67 78.14 61.33
CA TYR E 798 -28.79 78.80 61.99
C TYR E 798 -28.80 78.56 63.49
N GLN E 799 -27.65 78.25 64.07
CA GLN E 799 -27.59 77.98 65.50
C GLN E 799 -27.79 79.25 66.32
N HIS E 800 -27.33 80.39 65.81
CA HIS E 800 -27.43 81.64 66.55
C HIS E 800 -28.85 82.18 66.66
N LEU E 801 -29.79 81.62 65.91
CA LEU E 801 -31.16 82.13 65.96
C LEU E 801 -31.88 81.76 67.24
N VAL E 802 -31.39 80.77 67.98
CA VAL E 802 -32.06 80.28 69.18
C VAL E 802 -31.50 81.01 70.38
N ARG E 803 -32.39 81.63 71.16
CA ARG E 803 -32.02 82.36 72.36
C ARG E 803 -32.75 81.77 73.56
N ASN E 804 -32.41 82.29 74.75
CA ASN E 804 -33.08 81.81 75.96
C ASN E 804 -34.55 82.17 75.97
N ASN E 805 -34.91 83.36 75.52
CA ASN E 805 -36.31 83.76 75.41
C ASN E 805 -36.76 83.57 73.96
N SER E 806 -37.02 82.32 73.59
CA SER E 806 -37.54 81.99 72.28
C SER E 806 -38.84 81.22 72.44
N VAL E 807 -39.82 81.53 71.61
CA VAL E 807 -41.13 80.91 71.66
C VAL E 807 -41.25 79.87 70.56
N PHE E 808 -41.69 78.67 70.92
CA PHE E 808 -41.91 77.57 69.99
C PHE E 808 -43.40 77.27 69.96
N TRP E 809 -43.95 77.13 68.75
CA TRP E 809 -45.33 76.74 68.57
C TRP E 809 -45.42 75.69 67.47
N LEU E 810 -46.58 75.07 67.37
CA LEU E 810 -46.79 73.94 66.48
C LEU E 810 -47.57 74.38 65.25
N ALA E 811 -46.96 74.23 64.08
CA ALA E 811 -47.60 74.54 62.82
C ALA E 811 -47.83 73.22 62.09
N SER E 812 -48.99 72.61 62.34
CA SER E 812 -49.34 71.31 61.78
C SER E 812 -50.70 71.41 61.10
N GLY E 813 -50.77 70.94 59.86
CA GLY E 813 -52.01 71.01 59.12
C GLY E 813 -52.36 72.44 58.72
N TYR E 814 -53.64 72.65 58.45
CA TYR E 814 -54.17 73.94 58.06
C TYR E 814 -54.98 74.53 59.20
N SER E 815 -54.71 75.77 59.55
CA SER E 815 -55.46 76.49 60.57
C SER E 815 -56.06 77.74 59.94
N LEU E 816 -57.34 77.98 60.19
CA LEU E 816 -58.01 79.15 59.67
C LEU E 816 -58.97 79.69 60.71
N ASP E 817 -59.27 80.99 60.59
CA ASP E 817 -60.19 81.67 61.49
C ASP E 817 -61.38 82.18 60.70
N PHE E 818 -62.58 81.98 61.25
CA PHE E 818 -63.83 82.36 60.62
C PHE E 818 -64.49 83.47 61.42
N GLY E 819 -64.92 84.52 60.73
CA GLY E 819 -65.59 85.64 61.36
C GLY E 819 -67.08 85.59 61.12
N LEU E 820 -67.84 86.21 62.04
CA LEU E 820 -69.30 86.23 61.91
C LEU E 820 -69.74 87.10 60.75
N THR E 821 -69.03 88.20 60.50
CA THR E 821 -69.36 89.11 59.41
C THR E 821 -68.43 89.01 58.21
N GLY E 822 -67.18 88.62 58.42
CA GLY E 822 -66.23 88.47 57.32
C GLY E 822 -65.40 87.21 57.43
N GLY E 823 -65.47 86.36 56.41
CA GLY E 823 -64.73 85.11 56.42
C GLY E 823 -63.73 84.99 55.28
N VAL E 824 -62.45 84.98 55.60
CA VAL E 824 -61.38 84.84 54.62
C VAL E 824 -60.55 83.61 54.99
N VAL E 825 -60.40 82.69 54.05
CA VAL E 825 -59.61 81.48 54.27
C VAL E 825 -58.51 81.41 53.23
N LYS E 826 -57.39 80.79 53.61
CA LYS E 826 -56.23 80.68 52.73
C LYS E 826 -55.60 79.31 52.90
N THR E 827 -55.03 78.80 51.80
CA THR E 827 -54.33 77.53 51.77
C THR E 827 -52.95 77.71 51.15
N GLY E 828 -52.04 76.80 51.47
CA GLY E 828 -50.67 76.91 50.99
C GLY E 828 -50.01 75.59 50.66
N THR E 829 -50.80 74.53 50.50
CA THR E 829 -50.35 73.16 50.20
C THR E 829 -49.06 72.78 50.95
N PHE E 830 -49.04 73.10 52.24
CA PHE E 830 -47.84 72.95 53.03
C PHE E 830 -47.51 71.48 53.25
N ASN E 831 -46.22 71.22 53.49
CA ASN E 831 -45.79 69.90 53.96
C ASN E 831 -46.20 69.66 55.41
N GLN E 832 -46.70 70.67 56.11
CA GLN E 832 -47.26 70.50 57.44
C GLN E 832 -48.52 69.65 57.43
N PHE E 833 -49.20 69.55 56.29
CA PHE E 833 -50.28 68.61 56.10
C PHE E 833 -49.78 67.22 55.72
N ILE E 834 -48.48 67.06 55.57
CA ILE E 834 -47.85 65.75 55.45
C ILE E 834 -47.02 65.43 56.68
N ARG E 835 -46.19 66.37 57.13
CA ARG E 835 -45.39 66.27 58.35
C ARG E 835 -45.52 67.62 59.08
N GLY E 836 -46.37 67.66 60.10
CA GLY E 836 -46.64 68.89 60.81
C GLY E 836 -45.46 69.45 61.57
N GLY E 837 -44.97 70.62 61.16
CA GLY E 837 -43.72 71.14 61.67
C GLY E 837 -43.86 71.97 62.94
N ILE E 838 -42.72 72.43 63.43
CA ILE E 838 -42.61 73.25 64.63
C ILE E 838 -41.90 74.53 64.26
N ALA E 839 -42.50 75.66 64.59
CA ALA E 839 -41.92 76.97 64.30
C ALA E 839 -41.47 77.64 65.58
N PHE E 840 -40.55 78.60 65.43
CA PHE E 840 -40.07 79.35 66.59
C PHE E 840 -39.72 80.77 66.19
N ALA E 841 -39.70 81.64 67.19
CA ALA E 841 -39.39 83.05 66.98
C ALA E 841 -38.82 83.63 68.26
N THR E 842 -38.36 84.87 68.17
CA THR E 842 -37.72 85.57 69.30
C THR E 842 -38.43 86.90 69.52
N PRO E 843 -38.93 87.17 70.73
CA PRO E 843 -39.57 88.45 70.98
C PRO E 843 -38.56 89.58 70.91
N PRO E 844 -39.00 90.79 70.58
CA PRO E 844 -38.08 91.91 70.48
C PRO E 844 -37.58 92.35 71.85
N GLY E 845 -36.39 92.94 71.85
CA GLY E 845 -35.78 93.44 73.06
C GLY E 845 -34.39 94.00 72.81
N THR E 846 -34.10 95.18 73.36
CA THR E 846 -32.80 95.79 73.10
C THR E 846 -31.63 94.99 73.65
N PRO E 847 -31.65 94.50 74.89
CA PRO E 847 -30.61 93.56 75.29
C PRO E 847 -30.97 92.13 74.92
N LEU E 848 -30.12 91.48 74.14
CA LEU E 848 -30.38 90.12 73.67
C LEU E 848 -30.04 89.11 74.75
N ALA E 849 -30.89 88.11 74.89
CA ALA E 849 -30.64 87.03 75.83
C ALA E 849 -29.47 86.18 75.32
N PRO E 850 -28.76 85.51 76.22
CA PRO E 850 -27.66 84.65 75.78
C PRO E 850 -28.15 83.49 74.94
N LYS E 851 -27.25 83.01 74.08
CA LYS E 851 -27.58 81.88 73.22
C LYS E 851 -27.83 80.63 74.06
N ALA E 852 -28.72 79.78 73.57
CA ALA E 852 -29.06 78.55 74.26
C ALA E 852 -27.87 77.60 74.33
N GLN E 853 -27.78 76.87 75.45
CA GLN E 853 -26.69 75.91 75.63
C GLN E 853 -27.04 74.60 74.93
N GLU E 854 -26.25 73.57 75.17
CA GLU E 854 -26.48 72.28 74.52
C GLU E 854 -27.76 71.62 75.01
N GLY E 855 -27.95 71.58 76.32
CA GLY E 855 -29.17 71.02 76.86
C GLY E 855 -30.11 72.06 77.39
N LYS E 856 -31.17 72.36 76.65
CA LYS E 856 -32.12 73.40 77.01
C LYS E 856 -33.52 72.88 76.78
N HIS E 857 -34.42 73.20 77.70
CA HIS E 857 -35.80 72.75 77.63
C HIS E 857 -36.70 73.95 77.40
N PHE E 858 -37.59 73.85 76.41
CA PHE E 858 -38.59 74.86 76.13
C PHE E 858 -39.97 74.26 76.27
N LEU E 859 -40.96 75.13 76.42
CA LEU E 859 -42.37 74.73 76.50
C LEU E 859 -43.06 75.08 75.19
N LEU E 860 -43.74 74.12 74.60
CA LEU E 860 -44.43 74.33 73.34
C LEU E 860 -45.70 75.12 73.58
N GLN E 861 -45.83 76.26 72.91
CA GLN E 861 -47.04 77.06 73.01
C GLN E 861 -48.20 76.34 72.33
N GLU E 862 -49.37 76.44 72.94
CA GLU E 862 -50.55 75.80 72.38
C GLU E 862 -51.09 76.52 71.15
N SER E 863 -50.71 77.77 70.95
CA SER E 863 -51.21 78.54 69.82
C SER E 863 -50.13 79.51 69.35
N GLU E 864 -50.27 79.93 68.11
CA GLU E 864 -49.32 80.84 67.51
C GLU E 864 -49.45 82.23 68.13
N PRO E 865 -48.35 82.87 68.48
CA PRO E 865 -48.42 84.25 68.96
C PRO E 865 -48.94 85.18 67.88
N LYS E 866 -49.69 86.19 68.32
CA LYS E 866 -50.50 86.98 67.39
C LYS E 866 -49.65 87.93 66.54
N GLU E 867 -48.62 88.51 67.12
CA GLU E 867 -47.86 89.58 66.46
C GLU E 867 -46.42 89.17 66.21
N TRP E 868 -46.19 87.89 65.91
CA TRP E 868 -44.82 87.46 65.65
C TRP E 868 -44.32 87.94 64.31
N ARG E 869 -45.22 88.23 63.38
CA ARG E 869 -44.78 88.69 62.06
C ARG E 869 -44.27 90.12 62.09
N GLU E 870 -44.68 90.91 63.07
CA GLU E 870 -44.30 92.31 63.16
C GLU E 870 -43.22 92.55 64.19
N TRP E 871 -42.59 91.50 64.70
CA TRP E 871 -41.55 91.68 65.72
C TRP E 871 -40.29 92.27 65.12
N GLY E 872 -39.68 91.57 64.16
CA GLY E 872 -38.50 92.09 63.49
C GLY E 872 -37.28 92.23 64.38
N THR E 873 -37.01 91.25 65.23
CA THR E 873 -35.83 91.27 66.08
C THR E 873 -34.58 91.09 65.25
N ALA E 874 -33.55 91.89 65.55
CA ALA E 874 -32.29 91.83 64.82
C ALA E 874 -31.36 90.83 65.51
N LEU E 875 -31.05 89.73 64.82
CA LEU E 875 -30.17 88.70 65.35
C LEU E 875 -28.84 88.72 64.60
N PRO E 876 -27.76 89.15 65.24
CA PRO E 876 -26.48 89.24 64.53
C PRO E 876 -25.88 87.88 64.24
N LYS E 877 -24.84 87.90 63.42
CA LYS E 877 -24.10 86.71 62.99
C LYS E 877 -24.99 85.68 62.31
N GLY F 46 56.57 -88.93 -23.50
CA GLY F 46 55.76 -88.64 -22.34
C GLY F 46 54.43 -89.37 -22.33
N ASN F 47 53.52 -88.94 -21.47
CA ASN F 47 52.22 -89.56 -21.36
C ASN F 47 51.22 -88.81 -22.22
N THR F 48 50.30 -89.54 -22.84
CA THR F 48 49.29 -88.95 -23.70
C THR F 48 48.00 -88.75 -22.91
N VAL F 49 47.48 -87.52 -22.92
CA VAL F 49 46.28 -87.16 -22.18
C VAL F 49 45.26 -86.61 -23.16
N THR F 50 44.00 -86.96 -22.94
CA THR F 50 42.89 -86.49 -23.76
C THR F 50 42.12 -85.39 -23.04
N ILE F 51 41.92 -84.28 -23.73
CA ILE F 51 41.20 -83.12 -23.19
C ILE F 51 40.01 -82.84 -24.09
N ASP F 52 38.88 -82.48 -23.47
CA ASP F 52 37.66 -82.16 -24.18
C ASP F 52 37.53 -80.65 -24.31
N PHE F 53 37.49 -80.16 -25.54
CA PHE F 53 37.34 -78.74 -25.81
C PHE F 53 36.00 -78.49 -26.48
N MET F 54 35.37 -77.36 -26.13
CA MET F 54 34.14 -76.97 -26.80
C MET F 54 34.41 -76.46 -28.20
N SER F 55 35.52 -75.73 -28.39
CA SER F 55 35.86 -75.20 -29.70
C SER F 55 37.36 -74.94 -29.73
N ALA F 56 38.08 -75.72 -30.53
CA ALA F 56 39.51 -75.54 -30.71
C ALA F 56 39.73 -74.64 -31.90
N ASP F 57 39.79 -73.34 -31.65
CA ASP F 57 39.78 -72.35 -32.72
C ASP F 57 41.07 -72.39 -33.53
N GLY F 58 42.22 -72.38 -32.86
CA GLY F 58 43.47 -72.30 -33.58
C GLY F 58 44.52 -73.30 -33.14
N ILE F 59 44.09 -74.50 -32.76
CA ILE F 59 45.01 -75.53 -32.31
C ILE F 59 45.52 -76.30 -33.52
N VAL F 60 46.81 -76.17 -33.81
CA VAL F 60 47.45 -76.89 -34.89
C VAL F 60 47.97 -78.21 -34.36
N PRO F 61 47.62 -79.34 -34.98
CA PRO F 61 48.08 -80.63 -34.46
C PRO F 61 49.58 -80.81 -34.49
N GLY F 62 50.30 -80.06 -35.31
CA GLY F 62 51.73 -80.22 -35.38
C GLY F 62 52.48 -79.51 -34.26
N ARG F 63 52.30 -78.20 -34.16
CA ARG F 63 53.01 -77.39 -33.18
C ARG F 63 52.01 -76.51 -32.43
N THR F 64 51.74 -76.86 -31.18
CA THR F 64 50.91 -76.06 -30.29
C THR F 64 51.35 -76.39 -28.88
N PRO F 65 52.18 -75.56 -28.28
CA PRO F 65 52.76 -75.90 -26.99
C PRO F 65 51.75 -75.77 -25.88
N VAL F 66 52.02 -76.51 -24.81
CA VAL F 66 51.27 -76.41 -23.56
C VAL F 66 52.20 -75.74 -22.55
N ARG F 67 51.85 -74.53 -22.14
CA ARG F 67 52.72 -73.69 -21.32
C ARG F 67 52.18 -73.57 -19.91
N TYR F 68 53.02 -73.87 -18.93
CA TYR F 68 52.72 -73.61 -17.53
C TYR F 68 53.59 -72.46 -17.06
N GLN F 69 52.95 -71.36 -16.67
CA GLN F 69 53.65 -70.13 -16.28
C GLN F 69 54.60 -69.66 -17.37
N GLY F 70 54.21 -69.86 -18.62
CA GLY F 70 55.03 -69.49 -19.75
C GLY F 70 56.13 -70.48 -20.11
N VAL F 71 56.28 -71.57 -19.38
CA VAL F 71 57.30 -72.58 -19.66
C VAL F 71 56.66 -73.70 -20.46
N GLU F 72 57.24 -74.01 -21.61
CA GLU F 72 56.71 -75.08 -22.45
C GLU F 72 56.94 -76.43 -21.79
N VAL F 73 55.90 -77.25 -21.73
CA VAL F 73 55.95 -78.56 -21.10
C VAL F 73 55.58 -79.67 -22.07
N GLY F 74 54.44 -79.53 -22.77
CA GLY F 74 53.96 -80.54 -23.68
C GLY F 74 53.65 -79.97 -25.05
N THR F 75 53.22 -80.86 -25.94
CA THR F 75 52.91 -80.51 -27.32
C THR F 75 51.66 -81.25 -27.75
N VAL F 76 50.77 -80.55 -28.44
CA VAL F 76 49.55 -81.16 -28.95
C VAL F 76 49.90 -82.18 -30.02
N GLN F 77 49.34 -83.37 -29.91
CA GLN F 77 49.62 -84.45 -30.86
C GLN F 77 48.50 -84.66 -31.87
N ASP F 78 47.27 -84.88 -31.41
CA ASP F 78 46.19 -85.29 -32.30
C ASP F 78 44.90 -84.55 -31.95
N ILE F 79 44.05 -84.35 -32.95
CA ILE F 79 42.74 -83.73 -32.79
C ILE F 79 41.72 -84.64 -33.45
N SER F 80 40.59 -84.87 -32.77
CA SER F 80 39.53 -85.67 -33.33
C SER F 80 38.20 -85.18 -32.80
N LEU F 81 37.12 -85.68 -33.40
CA LEU F 81 35.77 -85.31 -33.02
C LEU F 81 35.03 -86.52 -32.48
N SER F 82 34.26 -86.30 -31.41
CA SER F 82 33.51 -87.37 -30.77
C SER F 82 32.14 -87.51 -31.44
N ASP F 83 32.19 -88.06 -32.65
CA ASP F 83 31.04 -88.27 -33.53
C ASP F 83 30.07 -87.09 -33.51
N ASP F 84 30.62 -85.89 -33.66
CA ASP F 84 29.85 -84.66 -33.80
C ASP F 84 28.91 -84.42 -32.63
N LEU F 85 29.39 -84.71 -31.42
CA LEU F 85 28.62 -84.43 -30.21
C LEU F 85 29.09 -83.15 -29.52
N ARG F 86 29.52 -82.17 -30.33
CA ARG F 86 29.93 -80.86 -29.83
C ARG F 86 31.09 -80.95 -28.85
N LYS F 87 31.94 -81.97 -29.02
CA LYS F 87 33.12 -82.14 -28.19
C LYS F 87 34.31 -82.45 -29.07
N ILE F 88 35.44 -81.80 -28.80
CA ILE F 88 36.67 -82.00 -29.55
C ILE F 88 37.66 -82.70 -28.63
N GLU F 89 38.11 -83.89 -29.01
CA GLU F 89 39.07 -84.65 -28.24
C GLU F 89 40.47 -84.29 -28.71
N VAL F 90 41.30 -83.77 -27.81
CA VAL F 90 42.67 -83.37 -28.14
C VAL F 90 43.60 -84.26 -27.34
N LYS F 91 44.45 -85.00 -28.03
CA LYS F 91 45.46 -85.84 -27.41
C LYS F 91 46.78 -85.08 -27.38
N VAL F 92 47.31 -84.87 -26.18
CA VAL F 92 48.51 -84.07 -25.95
C VAL F 92 49.52 -84.90 -25.18
N SER F 93 50.77 -84.87 -25.63
CA SER F 93 51.85 -85.53 -24.94
C SER F 93 52.49 -84.60 -23.92
N ILE F 94 52.81 -85.16 -22.75
CA ILE F 94 53.37 -84.42 -21.63
C ILE F 94 54.69 -85.09 -21.23
N LYS F 95 55.71 -84.28 -20.99
CA LYS F 95 57.00 -84.81 -20.59
C LYS F 95 56.91 -85.44 -19.20
N SER F 96 57.87 -86.34 -18.93
CA SER F 96 57.84 -87.15 -17.72
C SER F 96 58.14 -86.35 -16.46
N ASP F 97 58.66 -85.13 -16.60
CA ASP F 97 58.93 -84.33 -15.40
C ASP F 97 57.64 -83.85 -14.74
N MET F 98 56.62 -83.55 -15.54
CA MET F 98 55.37 -82.99 -15.04
C MET F 98 54.36 -84.05 -14.65
N LYS F 99 54.64 -85.33 -14.91
CA LYS F 99 53.64 -86.36 -14.66
C LYS F 99 53.39 -86.59 -13.19
N ASP F 100 54.26 -86.09 -12.31
CA ASP F 100 54.01 -86.19 -10.88
C ASP F 100 52.81 -85.36 -10.47
N ALA F 101 52.66 -84.18 -11.06
CA ALA F 101 51.55 -83.28 -10.75
C ALA F 101 50.36 -83.47 -11.68
N LEU F 102 50.43 -84.40 -12.63
CA LEU F 102 49.33 -84.68 -13.54
C LEU F 102 48.28 -85.48 -12.78
N ARG F 103 47.44 -84.76 -12.03
CA ARG F 103 46.49 -85.40 -11.13
C ARG F 103 45.06 -84.97 -11.40
N GLU F 104 44.14 -85.36 -10.52
CA GLU F 104 42.73 -85.12 -10.78
C GLU F 104 42.38 -83.63 -10.78
N GLU F 105 42.93 -82.87 -9.84
CA GLU F 105 42.59 -81.46 -9.71
C GLU F 105 43.44 -80.57 -10.60
N THR F 106 43.53 -80.90 -11.89
CA THR F 106 44.32 -80.16 -12.84
C THR F 106 43.40 -79.41 -13.80
N GLN F 107 43.73 -78.16 -14.08
CA GLN F 107 42.90 -77.30 -14.89
C GLN F 107 43.62 -76.98 -16.20
N PHE F 108 42.87 -77.00 -17.30
CA PHE F 108 43.39 -76.66 -18.61
C PHE F 108 42.50 -75.60 -19.24
N TRP F 109 43.11 -74.71 -20.03
CA TRP F 109 42.34 -73.69 -20.73
C TRP F 109 43.07 -73.30 -22.00
N LEU F 110 42.36 -72.63 -22.88
CA LEU F 110 42.88 -72.22 -24.18
C LEU F 110 43.11 -70.71 -24.16
N VAL F 111 44.38 -70.31 -24.19
CA VAL F 111 44.73 -68.89 -24.24
C VAL F 111 44.71 -68.44 -25.69
N THR F 112 43.82 -67.49 -25.99
CA THR F 112 43.56 -66.98 -27.33
C THR F 112 43.27 -65.49 -27.21
N PRO F 113 43.93 -64.66 -28.02
CA PRO F 113 43.70 -63.21 -27.93
C PRO F 113 42.30 -62.83 -28.35
N LYS F 114 41.80 -61.76 -27.73
CA LYS F 114 40.48 -61.21 -28.04
C LYS F 114 40.50 -59.71 -27.80
N ALA F 115 39.60 -59.00 -28.50
CA ALA F 115 39.51 -57.55 -28.38
C ALA F 115 38.58 -57.20 -27.24
N SER F 116 39.09 -57.36 -26.02
CA SER F 116 38.32 -57.05 -24.84
C SER F 116 38.22 -55.55 -24.64
N LEU F 117 37.29 -55.14 -23.79
CA LEU F 117 37.08 -53.75 -23.46
C LEU F 117 37.99 -53.31 -22.32
N ALA F 118 38.38 -52.03 -22.34
CA ALA F 118 39.29 -51.45 -21.36
C ALA F 118 40.60 -52.24 -21.26
N GLY F 119 41.13 -52.62 -22.41
CA GLY F 119 42.35 -53.41 -22.45
C GLY F 119 42.17 -54.70 -23.22
N VAL F 120 43.23 -55.17 -23.88
CA VAL F 120 43.21 -56.37 -24.68
C VAL F 120 44.04 -57.45 -24.00
N SER F 121 43.51 -58.66 -23.97
CA SER F 121 44.16 -59.79 -23.34
C SER F 121 44.85 -60.66 -24.38
N GLY F 122 45.80 -61.46 -23.91
CA GLY F 122 46.51 -62.38 -24.78
C GLY F 122 47.41 -61.74 -25.82
N LEU F 123 48.16 -60.71 -25.43
CA LEU F 123 49.11 -60.09 -26.36
C LEU F 123 50.20 -61.07 -26.77
N ASP F 124 50.72 -61.84 -25.80
CA ASP F 124 51.71 -62.86 -26.12
C ASP F 124 51.12 -63.95 -27.00
N ALA F 125 49.87 -64.32 -26.74
CA ALA F 125 49.21 -65.29 -27.62
C ALA F 125 48.96 -64.72 -29.00
N LEU F 126 48.73 -63.42 -29.10
CA LEU F 126 48.59 -62.80 -30.42
C LEU F 126 49.90 -62.82 -31.18
N VAL F 127 51.01 -62.54 -30.50
CA VAL F 127 52.30 -62.52 -31.17
C VAL F 127 52.73 -63.91 -31.58
N GLY F 128 52.62 -64.88 -30.65
CA GLY F 128 53.19 -66.20 -30.89
C GLY F 128 52.21 -67.34 -31.08
N GLY F 129 50.98 -67.02 -31.46
CA GLY F 129 49.98 -68.05 -31.68
C GLY F 129 49.31 -68.51 -30.41
N ASN F 130 48.00 -68.75 -30.49
CA ASN F 130 47.24 -69.17 -29.32
C ASN F 130 47.68 -70.55 -28.85
N TYR F 131 47.63 -70.75 -27.53
CA TYR F 131 48.23 -71.95 -26.95
C TYR F 131 47.31 -72.48 -25.85
N ILE F 132 47.81 -73.45 -25.09
CA ILE F 132 47.08 -74.09 -24.01
C ILE F 132 47.82 -73.84 -22.72
N GLY F 133 47.11 -73.34 -21.71
CA GLY F 133 47.65 -73.14 -20.39
C GLY F 133 47.14 -74.19 -19.41
N MET F 134 47.98 -74.57 -18.45
CA MET F 134 47.65 -75.60 -17.49
C MET F 134 47.98 -75.14 -16.09
N MET F 135 47.30 -75.73 -15.12
CA MET F 135 47.51 -75.47 -13.70
C MET F 135 47.35 -76.75 -12.91
N PRO F 136 48.40 -77.22 -12.27
CA PRO F 136 48.32 -78.48 -11.52
C PRO F 136 47.62 -78.30 -10.19
N GLY F 137 47.27 -79.43 -9.58
CA GLY F 137 46.58 -79.44 -8.31
C GLY F 137 47.02 -80.62 -7.46
N LYS F 138 46.13 -81.07 -6.59
CA LYS F 138 46.43 -82.13 -5.63
C LYS F 138 45.40 -83.25 -5.72
N GLY F 139 45.13 -83.71 -6.93
CA GLY F 139 44.21 -84.80 -7.13
C GLY F 139 44.87 -86.15 -6.91
N LYS F 140 44.14 -87.19 -7.28
CA LYS F 140 44.64 -88.55 -7.15
C LYS F 140 45.29 -89.04 -8.45
N GLU F 141 44.50 -89.10 -9.52
CA GLU F 141 44.99 -89.53 -10.83
C GLU F 141 43.89 -89.27 -11.85
N GLN F 142 44.27 -88.82 -13.03
CA GLN F 142 43.30 -88.56 -14.09
C GLN F 142 44.00 -88.57 -15.43
N ASP F 143 43.30 -89.08 -16.44
CA ASP F 143 43.80 -89.09 -17.81
C ASP F 143 42.80 -88.50 -18.80
N HIS F 144 41.70 -87.93 -18.31
CA HIS F 144 40.67 -87.33 -19.15
C HIS F 144 40.19 -86.06 -18.48
N PHE F 145 40.45 -84.91 -19.10
CA PHE F 145 40.14 -83.63 -18.49
C PHE F 145 39.11 -82.87 -19.32
N VAL F 146 38.48 -81.89 -18.70
CA VAL F 146 37.52 -81.01 -19.36
C VAL F 146 38.07 -79.59 -19.29
N ALA F 147 38.23 -78.97 -20.45
CA ALA F 147 38.80 -77.63 -20.52
C ALA F 147 37.85 -76.62 -19.90
N LEU F 148 38.43 -75.57 -19.34
CA LEU F 148 37.67 -74.50 -18.73
C LEU F 148 37.41 -73.43 -19.78
N ASP F 149 36.89 -72.28 -19.35
CA ASP F 149 36.50 -71.23 -20.26
C ASP F 149 37.34 -69.96 -20.14
N THR F 150 37.54 -69.42 -18.94
CA THR F 150 38.19 -68.12 -18.82
C THR F 150 39.43 -68.12 -17.91
N GLN F 151 40.07 -69.27 -17.68
CA GLN F 151 41.28 -69.29 -16.86
C GLN F 151 41.05 -68.65 -15.49
N PRO F 152 40.43 -69.36 -14.56
CA PRO F 152 40.17 -68.80 -13.24
C PRO F 152 41.44 -68.45 -12.47
N LYS F 153 41.31 -67.43 -11.63
CA LYS F 153 42.43 -66.95 -10.84
C LYS F 153 43.03 -68.05 -9.97
N TYR F 154 44.35 -68.14 -9.98
CA TYR F 154 45.07 -69.17 -9.23
C TYR F 154 45.79 -68.65 -7.98
N ARG F 155 46.06 -67.36 -7.90
CA ARG F 155 46.70 -66.69 -6.77
C ARG F 155 48.18 -67.06 -6.73
N LEU F 156 48.95 -66.42 -5.85
CA LEU F 156 50.38 -66.67 -5.76
C LEU F 156 50.90 -67.01 -4.38
N ASP F 157 50.16 -66.67 -3.32
CA ASP F 157 50.55 -66.95 -1.93
C ASP F 157 51.92 -66.34 -1.60
N ASN F 158 51.99 -65.02 -1.72
CA ASN F 158 53.20 -64.27 -1.46
C ASN F 158 53.20 -63.60 -0.10
N GLY F 159 52.27 -63.97 0.78
CA GLY F 159 52.13 -63.31 2.05
C GLY F 159 51.16 -62.14 2.06
N ASP F 160 50.38 -61.97 1.00
CA ASP F 160 49.42 -60.88 0.93
C ASP F 160 48.26 -61.13 1.89
N LEU F 161 47.50 -60.08 2.15
CA LEU F 161 46.38 -60.15 3.08
C LEU F 161 45.07 -60.16 2.29
N MET F 162 44.23 -61.16 2.53
CA MET F 162 42.96 -61.33 1.84
C MET F 162 41.85 -60.93 2.78
N ILE F 163 40.99 -59.99 2.36
CA ILE F 163 39.89 -59.55 3.20
C ILE F 163 38.64 -59.49 2.35
N HIS F 164 37.50 -59.44 3.03
CA HIS F 164 36.21 -59.47 2.39
C HIS F 164 35.42 -58.22 2.73
N LEU F 165 34.63 -57.76 1.78
CA LEU F 165 33.76 -56.62 1.96
C LEU F 165 32.35 -57.02 1.55
N GLN F 166 31.37 -56.50 2.24
CA GLN F 166 29.97 -56.79 1.97
C GLN F 166 29.26 -55.54 1.50
N ALA F 167 28.61 -55.63 0.34
CA ALA F 167 27.92 -54.50 -0.26
C ALA F 167 26.56 -54.96 -0.76
N PRO F 168 25.59 -54.06 -0.76
CA PRO F 168 24.29 -54.40 -1.36
C PRO F 168 24.38 -54.70 -2.85
N ASP F 169 25.30 -54.08 -3.57
CA ASP F 169 25.46 -54.35 -4.99
C ASP F 169 26.92 -54.18 -5.34
N LEU F 170 27.32 -54.75 -6.47
CA LEU F 170 28.72 -54.65 -6.86
C LEU F 170 29.10 -53.22 -7.20
N GLY F 171 28.20 -52.45 -7.77
CA GLY F 171 28.56 -51.11 -8.18
C GLY F 171 29.36 -51.11 -9.46
N SER F 172 30.18 -50.09 -9.62
CA SER F 172 31.02 -50.00 -10.79
C SER F 172 32.27 -50.86 -10.72
N LEU F 173 32.53 -51.49 -9.59
CA LEU F 173 33.76 -52.23 -9.43
C LEU F 173 33.81 -53.47 -10.32
N ASN F 174 34.96 -53.72 -10.91
CA ASN F 174 35.19 -54.91 -11.69
C ASN F 174 36.46 -55.56 -11.17
N SER F 175 36.81 -56.69 -11.75
CA SER F 175 38.04 -57.34 -11.35
C SER F 175 39.24 -56.54 -11.84
N GLY F 176 40.14 -56.23 -10.93
CA GLY F 176 41.30 -55.42 -11.23
C GLY F 176 41.20 -53.97 -10.81
N SER F 177 40.09 -53.54 -10.27
CA SER F 177 39.98 -52.20 -9.75
C SER F 177 40.86 -52.05 -8.52
N LEU F 178 41.37 -50.85 -8.30
CA LEU F 178 42.45 -50.61 -7.36
C LEU F 178 41.93 -50.19 -5.98
N VAL F 179 42.77 -50.43 -4.98
CA VAL F 179 42.51 -50.06 -3.60
C VAL F 179 43.55 -49.02 -3.21
N TYR F 180 43.09 -47.93 -2.62
CA TYR F 180 43.89 -46.75 -2.36
C TYR F 180 43.96 -46.43 -0.88
N PHE F 181 45.14 -46.05 -0.44
CA PHE F 181 45.35 -45.43 0.86
C PHE F 181 46.12 -44.15 0.61
N ARG F 182 45.54 -43.03 1.05
CA ARG F 182 46.09 -41.71 0.77
C ARG F 182 46.27 -41.52 -0.73
N LYS F 183 45.33 -42.05 -1.49
CA LYS F 183 45.42 -42.04 -2.94
C LYS F 183 46.70 -42.68 -3.46
N ILE F 184 47.13 -43.75 -2.81
CA ILE F 184 48.28 -44.54 -3.23
C ILE F 184 47.80 -45.97 -3.39
N PRO F 185 48.05 -46.62 -4.52
CA PRO F 185 47.56 -47.98 -4.72
C PRO F 185 48.31 -48.97 -3.85
N VAL F 186 47.57 -49.73 -3.06
CA VAL F 186 48.19 -50.70 -2.17
C VAL F 186 47.56 -52.07 -2.33
N GLY F 187 46.71 -52.24 -3.34
CA GLY F 187 46.06 -53.53 -3.52
C GLY F 187 45.10 -53.47 -4.67
N LYS F 188 44.40 -54.59 -4.89
CA LYS F 188 43.46 -54.66 -5.99
C LYS F 188 42.34 -55.62 -5.63
N VAL F 189 41.22 -55.49 -6.32
CA VAL F 189 40.08 -56.37 -6.11
C VAL F 189 40.34 -57.71 -6.78
N TYR F 190 40.22 -58.78 -6.01
CA TYR F 190 40.52 -60.12 -6.49
C TYR F 190 39.31 -60.80 -7.12
N ASP F 191 38.17 -60.82 -6.44
CA ASP F 191 37.03 -61.58 -6.94
C ASP F 191 35.75 -60.99 -6.36
N TYR F 192 34.62 -61.40 -6.92
CA TYR F 192 33.31 -61.02 -6.41
C TYR F 192 32.37 -62.21 -6.52
N ALA F 193 31.39 -62.24 -5.63
CA ALA F 193 30.44 -63.36 -5.57
C ALA F 193 29.15 -62.90 -4.91
N ILE F 194 28.12 -63.70 -5.07
CA ILE F 194 26.80 -63.44 -4.49
C ILE F 194 26.62 -64.30 -3.25
N ASN F 195 26.12 -63.70 -2.19
CA ASN F 195 25.84 -64.44 -0.99
C ASN F 195 24.74 -65.46 -1.22
N PRO F 196 24.69 -66.51 -0.41
CA PRO F 196 23.54 -67.42 -0.48
C PRO F 196 22.22 -66.72 -0.26
N ASN F 197 22.20 -65.74 0.62
CA ASN F 197 21.10 -64.79 0.64
C ASN F 197 21.26 -63.86 -0.54
N LYS F 198 20.19 -63.63 -1.27
CA LYS F 198 20.28 -62.85 -2.49
C LYS F 198 20.48 -61.37 -2.23
N GLN F 199 20.39 -60.94 -0.99
CA GLN F 199 20.50 -59.52 -0.70
C GLN F 199 21.93 -59.02 -0.77
N GLY F 200 22.91 -59.84 -0.42
CA GLY F 200 24.28 -59.39 -0.23
C GLY F 200 25.22 -59.82 -1.33
N VAL F 201 26.26 -59.02 -1.53
CA VAL F 201 27.31 -59.29 -2.49
C VAL F 201 28.65 -59.17 -1.77
N VAL F 202 29.52 -60.17 -1.94
CA VAL F 202 30.79 -60.23 -1.25
C VAL F 202 31.91 -59.96 -2.25
N ILE F 203 32.72 -58.96 -1.97
CA ILE F 203 33.89 -58.59 -2.76
C ILE F 203 35.13 -58.98 -2.00
N ASP F 204 35.91 -59.86 -2.58
CA ASP F 204 37.14 -60.36 -1.97
C ASP F 204 38.32 -59.59 -2.54
N VAL F 205 39.04 -58.85 -1.68
CA VAL F 205 40.15 -58.00 -2.14
C VAL F 205 41.42 -58.44 -1.45
N LEU F 206 42.53 -58.04 -2.06
CA LEU F 206 43.86 -58.46 -1.66
C LEU F 206 44.77 -57.24 -1.51
N ILE F 207 45.40 -57.12 -0.35
CA ILE F 207 46.34 -56.05 -0.05
C ILE F 207 47.75 -56.62 -0.06
N GLU F 208 48.68 -55.85 -0.62
CA GLU F 208 50.04 -56.32 -0.78
C GLU F 208 50.70 -56.54 0.58
N ARG F 209 51.82 -57.26 0.55
CA ARG F 209 52.48 -57.63 1.79
C ARG F 209 53.09 -56.43 2.49
N ARG F 210 53.60 -55.49 1.72
CA ARG F 210 54.29 -54.35 2.30
C ARG F 210 53.35 -53.50 3.12
N PHE F 211 52.06 -53.55 2.86
CA PHE F 211 51.11 -52.71 3.55
C PHE F 211 50.15 -53.54 4.38
N THR F 212 50.58 -54.72 4.82
CA THR F 212 49.69 -55.53 5.63
C THR F 212 49.40 -54.88 6.97
N ASP F 213 50.36 -54.15 7.51
CA ASP F 213 50.13 -53.44 8.76
C ASP F 213 49.23 -52.23 8.61
N LEU F 214 48.94 -51.81 7.38
CA LEU F 214 48.08 -50.65 7.22
C LEU F 214 46.64 -50.95 7.62
N VAL F 215 46.17 -52.16 7.38
CA VAL F 215 44.79 -52.53 7.67
C VAL F 215 44.65 -52.81 9.15
N LYS F 216 43.68 -52.16 9.78
CA LYS F 216 43.39 -52.31 11.19
C LYS F 216 41.96 -52.80 11.36
N LYS F 217 41.59 -53.07 12.61
CA LYS F 217 40.22 -53.48 12.91
C LYS F 217 39.24 -52.35 12.66
N GLY F 218 39.61 -51.12 12.95
CA GLY F 218 38.74 -50.00 12.76
C GLY F 218 38.86 -49.33 11.41
N SER F 219 39.53 -49.96 10.46
CA SER F 219 39.67 -49.39 9.12
C SER F 219 38.32 -49.39 8.42
N ARG F 220 38.05 -48.30 7.71
CA ARG F 220 36.81 -48.11 6.98
C ARG F 220 37.09 -48.04 5.49
N PHE F 221 36.20 -48.66 4.71
CA PHE F 221 36.32 -48.78 3.26
C PHE F 221 35.14 -48.08 2.60
N TRP F 222 35.43 -47.31 1.56
CA TRP F 222 34.37 -46.67 0.79
C TRP F 222 34.75 -46.67 -0.68
N ASN F 223 33.78 -46.33 -1.52
CA ASN F 223 33.97 -46.24 -2.95
C ASN F 223 34.29 -44.82 -3.37
N VAL F 224 35.31 -44.66 -4.22
CA VAL F 224 35.78 -43.35 -4.66
C VAL F 224 35.47 -43.18 -6.14
N SER F 225 34.82 -42.06 -6.47
CA SER F 225 34.70 -41.61 -7.85
C SER F 225 35.28 -40.21 -7.95
N GLY F 226 36.21 -40.02 -8.89
CA GLY F 226 36.92 -38.76 -9.00
C GLY F 226 36.13 -37.66 -9.66
N VAL F 227 34.90 -37.42 -9.18
CA VAL F 227 34.04 -36.38 -9.71
C VAL F 227 33.43 -35.62 -8.54
N ASP F 228 33.60 -34.31 -8.54
CA ASP F 228 32.90 -33.41 -7.63
C ASP F 228 31.90 -32.59 -8.42
N ALA F 229 30.64 -32.66 -8.03
CA ALA F 229 29.54 -32.08 -8.81
C ALA F 229 28.72 -31.14 -7.94
N ASN F 230 29.40 -30.24 -7.23
CA ASN F 230 28.70 -29.35 -6.32
C ASN F 230 27.89 -28.31 -7.11
N VAL F 231 26.75 -27.92 -6.54
CA VAL F 231 25.86 -26.96 -7.17
C VAL F 231 25.80 -25.65 -6.37
N SER F 232 25.49 -25.75 -5.09
CA SER F 232 25.41 -24.62 -4.14
C SER F 232 24.43 -23.59 -4.71
N ILE F 233 24.70 -22.30 -4.55
CA ILE F 233 23.83 -21.26 -5.09
C ILE F 233 24.54 -20.40 -6.13
N SER F 234 25.87 -20.34 -6.13
CA SER F 234 26.57 -19.51 -7.10
C SER F 234 26.51 -20.13 -8.49
N GLY F 235 26.74 -21.43 -8.58
CA GLY F 235 26.71 -22.10 -9.86
C GLY F 235 27.37 -23.46 -9.78
N ALA F 236 27.20 -24.22 -10.86
CA ALA F 236 27.68 -25.60 -10.91
C ALA F 236 29.19 -25.65 -10.91
N LYS F 237 29.76 -26.17 -9.82
CA LYS F 237 31.20 -26.39 -9.70
C LYS F 237 31.47 -27.88 -9.91
N VAL F 238 32.11 -28.21 -11.03
CA VAL F 238 32.44 -29.57 -11.40
C VAL F 238 33.96 -29.69 -11.44
N LYS F 239 34.49 -30.63 -10.67
CA LYS F 239 35.92 -30.87 -10.60
C LYS F 239 36.21 -32.32 -10.92
N LEU F 240 37.21 -32.55 -11.75
CA LEU F 240 37.63 -33.87 -12.14
C LEU F 240 38.99 -34.15 -11.51
N GLU F 241 39.03 -35.08 -10.57
CA GLU F 241 40.25 -35.37 -9.85
C GLU F 241 41.03 -36.53 -10.47
N SER F 242 40.41 -37.71 -10.54
CA SER F 242 41.07 -38.92 -11.03
C SER F 242 40.25 -39.54 -12.14
N LEU F 243 40.85 -39.63 -13.33
CA LEU F 243 40.18 -40.23 -14.46
C LEU F 243 40.09 -41.74 -14.33
N ALA F 244 41.08 -42.35 -13.68
CA ALA F 244 41.07 -43.79 -13.52
C ALA F 244 39.92 -44.26 -12.66
N ALA F 245 39.45 -43.41 -11.76
CA ALA F 245 38.27 -43.75 -10.98
C ALA F 245 37.03 -43.87 -11.85
N LEU F 246 36.89 -42.99 -12.84
CA LEU F 246 35.75 -43.08 -13.74
C LEU F 246 35.90 -44.24 -14.70
N VAL F 247 37.10 -44.44 -15.21
CA VAL F 247 37.30 -45.50 -16.19
C VAL F 247 37.18 -46.86 -15.54
N ASN F 248 37.80 -47.04 -14.36
CA ASN F 248 37.86 -48.35 -13.73
C ASN F 248 36.99 -48.48 -12.49
N GLY F 249 37.12 -47.58 -11.54
CA GLY F 249 36.52 -47.72 -10.23
C GLY F 249 37.61 -47.93 -9.19
N ALA F 250 37.32 -47.51 -7.97
CA ALA F 250 38.32 -47.53 -6.93
C ALA F 250 37.70 -47.65 -5.56
N ILE F 251 38.33 -48.44 -4.69
CA ILE F 251 37.97 -48.49 -3.29
C ILE F 251 39.07 -47.81 -2.51
N ALA F 252 38.73 -46.77 -1.79
CA ALA F 252 39.68 -46.17 -0.87
C ALA F 252 39.39 -46.62 0.54
N PHE F 253 40.42 -46.64 1.37
CA PHE F 253 40.20 -47.00 2.76
C PHE F 253 41.05 -46.12 3.67
N ASP F 254 40.56 -45.98 4.90
CA ASP F 254 41.22 -45.20 5.93
C ASP F 254 41.51 -46.05 7.14
N SER F 255 42.69 -45.90 7.67
CA SER F 255 43.26 -46.57 8.81
C SER F 255 43.17 -45.67 10.04
N PRO F 256 42.60 -46.15 11.12
CA PRO F 256 42.54 -45.33 12.32
C PRO F 256 43.90 -45.25 12.98
N GLU F 257 43.99 -44.47 14.05
CA GLU F 257 45.27 -44.26 14.70
C GLU F 257 45.66 -45.43 15.60
N GLU F 258 44.84 -45.72 16.60
CA GLU F 258 45.12 -46.76 17.57
C GLU F 258 44.10 -47.89 17.42
N SER F 259 44.50 -48.97 16.76
CA SER F 259 43.66 -50.15 16.61
C SER F 259 44.56 -51.35 16.33
N LYS F 260 44.06 -52.52 16.68
CA LYS F 260 44.80 -53.74 16.41
C LYS F 260 44.78 -54.05 14.91
N PRO F 261 45.83 -54.68 14.39
CA PRO F 261 45.81 -55.07 12.99
C PRO F 261 44.78 -56.16 12.72
N ALA F 262 44.24 -56.13 11.51
CA ALA F 262 43.26 -57.09 11.03
C ALA F 262 43.92 -58.14 10.17
N GLU F 263 43.39 -59.36 10.23
CA GLU F 263 44.00 -60.47 9.51
C GLU F 263 42.99 -61.59 9.34
N ALA F 264 43.35 -62.54 8.47
CA ALA F 264 42.61 -63.80 8.31
C ALA F 264 41.16 -63.59 7.90
N GLU F 265 41.00 -63.01 6.72
CA GLU F 265 39.70 -62.87 6.09
C GLU F 265 38.71 -62.12 6.97
N ASP F 266 39.17 -61.06 7.60
CA ASP F 266 38.28 -60.26 8.42
C ASP F 266 37.30 -59.53 7.51
N THR F 267 36.04 -59.50 7.90
CA THR F 267 35.00 -58.91 7.07
C THR F 267 34.81 -57.43 7.40
N PHE F 268 34.35 -56.67 6.41
CA PHE F 268 34.12 -55.25 6.59
C PHE F 268 32.88 -54.85 5.80
N GLY F 269 32.40 -53.64 6.04
CA GLY F 269 31.27 -53.07 5.33
C GLY F 269 31.73 -52.00 4.36
N LEU F 270 31.19 -52.06 3.15
CA LEU F 270 31.56 -51.13 2.09
C LEU F 270 30.53 -50.01 2.04
N TYR F 271 30.94 -48.82 2.45
CA TYR F 271 30.07 -47.66 2.40
C TYR F 271 30.01 -47.12 0.98
N GLU F 272 28.90 -46.51 0.66
CA GLU F 272 28.70 -46.02 -0.70
C GLU F 272 29.41 -44.72 -0.99
N ASP F 273 29.85 -44.01 0.03
CA ASP F 273 30.45 -42.70 -0.21
C ASP F 273 31.35 -42.37 0.96
N LEU F 274 32.22 -41.40 0.74
CA LEU F 274 33.07 -40.91 1.82
C LEU F 274 32.24 -40.24 2.91
N ALA F 275 31.21 -39.51 2.52
CA ALA F 275 30.37 -38.85 3.50
C ALA F 275 29.63 -39.86 4.37
N HIS F 276 29.17 -40.95 3.77
CA HIS F 276 28.50 -41.98 4.56
C HIS F 276 29.44 -42.72 5.48
N SER F 277 30.73 -42.68 5.21
CA SER F 277 31.69 -43.36 6.06
C SER F 277 32.16 -42.52 7.23
N GLN F 278 31.72 -41.27 7.32
CA GLN F 278 32.14 -40.42 8.42
C GLN F 278 31.52 -40.91 9.71
N ARG F 279 32.33 -40.99 10.74
CA ARG F 279 31.87 -41.47 12.03
C ARG F 279 30.96 -40.44 12.68
N GLY F 280 29.93 -40.93 13.36
CA GLY F 280 28.98 -40.05 14.01
C GLY F 280 28.17 -40.85 15.02
N VAL F 281 27.30 -40.14 15.72
CA VAL F 281 26.46 -40.73 16.74
C VAL F 281 25.01 -40.62 16.29
N ILE F 282 24.26 -41.70 16.43
CA ILE F 282 22.87 -41.79 15.99
C ILE F 282 21.95 -41.28 17.08
N ILE F 283 21.06 -40.36 16.73
CA ILE F 283 20.07 -39.79 17.63
C ILE F 283 18.70 -40.01 17.01
N LYS F 284 17.79 -40.53 17.79
CA LYS F 284 16.42 -40.79 17.34
C LYS F 284 15.52 -39.61 17.70
N LEU F 285 14.71 -39.18 16.75
CA LEU F 285 13.85 -38.02 16.91
C LEU F 285 12.40 -38.41 16.65
N GLU F 286 11.51 -37.92 17.51
CA GLU F 286 10.08 -38.12 17.37
C GLU F 286 9.46 -36.84 16.81
N LEU F 287 9.46 -36.71 15.51
CA LEU F 287 9.03 -35.52 14.81
C LEU F 287 7.52 -35.38 14.78
N PRO F 288 7.01 -34.15 14.78
CA PRO F 288 5.56 -33.96 14.65
C PRO F 288 5.05 -34.23 13.24
N SER F 289 5.75 -33.76 12.22
CA SER F 289 5.37 -33.99 10.83
C SER F 289 6.60 -33.81 9.97
N GLY F 290 6.53 -34.31 8.75
CA GLY F 290 7.65 -34.19 7.84
C GLY F 290 7.34 -33.24 6.69
N ALA F 291 6.70 -32.13 7.01
CA ALA F 291 6.23 -31.23 5.96
C ALA F 291 7.37 -30.61 5.17
N GLY F 292 8.42 -30.15 5.84
CA GLY F 292 9.50 -29.51 5.12
C GLY F 292 10.85 -30.13 5.40
N LEU F 293 10.86 -31.41 5.75
CA LEU F 293 12.08 -32.11 6.12
C LEU F 293 12.48 -33.07 5.01
N THR F 294 13.76 -33.03 4.66
CA THR F 294 14.33 -33.85 3.61
C THR F 294 15.50 -34.64 4.17
N ALA F 295 15.55 -35.92 3.88
CA ALA F 295 16.63 -36.77 4.34
C ALA F 295 17.94 -36.36 3.66
N ASP F 296 19.00 -36.36 4.45
CA ASP F 296 20.35 -35.97 4.04
C ASP F 296 20.43 -34.55 3.52
N SER F 297 19.48 -33.70 3.91
CA SER F 297 19.50 -32.30 3.50
C SER F 297 19.16 -31.32 4.60
N THR F 298 18.61 -31.75 5.73
CA THR F 298 18.21 -30.83 6.79
C THR F 298 19.28 -30.81 7.88
N PRO F 299 19.91 -29.67 8.13
CA PRO F 299 21.01 -29.62 9.08
C PRO F 299 20.55 -29.37 10.52
N LEU F 300 21.50 -29.50 11.44
CA LEU F 300 21.32 -29.18 12.85
C LEU F 300 22.25 -28.04 13.18
N MET F 301 21.71 -26.84 13.34
CA MET F 301 22.51 -25.64 13.52
C MET F 301 22.66 -25.32 15.01
N TYR F 302 23.90 -25.22 15.46
CA TYR F 302 24.23 -24.75 16.80
C TYR F 302 25.21 -23.60 16.68
N GLN F 303 24.88 -22.46 17.30
CA GLN F 303 25.67 -21.24 17.22
C GLN F 303 25.91 -20.80 15.79
N GLY F 304 24.97 -21.09 14.90
CA GLY F 304 25.12 -20.75 13.51
C GLY F 304 25.95 -21.70 12.69
N LEU F 305 26.48 -22.76 13.28
CA LEU F 305 27.32 -23.71 12.59
C LEU F 305 26.61 -25.06 12.49
N GLU F 306 26.77 -25.72 11.36
CA GLU F 306 26.12 -27.00 11.14
C GLU F 306 26.90 -28.11 11.85
N VAL F 307 26.24 -28.82 12.75
CA VAL F 307 26.87 -29.91 13.48
C VAL F 307 26.18 -31.25 13.28
N GLY F 308 25.00 -31.29 12.66
CA GLY F 308 24.28 -32.54 12.45
C GLY F 308 23.65 -32.59 11.07
N GLN F 309 23.02 -33.72 10.79
CA GLN F 309 22.38 -33.93 9.50
C GLN F 309 21.29 -34.97 9.67
N LEU F 310 20.07 -34.62 9.29
CA LEU F 310 18.96 -35.55 9.34
C LEU F 310 19.14 -36.61 8.26
N THR F 311 19.29 -37.86 8.66
CA THR F 311 19.64 -38.91 7.71
C THR F 311 18.44 -39.77 7.33
N LYS F 312 17.66 -40.24 8.28
CA LYS F 312 16.56 -41.16 8.00
C LYS F 312 15.24 -40.57 8.43
N LEU F 313 14.18 -40.82 7.64
CA LEU F 313 12.86 -40.27 7.90
C LEU F 313 11.83 -41.34 7.54
N ASP F 314 11.03 -41.76 8.53
CA ASP F 314 10.10 -42.87 8.39
C ASP F 314 8.72 -42.51 8.91
N LEU F 315 7.73 -43.25 8.43
CA LEU F 315 6.33 -43.11 8.84
C LEU F 315 5.88 -44.41 9.49
N ASN F 316 6.03 -44.49 10.80
CA ASN F 316 5.54 -45.62 11.56
C ASN F 316 4.02 -45.62 11.60
N PRO F 317 3.41 -46.79 11.66
CA PRO F 317 1.95 -46.87 11.62
C PRO F 317 1.30 -46.17 12.80
N GLY F 318 0.09 -45.69 12.56
CA GLY F 318 -0.54 -44.72 13.43
C GLY F 318 -0.26 -43.29 13.06
N GLY F 319 0.34 -43.06 11.90
CA GLY F 319 0.72 -41.73 11.49
C GLY F 319 1.79 -41.10 12.34
N LYS F 320 2.82 -41.85 12.68
CA LYS F 320 3.87 -41.35 13.56
C LYS F 320 5.12 -41.12 12.73
N VAL F 321 5.48 -39.87 12.52
CA VAL F 321 6.67 -39.52 11.75
C VAL F 321 7.87 -39.56 12.69
N THR F 322 8.88 -40.34 12.35
CA THR F 322 10.09 -40.46 13.15
C THR F 322 11.31 -40.22 12.28
N GLY F 323 12.40 -39.82 12.93
CA GLY F 323 13.63 -39.50 12.23
C GLY F 323 14.85 -39.99 12.97
N GLU F 324 15.95 -40.00 12.24
CA GLU F 324 17.23 -40.45 12.75
C GLU F 324 18.32 -39.55 12.21
N MET F 325 19.13 -38.98 13.11
CA MET F 325 20.09 -37.93 12.79
C MET F 325 21.47 -38.32 13.26
N THR F 326 22.49 -38.00 12.46
CA THR F 326 23.88 -38.21 12.82
C THR F 326 24.50 -36.92 13.31
N VAL F 327 25.15 -36.98 14.47
CA VAL F 327 25.82 -35.82 15.04
C VAL F 327 27.30 -36.11 15.14
N ASP F 328 28.11 -35.08 14.90
CA ASP F 328 29.55 -35.21 14.97
C ASP F 328 29.99 -35.36 16.43
N PRO F 329 31.16 -35.97 16.66
CA PRO F 329 31.61 -36.21 18.03
C PRO F 329 31.92 -34.98 18.85
N SER F 330 31.94 -33.79 18.26
CA SER F 330 32.31 -32.60 19.03
C SER F 330 31.22 -32.20 20.01
N VAL F 331 29.95 -32.43 19.68
CA VAL F 331 28.84 -31.95 20.48
C VAL F 331 28.10 -33.09 21.15
N VAL F 332 28.74 -34.24 21.33
CA VAL F 332 28.10 -35.36 22.00
C VAL F 332 27.88 -35.04 23.47
N THR F 333 28.84 -34.37 24.09
CA THR F 333 28.73 -34.02 25.50
C THR F 333 27.63 -33.00 25.76
N LEU F 334 27.15 -32.31 24.72
CA LEU F 334 26.06 -31.36 24.86
C LEU F 334 24.70 -32.02 24.79
N LEU F 335 24.62 -33.29 24.45
CA LEU F 335 23.36 -34.02 24.36
C LEU F 335 23.10 -34.69 25.70
N ARG F 336 22.32 -34.03 26.56
CA ARG F 336 22.01 -34.54 27.89
C ARG F 336 20.53 -34.44 28.16
N GLU F 337 20.11 -34.67 29.40
CA GLU F 337 18.72 -34.42 29.75
C GLU F 337 18.40 -32.94 29.73
N ASN F 338 17.10 -32.67 29.63
CA ASN F 338 16.57 -31.33 29.39
C ASN F 338 17.37 -30.53 28.37
N THR F 339 17.79 -31.20 27.30
CA THR F 339 18.41 -30.57 26.15
C THR F 339 17.38 -30.61 25.03
N ARG F 340 17.08 -29.46 24.46
CA ARG F 340 15.94 -29.33 23.56
C ARG F 340 16.41 -29.25 22.12
N ILE F 341 15.65 -29.86 21.22
CA ILE F 341 15.88 -29.76 19.79
C ILE F 341 14.59 -29.28 19.16
N GLU F 342 14.65 -28.14 18.48
CA GLU F 342 13.43 -27.55 17.92
C GLU F 342 13.62 -27.27 16.44
N LEU F 343 12.54 -26.90 15.77
CA LEU F 343 12.57 -26.58 14.35
C LEU F 343 12.20 -25.12 14.13
N ARG F 344 12.95 -24.48 13.25
CA ARG F 344 12.78 -23.10 12.91
C ARG F 344 12.40 -22.97 11.44
N ASN F 345 11.36 -22.22 11.15
CA ASN F 345 10.95 -21.90 9.80
C ASN F 345 11.79 -20.74 9.26
N PRO F 346 12.04 -20.71 7.98
CA PRO F 346 12.78 -19.59 7.40
C PRO F 346 11.96 -18.30 7.38
N LYS F 347 12.30 -17.37 8.24
CA LYS F 347 11.58 -16.10 8.32
C LYS F 347 12.23 -15.07 7.41
N LEU F 348 11.39 -14.21 6.83
CA LEU F 348 11.84 -13.16 5.93
C LEU F 348 11.96 -11.85 6.69
N SER F 349 13.17 -11.28 6.69
CA SER F 349 13.45 -10.02 7.35
C SER F 349 13.75 -8.97 6.31
N LEU F 350 13.00 -7.87 6.34
CA LEU F 350 13.20 -6.80 5.39
C LEU F 350 14.48 -6.03 5.69
N SER F 351 14.81 -5.87 6.98
CA SER F 351 16.01 -5.14 7.35
C SER F 351 17.27 -5.93 7.05
N ASP F 352 17.27 -7.23 7.35
CA ASP F 352 18.43 -8.10 7.14
C ASP F 352 17.97 -9.27 6.28
N ALA F 353 18.02 -9.10 4.96
CA ALA F 353 17.60 -10.15 4.05
C ALA F 353 18.64 -11.26 3.98
N ASN F 354 18.18 -12.49 4.12
CA ASN F 354 19.04 -13.67 4.08
C ASN F 354 18.48 -14.63 3.05
N LEU F 355 19.01 -14.56 1.83
CA LEU F 355 18.53 -15.42 0.76
C LEU F 355 18.90 -16.87 1.02
N SER F 356 20.09 -17.11 1.57
CA SER F 356 20.50 -18.49 1.85
C SER F 356 19.59 -19.11 2.90
N ALA F 357 19.24 -18.36 3.94
CA ALA F 357 18.34 -18.89 4.95
C ALA F 357 16.97 -19.15 4.37
N LEU F 358 16.53 -18.32 3.43
CA LEU F 358 15.26 -18.58 2.76
C LEU F 358 15.33 -19.83 1.91
N LEU F 359 16.45 -20.06 1.24
CA LEU F 359 16.55 -21.22 0.38
C LEU F 359 16.74 -22.52 1.16
N THR F 360 17.31 -22.47 2.37
CA THR F 360 17.52 -23.70 3.12
C THR F 360 16.21 -24.32 3.58
N GLY F 361 15.32 -23.51 4.14
CA GLY F 361 14.05 -24.01 4.61
C GLY F 361 14.01 -24.30 6.11
N LYS F 362 13.40 -25.41 6.51
CA LYS F 362 13.35 -25.78 7.91
C LYS F 362 14.74 -26.07 8.45
N THR F 363 14.98 -25.66 9.70
CA THR F 363 16.28 -25.81 10.33
C THR F 363 16.15 -26.36 11.74
N PHE F 364 16.94 -27.37 12.07
CA PHE F 364 16.95 -27.92 13.42
C PHE F 364 17.90 -27.10 14.28
N GLU F 365 17.42 -26.62 15.42
CA GLU F 365 18.17 -25.80 16.36
C GLU F 365 18.33 -26.55 17.67
N LEU F 366 19.53 -26.50 18.24
CA LEU F 366 19.88 -27.22 19.45
C LEU F 366 20.07 -26.26 20.62
N VAL F 367 19.38 -26.51 21.71
CA VAL F 367 19.52 -25.76 22.95
C VAL F 367 20.04 -26.69 24.02
N PRO F 368 21.31 -26.59 24.40
CA PRO F 368 21.89 -27.54 25.34
C PRO F 368 21.34 -27.39 26.74
N GLY F 369 21.41 -28.49 27.49
CA GLY F 369 21.00 -28.55 28.88
C GLY F 369 22.00 -29.30 29.73
N ASP F 370 21.58 -29.72 30.92
CA ASP F 370 22.46 -30.45 31.84
C ASP F 370 21.75 -31.67 32.42
N GLY F 371 22.52 -32.71 32.69
CA GLY F 371 21.98 -33.91 33.29
C GLY F 371 22.62 -35.13 32.69
N GLU F 372 21.95 -36.27 32.87
CA GLU F 372 22.43 -37.53 32.32
C GLU F 372 22.35 -37.49 30.79
N PRO F 373 23.36 -38.01 30.10
CA PRO F 373 23.29 -38.05 28.64
C PRO F 373 22.16 -38.96 28.13
N ARG F 374 21.57 -38.55 27.01
CA ARG F 374 20.48 -39.29 26.39
C ARG F 374 20.66 -39.29 24.88
N LYS F 375 20.06 -40.28 24.23
CA LYS F 375 20.21 -40.46 22.80
C LYS F 375 18.91 -40.35 22.03
N GLU F 376 17.81 -39.98 22.67
CA GLU F 376 16.53 -39.82 22.00
C GLU F 376 15.85 -38.55 22.50
N PHE F 377 15.16 -37.87 21.60
CA PHE F 377 14.53 -36.59 21.92
C PHE F 377 13.17 -36.51 21.24
N VAL F 378 12.34 -35.60 21.75
CA VAL F 378 11.04 -35.29 21.17
C VAL F 378 11.09 -33.87 20.68
N VAL F 379 10.79 -33.68 19.40
CA VAL F 379 10.89 -32.38 18.76
C VAL F 379 9.54 -31.67 18.86
N VAL F 380 9.57 -30.43 19.33
CA VAL F 380 8.36 -29.61 19.48
C VAL F 380 8.37 -28.48 18.46
N PRO F 381 7.22 -28.02 18.01
CA PRO F 381 7.19 -26.90 17.06
C PRO F 381 7.63 -25.60 17.73
N GLY F 382 7.92 -24.61 16.87
CA GLY F 382 8.37 -23.31 17.37
C GLY F 382 7.31 -22.53 18.13
N GLU F 383 6.04 -22.83 17.88
CA GLU F 383 4.98 -22.18 18.64
C GLU F 383 4.99 -22.64 20.10
N LYS F 384 5.30 -23.89 20.35
CA LYS F 384 5.33 -24.45 21.68
C LYS F 384 6.72 -24.41 22.30
N ALA F 385 7.65 -23.71 21.67
CA ALA F 385 9.01 -23.67 22.18
C ALA F 385 9.08 -22.98 23.54
N LEU F 386 8.31 -21.92 23.72
CA LEU F 386 8.30 -21.24 25.00
C LEU F 386 7.64 -22.09 26.08
N LEU F 387 6.73 -22.96 25.69
CA LEU F 387 6.01 -23.75 26.67
C LEU F 387 6.91 -24.81 27.31
N HIS F 388 7.95 -25.25 26.62
CA HIS F 388 8.79 -26.34 27.10
C HIS F 388 10.10 -25.87 27.72
N GLU F 389 10.22 -24.59 28.03
CA GLU F 389 11.40 -24.11 28.72
C GLU F 389 11.43 -24.64 30.15
N PRO F 390 12.62 -24.79 30.74
CA PRO F 390 12.68 -25.31 32.11
C PRO F 390 11.94 -24.48 33.14
N ASP F 391 11.92 -23.16 33.01
CA ASP F 391 11.12 -22.31 33.87
C ASP F 391 10.24 -21.44 33.01
N VAL F 392 8.93 -21.50 33.25
CA VAL F 392 8.00 -20.70 32.49
C VAL F 392 6.72 -20.65 33.30
N LEU F 393 6.05 -19.51 33.27
CA LEU F 393 4.82 -19.33 34.03
C LEU F 393 3.62 -19.46 33.09
N THR F 394 2.89 -20.56 33.24
CA THR F 394 1.74 -20.83 32.40
C THR F 394 0.46 -20.39 33.12
N LEU F 395 -0.36 -19.61 32.44
CA LEU F 395 -1.56 -19.06 33.01
C LEU F 395 -2.74 -19.30 32.10
N THR F 396 -3.91 -19.53 32.70
CA THR F 396 -5.15 -19.68 31.96
C THR F 396 -6.10 -18.57 32.38
N LEU F 397 -6.60 -17.83 31.41
CA LEU F 397 -7.50 -16.73 31.68
C LEU F 397 -8.73 -16.81 30.80
N THR F 398 -9.88 -16.54 31.38
CA THR F 398 -11.17 -16.67 30.72
C THR F 398 -11.77 -15.31 30.37
N ALA F 399 -12.55 -15.29 29.31
CA ALA F 399 -13.22 -14.08 28.84
C ALA F 399 -14.47 -14.47 28.11
N PRO F 400 -15.53 -13.65 28.18
CA PRO F 400 -16.73 -13.98 27.43
C PRO F 400 -16.58 -13.81 25.93
N GLU F 401 -15.57 -13.11 25.46
CA GLU F 401 -15.36 -12.87 24.04
C GLU F 401 -13.89 -12.99 23.72
N SER F 402 -13.60 -13.31 22.46
CA SER F 402 -12.21 -13.41 22.07
C SER F 402 -11.53 -12.06 21.97
N TYR F 403 -12.30 -11.02 21.67
CA TYR F 403 -11.78 -9.66 21.51
C TYR F 403 -10.71 -9.59 20.42
N GLY F 404 -10.79 -10.49 19.46
CA GLY F 404 -9.82 -10.49 18.38
C GLY F 404 -8.40 -10.82 18.79
N ILE F 405 -8.22 -11.75 19.71
CA ILE F 405 -6.90 -12.15 20.18
C ILE F 405 -6.58 -13.52 19.63
N ASP F 406 -5.50 -13.61 18.89
CA ASP F 406 -5.11 -14.86 18.27
C ASP F 406 -4.14 -15.61 19.17
N ALA F 407 -3.51 -16.66 18.64
CA ALA F 407 -2.61 -17.47 19.41
C ALA F 407 -1.15 -17.09 19.20
N GLY F 408 -0.88 -15.91 18.69
CA GLY F 408 0.49 -15.48 18.53
C GLY F 408 0.73 -14.08 19.07
N GLN F 409 -0.27 -13.54 19.74
CA GLN F 409 -0.21 -12.21 20.29
C GLN F 409 0.74 -12.18 21.48
N PRO F 410 1.42 -11.06 21.70
CA PRO F 410 2.32 -10.94 22.85
C PRO F 410 1.64 -10.41 24.10
N LEU F 411 2.32 -10.60 25.22
CA LEU F 411 1.93 -10.02 26.50
C LEU F 411 2.89 -8.89 26.82
N ILE F 412 2.36 -7.74 27.19
CA ILE F 412 3.11 -6.50 27.32
C ILE F 412 3.02 -5.97 28.74
N LEU F 413 4.16 -5.71 29.36
CA LEU F 413 4.23 -5.08 30.66
C LEU F 413 5.12 -3.85 30.54
N HIS F 414 4.56 -2.70 30.88
CA HIS F 414 5.28 -1.43 30.84
C HIS F 414 5.86 -1.17 29.46
N GLY F 415 5.13 -1.56 28.44
CA GLY F 415 5.59 -1.36 27.08
C GLY F 415 6.62 -2.36 26.59
N VAL F 416 6.96 -3.37 27.37
CA VAL F 416 7.98 -4.34 27.01
C VAL F 416 7.32 -5.71 26.91
N GLN F 417 7.60 -6.44 25.85
CA GLN F 417 7.03 -7.77 25.69
C GLN F 417 7.68 -8.75 26.65
N VAL F 418 6.88 -9.33 27.52
CA VAL F 418 7.37 -10.27 28.52
C VAL F 418 6.78 -11.66 28.36
N GLY F 419 5.90 -11.88 27.39
CA GLY F 419 5.29 -13.17 27.24
C GLY F 419 4.66 -13.32 25.87
N GLN F 420 3.87 -14.37 25.72
CA GLN F 420 3.25 -14.67 24.44
C GLN F 420 2.04 -15.56 24.68
N VAL F 421 0.94 -15.28 23.96
CA VAL F 421 -0.22 -16.13 24.05
C VAL F 421 0.05 -17.45 23.37
N ILE F 422 -0.18 -18.55 24.07
CA ILE F 422 0.11 -19.87 23.52
C ILE F 422 -1.06 -20.40 22.70
N ASP F 423 -2.26 -20.45 23.27
CA ASP F 423 -3.38 -20.98 22.51
C ASP F 423 -4.69 -20.42 23.02
N ARG F 424 -5.73 -20.58 22.20
CA ARG F 424 -7.07 -20.10 22.47
C ARG F 424 -8.07 -21.22 22.22
N LYS F 425 -9.01 -21.39 23.13
CA LYS F 425 -10.02 -22.43 23.02
C LYS F 425 -11.39 -21.84 23.26
N LEU F 426 -12.38 -22.29 22.49
CA LEU F 426 -13.76 -21.85 22.60
C LEU F 426 -14.59 -22.91 23.28
N THR F 427 -15.27 -22.54 24.34
CA THR F 427 -16.12 -23.42 25.10
C THR F 427 -17.53 -22.86 25.14
N SER F 428 -18.42 -23.59 25.81
CA SER F 428 -19.78 -23.13 25.96
C SER F 428 -19.85 -21.88 26.83
N LYS F 429 -19.08 -21.84 27.91
CA LYS F 429 -19.10 -20.67 28.77
C LYS F 429 -18.49 -19.46 28.08
N GLY F 430 -17.38 -19.64 27.38
CA GLY F 430 -16.73 -18.53 26.72
C GLY F 430 -15.44 -18.92 26.05
N VAL F 431 -14.42 -18.06 26.15
CA VAL F 431 -13.14 -18.27 25.50
C VAL F 431 -12.05 -18.31 26.55
N THR F 432 -11.22 -19.35 26.50
CA THR F 432 -10.12 -19.52 27.44
C THR F 432 -8.79 -19.41 26.70
N PHE F 433 -7.93 -18.52 27.17
CA PHE F 433 -6.60 -18.33 26.62
C PHE F 433 -5.57 -18.92 27.57
N THR F 434 -4.66 -19.70 27.03
CA THR F 434 -3.50 -20.18 27.75
C THR F 434 -2.28 -19.42 27.26
N VAL F 435 -1.59 -18.76 28.20
CA VAL F 435 -0.48 -17.87 27.89
C VAL F 435 0.72 -18.25 28.74
N ALA F 436 1.89 -17.79 28.31
CA ALA F 436 3.14 -18.11 28.96
C ALA F 436 3.92 -16.83 29.26
N ILE F 437 4.66 -16.86 30.37
CA ILE F 437 5.49 -15.76 30.82
C ILE F 437 6.91 -16.27 30.97
N GLU F 438 7.87 -15.54 30.40
CA GLU F 438 9.26 -15.96 30.41
C GLU F 438 9.81 -15.95 31.83
N PRO F 439 10.78 -16.83 32.12
CA PRO F 439 11.34 -16.86 33.48
C PRO F 439 12.12 -15.63 33.85
N GLN F 440 12.60 -14.86 32.89
CA GLN F 440 13.37 -13.66 33.21
C GLN F 440 12.52 -12.66 33.96
N HIS F 441 11.27 -12.51 33.55
CA HIS F 441 10.35 -11.59 34.16
C HIS F 441 9.36 -12.31 35.04
N ARG F 442 9.68 -13.54 35.41
CA ARG F 442 8.78 -14.31 36.25
C ARG F 442 8.59 -13.65 37.59
N GLU F 443 9.64 -13.03 38.11
CA GLU F 443 9.56 -12.38 39.41
C GLU F 443 8.81 -11.07 39.37
N LEU F 444 8.56 -10.52 38.18
CA LEU F 444 7.86 -9.25 38.11
C LEU F 444 6.35 -9.42 37.91
N VAL F 445 5.87 -10.67 37.87
CA VAL F 445 4.45 -10.91 37.60
C VAL F 445 3.61 -10.46 38.77
N LYS F 446 4.00 -10.83 39.99
CA LYS F 446 3.32 -10.35 41.19
C LYS F 446 1.83 -10.71 41.19
N GLY F 447 1.59 -11.99 41.38
CA GLY F 447 0.36 -12.67 41.05
C GLY F 447 -0.95 -11.92 41.26
N ASP F 448 -1.07 -11.09 42.28
CA ASP F 448 -2.24 -10.22 42.40
C ASP F 448 -2.17 -9.10 41.38
N SER F 449 -2.44 -9.44 40.12
CA SER F 449 -2.28 -8.53 38.99
C SER F 449 -3.51 -8.59 38.11
N LYS F 450 -3.54 -7.76 37.08
CA LYS F 450 -4.69 -7.65 36.19
C LYS F 450 -4.26 -7.83 34.75
N PHE F 451 -5.19 -8.28 33.90
CA PHE F 451 -4.96 -8.43 32.48
C PHE F 451 -6.01 -7.65 31.71
N VAL F 452 -5.56 -6.87 30.75
CA VAL F 452 -6.38 -5.92 30.01
C VAL F 452 -6.25 -6.19 28.52
N VAL F 453 -7.37 -6.11 27.81
CA VAL F 453 -7.36 -6.28 26.37
C VAL F 453 -6.69 -5.09 25.69
N ASN F 454 -5.79 -5.38 24.75
CA ASN F 454 -5.14 -4.34 23.95
C ASN F 454 -5.32 -4.56 22.46
N SER F 455 -6.26 -5.40 22.06
CA SER F 455 -6.46 -5.69 20.64
C SER F 455 -7.47 -4.75 19.98
N ARG F 456 -8.15 -3.91 20.75
CA ARG F 456 -9.13 -3.00 20.21
C ARG F 456 -8.82 -1.59 20.65
N VAL F 457 -9.05 -0.65 19.75
CA VAL F 457 -8.82 0.77 20.01
C VAL F 457 -10.15 1.43 20.31
N ASP F 458 -10.12 2.41 21.21
CA ASP F 458 -11.31 3.15 21.60
C ASP F 458 -11.00 4.64 21.49
N VAL F 459 -11.88 5.36 20.80
CA VAL F 459 -11.75 6.80 20.64
C VAL F 459 -12.99 7.45 21.20
N LYS F 460 -12.81 8.34 22.19
CA LYS F 460 -13.90 9.09 22.77
C LYS F 460 -13.71 10.57 22.48
N VAL F 461 -14.74 11.18 21.90
CA VAL F 461 -14.68 12.58 21.52
C VAL F 461 -15.63 13.37 22.42
N GLY F 462 -15.36 14.67 22.50
CA GLY F 462 -16.17 15.54 23.33
C GLY F 462 -15.72 16.96 23.18
N LEU F 463 -16.44 17.86 23.85
CA LEU F 463 -16.08 19.27 23.81
C LEU F 463 -14.73 19.52 24.47
N ASP F 464 -14.46 18.86 25.58
CA ASP F 464 -13.20 19.00 26.30
C ASP F 464 -12.45 17.69 26.45
N GLY F 465 -13.15 16.58 26.68
CA GLY F 465 -12.48 15.32 26.88
C GLY F 465 -12.47 14.43 25.66
N VAL F 466 -11.33 14.40 24.98
CA VAL F 466 -11.08 13.52 23.84
C VAL F 466 -9.92 12.62 24.21
N GLU F 467 -10.14 11.31 24.17
CA GLU F 467 -9.13 10.36 24.58
C GLU F 467 -9.05 9.22 23.58
N PHE F 468 -7.87 8.61 23.52
CA PHE F 468 -7.56 7.50 22.63
C PHE F 468 -7.04 6.38 23.51
N LEU F 469 -7.96 5.56 24.02
CA LEU F 469 -7.64 4.49 24.96
C LEU F 469 -7.70 3.15 24.27
N GLY F 470 -7.47 2.09 25.04
CA GLY F 470 -7.47 0.76 24.50
C GLY F 470 -6.11 0.33 24.01
N ALA F 471 -5.64 0.95 22.93
CA ALA F 471 -4.36 0.60 22.36
C ALA F 471 -3.88 1.78 21.51
N SER F 472 -2.58 2.02 21.53
CA SER F 472 -1.95 2.97 20.62
C SER F 472 -1.74 2.31 19.27
N ALA F 473 -1.14 3.03 18.32
CA ALA F 473 -0.93 2.48 16.98
C ALA F 473 0.02 1.29 17.01
N SER F 474 1.13 1.41 17.72
CA SER F 474 2.03 0.29 17.92
C SER F 474 1.35 -0.82 18.72
N GLU F 475 0.56 -0.44 19.71
CA GLU F 475 -0.20 -1.43 20.46
C GLU F 475 -1.28 -2.08 19.60
N TRP F 476 -1.89 -1.33 18.68
CA TRP F 476 -2.91 -1.91 17.83
C TRP F 476 -2.32 -2.89 16.84
N ILE F 477 -1.18 -2.55 16.24
CA ILE F 477 -0.57 -3.50 15.31
C ILE F 477 0.02 -4.68 16.06
N ASN F 478 0.48 -4.49 17.30
CA ASN F 478 0.95 -5.62 18.10
C ASN F 478 -0.21 -6.42 18.67
N GLY F 479 -1.26 -5.75 19.13
CA GLY F 479 -2.35 -6.44 19.80
C GLY F 479 -1.89 -6.95 21.16
N GLY F 480 -2.53 -8.01 21.63
CA GLY F 480 -2.09 -8.70 22.81
C GLY F 480 -2.79 -8.27 24.08
N ILE F 481 -2.18 -8.64 25.19
CA ILE F 481 -2.73 -8.43 26.53
C ILE F 481 -1.77 -7.58 27.34
N ARG F 482 -2.29 -6.53 27.95
CA ARG F 482 -1.53 -5.67 28.85
C ARG F 482 -1.62 -6.19 30.27
N ILE F 483 -0.52 -6.07 31.02
CA ILE F 483 -0.44 -6.57 32.39
C ILE F 483 -0.35 -5.41 33.35
N LEU F 484 -1.25 -5.38 34.33
CA LEU F 484 -1.19 -4.39 35.39
C LEU F 484 -0.59 -5.06 36.61
N PRO F 485 0.64 -4.74 36.99
CA PRO F 485 1.31 -5.48 38.05
C PRO F 485 0.77 -5.13 39.42
N GLY F 486 1.05 -6.03 40.36
CA GLY F 486 0.63 -5.84 41.73
C GLY F 486 1.77 -5.71 42.71
N ASP F 487 1.46 -5.67 44.00
CA ASP F 487 2.44 -5.54 45.05
C ASP F 487 2.79 -6.88 45.70
N LYS F 488 1.80 -7.74 45.93
CA LYS F 488 2.04 -9.02 46.54
C LYS F 488 0.88 -9.93 46.19
N GLY F 489 1.21 -11.17 45.85
CA GLY F 489 0.20 -12.12 45.44
C GLY F 489 0.64 -13.55 45.65
N GLU F 490 -0.25 -14.47 45.28
CA GLU F 490 -0.04 -15.89 45.48
C GLU F 490 -0.11 -16.70 44.19
N MET F 491 -0.24 -16.06 43.03
CA MET F 491 -0.21 -16.76 41.74
C MET F 491 -1.29 -17.84 41.66
N LYS F 492 -2.53 -17.36 41.50
CA LYS F 492 -3.69 -18.23 41.39
C LYS F 492 -3.69 -18.97 40.06
N ALA F 493 -4.60 -19.93 39.95
CA ALA F 493 -4.67 -20.80 38.78
C ALA F 493 -5.32 -20.10 37.58
N SER F 494 -6.44 -19.42 37.78
CA SER F 494 -7.17 -18.81 36.68
C SER F 494 -7.42 -17.34 36.96
N TYR F 495 -7.42 -16.54 35.90
CA TYR F 495 -7.71 -15.12 36.01
C TYR F 495 -8.82 -14.70 35.05
N PRO F 496 -9.42 -13.57 35.27
CA PRO F 496 -10.38 -13.04 34.30
C PRO F 496 -9.76 -12.03 33.37
N LEU F 497 -10.31 -11.79 32.20
CA LEU F 497 -9.79 -10.79 31.27
C LEU F 497 -10.76 -9.62 31.18
N TYR F 498 -10.27 -8.42 31.42
CA TYR F 498 -11.10 -7.23 31.45
C TYR F 498 -11.08 -6.51 30.11
N ALA F 499 -12.21 -5.90 29.78
CA ALA F 499 -12.35 -5.27 28.48
C ALA F 499 -11.48 -4.03 28.35
N ASN F 500 -11.43 -3.20 29.38
CA ASN F 500 -10.64 -1.99 29.32
C ASN F 500 -10.12 -1.67 30.70
N LEU F 501 -9.37 -0.57 30.79
CA LEU F 501 -8.73 -0.20 32.05
C LEU F 501 -9.74 0.13 33.13
N GLU F 502 -10.78 0.88 32.80
CA GLU F 502 -11.76 1.31 33.80
C GLU F 502 -12.42 0.12 34.49
N LYS F 503 -12.84 -0.86 33.70
CA LYS F 503 -13.46 -2.05 34.28
C LYS F 503 -12.49 -2.78 35.19
N ALA F 504 -11.23 -2.85 34.80
CA ALA F 504 -10.22 -3.49 35.63
C ALA F 504 -10.06 -2.76 36.95
N LEU F 505 -9.99 -1.44 36.92
CA LEU F 505 -9.88 -0.70 38.17
C LEU F 505 -11.11 -0.87 39.04
N GLU F 506 -12.29 -0.83 38.45
CA GLU F 506 -13.52 -1.02 39.19
C GLU F 506 -13.78 -2.46 39.55
N ASN F 507 -12.96 -3.39 39.05
CA ASN F 507 -13.15 -4.82 39.28
C ASN F 507 -14.53 -5.30 38.85
N SER F 508 -15.03 -4.72 37.76
CA SER F 508 -16.33 -5.07 37.21
C SER F 508 -16.12 -5.89 35.95
N LEU F 509 -16.61 -7.13 35.96
CA LEU F 509 -16.49 -8.02 34.81
C LEU F 509 -17.78 -8.12 34.01
N SER F 510 -18.73 -7.22 34.24
CA SER F 510 -19.99 -7.22 33.50
C SER F 510 -20.26 -5.84 32.94
N ASP F 511 -20.96 -5.81 31.81
CA ASP F 511 -21.23 -4.53 31.14
C ASP F 511 -22.13 -3.65 31.97
N LEU F 512 -23.23 -4.19 32.46
CA LEU F 512 -24.14 -3.41 33.29
C LEU F 512 -23.72 -3.52 34.75
N PRO F 513 -23.62 -2.43 35.48
CA PRO F 513 -23.29 -2.51 36.89
C PRO F 513 -24.48 -3.03 37.69
N THR F 514 -24.14 -3.61 38.84
CA THR F 514 -25.16 -4.20 39.69
C THR F 514 -26.06 -3.13 40.29
N THR F 515 -27.34 -3.43 40.42
CA THR F 515 -28.29 -2.50 41.00
C THR F 515 -28.02 -2.34 42.49
N THR F 516 -28.22 -1.13 43.00
CA THR F 516 -28.03 -0.88 44.42
C THR F 516 -29.24 -0.20 45.07
N VAL F 517 -29.84 0.77 44.39
CA VAL F 517 -30.96 1.55 44.91
C VAL F 517 -32.10 1.48 43.92
N SER F 518 -33.31 1.27 44.41
CA SER F 518 -34.51 1.29 43.57
C SER F 518 -35.44 2.37 44.08
N LEU F 519 -35.91 3.23 43.18
CA LEU F 519 -36.81 4.32 43.52
C LEU F 519 -38.03 4.27 42.63
N SER F 520 -39.15 4.75 43.16
CA SER F 520 -40.41 4.82 42.42
C SER F 520 -40.85 6.27 42.34
N ALA F 521 -41.20 6.72 41.15
CA ALA F 521 -41.62 8.09 40.91
C ALA F 521 -42.88 8.10 40.06
N GLU F 522 -43.73 9.08 40.31
CA GLU F 522 -44.95 9.22 39.52
C GLU F 522 -44.67 9.71 38.10
N THR F 523 -43.85 10.73 37.98
CA THR F 523 -43.42 11.26 36.68
C THR F 523 -41.92 11.12 36.55
N LEU F 524 -41.37 11.67 35.47
CA LEU F 524 -39.95 11.54 35.16
C LEU F 524 -39.37 12.91 34.89
N PRO F 525 -39.11 13.68 35.93
CA PRO F 525 -38.69 15.05 35.73
C PRO F 525 -37.23 15.20 35.31
N ASP F 526 -37.01 15.45 34.02
CA ASP F 526 -35.70 15.81 33.48
C ASP F 526 -34.60 14.82 33.84
N VAL F 527 -34.93 13.54 33.86
CA VAL F 527 -33.98 12.49 34.20
C VAL F 527 -34.09 11.35 33.19
N GLN F 528 -32.96 10.76 32.85
CA GLN F 528 -32.95 9.63 31.92
C GLN F 528 -31.80 8.72 32.30
N ALA F 529 -31.53 7.74 31.46
CA ALA F 529 -30.42 6.83 31.69
C ALA F 529 -29.09 7.55 31.53
N GLY F 530 -28.16 7.22 32.41
CA GLY F 530 -26.86 7.85 32.39
C GLY F 530 -26.75 9.15 33.16
N SER F 531 -27.82 9.58 33.80
CA SER F 531 -27.77 10.79 34.59
C SER F 531 -26.99 10.54 35.87
N VAL F 532 -26.45 11.61 36.42
CA VAL F 532 -25.56 11.53 37.56
C VAL F 532 -26.37 11.49 38.84
N VAL F 533 -25.76 10.94 39.89
CA VAL F 533 -26.32 10.91 41.24
C VAL F 533 -25.41 11.75 42.11
N LEU F 534 -25.97 12.78 42.76
CA LEU F 534 -25.16 13.78 43.46
C LEU F 534 -25.41 13.76 44.95
N TYR F 535 -24.35 13.69 45.74
CA TYR F 535 -24.42 13.91 47.18
C TYR F 535 -23.81 15.26 47.49
N ARG F 536 -24.68 16.23 47.79
CA ARG F 536 -24.28 17.62 48.00
C ARG F 536 -23.46 18.14 46.83
N LYS F 537 -23.98 17.88 45.64
CA LYS F 537 -23.39 18.29 44.36
C LYS F 537 -22.01 17.68 44.18
N PHE F 538 -21.87 16.41 44.55
CA PHE F 538 -20.64 15.66 44.31
C PHE F 538 -20.99 14.37 43.59
N GLU F 539 -20.26 14.08 42.50
CA GLU F 539 -20.59 12.96 41.63
C GLU F 539 -20.34 11.64 42.36
N VAL F 540 -21.40 10.91 42.69
CA VAL F 540 -21.33 9.61 43.35
C VAL F 540 -22.25 8.67 42.58
N GLY F 541 -21.70 7.88 41.70
CA GLY F 541 -22.49 6.89 40.99
C GLY F 541 -23.30 7.47 39.85
N GLU F 542 -24.13 6.63 39.26
CA GLU F 542 -24.92 7.01 38.09
C GLU F 542 -26.19 6.19 38.03
N VAL F 543 -27.20 6.75 37.36
CA VAL F 543 -28.48 6.08 37.21
C VAL F 543 -28.37 4.96 36.18
N ILE F 544 -29.07 3.86 36.41
CA ILE F 544 -28.97 2.69 35.56
C ILE F 544 -30.12 2.61 34.56
N THR F 545 -31.36 2.87 34.97
CA THR F 545 -32.44 2.68 34.00
C THR F 545 -33.76 3.19 34.54
N VAL F 546 -34.71 3.40 33.63
CA VAL F 546 -36.06 3.81 33.94
C VAL F 546 -37.04 2.91 33.19
N ARG F 547 -38.02 2.36 33.91
CA ARG F 547 -39.06 1.53 33.31
C ARG F 547 -40.42 2.15 33.54
N PRO F 548 -41.18 2.48 32.51
CA PRO F 548 -42.49 3.07 32.72
C PRO F 548 -43.54 2.03 33.07
N ARG F 549 -44.51 2.48 33.88
CA ARG F 549 -45.71 1.73 34.21
C ARG F 549 -46.90 2.65 33.98
N ALA F 550 -48.09 2.06 33.94
CA ALA F 550 -49.27 2.75 33.45
C ALA F 550 -49.59 3.99 34.26
N ASN F 551 -49.08 4.11 35.47
CA ASN F 551 -49.25 5.32 36.25
C ASN F 551 -47.95 5.91 36.78
N ALA F 552 -46.79 5.29 36.53
CA ALA F 552 -45.59 5.73 37.24
C ALA F 552 -44.35 5.35 36.44
N PHE F 553 -43.19 5.46 37.09
CA PHE F 553 -41.89 5.14 36.52
C PHE F 553 -41.03 4.56 37.63
N ASP F 554 -40.50 3.36 37.40
CA ASP F 554 -39.60 2.73 38.35
C ASP F 554 -38.17 2.96 37.89
N ILE F 555 -37.36 3.63 38.70
CA ILE F 555 -36.00 4.01 38.35
C ILE F 555 -35.00 3.23 39.18
N ASP F 556 -34.06 2.58 38.52
CA ASP F 556 -32.99 1.86 39.19
C ASP F 556 -31.70 2.66 39.08
N LEU F 557 -31.03 2.82 40.22
CA LEU F 557 -29.81 3.59 40.37
C LEU F 557 -28.75 2.76 41.05
N HIS F 558 -27.50 3.06 40.75
CA HIS F 558 -26.36 2.34 41.28
C HIS F 558 -25.40 3.30 41.94
N ILE F 559 -24.84 2.87 43.07
CA ILE F 559 -23.77 3.60 43.72
C ILE F 559 -22.61 2.65 43.94
N LYS F 560 -21.44 3.25 44.05
CA LYS F 560 -20.22 2.51 44.28
C LYS F 560 -20.23 1.88 45.67
N PRO F 561 -19.68 0.68 45.81
CA PRO F 561 -19.69 0.01 47.11
C PRO F 561 -18.94 0.80 48.16
N GLU F 562 -17.85 1.46 47.77
CA GLU F 562 -17.08 2.24 48.73
C GLU F 562 -17.88 3.40 49.29
N TYR F 563 -18.89 3.86 48.57
CA TYR F 563 -19.79 4.91 49.05
C TYR F 563 -21.13 4.36 49.49
N ARG F 564 -21.28 3.03 49.54
CA ARG F 564 -22.55 2.41 49.91
C ARG F 564 -22.95 2.70 51.35
N ASN F 565 -22.02 3.20 52.17
CA ASN F 565 -22.33 3.60 53.52
C ASN F 565 -22.90 5.01 53.60
N LEU F 566 -23.00 5.72 52.47
CA LEU F 566 -23.44 7.10 52.46
C LEU F 566 -24.94 7.27 52.61
N LEU F 567 -25.73 6.20 52.52
CA LEU F 567 -27.17 6.34 52.66
C LEU F 567 -27.63 5.61 53.91
N THR F 568 -28.77 6.06 54.44
CA THR F 568 -29.37 5.46 55.61
C THR F 568 -30.88 5.38 55.39
N SER F 569 -31.60 5.10 56.47
CA SER F 569 -33.06 5.00 56.40
C SER F 569 -33.67 6.32 55.99
N ASN F 570 -33.12 7.44 56.46
CA ASN F 570 -33.63 8.76 56.12
C ASN F 570 -32.78 9.31 54.99
N SER F 571 -33.35 9.34 53.79
CA SER F 571 -32.64 9.87 52.64
C SER F 571 -33.64 10.40 51.63
N VAL F 572 -33.45 11.64 51.20
CA VAL F 572 -34.36 12.26 50.26
C VAL F 572 -33.68 12.31 48.90
N PHE F 573 -34.50 12.28 47.85
CA PHE F 573 -34.03 12.28 46.47
C PHE F 573 -34.82 13.29 45.66
N TRP F 574 -34.14 14.15 44.91
CA TRP F 574 -34.87 15.12 44.10
C TRP F 574 -34.08 15.34 42.83
N ALA F 575 -34.76 15.83 41.81
CA ALA F 575 -34.13 16.09 40.52
C ALA F 575 -33.71 17.55 40.47
N GLU F 576 -32.44 17.78 40.20
CA GLU F 576 -31.96 19.14 40.01
C GLU F 576 -32.47 19.70 38.69
N GLY F 577 -32.66 21.02 38.67
CA GLY F 577 -33.11 21.69 37.47
C GLY F 577 -31.94 22.20 36.66
N GLY F 578 -32.24 23.12 35.75
CA GLY F 578 -31.20 23.64 34.88
C GLY F 578 -30.77 25.03 35.28
N ALA F 579 -31.27 26.03 34.56
CA ALA F 579 -30.88 27.40 34.81
C ALA F 579 -31.47 27.90 36.12
N LYS F 580 -30.75 28.82 36.77
CA LYS F 580 -31.23 29.49 37.96
C LYS F 580 -31.34 30.98 37.67
N VAL F 581 -32.50 31.56 37.95
CA VAL F 581 -32.79 32.95 37.63
C VAL F 581 -32.89 33.74 38.92
N GLN F 582 -32.18 34.85 38.99
CA GLN F 582 -32.19 35.72 40.16
C GLN F 582 -32.47 37.15 39.71
N LEU F 583 -33.46 37.78 40.31
CA LEU F 583 -33.79 39.17 40.06
C LEU F 583 -33.39 39.97 41.30
N ASN F 584 -32.46 40.90 41.12
CA ASN F 584 -31.96 41.67 42.25
C ASN F 584 -31.51 43.02 41.72
N GLY F 585 -30.73 43.73 42.53
CA GLY F 585 -30.29 45.07 42.17
C GLY F 585 -29.38 45.11 40.97
N SER F 586 -28.74 44.00 40.64
CA SER F 586 -27.92 43.91 39.46
C SER F 586 -28.73 43.54 38.22
N GLY F 587 -30.04 43.32 38.36
CA GLY F 587 -30.90 42.99 37.25
C GLY F 587 -31.34 41.55 37.24
N LEU F 588 -31.46 40.96 36.04
CA LEU F 588 -31.80 39.55 35.88
C LEU F 588 -30.53 38.78 35.54
N THR F 589 -30.14 37.87 36.42
CA THR F 589 -28.98 37.02 36.22
C THR F 589 -29.43 35.58 36.04
N VAL F 590 -28.97 34.94 34.96
CA VAL F 590 -29.31 33.54 34.69
C VAL F 590 -28.02 32.74 34.69
N GLN F 591 -27.92 31.75 35.58
CA GLN F 591 -26.78 30.84 35.64
C GLN F 591 -27.18 29.50 35.03
N ALA F 592 -26.49 29.10 33.98
CA ALA F 592 -26.86 27.93 33.21
C ALA F 592 -26.28 26.62 33.75
N SER F 593 -25.44 26.67 34.78
CA SER F 593 -24.77 25.54 35.43
C SER F 593 -23.80 24.88 34.44
N PRO F 594 -22.91 24.02 34.91
CA PRO F 594 -22.08 23.25 33.99
C PRO F 594 -22.93 22.38 33.07
N LEU F 595 -22.52 22.34 31.81
CA LEU F 595 -23.36 21.72 30.79
C LEU F 595 -23.29 20.21 30.79
N SER F 596 -22.28 19.63 31.43
CA SER F 596 -22.18 18.17 31.45
C SER F 596 -23.32 17.58 32.27
N ARG F 597 -23.41 17.96 33.52
CA ARG F 597 -24.47 17.48 34.38
C ARG F 597 -25.83 18.00 33.94
N ALA F 598 -25.87 19.17 33.32
CA ALA F 598 -27.13 19.68 32.81
C ALA F 598 -27.66 18.83 31.67
N LEU F 599 -26.79 18.44 30.74
CA LEU F 599 -27.22 17.60 29.64
C LEU F 599 -27.54 16.19 30.10
N LYS F 600 -26.73 15.62 30.98
CA LYS F 600 -27.00 14.28 31.47
C LYS F 600 -28.18 14.22 32.41
N GLY F 601 -28.36 15.24 33.23
CA GLY F 601 -29.36 15.22 34.27
C GLY F 601 -28.73 14.77 35.58
N ALA F 602 -29.37 15.14 36.68
CA ALA F 602 -28.79 14.87 37.99
C ALA F 602 -29.85 14.64 39.04
N ILE F 603 -29.79 13.49 39.70
CA ILE F 603 -30.65 13.16 40.82
C ILE F 603 -29.93 13.41 42.13
N SER F 604 -29.95 14.67 42.54
CA SER F 604 -29.29 15.00 43.79
C SER F 604 -30.02 14.28 44.94
N PHE F 605 -29.26 13.62 45.79
CA PHE F 605 -29.78 12.90 46.94
C PHE F 605 -29.08 13.46 48.16
N ASP F 606 -29.82 13.62 49.25
CA ASP F 606 -29.21 14.14 50.48
C ASP F 606 -29.83 13.42 51.66
N ASN F 607 -29.23 13.59 52.83
CA ASN F 607 -29.72 12.96 54.04
C ASN F 607 -30.51 13.99 54.83
N LEU F 608 -31.58 13.52 55.49
CA LEU F 608 -32.42 14.39 56.27
C LEU F 608 -32.58 13.82 57.67
N SER F 609 -33.51 14.36 58.45
CA SER F 609 -33.73 13.93 59.82
C SER F 609 -35.05 13.18 60.02
N GLY F 610 -36.17 13.75 59.58
CA GLY F 610 -37.48 13.16 59.74
C GLY F 610 -38.02 12.41 58.52
N ALA F 611 -37.14 11.99 57.61
CA ALA F 611 -37.58 11.34 56.39
C ALA F 611 -38.24 9.99 56.62
N SER F 612 -37.94 9.30 57.72
CA SER F 612 -38.57 8.01 57.96
C SER F 612 -40.03 8.13 58.35
N ALA F 613 -40.45 9.26 58.87
CA ALA F 613 -41.86 9.44 59.23
C ALA F 613 -42.70 9.70 57.99
N LYS F 620 -41.67 2.10 49.11
CA LYS F 620 -40.27 2.50 49.12
C LYS F 620 -40.11 4.01 49.15
N ARG F 621 -38.89 4.48 48.93
CA ARG F 621 -38.64 5.92 48.86
C ARG F 621 -39.22 6.50 47.59
N ILE F 622 -39.75 7.71 47.70
CA ILE F 622 -40.41 8.40 46.60
C ILE F 622 -39.45 9.42 46.03
N LEU F 623 -39.26 9.39 44.73
CA LEU F 623 -38.51 10.42 44.01
C LEU F 623 -39.38 11.65 43.84
N TYR F 624 -38.95 12.78 44.39
CA TYR F 624 -39.77 13.98 44.33
C TYR F 624 -39.37 14.80 43.09
N ALA F 625 -40.10 15.88 42.86
CA ALA F 625 -39.87 16.71 41.69
C ALA F 625 -39.03 17.94 41.99
N SER F 626 -38.97 18.37 43.23
CA SER F 626 -38.20 19.54 43.61
C SER F 626 -37.52 19.27 44.93
N GLU F 627 -36.50 20.08 45.21
CA GLU F 627 -35.81 19.97 46.49
C GLU F 627 -36.74 20.34 47.66
N THR F 628 -37.55 21.38 47.49
CA THR F 628 -38.44 21.82 48.55
C THR F 628 -39.51 20.77 48.85
N ALA F 629 -39.97 20.04 47.84
CA ALA F 629 -40.92 18.97 48.09
C ALA F 629 -40.30 17.85 48.90
N ALA F 630 -39.03 17.55 48.65
CA ALA F 630 -38.34 16.53 49.43
C ALA F 630 -38.05 17.00 50.84
N ARG F 631 -37.77 18.28 51.03
CA ARG F 631 -37.44 18.78 52.36
C ARG F 631 -38.64 18.89 53.29
N ALA F 632 -39.86 18.73 52.79
CA ALA F 632 -41.06 18.88 53.61
C ALA F 632 -41.26 17.68 54.52
N VAL F 633 -40.77 17.77 55.76
CA VAL F 633 -40.98 16.75 56.78
C VAL F 633 -41.36 17.41 58.09
N GLY F 634 -42.00 16.64 58.96
CA GLY F 634 -42.43 17.11 60.25
C GLY F 634 -43.88 16.76 60.51
N GLY F 635 -44.49 17.45 61.47
CA GLY F 635 -45.89 17.19 61.76
C GLY F 635 -46.80 17.71 60.68
N GLN F 636 -48.02 17.18 60.65
CA GLN F 636 -48.99 17.50 59.62
C GLN F 636 -50.22 18.16 60.25
N ILE F 637 -50.65 19.27 59.66
CA ILE F 637 -51.82 20.01 60.13
C ILE F 637 -52.74 20.27 58.94
N THR F 638 -53.99 20.58 59.28
CA THR F 638 -55.03 20.82 58.29
C THR F 638 -55.64 22.19 58.52
N LEU F 639 -55.82 22.94 57.44
CA LEU F 639 -56.43 24.26 57.47
C LEU F 639 -57.69 24.25 56.62
N HIS F 640 -58.73 24.91 57.10
CA HIS F 640 -59.99 25.05 56.39
C HIS F 640 -60.13 26.48 55.89
N ALA F 641 -60.42 26.63 54.61
CA ALA F 641 -60.54 27.95 54.02
C ALA F 641 -61.84 28.05 53.24
N PHE F 642 -62.38 29.27 53.21
CA PHE F 642 -63.55 29.53 52.39
C PHE F 642 -63.19 29.75 50.93
N ASP F 643 -61.92 29.97 50.61
CA ASP F 643 -61.51 30.24 49.24
C ASP F 643 -60.03 29.90 49.11
N ALA F 644 -59.70 29.16 48.05
CA ALA F 644 -58.33 28.75 47.78
C ALA F 644 -57.69 29.58 46.69
N GLY F 645 -58.24 30.75 46.40
CA GLY F 645 -57.66 31.57 45.34
C GLY F 645 -56.28 32.07 45.69
N LYS F 646 -56.05 32.40 46.96
CA LYS F 646 -54.77 32.92 47.39
C LYS F 646 -53.80 31.83 47.82
N LEU F 647 -54.22 30.58 47.89
CA LEU F 647 -53.37 29.48 48.32
C LEU F 647 -52.76 28.77 47.12
N ALA F 648 -51.64 28.11 47.35
CA ALA F 648 -50.95 27.35 46.32
C ALA F 648 -50.15 26.24 46.97
N VAL F 649 -49.83 25.22 46.18
CA VAL F 649 -49.03 24.11 46.67
C VAL F 649 -47.57 24.53 46.76
N GLY F 650 -46.95 24.24 47.90
CA GLY F 650 -45.61 24.71 48.15
C GLY F 650 -45.51 26.10 48.71
N MET F 651 -46.62 26.70 49.11
CA MET F 651 -46.61 28.03 49.66
C MET F 651 -45.93 28.04 51.02
N PRO F 652 -44.91 28.87 51.23
CA PRO F 652 -44.22 28.88 52.50
C PRO F 652 -45.06 29.42 53.64
N ILE F 653 -44.78 28.92 54.83
CA ILE F 653 -45.39 29.40 56.08
C ILE F 653 -44.27 30.05 56.89
N ARG F 654 -44.47 31.31 57.25
CA ARG F 654 -43.41 32.12 57.85
C ARG F 654 -43.86 32.70 59.18
N TYR F 655 -43.01 32.60 60.18
CA TYR F 655 -43.17 33.30 61.45
C TYR F 655 -42.02 34.29 61.58
N LEU F 656 -42.36 35.56 61.73
CA LEU F 656 -41.39 36.65 61.83
C LEU F 656 -40.44 36.65 60.64
N GLY F 657 -40.94 36.27 59.47
CA GLY F 657 -40.11 36.22 58.29
C GLY F 657 -39.19 35.02 58.18
N ILE F 658 -39.36 34.00 59.00
CA ILE F 658 -38.54 32.80 58.97
C ILE F 658 -39.45 31.62 58.66
N ASP F 659 -39.05 30.81 57.69
CA ASP F 659 -39.88 29.68 57.27
C ASP F 659 -39.93 28.62 58.36
N ILE F 660 -41.13 28.19 58.71
CA ILE F 660 -41.34 27.16 59.72
C ILE F 660 -42.25 26.08 59.17
N GLY F 661 -42.84 26.32 58.00
CA GLY F 661 -43.80 25.36 57.47
C GLY F 661 -43.93 25.48 55.97
N GLN F 662 -44.83 24.66 55.43
CA GLN F 662 -45.02 24.58 53.99
C GLN F 662 -46.34 23.88 53.71
N ILE F 663 -47.15 24.44 52.81
CA ILE F 663 -48.39 23.81 52.39
C ILE F 663 -48.09 22.75 51.34
N GLN F 664 -48.59 21.54 51.55
CA GLN F 664 -48.28 20.45 50.64
C GLN F 664 -49.44 19.99 49.77
N THR F 665 -50.70 20.16 50.17
CA THR F 665 -51.77 19.83 49.22
C THR F 665 -53.03 20.63 49.51
N LEU F 666 -53.88 20.74 48.47
CA LEU F 666 -55.17 21.42 48.56
C LEU F 666 -56.25 20.50 48.02
N ASP F 667 -57.44 20.55 48.62
CA ASP F 667 -58.55 19.70 48.18
C ASP F 667 -59.86 20.44 48.39
N LEU F 668 -60.65 20.57 47.33
CA LEU F 668 -61.99 21.13 47.45
C LEU F 668 -62.95 20.10 47.98
N ILE F 669 -63.88 20.52 48.85
CA ILE F 669 -64.95 19.66 49.32
C ILE F 669 -66.27 20.28 48.90
N THR F 670 -67.11 19.48 48.26
CA THR F 670 -68.39 19.96 47.77
C THR F 670 -69.50 19.82 48.80
N ALA F 671 -69.41 18.83 49.68
CA ALA F 671 -70.41 18.67 50.72
C ALA F 671 -70.33 19.82 51.73
N ARG F 672 -69.19 19.97 52.38
CA ARG F 672 -68.91 21.15 53.18
C ARG F 672 -68.20 22.15 52.27
N ASN F 673 -68.85 23.28 52.01
CA ASN F 673 -68.40 24.22 50.99
C ASN F 673 -67.14 24.93 51.48
N GLU F 674 -66.01 24.25 51.32
CA GLU F 674 -64.74 24.76 51.82
C GLU F 674 -63.61 24.04 51.08
N VAL F 675 -62.39 24.46 51.37
CA VAL F 675 -61.18 23.85 50.85
C VAL F 675 -60.32 23.46 52.03
N GLN F 676 -59.89 22.19 52.05
CA GLN F 676 -58.99 21.70 53.07
C GLN F 676 -57.58 21.67 52.52
N ALA F 677 -56.67 22.34 53.19
CA ALA F 677 -55.26 22.40 52.82
C ALA F 677 -54.45 21.66 53.87
N LYS F 678 -53.70 20.66 53.45
CA LYS F 678 -52.80 19.94 54.35
C LYS F 678 -51.41 20.52 54.21
N ALA F 679 -50.79 20.83 55.36
CA ALA F 679 -49.49 21.44 55.43
C ALA F 679 -48.63 20.71 56.46
N VAL F 680 -47.33 20.98 56.42
CA VAL F 680 -46.37 20.35 57.32
C VAL F 680 -45.62 21.44 58.08
N LEU F 681 -45.48 21.22 59.38
CA LEU F 681 -44.62 22.03 60.24
C LEU F 681 -43.33 21.27 60.52
N TYR F 682 -42.22 21.98 60.46
CA TYR F 682 -40.92 21.38 60.66
C TYR F 682 -40.79 20.88 62.10
N PRO F 683 -39.98 19.85 62.33
CA PRO F 683 -39.92 19.25 63.67
C PRO F 683 -39.42 20.17 64.76
N GLU F 684 -38.68 21.23 64.41
CA GLU F 684 -38.20 22.15 65.44
C GLU F 684 -39.30 23.05 65.96
N TYR F 685 -40.38 23.22 65.21
CA TYR F 685 -41.43 24.18 65.55
C TYR F 685 -42.79 23.54 65.70
N VAL F 686 -42.90 22.22 65.64
CA VAL F 686 -44.20 21.56 65.72
C VAL F 686 -44.78 21.69 67.12
N GLN F 687 -43.94 21.60 68.14
CA GLN F 687 -44.41 21.69 69.52
C GLN F 687 -44.75 23.11 69.91
N THR F 688 -43.96 24.08 69.46
CA THR F 688 -44.19 25.47 69.84
C THR F 688 -45.49 26.01 69.27
N PHE F 689 -45.77 25.73 68.01
CA PHE F 689 -47.03 26.11 67.40
C PHE F 689 -48.00 24.94 67.51
N ALA F 690 -49.13 25.04 66.82
CA ALA F 690 -50.17 24.01 66.86
C ALA F 690 -50.63 23.71 68.28
N ARG F 691 -50.95 24.79 69.02
CA ARG F 691 -51.34 24.67 70.42
C ARG F 691 -52.69 25.31 70.70
N GLY F 692 -53.48 25.58 69.67
CA GLY F 692 -54.76 26.22 69.90
C GLY F 692 -54.60 27.72 70.12
N GLY F 693 -55.47 28.50 69.51
CA GLY F 693 -55.29 29.93 69.51
C GLY F 693 -54.29 30.44 68.49
N THR F 694 -53.70 29.56 67.69
CA THR F 694 -52.79 29.96 66.64
C THR F 694 -53.57 30.47 65.44
N ARG F 695 -53.12 31.58 64.87
CA ARG F 695 -53.82 32.19 63.75
C ARG F 695 -52.94 32.15 62.51
N PHE F 696 -53.56 31.81 61.38
CA PHE F 696 -52.89 31.76 60.07
C PHE F 696 -53.57 32.77 59.15
N SER F 697 -52.76 33.55 58.42
CA SER F 697 -53.33 34.52 57.50
C SER F 697 -52.46 34.66 56.25
N VAL F 698 -53.08 34.75 55.09
CA VAL F 698 -52.35 35.00 53.85
C VAL F 698 -52.09 36.49 53.70
N VAL F 699 -50.84 36.85 53.41
CA VAL F 699 -50.48 38.25 53.20
C VAL F 699 -50.63 38.58 51.73
N THR F 700 -51.13 39.79 51.46
CA THR F 700 -51.38 40.29 50.11
C THR F 700 -50.79 41.68 49.95
N PRO F 701 -50.42 42.05 48.74
CA PRO F 701 -49.92 43.40 48.51
C PRO F 701 -50.99 44.45 48.75
N GLN F 702 -50.56 45.60 49.25
CA GLN F 702 -51.43 46.72 49.58
C GLN F 702 -50.92 47.96 48.88
N ILE F 703 -51.54 48.32 47.75
CA ILE F 703 -51.17 49.49 46.98
C ILE F 703 -52.35 50.45 46.98
N SER F 704 -52.14 51.64 47.52
CA SER F 704 -53.19 52.65 47.61
C SER F 704 -52.57 54.02 47.44
N ALA F 705 -53.41 55.05 47.54
CA ALA F 705 -52.91 56.42 47.54
C ALA F 705 -52.19 56.75 48.84
N ALA F 706 -52.48 56.03 49.92
CA ALA F 706 -51.80 56.28 51.18
C ALA F 706 -50.35 55.78 51.14
N GLY F 707 -50.12 54.62 50.53
CA GLY F 707 -48.78 54.09 50.46
C GLY F 707 -48.81 52.65 50.02
N VAL F 708 -47.62 52.05 49.94
CA VAL F 708 -47.44 50.65 49.59
C VAL F 708 -46.80 49.93 50.75
N GLU F 709 -47.34 48.78 51.13
CA GLU F 709 -46.88 48.07 52.30
C GLU F 709 -46.08 46.81 51.97
N HIS F 710 -46.65 45.88 51.22
CA HIS F 710 -45.96 44.65 50.85
C HIS F 710 -45.84 44.60 49.34
N LEU F 711 -44.63 44.41 48.85
CA LEU F 711 -44.39 44.28 47.42
C LEU F 711 -43.67 43.01 47.04
N ASP F 712 -43.07 42.31 48.00
CA ASP F 712 -42.47 41.02 47.72
C ASP F 712 -43.50 39.93 47.52
N THR F 713 -44.74 40.17 47.89
CA THR F 713 -45.82 39.19 47.75
C THR F 713 -46.50 39.27 46.40
N ILE F 714 -46.03 40.14 45.50
CA ILE F 714 -46.51 40.10 44.12
C ILE F 714 -46.15 38.78 43.46
N LEU F 715 -44.93 38.32 43.66
CA LEU F 715 -44.45 37.08 43.08
C LEU F 715 -44.33 35.93 44.07
N GLN F 716 -44.06 36.19 45.34
CA GLN F 716 -43.85 35.15 46.33
C GLN F 716 -44.68 35.44 47.56
N PRO F 717 -45.97 35.12 47.54
CA PRO F 717 -46.79 35.26 48.74
C PRO F 717 -46.49 34.17 49.76
N TYR F 718 -46.85 34.45 51.01
CA TYR F 718 -46.59 33.52 52.10
C TYR F 718 -47.75 33.60 53.09
N ILE F 719 -47.60 32.91 54.21
CA ILE F 719 -48.61 32.83 55.27
C ILE F 719 -47.98 33.25 56.58
N ASN F 720 -48.59 34.21 57.25
CA ASN F 720 -48.12 34.67 58.55
C ASN F 720 -48.84 33.93 59.66
N VAL F 721 -48.11 33.66 60.74
CA VAL F 721 -48.56 32.83 61.86
C VAL F 721 -48.43 33.61 63.14
N GLU F 722 -49.50 33.64 63.93
CA GLU F 722 -49.47 34.17 65.30
C GLU F 722 -49.62 33.02 66.28
N PRO F 723 -48.62 32.70 67.09
CA PRO F 723 -48.72 31.55 67.97
C PRO F 723 -49.69 31.79 69.13
N GLY F 724 -50.19 30.68 69.66
CA GLY F 724 -51.10 30.71 70.79
C GLY F 724 -50.66 29.75 71.89
N ARG F 725 -51.42 29.77 72.97
CA ARG F 725 -51.16 28.92 74.13
C ARG F 725 -52.40 28.11 74.46
N GLY F 726 -52.20 26.83 74.75
CA GLY F 726 -53.30 25.96 75.09
C GLY F 726 -52.96 24.52 74.73
N ASN F 727 -53.99 23.68 74.72
CA ASN F 727 -53.81 22.28 74.39
C ASN F 727 -53.58 22.12 72.90
N PRO F 728 -52.82 21.09 72.50
CA PRO F 728 -52.61 20.85 71.07
C PRO F 728 -53.92 20.60 70.33
N ARG F 729 -54.05 21.25 69.18
CA ARG F 729 -55.29 21.25 68.41
C ARG F 729 -55.16 20.56 67.07
N ARG F 730 -54.20 20.99 66.25
CA ARG F 730 -53.91 20.40 64.94
C ARG F 730 -55.06 20.51 63.94
N ASP F 731 -56.01 21.42 64.17
CA ASP F 731 -57.10 21.68 63.22
C ASP F 731 -57.42 23.16 63.30
N PHE F 732 -57.06 23.92 62.28
CA PHE F 732 -57.23 25.36 62.30
C PHE F 732 -57.99 25.81 61.06
N GLU F 733 -58.30 27.10 61.02
CA GLU F 733 -58.97 27.69 59.87
C GLU F 733 -58.27 28.99 59.50
N LEU F 734 -58.34 29.34 58.23
CA LEU F 734 -57.66 30.51 57.71
C LEU F 734 -58.43 31.77 58.10
N GLN F 735 -57.71 32.77 58.60
CA GLN F 735 -58.27 34.03 59.03
C GLN F 735 -58.11 35.06 57.92
N GLU F 736 -58.45 36.31 58.23
CA GLU F 736 -58.33 37.42 57.30
C GLU F 736 -57.22 38.40 57.63
N ALA F 737 -57.02 38.71 58.91
CA ALA F 737 -55.97 39.63 59.34
C ALA F 737 -55.25 39.04 60.55
N THR F 738 -53.97 39.40 60.69
CA THR F 738 -53.14 38.90 61.78
C THR F 738 -52.05 39.92 62.07
N ILE F 739 -51.83 40.18 63.35
CA ILE F 739 -50.81 41.14 63.77
C ILE F 739 -49.44 40.56 63.43
N THR F 740 -48.74 41.22 62.51
CA THR F 740 -47.40 40.78 62.13
C THR F 740 -46.31 41.53 62.91
N ASP F 741 -46.46 41.57 64.23
CA ASP F 741 -45.50 42.27 65.09
C ASP F 741 -44.82 41.37 66.09
N SER F 742 -45.60 40.65 66.89
CA SER F 742 -45.07 39.83 67.97
C SER F 742 -44.21 40.62 68.94
N ARG F 743 -44.56 41.88 69.16
CA ARG F 743 -43.93 42.69 70.20
C ARG F 743 -44.90 43.13 71.29
N TYR F 744 -46.19 43.02 71.06
CA TYR F 744 -47.20 43.26 72.08
C TYR F 744 -47.66 41.95 72.73
N LEU F 745 -46.98 40.85 72.45
CA LEU F 745 -47.49 39.54 72.84
C LEU F 745 -47.38 39.31 74.34
N ASP F 746 -46.43 39.92 75.01
CA ASP F 746 -46.16 39.64 76.41
C ASP F 746 -46.97 40.51 77.37
N GLY F 747 -47.67 41.53 76.88
CA GLY F 747 -48.29 42.50 77.74
C GLY F 747 -49.70 42.13 78.18
N LEU F 748 -50.34 43.07 78.85
CA LEU F 748 -51.70 42.87 79.32
C LEU F 748 -52.68 42.80 78.16
N SER F 749 -53.67 41.93 78.29
CA SER F 749 -54.71 41.77 77.29
C SER F 749 -56.05 42.17 77.91
N ILE F 750 -56.45 43.41 77.67
CA ILE F 750 -57.63 43.98 78.30
C ILE F 750 -58.78 44.02 77.29
N ILE F 751 -59.99 44.24 77.80
CA ILE F 751 -61.21 44.23 77.01
C ILE F 751 -61.92 45.56 77.18
N VAL F 752 -62.40 46.12 76.08
CA VAL F 752 -63.17 47.37 76.08
C VAL F 752 -64.54 47.08 75.47
N GLU F 753 -65.59 47.51 76.13
CA GLU F 753 -66.96 47.28 75.69
C GLU F 753 -67.50 48.54 75.04
N ALA F 754 -68.02 48.40 73.83
CA ALA F 754 -68.56 49.53 73.09
C ALA F 754 -69.90 49.17 72.47
N PRO F 755 -70.81 50.13 72.38
CA PRO F 755 -72.08 49.85 71.69
C PRO F 755 -71.92 49.53 70.23
N GLU F 756 -70.94 50.10 69.54
CA GLU F 756 -70.80 49.95 68.10
C GLU F 756 -69.34 49.73 67.76
N ALA F 757 -69.11 48.96 66.69
CA ALA F 757 -67.74 48.72 66.25
C ALA F 757 -67.15 49.97 65.62
N GLY F 758 -67.74 50.43 64.52
CA GLY F 758 -67.24 51.64 63.90
C GLY F 758 -66.07 51.34 62.99
N SER F 759 -65.02 52.15 63.13
CA SER F 759 -63.83 52.01 62.30
C SER F 759 -62.77 51.09 62.89
N LEU F 760 -63.05 50.47 64.03
CA LEU F 760 -62.08 49.62 64.67
C LEU F 760 -61.85 48.35 63.88
N GLY F 761 -60.63 47.82 63.96
CA GLY F 761 -60.30 46.58 63.29
C GLY F 761 -59.02 46.02 63.87
N ILE F 762 -58.63 44.87 63.34
CA ILE F 762 -57.41 44.23 63.82
C ILE F 762 -56.20 45.01 63.36
N GLY F 763 -55.34 45.36 64.30
CA GLY F 763 -54.20 46.19 64.02
C GLY F 763 -54.39 47.68 64.26
N THR F 764 -55.53 48.09 64.76
CA THR F 764 -55.77 49.49 65.07
C THR F 764 -54.92 49.91 66.26
N PRO F 765 -54.14 50.98 66.15
CA PRO F 765 -53.27 51.37 67.25
C PRO F 765 -54.03 51.92 68.44
N VAL F 766 -53.42 51.75 69.61
CA VAL F 766 -53.88 52.37 70.86
C VAL F 766 -52.85 53.43 71.23
N LEU F 767 -53.32 54.63 71.49
CA LEU F 767 -52.46 55.80 71.65
C LEU F 767 -52.57 56.37 73.06
N PHE F 768 -51.43 56.59 73.71
CA PHE F 768 -51.36 57.35 74.95
C PHE F 768 -50.59 58.62 74.67
N ARG F 769 -51.26 59.76 74.83
CA ARG F 769 -50.68 61.07 74.55
C ARG F 769 -50.13 61.15 73.13
N GLY F 770 -50.81 60.49 72.21
CA GLY F 770 -50.39 60.47 70.84
C GLY F 770 -49.31 59.50 70.48
N LEU F 771 -48.82 58.70 71.41
CA LEU F 771 -47.77 57.73 71.16
C LEU F 771 -48.36 56.32 71.18
N GLU F 772 -48.01 55.52 70.19
CA GLU F 772 -48.58 54.18 70.07
C GLU F 772 -48.00 53.26 71.12
N VAL F 773 -48.87 52.74 71.99
CA VAL F 773 -48.45 51.80 73.03
C VAL F 773 -49.08 50.42 72.92
N GLY F 774 -50.02 50.21 72.00
CA GLY F 774 -50.65 48.91 71.90
C GLY F 774 -51.47 48.81 70.63
N THR F 775 -52.02 47.63 70.40
CA THR F 775 -52.82 47.39 69.20
C THR F 775 -54.09 46.64 69.57
N VAL F 776 -55.09 46.74 68.70
CA VAL F 776 -56.34 46.01 68.87
C VAL F 776 -56.15 44.60 68.36
N THR F 777 -56.20 43.62 69.26
CA THR F 777 -55.99 42.23 68.89
C THR F 777 -57.20 41.67 68.14
N GLY F 778 -58.40 41.92 68.64
CA GLY F 778 -59.56 41.33 68.00
C GLY F 778 -60.85 41.99 68.44
N MET F 779 -61.92 41.69 67.72
CA MET F 779 -63.25 42.21 68.00
C MET F 779 -64.26 41.07 67.93
N THR F 780 -65.23 41.07 68.84
CA THR F 780 -66.25 40.04 68.86
C THR F 780 -67.48 40.59 69.56
N LEU F 781 -68.47 39.73 69.75
CA LEU F 781 -69.69 40.06 70.49
C LEU F 781 -69.75 39.26 71.77
N GLY F 782 -70.62 39.70 72.67
CA GLY F 782 -70.83 39.00 73.92
C GLY F 782 -71.71 37.78 73.76
N THR F 783 -71.94 37.11 74.90
CA THR F 783 -72.86 35.98 74.90
C THR F 783 -74.27 36.43 74.56
N LEU F 784 -74.70 37.56 75.11
CA LEU F 784 -75.88 38.26 74.64
C LEU F 784 -75.41 39.36 73.71
N SER F 785 -76.02 39.45 72.54
CA SER F 785 -75.55 40.36 71.50
C SER F 785 -76.12 41.76 71.75
N ASP F 786 -75.61 42.37 72.81
CA ASP F 786 -75.99 43.73 73.16
C ASP F 786 -74.80 44.68 73.24
N ARG F 787 -73.58 44.19 73.05
CA ARG F 787 -72.42 45.06 73.03
C ARG F 787 -71.31 44.36 72.26
N VAL F 788 -70.30 45.15 71.88
CA VAL F 788 -69.14 44.67 71.14
C VAL F 788 -67.94 44.71 72.07
N MET F 789 -67.25 43.58 72.18
CA MET F 789 -66.08 43.46 73.03
C MET F 789 -64.82 43.51 72.17
N ILE F 790 -63.91 44.42 72.50
CA ILE F 790 -62.67 44.63 71.76
C ILE F 790 -61.53 44.23 72.67
N ALA F 791 -60.78 43.21 72.25
CA ALA F 791 -59.63 42.74 72.99
C ALA F 791 -58.38 43.39 72.44
N MET F 792 -57.60 44.02 73.32
CA MET F 792 -56.40 44.75 72.92
C MET F 792 -55.26 44.42 73.86
N ARG F 793 -54.04 44.48 73.34
CA ARG F 793 -52.83 44.19 74.09
C ARG F 793 -51.94 45.42 74.17
N ILE F 794 -51.37 45.65 75.35
CA ILE F 794 -50.46 46.76 75.59
C ILE F 794 -49.05 46.23 75.71
N SER F 795 -48.08 47.10 75.50
CA SER F 795 -46.68 46.70 75.58
C SER F 795 -46.27 46.42 77.02
N LYS F 796 -45.15 45.71 77.16
CA LYS F 796 -44.57 45.51 78.48
C LYS F 796 -44.04 46.81 79.07
N ARG F 797 -43.45 47.65 78.23
CA ARG F 797 -42.86 48.90 78.73
C ARG F 797 -43.93 49.85 79.23
N TYR F 798 -45.06 49.93 78.54
CA TYR F 798 -46.13 50.84 78.90
C TYR F 798 -47.26 50.16 79.66
N GLN F 799 -46.97 49.03 80.30
CA GLN F 799 -47.99 48.30 81.02
C GLN F 799 -48.43 49.04 82.27
N HIS F 800 -47.53 49.77 82.91
CA HIS F 800 -47.84 50.45 84.16
C HIS F 800 -48.74 51.65 83.96
N LEU F 801 -48.97 52.08 82.73
CA LEU F 801 -49.81 53.25 82.50
C LEU F 801 -51.28 52.96 82.73
N VAL F 802 -51.70 51.70 82.71
CA VAL F 802 -53.11 51.34 82.84
C VAL F 802 -53.44 51.11 84.30
N ARG F 803 -54.45 51.80 84.79
CA ARG F 803 -54.91 51.69 86.16
C ARG F 803 -56.37 51.29 86.18
N ASN F 804 -56.88 51.03 87.39
CA ASN F 804 -58.29 50.67 87.53
C ASN F 804 -59.21 51.82 87.12
N ASN F 805 -58.86 53.05 87.49
CA ASN F 805 -59.63 54.22 87.07
C ASN F 805 -58.94 54.87 85.88
N SER F 806 -59.13 54.26 84.71
CA SER F 806 -58.62 54.79 83.46
C SER F 806 -59.78 54.97 82.49
N VAL F 807 -59.77 56.07 81.77
CA VAL F 807 -60.82 56.41 80.83
C VAL F 807 -60.34 56.13 79.42
N PHE F 808 -61.14 55.42 78.65
CA PHE F 808 -60.88 55.09 77.26
C PHE F 808 -61.89 55.79 76.38
N TRP F 809 -61.42 56.45 75.33
CA TRP F 809 -62.30 57.06 74.35
C TRP F 809 -61.80 56.75 72.95
N LEU F 810 -62.62 57.06 71.97
CA LEU F 810 -62.39 56.68 70.59
C LEU F 810 -61.93 57.90 69.80
N ALA F 811 -60.72 57.84 69.26
CA ALA F 811 -60.19 58.90 68.42
C ALA F 811 -60.11 58.36 67.01
N SER F 812 -61.19 58.55 66.26
CA SER F 812 -61.30 58.04 64.89
C SER F 812 -61.70 59.17 63.97
N GLY F 813 -60.96 59.31 62.87
CA GLY F 813 -61.25 60.38 61.92
C GLY F 813 -60.88 61.74 62.48
N TYR F 814 -61.50 62.76 61.90
CA TYR F 814 -61.30 64.14 62.30
C TYR F 814 -62.53 64.65 63.02
N SER F 815 -62.33 65.25 64.18
CA SER F 815 -63.39 65.87 64.95
C SER F 815 -63.07 67.34 65.15
N LEU F 816 -64.05 68.21 64.88
CA LEU F 816 -63.87 69.64 65.06
C LEU F 816 -65.15 70.23 65.63
N ASP F 817 -65.00 71.38 66.30
CA ASP F 817 -66.10 72.10 66.89
C ASP F 817 -66.23 73.47 66.24
N PHE F 818 -67.47 73.84 65.91
CA PHE F 818 -67.76 75.10 65.23
C PHE F 818 -68.55 76.01 66.16
N GLY F 819 -68.11 77.26 66.26
CA GLY F 819 -68.77 78.25 67.09
C GLY F 819 -69.61 79.21 66.27
N LEU F 820 -70.63 79.78 66.91
CA LEU F 820 -71.49 80.72 66.22
C LEU F 820 -70.78 82.03 65.90
N THR F 821 -69.89 82.46 66.80
CA THR F 821 -69.14 83.70 66.60
C THR F 821 -67.69 83.48 66.21
N GLY F 822 -67.08 82.37 66.62
CA GLY F 822 -65.71 82.08 66.27
C GLY F 822 -65.49 80.64 65.86
N GLY F 823 -64.99 80.43 64.65
CA GLY F 823 -64.77 79.09 64.16
C GLY F 823 -63.32 78.81 63.82
N VAL F 824 -62.69 77.91 64.57
CA VAL F 824 -61.31 77.51 64.34
C VAL F 824 -61.28 76.01 64.12
N VAL F 825 -60.70 75.58 63.00
CA VAL F 825 -60.60 74.16 62.67
C VAL F 825 -59.13 73.80 62.46
N LYS F 826 -58.80 72.54 62.77
CA LYS F 826 -57.43 72.08 62.66
C LYS F 826 -57.41 70.65 62.12
N THR F 827 -56.36 70.33 61.37
CA THR F 827 -56.14 69.02 60.80
C THR F 827 -54.74 68.52 61.15
N GLY F 828 -54.56 67.21 61.12
CA GLY F 828 -53.27 66.63 61.49
C GLY F 828 -52.87 65.41 60.71
N THR F 829 -53.51 65.19 59.56
CA THR F 829 -53.30 64.05 58.65
C THR F 829 -53.05 62.73 59.42
N PHE F 830 -53.90 62.50 60.42
CA PHE F 830 -53.69 61.37 61.32
C PHE F 830 -53.95 60.06 60.62
N ASN F 831 -53.32 59.00 61.15
CA ASN F 831 -53.65 57.64 60.76
C ASN F 831 -55.01 57.20 61.29
N GLN F 832 -55.63 57.98 62.16
CA GLN F 832 -56.99 57.74 62.60
C GLN F 832 -58.01 57.90 61.48
N PHE F 833 -57.67 58.64 60.44
CA PHE F 833 -58.45 58.67 59.22
C PHE F 833 -58.15 57.50 58.29
N ILE F 834 -57.21 56.66 58.66
CA ILE F 834 -56.98 55.38 57.99
C ILE F 834 -57.37 54.21 58.88
N ARG F 835 -56.93 54.22 60.15
CA ARG F 835 -57.30 53.24 61.16
C ARG F 835 -57.61 54.02 62.43
N GLY F 836 -58.89 54.21 62.71
CA GLY F 836 -59.32 55.01 63.84
C GLY F 836 -58.96 54.43 65.19
N GLY F 837 -58.08 55.11 65.94
CA GLY F 837 -57.50 54.54 67.14
C GLY F 837 -58.33 54.77 68.40
N ILE F 838 -57.80 54.23 69.50
CA ILE F 838 -58.42 54.34 70.81
C ILE F 838 -57.40 54.94 71.76
N ALA F 839 -57.79 56.00 72.44
CA ALA F 839 -56.91 56.69 73.39
C ALA F 839 -57.38 56.44 74.81
N PHE F 840 -56.47 56.61 75.76
CA PHE F 840 -56.81 56.45 77.16
C PHE F 840 -56.00 57.39 78.03
N ALA F 841 -56.51 57.64 79.23
CA ALA F 841 -55.86 58.52 80.19
C ALA F 841 -56.26 58.14 81.59
N THR F 842 -55.63 58.77 82.57
CA THR F 842 -55.86 58.49 83.99
C THR F 842 -56.20 59.79 84.70
N PRO F 843 -57.34 59.87 85.39
CA PRO F 843 -57.66 61.08 86.12
C PRO F 843 -56.70 61.30 87.28
N PRO F 844 -56.49 62.55 87.67
CA PRO F 844 -55.57 62.82 88.78
C PRO F 844 -56.12 62.36 90.11
N GLY F 845 -55.21 62.05 91.02
CA GLY F 845 -55.57 61.63 92.36
C GLY F 845 -54.34 61.29 93.17
N THR F 846 -54.27 61.75 94.42
CA THR F 846 -53.09 61.50 95.24
C THR F 846 -52.86 60.02 95.55
N PRO F 847 -53.86 59.25 95.97
CA PRO F 847 -53.65 57.79 96.03
C PRO F 847 -53.93 57.14 94.70
N LEU F 848 -52.95 56.43 94.16
CA LEU F 848 -53.09 55.79 92.87
C LEU F 848 -53.84 54.47 92.98
N ALA F 849 -54.74 54.23 92.03
CA ALA F 849 -55.45 52.97 92.00
C ALA F 849 -54.49 51.84 91.64
N PRO F 850 -54.79 50.62 92.04
CA PRO F 850 -53.93 49.49 91.68
C PRO F 850 -53.92 49.25 90.18
N LYS F 851 -52.81 48.68 89.71
CA LYS F 851 -52.66 48.37 88.30
C LYS F 851 -53.70 47.33 87.85
N ALA F 852 -54.11 47.43 86.59
CA ALA F 852 -55.10 46.52 86.06
C ALA F 852 -54.56 45.10 85.97
N GLN F 853 -55.42 44.12 86.21
CA GLN F 853 -55.04 42.72 86.15
C GLN F 853 -55.07 42.24 84.70
N GLU F 854 -54.94 40.93 84.50
CA GLU F 854 -54.91 40.39 83.15
C GLU F 854 -56.26 40.52 82.45
N GLY F 855 -57.33 40.15 83.14
CA GLY F 855 -58.65 40.29 82.57
C GLY F 855 -59.42 41.44 83.18
N LYS F 856 -59.54 42.54 82.46
CA LYS F 856 -60.21 43.72 82.97
C LYS F 856 -61.09 44.30 81.88
N HIS F 857 -62.28 44.75 82.26
CA HIS F 857 -63.25 45.28 81.33
C HIS F 857 -63.44 46.77 81.60
N PHE F 858 -63.35 47.57 80.54
CA PHE F 858 -63.59 49.00 80.60
C PHE F 858 -64.76 49.35 79.69
N LEU F 859 -65.34 50.52 79.92
CA LEU F 859 -66.41 51.05 79.10
C LEU F 859 -65.86 52.19 78.24
N LEU F 860 -66.11 52.11 76.94
CA LEU F 860 -65.61 53.12 76.02
C LEU F 860 -66.46 54.37 76.13
N GLN F 861 -65.82 55.50 76.42
CA GLN F 861 -66.54 56.77 76.51
C GLN F 861 -66.98 57.21 75.11
N GLU F 862 -68.18 57.77 75.04
CA GLU F 862 -68.70 58.23 73.77
C GLU F 862 -68.03 59.50 73.28
N SER F 863 -67.37 60.23 74.16
CA SER F 863 -66.73 61.48 73.77
C SER F 863 -65.47 61.69 74.58
N GLU F 864 -64.59 62.51 74.05
CA GLU F 864 -63.32 62.80 74.71
C GLU F 864 -63.57 63.64 75.95
N PRO F 865 -62.94 63.32 77.08
CA PRO F 865 -63.03 64.18 78.26
C PRO F 865 -62.42 65.54 78.00
N LYS F 866 -63.01 66.56 78.61
CA LYS F 866 -62.71 67.93 78.20
C LYS F 866 -61.34 68.40 78.69
N GLU F 867 -60.94 68.00 79.89
CA GLU F 867 -59.74 68.52 80.52
C GLU F 867 -58.69 67.45 80.73
N TRP F 868 -58.58 66.51 79.80
CA TRP F 868 -57.59 65.45 79.95
C TRP F 868 -56.18 65.97 79.68
N ARG F 869 -56.05 67.04 78.92
CA ARG F 869 -54.74 67.57 78.62
C ARG F 869 -54.12 68.27 79.81
N GLU F 870 -54.92 68.75 80.75
CA GLU F 870 -54.42 69.48 81.90
C GLU F 870 -54.37 68.63 83.16
N TRP F 871 -54.54 67.31 83.04
CA TRP F 871 -54.54 66.45 84.21
C TRP F 871 -53.14 66.32 84.79
N GLY F 872 -52.21 65.80 84.01
CA GLY F 872 -50.82 65.68 84.45
C GLY F 872 -50.61 64.74 85.61
N THR F 873 -51.25 63.57 85.58
CA THR F 873 -51.06 62.58 86.62
C THR F 873 -49.66 61.98 86.55
N ALA F 874 -49.02 61.82 87.69
CA ALA F 874 -47.68 61.27 87.78
C ALA F 874 -47.77 59.76 87.92
N LEU F 875 -47.29 59.03 86.92
CA LEU F 875 -47.31 57.58 86.94
C LEU F 875 -45.89 57.05 87.09
N PRO F 876 -45.53 56.49 88.23
CA PRO F 876 -44.16 56.02 88.43
C PRO F 876 -43.85 54.79 87.60
N LYS F 877 -42.56 54.45 87.57
CA LYS F 877 -42.03 53.31 86.83
C LYS F 877 -42.36 53.37 85.35
N PHE G 23 70.20 -108.51 -54.36
CA PHE G 23 69.49 -109.44 -55.23
C PHE G 23 68.09 -108.92 -55.55
N TRP G 24 67.08 -109.80 -55.43
CA TRP G 24 65.70 -109.46 -55.71
C TRP G 24 64.92 -109.05 -54.46
N LEU G 25 65.60 -108.94 -53.31
CA LEU G 25 64.91 -108.56 -52.09
C LEU G 25 64.42 -107.10 -52.15
N LEU G 26 65.28 -106.21 -52.62
CA LEU G 26 64.88 -104.80 -52.71
C LEU G 26 63.76 -104.53 -53.70
N PRO G 27 63.72 -105.10 -54.91
CA PRO G 27 62.55 -104.87 -55.78
C PRO G 27 61.24 -105.37 -55.20
N PHE G 28 61.28 -106.29 -54.25
CA PHE G 28 60.10 -106.78 -53.55
C PHE G 28 59.74 -105.88 -52.37
N ILE G 29 60.73 -105.45 -51.59
CA ILE G 29 60.43 -104.57 -50.47
C ILE G 29 59.89 -103.25 -51.00
N ALA G 30 60.52 -102.71 -52.04
CA ALA G 30 60.05 -101.46 -52.62
C ALA G 30 58.69 -101.65 -53.30
N LEU G 31 58.44 -102.82 -53.90
CA LEU G 31 57.10 -103.08 -54.45
C LEU G 31 56.05 -103.08 -53.35
N MET G 32 56.37 -103.70 -52.20
CA MET G 32 55.45 -103.70 -51.07
C MET G 32 55.21 -102.29 -50.53
N ILE G 33 56.26 -101.47 -50.46
CA ILE G 33 56.11 -100.09 -50.00
C ILE G 33 55.23 -99.29 -50.97
N ALA G 34 55.43 -99.48 -52.27
CA ALA G 34 54.62 -98.78 -53.27
C ALA G 34 53.17 -99.21 -53.19
N SER G 35 52.91 -100.50 -53.00
CA SER G 35 51.54 -100.98 -52.84
C SER G 35 50.90 -100.39 -51.58
N TRP G 36 51.66 -100.32 -50.49
CA TRP G 36 51.14 -99.76 -49.24
C TRP G 36 50.76 -98.29 -49.41
N LEU G 37 51.62 -97.51 -50.06
CA LEU G 37 51.31 -96.09 -50.23
C LEU G 37 50.19 -95.88 -51.24
N ILE G 38 50.08 -96.74 -52.25
CA ILE G 38 48.96 -96.66 -53.19
C ILE G 38 47.65 -96.95 -52.47
N TRP G 39 47.64 -97.96 -51.61
CA TRP G 39 46.44 -98.27 -50.84
C TRP G 39 46.10 -97.14 -49.88
N ASP G 40 47.11 -96.53 -49.26
CA ASP G 40 46.87 -95.40 -48.36
C ASP G 40 46.29 -94.21 -49.13
N SER G 41 46.80 -93.94 -50.33
CA SER G 41 46.25 -92.86 -51.15
C SER G 41 44.81 -93.15 -51.56
N TYR G 42 44.53 -94.41 -51.91
CA TYR G 42 43.16 -94.78 -52.28
C TYR G 42 42.20 -94.75 -51.10
N GLN G 43 42.71 -94.89 -49.87
CA GLN G 43 41.83 -94.88 -48.70
C GLN G 43 41.27 -93.49 -48.42
N ASP G 44 42.11 -92.46 -48.51
CA ASP G 44 41.75 -91.13 -48.02
C ASP G 44 41.21 -90.27 -49.15
N ARG G 45 39.95 -90.51 -49.50
CA ARG G 45 39.24 -89.68 -50.46
C ARG G 45 37.83 -89.42 -49.93
N GLY G 46 37.37 -88.18 -50.06
CA GLY G 46 36.08 -87.78 -49.55
C GLY G 46 35.05 -87.57 -50.64
N ASN G 47 33.94 -86.94 -50.25
CA ASN G 47 32.84 -86.66 -51.15
C ASN G 47 32.88 -85.22 -51.61
N THR G 48 32.53 -85.00 -52.87
CA THR G 48 32.53 -83.66 -53.44
C THR G 48 31.12 -83.06 -53.38
N VAL G 49 31.03 -81.87 -52.81
CA VAL G 49 29.75 -81.20 -52.62
C VAL G 49 29.81 -79.84 -53.30
N THR G 50 28.71 -79.45 -53.93
CA THR G 50 28.61 -78.17 -54.62
C THR G 50 27.79 -77.20 -53.78
N ILE G 51 28.35 -76.01 -53.54
CA ILE G 51 27.70 -74.97 -52.76
C ILE G 51 27.54 -73.74 -53.64
N ASP G 52 26.40 -73.07 -53.49
CA ASP G 52 26.10 -71.86 -54.25
C ASP G 52 26.38 -70.65 -53.37
N PHE G 53 27.30 -69.80 -53.82
CA PHE G 53 27.66 -68.57 -53.12
C PHE G 53 27.24 -67.36 -53.93
N MET G 54 26.79 -66.32 -53.23
CA MET G 54 26.46 -65.07 -53.91
C MET G 54 27.72 -64.33 -54.32
N SER G 55 28.76 -64.37 -53.49
CA SER G 55 30.01 -63.69 -53.81
C SER G 55 31.12 -64.36 -53.02
N ALA G 56 32.02 -65.04 -53.72
CA ALA G 56 33.18 -65.68 -53.09
C ALA G 56 34.33 -64.70 -53.15
N ASP G 57 34.44 -63.89 -52.10
CA ASP G 57 35.38 -62.76 -52.13
C ASP G 57 36.83 -63.22 -52.11
N GLY G 58 37.17 -64.12 -51.19
CA GLY G 58 38.56 -64.50 -51.06
C GLY G 58 38.81 -65.99 -50.99
N ILE G 59 38.01 -66.77 -51.72
CA ILE G 59 38.13 -68.23 -51.74
C ILE G 59 39.16 -68.62 -52.79
N VAL G 60 40.29 -69.15 -52.34
CA VAL G 60 41.34 -69.64 -53.22
C VAL G 60 41.08 -71.10 -53.55
N PRO G 61 41.05 -71.49 -54.81
CA PRO G 61 40.75 -72.89 -55.16
C PRO G 61 41.79 -73.87 -54.66
N GLY G 62 43.00 -73.42 -54.37
CA GLY G 62 44.02 -74.34 -53.91
C GLY G 62 43.92 -74.67 -52.44
N ARG G 63 43.97 -73.66 -51.57
CA ARG G 63 43.95 -73.85 -50.13
C ARG G 63 42.90 -72.94 -49.51
N THR G 64 41.80 -73.51 -49.09
CA THR G 64 40.75 -72.80 -48.36
C THR G 64 40.02 -73.81 -47.51
N PRO G 65 40.35 -73.90 -46.24
CA PRO G 65 39.79 -74.96 -45.40
C PRO G 65 38.34 -74.71 -45.06
N VAL G 66 37.64 -75.79 -44.76
CA VAL G 66 36.28 -75.76 -44.24
C VAL G 66 36.36 -76.18 -42.78
N ARG G 67 36.08 -75.27 -41.88
CA ARG G 67 36.28 -75.47 -40.45
C ARG G 67 34.95 -75.60 -39.74
N TYR G 68 34.81 -76.68 -38.96
CA TYR G 68 33.69 -76.85 -38.06
C TYR G 68 34.20 -76.69 -36.63
N GLN G 69 33.70 -75.69 -35.93
CA GLN G 69 34.15 -75.35 -34.58
C GLN G 69 35.67 -75.14 -34.54
N GLY G 70 36.23 -74.59 -35.60
CA GLY G 70 37.65 -74.37 -35.70
C GLY G 70 38.48 -75.57 -36.10
N VAL G 71 37.86 -76.73 -36.31
CA VAL G 71 38.55 -77.94 -36.71
C VAL G 71 38.46 -78.09 -38.23
N GLU G 72 39.58 -78.23 -38.90
CA GLU G 72 39.58 -78.38 -40.34
C GLU G 72 39.01 -79.74 -40.74
N VAL G 73 38.09 -79.75 -41.69
CA VAL G 73 37.44 -80.97 -42.13
C VAL G 73 37.64 -81.20 -43.63
N GLY G 74 37.35 -80.18 -44.45
CA GLY G 74 37.43 -80.29 -45.89
C GLY G 74 38.29 -79.19 -46.49
N THR G 75 38.41 -79.25 -47.82
CA THR G 75 39.21 -78.29 -48.57
C THR G 75 38.50 -77.94 -49.87
N VAL G 76 38.49 -76.65 -50.21
CA VAL G 76 37.87 -76.20 -51.44
C VAL G 76 38.67 -76.72 -52.63
N GLN G 77 37.96 -77.32 -53.60
CA GLN G 77 38.60 -77.89 -54.77
C GLN G 77 38.47 -77.03 -56.02
N ASP G 78 37.26 -76.65 -56.40
CA ASP G 78 37.04 -75.99 -57.69
C ASP G 78 36.06 -74.84 -57.53
N ILE G 79 36.20 -73.83 -58.40
CA ILE G 79 35.30 -72.69 -58.45
C ILE G 79 34.86 -72.49 -59.90
N SER G 80 33.56 -72.28 -60.10
CA SER G 80 33.03 -72.04 -61.43
C SER G 80 31.83 -71.10 -61.34
N LEU G 81 31.39 -70.63 -62.50
CA LEU G 81 30.25 -69.72 -62.60
C LEU G 81 29.13 -70.38 -63.37
N SER G 82 27.90 -70.19 -62.89
CA SER G 82 26.71 -70.77 -63.52
C SER G 82 26.19 -69.84 -64.62
N ASP G 83 26.95 -69.82 -65.71
CA ASP G 83 26.71 -68.98 -66.88
C ASP G 83 26.26 -67.57 -66.51
N ASP G 84 26.99 -66.97 -65.57
CA ASP G 84 26.78 -65.57 -65.17
C ASP G 84 25.36 -65.30 -64.69
N LEU G 85 24.81 -66.23 -63.92
CA LEU G 85 23.50 -66.05 -63.31
C LEU G 85 23.61 -65.63 -61.85
N ARG G 86 24.64 -64.86 -61.52
CA ARG G 86 24.85 -64.33 -60.18
C ARG G 86 24.96 -65.44 -59.13
N LYS G 87 25.47 -66.60 -59.54
CA LYS G 87 25.69 -67.71 -58.64
C LYS G 87 27.06 -68.30 -58.88
N ILE G 88 27.79 -68.56 -57.80
CA ILE G 88 29.12 -69.14 -57.87
C ILE G 88 29.05 -70.56 -57.35
N GLU G 89 29.40 -71.53 -58.18
CA GLU G 89 29.40 -72.94 -57.80
C GLU G 89 30.78 -73.32 -57.27
N VAL G 90 30.84 -73.76 -56.02
CA VAL G 90 32.09 -74.13 -55.38
C VAL G 90 32.02 -75.61 -55.06
N LYS G 91 32.95 -76.38 -55.62
CA LYS G 91 33.06 -77.81 -55.35
C LYS G 91 34.11 -78.04 -54.27
N VAL G 92 33.69 -78.64 -53.16
CA VAL G 92 34.52 -78.83 -51.98
C VAL G 92 34.53 -80.30 -51.62
N SER G 93 35.72 -80.83 -51.33
CA SER G 93 35.87 -82.21 -50.88
C SER G 93 35.78 -82.28 -49.35
N ILE G 94 35.09 -83.30 -48.86
CA ILE G 94 34.86 -83.51 -47.45
C ILE G 94 35.36 -84.90 -47.08
N LYS G 95 36.07 -84.98 -45.96
CA LYS G 95 36.59 -86.26 -45.49
C LYS G 95 35.45 -87.20 -45.09
N SER G 96 35.75 -88.49 -45.10
CA SER G 96 34.74 -89.53 -44.90
C SER G 96 34.24 -89.59 -43.46
N ASP G 97 34.92 -88.95 -42.52
CA ASP G 97 34.44 -88.97 -41.14
C ASP G 97 33.18 -88.13 -40.96
N MET G 98 33.08 -87.03 -41.70
CA MET G 98 31.98 -86.10 -41.56
C MET G 98 30.80 -86.42 -42.45
N LYS G 99 30.92 -87.41 -43.34
CA LYS G 99 29.87 -87.70 -44.29
C LYS G 99 28.61 -88.26 -43.64
N ASP G 100 28.72 -88.72 -42.39
CA ASP G 100 27.54 -89.20 -41.67
C ASP G 100 26.59 -88.05 -41.38
N ALA G 101 27.12 -86.87 -41.04
CA ALA G 101 26.31 -85.72 -40.74
C ALA G 101 26.08 -84.82 -41.94
N LEU G 102 26.60 -85.18 -43.11
CA LEU G 102 26.39 -84.41 -44.34
C LEU G 102 24.98 -84.68 -44.85
N ARG G 103 24.02 -83.95 -44.29
CA ARG G 103 22.61 -84.21 -44.56
C ARG G 103 21.90 -82.97 -45.04
N GLU G 104 20.56 -83.05 -45.15
CA GLU G 104 19.80 -81.97 -45.76
C GLU G 104 19.86 -80.69 -44.93
N GLU G 105 19.73 -80.81 -43.61
CA GLU G 105 19.68 -79.64 -42.75
C GLU G 105 21.08 -79.15 -42.34
N THR G 106 21.94 -78.96 -43.32
CA THR G 106 23.31 -78.51 -43.09
C THR G 106 23.48 -77.08 -43.57
N GLN G 107 24.14 -76.26 -42.78
CA GLN G 107 24.29 -74.84 -43.06
C GLN G 107 25.76 -74.54 -43.35
N PHE G 108 25.99 -73.71 -44.37
CA PHE G 108 27.32 -73.26 -44.73
C PHE G 108 27.34 -71.74 -44.80
N TRP G 109 28.48 -71.16 -44.44
CA TRP G 109 28.63 -69.72 -44.53
C TRP G 109 30.10 -69.38 -44.75
N LEU G 110 30.35 -68.15 -45.16
CA LEU G 110 31.69 -67.67 -45.47
C LEU G 110 32.12 -66.71 -44.37
N VAL G 111 33.10 -67.13 -43.57
CA VAL G 111 33.65 -66.29 -42.52
C VAL G 111 34.74 -65.40 -43.11
N THR G 112 34.51 -64.09 -43.05
CA THR G 112 35.35 -63.06 -43.65
C THR G 112 35.37 -61.86 -42.71
N PRO G 113 36.54 -61.33 -42.38
CA PRO G 113 36.61 -60.18 -41.48
C PRO G 113 36.00 -58.93 -42.07
N LYS G 114 35.44 -58.10 -41.19
CA LYS G 114 34.85 -56.83 -41.60
C LYS G 114 34.98 -55.84 -40.45
N ALA G 115 34.99 -54.56 -40.80
CA ALA G 115 35.13 -53.48 -39.82
C ALA G 115 33.75 -53.12 -39.28
N SER G 116 33.24 -53.99 -38.42
CA SER G 116 31.94 -53.76 -37.82
C SER G 116 32.03 -52.69 -36.74
N LEU G 117 30.85 -52.17 -36.36
CA LEU G 117 30.77 -51.15 -35.33
C LEU G 117 30.69 -51.80 -33.95
N ALA G 118 31.23 -51.09 -32.95
CA ALA G 118 31.29 -51.56 -31.56
C ALA G 118 31.98 -52.92 -31.48
N GLY G 119 33.07 -53.07 -32.21
CA GLY G 119 33.79 -54.32 -32.24
C GLY G 119 33.95 -54.87 -33.63
N VAL G 120 35.05 -55.58 -33.88
CA VAL G 120 35.35 -56.14 -35.19
C VAL G 120 35.24 -57.65 -35.12
N SER G 121 34.62 -58.24 -36.12
CA SER G 121 34.42 -59.68 -36.19
C SER G 121 35.44 -60.33 -37.11
N GLY G 122 35.62 -61.64 -36.95
CA GLY G 122 36.55 -62.37 -37.78
C GLY G 122 38.01 -62.02 -37.63
N LEU G 123 38.48 -61.87 -36.39
CA LEU G 123 39.90 -61.62 -36.15
C LEU G 123 40.75 -62.81 -36.60
N ASP G 124 40.30 -64.01 -36.28
CA ASP G 124 41.01 -65.21 -36.74
C ASP G 124 41.00 -65.33 -38.25
N ALA G 125 39.89 -64.99 -38.87
CA ALA G 125 39.83 -64.99 -40.33
C ALA G 125 40.74 -63.92 -40.92
N LEU G 126 40.88 -62.79 -40.24
CA LEU G 126 41.82 -61.76 -40.70
C LEU G 126 43.26 -62.25 -40.61
N VAL G 127 43.61 -62.94 -39.53
CA VAL G 127 44.99 -63.39 -39.37
C VAL G 127 45.29 -64.50 -40.36
N GLY G 128 44.40 -65.49 -40.47
CA GLY G 128 44.69 -66.68 -41.25
C GLY G 128 43.91 -66.87 -42.54
N GLY G 129 43.36 -65.79 -43.09
CA GLY G 129 42.62 -65.89 -44.32
C GLY G 129 41.19 -66.31 -44.14
N ASN G 130 40.27 -65.71 -44.90
CA ASN G 130 38.86 -66.02 -44.78
C ASN G 130 38.58 -67.45 -45.20
N TYR G 131 37.60 -68.08 -44.55
CA TYR G 131 37.39 -69.51 -44.71
C TYR G 131 35.89 -69.78 -44.78
N ILE G 132 35.52 -71.06 -44.73
CA ILE G 132 34.14 -71.50 -44.80
C ILE G 132 33.79 -72.23 -43.51
N GLY G 133 32.70 -71.83 -42.87
CA GLY G 133 32.20 -72.50 -41.68
C GLY G 133 30.97 -73.32 -42.00
N MET G 134 30.81 -74.44 -41.29
CA MET G 134 29.72 -75.36 -41.52
C MET G 134 29.07 -75.75 -40.20
N MET G 135 27.81 -76.16 -40.28
CA MET G 135 27.03 -76.61 -39.14
C MET G 135 26.13 -77.75 -39.57
N PRO G 136 26.34 -78.94 -39.03
CA PRO G 136 25.52 -80.09 -39.44
C PRO G 136 24.14 -80.07 -38.80
N GLY G 137 23.27 -80.92 -39.31
CA GLY G 137 21.91 -81.02 -38.82
C GLY G 137 21.41 -82.44 -38.88
N LYS G 138 20.09 -82.59 -39.01
CA LYS G 138 19.42 -83.88 -38.99
C LYS G 138 18.55 -84.06 -40.21
N GLY G 139 19.10 -83.77 -41.38
CA GLY G 139 18.39 -83.96 -42.63
C GLY G 139 18.42 -85.40 -43.09
N LYS G 140 17.96 -85.60 -44.33
CA LYS G 140 17.95 -86.92 -44.93
C LYS G 140 19.21 -87.16 -45.77
N GLU G 141 19.39 -86.36 -46.82
CA GLU G 141 20.54 -86.45 -47.70
C GLU G 141 20.53 -85.25 -48.63
N GLN G 142 21.70 -84.70 -48.91
CA GLN G 142 21.80 -83.55 -49.79
C GLN G 142 23.21 -83.46 -50.34
N ASP G 143 23.32 -83.06 -51.60
CA ASP G 143 24.60 -82.84 -52.24
C ASP G 143 24.71 -81.46 -52.87
N HIS G 144 23.72 -80.59 -52.67
CA HIS G 144 23.70 -79.25 -53.24
C HIS G 144 23.14 -78.31 -52.19
N PHE G 145 23.98 -77.39 -51.72
CA PHE G 145 23.60 -76.50 -50.62
C PHE G 145 23.61 -75.04 -51.08
N VAL G 146 22.93 -74.20 -50.32
CA VAL G 146 22.89 -72.76 -50.55
C VAL G 146 23.51 -72.06 -49.35
N ALA G 147 24.54 -71.27 -49.59
CA ALA G 147 25.25 -70.59 -48.51
C ALA G 147 24.36 -69.54 -47.86
N LEU G 148 24.58 -69.33 -46.56
CA LEU G 148 23.84 -68.34 -45.81
C LEU G 148 24.59 -67.02 -45.86
N ASP G 149 24.16 -66.06 -45.06
CA ASP G 149 24.73 -64.72 -45.10
C ASP G 149 25.48 -64.32 -43.84
N THR G 150 24.89 -64.48 -42.65
CA THR G 150 25.52 -63.97 -41.44
C THR G 150 25.76 -65.02 -40.34
N GLN G 151 25.81 -66.30 -40.69
CA GLN G 151 26.08 -67.33 -39.68
C GLN G 151 25.11 -67.25 -38.50
N PRO G 152 23.90 -67.76 -38.67
CA PRO G 152 22.92 -67.69 -37.59
C PRO G 152 23.33 -68.46 -36.35
N LYS G 153 22.86 -67.97 -35.22
CA LYS G 153 23.19 -68.57 -33.92
C LYS G 153 22.79 -70.04 -33.87
N TYR G 154 23.70 -70.87 -33.36
CA TYR G 154 23.48 -72.30 -33.27
C TYR G 154 23.23 -72.82 -31.86
N ARG G 155 23.61 -72.05 -30.83
CA ARG G 155 23.41 -72.37 -29.42
C ARG G 155 24.34 -73.50 -29.00
N LEU G 156 24.39 -73.80 -27.71
CA LEU G 156 25.28 -74.85 -27.20
C LEU G 156 24.62 -75.91 -26.34
N ASP G 157 23.44 -75.64 -25.78
CA ASP G 157 22.71 -76.59 -24.94
C ASP G 157 23.56 -77.05 -23.76
N ASN G 158 23.95 -76.09 -22.93
CA ASN G 158 24.76 -76.34 -21.76
C ASN G 158 23.95 -76.37 -20.48
N GLY G 159 22.64 -76.44 -20.58
CA GLY G 159 21.79 -76.36 -19.41
C GLY G 159 21.34 -74.96 -19.06
N ASP G 160 21.56 -73.99 -19.94
CA ASP G 160 21.15 -72.63 -19.67
C ASP G 160 19.64 -72.49 -19.73
N LEU G 161 19.15 -71.40 -19.19
CA LEU G 161 17.72 -71.14 -19.14
C LEU G 161 17.34 -70.10 -20.19
N MET G 162 16.39 -70.44 -21.05
CA MET G 162 15.93 -69.56 -22.12
C MET G 162 14.57 -68.98 -21.74
N ILE G 163 14.44 -67.66 -21.75
CA ILE G 163 13.17 -67.03 -21.39
C ILE G 163 12.86 -65.93 -22.39
N HIS G 164 11.60 -65.52 -22.41
CA HIS G 164 11.13 -64.55 -23.38
C HIS G 164 10.59 -63.33 -22.67
N LEU G 165 10.78 -62.17 -23.28
CA LEU G 165 10.26 -60.92 -22.78
C LEU G 165 9.48 -60.22 -23.87
N GLN G 166 8.40 -59.53 -23.51
CA GLN G 166 7.57 -58.83 -24.47
C GLN G 166 7.64 -57.33 -24.25
N ALA G 167 7.98 -56.60 -25.29
CA ALA G 167 8.11 -55.16 -25.21
C ALA G 167 7.42 -54.53 -26.41
N PRO G 168 6.91 -53.31 -26.26
CA PRO G 168 6.38 -52.61 -27.41
C PRO G 168 7.43 -52.33 -28.46
N ASP G 169 8.68 -52.13 -28.06
CA ASP G 169 9.73 -51.89 -29.04
C ASP G 169 11.03 -52.47 -28.49
N LEU G 170 11.97 -52.69 -29.39
CA LEU G 170 13.25 -53.26 -29.02
C LEU G 170 14.06 -52.31 -28.15
N GLY G 171 13.94 -51.01 -28.36
CA GLY G 171 14.75 -50.09 -27.60
C GLY G 171 16.18 -50.05 -28.11
N SER G 172 17.08 -49.71 -27.21
CA SER G 172 18.49 -49.67 -27.57
C SER G 172 19.13 -51.04 -27.59
N LEU G 173 18.43 -52.08 -27.18
CA LEU G 173 19.03 -53.39 -27.07
C LEU G 173 19.38 -53.99 -28.42
N ASN G 174 20.56 -54.61 -28.47
CA ASN G 174 21.02 -55.34 -29.64
C ASN G 174 21.42 -56.73 -29.20
N SER G 175 21.84 -57.55 -30.16
CA SER G 175 22.31 -58.87 -29.80
C SER G 175 23.65 -58.79 -29.08
N GLY G 176 23.71 -59.44 -27.92
CA GLY G 176 24.89 -59.40 -27.10
C GLY G 176 24.83 -58.45 -25.93
N SER G 177 23.75 -57.70 -25.78
CA SER G 177 23.60 -56.85 -24.61
C SER G 177 23.40 -57.72 -23.38
N LEU G 178 23.86 -57.21 -22.24
CA LEU G 178 24.02 -58.02 -21.04
C LEU G 178 22.80 -57.94 -20.11
N VAL G 179 22.67 -58.98 -19.30
CA VAL G 179 21.62 -59.09 -18.29
C VAL G 179 22.29 -59.08 -16.93
N TYR G 180 21.79 -58.25 -16.03
CA TYR G 180 22.43 -57.96 -14.75
C TYR G 180 21.52 -58.33 -13.59
N PHE G 181 22.13 -58.91 -12.57
CA PHE G 181 21.51 -59.06 -11.25
C PHE G 181 22.46 -58.50 -10.24
N ARG G 182 21.99 -57.52 -9.46
CA ARG G 182 22.83 -56.78 -8.53
C ARG G 182 24.03 -56.18 -9.24
N LYS G 183 23.80 -55.72 -10.46
CA LYS G 183 24.84 -55.21 -11.32
C LYS G 183 25.97 -56.20 -11.54
N ILE G 184 25.61 -57.47 -11.67
CA ILE G 184 26.52 -58.56 -11.97
C ILE G 184 26.01 -59.25 -13.23
N PRO G 185 26.83 -59.42 -14.26
CA PRO G 185 26.35 -60.05 -15.49
C PRO G 185 26.08 -61.54 -15.29
N VAL G 186 24.87 -61.97 -15.60
CA VAL G 186 24.49 -63.36 -15.44
C VAL G 186 23.88 -63.91 -16.72
N GLY G 187 23.94 -63.16 -17.81
CA GLY G 187 23.35 -63.66 -19.04
C GLY G 187 23.47 -62.62 -20.13
N LYS G 188 22.91 -62.95 -21.28
CA LYS G 188 22.98 -62.04 -22.41
C LYS G 188 21.74 -62.25 -23.28
N VAL G 189 21.46 -61.25 -24.10
CA VAL G 189 20.33 -61.31 -25.02
C VAL G 189 20.70 -62.18 -26.20
N TYR G 190 19.87 -63.17 -26.47
CA TYR G 190 20.15 -64.14 -27.52
C TYR G 190 19.61 -63.71 -28.87
N ASP G 191 18.33 -63.33 -28.94
CA ASP G 191 17.73 -63.02 -30.24
C ASP G 191 16.56 -62.09 -30.01
N TYR G 192 16.06 -61.50 -31.09
CA TYR G 192 14.86 -60.67 -31.06
C TYR G 192 14.03 -60.92 -32.30
N ALA G 193 12.73 -60.72 -32.16
CA ALA G 193 11.83 -60.99 -33.27
C ALA G 193 10.56 -60.17 -33.11
N ILE G 194 9.79 -60.10 -34.19
CA ILE G 194 8.53 -59.38 -34.24
C ILE G 194 7.40 -60.36 -34.13
N ASN G 195 6.41 -60.04 -33.31
CA ASN G 195 5.24 -60.88 -33.18
C ASN G 195 4.45 -60.90 -34.47
N PRO G 196 3.64 -61.94 -34.68
CA PRO G 196 2.71 -61.94 -35.80
C PRO G 196 1.77 -60.76 -35.78
N ASN G 197 1.34 -60.37 -34.59
CA ASN G 197 0.75 -59.06 -34.42
C ASN G 197 1.85 -58.02 -34.48
N LYS G 198 1.63 -56.96 -35.24
CA LYS G 198 2.68 -55.99 -35.45
C LYS G 198 2.94 -55.13 -34.23
N GLN G 199 2.11 -55.24 -33.21
CA GLN G 199 2.26 -54.37 -32.04
C GLN G 199 3.41 -54.79 -31.13
N GLY G 200 3.71 -56.08 -31.04
CA GLY G 200 4.61 -56.62 -30.04
C GLY G 200 5.96 -57.05 -30.57
N VAL G 201 6.96 -56.98 -29.70
CA VAL G 201 8.31 -57.43 -30.02
C VAL G 201 8.75 -58.38 -28.93
N VAL G 202 9.28 -59.54 -29.32
CA VAL G 202 9.69 -60.59 -28.38
C VAL G 202 11.21 -60.65 -28.35
N ILE G 203 11.77 -60.50 -27.17
CA ILE G 203 13.21 -60.61 -26.95
C ILE G 203 13.48 -61.90 -26.22
N ASP G 204 14.27 -62.76 -26.84
CA ASP G 204 14.62 -64.07 -26.29
C ASP G 204 15.99 -63.97 -25.65
N VAL G 205 16.06 -64.18 -24.33
CA VAL G 205 17.31 -64.02 -23.59
C VAL G 205 17.68 -65.33 -22.91
N LEU G 206 18.96 -65.43 -22.56
CA LEU G 206 19.54 -66.66 -22.04
C LEU G 206 20.31 -66.36 -20.76
N ILE G 207 19.97 -67.08 -19.69
CA ILE G 207 20.64 -66.97 -18.40
C ILE G 207 21.52 -68.19 -18.20
N GLU G 208 22.70 -67.96 -17.64
CA GLU G 208 23.68 -69.01 -17.48
C GLU G 208 23.17 -70.07 -16.51
N ARG G 209 23.82 -71.24 -16.54
CA ARG G 209 23.36 -72.35 -15.73
C ARG G 209 23.53 -72.09 -14.24
N ARG G 210 24.61 -71.41 -13.88
CA ARG G 210 24.91 -71.20 -12.47
C ARG G 210 23.86 -70.34 -11.79
N PHE G 211 23.13 -69.55 -12.53
CA PHE G 211 22.16 -68.64 -11.95
C PHE G 211 20.75 -69.01 -12.39
N THR G 212 20.52 -70.27 -12.69
CA THR G 212 19.17 -70.67 -13.10
C THR G 212 18.19 -70.53 -11.95
N ASP G 213 18.63 -70.75 -10.73
CA ASP G 213 17.75 -70.58 -9.59
C ASP G 213 17.47 -69.13 -9.28
N LEU G 214 18.19 -68.20 -9.89
CA LEU G 214 17.94 -66.78 -9.61
C LEU G 214 16.60 -66.33 -10.17
N VAL G 215 16.19 -66.85 -11.31
CA VAL G 215 14.95 -66.43 -11.95
C VAL G 215 13.78 -67.09 -11.26
N LYS G 216 12.80 -66.28 -10.84
CA LYS G 216 11.61 -66.75 -10.18
C LYS G 216 10.38 -66.37 -10.98
N LYS G 217 9.22 -66.82 -10.51
CA LYS G 217 7.97 -66.44 -11.17
C LYS G 217 7.69 -64.96 -11.00
N GLY G 218 8.01 -64.41 -9.84
CA GLY G 218 7.78 -63.02 -9.57
C GLY G 218 8.91 -62.09 -9.92
N SER G 219 9.91 -62.56 -10.64
CA SER G 219 11.03 -61.71 -11.02
C SER G 219 10.59 -60.65 -12.01
N ARG G 220 11.11 -59.44 -11.84
CA ARG G 220 10.77 -58.32 -12.70
C ARG G 220 12.00 -57.87 -13.47
N PHE G 221 11.81 -57.53 -14.74
CA PHE G 221 12.87 -57.15 -15.66
C PHE G 221 12.67 -55.72 -16.13
N TRP G 222 13.67 -54.88 -15.94
CA TRP G 222 13.59 -53.52 -16.46
C TRP G 222 14.75 -53.31 -17.41
N ASN G 223 14.77 -52.15 -18.05
CA ASN G 223 15.75 -51.82 -19.07
C ASN G 223 16.59 -50.65 -18.63
N VAL G 224 17.90 -50.84 -18.62
CA VAL G 224 18.86 -49.80 -18.31
C VAL G 224 19.75 -49.62 -19.54
N SER G 225 19.54 -48.55 -20.29
CA SER G 225 20.32 -48.26 -21.48
C SER G 225 20.45 -46.76 -21.65
N GLY G 226 21.61 -46.33 -22.11
CA GLY G 226 21.89 -44.92 -22.31
C GLY G 226 22.19 -44.20 -21.01
N VAL G 227 22.27 -42.88 -21.11
CA VAL G 227 22.58 -42.00 -19.98
C VAL G 227 21.52 -40.92 -19.89
N ASP G 228 20.95 -40.74 -18.69
CA ASP G 228 19.92 -39.75 -18.45
C ASP G 228 20.41 -38.76 -17.39
N ALA G 229 20.56 -37.51 -17.78
CA ALA G 229 21.01 -36.47 -16.87
C ALA G 229 19.85 -35.54 -16.54
N ASN G 230 19.54 -35.40 -15.25
CA ASN G 230 18.44 -34.57 -14.80
C ASN G 230 18.93 -33.58 -13.76
N VAL G 231 18.86 -32.30 -14.07
CA VAL G 231 19.26 -31.25 -13.14
C VAL G 231 18.03 -30.76 -12.38
N SER G 232 18.12 -30.74 -11.06
CA SER G 232 17.04 -30.29 -10.21
C SER G 232 17.21 -28.79 -9.91
N ILE G 233 16.40 -28.28 -8.99
CA ILE G 233 16.54 -26.89 -8.57
C ILE G 233 17.86 -26.68 -7.85
N SER G 234 18.27 -27.65 -7.03
CA SER G 234 19.55 -27.55 -6.33
C SER G 234 20.33 -28.87 -6.38
N GLY G 235 19.97 -29.79 -7.28
CA GLY G 235 20.68 -31.05 -7.40
C GLY G 235 20.90 -31.44 -8.84
N ALA G 236 21.66 -32.50 -9.02
CA ALA G 236 21.97 -33.01 -10.36
C ALA G 236 22.18 -34.50 -10.25
N LYS G 237 21.37 -35.28 -10.96
CA LYS G 237 21.43 -36.73 -10.95
C LYS G 237 21.78 -37.23 -12.34
N VAL G 238 22.91 -37.90 -12.47
CA VAL G 238 23.36 -38.48 -13.72
C VAL G 238 23.19 -39.98 -13.61
N LYS G 239 22.09 -40.50 -14.14
CA LYS G 239 21.78 -41.92 -14.08
C LYS G 239 22.35 -42.61 -15.30
N LEU G 240 23.30 -43.51 -15.08
CA LEU G 240 23.91 -44.26 -16.17
C LEU G 240 24.50 -45.53 -15.60
N GLU G 241 24.79 -46.46 -16.48
CA GLU G 241 25.39 -47.73 -16.13
C GLU G 241 26.74 -47.86 -16.84
N SER G 242 27.29 -49.07 -16.82
CA SER G 242 28.58 -49.33 -17.45
C SER G 242 28.57 -48.93 -18.92
N LEU G 243 29.78 -48.82 -19.47
CA LEU G 243 29.96 -48.31 -20.82
C LEU G 243 29.29 -49.19 -21.86
N ALA G 244 29.21 -50.49 -21.61
CA ALA G 244 28.50 -51.38 -22.53
C ALA G 244 27.02 -51.05 -22.58
N ALA G 245 26.45 -50.62 -21.46
CA ALA G 245 25.07 -50.18 -21.46
C ALA G 245 24.88 -48.91 -22.26
N LEU G 246 25.85 -48.00 -22.18
CA LEU G 246 25.76 -46.78 -22.97
C LEU G 246 25.90 -47.08 -24.46
N VAL G 247 26.79 -48.00 -24.81
CA VAL G 247 26.99 -48.31 -26.21
C VAL G 247 25.89 -49.22 -26.75
N ASN G 248 25.55 -50.28 -26.02
CA ASN G 248 24.55 -51.26 -26.45
C ASN G 248 23.29 -51.26 -25.60
N GLY G 249 23.40 -51.50 -24.30
CA GLY G 249 22.22 -51.59 -23.46
C GLY G 249 22.27 -52.71 -22.47
N ALA G 250 21.32 -52.75 -21.54
CA ALA G 250 21.34 -53.79 -20.52
C ALA G 250 19.94 -54.01 -20.01
N ILE G 251 19.72 -55.20 -19.44
CA ILE G 251 18.47 -55.54 -18.81
C ILE G 251 18.76 -56.03 -17.41
N ALA G 252 18.22 -55.36 -16.42
CA ALA G 252 18.48 -55.72 -15.05
C ALA G 252 17.23 -56.30 -14.41
N PHE G 253 17.39 -57.35 -13.63
CA PHE G 253 16.20 -58.02 -13.10
C PHE G 253 16.33 -58.21 -11.60
N ASP G 254 15.18 -58.30 -10.94
CA ASP G 254 15.10 -58.49 -9.50
C ASP G 254 14.32 -59.74 -9.16
N SER G 255 14.85 -60.50 -8.20
CA SER G 255 14.31 -61.74 -7.68
C SER G 255 13.58 -61.52 -6.38
N PRO G 256 12.33 -61.93 -6.25
CA PRO G 256 11.63 -61.78 -4.98
C PRO G 256 12.13 -62.76 -3.95
N GLU G 257 11.60 -62.66 -2.73
CA GLU G 257 12.07 -63.50 -1.63
C GLU G 257 11.47 -64.90 -1.70
N GLU G 258 10.16 -64.98 -1.64
CA GLU G 258 9.45 -66.25 -1.61
C GLU G 258 8.63 -66.38 -2.89
N SER G 259 9.16 -67.15 -3.84
CA SER G 259 8.45 -67.43 -5.08
C SER G 259 8.99 -68.72 -5.67
N LYS G 260 8.17 -69.37 -6.46
CA LYS G 260 8.60 -70.58 -7.13
C LYS G 260 9.57 -70.23 -8.26
N PRO G 261 10.52 -71.11 -8.55
CA PRO G 261 11.42 -70.86 -9.68
C PRO G 261 10.68 -70.92 -11.01
N ALA G 262 11.17 -70.14 -11.95
CA ALA G 262 10.63 -70.07 -13.29
C ALA G 262 11.45 -70.90 -14.26
N GLU G 263 10.79 -71.48 -15.25
CA GLU G 263 11.47 -72.36 -16.18
C GLU G 263 10.65 -72.51 -17.46
N ALA G 264 11.30 -73.07 -18.49
CA ALA G 264 10.64 -73.48 -19.74
C ALA G 264 9.98 -72.31 -20.46
N GLU G 265 10.81 -71.36 -20.86
CA GLU G 265 10.39 -70.25 -21.71
C GLU G 265 9.25 -69.46 -21.09
N ASP G 266 9.34 -69.21 -19.80
CA ASP G 266 8.33 -68.40 -19.13
C ASP G 266 8.42 -66.96 -19.60
N THR G 267 7.29 -66.34 -19.86
CA THR G 267 7.27 -64.99 -20.40
C THR G 267 7.22 -63.96 -19.28
N PHE G 268 7.76 -62.77 -19.56
CA PHE G 268 7.79 -61.67 -18.61
C PHE G 268 7.55 -60.36 -19.35
N GLY G 269 7.32 -59.30 -18.60
CA GLY G 269 7.15 -57.96 -19.14
C GLY G 269 8.37 -57.11 -18.84
N LEU G 270 8.82 -56.39 -19.85
CA LEU G 270 10.02 -55.57 -19.74
C LEU G 270 9.59 -54.13 -19.45
N TYR G 271 9.83 -53.68 -18.23
CA TYR G 271 9.52 -52.31 -17.85
C TYR G 271 10.59 -51.36 -18.38
N GLU G 272 10.18 -50.13 -18.64
CA GLU G 272 11.09 -49.17 -19.23
C GLU G 272 12.05 -48.56 -18.24
N ASP G 273 11.80 -48.68 -16.95
CA ASP G 273 12.65 -48.03 -15.97
C ASP G 273 12.51 -48.76 -14.65
N LEU G 274 13.47 -48.51 -13.77
CA LEU G 274 13.40 -49.07 -12.43
C LEU G 274 12.21 -48.51 -11.67
N ALA G 275 11.93 -47.22 -11.86
CA ALA G 275 10.81 -46.61 -11.18
C ALA G 275 9.48 -47.22 -11.63
N HIS G 276 9.35 -47.50 -12.92
CA HIS G 276 8.13 -48.13 -13.40
C HIS G 276 7.97 -49.56 -12.94
N SER G 277 9.05 -50.21 -12.53
CA SER G 277 8.97 -51.58 -12.05
C SER G 277 8.65 -51.68 -10.57
N GLN G 278 8.56 -50.57 -9.87
CA GLN G 278 8.25 -50.62 -8.44
C GLN G 278 6.82 -51.07 -8.24
N ARG G 279 6.64 -52.01 -7.32
CA ARG G 279 5.32 -52.54 -7.06
C ARG G 279 4.45 -51.51 -6.36
N GLY G 280 3.17 -51.50 -6.71
CA GLY G 280 2.25 -50.55 -6.13
C GLY G 280 0.83 -51.00 -6.39
N VAL G 281 -0.11 -50.22 -5.86
CA VAL G 281 -1.53 -50.50 -5.99
C VAL G 281 -2.18 -49.40 -6.78
N ILE G 282 -3.03 -49.77 -7.75
CA ILE G 282 -3.69 -48.85 -8.66
C ILE G 282 -4.97 -48.35 -8.03
N ILE G 283 -5.14 -47.02 -8.01
CA ILE G 283 -6.33 -46.38 -7.50
C ILE G 283 -6.88 -45.48 -8.59
N LYS G 284 -8.18 -45.60 -8.86
CA LYS G 284 -8.84 -44.80 -9.87
C LYS G 284 -9.47 -43.57 -9.25
N LEU G 285 -9.27 -42.43 -9.88
CA LEU G 285 -9.72 -41.15 -9.39
C LEU G 285 -10.61 -40.46 -10.40
N GLU G 286 -11.71 -39.90 -9.93
CA GLU G 286 -12.64 -39.13 -10.76
C GLU G 286 -12.39 -37.65 -10.48
N LEU G 287 -11.45 -37.09 -11.20
CA LEU G 287 -11.01 -35.71 -11.00
C LEU G 287 -12.00 -34.71 -11.56
N PRO G 288 -12.09 -33.53 -10.95
CA PRO G 288 -12.95 -32.48 -11.52
C PRO G 288 -12.36 -31.85 -12.78
N SER G 289 -11.06 -31.56 -12.78
CA SER G 289 -10.41 -30.99 -13.95
C SER G 289 -8.93 -31.28 -13.82
N GLY G 290 -8.22 -31.14 -14.93
CA GLY G 290 -6.79 -31.37 -14.93
C GLY G 290 -6.03 -30.10 -15.14
N ALA G 291 -6.46 -29.05 -14.47
CA ALA G 291 -5.87 -27.72 -14.69
C ALA G 291 -4.41 -27.65 -14.27
N GLY G 292 -4.06 -28.20 -13.13
CA GLY G 292 -2.69 -28.12 -12.67
C GLY G 292 -2.08 -29.46 -12.36
N LEU G 293 -2.58 -30.51 -13.00
CA LEU G 293 -2.15 -31.87 -12.75
C LEU G 293 -1.29 -32.38 -13.89
N THR G 294 -0.16 -32.98 -13.53
CA THR G 294 0.80 -33.52 -14.49
C THR G 294 1.04 -34.99 -14.17
N ALA G 295 1.01 -35.82 -15.20
CA ALA G 295 1.25 -37.24 -15.03
C ALA G 295 2.70 -37.48 -14.61
N ASP G 296 2.88 -38.42 -13.68
CA ASP G 296 4.16 -38.79 -13.11
C ASP G 296 4.86 -37.62 -12.44
N SER G 297 4.12 -36.60 -12.02
CA SER G 297 4.72 -35.46 -11.33
C SER G 297 3.93 -34.97 -10.13
N THR G 298 2.67 -35.35 -9.96
CA THR G 298 1.84 -34.86 -8.87
C THR G 298 1.82 -35.87 -7.74
N PRO G 299 2.30 -35.54 -6.56
CA PRO G 299 2.38 -36.51 -5.48
C PRO G 299 1.12 -36.58 -4.63
N LEU G 300 1.09 -37.59 -3.76
CA LEU G 300 0.05 -37.77 -2.77
C LEU G 300 0.69 -37.65 -1.40
N MET G 301 0.46 -36.54 -0.73
CA MET G 301 1.12 -36.21 0.52
C MET G 301 0.26 -36.64 1.70
N TYR G 302 0.80 -37.47 2.58
CA TYR G 302 0.18 -37.82 3.84
C TYR G 302 1.18 -37.55 4.96
N GLN G 303 0.75 -36.77 5.95
CA GLN G 303 1.59 -36.33 7.05
C GLN G 303 2.85 -35.63 6.57
N GLY G 304 2.77 -34.94 5.44
CA GLY G 304 3.92 -34.27 4.86
C GLY G 304 4.85 -35.14 4.07
N LEU G 305 4.59 -36.43 3.96
CA LEU G 305 5.45 -37.35 3.25
C LEU G 305 4.76 -37.86 2.01
N GLU G 306 5.52 -38.01 0.93
CA GLU G 306 4.96 -38.47 -0.34
C GLU G 306 4.79 -39.98 -0.31
N VAL G 307 3.56 -40.44 -0.52
CA VAL G 307 3.26 -41.87 -0.54
C VAL G 307 2.65 -42.33 -1.85
N GLY G 308 2.28 -41.43 -2.75
CA GLY G 308 1.68 -41.80 -4.03
C GLY G 308 2.20 -40.94 -5.15
N GLN G 309 1.74 -41.25 -6.36
CA GLN G 309 2.16 -40.55 -7.57
C GLN G 309 1.08 -40.70 -8.61
N LEU G 310 0.58 -39.58 -9.12
CA LEU G 310 -0.41 -39.61 -10.19
C LEU G 310 0.25 -40.07 -11.47
N THR G 311 -0.19 -41.20 -12.01
CA THR G 311 0.49 -41.81 -13.14
C THR G 311 -0.24 -41.56 -14.45
N LYS G 312 -1.55 -41.79 -14.52
CA LYS G 312 -2.28 -41.69 -15.78
C LYS G 312 -3.36 -40.64 -15.66
N LEU G 313 -3.58 -39.90 -16.76
CA LEU G 313 -4.56 -38.82 -16.80
C LEU G 313 -5.22 -38.84 -18.16
N ASP G 314 -6.54 -39.02 -18.18
CA ASP G 314 -7.31 -39.21 -19.40
C ASP G 314 -8.54 -38.33 -19.41
N LEU G 315 -9.04 -38.07 -20.62
CA LEU G 315 -10.25 -37.29 -20.86
C LEU G 315 -11.27 -38.19 -21.54
N ASN G 316 -12.11 -38.83 -20.73
CA ASN G 316 -13.21 -39.62 -21.24
C ASN G 316 -14.28 -38.74 -21.87
N PRO G 317 -14.98 -39.24 -22.89
CA PRO G 317 -15.96 -38.40 -23.58
C PRO G 317 -17.09 -37.97 -22.66
N GLY G 318 -17.67 -36.81 -22.99
CA GLY G 318 -18.51 -36.09 -22.08
C GLY G 318 -17.78 -35.10 -21.21
N GLY G 319 -16.51 -34.85 -21.50
CA GLY G 319 -15.70 -33.97 -20.70
C GLY G 319 -15.42 -34.47 -19.30
N LYS G 320 -15.09 -35.76 -19.16
CA LYS G 320 -14.89 -36.35 -17.85
C LYS G 320 -13.40 -36.61 -17.67
N VAL G 321 -12.76 -35.85 -16.81
CA VAL G 321 -11.33 -36.03 -16.55
C VAL G 321 -11.18 -37.11 -15.49
N THR G 322 -10.39 -38.14 -15.80
CA THR G 322 -10.16 -39.25 -14.88
C THR G 322 -8.67 -39.47 -14.74
N GLY G 323 -8.29 -40.08 -13.62
CA GLY G 323 -6.89 -40.32 -13.32
C GLY G 323 -6.68 -41.66 -12.67
N GLU G 324 -5.41 -42.05 -12.66
CA GLU G 324 -4.99 -43.33 -12.12
C GLU G 324 -3.68 -43.13 -11.37
N MET G 325 -3.64 -43.55 -10.11
CA MET G 325 -2.54 -43.25 -9.20
C MET G 325 -2.00 -44.53 -8.59
N THR G 326 -0.68 -44.60 -8.43
CA THR G 326 -0.02 -45.72 -7.77
C THR G 326 0.32 -45.36 -6.34
N VAL G 327 -0.05 -46.22 -5.40
CA VAL G 327 0.24 -46.01 -4.00
C VAL G 327 1.12 -47.14 -3.50
N ASP G 328 2.05 -46.81 -2.61
CA ASP G 328 2.96 -47.78 -2.05
C ASP G 328 2.21 -48.70 -1.08
N PRO G 329 2.72 -49.91 -0.86
CA PRO G 329 2.01 -50.86 0.01
C PRO G 329 1.91 -50.47 1.47
N SER G 330 2.58 -49.41 1.92
CA SER G 330 2.55 -49.06 3.33
C SER G 330 1.19 -48.49 3.74
N VAL G 331 0.52 -47.78 2.84
CA VAL G 331 -0.71 -47.08 3.18
C VAL G 331 -1.93 -47.70 2.51
N VAL G 332 -1.84 -48.97 2.13
CA VAL G 332 -2.98 -49.63 1.51
C VAL G 332 -4.09 -49.83 2.54
N THR G 333 -3.74 -50.15 3.78
CA THR G 333 -4.72 -50.35 4.83
C THR G 333 -5.44 -49.05 5.20
N LEU G 334 -4.90 -47.90 4.82
CA LEU G 334 -5.55 -46.63 5.08
C LEU G 334 -6.58 -46.27 4.02
N LEU G 335 -6.66 -47.01 2.93
CA LEU G 335 -7.61 -46.75 1.85
C LEU G 335 -8.87 -47.57 2.11
N ARG G 336 -9.87 -46.95 2.74
CA ARG G 336 -11.12 -47.63 3.08
C ARG G 336 -12.29 -46.76 2.68
N GLU G 337 -13.50 -47.13 3.10
CA GLU G 337 -14.65 -46.27 2.88
C GLU G 337 -14.55 -45.00 3.72
N ASN G 338 -15.32 -44.00 3.30
CA ASN G 338 -15.24 -42.65 3.83
C ASN G 338 -13.81 -42.16 4.08
N THR G 339 -12.91 -42.51 3.16
CA THR G 339 -11.54 -41.99 3.14
C THR G 339 -11.47 -40.99 2.02
N ARG G 340 -11.04 -39.78 2.31
CA ARG G 340 -11.16 -38.68 1.36
C ARG G 340 -9.82 -38.35 0.74
N ILE G 341 -9.83 -38.02 -0.54
CA ILE G 341 -8.64 -37.54 -1.24
C ILE G 341 -9.00 -36.20 -1.85
N GLU G 342 -8.25 -35.16 -1.48
CA GLU G 342 -8.58 -33.82 -1.92
C GLU G 342 -7.35 -33.17 -2.55
N LEU G 343 -7.54 -32.01 -3.16
CA LEU G 343 -6.45 -31.30 -3.81
C LEU G 343 -6.25 -29.95 -3.12
N ARG G 344 -4.99 -29.60 -2.91
CA ARG G 344 -4.58 -28.37 -2.26
C ARG G 344 -3.77 -27.53 -3.22
N ASN G 345 -4.15 -26.26 -3.33
CA ASN G 345 -3.39 -25.30 -4.11
C ASN G 345 -2.21 -24.78 -3.31
N PRO G 346 -1.12 -24.43 -3.97
CA PRO G 346 0.02 -23.86 -3.27
C PRO G 346 -0.24 -22.45 -2.77
N LYS G 347 -0.43 -22.29 -1.47
CA LYS G 347 -0.70 -21.00 -0.88
C LYS G 347 0.59 -20.30 -0.47
N LEU G 348 0.60 -18.98 -0.61
CA LEU G 348 1.75 -18.16 -0.27
C LEU G 348 1.57 -17.57 1.12
N SER G 349 2.50 -17.89 2.01
CA SER G 349 2.49 -17.41 3.39
C SER G 349 3.65 -16.44 3.59
N LEU G 350 3.34 -15.22 4.03
CA LEU G 350 4.38 -14.23 4.25
C LEU G 350 5.19 -14.56 5.50
N SER G 351 4.54 -15.11 6.52
CA SER G 351 5.26 -15.44 7.75
C SER G 351 6.17 -16.64 7.56
N ASP G 352 5.69 -17.68 6.88
CA ASP G 352 6.45 -18.90 6.64
C ASP G 352 6.48 -19.16 5.13
N ALA G 353 7.48 -18.57 4.47
CA ALA G 353 7.62 -18.73 3.03
C ALA G 353 8.15 -20.11 2.69
N ASN G 354 7.49 -20.78 1.76
CA ASN G 354 7.86 -22.12 1.31
C ASN G 354 8.01 -22.10 -0.20
N LEU G 355 9.24 -21.91 -0.67
CA LEU G 355 9.47 -21.85 -2.11
C LEU G 355 9.25 -23.21 -2.77
N SER G 356 9.62 -24.29 -2.10
CA SER G 356 9.42 -25.61 -2.67
C SER G 356 7.94 -25.92 -2.83
N ALA G 357 7.13 -25.57 -1.84
CA ALA G 357 5.69 -25.77 -1.96
C ALA G 357 5.09 -24.93 -3.07
N LEU G 358 5.63 -23.72 -3.27
CA LEU G 358 5.16 -22.90 -4.38
C LEU G 358 5.55 -23.53 -5.71
N LEU G 359 6.74 -24.10 -5.81
CA LEU G 359 7.17 -24.68 -7.06
C LEU G 359 6.48 -26.00 -7.37
N THR G 360 6.05 -26.75 -6.36
CA THR G 360 5.41 -28.04 -6.63
C THR G 360 4.06 -27.87 -7.30
N GLY G 361 3.22 -26.96 -6.80
CA GLY G 361 1.91 -26.75 -7.38
C GLY G 361 0.79 -27.47 -6.67
N LYS G 362 -0.14 -28.05 -7.42
CA LYS G 362 -1.24 -28.79 -6.83
C LYS G 362 -0.73 -30.03 -6.12
N THR G 363 -1.34 -30.35 -4.98
CA THR G 363 -0.91 -31.46 -4.15
C THR G 363 -2.12 -32.29 -3.74
N PHE G 364 -2.03 -33.60 -3.88
CA PHE G 364 -3.08 -34.50 -3.43
C PHE G 364 -2.87 -34.81 -1.95
N GLU G 365 -3.89 -34.60 -1.14
CA GLU G 365 -3.87 -34.82 0.29
C GLU G 365 -4.83 -35.94 0.66
N LEU G 366 -4.40 -36.82 1.56
CA LEU G 366 -5.15 -37.99 1.95
C LEU G 366 -5.63 -37.85 3.38
N VAL G 367 -6.94 -38.02 3.58
CA VAL G 367 -7.56 -38.03 4.90
C VAL G 367 -8.14 -39.41 5.15
N PRO G 368 -7.51 -40.22 5.99
CA PRO G 368 -7.96 -41.60 6.17
C PRO G 368 -9.30 -41.70 6.88
N GLY G 369 -9.98 -42.81 6.62
CA GLY G 369 -11.24 -43.11 7.27
C GLY G 369 -11.32 -44.56 7.71
N ASP G 370 -12.52 -45.05 7.99
CA ASP G 370 -12.71 -46.43 8.43
C ASP G 370 -13.85 -47.09 7.66
N GLY G 371 -13.73 -48.39 7.47
CA GLY G 371 -14.76 -49.14 6.80
C GLY G 371 -14.16 -50.17 5.88
N GLU G 372 -14.97 -50.65 4.94
CA GLU G 372 -14.52 -51.63 3.97
C GLU G 372 -13.51 -50.99 3.02
N PRO G 373 -12.44 -51.69 2.67
CA PRO G 373 -11.47 -51.14 1.71
C PRO G 373 -12.07 -50.92 0.33
N ARG G 374 -11.61 -49.86 -0.33
CA ARG G 374 -12.08 -49.52 -1.67
C ARG G 374 -10.90 -49.06 -2.51
N LYS G 375 -11.05 -49.18 -3.82
CA LYS G 375 -9.97 -48.86 -4.75
C LYS G 375 -10.30 -47.72 -5.70
N GLU G 376 -11.43 -47.04 -5.51
CA GLU G 376 -11.79 -45.91 -6.36
C GLU G 376 -12.34 -44.80 -5.50
N PHE G 377 -12.03 -43.56 -5.87
CA PHE G 377 -12.43 -42.40 -5.10
C PHE G 377 -12.87 -41.28 -6.02
N VAL G 378 -13.61 -40.33 -5.46
CA VAL G 378 -14.03 -39.12 -6.14
C VAL G 378 -13.36 -37.94 -5.47
N VAL G 379 -12.64 -37.16 -6.24
CA VAL G 379 -11.87 -36.05 -5.72
C VAL G 379 -12.72 -34.79 -5.75
N VAL G 380 -12.77 -34.09 -4.62
CA VAL G 380 -13.54 -32.84 -4.49
C VAL G 380 -12.59 -31.67 -4.35
N PRO G 381 -12.96 -30.48 -4.81
CA PRO G 381 -12.09 -29.32 -4.65
C PRO G 381 -11.97 -28.90 -3.19
N GLY G 382 -10.98 -28.05 -2.93
CA GLY G 382 -10.74 -27.57 -1.58
C GLY G 382 -11.83 -26.67 -1.03
N GLU G 383 -12.59 -26.03 -1.91
CA GLU G 383 -13.72 -25.23 -1.46
C GLU G 383 -14.81 -26.08 -0.87
N LYS G 384 -15.05 -27.25 -1.43
CA LYS G 384 -16.08 -28.17 -0.97
C LYS G 384 -15.56 -29.19 0.02
N ALA G 385 -14.34 -29.02 0.51
CA ALA G 385 -13.75 -29.98 1.43
C ALA G 385 -14.52 -30.04 2.73
N LEU G 386 -14.95 -28.90 3.23
CA LEU G 386 -15.71 -28.87 4.47
C LEU G 386 -17.08 -29.48 4.29
N LEU G 387 -17.62 -29.42 3.08
CA LEU G 387 -18.96 -29.91 2.84
C LEU G 387 -19.03 -31.43 2.89
N HIS G 388 -17.91 -32.10 2.62
CA HIS G 388 -17.90 -33.56 2.54
C HIS G 388 -17.34 -34.23 3.78
N GLU G 389 -17.22 -33.50 4.89
CA GLU G 389 -16.80 -34.13 6.12
C GLU G 389 -17.90 -35.05 6.64
N PRO G 390 -17.53 -36.09 7.40
CA PRO G 390 -18.55 -37.01 7.90
C PRO G 390 -19.62 -36.36 8.76
N ASP G 391 -19.27 -35.37 9.56
CA ASP G 391 -20.25 -34.62 10.33
C ASP G 391 -20.06 -33.14 10.03
N VAL G 392 -21.13 -32.50 9.58
CA VAL G 392 -21.07 -31.09 9.27
C VAL G 392 -22.50 -30.58 9.25
N LEU G 393 -22.70 -29.36 9.72
CA LEU G 393 -24.03 -28.79 9.78
C LEU G 393 -24.22 -27.82 8.62
N THR G 394 -25.05 -28.20 7.66
CA THR G 394 -25.31 -27.39 6.48
C THR G 394 -26.59 -26.60 6.68
N LEU G 395 -26.52 -25.30 6.44
CA LEU G 395 -27.64 -24.40 6.66
C LEU G 395 -27.85 -23.53 5.43
N THR G 396 -29.11 -23.21 5.16
CA THR G 396 -29.47 -22.31 4.08
C THR G 396 -30.19 -21.12 4.68
N LEU G 397 -29.70 -19.92 4.37
CA LEU G 397 -30.29 -18.71 4.90
C LEU G 397 -30.52 -17.71 3.78
N THR G 398 -31.67 -17.05 3.83
CA THR G 398 -32.10 -16.14 2.78
C THR G 398 -31.99 -14.69 3.23
N ALA G 399 -31.75 -13.79 2.27
CA ALA G 399 -31.64 -12.38 2.51
C ALA G 399 -32.05 -11.62 1.27
N PRO G 400 -32.65 -10.44 1.41
CA PRO G 400 -33.00 -9.65 0.23
C PRO G 400 -31.81 -9.05 -0.51
N GLU G 401 -30.64 -8.98 0.10
CA GLU G 401 -29.47 -8.39 -0.52
C GLU G 401 -28.26 -9.23 -0.20
N SER G 402 -27.25 -9.16 -1.06
CA SER G 402 -26.05 -9.92 -0.79
C SER G 402 -25.23 -9.33 0.35
N TYR G 403 -25.32 -8.03 0.57
CA TYR G 403 -24.56 -7.31 1.59
C TYR G 403 -23.07 -7.50 1.41
N GLY G 404 -22.63 -7.74 0.18
CA GLY G 404 -21.22 -7.94 -0.06
C GLY G 404 -20.61 -9.18 0.56
N ILE G 405 -21.34 -10.28 0.58
CA ILE G 405 -20.84 -11.53 1.16
C ILE G 405 -20.52 -12.50 0.04
N ASP G 406 -19.28 -12.94 -0.01
CA ASP G 406 -18.83 -13.84 -1.08
C ASP G 406 -18.96 -15.28 -0.61
N ALA G 407 -18.38 -16.21 -1.36
CA ALA G 407 -18.47 -17.63 -1.05
C ALA G 407 -17.26 -18.15 -0.29
N GLY G 408 -16.46 -17.28 0.30
CA GLY G 408 -15.33 -17.74 1.08
C GLY G 408 -15.26 -17.09 2.44
N GLN G 409 -16.29 -16.35 2.78
CA GLN G 409 -16.35 -15.63 4.03
C GLN G 409 -16.54 -16.61 5.19
N PRO G 410 -16.00 -16.30 6.34
CA PRO G 410 -16.17 -17.16 7.50
C PRO G 410 -17.40 -16.83 8.34
N LEU G 411 -17.76 -17.78 9.18
CA LEU G 411 -18.80 -17.61 10.19
C LEU G 411 -18.14 -17.49 11.55
N ILE G 412 -18.53 -16.50 12.32
CA ILE G 412 -17.85 -16.12 13.55
C ILE G 412 -18.81 -16.21 14.72
N LEU G 413 -18.41 -16.94 15.75
CA LEU G 413 -19.15 -17.02 17.00
C LEU G 413 -18.21 -16.63 18.12
N HIS G 414 -18.58 -15.60 18.88
CA HIS G 414 -17.79 -15.10 20.00
C HIS G 414 -16.37 -14.75 19.57
N GLY G 415 -16.24 -14.23 18.36
CA GLY G 415 -14.94 -13.87 17.87
C GLY G 415 -14.10 -15.00 17.33
N VAL G 416 -14.62 -16.22 17.29
CA VAL G 416 -13.87 -17.38 16.84
C VAL G 416 -14.54 -17.92 15.59
N GLN G 417 -13.74 -18.20 14.56
CA GLN G 417 -14.30 -18.75 13.33
C GLN G 417 -14.71 -20.19 13.54
N VAL G 418 -16.00 -20.46 13.35
CA VAL G 418 -16.56 -21.78 13.53
C VAL G 418 -17.14 -22.36 12.25
N GLY G 419 -17.10 -21.63 11.15
CA GLY G 419 -17.68 -22.12 9.93
C GLY G 419 -17.18 -21.36 8.73
N GLN G 420 -17.83 -21.58 7.60
CA GLN G 420 -17.42 -20.96 6.36
C GLN G 420 -18.61 -20.96 5.41
N VAL G 421 -18.80 -19.86 4.69
CA VAL G 421 -19.84 -19.79 3.68
C VAL G 421 -19.44 -20.65 2.50
N ILE G 422 -20.33 -21.56 2.10
CA ILE G 422 -20.01 -22.46 1.00
C ILE G 422 -20.34 -21.86 -0.33
N ASP G 423 -21.57 -21.39 -0.52
CA ASP G 423 -21.92 -20.81 -1.82
C ASP G 423 -23.05 -19.81 -1.69
N ARG G 424 -23.22 -19.02 -2.73
CA ARG G 424 -24.22 -17.97 -2.82
C ARG G 424 -24.96 -18.07 -4.14
N LYS G 425 -26.27 -17.97 -4.10
CA LYS G 425 -27.09 -18.06 -5.29
C LYS G 425 -28.08 -16.91 -5.34
N LEU G 426 -28.30 -16.38 -6.53
CA LEU G 426 -29.22 -15.27 -6.74
C LEU G 426 -30.49 -15.79 -7.40
N THR G 427 -31.62 -15.51 -6.80
CA THR G 427 -32.92 -15.92 -7.29
C THR G 427 -33.79 -14.70 -7.49
N SER G 428 -35.02 -14.95 -7.94
CA SER G 428 -35.97 -13.86 -8.11
C SER G 428 -36.38 -13.24 -6.78
N LYS G 429 -36.59 -14.07 -5.76
CA LYS G 429 -36.97 -13.54 -4.45
C LYS G 429 -35.82 -12.79 -3.78
N GLY G 430 -34.61 -13.32 -3.88
CA GLY G 430 -33.48 -12.67 -3.25
C GLY G 430 -32.20 -13.46 -3.38
N VAL G 431 -31.41 -13.50 -2.32
CA VAL G 431 -30.12 -14.17 -2.31
C VAL G 431 -30.13 -15.24 -1.25
N THR G 432 -29.75 -16.46 -1.62
CA THR G 432 -29.68 -17.57 -0.69
C THR G 432 -28.25 -18.01 -0.50
N PHE G 433 -27.80 -18.07 0.75
CA PHE G 433 -26.47 -18.52 1.11
C PHE G 433 -26.55 -19.90 1.72
N THR G 434 -25.70 -20.80 1.24
CA THR G 434 -25.52 -22.10 1.86
C THR G 434 -24.19 -22.10 2.57
N VAL G 435 -24.24 -22.39 3.88
CA VAL G 435 -23.08 -22.30 4.77
C VAL G 435 -22.92 -23.60 5.53
N ALA G 436 -21.72 -23.81 6.07
CA ALA G 436 -21.38 -25.02 6.80
C ALA G 436 -20.79 -24.70 8.15
N ILE G 437 -21.06 -25.57 9.12
CA ILE G 437 -20.58 -25.45 10.48
C ILE G 437 -19.81 -26.71 10.83
N GLU G 438 -18.62 -26.55 11.37
CA GLU G 438 -17.76 -27.66 11.68
C GLU G 438 -18.37 -28.51 12.79
N PRO G 439 -18.10 -29.82 12.78
CA PRO G 439 -18.66 -30.68 13.82
C PRO G 439 -18.14 -30.41 15.20
N GLN G 440 -16.97 -29.78 15.34
CA GLN G 440 -16.43 -29.50 16.66
C GLN G 440 -17.34 -28.56 17.42
N HIS G 441 -17.86 -27.56 16.74
CA HIS G 441 -18.74 -26.59 17.35
C HIS G 441 -20.19 -26.85 16.98
N ARG G 442 -20.47 -28.05 16.52
CA ARG G 442 -21.84 -28.39 16.14
C ARG G 442 -22.76 -28.31 17.33
N GLU G 443 -22.28 -28.67 18.50
CA GLU G 443 -23.11 -28.66 19.69
C GLU G 443 -23.33 -27.26 20.22
N LEU G 444 -22.56 -26.28 19.77
CA LEU G 444 -22.72 -24.93 20.27
C LEU G 444 -23.65 -24.10 19.39
N VAL G 445 -24.20 -24.67 18.32
CA VAL G 445 -25.03 -23.90 17.40
C VAL G 445 -26.33 -23.50 18.07
N LYS G 446 -27.00 -24.46 18.73
CA LYS G 446 -28.20 -24.15 19.51
C LYS G 446 -29.29 -23.51 18.64
N GLY G 447 -29.86 -24.36 17.78
CA GLY G 447 -30.60 -23.96 16.61
C GLY G 447 -31.48 -22.73 16.69
N ASP G 448 -32.10 -22.45 17.81
CA ASP G 448 -32.81 -21.18 17.97
C ASP G 448 -31.82 -20.03 18.14
N SER G 449 -31.20 -19.65 17.03
CA SER G 449 -30.11 -18.67 17.00
C SER G 449 -30.36 -17.65 15.91
N LYS G 450 -29.49 -16.66 15.81
CA LYS G 450 -29.63 -15.57 14.86
C LYS G 450 -28.36 -15.41 14.05
N PHE G 451 -28.48 -14.85 12.85
CA PHE G 451 -27.34 -14.56 12.00
C PHE G 451 -27.36 -13.11 11.56
N VAL G 452 -26.22 -12.43 11.68
CA VAL G 452 -26.08 -11.00 11.45
C VAL G 452 -24.97 -10.75 10.46
N VAL G 453 -25.18 -9.79 9.56
CA VAL G 453 -24.15 -9.39 8.61
C VAL G 453 -23.03 -8.62 9.30
N ASN G 454 -21.79 -9.03 9.04
CA ASN G 454 -20.61 -8.32 9.55
C ASN G 454 -19.74 -7.78 8.43
N SER G 455 -20.25 -7.66 7.22
CA SER G 455 -19.46 -7.21 6.08
C SER G 455 -19.48 -5.70 5.88
N ARG G 456 -20.30 -4.97 6.63
CA ARG G 456 -20.39 -3.52 6.48
C ARG G 456 -20.14 -2.86 7.82
N VAL G 457 -19.43 -1.73 7.76
CA VAL G 457 -19.09 -0.95 8.95
C VAL G 457 -20.05 0.23 9.04
N ASP G 458 -20.44 0.56 10.26
CA ASP G 458 -21.35 1.67 10.53
C ASP G 458 -20.74 2.58 11.57
N VAL G 459 -20.73 3.88 11.28
CA VAL G 459 -20.20 4.88 12.19
C VAL G 459 -21.32 5.87 12.49
N LYS G 460 -21.61 6.07 13.77
CA LYS G 460 -22.61 7.03 14.22
C LYS G 460 -21.93 8.05 15.13
N VAL G 461 -22.14 9.33 14.84
CA VAL G 461 -21.52 10.41 15.59
C VAL G 461 -22.61 11.23 16.29
N GLY G 462 -22.21 11.94 17.32
CA GLY G 462 -23.13 12.77 18.08
C GLY G 462 -22.40 13.53 19.15
N LEU G 463 -23.17 14.36 19.87
CA LEU G 463 -22.59 15.15 20.96
C LEU G 463 -22.11 14.25 22.10
N ASP G 464 -22.88 13.22 22.42
CA ASP G 464 -22.54 12.29 23.48
C ASP G 464 -22.42 10.85 23.02
N GLY G 465 -23.23 10.41 22.06
CA GLY G 465 -23.19 9.04 21.61
C GLY G 465 -22.51 8.85 20.27
N VAL G 466 -21.28 8.33 20.29
CA VAL G 466 -20.53 8.00 19.09
C VAL G 466 -20.19 6.52 19.15
N GLU G 467 -20.58 5.77 18.12
CA GLU G 467 -20.36 4.33 18.12
C GLU G 467 -19.87 3.87 16.75
N PHE G 468 -19.14 2.75 16.77
CA PHE G 468 -18.56 2.12 15.59
C PHE G 468 -19.00 0.66 15.59
N LEU G 469 -20.11 0.39 14.91
CA LEU G 469 -20.72 -0.92 14.91
C LEU G 469 -20.53 -1.57 13.54
N GLY G 470 -21.11 -2.77 13.39
CA GLY G 470 -20.99 -3.52 12.15
C GLY G 470 -19.80 -4.46 12.13
N ALA G 471 -18.60 -3.88 12.09
CA ALA G 471 -17.40 -4.68 12.02
C ALA G 471 -16.21 -3.82 12.46
N SER G 472 -15.28 -4.43 13.19
CA SER G 472 -14.01 -3.82 13.54
C SER G 472 -13.07 -3.96 12.35
N ALA G 473 -11.82 -3.50 12.52
CA ALA G 473 -10.86 -3.55 11.41
C ALA G 473 -10.53 -4.98 11.01
N SER G 474 -10.27 -5.85 12.00
CA SER G 474 -10.07 -7.27 11.71
C SER G 474 -11.34 -7.89 11.17
N GLU G 475 -12.49 -7.50 11.71
CA GLU G 475 -13.75 -7.98 11.18
C GLU G 475 -14.04 -7.45 9.79
N TRP G 476 -13.59 -6.23 9.49
CA TRP G 476 -13.79 -5.67 8.15
C TRP G 476 -12.91 -6.38 7.14
N ILE G 477 -11.65 -6.65 7.50
CA ILE G 477 -10.77 -7.37 6.59
C ILE G 477 -11.11 -8.85 6.51
N ASN G 478 -11.83 -9.38 7.50
CA ASN G 478 -12.31 -10.75 7.43
C ASN G 478 -13.69 -10.85 6.80
N GLY G 479 -14.63 -10.01 7.23
CA GLY G 479 -15.99 -10.06 6.75
C GLY G 479 -16.71 -11.26 7.32
N GLY G 480 -17.82 -11.60 6.70
CA GLY G 480 -18.57 -12.80 7.01
C GLY G 480 -19.83 -12.55 7.80
N ILE G 481 -20.28 -13.59 8.50
CA ILE G 481 -21.54 -13.60 9.21
C ILE G 481 -21.29 -13.91 10.68
N ARG G 482 -21.86 -13.10 11.55
CA ARG G 482 -21.77 -13.30 12.98
C ARG G 482 -22.97 -14.12 13.46
N ILE G 483 -22.74 -15.00 14.43
CA ILE G 483 -23.75 -15.90 14.94
C ILE G 483 -24.09 -15.49 16.36
N LEU G 484 -25.36 -15.25 16.63
CA LEU G 484 -25.82 -14.99 17.98
C LEU G 484 -26.45 -16.25 18.49
N PRO G 485 -25.83 -16.95 19.44
CA PRO G 485 -26.32 -18.26 19.85
C PRO G 485 -27.58 -18.14 20.68
N GLY G 486 -28.21 -19.28 20.86
CA GLY G 486 -29.44 -19.35 21.64
C GLY G 486 -29.36 -20.30 22.80
N ASP G 487 -30.51 -20.74 23.31
CA ASP G 487 -30.57 -21.61 24.47
C ASP G 487 -31.10 -23.00 24.15
N LYS G 488 -32.15 -23.10 23.37
CA LYS G 488 -32.71 -24.40 23.05
C LYS G 488 -33.49 -24.29 21.76
N GLY G 489 -33.28 -25.24 20.86
CA GLY G 489 -33.96 -25.22 19.58
C GLY G 489 -33.95 -26.57 18.93
N GLU G 490 -34.62 -26.65 17.78
CA GLU G 490 -34.75 -27.88 17.04
C GLU G 490 -33.99 -27.84 15.72
N MET G 491 -33.20 -26.79 15.47
CA MET G 491 -32.38 -26.65 14.28
C MET G 491 -33.21 -26.72 12.99
N LYS G 492 -34.08 -25.74 12.82
CA LYS G 492 -34.90 -25.71 11.62
C LYS G 492 -34.03 -25.43 10.40
N ALA G 493 -34.60 -25.67 9.20
CA ALA G 493 -33.75 -25.54 8.03
C ALA G 493 -33.38 -24.10 7.68
N SER G 494 -34.35 -23.30 7.26
CA SER G 494 -34.07 -21.94 6.83
C SER G 494 -33.85 -20.99 7.99
N TYR G 495 -33.05 -19.96 7.77
CA TYR G 495 -32.87 -18.90 8.75
C TYR G 495 -32.90 -17.55 8.04
N PRO G 496 -33.37 -16.51 8.72
CA PRO G 496 -33.33 -15.15 8.16
C PRO G 496 -31.97 -14.52 8.41
N LEU G 497 -31.61 -13.57 7.57
CA LEU G 497 -30.39 -12.79 7.73
C LEU G 497 -30.76 -11.34 7.97
N TYR G 498 -30.27 -10.76 9.06
CA TYR G 498 -30.62 -9.39 9.43
C TYR G 498 -29.58 -8.40 8.93
N ALA G 499 -30.08 -7.21 8.58
CA ALA G 499 -29.20 -6.21 7.99
C ALA G 499 -28.20 -5.67 9.00
N ASN G 500 -28.63 -5.39 10.22
CA ASN G 500 -27.71 -4.84 11.20
C ASN G 500 -28.12 -5.34 12.56
N LEU G 501 -27.37 -4.91 13.56
CA LEU G 501 -27.60 -5.37 14.92
C LEU G 501 -28.96 -4.94 15.47
N GLU G 502 -29.34 -3.69 15.23
CA GLU G 502 -30.59 -3.17 15.79
C GLU G 502 -31.79 -3.97 15.30
N LYS G 503 -31.85 -4.27 14.01
CA LYS G 503 -32.95 -5.04 13.48
C LYS G 503 -32.98 -6.44 14.09
N ALA G 504 -31.81 -7.03 14.28
CA ALA G 504 -31.75 -8.35 14.91
C ALA G 504 -32.28 -8.31 16.33
N LEU G 505 -31.90 -7.31 17.10
CA LEU G 505 -32.41 -7.20 18.46
C LEU G 505 -33.91 -6.97 18.47
N GLU G 506 -34.41 -6.11 17.58
CA GLU G 506 -35.83 -5.85 17.50
C GLU G 506 -36.60 -6.97 16.80
N ASN G 507 -35.89 -7.95 16.26
CA ASN G 507 -36.51 -9.05 15.52
C ASN G 507 -37.38 -8.56 14.38
N SER G 508 -36.93 -7.49 13.73
CA SER G 508 -37.62 -6.89 12.59
C SER G 508 -36.87 -7.23 11.31
N LEU G 509 -37.53 -7.94 10.41
CA LEU G 509 -36.92 -8.31 9.14
C LEU G 509 -37.39 -7.43 7.99
N SER G 510 -38.03 -6.31 8.28
CA SER G 510 -38.53 -5.39 7.26
C SER G 510 -38.04 -3.98 7.56
N ASP G 511 -37.86 -3.21 6.49
CA ASP G 511 -37.34 -1.85 6.64
C ASP G 511 -38.34 -0.95 7.37
N LEU G 512 -39.58 -0.98 6.96
CA LEU G 512 -40.59 -0.16 7.63
C LEU G 512 -41.21 -0.96 8.77
N PRO G 513 -41.31 -0.40 9.96
CA PRO G 513 -41.96 -1.10 11.07
C PRO G 513 -43.46 -1.15 10.87
N THR G 514 -44.05 -2.16 11.48
CA THR G 514 -45.48 -2.36 11.36
C THR G 514 -46.25 -1.23 12.03
N THR G 515 -47.36 -0.85 11.41
CA THR G 515 -48.22 0.19 11.95
C THR G 515 -48.91 -0.33 13.20
N THR G 516 -49.09 0.55 14.15
CA THR G 516 -49.78 0.17 15.38
C THR G 516 -50.92 1.11 15.71
N VAL G 517 -50.73 2.42 15.53
CA VAL G 517 -51.74 3.41 15.89
C VAL G 517 -52.00 4.28 14.67
N SER G 518 -53.27 4.55 14.40
CA SER G 518 -53.67 5.46 13.34
C SER G 518 -54.47 6.59 13.95
N LEU G 519 -54.10 7.83 13.64
CA LEU G 519 -54.74 9.03 14.14
C LEU G 519 -55.14 9.93 12.98
N SER G 520 -56.21 10.69 13.16
CA SER G 520 -56.66 11.62 12.14
C SER G 520 -56.61 13.03 12.71
N ALA G 521 -56.02 13.96 11.96
CA ALA G 521 -55.88 15.34 12.37
C ALA G 521 -56.28 16.27 11.24
N GLU G 522 -56.84 17.41 11.60
CA GLU G 522 -57.23 18.41 10.61
C GLU G 522 -56.02 19.12 10.02
N THR G 523 -55.09 19.54 10.85
CA THR G 523 -53.85 20.17 10.43
C THR G 523 -52.66 19.32 10.91
N LEU G 524 -51.46 19.83 10.69
CA LEU G 524 -50.23 19.12 10.99
C LEU G 524 -49.32 19.99 11.84
N PRO G 525 -49.60 20.11 13.12
CA PRO G 525 -48.84 21.05 13.95
C PRO G 525 -47.46 20.54 14.33
N ASP G 526 -46.45 21.06 13.64
CA ASP G 526 -45.04 20.87 13.99
C ASP G 526 -44.66 19.39 14.13
N VAL G 527 -45.22 18.55 13.27
CA VAL G 527 -44.94 17.12 13.31
C VAL G 527 -44.68 16.65 11.89
N GLN G 528 -43.75 15.71 11.76
CA GLN G 528 -43.42 15.12 10.47
C GLN G 528 -42.97 13.69 10.69
N ALA G 529 -42.47 13.06 9.64
CA ALA G 529 -41.98 11.71 9.78
C ALA G 529 -40.72 11.67 10.64
N GLY G 530 -40.63 10.65 11.49
CA GLY G 530 -39.52 10.51 12.38
C GLY G 530 -39.61 11.23 13.70
N SER G 531 -40.72 11.91 13.96
CA SER G 531 -40.90 12.61 15.23
C SER G 531 -41.19 11.61 16.35
N VAL G 532 -40.88 12.01 17.57
CA VAL G 532 -40.97 11.09 18.70
C VAL G 532 -42.40 11.04 19.24
N VAL G 533 -42.71 9.92 19.90
CA VAL G 533 -43.98 9.73 20.59
C VAL G 533 -43.67 9.61 22.06
N LEU G 534 -44.25 10.48 22.88
CA LEU G 534 -43.87 10.59 24.28
C LEU G 534 -44.99 10.21 25.23
N TYR G 535 -44.70 9.33 26.18
CA TYR G 535 -45.61 9.06 27.30
C TYR G 535 -45.02 9.71 28.53
N ARG G 536 -45.61 10.82 28.94
CA ARG G 536 -45.11 11.62 30.05
C ARG G 536 -43.64 11.98 29.85
N LYS G 537 -43.33 12.45 28.65
CA LYS G 537 -41.98 12.85 28.26
C LYS G 537 -40.98 11.70 28.35
N PHE G 538 -41.38 10.51 27.92
CA PHE G 538 -40.48 9.36 27.85
C PHE G 538 -40.56 8.78 26.44
N GLU G 539 -39.40 8.56 25.81
CA GLU G 539 -39.37 8.14 24.42
C GLU G 539 -39.92 6.74 24.27
N VAL G 540 -41.09 6.61 23.64
CA VAL G 540 -41.74 5.34 23.38
C VAL G 540 -42.17 5.33 21.91
N GLY G 541 -41.39 4.70 21.06
CA GLY G 541 -41.79 4.57 19.68
C GLY G 541 -41.54 5.84 18.88
N GLU G 542 -42.00 5.81 17.63
CA GLU G 542 -41.78 6.90 16.70
C GLU G 542 -42.91 6.92 15.68
N VAL G 543 -42.90 7.96 14.86
CA VAL G 543 -43.94 8.23 13.89
C VAL G 543 -43.52 7.72 12.52
N ILE G 544 -44.33 6.86 11.91
CA ILE G 544 -43.93 6.30 10.63
C ILE G 544 -44.37 7.16 9.46
N THR G 545 -45.62 7.67 9.42
CA THR G 545 -45.94 8.39 8.19
C THR G 545 -47.14 9.30 8.36
N VAL G 546 -47.31 10.19 7.37
CA VAL G 546 -48.42 11.14 7.27
C VAL G 546 -48.97 11.09 5.85
N ARG G 547 -50.28 10.96 5.69
CA ARG G 547 -50.89 10.90 4.38
C ARG G 547 -52.03 11.91 4.25
N PRO G 548 -52.25 12.44 3.07
CA PRO G 548 -53.37 13.38 2.87
C PRO G 548 -54.67 12.68 2.48
N ARG G 549 -55.24 11.95 3.43
CA ARG G 549 -56.49 11.23 3.20
C ARG G 549 -57.67 12.20 3.21
N ALA G 550 -58.41 12.23 2.09
CA ALA G 550 -59.55 13.15 1.92
C ALA G 550 -59.15 14.58 2.20
N ASN G 551 -59.73 15.19 3.23
CA ASN G 551 -59.34 16.53 3.64
C ASN G 551 -58.59 16.56 4.96
N ALA G 552 -58.62 15.47 5.72
CA ALA G 552 -58.03 15.42 7.04
C ALA G 552 -56.78 14.54 7.01
N PHE G 553 -55.66 15.10 7.41
CA PHE G 553 -54.38 14.41 7.31
C PHE G 553 -54.33 13.25 8.30
N ASP G 554 -53.93 12.09 7.80
CA ASP G 554 -53.91 10.83 8.53
C ASP G 554 -52.48 10.54 8.98
N ILE G 555 -52.26 10.38 10.28
CA ILE G 555 -50.92 10.19 10.85
C ILE G 555 -50.86 8.80 11.46
N ASP G 556 -49.92 7.98 10.98
CA ASP G 556 -49.67 6.64 11.51
C ASP G 556 -48.40 6.60 12.34
N LEU G 557 -48.52 6.05 13.55
CA LEU G 557 -47.48 6.04 14.56
C LEU G 557 -47.24 4.63 15.09
N HIS G 558 -45.98 4.34 15.36
CA HIS G 558 -45.51 3.05 15.87
C HIS G 558 -45.03 3.18 17.30
N ILE G 559 -45.29 2.17 18.12
CA ILE G 559 -44.77 2.11 19.48
C ILE G 559 -44.05 0.77 19.68
N LYS G 560 -43.14 0.76 20.64
CA LYS G 560 -42.40 -0.45 20.93
C LYS G 560 -43.32 -1.50 21.54
N PRO G 561 -43.12 -2.78 21.22
CA PRO G 561 -43.99 -3.81 21.77
C PRO G 561 -43.96 -3.91 23.27
N GLU G 562 -42.79 -3.69 23.88
CA GLU G 562 -42.69 -3.76 25.33
C GLU G 562 -43.52 -2.69 26.01
N TYR G 563 -43.81 -1.60 25.34
CA TYR G 563 -44.67 -0.56 25.85
C TYR G 563 -46.06 -0.59 25.23
N ARG G 564 -46.36 -1.62 24.46
CA ARG G 564 -47.65 -1.70 23.78
C ARG G 564 -48.82 -1.84 24.76
N ASN G 565 -48.54 -2.18 26.01
CA ASN G 565 -49.57 -2.24 27.05
C ASN G 565 -49.88 -0.88 27.65
N LEU G 566 -49.18 0.17 27.25
CA LEU G 566 -49.34 1.48 27.85
C LEU G 566 -50.57 2.23 27.37
N LEU G 567 -51.27 1.76 26.34
CA LEU G 567 -52.47 2.46 25.87
C LEU G 567 -53.69 1.58 26.08
N THR G 568 -54.84 2.23 26.18
CA THR G 568 -56.11 1.55 26.36
C THR G 568 -57.15 2.23 25.49
N SER G 569 -58.42 1.89 25.73
CA SER G 569 -59.52 2.48 24.97
C SER G 569 -59.59 3.99 25.16
N ASN G 570 -59.31 4.46 26.36
CA ASN G 570 -59.36 5.89 26.66
C ASN G 570 -57.94 6.41 26.59
N SER G 571 -57.63 7.15 25.52
CA SER G 571 -56.30 7.71 25.35
C SER G 571 -56.37 8.97 24.50
N VAL G 572 -55.80 10.05 25.03
CA VAL G 572 -55.79 11.35 24.38
C VAL G 572 -54.39 11.58 23.83
N PHE G 573 -54.31 12.35 22.74
CA PHE G 573 -53.06 12.65 22.05
C PHE G 573 -52.97 14.15 21.76
N TRP G 574 -51.91 14.80 22.22
CA TRP G 574 -51.67 16.19 21.91
C TRP G 574 -50.22 16.37 21.48
N ALA G 575 -50.03 17.20 20.46
CA ALA G 575 -48.69 17.39 19.92
C ALA G 575 -47.99 18.62 20.51
N GLU G 576 -46.67 18.48 20.66
CA GLU G 576 -45.79 19.55 21.07
C GLU G 576 -44.81 19.85 19.94
N GLY G 577 -44.44 21.13 19.83
CA GLY G 577 -43.51 21.56 18.81
C GLY G 577 -42.06 21.33 19.18
N GLY G 578 -41.19 22.29 18.89
CA GLY G 578 -39.78 22.13 19.17
C GLY G 578 -39.34 22.56 20.54
N ALA G 579 -38.29 23.37 20.61
CA ALA G 579 -37.75 23.81 21.88
C ALA G 579 -38.66 24.86 22.51
N LYS G 580 -39.01 24.66 23.77
CA LYS G 580 -39.90 25.58 24.48
C LYS G 580 -39.15 26.25 25.62
N VAL G 581 -38.96 27.56 25.55
CA VAL G 581 -38.28 28.31 26.59
C VAL G 581 -39.33 29.12 27.34
N GLN G 582 -39.44 28.90 28.64
CA GLN G 582 -40.47 29.55 29.45
C GLN G 582 -39.85 30.25 30.64
N LEU G 583 -40.22 31.51 30.85
CA LEU G 583 -39.76 32.32 31.98
C LEU G 583 -40.97 32.72 32.81
N ASN G 584 -41.05 32.19 34.03
CA ASN G 584 -42.14 32.48 34.95
C ASN G 584 -41.59 32.94 36.29
N GLY G 585 -42.46 33.08 37.28
CA GLY G 585 -42.02 33.49 38.61
C GLY G 585 -41.22 32.43 39.34
N SER G 586 -41.39 31.16 38.98
CA SER G 586 -40.61 30.11 39.61
C SER G 586 -39.18 30.07 39.09
N GLY G 587 -38.97 30.44 37.83
CA GLY G 587 -37.64 30.42 37.25
C GLY G 587 -37.65 30.33 35.73
N LEU G 588 -36.80 29.47 35.17
CA LEU G 588 -36.72 29.29 33.72
C LEU G 588 -36.74 27.80 33.42
N THR G 589 -37.60 27.40 32.48
CA THR G 589 -37.69 26.02 32.02
C THR G 589 -37.32 25.94 30.54
N VAL G 590 -36.37 25.08 30.22
CA VAL G 590 -35.95 24.84 28.84
C VAL G 590 -36.38 23.42 28.48
N GLN G 591 -37.49 23.31 27.75
CA GLN G 591 -38.06 22.04 27.34
C GLN G 591 -37.58 21.73 25.93
N ALA G 592 -36.37 21.21 25.84
CA ALA G 592 -35.76 20.77 24.59
C ALA G 592 -34.92 19.52 24.79
N SER G 593 -35.32 18.65 25.71
CA SER G 593 -34.47 17.53 26.09
C SER G 593 -34.20 16.54 24.96
N PRO G 594 -35.19 16.05 24.21
CA PRO G 594 -34.84 15.17 23.10
C PRO G 594 -34.52 15.99 21.86
N LEU G 595 -33.38 15.69 21.25
CA LEU G 595 -32.96 16.42 20.06
C LEU G 595 -33.91 16.19 18.91
N SER G 596 -34.38 14.96 18.76
CA SER G 596 -35.32 14.64 17.70
C SER G 596 -36.62 15.38 17.89
N ARG G 597 -37.00 15.68 19.13
CA ARG G 597 -38.17 16.51 19.36
C ARG G 597 -37.94 17.92 18.86
N ALA G 598 -36.81 18.51 19.21
CA ALA G 598 -36.51 19.87 18.76
C ALA G 598 -36.30 19.97 17.27
N LEU G 599 -35.95 18.87 16.61
CA LEU G 599 -35.79 18.88 15.16
C LEU G 599 -37.05 18.47 14.40
N LYS G 600 -37.87 17.61 14.96
CA LYS G 600 -39.06 17.09 14.31
C LYS G 600 -40.34 17.40 15.05
N GLY G 601 -40.42 17.11 16.34
CA GLY G 601 -41.63 17.36 17.09
C GLY G 601 -41.96 16.22 18.01
N ALA G 602 -43.04 16.31 18.78
CA ALA G 602 -43.39 15.28 19.73
C ALA G 602 -44.90 15.10 19.78
N ILE G 603 -45.34 13.89 20.08
CA ILE G 603 -46.77 13.58 20.24
C ILE G 603 -47.01 12.90 21.59
N SER G 604 -47.20 13.72 22.62
CA SER G 604 -47.46 13.19 23.94
C SER G 604 -48.85 12.55 24.02
N PHE G 605 -48.96 11.45 24.76
CA PHE G 605 -50.24 10.74 24.89
C PHE G 605 -50.46 10.34 26.34
N ASP G 606 -51.73 10.09 26.70
CA ASP G 606 -52.04 9.67 28.07
C ASP G 606 -53.44 9.07 28.10
N ASN G 607 -53.80 8.44 29.21
CA ASN G 607 -55.11 7.82 29.37
C ASN G 607 -56.03 8.72 30.20
N LEU G 608 -57.30 8.74 29.83
CA LEU G 608 -58.28 9.56 30.53
C LEU G 608 -59.49 8.73 30.98
N SER G 609 -60.55 9.39 31.41
CA SER G 609 -61.75 8.72 31.90
C SER G 609 -62.95 8.87 30.97
N GLY G 610 -63.29 10.10 30.60
CA GLY G 610 -64.43 10.41 29.75
C GLY G 610 -64.11 10.63 28.28
N ALA G 611 -62.98 10.11 27.81
CA ALA G 611 -62.58 10.35 26.42
C ALA G 611 -63.50 9.70 25.40
N SER G 612 -64.22 8.64 25.77
CA SER G 612 -65.10 8.00 24.80
C SER G 612 -66.34 8.83 24.51
N ALA G 613 -66.75 9.70 25.43
CA ALA G 613 -67.94 10.52 25.24
C ALA G 613 -67.72 11.56 24.15
N LYS G 620 -62.38 8.89 14.12
CA LYS G 620 -61.31 8.33 14.95
C LYS G 620 -60.90 9.30 16.04
N ARG G 621 -59.80 9.00 16.71
CA ARG G 621 -59.27 9.91 17.71
C ARG G 621 -58.68 11.15 17.05
N ILE G 622 -58.87 12.29 17.70
CA ILE G 622 -58.42 13.57 17.17
C ILE G 622 -57.14 13.96 17.87
N LEU G 623 -56.11 14.29 17.10
CA LEU G 623 -54.89 14.85 17.67
C LEU G 623 -55.11 16.32 18.00
N TYR G 624 -54.96 16.68 19.26
CA TYR G 624 -55.22 18.04 19.70
C TYR G 624 -53.93 18.85 19.66
N ALA G 625 -54.04 20.14 19.95
CA ALA G 625 -52.91 21.05 19.89
C ALA G 625 -52.28 21.30 21.26
N SER G 626 -53.02 21.11 22.34
CA SER G 626 -52.48 21.34 23.67
C SER G 626 -52.96 20.26 24.61
N GLU G 627 -52.27 20.13 25.74
CA GLU G 627 -52.70 19.18 26.74
C GLU G 627 -54.06 19.58 27.31
N THR G 628 -54.26 20.87 27.55
CA THR G 628 -55.53 21.34 28.11
C THR G 628 -56.69 21.10 27.16
N ALA G 629 -56.46 21.22 25.85
CA ALA G 629 -57.53 20.92 24.90
C ALA G 629 -57.92 19.45 24.94
N ALA G 630 -56.94 18.57 25.10
CA ALA G 630 -57.22 17.14 25.21
C ALA G 630 -57.89 16.79 26.52
N ARG G 631 -57.55 17.47 27.61
CA ARG G 631 -58.11 17.14 28.91
C ARG G 631 -59.55 17.58 29.07
N ALA G 632 -60.09 18.38 28.14
CA ALA G 632 -61.45 18.89 28.26
C ALA G 632 -62.47 17.81 27.96
N VAL G 633 -62.98 17.13 29.00
CA VAL G 633 -64.04 16.15 28.87
C VAL G 633 -65.06 16.35 29.97
N GLY G 634 -66.27 15.87 29.72
CA GLY G 634 -67.36 15.97 30.67
C GLY G 634 -68.61 16.49 30.00
N GLY G 635 -69.55 16.99 30.80
CA GLY G 635 -70.77 17.54 30.24
C GLY G 635 -70.54 18.86 29.54
N GLN G 636 -71.48 19.21 28.66
CA GLN G 636 -71.36 20.40 27.84
C GLN G 636 -72.48 21.37 28.16
N ILE G 637 -72.13 22.64 28.36
CA ILE G 637 -73.09 23.69 28.68
C ILE G 637 -72.85 24.86 27.73
N THR G 638 -73.86 25.71 27.62
CA THR G 638 -73.86 26.87 26.75
C THR G 638 -74.13 28.12 27.57
N LEU G 639 -73.34 29.17 27.33
CA LEU G 639 -73.49 30.45 27.99
C LEU G 639 -73.78 31.52 26.95
N HIS G 640 -74.68 32.44 27.28
CA HIS G 640 -75.01 33.55 26.39
C HIS G 640 -74.45 34.84 26.98
N ALA G 641 -73.72 35.60 26.18
CA ALA G 641 -73.10 36.81 26.64
C ALA G 641 -73.42 37.96 25.70
N PHE G 642 -73.51 39.16 26.28
CA PHE G 642 -73.67 40.36 25.46
C PHE G 642 -72.37 40.82 24.84
N ASP G 643 -71.23 40.33 25.33
CA ASP G 643 -69.93 40.77 24.82
C ASP G 643 -68.91 39.69 25.13
N ALA G 644 -68.11 39.34 24.12
CA ALA G 644 -67.08 38.34 24.25
C ALA G 644 -65.69 38.93 24.40
N GLY G 645 -65.60 40.20 24.76
CA GLY G 645 -64.30 40.83 24.90
C GLY G 645 -63.49 40.25 26.03
N LYS G 646 -64.14 39.89 27.12
CA LYS G 646 -63.44 39.33 28.26
C LYS G 646 -63.31 37.82 28.22
N LEU G 647 -63.91 37.16 27.25
CA LEU G 647 -63.87 35.71 27.13
C LEU G 647 -62.77 35.29 26.16
N ALA G 648 -62.32 34.05 26.32
CA ALA G 648 -61.30 33.48 25.46
C ALA G 648 -61.45 31.97 25.44
N VAL G 649 -60.91 31.35 24.40
CA VAL G 649 -60.95 29.90 24.27
C VAL G 649 -59.92 29.29 25.21
N GLY G 650 -60.35 28.31 25.98
CA GLY G 650 -59.51 27.72 27.00
C GLY G 650 -59.52 28.45 28.33
N MET G 651 -60.43 29.39 28.50
CA MET G 651 -60.51 30.13 29.75
C MET G 651 -60.99 29.22 30.86
N PRO G 652 -60.25 29.13 31.96
CA PRO G 652 -60.65 28.23 33.05
C PRO G 652 -61.90 28.70 33.77
N ILE G 653 -62.65 27.74 34.28
CA ILE G 653 -63.82 27.98 35.12
C ILE G 653 -63.48 27.48 36.52
N ARG G 654 -63.58 28.35 37.51
CA ARG G 654 -63.09 28.06 38.85
C ARG G 654 -64.19 28.25 39.87
N TYR G 655 -64.34 27.29 40.78
CA TYR G 655 -65.17 27.43 41.95
C TYR G 655 -64.28 27.39 43.18
N LEU G 656 -64.33 28.44 43.99
CA LEU G 656 -63.49 28.58 45.17
C LEU G 656 -62.02 28.45 44.84
N GLY G 657 -61.63 28.92 43.65
CA GLY G 657 -60.26 28.80 43.24
C GLY G 657 -59.80 27.45 42.75
N ILE G 658 -60.73 26.53 42.49
CA ILE G 658 -60.41 25.19 42.00
C ILE G 658 -61.06 25.03 40.65
N ASP G 659 -60.29 24.56 39.67
CA ASP G 659 -60.80 24.42 38.31
C ASP G 659 -61.83 23.31 38.25
N ILE G 660 -62.99 23.60 37.68
CA ILE G 660 -64.06 22.63 37.53
C ILE G 660 -64.54 22.59 36.10
N GLY G 661 -64.10 23.54 35.27
CA GLY G 661 -64.59 23.64 33.91
C GLY G 661 -63.61 24.36 33.01
N GLN G 662 -64.02 24.52 31.76
CA GLN G 662 -63.17 25.11 30.73
C GLN G 662 -64.04 25.51 29.54
N ILE G 663 -63.85 26.73 29.05
CA ILE G 663 -64.54 27.19 27.85
C ILE G 663 -63.84 26.64 26.62
N GLN G 664 -64.60 26.01 25.72
CA GLN G 664 -63.98 25.40 24.56
C GLN G 664 -64.26 26.10 23.24
N THR G 665 -65.38 26.83 23.09
CA THR G 665 -65.53 27.57 21.84
C THR G 665 -66.42 28.79 22.04
N LEU G 666 -66.27 29.77 21.14
CA LEU G 666 -67.06 31.00 21.11
C LEU G 666 -67.63 31.19 19.72
N ASP G 667 -68.85 31.72 19.63
CA ASP G 667 -69.48 31.94 18.34
C ASP G 667 -70.37 33.18 18.41
N LEU G 668 -70.14 34.14 17.53
CA LEU G 668 -71.01 35.29 17.42
C LEU G 668 -72.27 34.95 16.66
N ILE G 669 -73.40 35.48 17.11
CA ILE G 669 -74.66 35.35 16.39
C ILE G 669 -75.14 36.72 15.98
N THR G 670 -75.44 36.89 14.71
CA THR G 670 -75.90 38.18 14.19
C THR G 670 -77.40 38.36 14.27
N ALA G 671 -78.16 37.28 14.20
CA ALA G 671 -79.60 37.38 14.33
C ALA G 671 -80.00 37.79 15.74
N ARG G 672 -79.63 36.97 16.72
CA ARG G 672 -79.74 37.36 18.12
C ARG G 672 -78.40 37.96 18.52
N ASN G 673 -78.41 39.26 18.85
CA ASN G 673 -77.19 40.03 19.03
C ASN G 673 -76.51 39.60 20.33
N GLU G 674 -75.77 38.49 20.24
CA GLU G 674 -75.13 37.91 21.40
C GLU G 674 -74.01 37.00 20.93
N VAL G 675 -73.29 36.46 21.91
CA VAL G 675 -72.23 35.48 21.69
C VAL G 675 -72.54 34.25 22.50
N GLN G 676 -72.54 33.09 21.85
CA GLN G 676 -72.74 31.82 22.52
C GLN G 676 -71.40 31.14 22.73
N ALA G 677 -71.10 30.82 23.98
CA ALA G 677 -69.87 30.15 24.36
C ALA G 677 -70.20 28.75 24.85
N LYS G 678 -69.61 27.75 24.22
CA LYS G 678 -69.78 26.38 24.67
C LYS G 678 -68.59 25.99 25.55
N ALA G 679 -68.90 25.42 26.70
CA ALA G 679 -67.92 25.04 27.71
C ALA G 679 -68.21 23.63 28.20
N VAL G 680 -67.23 23.05 28.89
CA VAL G 680 -67.33 21.70 29.42
C VAL G 680 -67.11 21.73 30.92
N LEU G 681 -67.96 21.02 31.64
CA LEU G 681 -67.80 20.75 33.06
C LEU G 681 -67.27 19.35 33.26
N TYR G 682 -66.31 19.20 34.16
CA TYR G 682 -65.68 17.92 34.42
C TYR G 682 -66.69 16.97 35.04
N PRO G 683 -66.52 15.66 34.83
CA PRO G 683 -67.54 14.70 35.28
C PRO G 683 -67.75 14.67 36.78
N GLU G 684 -66.78 15.10 37.57
CA GLU G 684 -66.95 15.10 39.01
C GLU G 684 -67.90 16.20 39.48
N TYR G 685 -68.06 17.25 38.68
CA TYR G 685 -68.82 18.43 39.11
C TYR G 685 -70.01 18.74 38.21
N VAL G 686 -70.31 17.89 37.24
CA VAL G 686 -71.41 18.17 36.32
C VAL G 686 -72.75 18.08 37.03
N GLN G 687 -72.89 17.13 37.95
CA GLN G 687 -74.16 16.96 38.67
C GLN G 687 -74.35 18.03 39.73
N THR G 688 -73.28 18.42 40.42
CA THR G 688 -73.39 19.40 41.50
C THR G 688 -73.79 20.76 40.97
N PHE G 689 -73.18 21.20 39.88
CA PHE G 689 -73.52 22.44 39.23
C PHE G 689 -74.54 22.15 38.12
N ALA G 690 -74.82 23.15 37.30
CA ALA G 690 -75.78 23.02 36.21
C ALA G 690 -77.15 22.57 36.70
N ARG G 691 -77.64 23.25 37.74
CA ARG G 691 -78.91 22.89 38.37
C ARG G 691 -79.89 24.05 38.41
N GLY G 692 -79.67 25.09 37.64
CA GLY G 692 -80.56 26.23 37.69
C GLY G 692 -80.27 27.12 38.89
N GLY G 693 -80.27 28.42 38.69
CA GLY G 693 -79.82 29.34 39.70
C GLY G 693 -78.32 29.48 39.82
N THR G 694 -77.56 28.79 38.99
CA THR G 694 -76.11 28.93 38.98
C THR G 694 -75.69 30.20 38.27
N ARG G 695 -74.74 30.92 38.83
CA ARG G 695 -74.31 32.18 38.28
C ARG G 695 -72.85 32.10 37.84
N PHE G 696 -72.56 32.64 36.66
CA PHE G 696 -71.21 32.69 36.10
C PHE G 696 -70.81 34.15 35.92
N SER G 697 -69.59 34.49 36.33
CA SER G 697 -69.13 35.86 36.17
C SER G 697 -67.65 35.90 35.85
N VAL G 698 -67.24 36.77 34.93
CA VAL G 698 -65.83 36.97 34.63
C VAL G 698 -65.24 37.94 35.65
N VAL G 699 -64.10 37.57 36.22
CA VAL G 699 -63.41 38.41 37.18
C VAL G 699 -62.41 39.29 36.44
N THR G 700 -62.30 40.54 36.88
CA THR G 700 -61.42 41.54 36.28
C THR G 700 -60.60 42.21 37.36
N PRO G 701 -59.41 42.68 37.02
CA PRO G 701 -58.61 43.42 37.98
C PRO G 701 -59.28 44.73 38.38
N GLN G 702 -59.09 45.09 39.65
CA GLN G 702 -59.67 46.30 40.24
C GLN G 702 -58.56 47.13 40.86
N ILE G 703 -58.12 48.16 40.14
CA ILE G 703 -57.08 49.06 40.59
C ILE G 703 -57.67 50.45 40.75
N SER G 704 -57.64 50.98 41.96
CA SER G 704 -58.20 52.29 42.25
C SER G 704 -57.36 52.96 43.31
N ALA G 705 -57.78 54.16 43.70
CA ALA G 705 -57.13 54.82 44.83
C ALA G 705 -57.48 54.16 46.15
N ALA G 706 -58.58 53.44 46.22
CA ALA G 706 -58.94 52.74 47.44
C ALA G 706 -58.04 51.53 47.68
N GLY G 707 -57.71 50.80 46.63
CA GLY G 707 -56.87 49.64 46.78
C GLY G 707 -56.89 48.78 45.53
N VAL G 708 -56.16 47.68 45.59
CA VAL G 708 -56.09 46.70 44.51
C VAL G 708 -56.62 45.37 45.03
N GLU G 709 -57.49 44.74 44.26
CA GLU G 709 -58.16 43.52 44.70
C GLU G 709 -57.66 42.27 43.99
N HIS G 710 -57.72 42.22 42.66
CA HIS G 710 -57.27 41.08 41.89
C HIS G 710 -56.14 41.53 40.98
N LEU G 711 -55.02 40.85 41.05
CA LEU G 711 -53.89 41.13 40.19
C LEU G 711 -53.42 39.94 39.39
N ASP G 712 -53.83 38.73 39.76
CA ASP G 712 -53.51 37.57 38.96
C ASP G 712 -54.33 37.50 37.68
N THR G 713 -55.38 38.29 37.56
CA THR G 713 -56.21 38.29 36.37
C THR G 713 -55.71 39.26 35.30
N ILE G 714 -54.58 39.92 35.53
CA ILE G 714 -53.95 40.69 34.47
C ILE G 714 -53.52 39.78 33.33
N LEU G 715 -52.95 38.64 33.66
CA LEU G 715 -52.47 37.69 32.66
C LEU G 715 -53.33 36.45 32.54
N GLN G 716 -53.98 36.00 33.61
CA GLN G 716 -54.76 34.76 33.60
C GLN G 716 -56.13 35.02 34.21
N PRO G 717 -57.06 35.58 33.45
CA PRO G 717 -58.43 35.72 33.94
C PRO G 717 -59.16 34.39 33.96
N TYR G 718 -60.21 34.32 34.77
CA TYR G 718 -60.99 33.11 34.92
C TYR G 718 -62.46 33.48 35.12
N ILE G 719 -63.29 32.47 35.42
CA ILE G 719 -64.72 32.64 35.60
C ILE G 719 -65.10 32.07 36.94
N ASN G 720 -65.78 32.87 37.75
CA ASN G 720 -66.26 32.44 39.06
C ASN G 720 -67.69 31.94 38.97
N VAL G 721 -68.00 30.91 39.76
CA VAL G 721 -69.27 30.19 39.70
C VAL G 721 -69.90 30.19 41.09
N GLU G 722 -71.17 30.56 41.15
CA GLU G 722 -71.98 30.41 42.35
C GLU G 722 -73.02 29.33 42.12
N PRO G 723 -72.96 28.21 42.83
CA PRO G 723 -73.90 27.12 42.57
C PRO G 723 -75.31 27.44 43.04
N GLY G 724 -76.27 26.75 42.42
CA GLY G 724 -77.67 26.90 42.75
C GLY G 724 -78.34 25.56 42.96
N ARG G 725 -79.61 25.63 43.33
CA ARG G 725 -80.42 24.44 43.58
C ARG G 725 -81.68 24.48 42.73
N GLY G 726 -82.02 23.35 42.13
CA GLY G 726 -83.20 23.25 41.31
C GLY G 726 -83.03 22.17 40.27
N ASN G 727 -83.92 22.19 39.28
CA ASN G 727 -83.87 21.22 38.21
C ASN G 727 -82.70 21.51 37.27
N PRO G 728 -82.15 20.48 36.64
CA PRO G 728 -81.06 20.71 35.68
C PRO G 728 -81.50 21.59 34.52
N ARG G 729 -80.65 22.56 34.18
CA ARG G 729 -80.97 23.59 33.20
C ARG G 729 -80.09 23.51 31.97
N ARG G 730 -78.77 23.54 32.13
CA ARG G 730 -77.79 23.42 31.06
C ARG G 730 -77.86 24.57 30.04
N ASP G 731 -78.47 25.69 30.41
CA ASP G 731 -78.51 26.89 29.56
C ASP G 731 -78.46 28.10 30.46
N PHE G 732 -77.35 28.81 30.48
CA PHE G 732 -77.15 29.92 31.39
C PHE G 732 -76.72 31.17 30.62
N GLU G 733 -76.61 32.29 31.33
CA GLU G 733 -76.15 33.53 30.74
C GLU G 733 -75.12 34.16 31.68
N LEU G 734 -74.21 34.91 31.09
CA LEU G 734 -73.13 35.52 31.84
C LEU G 734 -73.63 36.74 32.61
N GLN G 735 -73.28 36.82 33.88
CA GLN G 735 -73.69 37.91 34.75
C GLN G 735 -72.59 38.96 34.82
N GLU G 736 -72.76 39.94 35.70
CA GLU G 736 -71.79 41.01 35.90
C GLU G 736 -71.07 40.91 37.23
N ALA G 737 -71.76 40.55 38.31
CA ALA G 737 -71.14 40.41 39.62
C ALA G 737 -71.61 39.13 40.27
N THR G 738 -70.75 38.57 41.12
CA THR G 738 -71.03 37.30 41.81
C THR G 738 -70.27 37.28 43.12
N ILE G 739 -70.95 36.85 44.18
CA ILE G 739 -70.33 36.77 45.51
C ILE G 739 -69.28 35.67 45.48
N THR G 740 -68.02 36.05 45.62
CA THR G 740 -66.93 35.07 45.65
C THR G 740 -66.58 34.67 47.08
N ASP G 741 -67.59 34.31 47.86
CA ASP G 741 -67.37 33.92 49.25
C ASP G 741 -67.80 32.50 49.56
N SER G 742 -69.05 32.16 49.25
CA SER G 742 -69.62 30.87 49.58
C SER G 742 -69.53 30.55 51.07
N ARG G 743 -69.65 31.58 51.90
CA ARG G 743 -69.76 31.39 53.35
C ARG G 743 -71.08 31.87 53.91
N TYR G 744 -71.84 32.66 53.17
CA TYR G 744 -73.20 33.05 53.53
C TYR G 744 -74.23 32.16 52.87
N LEU G 745 -73.81 31.07 52.23
CA LEU G 745 -74.71 30.30 51.39
C LEU G 745 -75.74 29.53 52.20
N ASP G 746 -75.41 29.13 53.41
CA ASP G 746 -76.27 28.27 54.20
C ASP G 746 -77.29 29.01 55.04
N GLY G 747 -77.21 30.34 55.12
CA GLY G 747 -78.02 31.10 56.06
C GLY G 747 -79.36 31.51 55.49
N LEU G 748 -80.07 32.32 56.28
CA LEU G 748 -81.36 32.83 55.86
C LEU G 748 -81.25 33.78 54.70
N SER G 749 -82.22 33.71 53.79
CA SER G 749 -82.27 34.60 52.64
C SER G 749 -83.51 35.47 52.74
N ILE G 750 -83.36 36.67 53.26
CA ILE G 750 -84.48 37.54 53.54
C ILE G 750 -84.56 38.63 52.48
N ILE G 751 -85.69 39.33 52.44
CA ILE G 751 -85.99 40.35 51.45
C ILE G 751 -86.29 41.65 52.16
N VAL G 752 -85.73 42.76 51.65
CA VAL G 752 -85.99 44.10 52.16
C VAL G 752 -86.57 44.94 51.03
N GLU G 753 -87.66 45.64 51.30
CA GLU G 753 -88.33 46.46 50.30
C GLU G 753 -87.96 47.92 50.52
N ALA G 754 -87.51 48.58 49.46
CA ALA G 754 -87.11 49.98 49.54
C ALA G 754 -87.67 50.76 48.36
N PRO G 755 -88.01 52.02 48.57
CA PRO G 755 -88.46 52.85 47.44
C PRO G 755 -87.41 53.06 46.37
N GLU G 756 -86.13 53.12 46.74
CA GLU G 756 -85.08 53.47 45.81
C GLU G 756 -83.89 52.55 46.03
N ALA G 757 -83.16 52.26 44.96
CA ALA G 757 -81.97 51.42 45.09
C ALA G 757 -80.84 52.18 45.77
N GLY G 758 -80.39 53.26 45.17
CA GLY G 758 -79.34 54.06 45.79
C GLY G 758 -77.97 53.47 45.53
N SER G 759 -77.18 53.37 46.57
CA SER G 759 -75.81 52.87 46.45
C SER G 759 -75.70 51.37 46.65
N LEU G 760 -76.82 50.67 46.83
CA LEU G 760 -76.78 49.24 47.06
C LEU G 760 -76.36 48.50 45.80
N GLY G 761 -75.70 47.36 46.00
CA GLY G 761 -75.27 46.52 44.90
C GLY G 761 -74.94 45.16 45.41
N ILE G 762 -74.54 44.27 44.49
CA ILE G 762 -74.19 42.92 44.86
C ILE G 762 -72.86 42.92 45.59
N GLY G 763 -72.85 42.31 46.77
CA GLY G 763 -71.68 42.32 47.62
C GLY G 763 -71.66 43.39 48.68
N THR G 764 -72.71 44.18 48.78
CA THR G 764 -72.79 45.21 49.81
C THR G 764 -72.95 44.57 51.18
N PRO G 765 -72.11 44.91 52.15
CA PRO G 765 -72.18 44.24 53.44
C PRO G 765 -73.41 44.65 54.24
N VAL G 766 -73.86 43.74 55.10
CA VAL G 766 -74.89 43.98 56.09
C VAL G 766 -74.23 43.99 57.46
N LEU G 767 -74.48 45.03 58.24
CA LEU G 767 -73.76 45.27 59.48
C LEU G 767 -74.69 45.23 60.68
N PHE G 768 -74.33 44.45 61.69
CA PHE G 768 -74.96 44.49 63.00
C PHE G 768 -73.95 45.02 64.00
N ARG G 769 -74.28 46.17 64.59
CA ARG G 769 -73.40 46.87 65.53
C ARG G 769 -72.03 47.11 64.92
N GLY G 770 -72.01 47.40 63.63
CA GLY G 770 -70.76 47.65 62.94
C GLY G 770 -69.98 46.42 62.52
N LEU G 771 -70.48 45.23 62.76
CA LEU G 771 -69.79 43.99 62.39
C LEU G 771 -70.51 43.36 61.23
N GLU G 772 -69.76 42.93 60.22
CA GLU G 772 -70.34 42.38 59.01
C GLU G 772 -70.89 40.98 59.29
N VAL G 773 -72.19 40.81 59.12
CA VAL G 773 -72.84 39.53 59.32
C VAL G 773 -73.50 38.98 58.07
N GLY G 774 -73.55 39.71 56.97
CA GLY G 774 -74.19 39.22 55.77
C GLY G 774 -73.87 40.11 54.59
N THR G 775 -74.35 39.70 53.42
CA THR G 775 -74.10 40.44 52.18
C THR G 775 -75.40 40.54 51.39
N VAL G 776 -75.44 41.53 50.50
CA VAL G 776 -76.58 41.70 49.60
C VAL G 776 -76.41 40.75 48.43
N THR G 777 -77.30 39.77 48.32
CA THR G 777 -77.20 38.80 47.24
C THR G 777 -77.64 39.39 45.91
N GLY G 778 -78.75 40.11 45.89
CA GLY G 778 -79.22 40.62 44.61
C GLY G 778 -80.27 41.69 44.79
N MET G 779 -80.55 42.39 43.69
CA MET G 779 -81.55 43.45 43.66
C MET G 779 -82.44 43.28 42.46
N THR G 780 -83.73 43.55 42.63
CA THR G 780 -84.66 43.41 41.52
C THR G 780 -85.89 44.27 41.83
N LEU G 781 -86.89 44.20 40.96
CA LEU G 781 -88.16 44.90 41.14
C LEU G 781 -89.28 43.89 41.36
N GLY G 782 -90.40 44.39 41.85
CA GLY G 782 -91.56 43.56 42.06
C GLY G 782 -92.32 43.28 40.79
N THR G 783 -93.41 42.52 40.94
CA THR G 783 -94.29 42.27 39.80
C THR G 783 -94.92 43.57 39.31
N LEU G 784 -95.35 44.41 40.23
CA LEU G 784 -95.68 45.79 39.92
C LEU G 784 -94.47 46.63 40.29
N SER G 785 -94.05 47.49 39.37
CA SER G 785 -92.81 48.26 39.53
C SER G 785 -93.06 49.50 40.38
N ASP G 786 -93.31 49.24 41.66
CA ASP G 786 -93.51 50.31 42.62
C ASP G 786 -92.55 50.25 43.80
N ARG G 787 -91.67 49.24 43.86
CA ARG G 787 -90.67 49.17 44.91
C ARG G 787 -89.54 48.28 44.43
N VAL G 788 -88.42 48.38 45.13
CA VAL G 788 -87.22 47.61 44.83
C VAL G 788 -87.03 46.57 45.93
N MET G 789 -86.89 45.31 45.53
CA MET G 789 -86.70 44.21 46.47
C MET G 789 -85.24 43.81 46.48
N ILE G 790 -84.64 43.77 47.67
CA ILE G 790 -83.24 43.45 47.87
C ILE G 790 -83.18 42.14 48.63
N ALA G 791 -82.60 41.13 48.00
CA ALA G 791 -82.42 39.83 48.62
C ALA G 791 -81.04 39.74 49.24
N MET G 792 -80.98 39.40 50.52
CA MET G 792 -79.73 39.35 51.25
C MET G 792 -79.67 38.08 52.09
N ARG G 793 -78.45 37.58 52.31
CA ARG G 793 -78.22 36.37 53.08
C ARG G 793 -77.40 36.67 54.33
N ILE G 794 -77.77 36.05 55.44
CA ILE G 794 -77.09 36.21 56.71
C ILE G 794 -76.32 34.93 57.00
N SER G 795 -75.32 35.04 57.86
CA SER G 795 -74.51 33.89 58.22
C SER G 795 -75.29 32.92 59.09
N LYS G 796 -74.78 31.70 59.16
CA LYS G 796 -75.35 30.71 60.08
C LYS G 796 -75.11 31.10 61.54
N ARG G 797 -73.93 31.65 61.84
CA ARG G 797 -73.61 31.99 63.21
C ARG G 797 -74.48 33.12 63.74
N TYR G 798 -74.75 34.12 62.90
CA TYR G 798 -75.53 35.29 63.29
C TYR G 798 -76.97 35.19 62.83
N GLN G 799 -77.47 34.00 62.58
CA GLN G 799 -78.83 33.82 62.11
C GLN G 799 -79.84 34.16 63.19
N HIS G 800 -79.53 33.89 64.45
CA HIS G 800 -80.46 34.12 65.53
C HIS G 800 -80.69 35.58 65.85
N LEU G 801 -79.89 36.48 65.29
CA LEU G 801 -80.04 37.90 65.58
C LEU G 801 -81.27 38.51 64.92
N VAL G 802 -81.81 37.87 63.89
CA VAL G 802 -82.93 38.41 63.13
C VAL G 802 -84.23 37.90 63.74
N ARG G 803 -85.12 38.82 64.11
CA ARG G 803 -86.41 38.51 64.69
C ARG G 803 -87.52 39.10 63.83
N ASN G 804 -88.76 38.78 64.19
CA ASN G 804 -89.89 39.32 63.46
C ASN G 804 -90.00 40.83 63.59
N ASN G 805 -89.74 41.36 64.78
CA ASN G 805 -89.73 42.80 64.99
C ASN G 805 -88.28 43.29 64.97
N SER G 806 -87.73 43.40 63.77
CA SER G 806 -86.40 43.92 63.56
C SER G 806 -86.48 45.10 62.59
N VAL G 807 -85.73 46.14 62.89
CA VAL G 807 -85.72 47.36 62.10
C VAL G 807 -84.47 47.40 61.25
N PHE G 808 -84.64 47.65 59.95
CA PHE G 808 -83.56 47.77 58.99
C PHE G 808 -83.49 49.20 58.49
N TRP G 809 -82.29 49.78 58.48
CA TRP G 809 -82.08 51.10 57.92
C TRP G 809 -80.82 51.08 57.07
N LEU G 810 -80.64 52.17 56.31
CA LEU G 810 -79.60 52.27 55.31
C LEU G 810 -78.47 53.15 55.84
N ALA G 811 -77.28 52.59 55.96
CA ALA G 811 -76.10 53.32 56.38
C ALA G 811 -75.19 53.40 55.17
N SER G 812 -75.35 54.45 54.37
CA SER G 812 -74.60 54.66 53.15
C SER G 812 -73.97 56.04 53.16
N GLY G 813 -72.67 56.11 52.89
CA GLY G 813 -71.98 57.38 52.91
C GLY G 813 -71.81 57.94 54.31
N TYR G 814 -71.60 59.24 54.38
CA TYR G 814 -71.44 59.96 55.64
C TYR G 814 -72.67 60.79 55.92
N SER G 815 -73.21 60.67 57.12
CA SER G 815 -74.34 61.46 57.56
C SER G 815 -73.94 62.24 58.80
N LEU G 816 -74.26 63.54 58.81
CA LEU G 816 -73.95 64.39 59.95
C LEU G 816 -75.09 65.36 60.18
N ASP G 817 -75.20 65.84 61.42
CA ASP G 817 -76.22 66.79 61.81
C ASP G 817 -75.54 68.08 62.28
N PHE G 818 -76.09 69.20 61.83
CA PHE G 818 -75.54 70.52 62.13
C PHE G 818 -76.52 71.30 62.99
N GLY G 819 -76.02 71.89 64.07
CA GLY G 819 -76.84 72.67 64.97
C GLY G 819 -76.63 74.15 64.76
N LEU G 820 -77.66 74.94 65.10
CA LEU G 820 -77.56 76.39 64.94
C LEU G 820 -76.56 77.00 65.92
N THR G 821 -76.48 76.45 67.13
CA THR G 821 -75.56 76.95 68.15
C THR G 821 -74.35 76.07 68.35
N GLY G 822 -74.46 74.77 68.12
CA GLY G 822 -73.33 73.87 68.28
C GLY G 822 -73.22 72.86 67.15
N GLY G 823 -72.08 72.86 66.46
CA GLY G 823 -71.88 71.95 65.35
C GLY G 823 -70.71 71.02 65.55
N VAL G 824 -70.99 69.73 65.67
CA VAL G 824 -69.97 68.70 65.83
C VAL G 824 -70.12 67.69 64.70
N VAL G 825 -69.04 67.46 63.96
CA VAL G 825 -69.04 66.52 62.86
C VAL G 825 -67.99 65.45 63.10
N LYS G 826 -68.24 64.25 62.59
CA LYS G 826 -67.32 63.13 62.77
C LYS G 826 -67.24 62.31 61.49
N THR G 827 -66.07 61.73 61.25
CA THR G 827 -65.81 60.86 60.10
C THR G 827 -65.20 59.56 60.57
N GLY G 828 -65.34 58.52 59.74
CA GLY G 828 -64.86 57.20 60.11
C GLY G 828 -64.31 56.38 58.96
N THR G 829 -64.00 57.04 57.84
CA THR G 829 -63.48 56.41 56.61
C THR G 829 -64.13 55.05 56.32
N PHE G 830 -65.46 55.03 56.43
CA PHE G 830 -66.19 53.77 56.34
C PHE G 830 -66.16 53.24 54.91
N ASN G 831 -66.33 51.92 54.80
CA ASN G 831 -66.59 51.30 53.50
C ASN G 831 -67.97 51.61 52.98
N GLN G 832 -68.84 52.21 53.80
CA GLN G 832 -70.13 52.69 53.34
C GLN G 832 -70.01 53.83 52.33
N PHE G 833 -68.89 54.54 52.33
CA PHE G 833 -68.56 55.49 51.28
C PHE G 833 -67.95 54.81 50.05
N ILE G 834 -67.76 53.50 50.09
CA ILE G 834 -67.40 52.71 48.92
C ILE G 834 -68.55 51.79 48.52
N ARG G 835 -69.13 51.08 49.48
CA ARG G 835 -70.30 50.22 49.29
C ARG G 835 -71.23 50.49 50.47
N GLY G 836 -72.27 51.30 50.24
CA GLY G 836 -73.17 51.70 51.30
C GLY G 836 -73.99 50.57 51.89
N GLY G 837 -73.76 50.25 53.17
CA GLY G 837 -74.33 49.06 53.77
C GLY G 837 -75.71 49.26 54.36
N ILE G 838 -76.24 48.17 54.89
CA ILE G 838 -77.55 48.14 55.53
C ILE G 838 -77.39 47.60 56.93
N ALA G 839 -77.90 48.34 57.90
CA ALA G 839 -77.82 47.95 59.30
C ALA G 839 -79.18 47.53 59.82
N PHE G 840 -79.18 46.76 60.91
CA PHE G 840 -80.43 46.33 61.51
C PHE G 840 -80.26 46.20 63.01
N ALA G 841 -81.38 46.25 63.72
CA ALA G 841 -81.39 46.13 65.17
C ALA G 841 -82.74 45.59 65.63
N THR G 842 -82.84 45.30 66.92
CA THR G 842 -84.04 44.72 67.51
C THR G 842 -84.49 45.58 68.68
N PRO G 843 -85.73 46.06 68.69
CA PRO G 843 -86.20 46.85 69.82
C PRO G 843 -86.30 46.00 71.07
N PRO G 844 -86.16 46.61 72.24
CA PRO G 844 -86.25 45.84 73.49
C PRO G 844 -87.65 45.36 73.76
N GLY G 845 -87.73 44.25 74.50
CA GLY G 845 -89.00 43.66 74.90
C GLY G 845 -88.80 42.38 75.67
N THR G 846 -89.52 42.21 76.78
CA THR G 846 -89.32 41.02 77.59
C THR G 846 -89.71 39.73 76.89
N PRO G 847 -90.86 39.63 76.21
CA PRO G 847 -91.06 38.45 75.37
C PRO G 847 -90.47 38.64 73.98
N LEU G 848 -89.58 37.75 73.58
CA LEU G 848 -88.92 37.86 72.30
C LEU G 848 -89.81 37.32 71.19
N ALA G 849 -89.82 38.03 70.07
CA ALA G 849 -90.56 37.59 68.91
C ALA G 849 -89.90 36.35 68.31
N PRO G 850 -90.65 35.51 67.61
CA PRO G 850 -90.05 34.33 67.00
C PRO G 850 -89.05 34.70 65.92
N LYS G 851 -88.09 33.80 65.71
CA LYS G 851 -87.08 34.01 64.69
C LYS G 851 -87.71 34.06 63.30
N ALA G 852 -87.10 34.83 62.42
CA ALA G 852 -87.61 34.98 61.06
C ALA G 852 -87.49 33.67 60.30
N GLN G 853 -88.45 33.41 59.43
CA GLN G 853 -88.46 32.21 58.62
C GLN G 853 -87.57 32.41 57.39
N GLU G 854 -87.62 31.47 56.45
CA GLU G 854 -86.77 31.57 55.26
C GLU G 854 -87.20 32.73 54.38
N GLY G 855 -88.49 32.85 54.11
CA GLY G 855 -88.96 33.95 53.30
C GLY G 855 -89.68 35.00 54.11
N LYS G 856 -89.01 36.12 54.37
CA LYS G 856 -89.56 37.18 55.20
C LYS G 856 -89.27 38.52 54.53
N HIS G 857 -90.26 39.40 54.57
CA HIS G 857 -90.15 40.72 53.96
C HIS G 857 -90.14 41.79 55.04
N PHE G 858 -89.16 42.69 54.96
CA PHE G 858 -89.07 43.84 55.86
C PHE G 858 -89.14 45.12 55.06
N LEU G 859 -89.46 46.21 55.75
CA LEU G 859 -89.50 47.55 55.16
C LEU G 859 -88.29 48.34 55.62
N LEU G 860 -87.56 48.91 54.66
CA LEU G 860 -86.36 49.67 54.98
C LEU G 860 -86.76 51.04 55.52
N GLN G 861 -86.28 51.35 56.71
CA GLN G 861 -86.54 52.64 57.32
C GLN G 861 -85.78 53.73 56.58
N GLU G 862 -86.43 54.87 56.41
CA GLU G 862 -85.80 55.98 55.71
C GLU G 862 -84.72 56.67 56.53
N SER G 863 -84.71 56.46 57.84
CA SER G 863 -83.73 57.11 58.70
C SER G 863 -83.39 56.20 59.87
N GLU G 864 -82.24 56.46 60.45
CA GLU G 864 -81.77 55.66 61.57
C GLU G 864 -82.61 55.94 62.81
N PRO G 865 -83.04 54.90 63.54
CA PRO G 865 -83.74 55.14 64.81
C PRO G 865 -82.83 55.83 65.82
N LYS G 866 -83.44 56.69 66.63
CA LYS G 866 -82.66 57.63 67.43
C LYS G 866 -81.95 56.96 68.60
N GLU G 867 -82.59 56.00 69.23
CA GLU G 867 -82.09 55.42 70.48
C GLU G 867 -81.75 53.95 70.33
N TRP G 868 -81.24 53.56 69.16
CA TRP G 868 -80.88 52.16 68.96
C TRP G 868 -79.63 51.79 69.71
N ARG G 869 -78.77 52.75 70.01
CA ARG G 869 -77.55 52.45 70.73
C ARG G 869 -77.78 52.13 72.19
N GLU G 870 -78.89 52.60 72.75
CA GLU G 870 -79.20 52.40 74.16
C GLU G 870 -80.24 51.31 74.39
N TRP G 871 -80.56 50.52 73.36
CA TRP G 871 -81.57 49.48 73.51
C TRP G 871 -81.04 48.33 74.36
N GLY G 872 -79.98 47.68 73.92
CA GLY G 872 -79.38 46.60 74.68
C GLY G 872 -80.25 45.36 74.85
N THR G 873 -80.92 44.94 73.79
CA THR G 873 -81.73 43.73 73.85
C THR G 873 -80.86 42.49 73.97
N ALA G 874 -81.26 41.58 74.84
CA ALA G 874 -80.52 40.34 75.07
C ALA G 874 -81.00 39.27 74.11
N LEU G 875 -80.14 38.84 73.20
CA LEU G 875 -80.48 37.81 72.23
C LEU G 875 -79.72 36.54 72.55
N PRO G 876 -80.39 35.49 73.03
CA PRO G 876 -79.68 34.27 73.41
C PRO G 876 -79.15 33.51 72.21
N LYS G 877 -78.31 32.52 72.50
CA LYS G 877 -77.68 31.65 71.50
C LYS G 877 -76.86 32.43 70.48
#